data_6DHH
#
_entry.id   6DHH
#
_cell.length_a   117.691
_cell.length_b   222.529
_cell.length_c   308.514
_cell.angle_alpha   90.000
_cell.angle_beta   90.000
_cell.angle_gamma   90.000
#
_symmetry.space_group_name_H-M   'P 21 21 21'
#
loop_
_entity.id
_entity.type
_entity.pdbx_description
1 polymer 'Photosystem II protein D1 1'
2 polymer 'Photosystem II CP47 reaction center protein'
3 polymer 'Photosystem II CP43 reaction center protein'
4 polymer 'Photosystem II D2 protein'
5 polymer 'Cytochrome b559 subunit alpha'
6 polymer 'Cytochrome b559 subunit beta'
7 polymer 'Photosystem II reaction center protein H'
8 polymer 'Photosystem II reaction center protein I'
9 polymer 'Photosystem II reaction center protein J'
10 polymer 'Photosystem II reaction center protein K'
11 polymer 'Photosystem II reaction center protein L'
12 polymer 'Photosystem II reaction center protein M'
13 polymer 'Photosystem II manganese-stabilizing polypeptide'
14 polymer 'Photosystem II reaction center protein T'
15 polymer 'Photosystem II 12 kDa extrinsic protein'
16 polymer 'Cytochrome c-550'
17 polymer 'Photosystem II reaction center protein Ycf12'
18 polymer 'Photosystem II reaction center X protein'
19 polymer 'Photosystem II reaction center protein Z'
20 polymer 'Photosystem II protein Y'
21 non-polymer 'FE (II) ION'
22 non-polymer 'CHLORIDE ION'
23 non-polymer 'CHLOROPHYLL A'
24 non-polymer 'PHEOPHYTIN A'
25 non-polymer BETA-CAROTENE
26 non-polymer 2,3-DIMETHYL-5-(3,7,11,15,19,23,27,31,35-NONAMETHYL-2,6,10,14,18,22,26,30,34-HEXATRIACONTANONAENYL-2,5-CYCLOHEXADIENE-1,4-DIONE-2,3-DIMETHYL-5-SOLANESYL-1,4-BENZOQUINONE
27 non-polymer 1,2-DISTEAROYL-MONOGALACTOSYL-DIGLYCERIDE
28 non-polymer 1,2-DI-O-ACYL-3-O-[6-DEOXY-6-SULFO-ALPHA-D-GLUCOPYRANOSYL]-SN-GLYCEROL
29 non-polymer 'DIGALACTOSYL DIACYL GLYCEROL (DGDG)'
30 non-polymer 'CA-MN4-O6 CLUSTER'
31 non-polymer 'BICARBONATE ION'
32 non-polymer 'UNKNOWN LIGAND'
33 non-polymer 1,2-DIPALMITOYL-PHOSPHATIDYL-GLYCEROLE
34 non-polymer 'PROTOPORPHYRIN IX CONTAINING FE'
35 non-polymer 'HEME C'
36 water water
#
loop_
_entity_poly.entity_id
_entity_poly.type
_entity_poly.pdbx_seq_one_letter_code
_entity_poly.pdbx_strand_id
1 'polypeptide(L)'
;ANLWERFCNWVTSTDNRLYVGWFGVIMIPTLLAATICFVIAFIAAPPVDIDGIREPVSGSLLYGNNIITGAVVPSSNAIG
LHFYPIWEAASLDEWLYNGGPYQLIIFHFLLGASCYMGRQWELSYRLGMRPWICVAYSAPLASAFAVFLIYPIGQGSFSD
GMPLGISGTFNFMIVFQAEHNILMHPFHQLGVAGVFGGALFCAMHGSLVTSSLIRETTETESANYGYKFGQEEETYNIVA
AHGYFGRLIFQYASFNNSRSLHFFLAAWPVVGVWFTALGISTMAFNLNGFNFNHSVIDAKGNVINTWADIINRANLGMEV
MHERNAHNFPLDLA
;
A,a
2 'polypeptide(L)'
;GLPWYRVHTVLINDPGRLIAAHLMHTALVAGWAGSMALYELATFDPSDPVLNPMWRQGMFVLPFMARLGVTGSWSGWSIT
GETGIDPGFWSFEGVALAHIVLSGLLFLAACWHWVYWDLELFRDPRTGEPALDLPKMFGIHLFLAGLLCFGFGAFHLTGL
FGPGMWVSDPYGLTGSVQPVAPEWGPDGFNPYNPGGVVAHHIAAGIVGIIAGLFHILVRPPQRLYKALRMGNIETVLSSS
IAAVFFAAFVVAGTMWYGSATTPIELFGPTRYQWDSSYFQQEINRRVQASLASGATLEEAWSAIPEKLAFYDYIGNNPAK
GGLFRTGPMNKGDGIAQAWKGHAVFRNKEGEELFVRRMPAFFESFPVILTDKNGVVKADIPFRRAESKYSFEQQGVTVSF
YGGELNGQTFTDPPTVKSYARKAIFGEIFEFDTETLNSDGIFRTSPRGWFTFAHAVFALLFFFGHIWHGARTLFRDVFSG
IDPELSPEQVEWGFYQKVGDVTTRR
;
B,b
3 'polypeptide(L)'
;ATNRDQESSGFAWWAGNARLINLSGKLLGAHVAHAGLIVFWAGAMTLFELAHFIPEKPMYEQGLILIPHIATLGWGVGPG
GEVVDTFPFFVVGVVHLISSAVLGFGGVYHAIRGPETLEEYSSFFGYDWKDKNKMTTILGFHLIVLGIGALLLVAKAMFF
GGLYDTWAPGGGDVRVITNPTLDPRVIFGYLLKSPFGGEGWIVSVNNLEDVVGGHIWIGLICIAGGIWHILTTPFGWARR
AFIWSGEAYLSYSLGALSMMGFIATCFVWFNNTVYPSEFYGPTGPEASQAQAMTFLIRDQKLGANVGSAQGPTGLGKYLM
RSPTGEIIFGGETMRFWDFRGPWLEPLRGPNGLDLNKIKNDIQPWQERRAAEYMTHAPLGSLNSVGGVATEINSVNFVSP
RSWLATSHFVLAFFFLVGHLWHAGRARAAAAGFEKGIDRESEPVLSMPSLD
;
C,c
4 'polypeptide(L)'
;RGWFDILDDWLKRDRFVFVGWSGILLFPCAYLALGGWLTGTTFVTSWYTHGLASSYLEGCNFLTVAVSTPANSMGHSLLL
LWGPEAQGDFTRWCQLGGLWTFIALHGAFGLIGFMLRQFEIARLVGVRPYNAIAFSAPIAVFVSVFLIYPLGQSSWFFAP
SFGVAAIFRFLLFFQGFHNWTLNPFHMMGVAGVLGGALLCAIHGATVENTLFQDGEGASTFRAFNPTQAEETYSMVTANR
FWSQIFGIAFSNKRWLHFFMLFVPVTGLWMSAIGVVGLALNLRSYDFISQEIRAAEDPEFETFYTKNLLLNEGIRAWMAP
QDQPHENFVFPEEVLPRGNAL
;
D,d
5 'polypeptide(L)'
;GTTGERPFSDIITSVRYWVIHSITIPALFIAGWLFVSTGLAYDVFGTPRPDSYYAQEQRSIPLVTDRFEAKQQVETFLEQ
LK
;
E,e
6 'polypeptide(L)' SYPIFTVRWVAVHTLAVPTIFFLGAIAAMQFIQR F,f
7 'polypeptide(L)' ARRTWLGDILRPLNSEYGKVAPGWGTTPLMAVFMGLFLVFLLIILEIYNSTLILDGVNVSWKALG H,h
8 'polypeptide(L)' (FME)ETLKITVYIVVTFFVLLFVFGFLSGDPARNPKRKD I,i
9 'polypeptide(L)' GGRIPLWIVATVAGMGVIVIVGLFFYGAYAGLGSSL J,j
10 'polypeptide(L)' KLPEAYAIFDPLVDVLPVIPVLFLALAFVWQAAVGFR K,k
11 'polypeptide(L)' MEPNPNRQPVELNRTSLYLGLLLILVLALLFSSYFFN L,l
12 'polypeptide(L)' (FME)EVNQLGLIATALFVLVPSVFLIILYVQTESQQ M,m
13 'polypeptide(L)'
;QTLTYDDIVGTGLANKCPTLDDTARGAYPIDSSQTYRIARLCLQPTTFLVKEEPKNKRQEAEFVPTKLVTRETTSLDQIQ
GELKVNSDGSLTFVEEDGIDFQPVTVQMAGGERIPLLFTVKNLVASTQPNVTSITTSTDFKGEFNVPSYRTANFLDPKGR
GLASGYDSAIALPQAKEEELARANVKRFSLTKGQISLNVAKVDGRTGEIAGTFESEQLSDDDMGAHEPHEVKIQGVFYAS
IEPA
;
O,o
14 'polypeptide(L)' (FME)ETITYVFIFACIIALFFFAIFFREPPRIT T,t
15 'polypeptide(L)'
;ELVNVVDEKLGTAYGEKIDLNNTNIAAFIQYRGLYPTLAKLIVKNAPYESVEDVLNIPGLTERQKQILRENLEHFTVTEV
ETALVEGGDRYNNGLYK
;
U,u
16 'polypeptide(L)'
;AELTPEVLTVPLNSEGKTITLTEKQYLEGKRLFQYACASCHVGGITKTNPSLDLRTETLALATPPRDNIEGLVDYMKNPT
TYDGEQEIAEVHPSLRSADIFPKMRNLTEKDLVAIAGHILVEPKILGDKWGGGKVYY
;
V,v
17 'polypeptide(L)' EVIAQLTMIAMIGIAGPMIIFLLAVRRGNL Y,y
18 'polypeptide(L)' TITPSLKGFFIGLLSGAVVLGLTFAVLIAISQIDKVQR X,x
19 'polypeptide(L)' MTILFQLALAALVILSFVMVIGVPVAYASPQDWDRSKQLIFLGSGLWIALVLVVGVLNFFVV Z,z
20 'polypeptide(L)' DWRVLVVLLPVLLAAGWAVRNILPYAVKQVQKLL R,r
#
# COMPACT_ATOMS: atom_id res chain seq x y z
N ALA A 1 -62.05 10.48 -6.42
CA ALA A 1 -61.60 9.52 -7.43
C ALA A 1 -61.14 10.25 -8.69
N ASN A 2 -61.39 11.56 -8.72
CA ASN A 2 -60.90 12.44 -9.78
C ASN A 2 -59.37 12.47 -9.77
N LEU A 3 -58.76 12.71 -10.94
CA LEU A 3 -57.33 12.46 -11.06
C LEU A 3 -56.53 13.40 -10.16
N TRP A 4 -57.00 14.63 -9.97
CA TRP A 4 -56.29 15.56 -9.10
C TRP A 4 -56.44 15.15 -7.66
N GLU A 5 -57.66 14.83 -7.25
CA GLU A 5 -57.86 14.45 -5.87
C GLU A 5 -56.99 13.25 -5.51
N ARG A 6 -56.77 12.33 -6.45
CA ARG A 6 -55.97 11.15 -6.12
C ARG A 6 -54.49 11.53 -5.97
N PHE A 7 -54.00 12.44 -6.80
CA PHE A 7 -52.64 12.95 -6.64
C PHE A 7 -52.48 13.61 -5.28
N CYS A 8 -53.37 14.53 -4.94
CA CYS A 8 -53.36 15.19 -3.64
C CYS A 8 -53.31 14.22 -2.48
N ASN A 9 -53.88 13.04 -2.65
CA ASN A 9 -53.95 12.11 -1.55
C ASN A 9 -52.66 11.32 -1.41
N TRP A 10 -51.93 11.12 -2.51
CA TRP A 10 -50.62 10.53 -2.46
C TRP A 10 -49.62 11.50 -1.82
N VAL A 11 -49.62 12.77 -2.28
CA VAL A 11 -48.72 13.82 -1.78
C VAL A 11 -48.79 13.90 -0.27
N THR A 12 -50.02 13.89 0.27
CA THR A 12 -50.28 14.13 1.69
C THR A 12 -50.48 12.83 2.44
N SER A 13 -50.29 11.70 1.77
CA SER A 13 -50.52 10.44 2.41
C SER A 13 -49.59 10.22 3.61
N THR A 14 -50.15 9.70 4.69
CA THR A 14 -49.43 9.27 5.86
C THR A 14 -48.84 7.87 5.68
N ASP A 15 -48.97 7.29 4.49
CA ASP A 15 -48.58 5.92 4.23
C ASP A 15 -47.29 5.79 3.43
N ASN A 16 -46.75 6.87 2.87
CA ASN A 16 -45.46 6.83 2.20
C ASN A 16 -44.33 6.73 3.22
N ARG A 17 -43.40 5.79 2.99
CA ARG A 17 -42.30 5.55 3.93
C ARG A 17 -41.58 6.84 4.25
N LEU A 18 -41.44 7.69 3.25
CA LEU A 18 -41.01 9.07 3.46
C LEU A 18 -42.15 10.01 3.10
N TYR A 19 -42.51 10.89 4.04
CA TYR A 19 -43.62 11.80 3.79
C TYR A 19 -43.23 12.81 2.75
N VAL A 20 -44.15 13.09 1.81
CA VAL A 20 -43.90 14.10 0.79
C VAL A 20 -44.50 15.43 1.20
N GLY A 21 -45.80 15.66 0.89
CA GLY A 21 -46.49 16.89 1.27
C GLY A 21 -46.26 18.03 0.28
N TRP A 22 -47.08 19.08 0.40
CA TRP A 22 -46.93 20.22 -0.49
C TRP A 22 -45.56 20.86 -0.32
N PHE A 23 -45.09 20.97 0.92
CA PHE A 23 -43.72 21.46 1.08
C PHE A 23 -42.72 20.50 0.43
N GLY A 24 -42.96 19.20 0.52
CA GLY A 24 -42.03 18.26 -0.07
C GLY A 24 -41.91 18.41 -1.58
N VAL A 25 -42.92 19.01 -2.22
CA VAL A 25 -42.92 19.17 -3.67
C VAL A 25 -41.87 20.17 -4.13
N ILE A 26 -41.61 21.22 -3.35
CA ILE A 26 -40.48 22.08 -3.68
C ILE A 26 -39.17 21.47 -3.16
N MET A 27 -39.20 20.92 -1.95
CA MET A 27 -37.96 20.51 -1.26
C MET A 27 -37.19 19.44 -2.04
N ILE A 28 -37.83 18.35 -2.41
CA ILE A 28 -37.18 17.27 -3.12
C ILE A 28 -36.38 17.72 -4.33
N PRO A 29 -36.97 18.43 -5.29
CA PRO A 29 -36.14 18.84 -6.44
C PRO A 29 -35.00 19.76 -6.07
N THR A 30 -35.23 20.72 -5.16
CA THR A 30 -34.22 21.75 -4.91
C THR A 30 -33.04 21.17 -4.13
N LEU A 31 -33.32 20.25 -3.19
CA LEU A 31 -32.29 19.53 -2.45
C LEU A 31 -31.56 18.52 -3.32
N LEU A 32 -32.26 17.85 -4.24
CA LEU A 32 -31.55 16.93 -5.13
C LEU A 32 -30.62 17.66 -6.04
N ALA A 33 -30.90 18.92 -6.30
CA ALA A 33 -30.14 19.70 -7.26
C ALA A 33 -28.95 20.30 -6.57
N ALA A 34 -29.18 20.79 -5.36
CA ALA A 34 -28.09 21.33 -4.60
C ALA A 34 -27.13 20.20 -4.23
N THR A 35 -27.67 19.06 -3.81
CA THR A 35 -26.86 17.91 -3.45
C THR A 35 -25.99 17.48 -4.62
N ILE A 36 -26.60 17.28 -5.81
CA ILE A 36 -25.85 16.73 -6.95
C ILE A 36 -24.81 17.72 -7.44
N CYS A 37 -25.14 19.00 -7.45
CA CYS A 37 -24.13 19.96 -7.84
C CYS A 37 -22.97 19.95 -6.86
N PHE A 38 -23.28 19.92 -5.56
CA PHE A 38 -22.24 19.94 -4.56
C PHE A 38 -21.30 18.73 -4.76
N VAL A 39 -21.85 17.52 -4.87
CA VAL A 39 -21.02 16.33 -4.92
C VAL A 39 -20.09 16.41 -6.12
N ILE A 40 -20.64 16.79 -7.28
CA ILE A 40 -19.80 16.93 -8.48
C ILE A 40 -18.71 17.98 -8.28
N ALA A 41 -19.08 19.18 -7.78
CA ALA A 41 -18.13 20.29 -7.65
C ALA A 41 -16.99 19.95 -6.68
N PHE A 42 -17.35 19.34 -5.55
CA PHE A 42 -16.37 19.03 -4.52
C PHE A 42 -15.29 18.16 -5.11
N ILE A 43 -15.69 17.26 -6.00
CA ILE A 43 -14.76 16.30 -6.55
C ILE A 43 -13.98 16.85 -7.72
N ALA A 44 -14.60 17.71 -8.56
CA ALA A 44 -14.06 17.99 -9.90
C ALA A 44 -14.07 19.44 -10.36
N ALA A 45 -14.63 20.38 -9.62
CA ALA A 45 -14.70 21.72 -10.15
C ALA A 45 -13.28 22.30 -10.29
N PRO A 46 -13.00 23.03 -11.35
CA PRO A 46 -11.72 23.73 -11.43
C PRO A 46 -11.70 24.90 -10.47
N PRO A 47 -10.56 25.54 -10.33
CA PRO A 47 -10.42 26.62 -9.36
C PRO A 47 -11.26 27.84 -9.68
N VAL A 48 -11.59 28.58 -8.62
CA VAL A 48 -12.58 29.64 -8.63
C VAL A 48 -11.91 30.93 -8.19
N ASP A 49 -12.16 32.03 -8.95
CA ASP A 49 -11.65 33.35 -8.55
C ASP A 49 -12.60 34.05 -7.56
N ILE A 50 -12.70 33.44 -6.36
CA ILE A 50 -13.53 33.91 -5.27
C ILE A 50 -13.44 35.41 -5.06
N ASP A 51 -12.22 35.93 -4.92
CA ASP A 51 -12.06 37.31 -4.50
C ASP A 51 -11.98 38.28 -5.67
N GLY A 52 -12.25 37.79 -6.89
CA GLY A 52 -12.39 38.63 -8.06
C GLY A 52 -11.13 39.31 -8.46
N ILE A 53 -9.99 38.82 -7.98
CA ILE A 53 -8.72 39.44 -8.30
C ILE A 53 -7.92 38.57 -9.24
N ARG A 54 -8.57 37.62 -9.89
CA ARG A 54 -7.96 36.76 -10.89
C ARG A 54 -6.85 35.93 -10.24
N GLU A 55 -7.20 35.41 -9.06
CA GLU A 55 -6.33 34.60 -8.23
C GLU A 55 -7.21 33.43 -7.83
N PRO A 56 -7.30 32.41 -8.64
CA PRO A 56 -8.24 31.36 -8.33
C PRO A 56 -7.72 30.41 -7.26
N VAL A 57 -8.67 29.91 -6.50
CA VAL A 57 -8.46 29.16 -5.28
C VAL A 57 -8.98 27.78 -5.60
N SER A 58 -8.13 26.76 -5.43
CA SER A 58 -8.50 25.40 -5.76
C SER A 58 -9.27 24.74 -4.63
N GLY A 59 -10.43 24.17 -4.97
CA GLY A 59 -11.25 23.63 -3.93
C GLY A 59 -11.57 22.16 -4.00
N SER A 60 -11.42 21.54 -5.16
CA SER A 60 -11.88 20.17 -5.29
C SER A 60 -10.75 19.14 -5.19
N LEU A 61 -11.18 17.89 -5.00
CA LEU A 61 -10.26 16.75 -4.85
C LEU A 61 -9.35 16.54 -6.05
N LEU A 62 -9.90 16.60 -7.27
CA LEU A 62 -9.04 16.31 -8.42
C LEU A 62 -8.01 17.38 -8.67
N TYR A 63 -8.11 18.53 -8.00
CA TYR A 63 -7.14 19.60 -8.16
C TYR A 63 -6.18 19.70 -7.00
N GLY A 64 -6.09 18.64 -6.20
CA GLY A 64 -5.06 18.56 -5.20
C GLY A 64 -5.54 18.89 -3.83
N ASN A 65 -6.73 18.44 -3.49
CA ASN A 65 -7.33 18.77 -2.23
C ASN A 65 -7.71 17.45 -1.56
N ASN A 66 -7.81 17.50 -0.27
CA ASN A 66 -8.25 16.35 0.49
C ASN A 66 -9.58 16.67 1.18
N ILE A 67 -10.02 15.76 2.04
CA ILE A 67 -11.36 15.90 2.60
C ILE A 67 -11.41 17.14 3.48
N ILE A 68 -10.30 17.47 4.12
CA ILE A 68 -10.25 18.60 5.03
C ILE A 68 -10.10 19.92 4.30
N THR A 69 -9.35 19.94 3.19
CA THR A 69 -9.04 21.20 2.56
C THR A 69 -10.00 21.53 1.42
N GLY A 70 -10.71 20.55 0.88
CA GLY A 70 -11.59 20.80 -0.23
C GLY A 70 -12.78 21.67 0.14
N ALA A 71 -13.26 22.41 -0.86
CA ALA A 71 -14.48 23.22 -0.72
C ALA A 71 -15.05 23.55 -2.09
N VAL A 72 -16.35 23.83 -2.11
CA VAL A 72 -16.95 24.57 -3.23
C VAL A 72 -16.75 26.02 -2.86
N VAL A 73 -15.91 26.70 -3.63
CA VAL A 73 -15.54 28.10 -3.31
C VAL A 73 -16.70 29.06 -3.61
N PRO A 74 -16.92 30.10 -2.78
CA PRO A 74 -17.91 31.16 -3.10
C PRO A 74 -17.62 31.94 -4.39
N SER A 75 -18.68 32.52 -4.95
CA SER A 75 -18.59 33.22 -6.24
C SER A 75 -17.83 34.55 -6.16
N SER A 76 -17.30 34.94 -7.32
CA SER A 76 -16.35 36.06 -7.46
C SER A 76 -16.88 37.35 -6.84
N ASN A 77 -15.99 38.06 -6.16
CA ASN A 77 -16.31 39.39 -5.68
C ASN A 77 -16.77 40.28 -6.82
N ALA A 78 -16.33 39.99 -8.06
CA ALA A 78 -16.67 40.85 -9.18
C ALA A 78 -18.16 40.82 -9.44
N ILE A 79 -18.83 39.73 -9.05
CA ILE A 79 -20.26 39.55 -9.17
C ILE A 79 -21.00 40.22 -8.02
N GLY A 80 -20.40 40.28 -6.83
CA GLY A 80 -21.02 40.92 -5.68
C GLY A 80 -22.32 40.24 -5.34
N LEU A 81 -23.45 40.96 -5.39
CA LEU A 81 -24.73 40.33 -5.09
C LEU A 81 -25.56 40.05 -6.35
N HIS A 82 -24.99 40.19 -7.55
CA HIS A 82 -25.75 39.88 -8.74
C HIS A 82 -26.09 38.39 -8.80
N PHE A 83 -27.29 38.10 -9.27
CA PHE A 83 -27.71 36.76 -9.68
C PHE A 83 -26.82 36.26 -10.81
N TYR A 84 -26.48 34.97 -10.78
CA TYR A 84 -25.52 34.45 -11.77
C TYR A 84 -25.86 33.01 -12.11
N PRO A 85 -27.04 32.73 -12.64
CA PRO A 85 -27.36 31.37 -13.03
C PRO A 85 -26.48 30.98 -14.21
N ILE A 86 -26.53 29.69 -14.55
CA ILE A 86 -25.78 29.20 -15.69
C ILE A 86 -26.10 30.01 -16.96
N TRP A 87 -27.39 30.38 -17.17
CA TRP A 87 -27.75 30.95 -18.48
C TRP A 87 -27.28 32.38 -18.65
N GLU A 88 -26.67 33.01 -17.63
CA GLU A 88 -26.08 34.32 -17.75
C GLU A 88 -24.61 34.27 -18.12
N ALA A 89 -24.01 33.08 -18.14
CA ALA A 89 -22.60 32.95 -18.53
C ALA A 89 -22.53 32.64 -20.02
N ALA A 90 -21.47 33.14 -20.65
CA ALA A 90 -21.17 32.75 -22.03
C ALA A 90 -20.85 31.27 -22.16
N SER A 91 -20.63 30.55 -21.05
CA SER A 91 -20.30 29.12 -21.15
C SER A 91 -20.02 28.56 -19.77
N LEU A 92 -20.15 27.23 -19.66
CA LEU A 92 -19.90 26.56 -18.39
C LEU A 92 -18.50 26.88 -17.89
N ASP A 93 -17.53 27.03 -18.80
CA ASP A 93 -16.16 27.34 -18.42
C ASP A 93 -16.06 28.67 -17.68
N GLU A 94 -16.64 29.73 -18.26
CA GLU A 94 -16.81 30.99 -17.52
C GLU A 94 -17.53 30.80 -16.19
N TRP A 95 -18.70 30.17 -16.21
CA TRP A 95 -19.47 29.95 -14.99
C TRP A 95 -18.64 29.28 -13.91
N LEU A 96 -17.75 28.37 -14.29
CA LEU A 96 -16.95 27.66 -13.31
C LEU A 96 -15.82 28.56 -12.77
N TYR A 97 -15.18 29.36 -13.63
CA TYR A 97 -14.13 30.26 -13.16
C TYR A 97 -14.67 31.23 -12.12
N ASN A 98 -15.86 31.75 -12.32
CA ASN A 98 -16.42 32.80 -11.50
C ASN A 98 -17.22 32.25 -10.33
N GLY A 99 -17.33 30.94 -10.22
CA GLY A 99 -17.88 30.33 -9.01
C GLY A 99 -19.39 30.20 -9.03
N GLY A 100 -19.99 30.01 -10.21
CA GLY A 100 -21.42 29.77 -10.30
C GLY A 100 -21.96 28.66 -9.48
N PRO A 101 -21.27 27.50 -9.35
CA PRO A 101 -21.82 26.37 -8.55
C PRO A 101 -22.27 26.77 -7.16
N TYR A 102 -21.53 27.63 -6.51
CA TYR A 102 -21.85 28.03 -5.15
C TYR A 102 -23.23 28.66 -5.05
N GLN A 103 -23.51 29.64 -5.93
CA GLN A 103 -24.86 30.23 -5.99
C GLN A 103 -25.93 29.18 -6.24
N LEU A 104 -25.74 28.35 -7.24
CA LEU A 104 -26.73 27.32 -7.50
C LEU A 104 -26.98 26.49 -6.24
N ILE A 105 -25.89 26.04 -5.59
CA ILE A 105 -26.05 25.14 -4.44
C ILE A 105 -26.76 25.87 -3.32
N ILE A 106 -26.30 27.08 -2.93
CA ILE A 106 -26.87 27.72 -1.74
C ILE A 106 -28.34 28.07 -1.93
N PHE A 107 -28.71 28.63 -3.09
CA PHE A 107 -30.13 29.00 -3.28
C PHE A 107 -31.02 27.78 -3.20
N HIS A 108 -30.63 26.68 -3.85
CA HIS A 108 -31.48 25.50 -3.82
C HIS A 108 -31.55 24.90 -2.41
N PHE A 109 -30.41 24.91 -1.69
CA PHE A 109 -30.39 24.36 -0.34
C PHE A 109 -31.20 25.23 0.62
N LEU A 110 -31.04 26.54 0.54
CA LEU A 110 -31.83 27.41 1.40
C LEU A 110 -33.33 27.19 1.16
N LEU A 111 -33.73 27.05 -0.10
CA LEU A 111 -35.13 26.80 -0.39
C LEU A 111 -35.57 25.46 0.17
N GLY A 112 -34.90 24.38 -0.23
CA GLY A 112 -35.34 23.06 0.19
C GLY A 112 -35.28 22.91 1.70
N ALA A 113 -34.37 23.61 2.32
CA ALA A 113 -34.25 23.55 3.77
C ALA A 113 -35.36 24.34 4.45
N SER A 114 -35.78 25.46 3.84
CA SER A 114 -36.98 26.19 4.27
C SER A 114 -38.19 25.29 4.23
N CYS A 115 -38.37 24.59 3.11
CA CYS A 115 -39.49 23.68 2.95
C CYS A 115 -39.37 22.49 3.87
N TYR A 116 -38.14 22.12 4.24
CA TYR A 116 -37.94 21.07 5.23
C TYR A 116 -38.58 21.46 6.53
N MET A 117 -38.32 22.67 6.99
CA MET A 117 -38.95 23.13 8.22
C MET A 117 -40.46 23.01 8.11
N GLY A 118 -41.03 23.49 6.99
CA GLY A 118 -42.48 23.55 6.83
C GLY A 118 -43.07 22.16 6.75
N ARG A 119 -42.35 21.25 6.09
CA ARG A 119 -42.71 19.82 6.03
C ARG A 119 -42.84 19.22 7.42
N GLN A 120 -41.98 19.65 8.36
CA GLN A 120 -42.14 19.24 9.75
C GLN A 120 -43.46 19.74 10.35
N TRP A 121 -43.82 21.01 10.12
CA TRP A 121 -45.16 21.40 10.53
C TRP A 121 -46.17 20.43 9.90
N GLU A 122 -46.09 20.24 8.58
CA GLU A 122 -47.17 19.58 7.84
C GLU A 122 -47.48 18.20 8.39
N LEU A 123 -46.48 17.30 8.42
CA LEU A 123 -46.71 15.94 8.92
C LEU A 123 -47.22 15.97 10.34
N SER A 124 -46.88 16.99 11.12
CA SER A 124 -47.38 17.07 12.49
C SER A 124 -48.90 17.29 12.49
N TYR A 125 -49.38 18.07 11.52
CA TYR A 125 -50.80 18.27 11.33
C TYR A 125 -51.51 16.99 10.94
N ARG A 126 -50.95 16.27 9.96
CA ARG A 126 -51.53 15.01 9.48
C ARG A 126 -51.49 13.89 10.51
N LEU A 127 -50.65 13.96 11.54
CA LEU A 127 -50.59 12.89 12.53
C LEU A 127 -51.28 13.27 13.85
N GLY A 128 -51.91 14.44 13.93
CA GLY A 128 -52.61 14.84 15.16
C GLY A 128 -51.68 15.21 16.30
N MET A 129 -50.47 15.68 15.97
CA MET A 129 -49.43 16.09 16.89
C MET A 129 -49.56 17.57 17.21
N ARG A 130 -48.84 17.99 18.24
CA ARG A 130 -48.62 19.39 18.44
C ARG A 130 -47.60 19.87 17.41
N PRO A 131 -47.53 21.21 17.17
CA PRO A 131 -47.00 21.70 15.88
C PRO A 131 -45.58 22.20 15.85
N TRP A 132 -44.94 22.33 17.01
CA TRP A 132 -43.79 23.21 17.17
C TRP A 132 -42.43 22.54 17.10
N ILE A 133 -42.32 21.29 16.68
CA ILE A 133 -40.96 20.78 16.47
C ILE A 133 -40.23 21.68 15.49
N CYS A 134 -40.96 22.24 14.53
CA CYS A 134 -40.36 23.07 13.49
C CYS A 134 -39.82 24.36 14.07
N VAL A 135 -40.44 24.89 15.12
CA VAL A 135 -39.88 26.07 15.79
C VAL A 135 -38.48 25.76 16.28
N ALA A 136 -38.23 24.52 16.69
CA ALA A 136 -36.90 24.17 17.18
C ALA A 136 -35.87 24.16 16.06
N TYR A 137 -36.25 23.61 14.92
CA TYR A 137 -35.38 23.55 13.77
C TYR A 137 -35.02 24.91 13.22
N SER A 138 -35.90 25.91 13.40
CA SER A 138 -35.65 27.25 12.86
C SER A 138 -34.37 27.86 13.43
N ALA A 139 -33.93 27.41 14.59
CA ALA A 139 -32.67 27.93 15.13
C ALA A 139 -31.50 27.55 14.25
N PRO A 140 -31.29 26.28 13.91
CA PRO A 140 -30.27 25.97 12.90
C PRO A 140 -30.58 26.53 11.51
N LEU A 141 -31.83 26.45 11.05
CA LEU A 141 -32.10 27.03 9.74
C LEU A 141 -31.77 28.54 9.72
N ALA A 142 -32.08 29.25 10.78
CA ALA A 142 -31.71 30.64 10.84
C ALA A 142 -30.22 30.84 10.79
N SER A 143 -29.45 29.93 11.44
CA SER A 143 -28.00 29.98 11.37
C SER A 143 -27.51 29.81 9.93
N ALA A 144 -28.08 28.88 9.18
CA ALA A 144 -27.62 28.67 7.81
C ALA A 144 -27.92 29.88 6.91
N PHE A 145 -29.05 30.55 7.18
CA PHE A 145 -29.44 31.77 6.47
C PHE A 145 -28.47 32.90 6.79
N ALA A 146 -28.00 32.97 8.03
CA ALA A 146 -27.14 34.09 8.37
C ALA A 146 -25.81 34.02 7.63
N VAL A 147 -25.19 32.83 7.52
CA VAL A 147 -23.82 32.75 6.97
C VAL A 147 -23.80 32.57 5.45
N PHE A 148 -24.88 32.05 4.87
CA PHE A 148 -24.94 31.86 3.43
C PHE A 148 -25.66 33.01 2.71
N LEU A 149 -26.55 33.76 3.40
CA LEU A 149 -27.34 34.82 2.77
C LEU A 149 -27.25 36.20 3.45
N ILE A 150 -27.55 36.26 4.75
CA ILE A 150 -27.63 37.54 5.41
C ILE A 150 -26.27 38.20 5.44
N TYR A 151 -25.22 37.45 5.78
CA TYR A 151 -23.92 38.09 5.92
C TYR A 151 -23.50 38.63 4.57
N PRO A 152 -23.60 37.88 3.48
CA PRO A 152 -23.24 38.44 2.15
C PRO A 152 -24.04 39.67 1.75
N ILE A 153 -25.35 39.70 2.01
CA ILE A 153 -26.17 40.88 1.70
C ILE A 153 -25.60 42.15 2.32
N GLY A 154 -25.24 42.08 3.61
CA GLY A 154 -24.77 43.26 4.30
C GLY A 154 -23.34 43.64 4.00
N GLN A 155 -22.52 42.68 3.61
CA GLN A 155 -21.17 43.00 3.15
C GLN A 155 -21.11 43.23 1.64
N GLY A 156 -22.22 42.97 0.94
CA GLY A 156 -22.33 43.26 -0.46
C GLY A 156 -21.80 42.20 -1.40
N SER A 157 -21.56 40.99 -0.92
CA SER A 157 -20.94 40.03 -1.84
C SER A 157 -21.05 38.62 -1.31
N PHE A 158 -21.34 37.68 -2.21
CA PHE A 158 -21.39 36.29 -1.82
C PHE A 158 -19.99 35.71 -1.64
N SER A 159 -18.95 36.42 -2.16
CA SER A 159 -17.59 36.02 -1.95
C SER A 159 -17.28 35.95 -0.46
N ASP A 160 -18.10 36.62 0.35
CA ASP A 160 -17.94 36.69 1.80
C ASP A 160 -18.98 35.85 2.55
N GLY A 161 -19.76 35.05 1.84
CA GLY A 161 -20.50 34.01 2.53
C GLY A 161 -19.60 32.82 2.86
N MET A 162 -20.10 31.94 3.72
CA MET A 162 -19.29 30.85 4.27
C MET A 162 -18.97 29.82 3.21
N PRO A 163 -17.70 29.45 3.04
CA PRO A 163 -17.36 28.44 2.04
C PRO A 163 -17.99 27.11 2.38
N LEU A 164 -18.21 26.28 1.36
CA LEU A 164 -18.72 24.94 1.62
C LEU A 164 -17.53 23.97 1.71
N GLY A 165 -16.78 24.08 2.81
CA GLY A 165 -15.76 23.08 3.14
C GLY A 165 -15.24 23.30 4.54
N ILE A 166 -14.45 22.33 5.00
CA ILE A 166 -13.98 22.28 6.39
C ILE A 166 -12.96 23.39 6.66
N SER A 167 -11.88 23.51 5.85
CA SER A 167 -10.96 24.62 6.08
C SER A 167 -11.56 25.98 5.69
N GLY A 168 -12.40 26.02 4.64
CA GLY A 168 -13.09 27.25 4.31
C GLY A 168 -13.96 27.75 5.44
N THR A 169 -14.67 26.83 6.13
CA THR A 169 -15.38 27.21 7.34
C THR A 169 -14.47 27.97 8.30
N PHE A 170 -13.25 27.41 8.57
CA PHE A 170 -12.35 28.04 9.54
C PHE A 170 -11.84 29.37 8.99
N ASN A 171 -11.56 29.42 7.69
CA ASN A 171 -11.21 30.70 7.10
C ASN A 171 -12.31 31.73 7.34
N PHE A 172 -13.56 31.37 7.08
CA PHE A 172 -14.66 32.29 7.34
C PHE A 172 -14.68 32.71 8.82
N MET A 173 -14.44 31.78 9.76
CA MET A 173 -14.57 32.24 11.14
C MET A 173 -13.33 32.96 11.67
N ILE A 174 -12.21 32.87 11.00
CA ILE A 174 -11.05 33.67 11.39
C ILE A 174 -11.23 35.11 10.96
N VAL A 175 -11.46 35.33 9.66
CA VAL A 175 -11.73 36.66 9.12
C VAL A 175 -12.86 37.32 9.87
N PHE A 176 -13.90 36.57 10.20
CA PHE A 176 -15.03 37.16 10.95
C PHE A 176 -14.56 37.80 12.26
N GLN A 177 -13.75 37.09 13.05
CA GLN A 177 -13.25 37.64 14.31
C GLN A 177 -12.39 38.90 14.10
N ALA A 178 -11.49 38.89 13.13
CA ALA A 178 -10.72 40.10 12.80
C ALA A 178 -11.62 41.30 12.45
N GLU A 179 -12.70 41.06 11.78
CA GLU A 179 -13.50 42.19 11.30
C GLU A 179 -14.61 42.58 12.25
N HIS A 180 -15.05 41.66 13.11
CA HIS A 180 -16.20 41.96 13.94
C HIS A 180 -15.98 41.83 15.43
N ASN A 181 -14.81 41.37 15.90
CA ASN A 181 -14.58 40.96 17.30
C ASN A 181 -15.80 40.22 17.85
N ILE A 182 -16.13 39.12 17.17
CA ILE A 182 -17.29 38.30 17.52
C ILE A 182 -17.18 37.60 18.92
N LEU A 183 -15.97 37.27 19.40
CA LEU A 183 -15.89 36.66 20.74
C LEU A 183 -16.39 37.63 21.80
N MET A 184 -16.08 38.90 21.62
CA MET A 184 -16.54 39.98 22.48
C MET A 184 -17.96 40.46 22.15
N HIS A 185 -18.73 39.72 21.40
CA HIS A 185 -20.11 40.04 21.13
C HIS A 185 -21.03 39.22 22.01
N PRO A 186 -21.99 39.85 22.68
CA PRO A 186 -22.81 39.12 23.66
C PRO A 186 -23.71 38.10 23.08
N PHE A 187 -23.97 38.15 21.77
CA PHE A 187 -24.87 37.17 21.17
C PHE A 187 -24.14 35.89 20.80
N HIS A 188 -22.85 35.99 20.46
CA HIS A 188 -22.00 34.80 20.33
C HIS A 188 -21.76 34.18 21.69
N GLN A 189 -21.59 35.00 22.74
CA GLN A 189 -21.44 34.47 24.10
C GLN A 189 -22.69 33.71 24.53
N LEU A 190 -23.89 34.16 24.10
CA LEU A 190 -25.12 33.39 24.38
C LEU A 190 -25.22 32.16 23.50
N GLY A 191 -24.53 32.17 22.37
CA GLY A 191 -24.52 30.97 21.57
C GLY A 191 -23.66 29.92 22.24
N VAL A 192 -22.45 30.31 22.66
CA VAL A 192 -21.63 29.39 23.44
C VAL A 192 -22.41 28.88 24.64
N ALA A 193 -23.13 29.78 25.34
CA ALA A 193 -23.94 29.32 26.48
C ALA A 193 -25.05 28.39 26.01
N GLY A 194 -25.68 28.68 24.88
CA GLY A 194 -26.69 27.78 24.38
C GLY A 194 -26.10 26.41 24.07
N VAL A 195 -24.90 26.39 23.52
CA VAL A 195 -24.30 25.19 22.96
C VAL A 195 -23.58 24.37 24.02
N PHE A 196 -22.73 25.00 24.84
CA PHE A 196 -22.25 24.31 26.05
C PHE A 196 -23.43 23.87 26.91
N GLY A 197 -24.36 24.78 27.20
CA GLY A 197 -25.50 24.40 28.01
C GLY A 197 -26.19 23.18 27.45
N GLY A 198 -26.37 23.15 26.14
CA GLY A 198 -27.07 22.03 25.53
C GLY A 198 -26.33 20.71 25.74
N ALA A 199 -25.01 20.73 25.58
CA ALA A 199 -24.24 19.50 25.79
C ALA A 199 -24.32 19.06 27.26
N LEU A 200 -24.22 20.02 28.18
CA LEU A 200 -24.33 19.73 29.61
C LEU A 200 -25.65 19.05 29.91
N PHE A 201 -26.76 19.67 29.51
CA PHE A 201 -28.09 19.15 29.84
C PHE A 201 -28.39 17.84 29.14
N CYS A 202 -27.90 17.68 27.91
CA CYS A 202 -27.97 16.38 27.25
C CYS A 202 -27.30 15.30 28.10
N ALA A 203 -26.06 15.53 28.51
CA ALA A 203 -25.40 14.53 29.33
C ALA A 203 -26.11 14.34 30.68
N MET A 204 -26.57 15.43 31.29
CA MET A 204 -27.29 15.34 32.57
C MET A 204 -28.50 14.44 32.43
N HIS A 205 -29.44 14.88 31.58
CA HIS A 205 -30.68 14.16 31.34
C HIS A 205 -30.40 12.75 30.94
N GLY A 206 -29.36 12.53 30.12
CA GLY A 206 -29.09 11.19 29.67
C GLY A 206 -28.61 10.34 30.84
N SER A 207 -27.79 10.93 31.70
CA SER A 207 -27.24 10.21 32.85
C SER A 207 -28.28 10.06 33.95
N LEU A 208 -29.29 10.94 34.01
CA LEU A 208 -30.25 10.82 35.11
C LEU A 208 -31.26 9.74 34.81
N VAL A 209 -31.66 9.65 33.55
CA VAL A 209 -32.58 8.60 33.13
C VAL A 209 -31.88 7.27 33.19
N THR A 210 -30.69 7.21 32.61
CA THR A 210 -29.88 5.98 32.65
C THR A 210 -29.64 5.55 34.10
N SER A 211 -29.42 6.50 35.02
CA SER A 211 -29.16 6.13 36.40
C SER A 211 -30.35 5.44 37.07
N SER A 212 -31.56 5.64 36.54
CA SER A 212 -32.77 5.23 37.25
C SER A 212 -33.62 4.27 36.42
N LEU A 213 -32.99 3.59 35.45
CA LEU A 213 -33.65 2.49 34.81
C LEU A 213 -34.09 1.50 35.87
N ILE A 214 -35.29 0.98 35.72
CA ILE A 214 -35.83 -0.02 36.62
C ILE A 214 -35.32 -1.38 36.19
N ARG A 215 -34.97 -2.22 37.16
CA ARG A 215 -34.38 -3.51 36.87
C ARG A 215 -35.37 -4.41 36.13
N GLU A 216 -35.01 -4.79 34.90
CA GLU A 216 -35.86 -5.60 34.04
C GLU A 216 -35.02 -6.61 33.29
N THR A 217 -33.75 -6.74 33.67
CA THR A 217 -32.77 -7.49 32.90
C THR A 217 -31.76 -8.14 33.86
N THR A 218 -30.99 -9.07 33.32
CA THR A 218 -29.91 -9.72 34.02
C THR A 218 -28.58 -9.07 33.66
N GLU A 219 -27.49 -9.52 34.29
CA GLU A 219 -26.20 -8.90 34.06
C GLU A 219 -25.69 -9.24 32.66
N THR A 220 -26.12 -10.36 32.11
CA THR A 220 -25.64 -10.85 30.82
C THR A 220 -26.40 -10.27 29.62
N GLU A 221 -27.26 -9.26 29.82
CA GLU A 221 -27.97 -8.68 28.69
C GLU A 221 -27.98 -7.17 28.81
N SER A 222 -28.16 -6.51 27.65
CA SER A 222 -28.25 -5.05 27.63
C SER A 222 -29.41 -4.59 28.49
N ALA A 223 -29.19 -3.51 29.23
CA ALA A 223 -30.31 -2.88 29.94
C ALA A 223 -31.34 -2.37 28.92
N ASN A 224 -30.91 -2.12 27.69
CA ASN A 224 -31.78 -1.57 26.67
C ASN A 224 -32.94 -2.50 26.34
N TYR A 225 -32.76 -3.80 26.52
CA TYR A 225 -33.85 -4.70 26.23
C TYR A 225 -34.91 -4.72 27.35
N GLY A 226 -34.81 -3.84 28.35
CA GLY A 226 -35.85 -3.71 29.36
C GLY A 226 -37.01 -2.85 28.93
N TYR A 227 -36.79 -2.03 27.91
CA TYR A 227 -37.83 -1.27 27.23
C TYR A 227 -38.31 -2.02 25.99
N LYS A 228 -39.63 -2.08 25.83
CA LYS A 228 -40.25 -2.63 24.63
C LYS A 228 -41.06 -1.52 23.97
N PHE A 229 -40.88 -1.38 22.65
CA PHE A 229 -41.43 -0.28 21.87
C PHE A 229 -42.95 -0.20 22.01
N GLY A 230 -43.43 0.96 22.48
CA GLY A 230 -44.86 1.14 22.67
C GLY A 230 -45.42 0.70 23.99
N GLN A 231 -44.60 0.16 24.89
CA GLN A 231 -45.05 -0.12 26.25
C GLN A 231 -45.65 1.15 26.86
N GLU A 232 -46.65 0.96 27.72
CA GLU A 232 -47.35 2.10 28.29
C GLU A 232 -46.66 2.66 29.53
N GLU A 233 -46.01 1.82 30.33
CA GLU A 233 -45.35 2.27 31.56
C GLU A 233 -44.02 2.93 31.26
N GLU A 234 -43.70 3.97 32.01
CA GLU A 234 -42.39 4.57 31.94
C GLU A 234 -41.31 3.53 32.34
N THR A 235 -40.09 3.75 31.86
CA THR A 235 -39.04 2.74 31.92
C THR A 235 -37.94 3.15 32.90
N TYR A 236 -38.15 4.26 33.60
CA TYR A 236 -37.29 4.73 34.67
C TYR A 236 -38.17 5.36 35.73
N ASN A 237 -37.58 5.59 36.88
CA ASN A 237 -38.26 6.04 38.09
C ASN A 237 -37.85 7.50 38.28
N ILE A 238 -38.79 8.42 38.03
CA ILE A 238 -38.44 9.83 37.93
C ILE A 238 -38.25 10.46 39.29
N VAL A 239 -38.86 9.89 40.33
CA VAL A 239 -38.76 10.46 41.68
C VAL A 239 -37.48 10.00 42.35
N ALA A 240 -37.00 8.80 42.01
CA ALA A 240 -35.66 8.39 42.40
C ALA A 240 -34.59 9.24 41.72
N ALA A 241 -34.80 9.61 40.46
CA ALA A 241 -33.87 10.52 39.80
C ALA A 241 -33.93 11.91 40.43
N HIS A 242 -35.13 12.42 40.69
CA HIS A 242 -35.27 13.72 41.34
C HIS A 242 -34.69 13.65 42.73
N GLY A 243 -34.89 12.51 43.40
CA GLY A 243 -34.31 12.31 44.72
C GLY A 243 -32.80 12.43 44.75
N TYR A 244 -32.12 11.89 43.72
CA TYR A 244 -30.66 11.99 43.70
C TYR A 244 -30.20 13.40 43.34
N PHE A 245 -30.81 14.03 42.31
CA PHE A 245 -30.32 15.33 41.83
C PHE A 245 -30.68 16.47 42.77
N GLY A 246 -31.83 16.37 43.45
CA GLY A 246 -32.15 17.33 44.50
C GLY A 246 -31.10 17.36 45.59
N ARG A 247 -30.51 16.20 45.93
CA ARG A 247 -29.53 16.14 47.00
C ARG A 247 -28.13 16.43 46.52
N LEU A 248 -27.82 16.06 45.28
CA LEU A 248 -26.57 16.49 44.69
C LEU A 248 -26.44 18.01 44.75
N ILE A 249 -27.55 18.73 44.65
CA ILE A 249 -27.53 20.18 44.70
C ILE A 249 -28.39 20.65 45.87
N PHE A 250 -29.67 20.92 45.61
CA PHE A 250 -30.70 21.06 46.64
C PHE A 250 -32.07 20.90 46.00
N GLN A 251 -33.05 20.54 46.85
CA GLN A 251 -34.32 20.01 46.36
C GLN A 251 -34.89 20.86 45.21
N TYR A 252 -35.03 22.17 45.45
CA TYR A 252 -35.87 22.97 44.56
C TYR A 252 -35.17 23.32 43.25
N ALA A 253 -33.89 22.98 43.12
CA ALA A 253 -33.16 23.15 41.87
C ALA A 253 -33.28 21.94 40.95
N SER A 254 -34.27 21.08 41.18
CA SER A 254 -34.42 19.84 40.43
C SER A 254 -35.87 19.68 40.04
N PHE A 255 -36.08 19.25 38.80
CA PHE A 255 -37.43 19.06 38.30
C PHE A 255 -38.04 17.79 38.85
N ASN A 256 -39.31 17.84 39.21
CA ASN A 256 -40.10 16.64 39.42
C ASN A 256 -41.24 16.59 38.41
N ASN A 257 -41.27 17.50 37.45
CA ASN A 257 -42.27 17.50 36.38
C ASN A 257 -41.56 17.29 35.04
N SER A 258 -41.85 16.16 34.41
CA SER A 258 -41.12 15.79 33.20
C SER A 258 -41.47 16.68 32.03
N ARG A 259 -42.66 17.29 32.04
CA ARG A 259 -43.01 18.23 30.97
C ARG A 259 -42.19 19.51 31.07
N SER A 260 -42.00 20.07 32.26
CA SER A 260 -41.19 21.27 32.35
C SER A 260 -39.75 20.95 32.00
N LEU A 261 -39.25 19.81 32.51
CA LEU A 261 -37.88 19.41 32.27
C LEU A 261 -37.60 19.28 30.77
N HIS A 262 -38.48 18.57 30.03
CA HIS A 262 -38.23 18.40 28.60
C HIS A 262 -38.42 19.72 27.85
N PHE A 263 -39.38 20.56 28.27
CA PHE A 263 -39.52 21.88 27.65
C PHE A 263 -38.26 22.72 27.85
N PHE A 264 -37.65 22.60 29.04
CA PHE A 264 -36.39 23.27 29.32
C PHE A 264 -35.30 22.76 28.40
N LEU A 265 -35.21 21.44 28.23
CA LEU A 265 -34.18 20.93 27.32
C LEU A 265 -34.34 21.55 25.94
N ALA A 266 -35.58 21.75 25.47
CA ALA A 266 -35.75 22.31 24.14
C ALA A 266 -35.46 23.80 24.09
N ALA A 267 -35.86 24.57 25.11
CA ALA A 267 -35.77 26.02 25.06
C ALA A 267 -34.34 26.52 25.11
N TRP A 268 -33.50 25.87 25.92
CA TRP A 268 -32.16 26.40 26.16
C TRP A 268 -31.31 26.45 24.89
N PRO A 269 -31.08 25.35 24.18
CA PRO A 269 -30.24 25.46 22.98
C PRO A 269 -30.93 26.18 21.82
N VAL A 270 -32.26 26.17 21.78
CA VAL A 270 -32.92 26.85 20.71
C VAL A 270 -32.74 28.33 20.88
N VAL A 271 -33.09 28.84 22.05
CA VAL A 271 -32.99 30.27 22.25
C VAL A 271 -31.57 30.76 22.05
N GLY A 272 -30.57 30.04 22.58
CA GLY A 272 -29.20 30.52 22.50
C GLY A 272 -28.72 30.55 21.08
N VAL A 273 -29.20 29.63 20.26
CA VAL A 273 -28.76 29.58 18.88
C VAL A 273 -29.51 30.63 18.05
N TRP A 274 -30.76 30.95 18.40
CA TRP A 274 -31.39 32.13 17.80
C TRP A 274 -30.52 33.35 17.98
N PHE A 275 -30.08 33.58 19.22
CA PHE A 275 -29.28 34.76 19.47
C PHE A 275 -27.99 34.73 18.67
N THR A 276 -27.31 33.59 18.63
CA THR A 276 -26.02 33.63 17.96
C THR A 276 -26.18 33.67 16.45
N ALA A 277 -27.34 33.22 15.95
CA ALA A 277 -27.67 33.48 14.55
C ALA A 277 -28.04 34.93 14.34
N LEU A 278 -28.75 35.53 15.30
CA LEU A 278 -28.93 36.96 15.26
C LEU A 278 -27.61 37.69 15.35
N GLY A 279 -26.65 37.15 16.10
CA GLY A 279 -25.35 37.80 16.19
C GLY A 279 -24.69 37.90 14.83
N ILE A 280 -24.72 36.81 14.07
CA ILE A 280 -24.14 36.85 12.72
C ILE A 280 -24.95 37.80 11.84
N SER A 281 -26.24 37.86 12.06
CA SER A 281 -27.08 38.63 11.18
C SER A 281 -26.95 40.12 11.41
N THR A 282 -26.72 40.53 12.66
CA THR A 282 -26.50 41.94 12.97
C THR A 282 -25.07 42.36 12.77
N MET A 283 -24.13 41.44 12.83
CA MET A 283 -22.78 41.80 12.50
C MET A 283 -22.61 41.92 11.00
N ALA A 284 -23.58 41.37 10.26
CA ALA A 284 -23.70 41.61 8.83
C ALA A 284 -23.87 43.09 8.51
N PHE A 285 -24.49 43.85 9.40
CA PHE A 285 -24.60 45.30 9.28
C PHE A 285 -23.58 46.02 10.15
N ASN A 286 -22.56 45.26 10.60
CA ASN A 286 -21.32 45.76 11.21
C ASN A 286 -21.57 46.43 12.53
N LEU A 287 -22.50 45.87 13.30
CA LEU A 287 -22.67 46.27 14.68
C LEU A 287 -21.86 45.23 15.44
N ASN A 288 -20.64 45.62 15.78
CA ASN A 288 -19.62 44.65 16.17
C ASN A 288 -19.54 44.42 17.69
N GLY A 289 -18.71 43.44 18.08
CA GLY A 289 -18.54 43.15 19.49
C GLY A 289 -17.90 44.32 20.24
N PHE A 290 -18.01 44.25 21.56
CA PHE A 290 -17.49 45.31 22.41
C PHE A 290 -16.03 45.61 22.08
N ASN A 291 -15.69 46.90 22.08
CA ASN A 291 -14.36 47.39 21.78
C ASN A 291 -13.85 48.16 22.98
N PHE A 292 -12.91 47.53 23.72
CA PHE A 292 -12.24 48.15 24.86
C PHE A 292 -10.75 48.35 24.59
N ASN A 293 -10.35 48.39 23.34
CA ASN A 293 -8.99 48.75 23.03
C ASN A 293 -8.68 50.12 23.65
N HIS A 294 -7.64 50.13 24.52
CA HIS A 294 -7.14 51.30 25.25
C HIS A 294 -8.16 51.90 26.20
N SER A 295 -9.07 51.10 26.73
CA SER A 295 -10.03 51.65 27.69
C SER A 295 -9.42 51.90 29.07
N VAL A 296 -8.16 51.50 29.30
CA VAL A 296 -7.53 51.64 30.61
C VAL A 296 -6.19 52.33 30.44
N ILE A 297 -6.04 53.48 31.10
CA ILE A 297 -4.83 54.28 31.03
C ILE A 297 -4.47 54.80 32.43
N ASP A 298 -3.22 55.22 32.59
CA ASP A 298 -2.79 55.64 33.93
C ASP A 298 -2.93 57.16 34.11
N ALA A 299 -2.51 57.62 35.30
CA ALA A 299 -2.67 59.02 35.69
C ALA A 299 -2.01 59.94 34.68
N LYS A 300 -0.89 59.53 34.12
CA LYS A 300 -0.29 60.29 33.05
C LYS A 300 -1.02 60.12 31.72
N GLY A 301 -1.73 59.02 31.53
CA GLY A 301 -2.32 58.72 30.25
C GLY A 301 -1.60 57.67 29.45
N ASN A 302 -0.67 56.91 30.07
CA ASN A 302 -0.16 55.70 29.43
C ASN A 302 -1.31 54.74 29.23
N VAL A 303 -1.25 53.98 28.14
CA VAL A 303 -2.09 52.80 27.99
C VAL A 303 -1.63 51.71 28.95
N ILE A 304 -2.58 51.16 29.73
CA ILE A 304 -2.37 49.99 30.55
C ILE A 304 -3.16 48.87 29.89
N ASN A 305 -2.47 47.89 29.31
CA ASN A 305 -3.15 46.87 28.50
C ASN A 305 -3.92 45.92 29.36
N THR A 306 -5.02 45.40 28.81
CA THR A 306 -5.77 44.30 29.40
C THR A 306 -5.71 43.12 28.42
N TRP A 307 -6.47 42.08 28.74
CA TRP A 307 -6.62 40.97 27.80
C TRP A 307 -7.31 41.41 26.49
N ALA A 308 -8.26 42.37 26.55
CA ALA A 308 -8.82 42.92 25.33
C ALA A 308 -7.74 43.40 24.38
N ASP A 309 -6.72 44.10 24.90
CA ASP A 309 -5.72 44.63 24.00
C ASP A 309 -4.87 43.52 23.38
N ILE A 310 -4.74 42.38 24.07
CA ILE A 310 -4.03 41.24 23.51
C ILE A 310 -4.85 40.63 22.40
N ILE A 311 -6.13 40.33 22.71
CA ILE A 311 -7.07 39.93 21.69
C ILE A 311 -6.91 40.76 20.43
N ASN A 312 -6.82 42.09 20.59
CA ASN A 312 -6.74 43.00 19.45
C ASN A 312 -5.44 42.81 18.68
N ARG A 313 -4.36 42.50 19.37
CA ARG A 313 -3.13 42.27 18.64
C ARG A 313 -3.27 41.05 17.74
N ALA A 314 -4.00 40.05 18.21
CA ALA A 314 -4.19 38.89 17.35
C ALA A 314 -5.22 39.23 16.26
N ASN A 315 -6.27 39.99 16.57
CA ASN A 315 -7.21 40.42 15.54
C ASN A 315 -6.50 41.21 14.43
N LEU A 316 -5.49 41.99 14.82
CA LEU A 316 -4.69 42.75 13.88
C LEU A 316 -3.93 41.85 12.92
N GLY A 317 -3.39 40.74 13.44
CA GLY A 317 -2.63 39.84 12.59
C GLY A 317 -3.52 39.10 11.62
N MET A 318 -4.75 38.78 12.04
CA MET A 318 -5.76 38.31 11.11
C MET A 318 -6.11 39.36 10.07
N GLU A 319 -6.40 40.58 10.53
CA GLU A 319 -6.73 41.70 9.64
C GLU A 319 -5.68 41.88 8.55
N VAL A 320 -4.43 42.12 8.94
CA VAL A 320 -3.47 42.55 7.92
C VAL A 320 -3.15 41.45 6.92
N MET A 321 -3.44 40.19 7.22
CA MET A 321 -3.03 39.13 6.32
C MET A 321 -4.12 38.62 5.42
N HIS A 322 -5.37 38.67 5.87
CA HIS A 322 -6.42 38.07 5.06
C HIS A 322 -6.49 38.76 3.69
N GLU A 323 -6.79 37.95 2.65
CA GLU A 323 -7.01 38.44 1.28
C GLU A 323 -5.91 39.43 0.90
N ARG A 324 -4.67 38.95 1.06
CA ARG A 324 -3.46 39.78 1.08
C ARG A 324 -3.26 40.61 -0.20
N ASN A 325 -3.84 40.23 -1.32
CA ASN A 325 -3.65 40.94 -2.58
C ASN A 325 -4.85 41.79 -3.00
N ALA A 326 -5.93 41.78 -2.22
CA ALA A 326 -7.21 42.27 -2.68
C ALA A 326 -7.51 43.70 -2.24
N HIS A 327 -6.64 44.34 -1.45
CA HIS A 327 -6.93 45.65 -0.90
C HIS A 327 -5.92 46.67 -1.42
N ASN A 328 -6.44 47.80 -1.95
CA ASN A 328 -5.56 48.83 -2.49
C ASN A 328 -5.52 50.07 -1.63
N PHE A 329 -6.42 50.20 -0.70
CA PHE A 329 -6.65 51.39 0.12
C PHE A 329 -6.70 50.98 1.58
N PRO A 330 -6.44 51.93 2.50
CA PRO A 330 -5.95 51.55 3.84
C PRO A 330 -6.97 50.93 4.76
N LEU A 331 -8.27 51.10 4.51
CA LEU A 331 -9.31 50.55 5.38
C LEU A 331 -10.10 49.52 4.62
N ASP A 332 -10.38 48.40 5.30
CA ASP A 332 -11.16 47.28 4.77
C ASP A 332 -12.60 47.51 5.24
N LEU A 333 -13.33 48.36 4.46
CA LEU A 333 -14.67 48.79 4.84
C LEU A 333 -15.74 47.77 4.46
N ALA A 334 -15.34 46.64 3.87
CA ALA A 334 -16.31 45.62 3.55
C ALA A 334 -15.60 44.37 3.15
N GLY B 1 -28.05 -12.85 24.36
CA GLY B 1 -26.62 -12.98 24.21
C GLY B 1 -25.91 -11.81 24.85
N LEU B 2 -24.64 -12.01 25.22
CA LEU B 2 -23.85 -10.90 25.66
C LEU B 2 -23.75 -9.86 24.54
N PRO B 3 -23.64 -8.58 24.87
CA PRO B 3 -23.21 -7.59 23.88
C PRO B 3 -21.71 -7.62 23.67
N TRP B 4 -21.31 -7.23 22.46
CA TRP B 4 -19.91 -7.25 22.08
C TRP B 4 -19.00 -6.68 23.17
N TYR B 5 -19.46 -5.62 23.87
CA TYR B 5 -18.59 -4.92 24.83
C TYR B 5 -18.43 -5.70 26.14
N ARG B 6 -19.00 -6.89 26.23
CA ARG B 6 -18.96 -7.68 27.45
C ARG B 6 -18.47 -9.12 27.26
N VAL B 7 -17.97 -9.50 26.08
CA VAL B 7 -17.63 -10.90 25.85
C VAL B 7 -16.62 -11.42 26.88
N HIS B 8 -15.69 -10.57 27.35
CA HIS B 8 -14.61 -11.08 28.18
C HIS B 8 -15.01 -11.25 29.64
N THR B 9 -16.29 -11.00 29.96
CA THR B 9 -16.76 -11.27 31.30
C THR B 9 -17.00 -12.75 31.58
N VAL B 10 -16.92 -13.64 30.57
CA VAL B 10 -17.02 -15.07 30.83
C VAL B 10 -15.91 -15.58 31.78
N LEU B 11 -14.81 -14.83 31.90
CA LEU B 11 -13.69 -15.17 32.72
C LEU B 11 -13.86 -14.83 34.20
N ILE B 12 -14.95 -14.15 34.61
CA ILE B 12 -15.01 -13.56 35.95
C ILE B 12 -14.94 -14.62 37.04
N ASN B 13 -15.63 -15.73 36.88
CA ASN B 13 -15.67 -16.77 37.88
C ASN B 13 -15.03 -18.04 37.35
N ASP B 14 -13.92 -17.89 36.63
CA ASP B 14 -13.26 -19.00 35.95
C ASP B 14 -11.74 -18.83 36.05
N PRO B 15 -11.18 -19.16 37.22
CA PRO B 15 -9.79 -18.75 37.48
C PRO B 15 -8.79 -19.32 36.47
N GLY B 16 -8.98 -20.54 36.00
CA GLY B 16 -8.05 -21.08 35.01
C GLY B 16 -8.11 -20.40 33.66
N ARG B 17 -9.31 -20.17 33.13
CA ARG B 17 -9.37 -19.48 31.87
C ARG B 17 -8.99 -18.01 32.04
N LEU B 18 -9.18 -17.44 33.22
CA LEU B 18 -8.53 -16.15 33.47
C LEU B 18 -7.02 -16.28 33.37
N ILE B 19 -6.44 -17.35 33.95
CA ILE B 19 -4.98 -17.50 33.86
C ILE B 19 -4.57 -17.69 32.40
N ALA B 20 -5.31 -18.50 31.65
CA ALA B 20 -5.05 -18.67 30.22
C ALA B 20 -5.14 -17.38 29.41
N ALA B 21 -6.15 -16.54 29.67
CA ALA B 21 -6.17 -15.24 29.00
C ALA B 21 -4.93 -14.44 29.35
N HIS B 22 -4.61 -14.39 30.64
CA HIS B 22 -3.47 -13.61 31.11
C HIS B 22 -2.16 -14.12 30.54
N LEU B 23 -2.01 -15.45 30.36
CA LEU B 23 -0.81 -15.96 29.71
C LEU B 23 -0.74 -15.51 28.24
N MET B 24 -1.86 -15.57 27.52
CA MET B 24 -1.87 -15.18 26.11
C MET B 24 -1.50 -13.70 25.93
N HIS B 25 -2.08 -12.83 26.76
CA HIS B 25 -1.67 -11.43 26.78
C HIS B 25 -0.16 -11.32 26.95
N THR B 26 0.39 -12.05 27.93
CA THR B 26 1.82 -11.99 28.19
C THR B 26 2.61 -12.49 26.98
N ALA B 27 2.14 -13.55 26.34
CA ALA B 27 2.77 -14.01 25.11
C ALA B 27 2.81 -12.91 24.04
N LEU B 28 1.69 -12.20 23.80
CA LEU B 28 1.67 -11.18 22.76
C LEU B 28 2.60 -9.99 23.08
N VAL B 29 2.67 -9.55 24.34
CA VAL B 29 3.59 -8.46 24.72
C VAL B 29 5.05 -8.87 24.48
N ALA B 30 5.46 -10.04 24.97
CA ALA B 30 6.85 -10.49 24.77
C ALA B 30 7.13 -10.72 23.30
N GLY B 31 6.17 -11.35 22.59
CA GLY B 31 6.24 -11.42 21.13
C GLY B 31 6.46 -10.07 20.47
N TRP B 32 5.71 -9.05 20.89
CA TRP B 32 5.87 -7.72 20.33
C TRP B 32 7.27 -7.19 20.57
N ALA B 33 7.74 -7.26 21.81
CA ALA B 33 9.09 -6.79 22.14
C ALA B 33 10.15 -7.50 21.28
N GLY B 34 10.05 -8.83 21.17
CA GLY B 34 10.88 -9.57 20.23
C GLY B 34 10.81 -9.02 18.81
N SER B 35 9.60 -8.91 18.26
CA SER B 35 9.41 -8.41 16.90
C SER B 35 9.95 -7.00 16.73
N MET B 36 9.68 -6.14 17.70
CA MET B 36 10.04 -4.73 17.55
C MET B 36 11.57 -4.58 17.53
N ALA B 37 12.29 -5.35 18.38
CA ALA B 37 13.75 -5.26 18.35
C ALA B 37 14.32 -5.81 17.03
N LEU B 38 13.72 -6.88 16.50
CA LEU B 38 14.16 -7.42 15.22
C LEU B 38 14.04 -6.41 14.08
N TYR B 39 12.93 -5.67 14.03
CA TYR B 39 12.77 -4.63 13.02
C TYR B 39 13.74 -3.46 13.27
N GLU B 40 13.94 -3.09 14.54
CA GLU B 40 14.93 -2.08 14.83
C GLU B 40 16.33 -2.53 14.40
N LEU B 41 16.73 -3.77 14.70
CA LEU B 41 18.07 -4.17 14.29
C LEU B 41 18.22 -4.20 12.78
N ALA B 42 17.19 -4.66 12.06
CA ALA B 42 17.21 -4.66 10.60
C ALA B 42 17.24 -3.26 9.96
N THR B 43 16.86 -2.19 10.67
CA THR B 43 16.92 -0.86 10.10
C THR B 43 17.89 0.07 10.80
N PHE B 44 18.48 -0.31 11.93
CA PHE B 44 19.42 0.56 12.62
C PHE B 44 20.75 0.61 11.89
N ASP B 45 21.27 1.83 11.72
CA ASP B 45 22.63 2.08 11.24
C ASP B 45 23.56 2.45 12.39
N PRO B 46 24.54 1.62 12.75
CA PRO B 46 25.32 1.92 13.95
C PRO B 46 26.67 2.51 13.61
N SER B 47 26.82 3.11 12.44
CA SER B 47 28.14 3.56 12.02
C SER B 47 28.51 4.95 12.53
N ASP B 48 27.63 5.63 13.29
CA ASP B 48 27.92 6.99 13.74
C ASP B 48 27.04 7.36 14.92
N PRO B 49 27.45 7.00 16.13
CA PRO B 49 26.73 7.48 17.31
C PRO B 49 26.96 8.94 17.64
N VAL B 50 27.67 9.69 16.80
CA VAL B 50 27.86 11.10 17.07
C VAL B 50 26.74 11.92 16.41
N LEU B 51 26.55 11.78 15.10
CA LEU B 51 25.55 12.57 14.37
C LEU B 51 24.38 11.74 13.86
N ASN B 52 24.41 10.43 14.03
CA ASN B 52 23.29 9.58 13.66
C ASN B 52 23.05 8.60 14.81
N PRO B 53 22.88 9.12 16.02
CA PRO B 53 22.55 8.24 17.14
C PRO B 53 21.22 7.54 16.93
N MET B 54 20.98 6.53 17.76
CA MET B 54 19.75 5.76 17.69
C MET B 54 18.52 6.66 17.79
N TRP B 55 18.56 7.72 18.60
CA TRP B 55 17.36 8.52 18.84
C TRP B 55 16.96 9.38 17.62
N ARG B 56 17.87 9.63 16.68
CA ARG B 56 17.54 10.25 15.42
C ARG B 56 16.92 9.27 14.42
N GLN B 57 17.11 7.98 14.60
CA GLN B 57 16.60 7.00 13.66
C GLN B 57 15.30 6.40 14.15
N GLY B 58 14.63 7.09 15.06
CA GLY B 58 13.35 6.61 15.57
C GLY B 58 13.40 5.22 16.14
N MET B 59 14.46 4.92 16.92
CA MET B 59 14.56 3.66 17.67
C MET B 59 13.82 3.78 18.98
N PHE B 60 13.02 2.76 19.31
CA PHE B 60 12.16 2.83 20.49
C PHE B 60 12.52 1.85 21.60
N VAL B 61 12.75 0.56 21.32
CA VAL B 61 13.18 -0.36 22.39
C VAL B 61 14.71 -0.47 22.52
N LEU B 62 15.46 -0.13 21.47
CA LEU B 62 16.91 -0.19 21.53
C LEU B 62 17.41 0.52 22.79
N PRO B 63 17.06 1.77 22.94
CA PRO B 63 17.50 2.49 24.14
C PRO B 63 17.07 1.85 25.46
N PHE B 64 16.03 1.02 25.49
CA PHE B 64 15.64 0.41 26.74
C PHE B 64 16.52 -0.81 27.06
N MET B 65 16.97 -1.49 26.01
CA MET B 65 17.93 -2.55 26.14
C MET B 65 19.27 -2.00 26.61
N ALA B 66 19.74 -0.95 25.92
CA ALA B 66 20.99 -0.31 26.31
C ALA B 66 20.92 0.27 27.72
N ARG B 67 19.73 0.65 28.18
CA ARG B 67 19.66 1.30 29.47
C ARG B 67 20.12 0.36 30.58
N LEU B 68 19.83 -0.93 30.45
CA LEU B 68 20.18 -1.93 31.44
C LEU B 68 21.42 -2.72 31.09
N GLY B 69 22.11 -2.36 30.02
CA GLY B 69 23.42 -2.87 29.72
C GLY B 69 23.57 -3.78 28.51
N VAL B 70 22.54 -4.03 27.70
CA VAL B 70 22.76 -4.69 26.41
C VAL B 70 23.20 -3.62 25.41
N THR B 71 24.44 -3.71 24.94
CA THR B 71 25.09 -2.62 24.21
C THR B 71 25.64 -2.99 22.85
N GLY B 72 25.60 -4.25 22.47
CA GLY B 72 26.29 -4.66 21.26
C GLY B 72 25.57 -5.79 20.59
N SER B 73 26.03 -6.07 19.39
CA SER B 73 25.37 -7.00 18.47
C SER B 73 26.29 -8.15 18.12
N TRP B 74 25.67 -9.29 17.81
CA TRP B 74 26.44 -10.42 17.33
C TRP B 74 27.24 -10.07 16.09
N SER B 75 26.88 -8.99 15.38
CA SER B 75 27.60 -8.57 14.18
C SER B 75 28.98 -7.99 14.47
N GLY B 76 29.29 -7.67 15.72
CA GLY B 76 30.57 -7.10 16.08
C GLY B 76 30.56 -5.63 16.48
N TRP B 77 29.47 -4.89 16.26
CA TRP B 77 29.39 -3.48 16.64
C TRP B 77 28.75 -3.30 18.03
N SER B 78 29.03 -2.15 18.62
CA SER B 78 28.37 -1.71 19.84
C SER B 78 27.90 -0.28 19.64
N ILE B 79 26.89 0.13 20.43
CA ILE B 79 26.26 1.46 20.28
C ILE B 79 27.18 2.57 20.74
N THR B 80 28.05 2.28 21.72
CA THR B 80 29.09 3.19 22.11
C THR B 80 30.10 3.36 20.99
N GLY B 81 30.08 2.48 20.02
CA GLY B 81 30.84 2.70 18.82
C GLY B 81 32.09 1.87 18.73
N GLU B 82 32.41 1.09 19.75
CA GLU B 82 33.61 0.28 19.67
C GLU B 82 33.34 -0.94 18.80
N THR B 83 34.39 -1.39 18.12
CA THR B 83 34.33 -2.52 17.22
C THR B 83 35.32 -3.58 17.72
N GLY B 84 35.08 -4.83 17.29
CA GLY B 84 35.82 -5.97 17.76
C GLY B 84 35.15 -6.77 18.88
N ILE B 85 34.05 -6.28 19.44
CA ILE B 85 33.53 -6.84 20.68
C ILE B 85 32.89 -8.21 20.45
N ASP B 86 32.61 -8.89 21.56
CA ASP B 86 31.75 -10.08 21.56
C ASP B 86 30.90 -9.96 22.82
N PRO B 87 29.63 -9.57 22.69
CA PRO B 87 28.78 -9.40 23.87
C PRO B 87 28.37 -10.72 24.52
N GLY B 88 28.91 -11.84 24.05
CA GLY B 88 28.38 -13.07 24.52
C GLY B 88 27.00 -13.24 23.94
N PHE B 89 26.20 -14.02 24.64
CA PHE B 89 24.87 -14.32 24.15
C PHE B 89 23.89 -13.17 24.32
N TRP B 90 24.02 -12.36 25.38
CA TRP B 90 22.99 -11.36 25.69
C TRP B 90 23.16 -10.09 24.88
N SER B 91 23.27 -10.28 23.57
CA SER B 91 23.25 -9.21 22.60
C SER B 91 21.81 -8.80 22.30
N PHE B 92 21.65 -7.65 21.64
CA PHE B 92 20.35 -7.27 21.08
C PHE B 92 19.71 -8.48 20.41
N GLU B 93 20.44 -9.13 19.50
CA GLU B 93 19.88 -10.31 18.87
C GLU B 93 19.43 -11.34 19.92
N GLY B 94 20.29 -11.61 20.93
CA GLY B 94 19.94 -12.64 21.92
C GLY B 94 18.73 -12.28 22.80
N VAL B 95 18.64 -11.03 23.23
CA VAL B 95 17.48 -10.56 23.97
C VAL B 95 16.20 -10.76 23.15
N ALA B 96 16.25 -10.47 21.85
CA ALA B 96 15.06 -10.59 21.02
C ALA B 96 14.62 -12.02 20.88
N LEU B 97 15.57 -12.95 20.82
CA LEU B 97 15.21 -14.36 20.69
C LEU B 97 14.70 -14.89 22.02
N ALA B 98 15.27 -14.44 23.12
CA ALA B 98 14.69 -14.83 24.39
C ALA B 98 13.20 -14.48 24.39
N HIS B 99 12.86 -13.23 24.10
CA HIS B 99 11.45 -12.83 24.24
C HIS B 99 10.55 -13.57 23.26
N ILE B 100 11.09 -13.92 22.10
CA ILE B 100 10.33 -14.76 21.18
C ILE B 100 10.16 -16.19 21.70
N VAL B 101 11.23 -16.81 22.23
CA VAL B 101 11.06 -18.15 22.78
C VAL B 101 10.14 -18.08 23.98
N LEU B 102 10.28 -17.03 24.76
CA LEU B 102 9.41 -16.88 25.92
C LEU B 102 7.96 -16.82 25.46
N SER B 103 7.70 -16.00 24.44
CA SER B 103 6.36 -15.84 23.91
C SER B 103 5.80 -17.18 23.45
N GLY B 104 6.63 -18.01 22.82
CA GLY B 104 6.16 -19.31 22.37
C GLY B 104 5.81 -20.22 23.53
N LEU B 105 6.66 -20.23 24.57
CA LEU B 105 6.36 -21.11 25.71
C LEU B 105 5.16 -20.60 26.50
N LEU B 106 4.85 -19.32 26.42
CA LEU B 106 3.67 -18.82 27.10
C LEU B 106 2.41 -19.21 26.35
N PHE B 107 2.43 -19.11 25.02
CA PHE B 107 1.35 -19.61 24.17
C PHE B 107 0.89 -21.00 24.59
N LEU B 108 1.84 -21.94 24.71
CA LEU B 108 1.51 -23.34 24.98
C LEU B 108 0.88 -23.50 26.35
N ALA B 109 1.42 -22.81 27.33
CA ALA B 109 0.91 -22.92 28.69
C ALA B 109 -0.53 -22.44 28.75
N ALA B 110 -0.83 -21.42 27.97
CA ALA B 110 -2.19 -20.86 27.89
C ALA B 110 -3.16 -21.88 27.31
N CYS B 111 -2.78 -22.55 26.20
CA CYS B 111 -3.63 -23.62 25.70
C CYS B 111 -3.96 -24.62 26.80
N TRP B 112 -2.95 -24.96 27.64
CA TRP B 112 -3.10 -25.97 28.68
C TRP B 112 -4.05 -25.50 29.76
N HIS B 113 -3.83 -24.29 30.26
CA HIS B 113 -4.73 -23.78 31.29
C HIS B 113 -6.16 -23.55 30.75
N TRP B 114 -6.33 -23.25 29.45
CA TRP B 114 -7.67 -23.14 28.86
C TRP B 114 -8.37 -24.50 28.80
N VAL B 115 -7.67 -25.54 28.35
CA VAL B 115 -8.36 -26.82 28.28
C VAL B 115 -8.63 -27.39 29.65
N TYR B 116 -7.67 -27.30 30.56
CA TYR B 116 -7.79 -27.86 31.92
C TYR B 116 -8.17 -26.75 32.88
N TRP B 117 -9.32 -26.16 32.60
CA TRP B 117 -9.75 -24.98 33.35
C TRP B 117 -10.18 -25.40 34.75
N ASP B 118 -10.60 -26.65 34.91
CA ASP B 118 -11.28 -27.06 36.13
C ASP B 118 -10.32 -27.72 37.12
N LEU B 119 -9.44 -26.90 37.69
CA LEU B 119 -8.48 -27.39 38.66
C LEU B 119 -9.07 -27.28 40.05
N GLU B 120 -8.76 -28.27 40.89
CA GLU B 120 -9.30 -28.32 42.24
C GLU B 120 -8.74 -27.19 43.08
N LEU B 121 -7.51 -26.77 42.78
CA LEU B 121 -6.90 -25.60 43.40
C LEU B 121 -7.82 -24.42 43.37
N PHE B 122 -8.60 -24.27 42.30
CA PHE B 122 -9.41 -23.07 42.15
C PHE B 122 -10.69 -23.14 42.95
N ARG B 123 -11.01 -24.31 43.52
CA ARG B 123 -12.24 -24.56 44.26
C ARG B 123 -12.05 -24.27 45.73
N ASP B 124 -13.02 -23.56 46.31
CA ASP B 124 -13.06 -23.35 47.76
C ASP B 124 -13.39 -24.66 48.47
N PRO B 125 -12.50 -25.21 49.30
CA PRO B 125 -12.71 -26.59 49.78
C PRO B 125 -13.91 -26.73 50.69
N ARG B 126 -14.41 -25.62 51.24
CA ARG B 126 -15.63 -25.62 52.02
C ARG B 126 -16.85 -25.80 51.14
N THR B 127 -17.07 -24.88 50.18
CA THR B 127 -18.29 -24.85 49.36
C THR B 127 -18.17 -25.57 48.01
N GLY B 128 -16.97 -25.94 47.57
CA GLY B 128 -16.81 -26.43 46.21
C GLY B 128 -17.05 -25.43 45.09
N GLU B 129 -17.23 -24.18 45.39
CA GLU B 129 -17.41 -23.09 44.45
C GLU B 129 -16.06 -22.50 44.06
N PRO B 130 -15.88 -22.04 42.83
CA PRO B 130 -14.61 -21.38 42.47
C PRO B 130 -14.43 -20.17 43.35
N ALA B 131 -13.23 -19.99 43.87
CA ALA B 131 -12.98 -18.81 44.69
C ALA B 131 -11.49 -18.53 44.77
N LEU B 132 -11.15 -17.26 44.83
CA LEU B 132 -9.78 -16.84 44.97
C LEU B 132 -9.64 -16.02 46.23
N ASP B 133 -8.66 -16.37 47.05
CA ASP B 133 -8.35 -15.62 48.25
C ASP B 133 -7.44 -14.45 47.88
N LEU B 134 -8.06 -13.33 47.48
CA LEU B 134 -7.30 -12.20 46.96
C LEU B 134 -6.36 -11.60 48.01
N PRO B 135 -6.73 -11.47 49.26
CA PRO B 135 -5.79 -10.91 50.24
C PRO B 135 -4.48 -11.71 50.38
N LYS B 136 -4.59 -13.03 50.49
CA LYS B 136 -3.38 -13.82 50.58
C LYS B 136 -2.61 -13.80 49.26
N MET B 137 -3.33 -13.71 48.15
CA MET B 137 -2.68 -13.63 46.86
C MET B 137 -1.87 -12.36 46.77
N PHE B 138 -2.43 -11.25 47.25
CA PHE B 138 -1.68 -10.01 47.19
C PHE B 138 -0.40 -10.14 48.02
N GLY B 139 -0.50 -10.74 49.20
CA GLY B 139 0.69 -10.94 50.03
C GLY B 139 1.79 -11.71 49.31
N ILE B 140 1.43 -12.84 48.69
CA ILE B 140 2.40 -13.69 48.02
C ILE B 140 3.08 -12.93 46.90
N HIS B 141 2.28 -12.27 46.08
CA HIS B 141 2.78 -11.57 44.91
C HIS B 141 3.57 -10.35 45.33
N LEU B 142 3.09 -9.60 46.32
CA LEU B 142 3.82 -8.45 46.86
C LEU B 142 5.17 -8.89 47.40
N PHE B 143 5.31 -10.15 47.78
CA PHE B 143 6.55 -10.64 48.34
C PHE B 143 7.52 -10.98 47.22
N LEU B 144 7.04 -11.71 46.22
CA LEU B 144 7.74 -11.89 44.95
C LEU B 144 8.23 -10.58 44.37
N ALA B 145 7.34 -9.60 44.31
CA ALA B 145 7.70 -8.30 43.79
C ALA B 145 8.83 -7.67 44.59
N GLY B 146 8.80 -7.83 45.93
CA GLY B 146 9.85 -7.26 46.76
C GLY B 146 11.20 -7.96 46.59
N LEU B 147 11.18 -9.29 46.46
CA LEU B 147 12.40 -10.03 46.15
C LEU B 147 13.03 -9.60 44.85
N LEU B 148 12.22 -9.49 43.78
CA LEU B 148 12.78 -9.12 42.48
CA LEU B 148 12.78 -9.12 42.48
C LEU B 148 13.26 -7.68 42.51
N CYS B 149 12.55 -6.82 43.22
CA CYS B 149 12.95 -5.43 43.23
C CYS B 149 14.22 -5.27 44.06
N PHE B 150 14.29 -5.93 45.22
CA PHE B 150 15.55 -6.02 45.96
C PHE B 150 16.70 -6.58 45.12
N GLY B 151 16.48 -7.74 44.50
CA GLY B 151 17.54 -8.37 43.74
C GLY B 151 17.94 -7.59 42.51
N PHE B 152 16.97 -6.93 41.87
CA PHE B 152 17.29 -6.07 40.74
C PHE B 152 18.28 -5.01 41.15
N GLY B 153 17.98 -4.28 42.23
CA GLY B 153 18.86 -3.23 42.68
C GLY B 153 20.10 -3.72 43.41
N ALA B 154 20.01 -4.83 44.15
CA ALA B 154 21.17 -5.30 44.89
C ALA B 154 22.23 -5.83 43.96
N PHE B 155 21.85 -6.57 42.91
CA PHE B 155 22.80 -7.28 42.04
C PHE B 155 22.97 -6.68 40.66
N HIS B 156 21.87 -6.47 39.90
CA HIS B 156 22.04 -5.99 38.53
C HIS B 156 22.62 -4.58 38.52
N LEU B 157 22.04 -3.67 39.30
CA LEU B 157 22.40 -2.26 39.19
C LEU B 157 23.76 -1.96 39.80
N THR B 158 24.09 -2.58 40.93
CA THR B 158 25.42 -2.47 41.55
C THR B 158 26.51 -3.03 40.68
N GLY B 159 26.21 -4.03 39.82
CA GLY B 159 27.24 -4.80 39.16
C GLY B 159 27.87 -5.89 40.02
N LEU B 160 27.39 -6.06 41.25
CA LEU B 160 27.70 -7.21 42.08
C LEU B 160 27.54 -8.51 41.30
N PHE B 161 26.44 -8.65 40.61
CA PHE B 161 26.23 -9.79 39.71
C PHE B 161 25.30 -9.26 38.61
N GLY B 162 25.90 -8.44 37.74
CA GLY B 162 25.20 -7.87 36.62
C GLY B 162 25.93 -6.68 36.00
N PRO B 163 25.31 -6.01 35.03
CA PRO B 163 26.04 -4.98 34.25
C PRO B 163 25.97 -3.57 34.79
N GLY B 164 25.07 -3.30 35.69
CA GLY B 164 24.78 -1.91 35.99
C GLY B 164 23.76 -1.26 35.04
N MET B 165 23.96 0.02 34.71
CA MET B 165 23.01 0.82 33.91
C MET B 165 23.74 1.97 33.24
N TRP B 166 23.08 2.53 32.22
CA TRP B 166 23.61 3.65 31.46
C TRP B 166 23.78 4.87 32.35
N VAL B 167 24.97 5.47 32.31
CA VAL B 167 25.28 6.71 33.02
C VAL B 167 26.08 7.59 32.08
N SER B 168 25.96 8.89 32.27
CA SER B 168 26.65 9.82 31.41
C SER B 168 27.08 11.00 32.25
N ASP B 169 27.97 11.80 31.69
CA ASP B 169 28.19 13.13 32.17
C ASP B 169 26.96 14.06 31.91
N PRO B 170 26.97 15.25 32.48
CA PRO B 170 25.77 16.11 32.39
C PRO B 170 25.43 16.58 31.01
N TYR B 171 26.39 16.55 30.08
CA TYR B 171 26.19 16.97 28.71
C TYR B 171 26.06 15.79 27.75
N GLY B 172 25.55 14.67 28.22
CA GLY B 172 25.43 13.50 27.38
C GLY B 172 26.53 13.23 26.37
N LEU B 173 27.80 13.25 26.79
CA LEU B 173 28.90 13.02 25.85
C LEU B 173 29.64 11.70 26.00
N THR B 174 29.66 11.09 27.18
CA THR B 174 30.56 9.97 27.45
C THR B 174 29.81 8.81 28.07
N GLY B 175 28.60 8.57 27.61
CA GLY B 175 27.79 7.55 28.22
C GLY B 175 28.43 6.18 28.15
N SER B 176 27.96 5.31 29.02
CA SER B 176 28.33 3.89 28.97
C SER B 176 27.54 3.20 30.06
N VAL B 177 27.58 1.87 30.03
CA VAL B 177 27.04 1.06 31.12
C VAL B 177 28.11 0.87 32.18
N GLN B 178 27.73 1.08 33.44
CA GLN B 178 28.64 1.17 34.56
C GLN B 178 27.93 0.71 35.82
N PRO B 179 28.60 0.02 36.74
CA PRO B 179 27.98 -0.22 38.04
C PRO B 179 27.80 1.08 38.79
N VAL B 180 26.76 1.11 39.59
CA VAL B 180 26.42 2.29 40.39
C VAL B 180 26.32 1.87 41.85
N ALA B 181 26.94 2.65 42.72
CA ALA B 181 26.82 2.44 44.15
C ALA B 181 25.60 3.20 44.70
N PRO B 182 24.87 2.59 45.64
CA PRO B 182 23.71 3.28 46.23
C PRO B 182 24.06 4.62 46.88
N GLU B 183 23.17 5.59 46.72
CA GLU B 183 23.24 6.84 47.45
C GLU B 183 22.15 6.81 48.51
N TRP B 184 22.56 6.67 49.76
CA TRP B 184 21.67 6.56 50.90
C TRP B 184 21.35 7.91 51.49
N GLY B 185 22.08 8.94 51.08
CA GLY B 185 21.85 10.26 51.57
C GLY B 185 20.64 10.89 50.93
N PRO B 186 20.33 12.11 51.38
CA PRO B 186 19.13 12.77 50.83
C PRO B 186 19.26 13.12 49.35
N ASP B 187 20.47 13.28 48.81
CA ASP B 187 20.60 13.48 47.36
C ASP B 187 20.18 12.27 46.53
N GLY B 188 19.85 11.13 47.13
CA GLY B 188 19.34 10.02 46.35
C GLY B 188 17.86 10.13 45.96
N PHE B 189 17.15 11.11 46.52
CA PHE B 189 15.81 11.41 46.07
C PHE B 189 15.82 12.43 44.93
N ASN B 190 16.99 12.90 44.55
CA ASN B 190 17.15 13.78 43.41
C ASN B 190 17.06 12.97 42.14
N PRO B 191 16.11 13.27 41.24
CA PRO B 191 15.93 12.45 40.03
C PRO B 191 17.15 12.41 39.11
N TYR B 192 18.08 13.35 39.23
CA TYR B 192 19.28 13.37 38.39
C TYR B 192 20.47 12.58 39.00
N ASN B 193 20.33 11.90 40.17
CA ASN B 193 21.38 11.07 40.79
C ASN B 193 21.13 9.60 40.54
N PRO B 194 21.97 8.91 39.79
CA PRO B 194 21.67 7.50 39.51
C PRO B 194 21.85 6.58 40.72
N GLY B 195 22.72 6.93 41.68
CA GLY B 195 22.85 6.13 42.90
C GLY B 195 21.55 6.01 43.66
N GLY B 196 20.68 7.06 43.55
CA GLY B 196 19.36 7.01 44.18
C GLY B 196 18.49 5.91 43.61
N VAL B 197 18.63 5.62 42.32
CA VAL B 197 17.82 4.56 41.73
C VAL B 197 18.21 3.22 42.33
N VAL B 198 19.47 3.08 42.72
CA VAL B 198 19.96 1.88 43.41
C VAL B 198 19.42 1.81 44.83
N ALA B 199 19.59 2.90 45.59
CA ALA B 199 19.01 2.92 46.92
C ALA B 199 17.55 2.55 46.87
N HIS B 200 16.83 3.10 45.89
CA HIS B 200 15.37 2.94 45.88
C HIS B 200 15.00 1.48 45.81
N HIS B 201 15.57 0.74 44.87
CA HIS B 201 15.17 -0.65 44.69
C HIS B 201 15.61 -1.53 45.85
N ILE B 202 16.79 -1.26 46.45
CA ILE B 202 17.24 -2.04 47.62
C ILE B 202 16.27 -1.81 48.78
N ALA B 203 16.03 -0.54 49.10
CA ALA B 203 15.19 -0.20 50.24
C ALA B 203 13.75 -0.62 50.03
N ALA B 204 13.17 -0.22 48.89
CA ALA B 204 11.77 -0.53 48.65
C ALA B 204 11.60 -2.01 48.45
N GLY B 205 12.66 -2.68 47.97
CA GLY B 205 12.64 -4.14 47.90
C GLY B 205 12.40 -4.80 49.24
N ILE B 206 13.03 -4.30 50.31
CA ILE B 206 12.85 -4.87 51.64
C ILE B 206 11.50 -4.52 52.21
N VAL B 207 11.03 -3.28 51.95
CA VAL B 207 9.68 -2.91 52.37
C VAL B 207 8.65 -3.83 51.76
N GLY B 208 8.83 -4.17 50.47
CA GLY B 208 7.91 -5.12 49.84
C GLY B 208 7.96 -6.50 50.47
N ILE B 209 9.17 -7.01 50.74
CA ILE B 209 9.29 -8.31 51.42
C ILE B 209 8.52 -8.28 52.74
N ILE B 210 8.73 -7.23 53.55
CA ILE B 210 8.06 -7.11 54.84
C ILE B 210 6.55 -6.92 54.70
N ALA B 211 6.10 -6.12 53.73
CA ALA B 211 4.67 -5.96 53.56
C ALA B 211 4.08 -7.22 52.97
N GLY B 212 4.73 -7.81 52.00
CA GLY B 212 4.24 -9.07 51.50
C GLY B 212 4.08 -10.05 52.64
N LEU B 213 5.05 -10.05 53.56
CA LEU B 213 5.03 -10.95 54.68
C LEU B 213 3.86 -10.63 55.61
N PHE B 214 3.68 -9.35 55.90
CA PHE B 214 2.47 -8.93 56.62
C PHE B 214 1.20 -9.38 55.90
N HIS B 215 1.16 -9.24 54.58
CA HIS B 215 -0.09 -9.44 53.87
C HIS B 215 -0.42 -10.92 53.66
N ILE B 216 0.56 -11.80 53.86
CA ILE B 216 0.30 -13.23 53.83
C ILE B 216 -0.25 -13.71 55.18
N LEU B 217 0.28 -13.17 56.26
CA LEU B 217 -0.02 -13.69 57.59
C LEU B 217 -1.27 -13.09 58.23
N VAL B 218 -1.61 -11.85 57.89
CA VAL B 218 -2.59 -11.08 58.62
C VAL B 218 -3.83 -10.86 57.77
N ARG B 219 -5.01 -11.22 58.32
CA ARG B 219 -6.24 -11.08 57.53
C ARG B 219 -6.71 -9.63 57.48
N PRO B 220 -7.29 -9.25 56.35
CA PRO B 220 -7.93 -7.94 56.27
C PRO B 220 -8.99 -7.81 57.35
N PRO B 221 -9.23 -6.60 57.83
CA PRO B 221 -10.27 -6.39 58.84
C PRO B 221 -11.64 -6.51 58.21
N GLN B 222 -12.64 -6.77 59.06
CA GLN B 222 -14.01 -6.94 58.59
C GLN B 222 -14.54 -5.65 57.96
N ARG B 223 -14.39 -4.53 58.67
CA ARG B 223 -14.77 -3.24 58.12
C ARG B 223 -14.21 -3.05 56.71
N LEU B 224 -12.93 -3.39 56.48
CA LEU B 224 -12.32 -3.07 55.20
C LEU B 224 -12.68 -4.09 54.11
N TYR B 225 -12.66 -5.40 54.42
CA TYR B 225 -13.19 -6.36 53.45
C TYR B 225 -14.56 -5.92 52.90
N LYS B 226 -15.45 -5.46 53.76
CA LYS B 226 -16.79 -5.08 53.31
C LYS B 226 -16.75 -3.79 52.49
N ALA B 227 -16.04 -2.78 52.98
CA ALA B 227 -15.95 -1.50 52.29
C ALA B 227 -15.43 -1.66 50.85
N LEU B 228 -14.36 -2.46 50.66
CA LEU B 228 -13.71 -2.57 49.35
C LEU B 228 -14.10 -3.82 48.56
N ARG B 229 -15.13 -4.55 48.99
CA ARG B 229 -15.62 -5.72 48.26
C ARG B 229 -14.47 -6.66 47.91
N MET B 230 -13.74 -7.11 48.95
CA MET B 230 -12.54 -7.89 48.74
C MET B 230 -12.84 -9.34 48.36
N GLY B 231 -14.12 -9.70 48.30
CA GLY B 231 -14.55 -10.95 47.67
C GLY B 231 -14.74 -10.80 46.19
N ASN B 232 -14.50 -9.60 45.68
CA ASN B 232 -14.84 -9.26 44.31
C ASN B 232 -13.55 -8.92 43.60
N ILE B 233 -13.15 -9.80 42.68
CA ILE B 233 -11.93 -9.59 41.90
C ILE B 233 -11.93 -8.26 41.17
N GLU B 234 -13.10 -7.71 40.88
CA GLU B 234 -13.19 -6.44 40.18
C GLU B 234 -12.75 -5.25 41.04
N THR B 235 -12.85 -5.31 42.35
CA THR B 235 -12.19 -4.26 43.15
C THR B 235 -10.68 -4.21 42.90
N VAL B 236 -10.05 -5.35 42.62
CA VAL B 236 -8.60 -5.39 42.38
C VAL B 236 -8.27 -4.72 41.04
N LEU B 237 -9.00 -5.10 39.99
CA LEU B 237 -8.92 -4.39 38.72
C LEU B 237 -9.15 -2.87 38.86
N SER B 238 -10.13 -2.45 39.67
CA SER B 238 -10.32 -1.03 39.88
CA SER B 238 -10.33 -1.02 39.89
C SER B 238 -9.06 -0.39 40.46
N SER B 239 -8.60 -0.88 41.63
CA SER B 239 -7.41 -0.31 42.26
C SER B 239 -6.17 -0.55 41.42
N SER B 240 -6.08 -1.73 40.79
CA SER B 240 -4.94 -1.99 39.92
C SER B 240 -4.83 -0.95 38.82
N ILE B 241 -5.95 -0.66 38.14
CA ILE B 241 -5.92 0.37 37.10
C ILE B 241 -5.42 1.69 37.70
N ALA B 242 -5.95 2.07 38.85
CA ALA B 242 -5.53 3.35 39.44
C ALA B 242 -4.02 3.38 39.68
N ALA B 243 -3.44 2.27 40.11
CA ALA B 243 -2.00 2.25 40.31
C ALA B 243 -1.26 2.40 39.00
N VAL B 244 -1.69 1.67 37.99
CA VAL B 244 -1.09 1.78 36.66
C VAL B 244 -1.16 3.19 36.08
N PHE B 245 -2.27 3.92 36.29
CA PHE B 245 -2.25 5.25 35.68
C PHE B 245 -1.42 6.22 36.51
N PHE B 246 -1.38 6.03 37.82
CA PHE B 246 -0.39 6.72 38.64
C PHE B 246 1.00 6.60 38.06
N ALA B 247 1.42 5.35 37.81
CA ALA B 247 2.74 5.05 37.27
C ALA B 247 2.92 5.58 35.84
N ALA B 248 1.86 5.55 35.04
CA ALA B 248 2.02 6.03 33.68
C ALA B 248 2.22 7.53 33.66
N PHE B 249 1.52 8.29 34.53
CA PHE B 249 1.81 9.71 34.62
C PHE B 249 3.25 9.99 35.02
N VAL B 250 3.74 9.25 36.03
CA VAL B 250 5.11 9.44 36.50
C VAL B 250 6.08 9.24 35.36
N VAL B 251 6.03 8.10 34.66
CA VAL B 251 7.05 7.86 33.62
C VAL B 251 6.95 8.84 32.46
N ALA B 252 5.75 9.37 32.17
CA ALA B 252 5.64 10.44 31.16
C ALA B 252 6.39 11.68 31.61
N GLY B 253 6.22 12.08 32.87
CA GLY B 253 6.89 13.28 33.31
C GLY B 253 8.40 13.16 33.36
N THR B 254 8.93 12.07 33.95
CA THR B 254 10.39 12.00 33.99
C THR B 254 10.97 11.91 32.60
N MET B 255 10.24 11.32 31.66
CA MET B 255 10.70 11.32 30.27
C MET B 255 10.77 12.75 29.72
N TRP B 256 9.74 13.55 29.96
CA TRP B 256 9.72 14.90 29.41
C TRP B 256 10.73 15.81 30.10
N TYR B 257 10.75 15.84 31.43
CA TYR B 257 11.70 16.73 32.08
C TYR B 257 13.12 16.16 32.07
N GLY B 258 13.24 14.83 32.13
CA GLY B 258 14.54 14.19 32.25
C GLY B 258 14.82 13.72 33.66
N SER B 259 15.36 12.52 33.75
CA SER B 259 15.89 12.01 35.01
C SER B 259 17.11 11.15 34.71
N ALA B 260 17.64 10.53 35.77
CA ALA B 260 18.79 9.66 35.60
C ALA B 260 18.42 8.44 34.78
N THR B 261 17.14 8.06 34.73
CA THR B 261 16.74 6.91 33.94
C THR B 261 16.27 7.25 32.54
N THR B 262 16.39 8.50 32.09
CA THR B 262 16.04 8.85 30.71
C THR B 262 17.15 9.67 30.09
N PRO B 263 18.32 9.07 29.87
CA PRO B 263 19.50 9.84 29.47
C PRO B 263 19.42 10.33 28.02
N ILE B 264 20.09 11.46 27.73
CA ILE B 264 19.84 12.10 26.44
C ILE B 264 20.56 11.41 25.28
N GLU B 265 21.52 10.51 25.55
CA GLU B 265 22.14 9.76 24.46
C GLU B 265 21.30 8.56 24.05
N LEU B 266 20.32 8.20 24.85
CA LEU B 266 19.40 7.15 24.45
C LEU B 266 18.08 7.68 23.91
N PHE B 267 17.59 8.81 24.40
CA PHE B 267 16.26 9.28 24.09
C PHE B 267 16.21 10.62 23.35
N GLY B 268 17.36 11.22 23.04
CA GLY B 268 17.51 12.61 22.71
C GLY B 268 17.40 13.57 23.88
N PRO B 269 17.70 14.83 23.60
CA PRO B 269 17.58 15.87 24.62
C PRO B 269 16.13 16.32 24.86
N THR B 270 15.96 17.13 25.89
CA THR B 270 14.65 17.58 26.31
C THR B 270 14.35 18.91 25.60
N ARG B 271 13.09 19.33 25.65
CA ARG B 271 12.79 20.69 25.22
C ARG B 271 13.34 21.73 26.18
N TYR B 272 13.59 21.36 27.44
CA TYR B 272 14.06 22.37 28.40
C TYR B 272 15.50 22.73 28.12
N GLN B 273 16.30 21.80 27.63
CA GLN B 273 17.66 22.17 27.32
C GLN B 273 17.71 23.21 26.22
N TRP B 274 16.68 23.27 25.36
CA TRP B 274 16.62 24.35 24.40
C TRP B 274 16.08 25.61 25.04
N ASP B 275 15.11 25.48 25.93
CA ASP B 275 14.52 26.65 26.58
C ASP B 275 15.55 27.44 27.34
N SER B 276 16.49 26.75 27.97
CA SER B 276 17.44 27.38 28.86
C SER B 276 18.77 27.57 28.22
N SER B 277 18.89 27.24 26.93
CA SER B 277 20.16 27.26 26.22
C SER B 277 21.23 26.48 26.98
N TYR B 278 20.85 25.30 27.45
CA TYR B 278 21.72 24.48 28.29
C TYR B 278 23.03 24.13 27.59
N PHE B 279 22.96 23.55 26.40
CA PHE B 279 24.20 23.18 25.72
C PHE B 279 24.95 24.41 25.22
N GLN B 280 24.24 25.52 24.89
CA GLN B 280 24.91 26.72 24.41
C GLN B 280 25.75 27.37 25.49
N GLN B 281 25.30 27.31 26.76
CA GLN B 281 26.05 27.89 27.87
C GLN B 281 27.41 27.21 27.98
N GLU B 282 27.38 25.87 28.04
CA GLU B 282 28.57 25.04 28.10
C GLU B 282 29.47 25.21 26.87
N ILE B 283 28.91 25.07 25.67
CA ILE B 283 29.69 25.30 24.45
C ILE B 283 30.45 26.62 24.54
N ASN B 284 29.81 27.65 25.08
CA ASN B 284 30.45 28.95 25.10
C ASN B 284 31.47 29.07 26.23
N ARG B 285 31.18 28.42 27.35
CA ARG B 285 32.16 28.34 28.43
C ARG B 285 33.48 27.78 27.91
N ARG B 286 33.43 26.78 27.04
CA ARG B 286 34.65 26.15 26.56
C ARG B 286 35.44 27.06 25.65
N VAL B 287 34.76 27.81 24.79
CA VAL B 287 35.46 28.67 23.85
C VAL B 287 36.13 29.83 24.57
N GLN B 288 35.41 30.44 25.53
CA GLN B 288 36.00 31.50 26.35
C GLN B 288 37.23 31.01 27.11
N ALA B 289 37.22 29.73 27.49
CA ALA B 289 38.32 29.12 28.23
C ALA B 289 39.49 28.77 27.32
N SER B 290 39.20 28.33 26.09
CA SER B 290 40.26 28.20 25.09
C SER B 290 40.87 29.55 24.81
N LEU B 291 40.09 30.62 24.95
CA LEU B 291 40.49 31.91 24.42
C LEU B 291 41.23 32.74 25.44
N ALA B 292 40.79 32.70 26.70
CA ALA B 292 41.62 33.24 27.77
C ALA B 292 42.96 32.52 27.83
N SER B 293 42.96 31.19 27.67
CA SER B 293 44.18 30.41 27.49
C SER B 293 44.93 30.74 26.20
N GLY B 294 44.49 31.77 25.47
CA GLY B 294 45.15 32.19 24.26
C GLY B 294 45.21 31.25 23.05
N ALA B 295 44.07 30.75 22.55
CA ALA B 295 44.02 30.07 21.26
C ALA B 295 43.27 30.98 20.29
N THR B 296 43.55 30.82 18.99
CA THR B 296 42.89 31.69 18.04
C THR B 296 41.41 31.33 17.99
N LEU B 297 40.63 32.19 17.34
CA LEU B 297 39.22 31.92 17.21
C LEU B 297 39.01 30.63 16.44
N GLU B 298 39.76 30.46 15.35
CA GLU B 298 39.62 29.22 14.59
CA GLU B 298 39.66 29.22 14.58
C GLU B 298 39.93 28.02 15.47
N GLU B 299 40.96 28.13 16.32
CA GLU B 299 41.33 27.00 17.19
C GLU B 299 40.29 26.76 18.27
N ALA B 300 39.74 27.82 18.85
CA ALA B 300 38.85 27.63 19.98
C ALA B 300 37.57 26.91 19.57
N TRP B 301 37.02 27.22 18.40
CA TRP B 301 35.79 26.57 17.96
C TRP B 301 36.06 25.21 17.32
N SER B 302 37.19 25.03 16.66
CA SER B 302 37.56 23.70 16.21
C SER B 302 37.68 22.72 17.37
N ALA B 303 37.90 23.22 18.59
CA ALA B 303 38.01 22.35 19.76
C ALA B 303 36.68 21.78 20.25
N ILE B 304 35.55 22.32 19.79
CA ILE B 304 34.25 21.89 20.29
C ILE B 304 33.91 20.57 19.60
N PRO B 305 33.61 19.50 20.36
CA PRO B 305 33.24 18.24 19.71
C PRO B 305 31.90 18.39 18.98
N GLU B 306 31.76 17.74 17.83
CA GLU B 306 30.51 17.83 17.09
C GLU B 306 29.35 17.27 17.91
N LYS B 307 29.58 16.23 18.72
CA LYS B 307 28.44 15.68 19.46
C LYS B 307 27.78 16.76 20.32
N LEU B 308 28.59 17.67 20.86
CA LEU B 308 28.03 18.71 21.72
C LEU B 308 27.30 19.79 20.91
N ALA B 309 27.87 20.19 19.78
CA ALA B 309 27.21 21.18 18.97
C ALA B 309 25.91 20.67 18.39
N PHE B 310 25.83 19.36 18.11
CA PHE B 310 24.58 18.80 17.57
C PHE B 310 23.45 18.90 18.57
N TYR B 311 23.75 18.85 19.88
CA TYR B 311 22.74 19.06 20.91
C TYR B 311 22.20 20.48 20.89
N ASP B 312 22.95 21.42 20.32
CA ASP B 312 22.61 22.83 20.41
C ASP B 312 22.00 23.26 19.08
N TYR B 313 20.92 22.56 18.72
CA TYR B 313 20.23 22.72 17.44
C TYR B 313 18.80 22.24 17.61
N ILE B 314 17.84 23.07 17.17
CA ILE B 314 16.42 22.87 17.51
C ILE B 314 15.78 21.72 16.75
N GLY B 315 16.40 21.24 15.68
CA GLY B 315 15.88 20.02 15.09
C GLY B 315 15.97 18.79 15.99
N ASN B 316 16.70 18.85 17.08
CA ASN B 316 16.70 17.73 18.01
C ASN B 316 15.84 18.02 19.22
N ASN B 317 15.29 19.23 19.29
CA ASN B 317 14.28 19.57 20.27
C ASN B 317 13.04 18.73 20.08
N PRO B 318 12.65 17.92 21.07
CA PRO B 318 11.45 17.11 20.93
C PRO B 318 10.17 17.91 20.74
N ALA B 319 10.15 19.20 21.06
CA ALA B 319 8.91 19.98 20.99
C ALA B 319 8.74 20.69 19.66
N LYS B 320 9.38 20.20 18.60
CA LYS B 320 9.32 20.82 17.29
C LYS B 320 8.66 19.91 16.27
N GLY B 321 7.94 18.87 16.70
CA GLY B 321 7.43 17.85 15.82
C GLY B 321 5.97 18.06 15.45
N GLY B 322 5.35 16.99 14.97
CA GLY B 322 3.95 17.05 14.57
C GLY B 322 3.35 15.67 14.64
N LEU B 323 2.03 15.63 14.86
CA LEU B 323 1.35 14.37 15.18
C LEU B 323 1.30 13.41 13.99
N PHE B 324 1.37 13.92 12.79
CA PHE B 324 1.28 13.09 11.63
C PHE B 324 2.52 13.19 10.76
N ARG B 325 3.53 13.93 11.21
CA ARG B 325 4.87 13.84 10.65
C ARG B 325 5.51 12.59 11.24
N THR B 326 5.39 11.48 10.48
CA THR B 326 5.77 10.14 10.85
C THR B 326 7.26 9.87 10.66
N GLY B 327 7.71 8.83 11.37
CA GLY B 327 8.98 8.19 11.14
C GLY B 327 10.10 8.74 12.00
N PRO B 328 11.32 8.58 11.53
CA PRO B 328 12.48 9.08 12.26
C PRO B 328 12.82 10.53 11.94
N MET B 329 13.45 11.16 12.91
CA MET B 329 13.90 12.52 12.72
C MET B 329 14.65 12.68 11.43
N ASN B 330 15.40 11.64 11.01
CA ASN B 330 16.19 11.73 9.79
C ASN B 330 15.31 11.96 8.53
N LYS B 331 14.05 11.50 8.55
CA LYS B 331 13.07 11.71 7.50
C LYS B 331 12.73 13.18 7.28
N GLY B 332 13.15 14.08 8.18
CA GLY B 332 12.77 15.48 8.15
C GLY B 332 13.90 16.37 7.70
N ASP B 333 14.87 16.64 8.58
CA ASP B 333 15.97 17.46 8.14
C ASP B 333 17.02 16.65 7.39
N GLY B 334 16.90 15.32 7.36
CA GLY B 334 17.89 14.48 6.73
C GLY B 334 18.84 13.85 7.74
N ILE B 335 19.86 13.18 7.21
CA ILE B 335 20.88 12.55 8.05
C ILE B 335 22.04 13.51 8.27
N ALA B 336 22.24 13.91 9.50
CA ALA B 336 23.35 14.80 9.83
C ALA B 336 24.67 14.16 9.42
N GLN B 337 25.49 14.91 8.70
CA GLN B 337 26.76 14.45 8.18
C GLN B 337 27.95 15.11 8.85
N ALA B 338 27.86 16.41 9.13
CA ALA B 338 28.99 17.24 9.50
C ALA B 338 28.49 18.56 10.06
N TRP B 339 29.05 18.96 11.20
CA TRP B 339 29.01 20.33 11.68
C TRP B 339 29.68 21.28 10.70
N LYS B 340 29.01 22.37 10.38
CA LYS B 340 29.53 23.29 9.37
C LYS B 340 30.51 24.28 9.97
N GLY B 341 30.40 24.55 11.25
CA GLY B 341 31.17 25.59 11.86
C GLY B 341 30.24 26.56 12.55
N HIS B 342 30.75 27.34 13.48
CA HIS B 342 29.96 28.31 14.21
C HIS B 342 29.96 29.63 13.46
N ALA B 343 28.77 30.08 13.09
CA ALA B 343 28.60 31.29 12.28
C ALA B 343 28.68 32.55 13.13
N VAL B 344 29.55 33.47 12.71
CA VAL B 344 29.67 34.81 13.30
C VAL B 344 29.25 35.85 12.26
N PHE B 345 28.33 36.72 12.68
CA PHE B 345 27.79 37.75 11.81
C PHE B 345 28.37 39.09 12.22
N ARG B 346 28.85 39.83 11.25
CA ARG B 346 29.30 41.17 11.50
C ARG B 346 28.58 42.08 10.51
N ASN B 347 28.14 43.22 11.03
CA ASN B 347 27.66 44.30 10.19
C ASN B 347 28.86 44.96 9.53
N LYS B 348 28.64 46.09 8.89
CA LYS B 348 29.73 46.73 8.17
C LYS B 348 30.66 47.48 9.10
N GLU B 349 30.16 47.88 10.28
CA GLU B 349 30.99 48.43 11.34
C GLU B 349 31.76 47.36 12.11
N GLY B 350 31.64 46.09 11.75
CA GLY B 350 32.37 45.07 12.48
C GLY B 350 31.90 44.83 13.89
N GLU B 351 30.65 45.16 14.21
CA GLU B 351 30.04 44.65 15.43
C GLU B 351 29.63 43.20 15.21
N GLU B 352 29.76 42.40 16.27
CA GLU B 352 29.31 41.02 16.21
C GLU B 352 27.80 40.98 16.39
N LEU B 353 27.12 40.26 15.51
CA LEU B 353 25.66 40.20 15.57
C LEU B 353 25.20 38.78 15.82
N PHE B 354 24.02 38.72 16.46
CA PHE B 354 23.49 37.52 17.09
C PHE B 354 22.08 37.26 16.59
N VAL B 355 21.92 36.13 15.93
CA VAL B 355 20.62 35.73 15.42
C VAL B 355 19.73 35.33 16.60
N ARG B 356 18.60 36.01 16.73
CA ARG B 356 17.59 35.60 17.70
C ARG B 356 17.08 34.21 17.37
N ARG B 357 17.25 33.27 18.30
CA ARG B 357 16.91 31.88 18.04
C ARG B 357 15.41 31.71 18.09
N MET B 358 14.92 30.69 17.41
CA MET B 358 13.51 30.43 17.29
C MET B 358 13.05 29.72 18.55
N PRO B 359 11.96 30.15 19.16
CA PRO B 359 11.40 29.37 20.27
C PRO B 359 10.59 28.19 19.76
N ALA B 360 10.45 27.24 20.66
CA ALA B 360 9.81 25.97 20.33
C ALA B 360 8.36 26.16 19.88
N PHE B 361 7.70 27.22 20.34
CA PHE B 361 6.27 27.42 20.00
C PHE B 361 6.03 27.68 18.48
N PHE B 362 7.01 28.21 17.77
CA PHE B 362 6.83 28.86 16.49
C PHE B 362 7.22 27.98 15.31
N GLU B 363 6.22 27.65 14.47
CA GLU B 363 6.47 26.90 13.24
C GLU B 363 7.40 27.66 12.30
N SER B 364 7.21 28.98 12.21
CA SER B 364 8.02 29.90 11.44
C SER B 364 8.46 31.05 12.34
N PHE B 365 9.57 31.68 12.00
CA PHE B 365 10.09 32.74 12.86
C PHE B 365 10.90 33.69 12.00
N PRO B 366 10.90 34.99 12.32
CA PRO B 366 11.65 35.93 11.49
C PRO B 366 13.11 35.99 11.86
N VAL B 367 13.88 36.57 10.95
CA VAL B 367 15.33 36.66 11.06
C VAL B 367 15.70 38.07 11.49
N ILE B 368 16.18 38.18 12.73
CA ILE B 368 16.50 39.43 13.42
C ILE B 368 17.91 39.31 14.00
N LEU B 369 18.79 40.22 13.65
CA LEU B 369 20.10 40.22 14.26
C LEU B 369 20.19 41.38 15.25
N THR B 370 20.92 41.10 16.33
CA THR B 370 21.04 42.00 17.47
C THR B 370 22.50 42.05 17.92
N ASP B 371 22.82 43.06 18.75
CA ASP B 371 24.15 43.19 19.34
C ASP B 371 24.13 42.63 20.76
N LYS B 372 25.31 42.63 21.40
CA LYS B 372 25.40 42.07 22.75
C LYS B 372 24.40 42.75 23.69
N ASN B 373 24.07 44.01 23.42
CA ASN B 373 23.13 44.74 24.27
C ASN B 373 21.67 44.43 23.96
N GLY B 374 21.37 43.61 22.96
CA GLY B 374 19.99 43.32 22.63
C GLY B 374 19.35 44.22 21.56
N VAL B 375 20.10 45.13 20.97
CA VAL B 375 19.56 46.15 20.08
C VAL B 375 19.53 45.64 18.64
N VAL B 376 18.35 45.69 18.01
CA VAL B 376 18.20 45.21 16.64
C VAL B 376 19.05 46.06 15.72
N LYS B 377 19.89 45.42 14.92
CA LYS B 377 20.73 46.13 13.97
C LYS B 377 20.55 45.64 12.52
N ALA B 378 20.01 44.43 12.29
CA ALA B 378 19.70 43.95 10.95
C ALA B 378 18.59 42.92 11.05
N ASP B 379 17.97 42.65 9.90
CA ASP B 379 16.89 41.69 9.82
C ASP B 379 16.71 41.39 8.35
N ILE B 380 15.86 40.42 8.07
CA ILE B 380 15.40 40.18 6.71
C ILE B 380 13.99 40.76 6.60
N PRO B 381 13.83 41.87 5.90
CA PRO B 381 12.53 42.56 5.89
C PRO B 381 11.53 41.83 5.05
N PHE B 382 10.28 41.95 5.47
CA PHE B 382 9.13 41.46 4.71
C PHE B 382 8.74 42.49 3.65
N ARG B 383 8.17 43.63 4.08
CA ARG B 383 7.97 44.79 3.22
C ARG B 383 9.30 45.50 3.01
N ARG B 384 9.66 45.64 1.75
CA ARG B 384 10.95 46.18 1.36
C ARG B 384 10.98 47.69 1.24
N ALA B 385 9.82 48.35 1.14
CA ALA B 385 9.84 49.70 0.63
C ALA B 385 10.37 50.67 1.68
N GLU B 386 10.06 50.45 2.94
CA GLU B 386 10.50 51.34 4.01
C GLU B 386 11.50 50.65 4.97
N SER B 387 12.32 49.72 4.47
CA SER B 387 13.14 48.90 5.36
C SER B 387 14.48 49.58 5.61
N LYS B 388 14.91 49.60 6.87
CA LYS B 388 16.19 50.22 7.19
C LYS B 388 17.26 49.23 7.65
N TYR B 389 16.88 48.01 8.03
CA TYR B 389 17.79 47.08 8.67
C TYR B 389 18.24 45.95 7.75
N SER B 390 18.14 46.11 6.45
CA SER B 390 18.33 44.97 5.56
C SER B 390 19.80 44.59 5.49
N PHE B 391 20.06 43.31 5.23
CA PHE B 391 21.44 42.83 5.17
C PHE B 391 22.22 43.63 4.14
N GLU B 392 21.52 44.13 3.13
CA GLU B 392 22.16 44.87 2.05
C GLU B 392 22.55 46.25 2.52
N GLN B 393 21.67 46.89 3.28
CA GLN B 393 21.97 48.20 3.86
C GLN B 393 23.03 48.09 4.96
N GLN B 394 23.01 47.01 5.72
CA GLN B 394 23.90 46.93 6.87
C GLN B 394 25.14 46.13 6.57
N GLY B 395 25.28 45.62 5.35
CA GLY B 395 26.52 44.95 4.95
C GLY B 395 26.92 43.82 5.88
N VAL B 396 25.95 43.01 6.29
CA VAL B 396 26.20 41.85 7.13
C VAL B 396 27.05 40.81 6.41
N THR B 397 27.92 40.15 7.17
CA THR B 397 28.77 39.13 6.61
C THR B 397 28.72 37.98 7.58
N VAL B 398 29.12 36.83 7.11
CA VAL B 398 29.19 35.65 7.96
C VAL B 398 30.59 35.06 7.85
N SER B 399 31.20 34.80 9.00
CA SER B 399 32.47 34.07 9.07
C SER B 399 32.27 32.83 9.93
N PHE B 400 32.83 31.71 9.49
CA PHE B 400 32.72 30.44 10.20
C PHE B 400 33.99 30.05 10.96
N TYR B 401 33.82 29.52 12.17
CA TYR B 401 34.93 29.12 13.03
C TYR B 401 34.69 27.70 13.53
N GLY B 402 35.61 26.81 13.20
CA GLY B 402 35.41 25.40 13.45
C GLY B 402 34.67 24.72 12.30
N GLY B 403 34.56 23.42 12.41
CA GLY B 403 33.68 22.68 11.55
C GLY B 403 34.21 22.54 10.15
N GLU B 404 33.29 22.15 9.27
CA GLU B 404 33.62 21.96 7.86
C GLU B 404 33.99 23.29 7.17
N LEU B 405 33.55 24.43 7.71
CA LEU B 405 33.68 25.71 7.00
C LEU B 405 34.64 26.64 7.69
N ASN B 406 35.40 26.12 8.65
CA ASN B 406 36.26 26.96 9.49
C ASN B 406 37.17 27.80 8.62
N GLY B 407 37.26 29.08 8.97
CA GLY B 407 38.14 30.02 8.32
C GLY B 407 37.62 30.70 7.07
N GLN B 408 36.34 30.54 6.73
CA GLN B 408 35.75 31.08 5.51
C GLN B 408 34.75 32.19 5.81
N THR B 409 34.87 33.30 5.09
CA THR B 409 33.95 34.42 5.17
C THR B 409 33.15 34.57 3.88
N PHE B 410 31.84 34.75 4.01
CA PHE B 410 30.97 35.06 2.88
C PHE B 410 30.39 36.43 3.10
N THR B 411 30.34 37.17 1.98
CA THR B 411 29.86 38.54 1.94
C THR B 411 28.67 38.75 1.04
N ASP B 412 28.47 37.92 0.02
CA ASP B 412 27.40 38.20 -0.94
C ASP B 412 26.06 38.03 -0.23
N PRO B 413 25.16 39.01 -0.30
CA PRO B 413 24.05 39.07 0.66
C PRO B 413 23.16 37.83 0.61
N PRO B 414 22.95 37.20 -0.54
CA PRO B 414 22.05 36.01 -0.55
C PRO B 414 22.65 34.80 0.16
N THR B 415 23.95 34.57 0.06
CA THR B 415 24.56 33.50 0.87
C THR B 415 24.47 33.85 2.34
N VAL B 416 24.94 35.04 2.71
CA VAL B 416 24.88 35.46 4.10
C VAL B 416 23.49 35.24 4.69
N LYS B 417 22.44 35.64 3.95
CA LYS B 417 21.11 35.49 4.51
C LYS B 417 20.77 34.02 4.71
N SER B 418 21.19 33.20 3.76
CA SER B 418 20.79 31.81 3.81
C SER B 418 21.28 31.16 5.11
N TYR B 419 22.52 31.48 5.55
CA TYR B 419 23.02 30.94 6.83
C TYR B 419 22.35 31.61 8.02
N ALA B 420 22.03 32.90 7.89
CA ALA B 420 21.17 33.56 8.86
C ALA B 420 19.86 32.81 9.04
N ARG B 421 19.34 32.21 7.96
CA ARG B 421 18.08 31.47 8.08
C ARG B 421 18.25 30.17 8.84
N LYS B 422 19.45 29.61 8.80
CA LYS B 422 19.72 28.42 9.58
C LYS B 422 20.12 28.77 11.00
N ALA B 423 20.81 29.91 11.22
CA ALA B 423 21.28 30.24 12.57
C ALA B 423 20.15 30.27 13.58
N ILE B 424 18.92 30.59 13.15
CA ILE B 424 17.80 30.68 14.06
C ILE B 424 17.51 29.30 14.67
N PHE B 425 17.93 28.24 13.98
CA PHE B 425 17.83 26.89 14.52
C PHE B 425 18.99 26.54 15.45
N GLY B 426 19.91 27.47 15.71
CA GLY B 426 21.09 27.13 16.48
C GLY B 426 22.26 26.85 15.56
N GLU B 427 23.07 25.85 15.95
CA GLU B 427 24.28 25.50 15.21
C GLU B 427 23.89 24.84 13.91
N ILE B 428 24.80 24.94 12.94
CA ILE B 428 24.45 24.78 11.54
C ILE B 428 25.12 23.51 11.00
N PHE B 429 24.31 22.56 10.55
CA PHE B 429 24.80 21.28 10.08
C PHE B 429 24.52 21.05 8.60
N GLU B 430 25.32 20.17 8.02
CA GLU B 430 25.10 19.62 6.70
C GLU B 430 24.40 18.30 6.83
N PHE B 431 23.39 18.09 5.99
CA PHE B 431 22.54 16.93 6.09
C PHE B 431 22.46 16.24 4.74
N ASP B 432 22.15 14.96 4.82
CA ASP B 432 21.90 14.12 3.65
C ASP B 432 20.38 13.97 3.52
N THR B 433 19.84 14.67 2.55
CA THR B 433 18.41 14.74 2.36
C THR B 433 17.92 13.74 1.34
N GLU B 434 18.80 13.27 0.45
CA GLU B 434 18.41 12.41 -0.65
C GLU B 434 18.22 10.99 -0.19
N THR B 435 19.06 10.54 0.74
CA THR B 435 19.10 9.13 1.07
C THR B 435 17.75 8.63 1.56
N LEU B 436 17.02 9.42 2.34
CA LEU B 436 15.68 9.02 2.76
C LEU B 436 14.60 9.86 2.11
N ASN B 437 14.96 10.66 1.12
CA ASN B 437 14.04 11.66 0.55
C ASN B 437 13.40 12.43 1.71
N SER B 438 14.22 13.25 2.35
CA SER B 438 13.76 14.03 3.47
C SER B 438 12.95 15.20 2.96
N ASP B 439 11.83 15.44 3.60
CA ASP B 439 10.91 16.48 3.20
C ASP B 439 11.22 17.83 3.83
N GLY B 440 12.10 17.87 4.82
CA GLY B 440 12.55 19.10 5.41
C GLY B 440 11.74 19.58 6.59
N ILE B 441 10.91 18.74 7.19
CA ILE B 441 10.03 19.19 8.26
C ILE B 441 10.36 18.43 9.55
N PHE B 442 10.53 19.19 10.64
CA PHE B 442 10.95 18.63 11.91
C PHE B 442 9.94 17.61 12.42
N ARG B 443 10.47 16.43 12.78
CA ARG B 443 9.78 15.44 13.58
C ARG B 443 10.23 15.45 15.03
N THR B 444 9.43 14.83 15.85
CA THR B 444 9.81 14.74 17.24
C THR B 444 10.63 13.47 17.48
N SER B 445 11.24 13.39 18.66
CA SER B 445 12.11 12.29 19.01
C SER B 445 11.34 11.23 19.78
N PRO B 446 12.00 10.09 20.03
CA PRO B 446 11.40 9.06 20.90
C PRO B 446 11.03 9.56 22.26
N ARG B 447 11.77 10.55 22.78
CA ARG B 447 11.31 11.24 23.98
C ARG B 447 9.92 11.81 23.74
N GLY B 448 9.71 12.41 22.54
CA GLY B 448 8.41 13.00 22.25
C GLY B 448 7.30 11.95 22.23
N TRP B 449 7.50 10.89 21.43
CA TRP B 449 6.51 9.84 21.23
C TRP B 449 6.19 9.06 22.48
N PHE B 450 7.19 8.82 23.33
CA PHE B 450 6.93 8.00 24.50
C PHE B 450 6.10 8.79 25.49
N THR B 451 6.41 10.07 25.62
CA THR B 451 5.70 10.91 26.56
C THR B 451 4.25 11.06 26.15
N PHE B 452 4.05 11.44 24.88
CA PHE B 452 2.71 11.56 24.31
C PHE B 452 1.88 10.29 24.57
N ALA B 453 2.43 9.14 24.22
CA ALA B 453 1.61 7.94 24.31
C ALA B 453 1.28 7.60 25.76
N HIS B 454 2.19 7.84 26.68
CA HIS B 454 1.94 7.40 28.03
C HIS B 454 1.05 8.39 28.74
N ALA B 455 1.20 9.68 28.48
CA ALA B 455 0.21 10.63 28.98
C ALA B 455 -1.20 10.30 28.48
N VAL B 456 -1.34 9.97 27.21
CA VAL B 456 -2.67 9.68 26.67
C VAL B 456 -3.25 8.42 27.30
N PHE B 457 -2.46 7.35 27.38
CA PHE B 457 -2.96 6.14 28.03
C PHE B 457 -3.34 6.39 29.49
N ALA B 458 -2.49 7.08 30.24
CA ALA B 458 -2.76 7.33 31.65
C ALA B 458 -4.14 7.94 31.87
N LEU B 459 -4.44 8.99 31.11
CA LEU B 459 -5.75 9.62 31.15
C LEU B 459 -6.85 8.65 30.78
N LEU B 460 -6.65 7.87 29.73
CA LEU B 460 -7.70 6.93 29.34
C LEU B 460 -7.94 5.93 30.45
N PHE B 461 -6.88 5.58 31.21
CA PHE B 461 -7.01 4.54 32.20
C PHE B 461 -7.69 5.05 33.44
N PHE B 462 -7.57 6.36 33.70
CA PHE B 462 -8.40 6.97 34.73
C PHE B 462 -9.87 6.69 34.51
N PHE B 463 -10.34 6.70 33.26
CA PHE B 463 -11.74 6.37 33.06
C PHE B 463 -12.00 4.91 33.34
N GLY B 464 -11.06 4.04 32.98
CA GLY B 464 -11.14 2.66 33.41
C GLY B 464 -11.22 2.50 34.92
N HIS B 465 -10.36 3.21 35.65
CA HIS B 465 -10.46 3.19 37.11
C HIS B 465 -11.87 3.51 37.56
N ILE B 466 -12.38 4.62 37.03
CA ILE B 466 -13.69 5.12 37.43
C ILE B 466 -14.75 4.07 37.12
N TRP B 467 -14.83 3.66 35.86
CA TRP B 467 -15.78 2.65 35.42
C TRP B 467 -15.76 1.41 36.32
N HIS B 468 -14.64 0.68 36.32
CA HIS B 468 -14.63 -0.59 37.04
C HIS B 468 -14.82 -0.38 38.53
N GLY B 469 -14.40 0.77 39.05
CA GLY B 469 -14.62 1.07 40.46
C GLY B 469 -16.09 1.26 40.78
N ALA B 470 -16.76 2.12 40.00
CA ALA B 470 -18.21 2.21 40.06
C ALA B 470 -18.84 0.83 40.01
N ARG B 471 -18.42 -0.01 39.08
CA ARG B 471 -19.09 -1.29 38.94
C ARG B 471 -18.86 -2.21 40.16
N THR B 472 -17.81 -1.98 40.94
CA THR B 472 -17.57 -2.74 42.15
C THR B 472 -18.50 -2.30 43.27
N LEU B 473 -18.58 -0.99 43.52
CA LEU B 473 -19.38 -0.51 44.63
C LEU B 473 -20.87 -0.59 44.37
N PHE B 474 -21.29 -0.70 43.11
CA PHE B 474 -22.70 -0.65 42.73
C PHE B 474 -23.13 -1.90 41.99
N ARG B 475 -22.44 -3.01 42.16
CA ARG B 475 -22.77 -4.17 41.34
C ARG B 475 -24.22 -4.58 41.55
N ASP B 476 -24.76 -4.40 42.76
CA ASP B 476 -26.15 -4.79 43.04
C ASP B 476 -27.21 -4.02 42.22
N VAL B 477 -26.87 -2.91 41.56
CA VAL B 477 -27.82 -2.17 40.75
C VAL B 477 -27.37 -2.03 39.30
N PHE B 478 -26.24 -2.67 38.92
N PHE B 478 -26.26 -2.65 38.89
CA PHE B 478 -25.71 -2.64 37.57
CA PHE B 478 -25.85 -2.29 37.55
C PHE B 478 -26.81 -2.79 36.53
C PHE B 478 -26.74 -2.89 36.46
N SER B 479 -27.76 -3.67 36.82
CA SER B 479 -28.80 -4.05 35.88
C SER B 479 -30.04 -3.21 36.05
N GLY B 480 -30.03 -2.30 37.02
CA GLY B 480 -31.14 -1.40 37.27
C GLY B 480 -31.51 -1.30 38.74
N ILE B 481 -32.02 -0.14 39.13
CA ILE B 481 -32.53 0.09 40.48
C ILE B 481 -33.67 -0.88 40.83
N ASP B 482 -33.91 -1.04 42.14
CA ASP B 482 -35.00 -1.89 42.61
C ASP B 482 -36.37 -1.40 42.14
N PRO B 483 -37.19 -2.25 41.52
CA PRO B 483 -38.49 -1.81 41.03
C PRO B 483 -39.48 -1.49 42.13
N GLU B 484 -39.27 -1.97 43.35
CA GLU B 484 -40.15 -1.70 44.49
C GLU B 484 -39.44 -0.78 45.50
N LEU B 485 -38.77 0.24 44.97
CA LEU B 485 -38.29 1.37 45.75
C LEU B 485 -39.46 2.33 45.96
N SER B 486 -39.74 2.66 47.21
CA SER B 486 -40.88 3.51 47.54
C SER B 486 -40.46 4.97 47.58
N PRO B 487 -41.33 5.90 47.14
CA PRO B 487 -40.94 7.32 47.11
C PRO B 487 -40.66 7.94 48.48
N GLU B 488 -40.75 7.14 49.55
CA GLU B 488 -40.50 7.61 50.90
C GLU B 488 -39.01 7.56 51.23
N GLN B 489 -38.35 6.54 50.70
CA GLN B 489 -36.91 6.40 50.82
C GLN B 489 -36.17 7.55 50.14
N VAL B 490 -36.86 8.28 49.26
CA VAL B 490 -36.24 9.10 48.22
C VAL B 490 -36.71 10.55 48.33
N GLU B 491 -37.91 10.74 48.88
CA GLU B 491 -38.41 12.05 49.21
C GLU B 491 -37.80 12.55 50.52
N TRP B 492 -37.86 13.86 50.71
CA TRP B 492 -37.10 14.52 51.73
C TRP B 492 -37.80 14.45 53.08
N GLY B 493 -36.98 14.51 54.14
CA GLY B 493 -37.44 14.55 55.51
C GLY B 493 -38.00 13.24 56.03
N PHE B 494 -37.96 12.19 55.24
CA PHE B 494 -38.56 10.95 55.67
C PHE B 494 -37.66 10.20 56.63
N TYR B 495 -36.37 10.20 56.37
CA TYR B 495 -35.37 9.50 57.16
C TYR B 495 -34.37 10.51 57.67
N GLN B 496 -34.11 10.49 58.97
CA GLN B 496 -33.14 11.42 59.52
C GLN B 496 -31.82 11.29 58.77
N LYS B 497 -31.40 10.06 58.51
CA LYS B 497 -30.21 9.76 57.73
C LYS B 497 -30.64 9.24 56.35
N VAL B 498 -29.92 9.68 55.32
CA VAL B 498 -30.28 9.44 53.92
C VAL B 498 -30.06 7.97 53.57
N GLY B 499 -31.14 7.26 53.20
CA GLY B 499 -31.06 5.87 52.78
C GLY B 499 -31.10 4.85 53.90
N ASP B 500 -30.86 5.27 55.13
CA ASP B 500 -30.91 4.42 56.31
C ASP B 500 -32.34 4.39 56.83
N VAL B 501 -33.01 3.24 56.69
CA VAL B 501 -34.43 3.17 57.03
C VAL B 501 -34.71 3.11 58.52
N THR B 502 -33.69 2.90 59.33
CA THR B 502 -33.87 2.80 60.77
C THR B 502 -34.02 4.13 61.48
N THR B 503 -34.11 5.24 60.75
CA THR B 503 -34.09 6.57 61.33
C THR B 503 -35.35 7.36 60.96
N ARG B 504 -36.47 6.65 60.88
CA ARG B 504 -37.76 7.25 60.54
C ARG B 504 -38.31 8.03 61.74
N ARG B 505 -38.81 9.24 61.49
CA ARG B 505 -39.32 10.06 62.59
C ARG B 505 -40.80 9.80 62.76
N GLY C 10 -58.23 28.03 29.49
CA GLY C 10 -57.48 27.42 30.59
C GLY C 10 -55.98 27.79 30.58
N PHE C 11 -55.67 29.05 30.80
CA PHE C 11 -54.35 29.56 30.48
C PHE C 11 -53.59 29.94 31.74
N ALA C 12 -52.27 29.78 31.66
CA ALA C 12 -51.37 30.13 32.74
C ALA C 12 -51.23 31.63 32.88
N TRP C 13 -50.61 32.07 33.97
CA TRP C 13 -50.31 33.48 34.11
C TRP C 13 -49.40 33.97 32.99
N TRP C 14 -48.48 33.13 32.54
CA TRP C 14 -47.49 33.52 31.55
C TRP C 14 -48.04 33.57 30.13
N ALA C 15 -49.26 33.05 29.91
CA ALA C 15 -50.03 33.21 28.68
C ALA C 15 -51.34 33.94 28.97
N GLY C 16 -51.34 34.80 29.97
CA GLY C 16 -52.58 35.38 30.43
C GLY C 16 -53.24 36.29 29.42
N ASN C 17 -52.48 36.85 28.49
CA ASN C 17 -53.12 37.67 27.47
C ASN C 17 -53.97 36.84 26.51
N ALA C 18 -53.73 35.52 26.41
CA ALA C 18 -54.63 34.66 25.64
C ALA C 18 -55.99 34.52 26.32
N ARG C 19 -56.13 35.02 27.53
CA ARG C 19 -57.44 35.07 28.17
C ARG C 19 -58.31 36.21 27.64
N LEU C 20 -57.86 36.98 26.64
CA LEU C 20 -58.63 38.09 26.06
C LEU C 20 -59.19 37.77 24.67
N ILE C 21 -59.07 36.53 24.20
CA ILE C 21 -59.48 36.19 22.84
C ILE C 21 -60.95 36.54 22.61
N ASN C 22 -61.85 36.05 23.49
CA ASN C 22 -63.27 36.27 23.31
C ASN C 22 -63.86 37.25 24.34
N LEU C 23 -63.04 38.16 24.88
CA LEU C 23 -63.51 39.31 25.63
C LEU C 23 -63.24 40.54 24.77
N SER C 24 -64.23 40.90 23.93
CA SER C 24 -64.00 41.91 22.90
C SER C 24 -63.75 43.28 23.50
N GLY C 25 -64.44 43.61 24.59
CA GLY C 25 -64.27 44.94 25.17
C GLY C 25 -62.93 45.11 25.85
N LYS C 26 -62.54 44.12 26.67
CA LYS C 26 -61.22 44.17 27.31
C LYS C 26 -60.12 44.11 26.26
N LEU C 27 -60.35 43.39 25.16
CA LEU C 27 -59.31 43.28 24.15
C LEU C 27 -59.17 44.57 23.36
N LEU C 28 -60.26 45.32 23.22
CA LEU C 28 -60.17 46.66 22.63
C LEU C 28 -59.24 47.54 23.43
N GLY C 29 -59.33 47.46 24.76
CA GLY C 29 -58.50 48.31 25.61
C GLY C 29 -57.04 47.93 25.54
N ALA C 30 -56.76 46.63 25.45
CA ALA C 30 -55.38 46.19 25.30
C ALA C 30 -54.75 46.86 24.10
N HIS C 31 -55.51 46.88 22.99
CA HIS C 31 -54.97 47.40 21.74
C HIS C 31 -54.79 48.92 21.79
N VAL C 32 -55.72 49.62 22.45
CA VAL C 32 -55.70 51.07 22.49
C VAL C 32 -54.71 51.55 23.55
N ALA C 33 -54.64 50.81 24.67
CA ALA C 33 -53.57 51.10 25.63
C ALA C 33 -52.19 50.86 25.01
N HIS C 34 -52.06 49.81 24.18
CA HIS C 34 -50.80 49.61 23.49
C HIS C 34 -50.56 50.62 22.37
N ALA C 35 -51.62 51.06 21.70
CA ALA C 35 -51.51 52.15 20.74
C ALA C 35 -51.00 53.43 21.40
N GLY C 36 -51.46 53.69 22.64
CA GLY C 36 -50.89 54.80 23.39
C GLY C 36 -49.39 54.66 23.64
N LEU C 37 -48.93 53.46 23.98
CA LEU C 37 -47.51 53.29 24.20
C LEU C 37 -46.70 53.68 22.96
N ILE C 38 -47.21 53.31 21.77
CA ILE C 38 -46.48 53.59 20.54
C ILE C 38 -46.39 55.09 20.31
N VAL C 39 -47.53 55.79 20.51
CA VAL C 39 -47.52 57.25 20.34
C VAL C 39 -46.65 57.91 21.41
N PHE C 40 -46.77 57.46 22.67
CA PHE C 40 -45.90 57.98 23.72
C PHE C 40 -44.45 57.97 23.28
N TRP C 41 -43.93 56.79 22.91
CA TRP C 41 -42.52 56.70 22.57
C TRP C 41 -42.15 57.63 21.42
N ALA C 42 -42.99 57.68 20.38
CA ALA C 42 -42.76 58.58 19.26
C ALA C 42 -42.69 60.03 19.73
N GLY C 43 -43.51 60.37 20.72
CA GLY C 43 -43.47 61.71 21.26
C GLY C 43 -42.26 61.98 22.14
N ALA C 44 -42.07 61.15 23.18
CA ALA C 44 -40.96 61.35 24.12
C ALA C 44 -39.62 61.23 23.42
N MET C 45 -39.51 60.28 22.50
CA MET C 45 -38.22 60.08 21.84
C MET C 45 -37.84 61.32 21.07
N THR C 46 -38.79 61.90 20.35
CA THR C 46 -38.48 63.09 19.57
C THR C 46 -38.03 64.21 20.48
N LEU C 47 -38.77 64.42 21.58
CA LEU C 47 -38.35 65.38 22.59
C LEU C 47 -36.96 65.05 23.11
N PHE C 48 -36.67 63.77 23.34
CA PHE C 48 -35.34 63.44 23.79
C PHE C 48 -34.30 63.79 22.74
N GLU C 49 -34.52 63.36 21.50
CA GLU C 49 -33.53 63.63 20.45
C GLU C 49 -33.29 65.13 20.32
N LEU C 50 -34.39 65.92 20.28
CA LEU C 50 -34.35 67.38 20.17
C LEU C 50 -33.62 68.01 21.36
N ALA C 51 -33.97 67.60 22.57
CA ALA C 51 -33.26 68.09 23.74
C ALA C 51 -31.74 67.96 23.59
N HIS C 52 -31.26 66.90 22.88
CA HIS C 52 -29.82 66.67 22.70
C HIS C 52 -29.29 67.13 21.34
N PHE C 53 -30.14 67.47 20.38
CA PHE C 53 -29.67 67.95 19.09
C PHE C 53 -28.63 69.06 19.25
N ILE C 54 -27.67 69.08 18.33
CA ILE C 54 -26.79 70.21 18.12
C ILE C 54 -26.72 70.45 16.62
N PRO C 55 -27.17 71.61 16.11
CA PRO C 55 -27.22 71.83 14.66
C PRO C 55 -25.87 71.86 13.95
N GLU C 56 -24.77 72.15 14.65
CA GLU C 56 -23.46 72.26 14.02
C GLU C 56 -22.98 70.93 13.45
N LYS C 57 -23.48 69.82 13.98
CA LYS C 57 -23.05 68.46 13.74
C LYS C 57 -24.06 67.70 12.90
N PRO C 58 -23.59 66.85 11.98
CA PRO C 58 -24.53 66.05 11.19
C PRO C 58 -25.47 65.25 12.10
N MET C 59 -26.66 64.95 11.58
CA MET C 59 -27.61 64.16 12.38
C MET C 59 -27.05 62.79 12.77
N TYR C 60 -26.23 62.17 11.90
CA TYR C 60 -25.76 60.81 12.05
C TYR C 60 -24.54 60.65 12.98
N GLU C 61 -23.89 61.76 13.38
CA GLU C 61 -23.00 61.79 14.53
C GLU C 61 -23.73 61.93 15.85
N GLN C 62 -25.05 61.82 15.88
CA GLN C 62 -25.80 62.21 17.06
C GLN C 62 -26.82 61.18 17.48
N GLY C 63 -26.80 59.99 16.90
CA GLY C 63 -27.72 58.94 17.31
C GLY C 63 -29.20 59.25 17.13
N LEU C 64 -29.53 60.05 16.12
CA LEU C 64 -30.90 60.44 15.87
C LEU C 64 -31.49 59.47 14.87
N ILE C 65 -32.71 59.01 15.12
CA ILE C 65 -33.44 58.19 14.16
C ILE C 65 -34.82 58.75 13.82
N LEU C 66 -35.42 59.58 14.66
CA LEU C 66 -36.75 60.09 14.42
C LEU C 66 -36.69 61.44 13.73
N ILE C 67 -35.73 62.25 14.11
CA ILE C 67 -35.56 63.54 13.45
C ILE C 67 -35.26 63.33 11.97
N PRO C 68 -34.33 62.45 11.58
CA PRO C 68 -34.19 62.10 10.17
C PRO C 68 -35.50 61.78 9.45
N HIS C 69 -36.49 61.15 10.10
CA HIS C 69 -37.75 60.92 9.40
C HIS C 69 -38.51 62.23 9.19
N ILE C 70 -38.40 63.18 10.10
CA ILE C 70 -39.13 64.43 9.97
C ILE C 70 -38.48 65.32 8.92
N ALA C 71 -37.17 65.50 9.00
CA ALA C 71 -36.47 66.26 7.98
C ALA C 71 -36.68 65.68 6.58
N THR C 72 -36.94 64.39 6.49
CA THR C 72 -37.11 63.82 5.17
C THR C 72 -38.40 64.31 4.52
N LEU C 73 -39.46 64.49 5.31
CA LEU C 73 -40.72 65.09 4.87
C LEU C 73 -40.62 66.60 4.60
N GLY C 74 -39.46 67.21 4.80
CA GLY C 74 -39.28 68.59 4.40
C GLY C 74 -39.52 69.62 5.48
N TRP C 75 -39.56 69.21 6.75
CA TRP C 75 -39.74 70.15 7.84
C TRP C 75 -38.39 70.44 8.49
N GLY C 76 -38.14 71.72 8.76
CA GLY C 76 -37.01 72.11 9.57
C GLY C 76 -35.69 72.12 8.85
N VAL C 77 -35.65 71.75 7.58
CA VAL C 77 -34.40 71.67 6.85
C VAL C 77 -34.44 72.64 5.68
N GLY C 78 -33.25 73.07 5.25
CA GLY C 78 -33.09 73.82 4.03
C GLY C 78 -32.29 73.08 2.99
N PRO C 79 -31.75 73.81 2.01
CA PRO C 79 -30.80 73.18 1.08
C PRO C 79 -29.63 72.56 1.84
N GLY C 80 -29.22 71.40 1.37
CA GLY C 80 -28.12 70.70 1.94
C GLY C 80 -28.51 69.78 3.05
N GLY C 81 -29.65 70.00 3.68
CA GLY C 81 -29.97 69.36 4.93
C GLY C 81 -29.62 70.22 6.12
N GLU C 82 -28.99 71.38 5.89
CA GLU C 82 -28.76 72.43 6.87
C GLU C 82 -30.03 72.66 7.68
N VAL C 83 -29.96 72.42 8.97
CA VAL C 83 -31.16 72.59 9.80
C VAL C 83 -31.45 74.07 9.98
N VAL C 84 -32.69 74.46 9.70
CA VAL C 84 -33.08 75.86 9.62
C VAL C 84 -33.96 76.26 10.81
N ASP C 85 -34.88 75.39 11.21
CA ASP C 85 -35.87 75.73 12.22
C ASP C 85 -36.19 74.44 12.97
N THR C 86 -35.95 74.42 14.29
CA THR C 86 -36.23 73.25 15.11
C THR C 86 -37.66 73.19 15.64
N PHE C 87 -38.52 74.15 15.31
CA PHE C 87 -39.85 74.15 15.91
C PHE C 87 -40.70 73.00 15.38
N PRO C 88 -40.63 72.64 14.08
CA PRO C 88 -41.40 71.48 13.61
C PRO C 88 -41.03 70.18 14.33
N PHE C 89 -39.77 70.02 14.76
CA PHE C 89 -39.41 68.83 15.51
C PHE C 89 -40.11 68.82 16.88
N PHE C 90 -40.06 69.96 17.57
CA PHE C 90 -40.84 70.13 18.80
C PHE C 90 -42.34 69.88 18.57
N VAL C 91 -42.93 70.46 17.54
CA VAL C 91 -44.36 70.30 17.36
C VAL C 91 -44.74 68.84 17.15
N VAL C 92 -43.92 68.09 16.40
CA VAL C 92 -44.21 66.67 16.23
C VAL C 92 -44.12 65.93 17.56
N GLY C 93 -43.12 66.25 18.38
CA GLY C 93 -42.99 65.56 19.65
C GLY C 93 -44.16 65.82 20.59
N VAL C 94 -44.51 67.09 20.76
CA VAL C 94 -45.53 67.45 21.74
C VAL C 94 -46.87 66.83 21.36
N VAL C 95 -47.23 66.93 20.08
CA VAL C 95 -48.55 66.47 19.67
C VAL C 95 -48.66 64.96 19.85
N HIS C 96 -47.61 64.24 19.45
CA HIS C 96 -47.60 62.79 19.66
C HIS C 96 -47.69 62.45 21.15
N LEU C 97 -46.84 63.09 21.97
CA LEU C 97 -46.88 62.81 23.40
C LEU C 97 -48.27 63.07 23.97
N ILE C 98 -48.88 64.20 23.58
CA ILE C 98 -50.18 64.60 24.12
C ILE C 98 -51.26 63.64 23.67
N SER C 99 -51.22 63.23 22.40
CA SER C 99 -52.25 62.34 21.89
C SER C 99 -52.23 60.98 22.59
N SER C 100 -51.17 60.64 23.32
CA SER C 100 -51.04 59.29 23.89
C SER C 100 -51.80 59.13 25.18
N ALA C 101 -51.99 60.25 25.90
CA ALA C 101 -52.85 60.23 27.07
C ALA C 101 -54.29 59.94 26.66
N VAL C 102 -54.73 60.54 25.56
CA VAL C 102 -56.08 60.29 25.07
C VAL C 102 -56.25 58.80 24.77
N LEU C 103 -55.27 58.19 24.11
CA LEU C 103 -55.33 56.75 23.89
C LEU C 103 -55.10 55.97 25.18
N GLY C 104 -54.12 56.39 25.98
CA GLY C 104 -53.96 55.77 27.27
C GLY C 104 -55.25 55.79 28.04
N PHE C 105 -55.88 56.96 28.08
CA PHE C 105 -57.14 57.09 28.80
C PHE C 105 -58.19 56.11 28.27
N GLY C 106 -58.31 56.00 26.95
CA GLY C 106 -59.30 55.12 26.36
C GLY C 106 -58.96 53.67 26.53
N GLY C 107 -57.67 53.35 26.51
CA GLY C 107 -57.23 51.98 26.78
C GLY C 107 -57.56 51.52 28.18
N VAL C 108 -57.21 52.32 29.20
CA VAL C 108 -57.47 51.87 30.56
C VAL C 108 -58.98 51.78 30.80
N TYR C 109 -59.75 52.76 30.32
CA TYR C 109 -61.20 52.69 30.46
C TYR C 109 -61.75 51.40 29.87
N HIS C 110 -61.38 51.09 28.61
CA HIS C 110 -61.93 49.89 27.98
C HIS C 110 -61.38 48.58 28.57
N ALA C 111 -60.17 48.57 29.17
CA ALA C 111 -59.62 47.36 29.79
C ALA C 111 -60.25 47.04 31.16
N ILE C 112 -60.63 48.05 31.93
CA ILE C 112 -60.89 47.87 33.35
C ILE C 112 -62.33 48.20 33.72
N ARG C 113 -62.88 49.28 33.19
CA ARG C 113 -64.21 49.73 33.57
C ARG C 113 -65.28 49.49 32.50
N GLY C 114 -64.96 49.64 31.21
CA GLY C 114 -65.93 49.40 30.16
C GLY C 114 -66.40 47.96 30.08
N PRO C 115 -67.47 47.70 29.35
CA PRO C 115 -67.99 46.32 29.28
C PRO C 115 -66.89 45.34 28.91
N GLU C 116 -66.86 44.19 29.60
CA GLU C 116 -65.92 43.13 29.24
C GLU C 116 -66.09 42.75 27.77
N THR C 117 -67.34 42.55 27.34
CA THR C 117 -67.71 42.22 25.98
C THR C 117 -68.57 43.30 25.36
N LEU C 118 -68.42 43.48 24.05
CA LEU C 118 -69.06 44.56 23.30
C LEU C 118 -70.35 44.15 22.63
N GLU C 119 -70.54 42.87 22.33
CA GLU C 119 -71.64 42.53 21.43
C GLU C 119 -73.01 42.64 22.09
N GLU C 120 -73.06 42.85 23.40
CA GLU C 120 -74.32 43.10 24.10
C GLU C 120 -74.71 44.58 24.02
N TYR C 121 -73.72 45.46 23.89
CA TYR C 121 -73.90 46.91 23.89
C TYR C 121 -74.10 47.46 22.48
N SER C 122 -73.50 46.85 21.47
CA SER C 122 -73.68 47.30 20.11
C SER C 122 -73.44 46.13 19.17
N SER C 123 -74.36 45.97 18.22
CA SER C 123 -74.15 45.02 17.14
C SER C 123 -73.12 45.52 16.15
N PHE C 124 -72.66 46.77 16.29
CA PHE C 124 -71.74 47.37 15.35
C PHE C 124 -70.29 47.13 15.75
N PHE C 125 -69.99 47.32 17.03
CA PHE C 125 -68.63 47.22 17.54
C PHE C 125 -68.31 45.83 18.03
N GLY C 126 -69.33 45.03 18.35
CA GLY C 126 -69.11 43.66 18.74
C GLY C 126 -68.84 42.80 17.53
N TYR C 127 -68.01 41.79 17.74
CA TYR C 127 -67.61 40.86 16.67
C TYR C 127 -67.39 39.46 17.23
N ASP C 128 -67.60 38.47 16.39
CA ASP C 128 -67.16 37.11 16.58
C ASP C 128 -66.10 36.84 15.52
N TRP C 129 -64.97 36.26 15.96
CA TRP C 129 -63.87 35.93 15.06
C TRP C 129 -64.34 35.09 13.87
N LYS C 130 -65.35 34.24 14.07
CA LYS C 130 -65.76 33.34 13.00
C LYS C 130 -66.80 33.98 12.07
N ASP C 131 -67.24 35.19 12.37
CA ASP C 131 -68.09 35.94 11.45
C ASP C 131 -67.27 36.44 10.27
N LYS C 132 -67.21 35.67 9.20
CA LYS C 132 -66.34 36.06 8.10
C LYS C 132 -66.77 37.38 7.46
N ASN C 133 -68.05 37.74 7.58
CA ASN C 133 -68.53 39.01 7.05
C ASN C 133 -68.09 40.18 7.91
N LYS C 134 -68.35 40.12 9.22
CA LYS C 134 -67.93 41.21 10.10
C LYS C 134 -66.42 41.42 10.02
N MET C 135 -65.64 40.33 9.95
CA MET C 135 -64.17 40.47 9.96
C MET C 135 -63.66 41.21 8.72
N THR C 136 -64.13 40.84 7.52
CA THR C 136 -63.73 41.55 6.30
C THR C 136 -64.21 43.00 6.30
N THR C 137 -65.27 43.31 7.04
CA THR C 137 -65.73 44.69 7.13
C THR C 137 -64.74 45.54 7.93
N ILE C 138 -64.34 45.04 9.11
CA ILE C 138 -63.25 45.66 9.87
C ILE C 138 -61.97 45.75 9.03
N LEU C 139 -61.67 44.71 8.25
CA LEU C 139 -60.55 44.78 7.32
C LEU C 139 -60.75 45.97 6.40
N GLY C 140 -61.97 46.10 5.86
CA GLY C 140 -62.25 47.16 4.90
C GLY C 140 -62.06 48.55 5.47
N PHE C 141 -62.56 48.77 6.70
CA PHE C 141 -62.36 50.05 7.37
C PHE C 141 -60.88 50.38 7.51
N HIS C 142 -60.08 49.43 7.95
CA HIS C 142 -58.69 49.75 8.20
C HIS C 142 -57.95 49.95 6.90
N LEU C 143 -58.37 49.26 5.84
CA LEU C 143 -57.82 49.50 4.51
C LEU C 143 -58.04 50.95 4.05
N ILE C 144 -59.21 51.51 4.30
CA ILE C 144 -59.45 52.88 3.89
C ILE C 144 -58.56 53.83 4.68
N VAL C 145 -58.48 53.62 6.00
CA VAL C 145 -57.61 54.44 6.83
C VAL C 145 -56.19 54.42 6.28
N LEU C 146 -55.68 53.22 5.95
CA LEU C 146 -54.35 53.13 5.32
C LEU C 146 -54.30 53.92 4.02
N GLY C 147 -55.30 53.73 3.15
CA GLY C 147 -55.35 54.48 1.92
C GLY C 147 -55.34 55.97 2.17
N ILE C 148 -56.10 56.42 3.15
CA ILE C 148 -56.07 57.83 3.49
C ILE C 148 -54.66 58.24 3.84
N GLY C 149 -54.03 57.50 4.76
CA GLY C 149 -52.72 57.89 5.24
C GLY C 149 -51.70 57.94 4.12
N ALA C 150 -51.74 56.98 3.22
CA ALA C 150 -50.78 57.01 2.13
C ALA C 150 -51.00 58.25 1.27
N LEU C 151 -52.24 58.72 1.15
CA LEU C 151 -52.49 59.91 0.34
C LEU C 151 -52.06 61.17 1.07
N LEU C 152 -52.07 61.12 2.40
CA LEU C 152 -51.50 62.21 3.18
C LEU C 152 -50.09 62.54 2.74
N LEU C 153 -49.22 61.50 2.64
CA LEU C 153 -47.84 61.70 2.19
C LEU C 153 -47.81 62.34 0.81
N VAL C 154 -48.66 61.82 -0.10
CA VAL C 154 -48.90 62.46 -1.40
C VAL C 154 -49.26 63.92 -1.19
N ALA C 155 -50.19 64.20 -0.27
CA ALA C 155 -50.74 65.54 -0.15
C ALA C 155 -49.69 66.53 0.35
N LYS C 156 -48.90 66.12 1.36
CA LYS C 156 -47.69 66.85 1.77
C LYS C 156 -46.75 67.15 0.59
N ALA C 157 -46.43 66.13 -0.21
CA ALA C 157 -45.42 66.29 -1.27
C ALA C 157 -45.86 67.31 -2.31
N MET C 158 -47.15 67.33 -2.64
CA MET C 158 -47.69 68.11 -3.76
C MET C 158 -48.34 69.42 -3.34
N PHE C 159 -48.96 69.49 -2.16
CA PHE C 159 -49.70 70.68 -1.81
C PHE C 159 -49.22 71.38 -0.54
N PHE C 160 -48.45 70.73 0.32
CA PHE C 160 -48.06 71.31 1.60
C PHE C 160 -46.54 71.28 1.83
N GLY C 161 -45.73 71.81 0.89
CA GLY C 161 -44.32 72.04 1.14
C GLY C 161 -43.36 71.21 0.32
N GLY C 162 -43.77 70.05 -0.18
CA GLY C 162 -42.83 69.11 -0.78
C GLY C 162 -42.09 68.22 0.20
N LEU C 163 -40.99 67.64 -0.29
CA LEU C 163 -40.17 66.70 0.47
C LEU C 163 -38.71 67.02 0.21
N TYR C 164 -37.83 66.61 1.14
CA TYR C 164 -36.39 66.71 0.94
C TYR C 164 -35.99 65.80 -0.20
N ASP C 165 -35.23 66.35 -1.14
CA ASP C 165 -34.85 65.65 -2.36
C ASP C 165 -33.33 65.77 -2.40
N THR C 166 -32.68 64.65 -2.03
CA THR C 166 -31.23 64.57 -2.00
C THR C 166 -30.65 64.70 -3.39
N TRP C 167 -31.46 64.45 -4.42
CA TRP C 167 -31.02 64.52 -5.81
C TRP C 167 -31.15 65.91 -6.40
N ALA C 168 -31.80 66.83 -5.71
CA ALA C 168 -31.99 68.15 -6.27
C ALA C 168 -30.65 68.71 -6.72
N PRO C 169 -30.60 69.46 -7.79
CA PRO C 169 -29.36 70.16 -8.13
C PRO C 169 -28.97 71.08 -6.99
N GLY C 170 -27.72 70.99 -6.54
CA GLY C 170 -27.17 71.94 -5.61
C GLY C 170 -26.85 71.43 -4.21
N GLY C 171 -26.83 70.12 -4.00
CA GLY C 171 -26.58 69.58 -2.69
C GLY C 171 -27.75 68.87 -2.10
N GLY C 172 -28.93 69.01 -2.70
CA GLY C 172 -30.19 68.60 -2.11
C GLY C 172 -30.99 69.77 -1.56
N ASP C 173 -32.31 69.61 -1.54
CA ASP C 173 -33.17 70.71 -1.12
C ASP C 173 -34.59 70.17 -1.06
N VAL C 174 -35.45 70.92 -0.39
CA VAL C 174 -36.86 70.59 -0.32
C VAL C 174 -37.54 71.05 -1.59
N ARG C 175 -38.43 70.22 -2.12
CA ARG C 175 -38.88 70.37 -3.50
C ARG C 175 -40.30 69.86 -3.60
N VAL C 176 -41.20 70.67 -4.17
CA VAL C 176 -42.57 70.22 -4.38
C VAL C 176 -42.65 69.35 -5.63
N ILE C 177 -43.43 68.28 -5.54
CA ILE C 177 -43.51 67.28 -6.60
C ILE C 177 -44.78 67.57 -7.42
N THR C 178 -44.55 68.10 -8.60
CA THR C 178 -45.62 68.54 -9.45
C THR C 178 -46.09 67.44 -10.39
N ASN C 179 -45.22 66.48 -10.71
CA ASN C 179 -45.55 65.44 -11.69
C ASN C 179 -45.27 64.05 -11.13
N PRO C 180 -46.08 63.62 -10.16
CA PRO C 180 -46.02 62.22 -9.74
C PRO C 180 -46.14 61.26 -10.91
N THR C 181 -45.34 60.18 -10.83
CA THR C 181 -45.31 59.15 -11.86
C THR C 181 -46.58 58.31 -11.76
N LEU C 182 -47.48 58.43 -12.75
CA LEU C 182 -48.69 57.61 -12.78
C LEU C 182 -48.58 56.43 -13.74
N ASP C 183 -47.59 56.44 -14.62
CA ASP C 183 -47.45 55.36 -15.56
C ASP C 183 -47.32 54.01 -14.84
N PRO C 184 -48.32 53.15 -14.97
CA PRO C 184 -48.27 51.86 -14.26
C PRO C 184 -47.08 50.98 -14.66
N ARG C 185 -46.58 51.11 -15.88
CA ARG C 185 -45.43 50.31 -16.27
C ARG C 185 -44.18 50.69 -15.48
N VAL C 186 -44.06 51.92 -14.99
CA VAL C 186 -42.98 52.27 -14.07
C VAL C 186 -43.29 51.83 -12.65
N ILE C 187 -44.53 52.08 -12.18
CA ILE C 187 -44.86 51.86 -10.77
C ILE C 187 -44.83 50.38 -10.43
N PHE C 188 -45.51 49.55 -11.21
CA PHE C 188 -45.53 48.11 -11.01
C PHE C 188 -44.32 47.43 -11.64
N GLY C 189 -43.59 48.10 -12.54
CA GLY C 189 -42.28 47.61 -12.95
C GLY C 189 -41.36 47.33 -11.76
N TYR C 190 -41.35 48.24 -10.76
CA TYR C 190 -40.52 48.01 -9.58
C TYR C 190 -40.82 46.67 -8.91
N LEU C 191 -42.11 46.29 -8.83
CA LEU C 191 -42.51 45.09 -8.12
C LEU C 191 -42.03 43.81 -8.78
N LEU C 192 -41.60 43.88 -10.04
CA LEU C 192 -41.07 42.76 -10.77
C LEU C 192 -39.59 42.85 -11.06
N LYS C 193 -38.91 43.93 -10.65
CA LYS C 193 -37.45 43.94 -10.74
C LYS C 193 -36.89 42.84 -9.84
N SER C 194 -35.84 42.19 -10.29
CA SER C 194 -35.15 41.21 -9.44
C SER C 194 -34.67 41.83 -8.13
N PRO C 195 -34.70 41.10 -7.01
CA PRO C 195 -34.13 41.59 -5.76
C PRO C 195 -32.61 41.49 -5.64
N PHE C 196 -31.92 41.07 -6.69
CA PHE C 196 -30.47 40.88 -6.64
C PHE C 196 -29.73 42.10 -7.13
N GLY C 197 -28.42 42.01 -7.14
CA GLY C 197 -27.61 43.19 -7.29
C GLY C 197 -27.71 43.75 -8.69
N GLY C 198 -27.66 45.09 -8.76
CA GLY C 198 -27.98 45.88 -9.95
C GLY C 198 -29.47 46.06 -10.20
N GLU C 199 -30.33 45.47 -9.38
CA GLU C 199 -31.76 45.47 -9.66
C GLU C 199 -32.52 45.99 -8.44
N GLY C 200 -32.49 45.23 -7.34
CA GLY C 200 -32.84 45.76 -6.04
C GLY C 200 -34.29 45.76 -5.70
N TRP C 201 -35.16 45.23 -6.56
CA TRP C 201 -36.60 45.18 -6.32
C TRP C 201 -37.07 46.58 -6.00
N ILE C 202 -37.98 46.75 -5.04
CA ILE C 202 -38.54 48.07 -4.80
C ILE C 202 -37.56 48.97 -4.10
N VAL C 203 -36.53 48.37 -3.50
CA VAL C 203 -35.51 49.10 -2.75
C VAL C 203 -34.74 50.05 -3.67
N SER C 204 -34.70 49.77 -4.95
CA SER C 204 -33.94 50.65 -5.83
C SER C 204 -34.61 51.99 -6.20
N VAL C 205 -35.79 52.35 -5.66
CA VAL C 205 -36.47 53.59 -6.09
C VAL C 205 -35.58 54.80 -5.80
N ASN C 206 -35.35 55.65 -6.82
CA ASN C 206 -34.27 56.63 -6.72
C ASN C 206 -34.72 58.03 -7.11
N ASN C 207 -35.99 58.34 -6.91
CA ASN C 207 -36.51 59.63 -7.33
C ASN C 207 -37.88 59.84 -6.69
N LEU C 208 -38.17 61.06 -6.28
CA LEU C 208 -39.41 61.27 -5.52
C LEU C 208 -40.67 61.16 -6.37
N GLU C 209 -40.61 61.51 -7.66
CA GLU C 209 -41.76 61.32 -8.54
C GLU C 209 -42.30 59.90 -8.45
N ASP C 210 -41.40 58.91 -8.43
CA ASP C 210 -41.84 57.51 -8.33
C ASP C 210 -42.39 57.19 -6.96
N VAL C 211 -41.77 57.72 -5.91
CA VAL C 211 -42.25 57.51 -4.54
C VAL C 211 -43.68 58.06 -4.42
N VAL C 212 -43.87 59.34 -4.76
CA VAL C 212 -45.18 59.96 -4.65
C VAL C 212 -46.20 59.21 -5.51
N GLY C 213 -45.83 58.87 -6.75
CA GLY C 213 -46.75 58.20 -7.64
C GLY C 213 -47.22 56.88 -7.07
N GLY C 214 -46.30 56.08 -6.52
CA GLY C 214 -46.66 54.80 -5.95
C GLY C 214 -47.65 54.88 -4.82
N HIS C 215 -47.62 55.99 -4.07
CA HIS C 215 -48.55 56.19 -2.95
C HIS C 215 -49.91 56.66 -3.43
N ILE C 216 -49.98 57.34 -4.57
CA ILE C 216 -51.28 57.53 -5.21
C ILE C 216 -51.88 56.19 -5.56
N TRP C 217 -51.10 55.33 -6.22
CA TRP C 217 -51.62 54.02 -6.58
C TRP C 217 -52.10 53.24 -5.38
N ILE C 218 -51.27 53.19 -4.34
CA ILE C 218 -51.49 52.34 -3.17
C ILE C 218 -52.69 52.85 -2.38
N GLY C 219 -52.80 54.15 -2.24
CA GLY C 219 -53.95 54.71 -1.56
C GLY C 219 -55.24 54.50 -2.33
N LEU C 220 -55.19 54.62 -3.64
CA LEU C 220 -56.37 54.22 -4.42
C LEU C 220 -56.66 52.73 -4.22
N ILE C 221 -55.66 51.86 -4.38
CA ILE C 221 -55.92 50.43 -4.24
C ILE C 221 -56.50 50.11 -2.87
N CYS C 222 -55.89 50.66 -1.81
CA CYS C 222 -56.37 50.39 -0.46
C CYS C 222 -57.80 50.84 -0.26
N ILE C 223 -58.17 51.99 -0.81
CA ILE C 223 -59.57 52.41 -0.73
C ILE C 223 -60.42 51.50 -1.61
N ALA C 224 -59.93 51.17 -2.79
CA ALA C 224 -60.66 50.24 -3.62
C ALA C 224 -60.99 48.97 -2.85
N GLY C 225 -59.94 48.28 -2.40
CA GLY C 225 -60.14 47.04 -1.64
C GLY C 225 -60.89 47.28 -0.36
N GLY C 226 -60.65 48.41 0.29
CA GLY C 226 -61.37 48.70 1.50
C GLY C 226 -62.87 48.58 1.29
N ILE C 227 -63.33 49.08 0.13
CA ILE C 227 -64.75 49.05 -0.19
C ILE C 227 -65.16 47.64 -0.58
N TRP C 228 -64.41 47.05 -1.50
CA TRP C 228 -64.55 45.62 -1.79
C TRP C 228 -64.90 44.78 -0.56
N HIS C 229 -64.06 44.82 0.48
CA HIS C 229 -64.21 43.84 1.57
C HIS C 229 -65.38 44.17 2.47
N ILE C 230 -65.73 45.44 2.57
CA ILE C 230 -67.02 45.80 3.16
C ILE C 230 -68.18 45.12 2.43
N LEU C 231 -68.18 45.16 1.09
CA LEU C 231 -69.36 44.76 0.30
C LEU C 231 -69.45 43.26 0.03
N THR C 232 -68.34 42.54 0.16
CA THR C 232 -68.27 41.15 -0.24
C THR C 232 -68.21 40.26 1.01
N THR C 233 -68.44 38.98 0.78
CA THR C 233 -67.98 37.94 1.67
C THR C 233 -66.99 37.04 0.96
N PRO C 234 -66.13 36.36 1.71
CA PRO C 234 -65.17 35.44 1.11
C PRO C 234 -65.83 34.41 0.22
N PHE C 235 -65.22 34.18 -0.93
CA PHE C 235 -65.63 33.13 -1.82
C PHE C 235 -65.30 31.77 -1.24
N GLY C 236 -65.87 30.74 -1.86
CA GLY C 236 -65.75 29.41 -1.31
C GLY C 236 -64.33 28.89 -1.33
N TRP C 237 -63.56 29.25 -2.36
CA TRP C 237 -62.19 28.75 -2.45
C TRP C 237 -61.35 29.38 -1.36
N ALA C 238 -61.67 30.61 -0.98
CA ALA C 238 -61.02 31.24 0.15
C ALA C 238 -61.49 30.62 1.45
N ARG C 239 -62.80 30.35 1.56
CA ARG C 239 -63.33 29.79 2.79
C ARG C 239 -62.68 28.44 3.13
N ARG C 240 -62.31 27.65 2.13
CA ARG C 240 -61.78 26.31 2.35
C ARG C 240 -60.26 26.27 2.56
N ALA C 241 -59.55 27.35 2.27
CA ALA C 241 -58.11 27.36 2.36
C ALA C 241 -57.59 28.00 3.63
N PHE C 242 -58.45 28.63 4.42
CA PHE C 242 -57.99 29.38 5.57
C PHE C 242 -58.56 28.82 6.85
N ILE C 243 -57.92 29.22 7.93
CA ILE C 243 -58.40 28.98 9.27
C ILE C 243 -59.01 30.27 9.77
N TRP C 244 -60.20 30.20 10.35
CA TRP C 244 -60.96 31.40 10.66
C TRP C 244 -61.13 31.47 12.18
N SER C 245 -60.25 32.22 12.81
CA SER C 245 -60.07 32.22 14.26
C SER C 245 -59.12 33.35 14.60
N GLY C 246 -59.28 33.91 15.80
CA GLY C 246 -58.45 35.03 16.18
C GLY C 246 -56.96 34.72 16.08
N GLU C 247 -56.53 33.56 16.60
CA GLU C 247 -55.12 33.22 16.50
C GLU C 247 -54.70 33.12 15.03
N ALA C 248 -55.51 32.44 14.20
CA ALA C 248 -55.18 32.38 12.78
C ALA C 248 -54.92 33.76 12.16
N TYR C 249 -55.75 34.77 12.46
CA TYR C 249 -55.55 36.10 11.86
C TYR C 249 -54.34 36.79 12.45
N LEU C 250 -54.20 36.72 13.77
CA LEU C 250 -52.94 37.11 14.41
C LEU C 250 -51.71 36.52 13.71
N SER C 251 -51.72 35.21 13.44
CA SER C 251 -50.54 34.67 12.82
C SER C 251 -50.34 35.29 11.43
N TYR C 252 -51.41 35.32 10.60
CA TYR C 252 -51.32 35.90 9.26
C TYR C 252 -50.61 37.24 9.31
N SER C 253 -50.97 38.06 10.29
CA SER C 253 -50.38 39.39 10.44
C SER C 253 -48.93 39.35 10.88
N LEU C 254 -48.55 38.46 11.82
CA LEU C 254 -47.14 38.33 12.18
C LEU C 254 -46.33 37.97 10.95
N GLY C 255 -46.83 37.08 10.12
CA GLY C 255 -46.12 36.81 8.88
C GLY C 255 -45.84 38.07 8.10
N ALA C 256 -46.86 38.90 7.90
CA ALA C 256 -46.71 40.07 7.04
C ALA C 256 -45.79 41.09 7.67
N LEU C 257 -45.92 41.31 8.98
CA LEU C 257 -45.01 42.25 9.64
C LEU C 257 -43.57 41.78 9.54
N SER C 258 -43.33 40.49 9.73
CA SER C 258 -41.99 39.98 9.62
C SER C 258 -41.42 40.25 8.23
N MET C 259 -42.15 39.87 7.20
CA MET C 259 -41.74 40.19 5.84
C MET C 259 -41.51 41.68 5.65
N MET C 260 -42.41 42.49 6.19
CA MET C 260 -42.20 43.92 6.00
C MET C 260 -40.93 44.34 6.67
N GLY C 261 -40.67 43.80 7.87
CA GLY C 261 -39.46 44.16 8.63
C GLY C 261 -38.14 43.84 7.93
N PHE C 262 -38.07 42.69 7.27
CA PHE C 262 -36.88 42.42 6.47
C PHE C 262 -36.70 43.43 5.35
N ILE C 263 -37.81 43.80 4.68
CA ILE C 263 -37.75 44.79 3.60
C ILE C 263 -37.17 46.11 4.11
N ALA C 264 -37.70 46.60 5.24
CA ALA C 264 -37.21 47.85 5.83
C ALA C 264 -35.73 47.78 6.14
N THR C 265 -35.29 46.65 6.75
CA THR C 265 -33.88 46.39 7.00
C THR C 265 -33.04 46.72 5.78
N CYS C 266 -33.39 46.13 4.64
CA CYS C 266 -32.63 46.40 3.42
C CYS C 266 -32.86 47.80 2.88
N PHE C 267 -34.07 48.34 3.05
CA PHE C 267 -34.31 49.71 2.61
C PHE C 267 -33.34 50.67 3.28
N VAL C 268 -33.30 50.66 4.62
CA VAL C 268 -32.39 51.58 5.30
C VAL C 268 -30.92 51.25 5.04
N TRP C 269 -30.60 50.07 4.59
CA TRP C 269 -29.20 49.72 4.40
C TRP C 269 -28.69 50.08 3.01
N PHE C 270 -29.56 50.03 2.00
CA PHE C 270 -29.17 50.33 0.62
C PHE C 270 -29.66 51.67 0.08
N ASN C 271 -30.88 52.08 0.43
CA ASN C 271 -31.53 53.19 -0.26
C ASN C 271 -31.04 54.51 0.31
N ASN C 272 -30.53 55.39 -0.56
CA ASN C 272 -30.10 56.73 -0.14
C ASN C 272 -30.99 57.87 -0.73
N THR C 273 -32.21 57.54 -1.15
CA THR C 273 -33.24 58.52 -1.58
C THR C 273 -34.28 58.84 -0.50
N VAL C 274 -35.03 57.85 -0.02
CA VAL C 274 -35.95 58.07 1.10
C VAL C 274 -35.25 57.94 2.46
N TYR C 275 -34.01 57.50 2.48
CA TYR C 275 -33.14 57.58 3.64
C TYR C 275 -31.93 58.40 3.24
N PRO C 276 -32.08 59.71 3.03
CA PRO C 276 -30.98 60.47 2.44
C PRO C 276 -29.75 60.40 3.35
N SER C 277 -28.58 60.42 2.72
CA SER C 277 -27.36 60.19 3.48
C SER C 277 -26.92 61.42 4.25
N GLU C 278 -27.44 62.61 3.84
CA GLU C 278 -27.22 63.85 4.55
C GLU C 278 -27.61 63.69 6.00
N PHE C 279 -28.68 62.93 6.24
CA PHE C 279 -29.30 62.76 7.54
C PHE C 279 -28.91 61.46 8.22
N TYR C 280 -28.83 60.35 7.48
CA TYR C 280 -28.73 59.03 8.08
C TYR C 280 -27.29 58.51 8.13
N GLY C 281 -26.39 59.15 7.40
CA GLY C 281 -25.10 58.61 7.13
C GLY C 281 -25.03 57.92 5.78
N PRO C 282 -23.81 57.72 5.27
CA PRO C 282 -23.65 56.97 4.02
C PRO C 282 -23.95 55.50 4.20
N THR C 283 -24.31 54.88 3.08
CA THR C 283 -24.53 53.45 3.04
C THR C 283 -23.19 52.72 3.02
N GLY C 284 -23.23 51.47 3.41
CA GLY C 284 -22.06 50.64 3.30
C GLY C 284 -21.38 50.86 1.97
N PRO C 285 -22.10 50.54 0.89
CA PRO C 285 -21.54 50.73 -0.45
C PRO C 285 -21.06 52.14 -0.70
N GLU C 286 -21.85 53.14 -0.28
CA GLU C 286 -21.47 54.53 -0.46
C GLU C 286 -20.10 54.82 0.18
N ALA C 287 -19.93 54.50 1.47
CA ALA C 287 -18.64 54.75 2.12
C ALA C 287 -17.50 54.02 1.41
N SER C 288 -17.74 52.78 1.01
CA SER C 288 -16.70 52.04 0.31
C SER C 288 -16.33 52.74 -1.00
N GLN C 289 -17.33 53.18 -1.79
CA GLN C 289 -17.01 53.94 -3.01
C GLN C 289 -16.26 55.23 -2.69
N ALA C 290 -16.66 55.88 -1.60
CA ALA C 290 -16.05 57.14 -1.21
C ALA C 290 -14.56 56.96 -0.93
N GLN C 291 -14.18 55.86 -0.27
CA GLN C 291 -12.75 55.68 -0.07
C GLN C 291 -12.03 55.62 -1.39
N ALA C 292 -12.59 54.89 -2.37
CA ALA C 292 -11.88 54.80 -3.64
C ALA C 292 -11.77 56.18 -4.28
N MET C 293 -12.84 56.97 -4.23
CA MET C 293 -12.80 58.36 -4.69
C MET C 293 -11.69 59.15 -4.00
N THR C 294 -11.66 59.08 -2.67
CA THR C 294 -10.69 59.84 -1.89
C THR C 294 -9.26 59.60 -2.37
N PHE C 295 -8.84 58.33 -2.54
CA PHE C 295 -7.44 58.09 -2.89
C PHE C 295 -7.14 58.27 -4.38
N LEU C 296 -8.13 58.06 -5.24
CA LEU C 296 -8.02 58.52 -6.61
C LEU C 296 -7.73 60.03 -6.64
N ILE C 297 -8.56 60.83 -5.94
CA ILE C 297 -8.37 62.29 -5.92
C ILE C 297 -6.96 62.66 -5.44
N ARG C 298 -6.54 62.14 -4.28
CA ARG C 298 -5.21 62.42 -3.74
C ARG C 298 -4.10 61.99 -4.70
N ASP C 299 -4.14 60.77 -5.15
CA ASP C 299 -3.05 60.30 -5.97
C ASP C 299 -2.97 61.07 -7.30
N GLN C 300 -4.11 61.36 -7.92
CA GLN C 300 -4.11 62.19 -9.13
C GLN C 300 -3.45 63.55 -8.87
N LYS C 301 -3.84 64.24 -7.80
CA LYS C 301 -3.18 65.52 -7.50
C LYS C 301 -1.67 65.37 -7.48
N LEU C 302 -1.17 64.28 -6.93
CA LEU C 302 0.27 64.04 -6.96
C LEU C 302 0.82 63.73 -8.36
N GLY C 303 -0.02 63.57 -9.36
CA GLY C 303 0.43 63.28 -10.71
C GLY C 303 0.27 61.85 -11.20
N ALA C 304 -0.34 60.96 -10.42
CA ALA C 304 -0.61 59.61 -10.90
C ALA C 304 -1.62 59.63 -12.04
N ASN C 305 -1.37 58.83 -13.08
CA ASN C 305 -2.30 58.60 -14.18
C ASN C 305 -3.20 57.43 -13.82
N VAL C 306 -4.42 57.76 -13.38
CA VAL C 306 -5.24 56.76 -12.73
C VAL C 306 -5.98 55.90 -13.71
N GLY C 307 -6.09 56.31 -14.97
CA GLY C 307 -6.63 55.41 -15.97
C GLY C 307 -5.70 54.24 -16.19
N SER C 308 -4.41 54.48 -16.11
CA SER C 308 -3.43 53.55 -16.61
C SER C 308 -2.69 52.81 -15.50
N ALA C 309 -3.03 53.04 -14.25
CA ALA C 309 -2.21 52.50 -13.16
C ALA C 309 -2.65 51.07 -12.91
N GLN C 310 -1.73 50.14 -13.20
CA GLN C 310 -1.95 48.71 -13.01
C GLN C 310 -1.64 48.37 -11.56
N GLY C 311 -2.61 47.77 -10.88
CA GLY C 311 -2.45 47.37 -9.51
C GLY C 311 -1.74 46.01 -9.35
N PRO C 312 -1.50 45.63 -8.09
CA PRO C 312 -0.75 44.38 -7.81
C PRO C 312 -1.24 43.14 -8.52
N THR C 313 -2.54 43.05 -8.70
CA THR C 313 -3.21 41.89 -9.26
C THR C 313 -3.22 41.90 -10.77
N GLY C 314 -2.74 42.99 -11.38
CA GLY C 314 -2.91 43.22 -12.79
C GLY C 314 -4.21 43.93 -13.17
N LEU C 315 -5.19 43.99 -12.26
CA LEU C 315 -6.35 44.85 -12.39
C LEU C 315 -5.98 46.30 -12.09
N GLY C 316 -6.70 47.23 -12.70
CA GLY C 316 -6.41 48.62 -12.43
C GLY C 316 -6.44 48.94 -10.93
N LYS C 317 -5.50 49.77 -10.49
CA LYS C 317 -5.41 50.12 -9.08
C LYS C 317 -6.57 51.01 -8.65
N TYR C 318 -7.01 51.93 -9.50
CA TYR C 318 -8.13 52.82 -9.22
C TYR C 318 -9.39 52.48 -10.01
N LEU C 319 -9.24 52.10 -11.27
CA LEU C 319 -10.34 51.93 -12.20
C LEU C 319 -10.20 50.60 -12.91
N MET C 320 -11.32 49.89 -13.01
CA MET C 320 -11.40 48.63 -13.75
C MET C 320 -12.72 48.60 -14.48
N ARG C 321 -13.03 47.46 -15.10
CA ARG C 321 -14.35 47.18 -15.64
C ARG C 321 -15.16 46.20 -14.79
N SER C 322 -16.48 46.38 -14.82
CA SER C 322 -17.38 45.41 -14.24
C SER C 322 -17.48 44.24 -15.20
N PRO C 323 -18.20 43.19 -14.81
CA PRO C 323 -18.37 42.06 -15.74
C PRO C 323 -19.13 42.42 -17.02
N THR C 324 -19.95 43.49 -17.04
CA THR C 324 -20.61 43.98 -18.26
C THR C 324 -19.94 45.22 -18.87
N GLY C 325 -18.73 45.54 -18.46
CA GLY C 325 -17.90 46.52 -19.14
C GLY C 325 -17.88 47.92 -18.54
N GLU C 326 -18.85 48.31 -17.74
CA GLU C 326 -18.84 49.68 -17.21
C GLU C 326 -17.53 49.92 -16.45
N ILE C 327 -17.06 51.17 -16.52
CA ILE C 327 -15.85 51.54 -15.80
C ILE C 327 -16.22 51.89 -14.38
N ILE C 328 -15.46 51.34 -13.43
CA ILE C 328 -15.84 51.33 -12.02
C ILE C 328 -14.60 51.50 -11.19
N PHE C 329 -14.86 51.69 -9.91
CA PHE C 329 -13.83 51.76 -8.91
C PHE C 329 -13.17 50.39 -8.69
N GLY C 330 -11.83 50.39 -8.60
CA GLY C 330 -11.06 49.18 -8.33
C GLY C 330 -10.94 48.88 -6.85
N GLY C 331 -10.28 47.76 -6.56
CA GLY C 331 -10.18 47.31 -5.19
C GLY C 331 -11.37 46.46 -4.81
N GLU C 332 -11.54 46.28 -3.50
CA GLU C 332 -12.62 45.42 -3.04
C GLU C 332 -13.97 46.00 -3.40
N THR C 333 -14.07 47.34 -3.42
CA THR C 333 -15.33 48.02 -3.74
C THR C 333 -15.85 47.73 -5.16
N MET C 334 -15.14 46.94 -5.97
CA MET C 334 -15.73 46.48 -7.21
C MET C 334 -17.04 45.80 -7.00
N ARG C 335 -17.26 45.24 -5.81
CA ARG C 335 -18.56 44.65 -5.45
C ARG C 335 -19.66 45.71 -5.37
N PHE C 336 -19.30 46.95 -5.13
CA PHE C 336 -20.28 48.00 -4.85
C PHE C 336 -20.54 48.92 -6.04
N TRP C 337 -20.49 48.41 -7.26
CA TRP C 337 -20.42 49.32 -8.38
C TRP C 337 -21.83 49.78 -8.85
N ASP C 338 -22.88 49.04 -8.48
CA ASP C 338 -24.28 49.39 -8.51
C ASP C 338 -24.61 50.60 -7.66
N PHE C 339 -23.71 51.04 -6.81
CA PHE C 339 -24.00 52.24 -6.03
C PHE C 339 -24.30 53.43 -6.93
N ARG C 340 -25.32 54.20 -6.55
CA ARG C 340 -25.55 55.50 -7.15
C ARG C 340 -25.82 56.52 -6.06
N GLY C 341 -25.12 57.63 -6.11
CA GLY C 341 -25.39 58.74 -5.23
C GLY C 341 -25.18 60.11 -5.87
N PRO C 342 -25.77 61.13 -5.26
CA PRO C 342 -25.75 62.46 -5.89
C PRO C 342 -24.35 63.02 -6.08
N TRP C 343 -23.40 62.65 -5.23
CA TRP C 343 -22.05 63.18 -5.33
C TRP C 343 -21.20 62.45 -6.37
N LEU C 344 -21.67 61.31 -6.87
CA LEU C 344 -20.92 60.52 -7.83
C LEU C 344 -21.45 60.66 -9.25
N GLU C 345 -22.76 60.71 -9.45
CA GLU C 345 -23.34 60.70 -10.79
C GLU C 345 -22.80 61.76 -11.75
N PRO C 346 -22.41 62.94 -11.31
CA PRO C 346 -21.76 63.86 -12.26
C PRO C 346 -20.57 63.25 -12.99
N LEU C 347 -19.81 62.39 -12.35
CA LEU C 347 -18.65 61.81 -13.00
C LEU C 347 -19.00 60.71 -14.00
N ARG C 348 -20.22 60.24 -14.05
CA ARG C 348 -20.55 59.07 -14.86
C ARG C 348 -20.95 59.48 -16.27
N GLY C 349 -20.31 58.87 -17.24
CA GLY C 349 -20.79 58.91 -18.60
C GLY C 349 -21.54 57.63 -18.94
N PRO C 350 -21.74 57.40 -20.24
CA PRO C 350 -22.47 56.20 -20.68
C PRO C 350 -21.68 54.91 -20.59
N ASN C 351 -20.35 54.97 -20.55
CA ASN C 351 -19.50 53.80 -20.38
C ASN C 351 -19.17 53.55 -18.91
N GLY C 352 -19.84 54.23 -18.00
CA GLY C 352 -19.47 54.30 -16.62
C GLY C 352 -18.68 55.56 -16.33
N LEU C 353 -17.98 55.52 -15.21
CA LEU C 353 -17.12 56.63 -14.81
C LEU C 353 -16.34 57.12 -16.00
N ASP C 354 -16.22 58.44 -16.13
CA ASP C 354 -15.68 59.06 -17.33
C ASP C 354 -14.33 59.66 -17.00
N LEU C 355 -13.29 59.16 -17.69
CA LEU C 355 -11.91 59.49 -17.35
C LEU C 355 -11.60 60.96 -17.58
N ASN C 356 -12.23 61.60 -18.57
CA ASN C 356 -11.96 63.01 -18.77
C ASN C 356 -12.60 63.86 -17.68
N LYS C 357 -13.80 63.51 -17.25
CA LYS C 357 -14.41 64.21 -16.13
C LYS C 357 -13.59 64.03 -14.86
N ILE C 358 -12.93 62.86 -14.74
CA ILE C 358 -12.16 62.58 -13.52
C ILE C 358 -10.90 63.42 -13.51
N LYS C 359 -10.32 63.65 -14.67
CA LYS C 359 -9.12 64.45 -14.75
C LYS C 359 -9.41 65.94 -14.73
N ASN C 360 -10.68 66.36 -14.84
CA ASN C 360 -10.96 67.77 -15.05
C ASN C 360 -12.07 68.34 -14.19
N ASP C 361 -13.03 67.54 -13.75
CA ASP C 361 -14.28 68.09 -13.26
C ASP C 361 -14.59 67.84 -11.80
N ILE C 362 -13.73 67.15 -11.05
CA ILE C 362 -14.07 66.91 -9.66
C ILE C 362 -14.02 68.25 -8.93
N GLN C 363 -15.00 68.47 -8.07
CA GLN C 363 -15.19 69.69 -7.30
C GLN C 363 -14.76 69.54 -5.85
N PRO C 364 -14.38 70.64 -5.21
CA PRO C 364 -14.14 70.59 -3.76
C PRO C 364 -15.29 70.00 -2.98
N TRP C 365 -16.50 70.39 -3.26
CA TRP C 365 -17.60 69.80 -2.51
C TRP C 365 -17.64 68.29 -2.67
N GLN C 366 -17.14 67.77 -3.81
CA GLN C 366 -17.20 66.33 -4.00
C GLN C 366 -16.09 65.62 -3.21
N GLU C 367 -14.85 66.11 -3.34
CA GLU C 367 -13.79 65.74 -2.41
C GLU C 367 -14.26 65.76 -0.96
N ARG C 368 -14.90 66.88 -0.52
CA ARG C 368 -15.33 66.99 0.87
C ARG C 368 -16.31 65.88 1.25
N ARG C 369 -17.31 65.65 0.42
CA ARG C 369 -18.31 64.63 0.70
C ARG C 369 -17.64 63.28 0.85
N ALA C 370 -16.64 63.00 0.03
CA ALA C 370 -16.09 61.66 -0.02
C ALA C 370 -15.23 61.43 1.22
N ALA C 371 -14.42 62.43 1.58
CA ALA C 371 -13.67 62.39 2.82
C ALA C 371 -14.58 62.13 4.02
N GLU C 372 -15.72 62.84 4.08
CA GLU C 372 -16.64 62.70 5.20
C GLU C 372 -17.31 61.33 5.24
N TYR C 373 -17.79 60.85 4.09
CA TYR C 373 -18.52 59.59 4.06
C TYR C 373 -17.61 58.40 4.29
N MET C 374 -16.40 58.46 3.74
CA MET C 374 -15.35 57.49 4.02
C MET C 374 -15.06 57.36 5.51
N THR C 375 -14.99 58.47 6.24
CA THR C 375 -14.70 58.44 7.66
C THR C 375 -15.95 58.31 8.52
N HIS C 376 -17.08 57.99 7.91
CA HIS C 376 -18.35 57.78 8.60
C HIS C 376 -19.03 56.55 8.04
N ALA C 377 -18.26 55.54 7.74
CA ALA C 377 -18.83 54.31 7.24
C ALA C 377 -19.56 53.57 8.36
N PRO C 378 -20.63 52.86 8.02
CA PRO C 378 -21.42 52.21 9.07
C PRO C 378 -20.72 50.97 9.64
N LEU C 379 -19.58 51.20 10.24
CA LEU C 379 -18.91 50.18 11.06
C LEU C 379 -18.71 50.76 12.44
N GLY C 380 -18.87 49.91 13.43
CA GLY C 380 -18.89 50.38 14.79
C GLY C 380 -19.18 49.24 15.73
N SER C 381 -18.65 49.35 16.96
CA SER C 381 -18.84 48.39 18.04
C SER C 381 -20.15 48.63 18.81
N LEU C 382 -20.56 47.59 19.55
CA LEU C 382 -21.80 47.64 20.30
C LEU C 382 -21.84 48.80 21.29
N ASN C 383 -20.67 49.17 21.81
CA ASN C 383 -20.51 50.26 22.77
C ASN C 383 -20.14 51.59 22.09
N SER C 384 -20.23 51.64 20.77
CA SER C 384 -20.24 52.89 20.04
C SER C 384 -18.85 53.46 19.91
N VAL C 385 -17.91 52.61 19.56
CA VAL C 385 -16.59 53.01 19.08
C VAL C 385 -16.61 52.86 17.57
N GLY C 386 -16.35 53.96 16.89
CA GLY C 386 -16.49 53.97 15.44
C GLY C 386 -15.28 53.34 14.79
N GLY C 387 -15.54 52.57 13.74
CA GLY C 387 -14.50 52.08 12.86
C GLY C 387 -14.48 50.56 12.81
N VAL C 388 -13.42 50.05 12.16
CA VAL C 388 -13.12 48.64 12.17
C VAL C 388 -12.96 48.13 13.61
N ALA C 389 -13.13 46.83 13.77
CA ALA C 389 -13.16 46.27 15.11
C ALA C 389 -11.80 46.37 15.85
N THR C 390 -10.70 46.52 15.12
CA THR C 390 -9.36 46.64 15.66
C THR C 390 -8.99 48.09 16.00
N GLU C 391 -9.95 49.01 15.86
CA GLU C 391 -9.70 50.43 16.01
C GLU C 391 -9.70 50.81 17.49
N ILE C 392 -8.94 51.83 17.84
CA ILE C 392 -8.81 52.23 19.25
C ILE C 392 -9.95 53.18 19.60
N ASN C 393 -10.18 53.36 20.91
CA ASN C 393 -11.18 54.30 21.37
C ASN C 393 -10.79 55.72 20.99
N SER C 394 -11.83 56.57 20.87
CA SER C 394 -11.72 57.97 20.44
C SER C 394 -13.04 58.47 19.82
N VAL C 395 -13.48 57.88 18.70
CA VAL C 395 -14.64 58.37 17.97
C VAL C 395 -15.86 57.58 18.43
N ASN C 396 -16.81 58.29 19.02
CA ASN C 396 -18.04 57.73 19.56
C ASN C 396 -19.10 57.84 18.48
N PHE C 397 -19.28 56.77 17.71
CA PHE C 397 -20.09 56.81 16.49
C PHE C 397 -20.48 55.38 16.17
N VAL C 398 -21.80 55.17 15.96
CA VAL C 398 -22.36 54.03 15.26
C VAL C 398 -23.49 54.54 14.37
N SER C 399 -23.50 54.11 13.13
CA SER C 399 -24.36 54.68 12.12
C SER C 399 -25.84 54.39 12.43
N PRO C 400 -26.71 55.39 12.22
CA PRO C 400 -28.14 55.14 12.39
C PRO C 400 -28.56 53.99 11.53
N ARG C 401 -27.89 53.80 10.39
CA ARG C 401 -28.29 52.74 9.47
C ARG C 401 -28.03 51.38 10.05
N SER C 402 -26.95 51.23 10.84
CA SER C 402 -26.67 49.96 11.52
C SER C 402 -27.66 49.74 12.66
N TRP C 403 -27.92 50.77 13.47
CA TRP C 403 -28.90 50.62 14.53
C TRP C 403 -30.26 50.29 13.96
N LEU C 404 -30.65 50.96 12.86
CA LEU C 404 -31.95 50.66 12.27
C LEU C 404 -31.95 49.33 11.54
N ALA C 405 -30.87 49.02 10.82
CA ALA C 405 -30.84 47.76 10.09
C ALA C 405 -30.86 46.54 11.02
N THR C 406 -30.06 46.55 12.10
CA THR C 406 -29.94 45.35 12.94
C THR C 406 -31.21 45.15 13.77
N SER C 407 -31.71 46.21 14.40
CA SER C 407 -32.87 46.09 15.27
C SER C 407 -34.04 45.48 14.54
N HIS C 408 -34.23 45.83 13.27
CA HIS C 408 -35.37 45.37 12.49
C HIS C 408 -35.15 44.01 11.86
N PHE C 409 -33.90 43.60 11.67
CA PHE C 409 -33.69 42.20 11.36
C PHE C 409 -34.12 41.32 12.51
N VAL C 410 -33.74 41.74 13.72
CA VAL C 410 -34.04 41.00 14.94
C VAL C 410 -35.53 40.94 15.14
N LEU C 411 -36.19 42.07 15.04
CA LEU C 411 -37.64 42.06 15.21
C LEU C 411 -38.30 41.27 14.09
N ALA C 412 -37.91 41.54 12.85
CA ALA C 412 -38.45 40.76 11.75
C ALA C 412 -38.31 39.28 12.03
N PHE C 413 -37.11 38.86 12.47
CA PHE C 413 -36.85 37.44 12.70
C PHE C 413 -37.79 36.85 13.74
N PHE C 414 -37.99 37.54 14.87
CA PHE C 414 -38.80 36.90 15.89
C PHE C 414 -40.27 36.82 15.49
N PHE C 415 -40.79 37.83 14.76
CA PHE C 415 -42.18 37.78 14.29
C PHE C 415 -42.42 36.66 13.31
N LEU C 416 -41.41 36.26 12.52
CA LEU C 416 -41.54 35.02 11.75
C LEU C 416 -41.64 33.78 12.63
N VAL C 417 -40.83 33.71 13.70
CA VAL C 417 -41.02 32.66 14.70
C VAL C 417 -42.43 32.74 15.28
N GLY C 418 -42.84 33.95 15.67
CA GLY C 418 -44.21 34.14 16.12
C GLY C 418 -45.27 33.69 15.11
N HIS C 419 -44.99 33.88 13.82
CA HIS C 419 -45.91 33.40 12.78
C HIS C 419 -45.98 31.87 12.80
N LEU C 420 -44.83 31.21 12.70
CA LEU C 420 -44.80 29.76 12.84
C LEU C 420 -45.38 29.30 14.16
N TRP C 421 -45.07 30.00 15.25
CA TRP C 421 -45.63 29.63 16.54
C TRP C 421 -47.15 29.65 16.52
N HIS C 422 -47.77 30.78 16.09
CA HIS C 422 -49.23 30.89 16.18
C HIS C 422 -49.96 30.26 15.01
N ALA C 423 -49.33 30.23 13.84
CA ALA C 423 -49.94 29.55 12.71
C ALA C 423 -50.16 28.09 13.04
N GLY C 424 -49.12 27.42 13.57
CA GLY C 424 -49.22 26.01 13.88
C GLY C 424 -50.17 25.74 15.02
N ARG C 425 -50.13 26.60 16.05
CA ARG C 425 -51.08 26.44 17.14
C ARG C 425 -52.51 26.57 16.62
N ALA C 426 -52.75 27.56 15.75
CA ALA C 426 -54.08 27.78 15.17
C ALA C 426 -54.57 26.58 14.38
N ARG C 427 -53.70 25.99 13.55
CA ARG C 427 -54.06 24.76 12.86
C ARG C 427 -54.40 23.63 13.84
N ALA C 428 -53.64 23.52 14.94
CA ALA C 428 -53.88 22.40 15.84
C ALA C 428 -55.12 22.62 16.71
N ALA C 429 -55.30 23.83 17.24
CA ALA C 429 -56.52 24.09 18.01
C ALA C 429 -57.79 24.03 17.15
N ALA C 430 -57.73 24.44 15.88
CA ALA C 430 -58.90 24.32 15.02
C ALA C 430 -59.27 22.86 14.77
N ALA C 431 -58.26 21.97 14.63
CA ALA C 431 -58.51 20.54 14.46
C ALA C 431 -58.75 19.80 15.78
N GLY C 432 -58.46 20.42 16.91
CA GLY C 432 -58.75 19.84 18.20
C GLY C 432 -57.62 19.07 18.89
N PHE C 433 -56.34 19.24 18.48
CA PHE C 433 -55.27 18.53 19.17
C PHE C 433 -54.16 19.48 19.64
N GLU C 434 -54.50 20.72 19.95
CA GLU C 434 -53.49 21.58 20.53
C GLU C 434 -53.06 21.11 21.93
N LYS C 435 -53.94 20.43 22.65
CA LYS C 435 -53.69 20.10 24.05
C LYS C 435 -52.97 18.75 24.22
N GLY C 436 -52.74 18.01 23.13
CA GLY C 436 -52.09 16.72 23.19
C GLY C 436 -52.96 15.64 22.55
N ILE C 437 -52.43 14.40 22.60
CA ILE C 437 -52.95 13.28 21.84
C ILE C 437 -53.94 12.49 22.69
N ASP C 438 -55.15 12.29 22.14
CA ASP C 438 -56.15 11.42 22.75
C ASP C 438 -55.59 10.02 22.93
N ARG C 439 -55.41 9.60 24.18
CA ARG C 439 -54.87 8.26 24.44
C ARG C 439 -55.76 7.18 23.81
N GLU C 440 -57.09 7.34 23.87
CA GLU C 440 -57.99 6.31 23.40
C GLU C 440 -58.20 6.34 21.89
N SER C 441 -57.74 7.39 21.22
CA SER C 441 -57.86 7.52 19.78
C SER C 441 -56.57 8.08 19.15
N GLU C 442 -55.43 7.43 19.38
CA GLU C 442 -54.15 7.89 18.82
C GLU C 442 -54.12 7.69 17.31
N PRO C 443 -54.08 8.75 16.48
CA PRO C 443 -54.19 8.52 15.02
C PRO C 443 -53.20 7.47 14.51
N VAL C 444 -51.95 7.54 14.95
CA VAL C 444 -50.92 6.67 14.41
C VAL C 444 -51.16 5.20 14.73
N LEU C 445 -51.84 4.90 15.84
CA LEU C 445 -52.11 3.49 16.17
C LEU C 445 -53.20 2.87 15.30
N SER C 446 -53.95 3.68 14.54
CA SER C 446 -54.89 3.18 13.55
C SER C 446 -54.34 3.30 12.14
N MET C 447 -53.17 3.68 12.00
CA MET C 447 -52.57 3.63 10.69
C MET C 447 -51.78 2.34 10.55
N PRO C 448 -51.59 1.85 9.33
CA PRO C 448 -50.75 0.67 9.13
C PRO C 448 -49.29 1.01 9.31
N SER C 449 -48.49 -0.01 9.65
CA SER C 449 -47.08 0.23 9.89
C SER C 449 -46.34 0.47 8.58
N LEU C 450 -45.27 1.25 8.65
CA LEU C 450 -44.62 1.70 7.44
C LEU C 450 -43.84 0.58 6.80
N ASP C 451 -43.59 -0.48 7.56
CA ASP C 451 -42.76 -1.59 7.16
C ASP C 451 -42.94 -2.73 8.15
N ARG D 1 -21.29 1.35 68.17
CA ARG D 1 -21.66 2.75 68.32
C ARG D 1 -20.43 3.61 68.61
N GLY D 2 -19.37 3.35 67.85
CA GLY D 2 -18.17 4.14 67.97
C GLY D 2 -18.31 5.51 67.32
N TRP D 3 -17.35 6.38 67.66
CA TRP D 3 -17.36 7.76 67.19
C TRP D 3 -17.40 7.84 65.66
N PHE D 4 -16.74 6.91 64.97
CA PHE D 4 -16.70 6.99 63.52
C PHE D 4 -18.09 6.88 62.93
N ASP D 5 -18.93 6.03 63.52
CA ASP D 5 -20.28 5.90 63.00
C ASP D 5 -21.18 7.02 63.47
N ILE D 6 -20.91 7.58 64.65
CA ILE D 6 -21.61 8.79 65.06
C ILE D 6 -21.39 9.91 64.03
N LEU D 7 -20.25 9.94 63.38
CA LEU D 7 -19.94 11.03 62.48
C LEU D 7 -20.47 10.73 61.09
N ASP D 8 -20.26 9.50 60.63
CA ASP D 8 -21.00 8.96 59.51
C ASP D 8 -22.47 9.39 59.56
N ASP D 9 -23.10 9.16 60.71
CA ASP D 9 -24.49 9.51 60.92
C ASP D 9 -24.77 10.98 60.61
N TRP D 10 -23.98 11.85 61.23
CA TRP D 10 -24.26 13.26 61.14
C TRP D 10 -23.95 13.81 59.76
N LEU D 11 -22.93 13.24 59.10
CA LEU D 11 -22.53 13.67 57.77
C LEU D 11 -23.60 13.36 56.75
N LYS D 12 -24.32 12.27 56.98
CA LYS D 12 -25.25 11.74 55.99
C LYS D 12 -26.69 12.02 56.35
N ARG D 13 -26.94 12.92 57.30
CA ARG D 13 -28.31 13.33 57.56
C ARG D 13 -28.93 14.07 56.37
N ASP D 14 -30.26 13.96 56.27
CA ASP D 14 -31.04 14.59 55.20
C ASP D 14 -31.36 16.04 55.59
N ARG D 15 -30.74 16.98 54.89
CA ARG D 15 -30.81 18.39 55.23
C ARG D 15 -30.75 19.14 53.91
N PHE D 16 -30.93 20.47 53.97
CA PHE D 16 -31.20 21.23 52.77
C PHE D 16 -30.02 21.15 51.78
N VAL D 17 -28.79 21.22 52.29
CA VAL D 17 -27.63 20.77 51.52
C VAL D 17 -27.03 19.56 52.20
N PHE D 18 -27.07 18.44 51.51
CA PHE D 18 -26.45 17.22 52.00
C PHE D 18 -24.93 17.41 52.04
N VAL D 19 -24.28 16.87 53.09
CA VAL D 19 -22.88 17.14 53.33
C VAL D 19 -22.03 15.96 52.90
N GLY D 20 -22.10 14.84 53.66
CA GLY D 20 -21.42 13.60 53.32
C GLY D 20 -19.94 13.59 53.72
N TRP D 21 -19.33 12.43 53.61
CA TRP D 21 -17.88 12.39 53.70
C TRP D 21 -17.22 13.22 52.58
N SER D 22 -17.78 13.21 51.37
CA SER D 22 -17.23 14.02 50.27
C SER D 22 -17.32 15.53 50.51
N GLY D 23 -18.27 15.99 51.30
CA GLY D 23 -18.33 17.40 51.63
C GLY D 23 -17.02 17.91 52.20
N ILE D 24 -16.36 17.07 53.01
CA ILE D 24 -15.15 17.48 53.71
C ILE D 24 -14.07 17.95 52.73
N LEU D 25 -13.84 17.18 51.66
CA LEU D 25 -13.00 17.69 50.56
C LEU D 25 -13.76 18.77 49.71
N LEU D 26 -14.96 18.45 49.25
CA LEU D 26 -15.67 19.27 48.26
C LEU D 26 -15.80 20.74 48.71
N PHE D 27 -16.44 20.95 49.86
CA PHE D 27 -16.88 22.29 50.24
C PHE D 27 -15.76 23.25 50.51
N PRO D 28 -14.75 22.92 51.31
CA PRO D 28 -13.68 23.91 51.48
C PRO D 28 -13.08 24.26 50.14
N CYS D 29 -12.79 23.26 49.33
CA CYS D 29 -12.03 23.51 48.11
C CYS D 29 -12.87 24.26 47.09
N ALA D 30 -14.17 23.90 46.94
CA ALA D 30 -15.03 24.64 46.00
C ALA D 30 -15.22 26.09 46.44
N TYR D 31 -15.40 26.33 47.73
CA TYR D 31 -15.54 27.70 48.21
C TYR D 31 -14.25 28.48 48.00
N LEU D 32 -13.11 27.83 48.15
CA LEU D 32 -11.84 28.54 48.06
C LEU D 32 -11.44 28.83 46.60
N ALA D 33 -11.68 27.88 45.70
CA ALA D 33 -11.42 28.13 44.28
C ALA D 33 -12.19 29.33 43.79
N LEU D 34 -13.39 29.52 44.32
CA LEU D 34 -14.33 30.56 43.93
C LEU D 34 -14.08 31.86 44.66
N GLY D 35 -13.82 31.76 45.98
CA GLY D 35 -13.38 32.91 46.73
C GLY D 35 -12.15 33.55 46.13
N GLY D 36 -11.26 32.75 45.57
CA GLY D 36 -10.03 33.29 45.02
C GLY D 36 -10.25 33.93 43.66
N TRP D 37 -11.08 33.33 42.82
CA TRP D 37 -11.37 33.98 41.56
C TRP D 37 -12.06 35.32 41.77
N LEU D 38 -13.11 35.37 42.63
CA LEU D 38 -13.76 36.65 42.92
C LEU D 38 -12.81 37.59 43.66
N THR D 39 -12.04 37.09 44.66
CA THR D 39 -11.03 37.94 45.28
C THR D 39 -10.12 38.55 44.22
N GLY D 40 -9.54 37.73 43.37
CA GLY D 40 -8.54 38.23 42.43
C GLY D 40 -9.08 39.10 41.30
N THR D 41 -10.32 38.84 40.83
CA THR D 41 -10.87 39.63 39.73
C THR D 41 -11.28 41.02 40.22
N THR D 42 -11.60 41.13 41.49
CA THR D 42 -12.07 42.39 42.03
C THR D 42 -10.91 43.28 42.40
N PHE D 43 -9.80 42.68 42.87
CA PHE D 43 -8.71 43.41 43.52
C PHE D 43 -7.32 43.29 42.95
N VAL D 44 -6.97 42.23 42.21
CA VAL D 44 -5.56 41.90 41.99
C VAL D 44 -5.15 42.11 40.53
N THR D 45 -3.94 42.65 40.34
CA THR D 45 -3.36 43.00 39.05
C THR D 45 -2.63 41.81 38.40
N SER D 46 -2.27 41.99 37.13
CA SER D 46 -1.33 41.11 36.45
C SER D 46 -0.15 41.92 35.97
N TRP D 47 0.11 43.06 36.61
CA TRP D 47 1.12 43.97 36.09
C TRP D 47 2.49 43.29 36.05
N TYR D 48 2.86 42.58 37.15
CA TYR D 48 4.22 42.06 37.30
C TYR D 48 4.40 40.71 36.60
N THR D 49 3.31 39.96 36.36
CA THR D 49 3.45 38.74 35.61
C THR D 49 3.29 38.92 34.10
N HIS D 50 2.32 39.77 33.66
CA HIS D 50 1.98 39.91 32.24
C HIS D 50 2.07 41.31 31.66
N GLY D 51 2.27 42.34 32.48
CA GLY D 51 2.07 43.70 32.04
C GLY D 51 0.63 44.10 31.74
N LEU D 52 -0.34 43.46 32.38
CA LEU D 52 -1.75 43.70 32.11
C LEU D 52 -2.42 44.21 33.37
N ALA D 53 -3.42 45.08 33.21
CA ALA D 53 -4.40 45.33 34.25
C ALA D 53 -5.48 44.26 34.16
N SER D 54 -6.07 43.86 35.35
CA SER D 54 -6.95 42.68 35.35
C SER D 54 -7.95 42.62 36.50
N SER D 55 -8.25 43.71 37.19
CA SER D 55 -9.23 43.70 38.26
C SER D 55 -10.21 44.87 38.10
N TYR D 56 -11.39 44.75 38.71
CA TYR D 56 -12.26 45.91 38.77
C TYR D 56 -11.53 47.11 39.39
N LEU D 57 -10.74 46.85 40.43
CA LEU D 57 -10.03 47.94 41.10
C LEU D 57 -9.13 48.68 40.13
N GLU D 58 -8.62 47.98 39.12
CA GLU D 58 -7.76 48.67 38.19
C GLU D 58 -8.50 49.42 37.09
N GLY D 59 -9.79 49.16 36.89
CA GLY D 59 -10.48 49.76 35.75
C GLY D 59 -11.07 48.79 34.75
N CYS D 60 -10.83 47.49 34.90
CA CYS D 60 -11.38 46.47 34.04
C CYS D 60 -12.85 46.21 34.35
N ASN D 61 -13.53 45.58 33.38
CA ASN D 61 -14.94 45.19 33.51
C ASN D 61 -15.01 43.68 33.51
N PHE D 62 -16.24 43.15 33.60
CA PHE D 62 -16.43 41.74 33.79
C PHE D 62 -15.89 40.91 32.63
N LEU D 63 -15.88 41.46 31.39
CA LEU D 63 -15.29 40.74 30.26
C LEU D 63 -13.75 40.67 30.29
N THR D 64 -13.06 41.66 30.89
CA THR D 64 -11.61 41.79 30.73
C THR D 64 -10.86 41.44 32.01
N VAL D 65 -11.59 41.43 33.11
CA VAL D 65 -11.11 40.94 34.38
C VAL D 65 -10.69 39.46 34.26
N ALA D 66 -9.62 39.07 34.97
CA ALA D 66 -9.10 37.70 35.01
C ALA D 66 -8.18 37.51 36.22
N VAL D 67 -8.08 36.28 36.70
CA VAL D 67 -6.95 35.83 37.51
C VAL D 67 -5.96 35.24 36.53
N SER D 68 -4.83 35.93 36.36
CA SER D 68 -3.89 35.55 35.33
C SER D 68 -2.84 34.58 35.85
N THR D 69 -2.25 33.84 34.89
CA THR D 69 -1.18 32.89 35.14
C THR D 69 0.10 33.56 35.64
N PRO D 70 0.92 32.81 36.40
CA PRO D 70 2.19 33.35 36.93
C PRO D 70 3.17 33.68 35.81
N ALA D 71 4.24 34.37 36.19
CA ALA D 71 5.26 34.74 35.22
C ALA D 71 5.95 33.49 34.69
N ASN D 72 6.47 33.57 33.47
CA ASN D 72 7.15 32.43 32.89
C ASN D 72 8.33 32.01 33.74
N SER D 73 9.06 32.99 34.28
CA SER D 73 10.12 32.75 35.23
C SER D 73 9.75 31.77 36.36
N MET D 74 8.49 31.78 36.81
CA MET D 74 8.11 30.85 37.87
C MET D 74 8.18 29.39 37.41
N GLY D 75 8.20 29.12 36.12
CA GLY D 75 8.29 27.73 35.75
C GLY D 75 7.03 27.01 36.18
N HIS D 76 7.17 25.74 36.54
CA HIS D 76 6.02 24.99 37.05
C HIS D 76 5.93 25.01 38.59
N SER D 77 6.53 26.00 39.25
CA SER D 77 6.51 26.09 40.71
C SER D 77 5.09 25.99 41.27
N LEU D 78 4.95 25.20 42.35
CA LEU D 78 3.65 25.08 42.99
C LEU D 78 3.19 26.43 43.53
N LEU D 79 4.15 27.29 43.89
CA LEU D 79 3.85 28.67 44.30
C LEU D 79 2.96 28.71 45.53
N LEU D 80 3.27 27.83 46.45
CA LEU D 80 2.68 27.83 47.77
C LEU D 80 3.00 29.14 48.48
N LEU D 81 2.08 29.57 49.31
CA LEU D 81 2.28 30.80 50.07
C LEU D 81 3.59 30.75 50.85
N TRP D 82 3.80 29.66 51.59
CA TRP D 82 4.94 29.50 52.49
C TRP D 82 6.21 29.07 51.76
N GLY D 83 6.17 29.06 50.42
CA GLY D 83 7.20 28.53 49.59
C GLY D 83 8.30 29.52 49.33
N PRO D 84 9.35 29.02 48.67
CA PRO D 84 10.56 29.81 48.44
C PRO D 84 10.35 31.03 47.56
N GLU D 85 9.20 31.14 46.91
CA GLU D 85 8.97 32.26 46.00
C GLU D 85 8.31 33.43 46.73
N ALA D 86 7.25 33.13 47.48
CA ALA D 86 6.55 34.18 48.21
C ALA D 86 7.01 34.33 49.66
N GLN D 87 7.71 33.34 50.21
CA GLN D 87 8.42 33.52 51.48
C GLN D 87 7.46 34.04 52.56
N GLY D 88 6.23 33.49 52.57
CA GLY D 88 5.20 33.85 53.53
C GLY D 88 4.44 35.16 53.28
N ASP D 89 4.91 36.02 52.39
CA ASP D 89 4.30 37.34 52.25
C ASP D 89 3.06 37.25 51.35
N PHE D 90 1.90 37.51 51.94
CA PHE D 90 0.64 37.42 51.18
C PHE D 90 0.61 38.34 50.00
N THR D 91 1.13 39.55 50.20
CA THR D 91 1.08 40.59 49.18
C THR D 91 1.92 40.21 47.99
N ARG D 92 3.15 39.77 48.23
CA ARG D 92 4.03 39.33 47.16
C ARG D 92 3.46 38.12 46.44
N TRP D 93 2.97 37.14 47.20
CA TRP D 93 2.30 35.98 46.62
C TRP D 93 1.29 36.40 45.55
N CYS D 94 0.39 37.31 45.90
CA CYS D 94 -0.64 37.73 44.95
C CYS D 94 0.01 38.34 43.70
N GLN D 95 1.05 39.14 43.91
CA GLN D 95 1.69 39.81 42.80
C GLN D 95 2.49 38.86 41.92
N LEU D 96 2.78 37.67 42.41
CA LEU D 96 3.52 36.69 41.63
C LEU D 96 2.62 35.73 40.87
N GLY D 97 1.30 35.85 41.01
CA GLY D 97 0.36 34.91 40.44
C GLY D 97 0.02 33.74 41.33
N GLY D 98 0.46 33.76 42.60
CA GLY D 98 0.08 32.76 43.57
C GLY D 98 -1.39 32.36 43.52
N LEU D 99 -2.31 33.29 43.21
CA LEU D 99 -3.70 32.85 43.26
C LEU D 99 -4.06 31.95 42.09
N TRP D 100 -3.32 32.00 41.01
CA TRP D 100 -3.60 31.09 39.92
C TRP D 100 -3.42 29.64 40.35
N THR D 101 -2.28 29.32 40.98
CA THR D 101 -2.13 27.94 41.40
C THR D 101 -3.13 27.62 42.49
N PHE D 102 -3.49 28.62 43.30
CA PHE D 102 -4.45 28.42 44.38
C PHE D 102 -5.78 27.96 43.83
N ILE D 103 -6.26 28.69 42.81
CA ILE D 103 -7.55 28.41 42.22
C ILE D 103 -7.47 27.07 41.52
N ALA D 104 -6.43 26.89 40.73
CA ALA D 104 -6.34 25.69 39.93
C ALA D 104 -6.27 24.43 40.78
N LEU D 105 -5.50 24.43 41.89
CA LEU D 105 -5.38 23.21 42.71
C LEU D 105 -6.64 22.95 43.55
N HIS D 106 -7.12 23.96 44.30
CA HIS D 106 -8.40 23.77 44.99
C HIS D 106 -9.50 23.46 44.00
N GLY D 107 -9.40 23.98 42.79
CA GLY D 107 -10.33 23.58 41.77
C GLY D 107 -10.26 22.09 41.49
N ALA D 108 -9.06 21.59 41.20
CA ALA D 108 -8.87 20.18 40.88
C ALA D 108 -9.44 19.30 41.98
N PHE D 109 -9.12 19.64 43.23
CA PHE D 109 -9.52 18.80 44.36
C PHE D 109 -10.99 18.89 44.63
N GLY D 110 -11.57 20.05 44.27
CA GLY D 110 -12.98 20.24 44.42
C GLY D 110 -13.75 19.41 43.42
N LEU D 111 -13.22 19.31 42.20
CA LEU D 111 -13.85 18.47 41.20
C LEU D 111 -13.84 17.03 41.65
N ILE D 112 -12.73 16.58 42.23
CA ILE D 112 -12.69 15.25 42.83
C ILE D 112 -13.83 15.13 43.82
N GLY D 113 -13.86 16.06 44.79
CA GLY D 113 -14.93 16.08 45.79
C GLY D 113 -16.30 16.02 45.19
N PHE D 114 -16.53 16.81 44.14
CA PHE D 114 -17.84 16.80 43.51
C PHE D 114 -18.14 15.43 42.98
N MET D 115 -17.22 14.87 42.22
CA MET D 115 -17.48 13.55 41.65
C MET D 115 -17.63 12.49 42.74
N LEU D 116 -16.86 12.60 43.81
CA LEU D 116 -17.08 11.66 44.90
C LEU D 116 -18.43 11.89 45.52
N ARG D 117 -18.88 13.16 45.54
CA ARG D 117 -20.22 13.45 46.02
C ARG D 117 -21.28 12.72 45.19
N GLN D 118 -21.10 12.70 43.85
CA GLN D 118 -22.07 12.02 42.99
C GLN D 118 -22.03 10.53 43.26
N PHE D 119 -20.84 9.97 43.50
CA PHE D 119 -20.75 8.60 43.99
C PHE D 119 -21.44 8.44 45.34
N GLU D 120 -21.23 9.39 46.26
CA GLU D 120 -21.75 9.22 47.62
C GLU D 120 -23.26 9.27 47.64
N ILE D 121 -23.86 10.31 47.03
CA ILE D 121 -25.33 10.43 47.04
C ILE D 121 -25.98 9.26 46.31
N ALA D 122 -25.39 8.80 45.18
CA ALA D 122 -25.99 7.71 44.40
C ALA D 122 -26.02 6.40 45.19
N ARG D 123 -24.92 6.07 45.90
CA ARG D 123 -24.93 4.91 46.77
C ARG D 123 -26.04 4.97 47.83
N LEU D 124 -26.24 6.14 48.47
CA LEU D 124 -27.27 6.22 49.51
C LEU D 124 -28.68 6.10 48.93
N VAL D 125 -28.93 6.71 47.77
CA VAL D 125 -30.29 6.70 47.23
C VAL D 125 -30.59 5.42 46.49
N GLY D 126 -29.58 4.63 46.15
CA GLY D 126 -29.80 3.39 45.45
C GLY D 126 -30.01 3.52 43.96
N VAL D 127 -29.27 4.42 43.30
CA VAL D 127 -29.31 4.53 41.86
C VAL D 127 -27.94 4.19 41.27
N ARG D 128 -27.94 3.90 39.97
CA ARG D 128 -26.73 3.61 39.26
C ARG D 128 -25.90 4.89 39.10
N PRO D 129 -24.58 4.77 39.06
CA PRO D 129 -23.74 5.97 39.19
C PRO D 129 -23.38 6.67 37.89
N TYR D 130 -24.31 6.69 36.91
CA TYR D 130 -23.98 7.19 35.57
C TYR D 130 -23.78 8.70 35.53
N ASN D 131 -24.43 9.44 36.42
CA ASN D 131 -24.14 10.89 36.50
C ASN D 131 -22.69 11.13 36.89
N ALA D 132 -22.16 10.34 37.85
CA ALA D 132 -20.75 10.44 38.20
C ALA D 132 -19.84 10.09 37.01
N ILE D 133 -20.18 9.04 36.27
CA ILE D 133 -19.32 8.70 35.14
C ILE D 133 -19.32 9.82 34.12
N ALA D 134 -20.52 10.32 33.75
CA ALA D 134 -20.57 11.44 32.81
C ALA D 134 -19.64 12.58 33.27
N PHE D 135 -19.54 12.82 34.58
CA PHE D 135 -18.75 13.97 35.05
C PHE D 135 -17.25 13.82 34.80
N SER D 136 -16.79 12.63 34.42
CA SER D 136 -15.40 12.47 34.01
C SER D 136 -15.08 13.32 32.78
N ALA D 137 -16.05 13.54 31.89
CA ALA D 137 -15.78 14.38 30.73
C ALA D 137 -15.33 15.78 31.14
N PRO D 138 -16.04 16.52 31.99
CA PRO D 138 -15.47 17.78 32.48
C PRO D 138 -14.10 17.63 33.18
N ILE D 139 -13.94 16.63 34.02
CA ILE D 139 -12.69 16.48 34.74
C ILE D 139 -11.53 16.36 33.77
N ALA D 140 -11.66 15.47 32.77
CA ALA D 140 -10.60 15.30 31.77
C ALA D 140 -10.25 16.61 31.07
N VAL D 141 -11.27 17.39 30.68
CA VAL D 141 -11.00 18.69 30.04
C VAL D 141 -10.23 19.57 30.99
N PHE D 142 -10.69 19.66 32.23
CA PHE D 142 -10.03 20.56 33.15
C PHE D 142 -8.56 20.17 33.34
N VAL D 143 -8.29 18.89 33.61
CA VAL D 143 -6.91 18.51 33.91
C VAL D 143 -6.06 18.63 32.67
N SER D 144 -6.64 18.40 31.48
CA SER D 144 -5.77 18.46 30.32
C SER D 144 -5.48 19.90 29.94
N VAL D 145 -6.45 20.81 30.05
CA VAL D 145 -6.19 22.18 29.60
C VAL D 145 -5.45 22.95 30.70
N PHE D 146 -5.91 22.86 31.95
CA PHE D 146 -5.25 23.66 32.98
C PHE D 146 -3.99 23.03 33.61
N LEU D 147 -3.85 21.71 33.70
CA LEU D 147 -2.64 21.15 34.32
C LEU D 147 -1.70 20.54 33.31
N ILE D 148 -2.17 19.58 32.51
CA ILE D 148 -1.26 18.83 31.68
C ILE D 148 -0.62 19.73 30.63
N TYR D 149 -1.42 20.67 30.07
CA TYR D 149 -0.95 21.41 28.91
C TYR D 149 0.21 22.31 29.27
N PRO D 150 0.13 23.16 30.30
CA PRO D 150 1.30 23.96 30.66
C PRO D 150 2.45 23.09 31.22
N LEU D 151 2.16 22.02 31.96
CA LEU D 151 3.24 21.13 32.44
C LEU D 151 4.08 20.58 31.30
N GLY D 152 3.49 20.46 30.10
CA GLY D 152 4.22 20.10 28.91
C GLY D 152 5.02 21.23 28.36
N GLN D 153 4.63 22.47 28.69
CA GLN D 153 5.21 23.67 28.09
C GLN D 153 6.33 24.22 28.97
N SER D 154 6.74 25.46 28.73
CA SER D 154 7.81 26.01 29.54
C SER D 154 7.35 26.31 30.96
N SER D 155 6.06 26.55 31.17
CA SER D 155 5.62 27.05 32.46
C SER D 155 4.09 27.19 32.56
N TRP D 156 3.64 27.51 33.77
CA TRP D 156 2.23 27.82 33.98
C TRP D 156 1.81 29.02 33.16
N PHE D 157 2.74 29.87 32.77
CA PHE D 157 2.39 31.12 32.13
C PHE D 157 1.45 30.93 30.94
N PHE D 158 1.53 29.76 30.29
CA PHE D 158 0.95 29.48 28.99
C PHE D 158 -0.32 28.64 29.11
N ALA D 159 -0.73 28.34 30.34
CA ALA D 159 -2.04 27.82 30.60
C ALA D 159 -3.08 28.93 30.40
N PRO D 160 -4.38 28.60 30.42
CA PRO D 160 -5.41 29.66 30.42
C PRO D 160 -5.37 30.46 31.71
N SER D 161 -5.47 31.79 31.57
CA SER D 161 -5.80 32.64 32.71
C SER D 161 -7.30 32.62 32.97
N PHE D 162 -7.68 32.69 34.25
CA PHE D 162 -9.07 32.52 34.62
C PHE D 162 -9.85 33.84 34.35
N GLY D 163 -10.47 33.93 33.19
CA GLY D 163 -11.21 35.15 32.82
C GLY D 163 -11.74 35.15 31.40
N VAL D 164 -12.72 35.99 31.12
CA VAL D 164 -13.55 35.80 29.92
C VAL D 164 -12.74 36.12 28.68
N ALA D 165 -12.25 37.34 28.61
CA ALA D 165 -11.40 37.72 27.50
C ALA D 165 -10.06 36.98 27.54
N ALA D 166 -9.56 36.66 28.73
CA ALA D 166 -8.28 35.93 28.81
C ALA D 166 -8.40 34.57 28.13
N ILE D 167 -9.51 33.88 28.38
CA ILE D 167 -9.85 32.64 27.68
C ILE D 167 -10.05 32.86 26.18
N PHE D 168 -10.61 34.02 25.78
CA PHE D 168 -10.73 34.35 24.36
C PHE D 168 -9.35 34.45 23.71
N ARG D 169 -8.41 35.12 24.37
CA ARG D 169 -7.02 35.12 23.92
C ARG D 169 -6.45 33.69 23.79
N PHE D 170 -6.88 32.77 24.64
CA PHE D 170 -6.32 31.41 24.61
C PHE D 170 -6.82 30.69 23.38
N LEU D 171 -8.08 30.96 22.99
CA LEU D 171 -8.65 30.37 21.77
C LEU D 171 -7.90 30.83 20.54
N LEU D 172 -7.51 32.10 20.49
CA LEU D 172 -6.78 32.62 19.35
C LEU D 172 -5.35 32.13 19.36
N PHE D 173 -4.76 32.02 20.54
CA PHE D 173 -3.42 31.47 20.64
C PHE D 173 -3.39 30.09 19.99
N PHE D 174 -4.36 29.26 20.31
CA PHE D 174 -4.24 27.90 19.79
C PHE D 174 -4.43 27.85 18.30
N GLN D 175 -5.14 28.84 17.71
CA GLN D 175 -5.29 28.90 16.26
C GLN D 175 -3.98 29.31 15.60
N GLY D 176 -3.38 30.40 16.05
CA GLY D 176 -2.14 30.86 15.45
C GLY D 176 -0.93 29.94 15.64
N PHE D 177 -0.81 29.32 16.83
CA PHE D 177 0.41 28.56 17.13
C PHE D 177 0.28 27.05 16.93
N HIS D 178 -0.88 26.49 17.26
CA HIS D 178 -1.16 25.07 17.13
C HIS D 178 -2.03 24.70 15.95
N ASN D 179 -2.75 25.66 15.33
CA ASN D 179 -3.66 25.35 14.24
C ASN D 179 -4.61 24.29 14.72
N TRP D 180 -5.19 24.57 15.86
CA TRP D 180 -6.00 23.62 16.61
C TRP D 180 -7.28 23.24 15.88
N THR D 181 -7.85 24.17 15.07
CA THR D 181 -9.07 23.85 14.33
C THR D 181 -8.82 22.69 13.36
N LEU D 182 -7.62 22.57 12.83
CA LEU D 182 -7.27 21.47 11.92
C LEU D 182 -7.07 20.12 12.62
N ASN D 183 -7.19 20.06 13.95
CA ASN D 183 -6.86 18.83 14.66
C ASN D 183 -8.08 17.94 14.75
N PRO D 184 -8.00 16.71 14.25
CA PRO D 184 -9.17 15.83 14.28
C PRO D 184 -9.67 15.51 15.70
N PHE D 185 -8.83 15.60 16.73
CA PHE D 185 -9.36 15.39 18.06
C PHE D 185 -10.24 16.54 18.53
N HIS D 186 -9.98 17.79 18.05
CA HIS D 186 -10.90 18.90 18.31
C HIS D 186 -12.18 18.75 17.49
N MET D 187 -12.05 18.38 16.23
CA MET D 187 -13.22 18.20 15.38
C MET D 187 -14.16 17.19 16.01
N MET D 188 -13.61 16.12 16.64
CA MET D 188 -14.51 15.16 17.29
C MET D 188 -15.16 15.80 18.52
N GLY D 189 -14.42 16.70 19.17
CA GLY D 189 -15.02 17.46 20.25
C GLY D 189 -16.19 18.30 19.77
N VAL D 190 -15.99 19.03 18.67
CA VAL D 190 -17.05 19.88 18.11
C VAL D 190 -18.27 19.04 17.77
N ALA D 191 -18.09 17.91 17.09
CA ALA D 191 -19.24 17.12 16.73
C ALA D 191 -19.97 16.60 17.96
N GLY D 192 -19.27 16.38 19.09
CA GLY D 192 -19.93 15.98 20.33
C GLY D 192 -20.64 17.07 21.11
N VAL D 193 -20.07 18.25 21.15
CA VAL D 193 -20.73 19.35 21.83
C VAL D 193 -21.98 19.78 21.04
N LEU D 194 -21.82 20.05 19.76
CA LEU D 194 -22.92 20.44 18.90
C LEU D 194 -23.90 19.31 18.71
N GLY D 195 -23.39 18.08 18.61
CA GLY D 195 -24.28 16.95 18.59
C GLY D 195 -25.10 16.86 19.87
N GLY D 196 -24.45 17.07 21.03
CA GLY D 196 -25.20 17.10 22.28
C GLY D 196 -26.30 18.16 22.25
N ALA D 197 -25.95 19.37 21.81
CA ALA D 197 -26.90 20.47 21.82
C ALA D 197 -28.06 20.13 20.88
N LEU D 198 -27.73 19.59 19.70
CA LEU D 198 -28.76 19.05 18.81
C LEU D 198 -29.66 18.08 19.55
N LEU D 199 -29.06 17.03 20.11
CA LEU D 199 -29.84 15.99 20.77
C LEU D 199 -30.70 16.61 21.87
N CYS D 200 -30.12 17.49 22.66
CA CYS D 200 -30.84 18.17 23.72
C CYS D 200 -32.11 18.86 23.17
N ALA D 201 -31.95 19.78 22.20
CA ALA D 201 -33.13 20.46 21.61
C ALA D 201 -34.14 19.49 21.01
N ILE D 202 -33.69 18.51 20.23
CA ILE D 202 -34.61 17.69 19.45
C ILE D 202 -35.41 16.74 20.32
N HIS D 203 -34.81 16.27 21.43
CA HIS D 203 -35.52 15.37 22.31
C HIS D 203 -36.47 16.16 23.19
N GLY D 204 -36.07 17.33 23.67
CA GLY D 204 -37.03 18.18 24.39
C GLY D 204 -38.23 18.59 23.52
N ALA D 205 -37.98 18.89 22.24
CA ALA D 205 -39.08 19.36 21.39
C ALA D 205 -39.98 18.21 20.93
N THR D 206 -39.43 17.03 20.75
CA THR D 206 -40.25 15.88 20.41
C THR D 206 -41.21 15.55 21.52
N VAL D 207 -40.72 15.42 22.74
CA VAL D 207 -41.59 15.10 23.87
C VAL D 207 -42.71 16.14 23.98
N GLU D 208 -42.35 17.41 23.93
CA GLU D 208 -43.31 18.47 24.05
C GLU D 208 -44.38 18.47 22.94
N ASN D 209 -44.15 17.78 21.81
CA ASN D 209 -45.11 17.77 20.71
C ASN D 209 -45.61 16.38 20.38
N THR D 210 -45.46 15.45 21.32
CA THR D 210 -46.05 14.13 21.23
C THR D 210 -46.78 13.83 22.50
N LEU D 211 -47.03 14.86 23.30
CA LEU D 211 -47.73 14.72 24.58
C LEU D 211 -49.12 14.13 24.42
N PHE D 212 -49.49 13.34 25.41
CA PHE D 212 -50.86 12.90 25.60
C PHE D 212 -51.69 14.03 26.21
N GLN D 213 -52.98 14.01 25.93
CA GLN D 213 -53.85 15.01 26.54
C GLN D 213 -54.40 14.41 27.83
N ASP D 214 -53.78 14.78 28.95
CA ASP D 214 -54.18 14.26 30.25
C ASP D 214 -54.85 15.32 31.13
N GLY D 215 -54.89 16.57 30.68
CA GLY D 215 -55.68 17.60 31.33
C GLY D 215 -56.59 18.30 30.34
N GLU D 216 -57.49 19.12 30.88
CA GLU D 216 -58.44 19.85 30.04
C GLU D 216 -57.92 21.19 29.55
N GLY D 217 -56.97 21.81 30.26
CA GLY D 217 -56.57 23.16 29.97
C GLY D 217 -55.39 23.27 29.02
N ALA D 218 -55.17 24.51 28.55
CA ALA D 218 -54.17 24.75 27.51
C ALA D 218 -52.71 24.72 28.01
N SER D 219 -52.44 24.85 29.31
CA SER D 219 -51.11 24.59 29.85
C SER D 219 -50.92 23.09 30.08
N THR D 220 -50.19 22.44 29.18
CA THR D 220 -49.92 21.01 29.23
C THR D 220 -49.05 20.60 30.43
N PHE D 221 -48.40 21.54 31.12
CA PHE D 221 -47.56 21.20 32.28
C PHE D 221 -48.38 20.61 33.43
N ARG D 222 -49.48 21.26 33.80
CA ARG D 222 -50.33 20.79 34.89
C ARG D 222 -50.63 19.29 34.80
N ALA D 223 -50.70 18.74 33.60
CA ALA D 223 -51.24 17.40 33.40
C ALA D 223 -50.20 16.27 33.58
N PHE D 224 -49.03 16.56 34.14
CA PHE D 224 -48.09 15.51 34.54
C PHE D 224 -48.29 15.23 36.01
N ASN D 225 -48.08 13.97 36.40
CA ASN D 225 -47.95 13.63 37.82
C ASN D 225 -46.63 12.90 38.07
N PRO D 226 -45.77 13.38 38.96
CA PRO D 226 -44.45 12.75 39.10
C PRO D 226 -44.51 11.26 39.38
N THR D 227 -45.59 10.78 40.00
CA THR D 227 -45.67 9.38 40.42
C THR D 227 -46.33 8.45 39.41
N GLN D 228 -46.89 8.97 38.32
CA GLN D 228 -47.62 8.14 37.38
C GLN D 228 -46.69 7.15 36.69
N ALA D 229 -47.15 5.90 36.58
CA ALA D 229 -46.39 4.90 35.85
C ALA D 229 -46.52 5.11 34.36
N GLU D 230 -47.61 5.72 33.92
CA GLU D 230 -47.88 5.87 32.49
C GLU D 230 -46.95 6.91 31.89
N GLU D 231 -46.44 6.61 30.69
CA GLU D 231 -45.59 7.55 30.00
C GLU D 231 -46.42 8.74 29.56
N THR D 232 -45.75 9.88 29.38
CA THR D 232 -46.46 11.13 29.22
C THR D 232 -46.44 11.65 27.80
N TYR D 233 -45.60 11.11 26.95
CA TYR D 233 -45.69 11.35 25.52
C TYR D 233 -45.70 10.01 24.81
N SER D 234 -46.04 10.06 23.53
CA SER D 234 -46.17 8.85 22.73
C SER D 234 -44.86 8.53 22.04
N MET D 235 -44.17 7.47 22.49
CA MET D 235 -43.02 7.03 21.71
C MET D 235 -43.47 6.53 20.32
N VAL D 236 -44.67 5.98 20.20
CA VAL D 236 -45.10 5.50 18.88
C VAL D 236 -45.27 6.66 17.89
N THR D 237 -45.89 7.78 18.30
CA THR D 237 -46.09 8.86 17.34
C THR D 237 -44.79 9.62 17.07
N ALA D 238 -43.91 9.72 18.07
CA ALA D 238 -42.56 10.23 17.83
C ALA D 238 -41.79 9.37 16.84
N ASN D 239 -41.87 8.07 16.98
CA ASN D 239 -41.07 7.24 16.10
C ASN D 239 -41.58 7.34 14.68
N ARG D 240 -42.90 7.27 14.49
CA ARG D 240 -43.40 7.42 13.12
C ARG D 240 -43.08 8.79 12.54
N PHE D 241 -43.19 9.83 13.33
CA PHE D 241 -42.88 11.16 12.80
C PHE D 241 -41.47 11.21 12.21
N TRP D 242 -40.48 10.82 13.00
CA TRP D 242 -39.10 11.00 12.56
C TRP D 242 -38.72 9.97 11.52
N SER D 243 -39.33 8.79 11.53
CA SER D 243 -39.04 7.83 10.47
C SER D 243 -39.41 8.41 9.13
N GLN D 244 -40.47 9.24 9.09
CA GLN D 244 -41.01 9.74 7.83
C GLN D 244 -40.44 11.08 7.42
N ILE D 245 -40.05 11.91 8.38
CA ILE D 245 -39.33 13.13 8.11
C ILE D 245 -37.89 12.86 7.76
N PHE D 246 -37.20 12.05 8.59
CA PHE D 246 -35.76 11.87 8.56
C PHE D 246 -35.32 10.48 8.14
N GLY D 247 -36.23 9.51 8.12
CA GLY D 247 -35.89 8.20 7.61
C GLY D 247 -35.61 7.18 8.70
N ILE D 248 -34.93 7.63 9.74
CA ILE D 248 -34.70 6.77 10.89
C ILE D 248 -35.13 7.56 12.09
N ALA D 249 -35.43 6.82 13.15
CA ALA D 249 -35.90 7.38 14.41
C ALA D 249 -35.55 6.39 15.51
N PHE D 250 -35.49 6.90 16.73
CA PHE D 250 -35.34 6.03 17.88
C PHE D 250 -36.59 5.17 18.02
N SER D 251 -36.37 3.93 18.51
CA SER D 251 -37.44 3.04 18.96
C SER D 251 -37.32 2.58 20.40
N ASN D 252 -36.18 2.85 21.05
CA ASN D 252 -35.83 2.30 22.36
C ASN D 252 -35.42 3.43 23.29
N LYS D 253 -36.25 3.67 24.31
CA LYS D 253 -36.09 4.83 25.18
C LYS D 253 -34.80 4.74 26.00
N ARG D 254 -34.39 3.52 26.36
CA ARG D 254 -33.15 3.35 27.11
C ARG D 254 -31.92 3.67 26.24
N TRP D 255 -31.90 3.17 25.02
CA TRP D 255 -30.81 3.52 24.11
C TRP D 255 -30.79 5.02 23.82
N LEU D 256 -31.97 5.62 23.61
CA LEU D 256 -32.05 7.06 23.40
C LEU D 256 -31.36 7.82 24.52
N HIS D 257 -31.76 7.57 25.77
CA HIS D 257 -31.21 8.38 26.83
C HIS D 257 -29.76 8.03 27.10
N PHE D 258 -29.38 6.76 26.92
CA PHE D 258 -27.96 6.43 27.02
C PHE D 258 -27.15 7.13 25.93
N PHE D 259 -27.74 7.28 24.73
CA PHE D 259 -27.03 7.97 23.65
C PHE D 259 -26.85 9.45 23.97
N MET D 260 -27.73 10.03 24.78
CA MET D 260 -27.58 11.43 25.18
C MET D 260 -26.45 11.59 26.16
N LEU D 261 -26.25 10.58 26.98
CA LEU D 261 -25.05 10.53 27.81
C LEU D 261 -23.80 10.36 26.97
N PHE D 262 -23.85 9.44 25.99
CA PHE D 262 -22.63 8.99 25.33
C PHE D 262 -22.01 10.10 24.48
N VAL D 263 -22.85 10.87 23.77
CA VAL D 263 -22.39 11.73 22.67
C VAL D 263 -21.57 12.89 23.21
N PRO D 264 -22.06 13.68 24.15
CA PRO D 264 -21.24 14.81 24.63
C PRO D 264 -20.09 14.38 25.54
N VAL D 265 -20.28 13.30 26.30
CA VAL D 265 -19.20 12.80 27.16
C VAL D 265 -18.01 12.41 26.32
N THR D 266 -18.26 11.69 25.23
CA THR D 266 -17.16 11.18 24.40
C THR D 266 -16.44 12.29 23.66
N GLY D 267 -17.19 13.29 23.15
CA GLY D 267 -16.55 14.38 22.46
C GLY D 267 -15.61 15.16 23.34
N LEU D 268 -16.01 15.45 24.57
CA LEU D 268 -15.07 16.10 25.48
C LEU D 268 -13.85 15.22 25.69
N TRP D 269 -14.05 13.91 25.79
CA TRP D 269 -12.90 13.03 26.02
C TRP D 269 -11.95 13.13 24.83
N MET D 270 -12.49 13.18 23.60
CA MET D 270 -11.59 13.21 22.45
C MET D 270 -10.79 14.51 22.40
N SER D 271 -11.42 15.63 22.75
CA SER D 271 -10.69 16.90 22.73
C SER D 271 -9.61 16.92 23.82
N ALA D 272 -9.87 16.30 24.98
CA ALA D 272 -8.85 16.20 26.03
C ALA D 272 -7.57 15.56 25.48
N ILE D 273 -7.72 14.44 24.79
CA ILE D 273 -6.60 13.78 24.13
C ILE D 273 -5.86 14.74 23.21
N GLY D 274 -6.58 15.48 22.38
CA GLY D 274 -5.90 16.40 21.47
C GLY D 274 -5.06 17.40 22.23
N VAL D 275 -5.64 18.06 23.23
CA VAL D 275 -4.89 19.06 23.97
C VAL D 275 -3.65 18.43 24.63
N VAL D 276 -3.74 17.16 25.00
CA VAL D 276 -2.58 16.45 25.53
C VAL D 276 -1.46 16.42 24.52
N GLY D 277 -1.76 16.06 23.26
CA GLY D 277 -0.80 16.24 22.19
C GLY D 277 -0.17 17.62 22.18
N LEU D 278 -0.99 18.67 22.38
CA LEU D 278 -0.48 20.04 22.24
C LEU D 278 0.40 20.47 23.40
N ALA D 279 0.21 19.88 24.59
CA ALA D 279 1.21 20.02 25.64
C ALA D 279 2.62 19.94 25.09
N LEU D 280 2.82 19.08 24.08
CA LEU D 280 4.11 18.73 23.54
C LEU D 280 4.41 19.37 22.21
N ASN D 281 3.57 20.31 21.77
CA ASN D 281 3.66 20.84 20.41
C ASN D 281 3.50 19.73 19.37
N LEU D 282 2.84 18.64 19.72
CA LEU D 282 2.49 17.63 18.73
C LEU D 282 1.16 18.03 18.06
N ARG D 283 1.26 18.95 17.12
CA ARG D 283 0.11 19.53 16.44
C ARG D 283 -0.22 18.76 15.17
N SER D 284 -1.48 18.81 14.77
CA SER D 284 -1.78 18.59 13.35
C SER D 284 -1.80 19.97 12.70
N TYR D 285 -0.58 20.47 12.45
CA TYR D 285 -0.40 21.81 11.92
C TYR D 285 -0.39 21.85 10.41
N ASP D 286 0.20 20.84 9.75
CA ASP D 286 0.40 20.88 8.32
C ASP D 286 -0.02 19.56 7.66
N PHE D 287 -0.21 19.66 6.35
CA PHE D 287 -0.38 18.56 5.41
C PHE D 287 0.82 18.67 4.48
N ILE D 288 1.69 17.68 4.51
CA ILE D 288 2.98 17.80 3.88
C ILE D 288 2.82 17.87 2.38
N SER D 289 1.95 17.04 1.85
CA SER D 289 1.72 17.02 0.42
C SER D 289 1.37 18.42 -0.09
N GLN D 290 0.56 19.16 0.68
CA GLN D 290 0.16 20.50 0.27
C GLN D 290 1.36 21.44 0.20
N GLU D 291 2.23 21.39 1.22
CA GLU D 291 3.37 22.30 1.27
C GLU D 291 4.34 22.06 0.13
N ILE D 292 4.69 20.79 -0.13
CA ILE D 292 5.56 20.47 -1.26
C ILE D 292 5.00 21.08 -2.57
N ARG D 293 3.73 20.86 -2.88
CA ARG D 293 3.15 21.41 -4.12
C ARG D 293 3.18 22.95 -4.13
N ALA D 294 2.66 23.58 -3.09
CA ALA D 294 2.65 25.03 -3.06
C ALA D 294 4.05 25.64 -3.13
N ALA D 295 5.05 24.99 -2.54
CA ALA D 295 6.42 25.50 -2.64
C ALA D 295 6.88 25.50 -4.09
N GLU D 296 6.50 24.47 -4.83
CA GLU D 296 6.99 24.30 -6.19
C GLU D 296 6.12 24.99 -7.24
N ASP D 297 4.87 25.35 -6.87
CA ASP D 297 3.80 25.74 -7.80
C ASP D 297 3.13 26.96 -7.21
N PRO D 298 3.56 28.16 -7.60
CA PRO D 298 2.98 29.36 -7.00
C PRO D 298 1.57 29.69 -7.49
N GLU D 299 1.00 28.91 -8.38
CA GLU D 299 -0.39 29.15 -8.76
C GLU D 299 -1.33 28.31 -7.91
N PHE D 300 -0.77 27.47 -7.05
CA PHE D 300 -1.54 26.49 -6.29
C PHE D 300 -1.92 27.12 -4.96
N GLU D 301 -3.24 27.32 -4.73
CA GLU D 301 -3.78 27.97 -3.53
C GLU D 301 -5.04 27.25 -3.09
N THR D 302 -5.17 27.06 -1.79
CA THR D 302 -6.33 26.45 -1.19
C THR D 302 -6.67 27.24 0.05
N PHE D 303 -7.78 26.89 0.65
CA PHE D 303 -8.10 27.45 1.96
C PHE D 303 -7.11 26.98 3.04
N TYR D 304 -6.47 25.83 2.84
CA TYR D 304 -5.44 25.39 3.78
C TYR D 304 -4.24 26.37 3.80
N THR D 305 -3.72 26.74 2.63
CA THR D 305 -2.68 27.75 2.57
C THR D 305 -3.17 29.13 3.04
N LYS D 306 -4.43 29.48 2.77
CA LYS D 306 -4.82 30.81 3.20
C LYS D 306 -4.86 30.87 4.72
N ASN D 307 -5.32 29.81 5.35
CA ASN D 307 -5.44 29.88 6.80
C ASN D 307 -4.06 29.98 7.49
N LEU D 308 -2.99 29.54 6.83
CA LEU D 308 -1.68 29.56 7.52
C LEU D 308 -1.06 30.93 7.45
N LEU D 309 -1.29 31.63 6.33
CA LEU D 309 -1.02 33.07 6.29
C LEU D 309 -1.66 33.78 7.48
N LEU D 310 -2.94 33.50 7.77
CA LEU D 310 -3.58 34.11 8.92
C LEU D 310 -2.90 33.71 10.22
N ASN D 311 -2.63 32.42 10.39
CA ASN D 311 -1.83 31.98 11.54
C ASN D 311 -0.51 32.72 11.65
N GLU D 312 0.17 32.91 10.54
CA GLU D 312 1.42 33.66 10.51
C GLU D 312 1.22 35.10 10.91
N GLY D 313 0.08 35.70 10.52
CA GLY D 313 -0.23 37.05 10.97
C GLY D 313 -0.39 37.13 12.47
N ILE D 314 -1.14 36.20 13.03
CA ILE D 314 -1.40 36.17 14.46
C ILE D 314 -0.12 36.01 15.27
N ARG D 315 0.74 35.08 14.86
CA ARG D 315 1.93 34.84 15.65
C ARG D 315 2.76 36.12 15.75
N ALA D 316 3.03 36.79 14.61
CA ALA D 316 4.02 37.88 14.70
C ALA D 316 3.45 39.13 15.33
N TRP D 317 2.13 39.29 15.31
CA TRP D 317 1.50 40.52 15.76
C TRP D 317 1.15 40.47 17.24
N MET D 318 0.80 39.30 17.74
CA MET D 318 0.47 39.19 19.13
C MET D 318 1.64 38.78 20.03
N ALA D 319 2.73 38.22 19.49
CA ALA D 319 3.72 37.56 20.35
C ALA D 319 4.45 38.52 21.27
N PRO D 320 4.98 39.64 20.81
CA PRO D 320 5.74 40.50 21.73
C PRO D 320 4.96 40.93 22.96
N GLN D 321 3.73 41.41 22.78
CA GLN D 321 2.86 41.78 23.89
C GLN D 321 2.40 40.57 24.69
N ASP D 322 2.08 39.47 24.02
CA ASP D 322 1.54 38.29 24.71
C ASP D 322 2.59 37.49 25.48
N GLN D 323 3.88 37.57 25.08
CA GLN D 323 4.98 36.85 25.73
C GLN D 323 6.04 37.86 26.15
N PRO D 324 5.75 38.68 27.17
CA PRO D 324 6.63 39.85 27.43
C PRO D 324 8.04 39.45 27.79
N HIS D 325 8.18 38.27 28.39
CA HIS D 325 9.46 37.80 28.93
C HIS D 325 10.42 37.39 27.84
N GLU D 326 9.95 37.30 26.59
CA GLU D 326 10.82 36.93 25.49
C GLU D 326 11.50 38.14 24.86
N ASN D 327 11.31 39.35 25.42
CA ASN D 327 11.66 40.61 24.77
C ASN D 327 11.70 40.57 23.25
N PHE D 328 10.62 40.11 22.65
CA PHE D 328 10.51 40.14 21.20
C PHE D 328 10.51 41.57 20.72
N VAL D 329 11.39 41.90 19.79
CA VAL D 329 11.34 43.21 19.13
C VAL D 329 11.28 42.98 17.64
N PHE D 330 10.14 43.32 17.05
CA PHE D 330 9.86 43.06 15.64
C PHE D 330 9.76 44.41 14.96
N PRO D 331 10.83 44.95 14.37
CA PRO D 331 10.68 46.23 13.67
C PRO D 331 9.67 46.05 12.54
N GLU D 332 9.08 47.17 12.13
CA GLU D 332 7.96 47.15 11.20
C GLU D 332 8.27 46.35 9.94
N GLU D 333 9.49 46.46 9.45
CA GLU D 333 9.75 45.90 8.15
C GLU D 333 9.57 44.39 8.16
N VAL D 334 9.76 43.73 9.30
CA VAL D 334 9.66 42.26 9.32
C VAL D 334 8.25 41.74 9.49
N LEU D 335 7.25 42.60 9.80
CA LEU D 335 5.93 42.10 10.11
C LEU D 335 5.25 41.59 8.84
N PRO D 336 4.64 40.42 8.85
CA PRO D 336 3.90 40.00 7.64
C PRO D 336 2.63 40.83 7.54
N ARG D 337 2.40 41.38 6.34
CA ARG D 337 1.23 42.21 6.01
C ARG D 337 0.95 42.01 4.53
N GLY D 338 -0.34 41.91 4.18
CA GLY D 338 -0.76 42.02 2.81
C GLY D 338 -0.68 43.47 2.32
N ASN D 339 -1.05 43.65 1.07
CA ASN D 339 -1.14 44.95 0.44
C ASN D 339 -2.05 45.91 1.20
N ALA D 340 -1.60 47.16 1.32
CA ALA D 340 -2.34 48.31 1.82
C ALA D 340 -2.65 48.20 3.32
N LEU D 341 -3.16 47.05 3.75
CA LEU D 341 -3.49 46.86 5.16
C LEU D 341 -2.28 46.80 6.11
N THR E 2 -39.30 20.45 53.43
CA THR E 2 -39.60 19.12 53.94
C THR E 2 -38.46 18.58 54.84
N THR E 3 -37.30 19.27 54.88
CA THR E 3 -36.15 18.81 55.65
C THR E 3 -36.10 19.37 57.07
N GLY E 4 -37.05 20.21 57.48
CA GLY E 4 -37.13 20.65 58.86
C GLY E 4 -36.55 22.03 59.14
N GLU E 5 -35.70 22.57 58.27
CA GLU E 5 -35.29 23.96 58.38
C GLU E 5 -36.50 24.87 58.16
N ARG E 6 -36.32 26.20 58.47
CA ARG E 6 -37.43 27.15 58.33
C ARG E 6 -37.48 27.70 56.91
N PRO E 7 -38.65 27.72 56.27
CA PRO E 7 -38.71 28.06 54.85
C PRO E 7 -38.34 29.51 54.55
N PHE E 8 -37.66 29.69 53.42
CA PHE E 8 -37.11 30.99 53.03
C PHE E 8 -38.21 32.03 52.86
N SER E 9 -39.31 31.66 52.19
CA SER E 9 -40.42 32.59 51.96
C SER E 9 -40.97 33.14 53.25
N ASP E 10 -40.75 32.45 54.36
CA ASP E 10 -41.24 32.89 55.66
C ASP E 10 -40.22 33.71 56.42
N ILE E 11 -38.93 33.52 56.15
CA ILE E 11 -37.89 34.27 56.86
C ILE E 11 -37.82 35.72 56.39
N ILE E 12 -38.10 35.99 55.13
CA ILE E 12 -37.83 37.30 54.57
C ILE E 12 -39.10 38.10 54.38
N THR E 13 -40.22 37.57 54.87
CA THR E 13 -41.39 38.39 55.14
C THR E 13 -41.50 38.78 56.60
N SER E 14 -40.60 38.28 57.46
CA SER E 14 -40.73 38.42 58.89
C SER E 14 -40.14 39.73 59.37
N VAL E 15 -40.72 40.28 60.43
CA VAL E 15 -40.23 41.57 60.92
C VAL E 15 -38.81 41.41 61.45
N ARG E 16 -38.61 40.39 62.27
CA ARG E 16 -37.32 40.16 62.91
C ARG E 16 -36.20 40.08 61.87
N TYR E 17 -36.39 39.30 60.83
CA TYR E 17 -35.39 39.20 59.78
C TYR E 17 -35.01 40.58 59.23
N TRP E 18 -36.01 41.34 58.77
CA TRP E 18 -35.69 42.64 58.21
C TRP E 18 -35.19 43.64 59.25
N VAL E 19 -35.45 43.38 60.53
CA VAL E 19 -34.93 44.24 61.59
C VAL E 19 -33.42 44.00 61.79
N ILE E 20 -32.96 42.76 61.65
CA ILE E 20 -31.52 42.56 61.73
CA ILE E 20 -31.52 42.53 61.72
C ILE E 20 -30.86 42.96 60.42
N HIS E 21 -31.46 42.63 59.27
CA HIS E 21 -30.70 42.75 58.05
C HIS E 21 -30.74 44.12 57.43
N SER E 22 -31.72 44.94 57.80
CA SER E 22 -31.63 46.35 57.49
C SER E 22 -30.48 47.04 58.21
N ILE E 23 -29.80 46.36 59.12
CA ILE E 23 -28.54 46.85 59.69
C ILE E 23 -27.33 46.14 59.08
N THR E 24 -27.39 44.80 59.00
CA THR E 24 -26.22 44.03 58.61
C THR E 24 -25.86 44.24 57.15
N ILE E 25 -26.85 44.53 56.29
CA ILE E 25 -26.58 44.64 54.86
C ILE E 25 -25.97 45.99 54.52
N PRO E 26 -26.37 47.09 55.13
CA PRO E 26 -25.67 48.35 54.80
C PRO E 26 -24.32 48.42 55.48
N ALA E 27 -24.19 47.79 56.64
CA ALA E 27 -22.89 47.72 57.32
C ALA E 27 -21.85 47.04 56.43
N LEU E 28 -22.22 45.93 55.79
CA LEU E 28 -21.31 45.26 54.89
C LEU E 28 -21.00 46.12 53.66
N PHE E 29 -22.04 46.71 53.04
CA PHE E 29 -21.82 47.57 51.88
C PHE E 29 -20.91 48.74 52.23
N ILE E 30 -21.18 49.39 53.37
CA ILE E 30 -20.30 50.45 53.85
C ILE E 30 -18.91 49.91 54.20
N ALA E 31 -18.84 48.73 54.83
CA ALA E 31 -17.54 48.19 55.21
C ALA E 31 -16.65 48.03 53.99
N GLY E 32 -17.17 47.42 52.92
CA GLY E 32 -16.38 47.18 51.73
C GLY E 32 -16.04 48.45 50.98
N TRP E 33 -17.01 49.35 50.84
CA TRP E 33 -16.73 50.69 50.37
C TRP E 33 -15.46 51.24 51.00
N LEU E 34 -15.44 51.25 52.33
CA LEU E 34 -14.32 51.85 53.05
C LEU E 34 -13.03 51.11 52.75
N PHE E 35 -13.09 49.78 52.62
CA PHE E 35 -11.94 49.01 52.21
C PHE E 35 -11.29 49.60 50.97
N VAL E 36 -12.10 50.17 50.07
CA VAL E 36 -11.60 50.83 48.87
C VAL E 36 -11.31 52.28 49.18
N SER E 37 -12.32 53.02 49.62
CA SER E 37 -12.15 54.47 49.77
C SER E 37 -10.98 54.84 50.64
N THR E 38 -10.57 53.95 51.54
CA THR E 38 -9.46 54.23 52.44
C THR E 38 -8.10 53.89 51.84
N GLY E 39 -8.06 53.12 50.75
CA GLY E 39 -6.83 52.68 50.14
C GLY E 39 -6.29 51.35 50.64
N LEU E 40 -6.91 50.75 51.65
CA LEU E 40 -6.36 49.54 52.23
C LEU E 40 -6.33 48.42 51.20
N ALA E 41 -7.29 48.39 50.28
CA ALA E 41 -7.34 47.30 49.30
C ALA E 41 -6.13 47.34 48.39
N TYR E 42 -5.71 48.53 47.99
CA TYR E 42 -4.47 48.66 47.22
C TYR E 42 -3.32 48.03 47.96
N ASP E 43 -3.25 48.26 49.28
CA ASP E 43 -2.05 47.88 50.02
C ASP E 43 -2.06 46.40 50.33
N VAL E 44 -3.20 45.88 50.79
CA VAL E 44 -3.32 44.48 51.16
C VAL E 44 -2.86 43.59 50.00
N PHE E 45 -3.16 44.02 48.78
CA PHE E 45 -3.07 43.18 47.60
C PHE E 45 -1.88 43.51 46.71
N GLY E 46 -1.23 44.63 46.88
CA GLY E 46 -0.13 44.98 46.00
C GLY E 46 -0.52 45.69 44.70
N THR E 47 -1.80 46.06 44.54
CA THR E 47 -2.22 46.53 43.24
C THR E 47 -1.79 47.98 43.00
N PRO E 48 -1.09 48.25 41.89
CA PRO E 48 -0.67 49.63 41.60
C PRO E 48 -1.82 50.62 41.47
N ARG E 49 -1.60 51.81 42.01
CA ARG E 49 -2.50 52.93 41.89
C ARG E 49 -2.27 53.59 40.55
N PRO E 50 -3.20 54.46 40.13
CA PRO E 50 -3.06 55.08 38.81
C PRO E 50 -1.74 55.78 38.57
N ASP E 51 -1.11 56.29 39.61
CA ASP E 51 0.14 57.01 39.43
C ASP E 51 1.37 56.12 39.52
N SER E 52 1.21 54.80 39.70
CA SER E 52 2.40 53.98 39.99
C SER E 52 2.43 52.66 39.22
N TYR E 53 1.93 52.67 37.98
CA TYR E 53 2.22 51.61 37.02
C TYR E 53 3.60 51.80 36.43
N TYR E 54 3.94 53.02 36.06
CA TYR E 54 5.25 53.32 35.54
C TYR E 54 5.94 54.38 36.39
N ALA E 55 7.24 54.33 36.38
CA ALA E 55 8.05 55.46 36.78
C ALA E 55 7.90 56.57 35.74
N GLN E 56 8.14 57.81 36.17
CA GLN E 56 7.64 58.96 35.44
C GLN E 56 8.02 58.92 33.96
N GLU E 57 9.30 58.83 33.69
CA GLU E 57 9.76 58.80 32.30
C GLU E 57 10.07 57.39 31.84
N GLN E 58 9.60 56.38 32.57
CA GLN E 58 9.82 54.98 32.26
C GLN E 58 8.68 54.47 31.40
N ARG E 59 9.01 53.64 30.40
CA ARG E 59 8.02 52.92 29.64
C ARG E 59 8.34 51.43 29.58
N SER E 60 8.75 50.88 30.72
CA SER E 60 9.14 49.48 30.84
C SER E 60 8.19 48.78 31.80
N ILE E 61 7.62 47.66 31.37
CA ILE E 61 6.94 46.85 32.38
C ILE E 61 7.97 46.38 33.38
N PRO E 62 7.69 46.44 34.68
CA PRO E 62 8.53 45.78 35.70
C PRO E 62 8.16 44.32 35.87
N LEU E 63 8.62 43.54 34.89
CA LEU E 63 8.30 42.13 34.73
C LEU E 63 9.23 41.25 35.57
N VAL E 64 8.65 40.35 36.36
CA VAL E 64 9.42 39.42 37.17
C VAL E 64 10.18 38.49 36.24
N THR E 65 11.49 38.35 36.47
CA THR E 65 12.33 37.55 35.59
C THR E 65 13.13 36.45 36.31
N ASP E 66 12.92 36.24 37.60
CA ASP E 66 13.69 35.31 38.42
C ASP E 66 12.71 34.62 39.33
N ARG E 67 12.98 33.35 39.62
CA ARG E 67 12.08 32.58 40.47
C ARG E 67 12.32 32.86 41.93
N PHE E 68 13.58 32.77 42.35
CA PHE E 68 13.91 32.80 43.77
C PHE E 68 14.38 34.16 44.27
N GLU E 69 14.72 35.08 43.36
CA GLU E 69 14.88 36.49 43.64
C GLU E 69 13.62 37.29 43.30
N ALA E 70 12.48 36.62 43.04
CA ALA E 70 11.30 37.31 42.51
C ALA E 70 10.77 38.35 43.50
N LYS E 71 10.61 37.94 44.76
CA LYS E 71 10.17 38.86 45.81
C LYS E 71 11.01 40.13 45.82
N GLN E 72 12.33 39.99 45.85
CA GLN E 72 13.19 41.16 45.91
C GLN E 72 13.10 41.96 44.60
N GLN E 73 12.80 41.29 43.49
CA GLN E 73 12.67 42.01 42.22
C GLN E 73 11.56 43.05 42.31
N VAL E 74 10.36 42.64 42.70
CA VAL E 74 9.27 43.62 42.66
C VAL E 74 9.54 44.73 43.66
N GLU E 75 10.14 44.38 44.82
CA GLU E 75 10.49 45.38 45.82
C GLU E 75 11.42 46.44 45.24
N THR E 76 12.32 46.05 44.34
CA THR E 76 13.23 47.00 43.72
C THR E 76 12.49 47.90 42.76
N PHE E 77 11.52 47.33 42.05
CA PHE E 77 10.73 48.16 41.16
C PHE E 77 9.99 49.21 41.96
N LEU E 78 9.39 48.81 43.07
CA LEU E 78 8.65 49.76 43.90
C LEU E 78 9.52 50.92 44.39
N GLU E 79 10.74 50.63 44.88
CA GLU E 79 11.63 51.71 45.29
C GLU E 79 12.05 52.59 44.11
N GLN E 80 11.93 52.09 42.87
CA GLN E 80 12.19 52.93 41.70
C GLN E 80 11.06 53.92 41.45
N LEU E 81 9.96 53.79 42.17
CA LEU E 81 8.85 54.72 42.15
C LEU E 81 8.88 55.68 43.34
N LYS E 82 9.79 55.47 44.29
CA LYS E 82 9.90 56.34 45.47
C LYS E 82 10.86 57.50 45.15
N SER F 1 -41.26 26.78 66.52
CA SER F 1 -40.18 25.86 66.84
C SER F 1 -39.46 25.37 65.58
N TYR F 2 -38.67 26.26 64.99
CA TYR F 2 -37.60 25.90 64.07
C TYR F 2 -36.26 26.25 64.70
N PRO F 3 -35.15 25.71 64.19
CA PRO F 3 -33.86 26.27 64.58
C PRO F 3 -33.54 27.51 63.77
N ILE F 4 -32.75 28.38 64.38
CA ILE F 4 -32.23 29.55 63.69
C ILE F 4 -30.90 29.22 63.01
N PHE F 5 -30.01 28.51 63.71
CA PHE F 5 -28.65 28.27 63.22
C PHE F 5 -28.52 26.83 62.73
N THR F 6 -28.52 26.68 61.41
CA THR F 6 -28.34 25.40 60.77
C THR F 6 -27.09 25.43 59.90
N VAL F 7 -26.71 24.23 59.46
CA VAL F 7 -25.80 24.10 58.33
C VAL F 7 -26.24 25.03 57.22
N ARG F 8 -27.55 25.05 56.92
CA ARG F 8 -28.04 25.89 55.84
C ARG F 8 -27.71 27.36 56.13
N TRP F 9 -28.03 27.82 57.33
CA TRP F 9 -27.62 29.14 57.77
C TRP F 9 -26.18 29.47 57.40
N VAL F 10 -25.26 28.55 57.73
CA VAL F 10 -23.83 28.78 57.50
C VAL F 10 -23.54 28.90 56.02
N ALA F 11 -23.98 27.90 55.25
CA ALA F 11 -23.79 27.95 53.81
C ALA F 11 -24.22 29.29 53.24
N VAL F 12 -25.42 29.75 53.65
CA VAL F 12 -26.02 30.98 53.13
C VAL F 12 -25.11 32.16 53.42
N HIS F 13 -24.79 32.36 54.69
CA HIS F 13 -23.99 33.51 55.11
C HIS F 13 -22.54 33.41 54.65
N THR F 14 -22.05 32.18 54.44
CA THR F 14 -20.72 31.98 53.89
C THR F 14 -20.55 32.68 52.54
N LEU F 15 -21.58 32.60 51.67
CA LEU F 15 -21.59 33.34 50.40
C LEU F 15 -22.06 34.78 50.57
N ALA F 16 -23.24 34.97 51.17
CA ALA F 16 -23.89 36.27 51.15
C ALA F 16 -23.03 37.36 51.79
N VAL F 17 -22.65 37.16 53.05
CA VAL F 17 -21.87 38.18 53.78
C VAL F 17 -20.84 38.83 52.85
N PRO F 18 -19.89 38.08 52.27
CA PRO F 18 -18.87 38.75 51.41
C PRO F 18 -19.38 39.24 50.06
N THR F 19 -20.50 38.71 49.56
CA THR F 19 -21.09 39.34 48.38
C THR F 19 -21.37 40.83 48.63
N ILE F 20 -22.25 41.13 49.58
CA ILE F 20 -22.61 42.52 49.87
C ILE F 20 -21.36 43.37 50.09
N PHE F 21 -20.41 42.84 50.81
CA PHE F 21 -19.18 43.58 51.06
C PHE F 21 -18.50 43.90 49.76
N PHE F 22 -18.38 42.89 48.89
CA PHE F 22 -17.72 43.07 47.60
C PHE F 22 -18.44 44.07 46.73
N LEU F 23 -19.79 44.01 46.74
CA LEU F 23 -20.60 45.04 46.11
C LEU F 23 -20.29 46.42 46.65
N GLY F 24 -19.97 46.53 47.94
CA GLY F 24 -19.60 47.81 48.48
C GLY F 24 -18.33 48.34 47.87
N ALA F 25 -17.28 47.50 47.85
CA ALA F 25 -16.01 47.88 47.26
C ALA F 25 -16.16 48.23 45.80
N ILE F 26 -16.93 47.43 45.05
CA ILE F 26 -17.03 47.72 43.63
C ILE F 26 -17.84 48.98 43.40
N ALA F 27 -18.82 49.27 44.25
CA ALA F 27 -19.56 50.53 44.18
C ALA F 27 -18.61 51.71 44.29
N ALA F 28 -17.84 51.76 45.39
CA ALA F 28 -16.84 52.80 45.60
C ALA F 28 -15.93 52.98 44.40
N MET F 29 -15.71 51.90 43.65
CA MET F 29 -14.67 51.94 42.64
C MET F 29 -15.07 52.80 41.46
N GLN F 30 -16.38 53.02 41.26
CA GLN F 30 -16.85 53.79 40.11
C GLN F 30 -16.50 55.25 40.22
N PHE F 31 -16.02 55.68 41.38
CA PHE F 31 -15.72 57.07 41.63
C PHE F 31 -14.25 57.33 41.64
N ILE F 32 -13.44 56.29 41.43
CA ILE F 32 -11.98 56.42 41.33
C ILE F 32 -11.69 57.16 40.04
N GLN F 33 -10.83 58.16 40.12
CA GLN F 33 -10.40 58.94 38.98
C GLN F 33 -8.90 58.77 38.78
N ARG F 34 -8.45 58.74 37.52
CA ARG F 34 -7.00 58.72 37.27
C ARG F 34 -6.43 60.12 37.49
N ALA G 1 -13.44 -31.77 39.83
CA ALA G 1 -12.34 -30.91 39.45
C ALA G 1 -11.07 -31.71 39.51
N ARG G 2 -10.04 -31.34 38.72
CA ARG G 2 -8.81 -32.13 38.63
C ARG G 2 -7.87 -31.84 39.80
N ARG G 3 -7.42 -32.90 40.43
CA ARG G 3 -6.31 -32.82 41.35
C ARG G 3 -5.02 -32.99 40.58
N THR G 4 -4.02 -32.20 40.93
CA THR G 4 -2.71 -32.44 40.37
C THR G 4 -1.70 -32.31 41.48
N TRP G 5 -0.58 -32.99 41.30
CA TRP G 5 0.52 -32.89 42.24
C TRP G 5 0.77 -31.45 42.67
N LEU G 6 0.90 -30.53 41.71
CA LEU G 6 1.16 -29.12 42.05
C LEU G 6 -0.03 -28.49 42.77
N GLY G 7 -1.24 -28.75 42.28
CA GLY G 7 -2.42 -28.27 42.96
C GLY G 7 -2.39 -28.56 44.42
N ASP G 8 -2.00 -29.79 44.77
CA ASP G 8 -2.07 -30.24 46.16
C ASP G 8 -1.06 -29.48 47.01
N ILE G 9 0.13 -29.26 46.47
CA ILE G 9 1.13 -28.45 47.15
C ILE G 9 0.64 -27.04 47.45
N LEU G 10 0.05 -26.34 46.45
CA LEU G 10 -0.38 -24.95 46.66
C LEU G 10 -1.68 -24.85 47.42
N ARG G 11 -2.38 -25.96 47.60
CA ARG G 11 -3.72 -25.95 48.19
C ARG G 11 -3.89 -25.00 49.37
N PRO G 12 -3.07 -25.01 50.42
CA PRO G 12 -3.41 -24.17 51.58
C PRO G 12 -3.24 -22.68 51.31
N LEU G 13 -2.71 -22.30 50.18
CA LEU G 13 -2.55 -20.87 49.89
C LEU G 13 -3.83 -20.27 49.33
N ASN G 14 -4.76 -21.12 48.90
CA ASN G 14 -6.09 -20.69 48.49
C ASN G 14 -7.13 -21.44 49.33
N SER G 15 -7.01 -21.31 50.64
CA SER G 15 -7.83 -22.07 51.56
C SER G 15 -8.67 -21.20 52.46
N GLU G 16 -8.39 -19.91 52.55
CA GLU G 16 -9.01 -19.04 53.54
C GLU G 16 -9.90 -17.94 52.95
N TYR G 17 -10.55 -18.21 51.82
CA TYR G 17 -11.41 -17.21 51.18
C TYR G 17 -12.51 -16.71 52.13
N GLY G 18 -12.53 -15.41 52.39
CA GLY G 18 -13.55 -14.84 53.25
C GLY G 18 -13.16 -14.64 54.71
N LYS G 19 -12.00 -15.13 55.16
CA LYS G 19 -11.61 -15.00 56.57
C LYS G 19 -11.13 -13.58 56.85
N VAL G 20 -11.56 -13.03 57.99
CA VAL G 20 -11.35 -11.63 58.29
C VAL G 20 -10.93 -11.48 59.74
N ALA G 21 -10.04 -10.53 59.98
CA ALA G 21 -9.82 -10.01 61.32
C ALA G 21 -11.03 -9.19 61.78
N PRO G 22 -11.49 -9.36 62.99
CA PRO G 22 -12.74 -8.71 63.39
C PRO G 22 -12.62 -7.20 63.47
N GLY G 23 -13.75 -6.53 63.18
CA GLY G 23 -13.87 -5.12 63.49
C GLY G 23 -12.96 -4.29 62.63
N TRP G 24 -12.19 -3.42 63.27
CA TRP G 24 -11.24 -2.54 62.60
C TRP G 24 -9.85 -3.14 62.41
N GLY G 25 -9.51 -4.23 63.13
CA GLY G 25 -8.18 -4.79 63.12
C GLY G 25 -7.07 -3.77 63.03
N THR G 26 -6.28 -3.83 61.97
CA THR G 26 -5.07 -3.04 61.83
C THR G 26 -5.25 -1.72 61.12
N THR G 27 -6.49 -1.37 60.74
CA THR G 27 -6.76 -0.07 60.12
C THR G 27 -6.06 1.10 60.77
N PRO G 28 -6.04 1.28 62.09
CA PRO G 28 -5.38 2.48 62.62
C PRO G 28 -3.89 2.49 62.28
N LEU G 29 -3.23 1.33 62.25
CA LEU G 29 -1.82 1.29 61.87
C LEU G 29 -1.62 1.56 60.38
N MET G 30 -2.44 0.96 59.52
CA MET G 30 -2.40 1.27 58.08
C MET G 30 -2.50 2.78 57.83
N ALA G 31 -3.50 3.42 58.41
CA ALA G 31 -3.59 4.88 58.49
C ALA G 31 -2.29 5.60 58.80
N VAL G 32 -1.47 5.05 59.68
CA VAL G 32 -0.21 5.70 60.01
C VAL G 32 0.75 5.60 58.83
N PHE G 33 0.87 4.42 58.24
CA PHE G 33 1.76 4.25 57.10
C PHE G 33 1.30 5.10 55.94
N MET G 34 -0.01 5.27 55.78
CA MET G 34 -0.55 6.06 54.70
C MET G 34 -0.17 7.53 54.84
N GLY G 35 -0.31 8.08 56.04
CA GLY G 35 0.08 9.47 56.23
C GLY G 35 1.58 9.69 56.14
N LEU G 36 2.37 8.71 56.60
CA LEU G 36 3.80 8.80 56.46
C LEU G 36 4.20 8.77 55.00
N PHE G 37 3.61 7.86 54.25
CA PHE G 37 3.88 7.75 52.83
C PHE G 37 3.50 9.04 52.09
N LEU G 38 2.33 9.64 52.40
CA LEU G 38 1.94 10.92 51.80
C LEU G 38 2.99 11.98 52.01
N VAL G 39 3.47 12.14 53.26
CA VAL G 39 4.44 13.17 53.57
C VAL G 39 5.73 12.91 52.83
N PHE G 40 6.11 11.64 52.74
CA PHE G 40 7.31 11.28 52.02
C PHE G 40 7.20 11.61 50.52
N LEU G 41 6.04 11.34 49.91
CA LEU G 41 5.82 11.69 48.52
C LEU G 41 5.79 13.19 48.27
N LEU G 42 5.29 13.95 49.25
CA LEU G 42 5.29 15.40 49.18
C LEU G 42 6.70 15.94 49.04
N ILE G 43 7.56 15.59 49.99
CA ILE G 43 8.99 15.84 49.97
C ILE G 43 9.57 15.51 48.60
N ILE G 44 9.36 14.27 48.16
CA ILE G 44 9.92 13.84 46.88
C ILE G 44 9.46 14.79 45.78
N LEU G 45 8.17 15.17 45.82
CA LEU G 45 7.58 16.03 44.80
C LEU G 45 8.12 17.45 44.90
N GLU G 46 8.11 18.04 46.11
CA GLU G 46 8.58 19.42 46.24
C GLU G 46 10.07 19.59 46.03
N ILE G 47 10.83 18.47 46.06
CA ILE G 47 12.24 18.49 45.65
C ILE G 47 12.36 18.61 44.14
N TYR G 48 11.65 17.74 43.41
CA TYR G 48 11.63 17.81 41.94
C TYR G 48 11.14 19.17 41.47
N ASN G 49 10.10 19.67 42.11
CA ASN G 49 9.48 20.93 41.73
C ASN G 49 10.30 22.15 42.12
N SER G 50 11.32 21.98 42.98
CA SER G 50 12.14 23.06 43.54
C SER G 50 11.38 24.01 44.46
N THR G 51 10.25 23.59 45.05
CA THR G 51 9.79 24.36 46.21
C THR G 51 10.38 23.85 47.53
N LEU G 52 11.04 22.69 47.52
CA LEU G 52 11.84 22.23 48.65
C LEU G 52 13.31 22.17 48.24
N ILE G 53 14.11 23.12 48.70
CA ILE G 53 15.54 23.20 48.34
C ILE G 53 16.39 22.68 49.51
N LEU G 54 17.24 21.68 49.26
CA LEU G 54 18.04 21.07 50.33
C LEU G 54 19.53 21.16 50.04
N ASP G 55 20.31 21.08 51.12
CA ASP G 55 21.77 21.20 51.03
C ASP G 55 22.41 20.04 50.28
N GLY G 56 23.22 20.35 49.27
CA GLY G 56 23.88 19.32 48.49
C GLY G 56 22.93 18.43 47.72
N VAL G 57 21.76 18.96 47.32
CA VAL G 57 20.83 18.31 46.41
C VAL G 57 20.61 19.25 45.23
N ASN G 58 21.46 19.13 44.23
CA ASN G 58 21.45 20.01 43.05
C ASN G 58 20.55 19.34 42.00
N VAL G 59 19.31 19.84 41.84
CA VAL G 59 18.33 19.20 40.97
C VAL G 59 18.53 19.68 39.54
N SER G 60 19.57 19.15 38.89
CA SER G 60 19.98 19.51 37.55
C SER G 60 20.72 18.32 36.94
N TRP G 61 20.88 18.34 35.60
CA TRP G 61 21.74 17.34 34.99
C TRP G 61 23.15 17.35 35.57
N LYS G 62 23.62 18.52 36.03
CA LYS G 62 24.95 18.78 36.57
C LYS G 62 25.24 18.04 37.87
N ALA G 63 24.30 17.25 38.38
CA ALA G 63 24.56 16.28 39.43
C ALA G 63 24.98 14.93 38.87
N LEU G 64 25.54 14.90 37.65
CA LEU G 64 26.13 13.70 37.07
C LEU G 64 27.65 13.78 36.93
N GLY G 65 28.24 14.95 37.23
CA GLY G 65 29.68 15.16 37.04
C GLY G 65 30.25 16.28 37.88
N GLU H 2 -30.14 29.69 -23.93
CA GLU H 2 -31.52 30.23 -23.99
C GLU H 2 -32.52 29.10 -23.85
N THR H 3 -32.16 27.94 -24.38
CA THR H 3 -33.02 26.77 -24.24
C THR H 3 -33.09 26.32 -22.79
N LEU H 4 -31.93 26.20 -22.14
CA LEU H 4 -31.88 25.86 -20.72
C LEU H 4 -32.73 26.80 -19.88
N LYS H 5 -32.54 28.12 -20.05
CA LYS H 5 -33.32 29.10 -19.29
C LYS H 5 -34.81 28.83 -19.39
N ILE H 6 -35.33 28.60 -20.59
CA ILE H 6 -36.75 28.35 -20.72
C ILE H 6 -37.11 27.10 -19.94
N THR H 7 -36.36 26.03 -20.15
CA THR H 7 -36.59 24.79 -19.42
C THR H 7 -36.69 25.05 -17.92
N VAL H 8 -35.85 25.90 -17.38
CA VAL H 8 -35.81 25.97 -15.92
C VAL H 8 -37.02 26.73 -15.44
N TYR H 9 -37.26 27.89 -16.04
CA TYR H 9 -38.49 28.65 -15.86
C TYR H 9 -39.72 27.75 -15.88
N ILE H 10 -39.78 26.83 -16.83
CA ILE H 10 -40.96 25.98 -16.95
C ILE H 10 -41.06 25.01 -15.79
N VAL H 11 -39.94 24.35 -15.49
CA VAL H 11 -39.87 23.38 -14.40
C VAL H 11 -40.24 24.05 -13.09
N VAL H 12 -39.69 25.24 -12.86
CA VAL H 12 -39.96 25.92 -11.60
C VAL H 12 -41.45 26.25 -11.49
N THR H 13 -41.95 26.97 -12.50
CA THR H 13 -43.35 27.40 -12.46
C THR H 13 -44.26 26.23 -12.19
N PHE H 14 -43.99 25.11 -12.83
CA PHE H 14 -44.76 23.90 -12.59
C PHE H 14 -44.84 23.54 -11.10
N PHE H 15 -43.69 23.41 -10.43
CA PHE H 15 -43.69 22.99 -9.04
C PHE H 15 -44.34 24.03 -8.18
N VAL H 16 -44.15 25.29 -8.52
CA VAL H 16 -44.79 26.36 -7.76
C VAL H 16 -46.30 26.25 -7.84
N LEU H 17 -46.86 26.03 -9.03
CA LEU H 17 -48.31 25.98 -9.10
C LEU H 17 -48.82 24.70 -8.46
N LEU H 18 -48.04 23.62 -8.54
CA LEU H 18 -48.38 22.42 -7.77
C LEU H 18 -48.56 22.77 -6.32
N PHE H 19 -47.68 23.62 -5.82
CA PHE H 19 -47.67 23.98 -4.42
C PHE H 19 -48.90 24.83 -4.08
N VAL H 20 -49.10 25.93 -4.83
CA VAL H 20 -50.21 26.84 -4.59
C VAL H 20 -51.55 26.10 -4.70
N PHE H 21 -51.68 25.20 -5.68
CA PHE H 21 -52.96 24.51 -5.81
C PHE H 21 -53.10 23.34 -4.85
N GLY H 22 -51.98 22.67 -4.55
CA GLY H 22 -51.98 21.70 -3.45
C GLY H 22 -52.58 22.24 -2.16
N PHE H 23 -52.13 23.42 -1.72
CA PHE H 23 -52.69 23.97 -0.49
C PHE H 23 -54.07 24.59 -0.66
N LEU H 24 -54.46 24.88 -1.88
CA LEU H 24 -55.79 25.43 -2.12
C LEU H 24 -56.81 24.34 -2.24
N SER H 25 -56.40 23.10 -2.01
CA SER H 25 -57.32 22.00 -2.17
C SER H 25 -57.72 21.42 -0.83
N GLY H 26 -58.28 22.24 0.04
CA GLY H 26 -58.85 21.75 1.29
C GLY H 26 -57.84 21.29 2.29
N ASP H 27 -56.68 21.92 2.34
CA ASP H 27 -55.64 21.46 3.26
C ASP H 27 -56.07 21.46 4.72
N PRO H 28 -56.82 22.42 5.24
CA PRO H 28 -57.26 22.32 6.65
C PRO H 28 -58.00 21.04 6.93
N ALA H 29 -58.71 20.53 5.93
CA ALA H 29 -59.48 19.30 6.09
C ALA H 29 -58.63 18.03 6.06
N ARG H 30 -57.35 18.11 5.71
CA ARG H 30 -56.48 16.93 5.73
C ARG H 30 -55.81 16.85 7.10
N ASN H 31 -56.55 16.31 8.03
CA ASN H 31 -56.06 16.05 9.39
C ASN H 31 -56.88 14.90 9.93
N PRO H 32 -56.44 14.28 11.03
CA PRO H 32 -57.09 13.04 11.50
C PRO H 32 -58.29 13.23 12.40
N LYS H 33 -58.53 14.42 12.92
CA LYS H 33 -59.62 14.60 13.88
C LYS H 33 -60.83 15.29 13.28
N ARG H 34 -60.70 16.53 12.82
CA ARG H 34 -61.88 17.30 12.43
C ARG H 34 -61.66 18.06 11.13
N LYS H 35 -62.53 17.80 10.15
CA LYS H 35 -62.32 18.10 8.74
C LYS H 35 -63.32 19.17 8.27
N ASP H 36 -62.81 20.30 7.76
CA ASP H 36 -63.62 21.28 6.98
C ASP H 36 -62.74 22.29 6.18
N GLY I 1 -43.42 37.67 60.96
CA GLY I 1 -43.85 36.28 60.90
C GLY I 1 -44.23 35.81 59.50
N GLY I 2 -45.13 36.57 58.87
CA GLY I 2 -45.45 36.52 57.45
C GLY I 2 -45.94 37.90 57.02
N ARG I 3 -45.43 38.92 57.72
CA ARG I 3 -46.00 40.26 57.76
C ARG I 3 -45.78 41.01 56.45
N ILE I 4 -44.53 41.35 56.15
CA ILE I 4 -44.17 42.09 54.93
C ILE I 4 -44.70 41.31 53.72
N PRO I 5 -45.59 41.86 52.90
CA PRO I 5 -46.07 41.07 51.76
C PRO I 5 -44.90 40.76 50.84
N LEU I 6 -44.92 39.56 50.26
CA LEU I 6 -43.76 39.14 49.48
C LEU I 6 -43.59 40.02 48.24
N TRP I 7 -44.70 40.43 47.61
CA TRP I 7 -44.56 41.24 46.41
C TRP I 7 -43.77 42.50 46.70
N ILE I 8 -43.93 43.07 47.90
CA ILE I 8 -43.15 44.26 48.27
C ILE I 8 -41.66 43.94 48.29
N VAL I 9 -41.28 42.86 49.00
CA VAL I 9 -39.86 42.47 49.08
C VAL I 9 -39.26 42.31 47.67
N ALA I 10 -40.04 41.76 46.74
CA ALA I 10 -39.55 41.54 45.38
C ALA I 10 -39.42 42.84 44.58
N THR I 11 -40.37 43.76 44.69
CA THR I 11 -40.22 45.01 43.97
C THR I 11 -38.99 45.75 44.46
N VAL I 12 -38.95 46.07 45.76
CA VAL I 12 -37.84 46.81 46.34
C VAL I 12 -36.50 46.16 45.99
N ALA I 13 -36.31 44.91 46.42
CA ALA I 13 -35.05 44.24 46.12
C ALA I 13 -34.67 44.41 44.65
N GLY I 14 -35.62 44.11 43.75
CA GLY I 14 -35.36 44.28 42.32
C GLY I 14 -34.82 45.66 41.99
N MET I 15 -35.47 46.69 42.53
CA MET I 15 -34.97 48.05 42.37
C MET I 15 -33.56 48.20 42.93
N GLY I 16 -33.30 47.62 44.10
CA GLY I 16 -31.93 47.54 44.58
C GLY I 16 -30.95 47.06 43.51
N VAL I 17 -31.31 45.98 42.81
CA VAL I 17 -30.43 45.47 41.75
C VAL I 17 -30.18 46.53 40.68
N ILE I 18 -31.24 46.91 39.97
CA ILE I 18 -31.13 47.88 38.88
C ILE I 18 -30.24 49.02 39.34
N VAL I 19 -30.37 49.41 40.60
CA VAL I 19 -29.63 50.56 41.08
C VAL I 19 -28.14 50.33 40.93
N ILE I 20 -27.64 49.25 41.56
CA ILE I 20 -26.20 49.00 41.59
C ILE I 20 -25.68 48.71 40.20
N VAL I 21 -26.46 47.95 39.40
CA VAL I 21 -25.98 47.61 38.07
C VAL I 21 -25.82 48.87 37.21
N GLY I 22 -26.79 49.79 37.30
CA GLY I 22 -26.67 51.06 36.59
C GLY I 22 -25.53 51.91 37.09
N LEU I 23 -25.18 51.76 38.37
CA LEU I 23 -23.93 52.33 38.86
C LEU I 23 -22.72 51.76 38.11
N PHE I 24 -22.70 50.43 37.89
CA PHE I 24 -21.54 49.84 37.22
C PHE I 24 -21.55 50.18 35.73
N PHE I 25 -22.74 50.35 35.14
CA PHE I 25 -22.80 50.80 33.76
C PHE I 25 -22.43 52.27 33.62
N TYR I 26 -22.87 53.11 34.56
CA TYR I 26 -22.39 54.49 34.59
C TYR I 26 -20.87 54.55 34.69
N GLY I 27 -20.27 53.67 35.51
CA GLY I 27 -18.82 53.70 35.70
C GLY I 27 -18.02 53.32 34.47
N ALA I 28 -18.58 52.47 33.60
CA ALA I 28 -17.92 52.23 32.33
C ALA I 28 -17.74 53.50 31.48
N TYR I 29 -18.48 54.60 31.76
CA TYR I 29 -18.29 55.87 31.04
C TYR I 29 -17.52 56.93 31.82
N ALA I 30 -17.36 56.78 33.13
CA ALA I 30 -16.73 57.76 34.00
C ALA I 30 -15.53 57.14 34.71
N GLY I 31 -14.46 57.89 34.82
CA GLY I 31 -13.35 57.48 35.68
C GLY I 31 -12.48 56.39 35.05
N LEU I 32 -12.15 55.35 35.84
CA LEU I 32 -11.29 54.26 35.35
C LEU I 32 -12.09 53.40 34.39
N GLY I 33 -11.44 52.95 33.33
CA GLY I 33 -12.06 52.07 32.38
C GLY I 33 -12.78 52.74 31.21
N SER I 34 -12.76 54.07 31.12
CA SER I 34 -13.60 54.86 30.21
C SER I 34 -12.90 55.24 28.93
N SER I 35 -11.58 55.20 28.90
CA SER I 35 -10.75 55.49 27.72
C SER I 35 -10.40 56.96 27.72
N LEU I 36 -10.79 57.67 28.76
CA LEU I 36 -10.62 59.12 28.83
C LEU I 36 -9.65 59.49 29.89
N LYS J 1 -31.26 71.15 21.38
CA LYS J 1 -31.76 71.75 22.62
C LYS J 1 -33.25 72.19 22.44
N LEU J 2 -34.06 72.03 23.49
CA LEU J 2 -35.46 72.42 23.45
C LEU J 2 -35.56 73.95 23.32
N PRO J 3 -36.75 74.46 23.02
CA PRO J 3 -36.97 75.91 23.09
C PRO J 3 -36.79 76.46 24.50
N GLU J 4 -36.60 77.77 24.57
CA GLU J 4 -36.20 78.43 25.82
C GLU J 4 -37.26 78.32 26.92
N ALA J 5 -38.53 78.56 26.58
CA ALA J 5 -39.61 78.54 27.56
C ALA J 5 -39.91 77.16 28.12
N TYR J 6 -39.28 76.12 27.59
CA TYR J 6 -39.41 74.76 28.11
C TYR J 6 -38.12 74.25 28.71
N ALA J 7 -37.00 74.93 28.46
CA ALA J 7 -35.76 74.82 29.21
C ALA J 7 -35.92 74.12 30.55
N ILE J 8 -37.00 74.45 31.25
CA ILE J 8 -37.19 73.97 32.61
C ILE J 8 -37.16 72.45 32.67
N PHE J 9 -37.78 71.76 31.70
CA PHE J 9 -37.98 70.32 31.78
C PHE J 9 -36.94 69.49 30.99
N ASP J 10 -35.74 70.03 30.79
CA ASP J 10 -34.70 69.26 30.12
C ASP J 10 -34.45 67.93 30.80
N PRO J 11 -34.39 67.85 32.15
CA PRO J 11 -34.04 66.59 32.82
C PRO J 11 -35.21 65.61 32.91
N LEU J 12 -36.43 66.14 32.92
CA LEU J 12 -37.63 65.32 32.75
C LEU J 12 -37.69 64.70 31.35
N VAL J 13 -37.23 65.40 30.32
CA VAL J 13 -37.29 64.83 28.98
C VAL J 13 -36.21 63.76 28.81
N ASP J 14 -35.05 63.95 29.43
CA ASP J 14 -34.00 62.93 29.34
C ASP J 14 -34.40 61.58 29.93
N VAL J 15 -35.47 61.51 30.74
CA VAL J 15 -35.89 60.24 31.35
C VAL J 15 -37.17 59.72 30.74
N LEU J 16 -37.85 60.53 29.94
CA LEU J 16 -39.15 60.19 29.38
C LEU J 16 -39.15 58.94 28.52
N PRO J 17 -38.26 58.82 27.53
CA PRO J 17 -38.36 57.70 26.60
C PRO J 17 -38.35 56.32 27.26
N VAL J 18 -38.02 56.25 28.54
CA VAL J 18 -37.95 54.96 29.21
C VAL J 18 -39.27 54.53 29.81
N ILE J 19 -40.26 55.43 29.85
CA ILE J 19 -41.49 55.14 30.60
C ILE J 19 -42.19 53.92 30.03
N PRO J 20 -42.22 53.71 28.72
CA PRO J 20 -42.81 52.46 28.22
C PRO J 20 -42.16 51.19 28.81
N VAL J 21 -40.84 51.18 29.06
CA VAL J 21 -40.27 50.01 29.73
C VAL J 21 -40.95 49.76 31.06
N LEU J 22 -41.29 50.83 31.78
CA LEU J 22 -41.84 50.66 33.11
C LEU J 22 -43.21 50.03 33.12
N PHE J 23 -43.94 50.08 31.99
CA PHE J 23 -45.23 49.39 31.92
C PHE J 23 -45.03 47.87 31.96
N LEU J 24 -44.09 47.36 31.17
CA LEU J 24 -43.71 45.94 31.28
C LEU J 24 -43.26 45.59 32.70
N ALA J 25 -42.28 46.33 33.25
CA ALA J 25 -41.91 46.15 34.66
C ALA J 25 -43.16 46.16 35.54
N LEU J 26 -44.12 47.04 35.22
CA LEU J 26 -45.30 47.19 36.05
C LEU J 26 -46.19 45.95 35.98
N ALA J 27 -46.31 45.36 34.81
CA ALA J 27 -47.05 44.11 34.71
C ALA J 27 -46.55 43.02 35.67
N PHE J 28 -45.29 43.09 36.13
CA PHE J 28 -44.79 42.02 36.98
C PHE J 28 -44.97 42.33 38.45
N VAL J 29 -45.03 43.60 38.81
CA VAL J 29 -45.47 43.96 40.15
C VAL J 29 -46.93 43.54 40.34
N TRP J 30 -47.78 43.83 39.35
CA TRP J 30 -49.16 43.38 39.44
C TRP J 30 -49.22 41.89 39.72
N GLN J 31 -48.55 41.09 38.90
CA GLN J 31 -48.71 39.64 39.05
C GLN J 31 -48.12 39.17 40.38
N ALA J 32 -47.14 39.87 40.92
CA ALA J 32 -46.64 39.50 42.25
C ALA J 32 -47.70 39.77 43.30
N ALA J 33 -48.43 40.88 43.17
CA ALA J 33 -49.47 41.28 44.12
C ALA J 33 -50.70 40.38 44.09
N VAL J 34 -50.86 39.55 43.06
CA VAL J 34 -52.04 38.71 42.93
C VAL J 34 -51.67 37.23 42.85
N GLY J 35 -50.39 36.91 42.86
CA GLY J 35 -49.93 35.54 43.07
C GLY J 35 -49.83 34.74 41.79
N PHE J 36 -49.30 35.38 40.74
CA PHE J 36 -49.15 34.79 39.41
C PHE J 36 -50.35 33.89 39.09
N ARG J 37 -51.52 34.48 39.24
CA ARG J 37 -52.80 33.85 39.00
CA ARG J 37 -52.79 33.79 38.98
C ARG J 37 -53.02 33.71 37.49
N MET K 1 -13.85 -34.78 31.93
CA MET K 1 -13.92 -33.41 32.46
C MET K 1 -15.07 -32.68 31.75
N GLU K 2 -15.89 -31.96 32.51
CA GLU K 2 -17.11 -31.40 31.97
C GLU K 2 -16.83 -30.26 31.00
N PRO K 3 -17.83 -29.90 30.19
CA PRO K 3 -17.72 -28.68 29.39
C PRO K 3 -17.79 -27.43 30.26
N ASN K 4 -17.11 -26.42 29.80
CA ASN K 4 -17.02 -25.21 30.59
C ASN K 4 -18.42 -24.62 30.72
N PRO K 5 -18.95 -24.50 31.94
CA PRO K 5 -20.30 -23.94 32.10
C PRO K 5 -20.36 -22.44 31.96
N ASN K 6 -19.25 -21.79 31.68
CA ASN K 6 -19.24 -20.34 31.66
C ASN K 6 -19.42 -19.75 30.27
N ARG K 7 -19.42 -20.59 29.22
CA ARG K 7 -19.59 -20.14 27.84
C ARG K 7 -20.94 -19.45 27.65
N GLN K 8 -20.95 -18.39 26.85
CA GLN K 8 -22.18 -17.68 26.51
C GLN K 8 -22.16 -17.21 25.05
N PRO K 9 -23.32 -16.91 24.49
CA PRO K 9 -23.39 -16.41 23.12
C PRO K 9 -23.35 -14.90 23.01
N VAL K 10 -22.78 -14.45 21.90
CA VAL K 10 -22.67 -13.04 21.57
C VAL K 10 -23.81 -12.62 20.64
N GLU K 11 -24.24 -11.39 20.79
CA GLU K 11 -25.21 -10.82 19.87
C GLU K 11 -24.72 -9.47 19.37
N LEU K 12 -24.94 -9.23 18.07
CA LEU K 12 -24.98 -7.89 17.50
C LEU K 12 -26.22 -7.82 16.61
N ASN K 13 -27.12 -6.89 16.91
CA ASN K 13 -28.31 -6.71 16.09
C ASN K 13 -28.00 -5.80 14.91
N ARG K 14 -29.02 -5.65 14.04
CA ARG K 14 -28.85 -4.90 12.80
C ARG K 14 -28.66 -3.42 13.06
N THR K 15 -29.36 -2.85 14.04
CA THR K 15 -29.14 -1.43 14.30
C THR K 15 -27.72 -1.19 14.80
N SER K 16 -27.18 -2.13 15.55
CA SER K 16 -25.82 -1.98 16.04
C SER K 16 -24.83 -2.13 14.90
N LEU K 17 -25.12 -3.04 13.98
CA LEU K 17 -24.33 -3.15 12.76
C LEU K 17 -24.31 -1.82 12.02
N TYR K 18 -25.49 -1.24 11.76
CA TYR K 18 -25.59 0.02 11.03
C TYR K 18 -24.87 1.14 11.78
N LEU K 19 -25.11 1.26 13.09
CA LEU K 19 -24.39 2.24 13.89
C LEU K 19 -22.87 2.03 13.81
N GLY K 20 -22.41 0.77 13.98
CA GLY K 20 -20.99 0.51 13.98
C GLY K 20 -20.32 0.84 12.66
N LEU K 21 -20.97 0.45 11.56
CA LEU K 21 -20.41 0.73 10.24
C LEU K 21 -20.31 2.23 10.01
N LEU K 22 -21.33 2.98 10.42
CA LEU K 22 -21.27 4.42 10.21
C LEU K 22 -20.12 5.01 10.97
N LEU K 23 -19.93 4.55 12.21
CA LEU K 23 -18.80 5.04 13.01
C LEU K 23 -17.46 4.82 12.32
N ILE K 24 -17.21 3.61 11.85
CA ILE K 24 -15.94 3.31 11.20
C ILE K 24 -15.79 4.09 9.90
N LEU K 25 -16.81 4.07 9.03
CA LEU K 25 -16.69 4.73 7.73
C LEU K 25 -16.43 6.21 7.90
N VAL K 26 -17.14 6.83 8.84
CA VAL K 26 -16.96 8.26 9.14
C VAL K 26 -15.60 8.53 9.77
N LEU K 27 -15.18 7.67 10.73
CA LEU K 27 -13.82 7.74 11.27
C LEU K 27 -12.79 7.65 10.15
N ALA K 28 -12.95 6.68 9.24
CA ALA K 28 -12.06 6.55 8.09
C ALA K 28 -12.02 7.82 7.24
N LEU K 29 -13.19 8.42 6.99
CA LEU K 29 -13.28 9.61 6.16
C LEU K 29 -12.53 10.77 6.80
N LEU K 30 -12.62 10.89 8.13
CA LEU K 30 -11.93 11.95 8.86
C LEU K 30 -10.43 11.69 8.98
N PHE K 31 -10.03 10.49 9.37
CA PHE K 31 -8.58 10.29 9.55
C PHE K 31 -7.85 10.15 8.23
N SER K 32 -8.56 9.81 7.15
CA SER K 32 -7.86 9.41 5.93
C SER K 32 -7.00 10.55 5.39
N SER K 33 -7.46 11.79 5.47
CA SER K 33 -6.62 12.87 4.96
C SER K 33 -5.28 12.93 5.70
N TYR K 34 -5.30 12.63 7.00
CA TYR K 34 -4.12 12.70 7.86
C TYR K 34 -3.15 11.56 7.58
N PHE K 35 -3.66 10.36 7.30
CA PHE K 35 -2.81 9.26 6.89
C PHE K 35 -2.12 9.55 5.55
N PHE K 36 -2.78 10.24 4.62
CA PHE K 36 -2.13 10.51 3.34
C PHE K 36 -1.20 11.71 3.45
N ASN K 37 -1.62 12.74 4.19
CA ASN K 37 -0.79 13.82 4.66
C ASN K 37 -0.25 14.63 3.49
N GLU L 2 2.33 14.34 -3.84
CA GLU L 2 3.31 13.54 -3.11
C GLU L 2 2.78 13.19 -1.69
N VAL L 3 2.13 12.03 -1.56
CA VAL L 3 1.34 11.67 -0.38
C VAL L 3 1.90 10.37 0.21
N ASN L 4 1.78 10.22 1.54
CA ASN L 4 2.27 9.02 2.25
C ASN L 4 1.66 7.74 1.65
N GLN L 5 2.52 6.85 1.12
CA GLN L 5 2.05 5.63 0.44
C GLN L 5 1.35 4.65 1.39
N LEU L 6 1.86 4.50 2.61
CA LEU L 6 1.18 3.66 3.58
C LEU L 6 -0.17 4.24 4.00
N GLY L 7 -0.46 5.49 3.63
CA GLY L 7 -1.79 6.03 3.86
C GLY L 7 -2.89 5.13 3.34
N LEU L 8 -2.65 4.49 2.17
CA LEU L 8 -3.68 3.68 1.54
C LEU L 8 -3.92 2.39 2.31
N ILE L 9 -2.86 1.60 2.59
CA ILE L 9 -3.04 0.37 3.37
C ILE L 9 -3.55 0.72 4.77
N ALA L 10 -3.07 1.81 5.36
CA ALA L 10 -3.60 2.20 6.65
C ALA L 10 -5.10 2.45 6.59
N THR L 11 -5.57 3.23 5.59
CA THR L 11 -6.99 3.54 5.49
C THR L 11 -7.79 2.28 5.16
N ALA L 12 -7.27 1.46 4.24
CA ALA L 12 -7.98 0.25 3.86
C ALA L 12 -8.16 -0.73 5.01
N LEU L 13 -7.11 -0.92 5.82
CA LEU L 13 -7.23 -1.80 6.98
C LEU L 13 -8.07 -1.17 8.07
N PHE L 14 -7.87 0.14 8.29
CA PHE L 14 -8.62 0.86 9.31
C PHE L 14 -10.10 0.64 9.10
N VAL L 15 -10.52 0.50 7.85
CA VAL L 15 -11.92 0.20 7.58
C VAL L 15 -12.17 -1.30 7.64
N LEU L 16 -11.41 -2.09 6.91
CA LEU L 16 -11.82 -3.47 6.72
C LEU L 16 -11.82 -4.26 8.04
N VAL L 17 -10.85 -4.03 8.92
CA VAL L 17 -10.71 -4.95 10.04
C VAL L 17 -11.88 -4.78 10.99
N PRO L 18 -12.15 -3.58 11.53
CA PRO L 18 -13.32 -3.40 12.40
C PRO L 18 -14.65 -3.69 11.72
N SER L 19 -14.80 -3.37 10.43
CA SER L 19 -16.04 -3.62 9.72
C SER L 19 -16.31 -5.10 9.62
N VAL L 20 -15.29 -5.88 9.28
CA VAL L 20 -15.46 -7.32 9.19
C VAL L 20 -15.85 -7.91 10.55
N PHE L 21 -15.26 -7.42 11.62
CA PHE L 21 -15.61 -7.94 12.95
C PHE L 21 -17.11 -7.78 13.18
N LEU L 22 -17.65 -6.62 12.85
CA LEU L 22 -19.07 -6.35 13.11
C LEU L 22 -19.97 -7.23 12.27
N ILE L 23 -19.60 -7.41 11.01
CA ILE L 23 -20.38 -8.27 10.14
C ILE L 23 -20.39 -9.70 10.67
N ILE L 24 -19.24 -10.19 11.14
CA ILE L 24 -19.18 -11.57 11.62
C ILE L 24 -20.20 -11.77 12.72
N LEU L 25 -20.23 -10.84 13.67
CA LEU L 25 -21.14 -10.95 14.80
C LEU L 25 -22.60 -10.72 14.42
N TYR L 26 -22.89 -9.86 13.41
CA TYR L 26 -24.28 -9.74 13.00
C TYR L 26 -24.78 -11.05 12.41
N VAL L 27 -23.99 -11.66 11.53
CA VAL L 27 -24.51 -12.77 10.73
C VAL L 27 -24.70 -14.00 11.61
N GLN L 28 -23.76 -14.27 12.50
CA GLN L 28 -24.04 -15.36 13.43
C GLN L 28 -25.12 -14.99 14.44
N THR L 29 -25.54 -13.74 14.51
CA THR L 29 -26.73 -13.43 15.29
C THR L 29 -28.00 -13.88 14.55
N GLU L 30 -28.17 -13.49 13.27
CA GLU L 30 -29.36 -13.89 12.48
C GLU L 30 -29.59 -15.40 12.44
N SER L 31 -28.51 -16.19 12.40
CA SER L 31 -28.59 -17.64 12.30
C SER L 31 -29.08 -18.30 13.58
N GLN L 32 -28.93 -17.62 14.72
CA GLN L 32 -29.50 -18.13 15.96
C GLN L 32 -31.02 -18.16 15.90
N GLN L 33 -31.63 -17.00 15.62
CA GLN L 33 -33.09 -16.90 15.41
C GLN L 33 -33.59 -17.94 14.40
N GLN M 1 -28.99 63.04 -28.84
CA GLN M 1 -29.63 61.73 -28.89
C GLN M 1 -28.67 60.63 -28.43
N THR M 2 -27.61 61.02 -27.72
CA THR M 2 -26.68 60.04 -27.18
C THR M 2 -27.38 59.12 -26.18
N LEU M 3 -26.91 57.87 -26.11
CA LEU M 3 -27.38 56.97 -25.07
C LEU M 3 -26.91 57.46 -23.70
N THR M 4 -27.67 57.09 -22.67
CA THR M 4 -27.38 57.44 -21.28
C THR M 4 -26.91 56.21 -20.50
N TYR M 5 -26.01 56.45 -19.53
CA TYR M 5 -25.54 55.39 -18.62
C TYR M 5 -26.63 54.38 -18.33
N ASP M 6 -27.78 54.86 -17.84
CA ASP M 6 -28.82 53.92 -17.45
C ASP M 6 -29.33 53.12 -18.64
N ASP M 7 -29.19 53.64 -19.85
CA ASP M 7 -29.54 52.84 -21.02
C ASP M 7 -28.51 51.73 -21.26
N ILE M 8 -27.29 51.93 -20.80
CA ILE M 8 -26.22 51.01 -21.12
C ILE M 8 -25.95 49.99 -20.02
N VAL M 9 -26.27 50.34 -18.77
CA VAL M 9 -25.76 49.58 -17.63
C VAL M 9 -26.28 48.15 -17.72
N GLY M 10 -25.38 47.19 -17.64
CA GLY M 10 -25.86 45.83 -17.66
C GLY M 10 -26.12 45.24 -19.02
N THR M 11 -25.95 45.99 -20.11
CA THR M 11 -26.19 45.44 -21.44
C THR M 11 -24.98 44.75 -22.06
N GLY M 12 -23.76 45.09 -21.64
CA GLY M 12 -22.57 44.69 -22.34
C GLY M 12 -22.03 45.72 -23.30
N LEU M 13 -22.85 46.70 -23.71
CA LEU M 13 -22.42 47.68 -24.70
C LEU M 13 -21.34 48.61 -24.17
N ALA M 14 -21.15 48.63 -22.85
CA ALA M 14 -20.03 49.37 -22.29
C ALA M 14 -18.69 48.75 -22.68
N ASN M 15 -18.65 47.43 -22.96
CA ASN M 15 -17.39 46.85 -23.43
C ASN M 15 -17.17 47.02 -24.94
N LYS M 16 -18.03 47.76 -25.63
CA LYS M 16 -18.06 47.78 -27.09
C LYS M 16 -17.63 49.15 -27.59
N CYS M 17 -16.63 49.16 -28.48
CA CYS M 17 -16.17 50.42 -29.05
C CYS M 17 -17.22 50.98 -29.99
N PRO M 18 -17.27 52.31 -30.15
CA PRO M 18 -18.20 52.90 -31.11
C PRO M 18 -17.95 52.41 -32.53
N THR M 19 -19.00 52.50 -33.34
CA THR M 19 -18.98 51.99 -34.71
C THR M 19 -19.20 53.14 -35.67
N LEU M 20 -18.70 52.98 -36.88
CA LEU M 20 -18.93 53.95 -37.95
C LEU M 20 -19.91 53.38 -38.96
N ASP M 21 -20.79 54.24 -39.47
CA ASP M 21 -21.76 53.84 -40.48
C ASP M 21 -21.06 53.11 -41.61
N ASP M 22 -21.72 52.08 -42.14
CA ASP M 22 -21.17 51.38 -43.31
C ASP M 22 -21.11 52.25 -44.59
N THR M 23 -21.43 53.56 -44.54
CA THR M 23 -21.30 54.47 -45.68
C THR M 23 -20.04 55.33 -45.62
N ALA M 24 -19.33 55.34 -44.48
CA ALA M 24 -18.26 56.31 -44.22
C ALA M 24 -16.96 55.85 -44.86
N ARG M 25 -16.86 56.06 -46.17
CA ARG M 25 -15.69 55.67 -46.94
C ARG M 25 -14.87 56.87 -47.41
N GLY M 26 -14.80 57.90 -46.58
CA GLY M 26 -14.13 59.12 -46.96
C GLY M 26 -12.61 59.08 -46.81
N ALA M 27 -12.07 60.24 -46.46
CA ALA M 27 -10.65 60.42 -46.18
C ALA M 27 -10.51 61.66 -45.31
N TYR M 28 -9.50 61.65 -44.42
CA TYR M 28 -9.19 62.82 -43.58
C TYR M 28 -7.84 63.35 -44.01
N PRO M 29 -7.72 64.64 -44.36
CA PRO M 29 -6.45 65.10 -44.93
C PRO M 29 -5.56 65.76 -43.90
N ILE M 30 -4.24 65.76 -44.11
CA ILE M 30 -3.25 66.07 -43.08
C ILE M 30 -2.48 67.32 -43.49
N ASP M 31 -2.75 68.44 -42.82
CA ASP M 31 -1.94 69.64 -42.98
C ASP M 31 -0.67 69.49 -42.15
N SER M 32 0.46 69.25 -42.80
CA SER M 32 1.70 69.08 -42.04
C SER M 32 1.94 70.29 -41.15
N SER M 33 1.40 71.45 -41.51
CA SER M 33 1.54 72.62 -40.66
C SER M 33 0.85 72.41 -39.32
N GLN M 34 -0.35 71.86 -39.34
CA GLN M 34 -1.13 71.73 -38.13
C GLN M 34 -0.72 70.48 -37.35
N THR M 35 -0.96 70.51 -36.05
CA THR M 35 -0.70 69.35 -35.22
C THR M 35 -2.01 68.63 -34.96
N TYR M 36 -1.90 67.44 -34.39
CA TYR M 36 -3.06 66.58 -34.23
C TYR M 36 -2.86 65.64 -33.06
N ARG M 37 -3.92 65.42 -32.32
CA ARG M 37 -3.90 64.40 -31.27
C ARG M 37 -5.08 63.47 -31.48
N ILE M 38 -4.93 62.25 -30.98
CA ILE M 38 -6.01 61.28 -30.96
C ILE M 38 -6.71 61.45 -29.64
N ALA M 39 -7.96 61.88 -29.71
CA ALA M 39 -8.69 62.20 -28.50
C ALA M 39 -9.10 60.92 -27.77
N ARG M 40 -9.51 59.90 -28.52
CA ARG M 40 -10.03 58.67 -27.95
C ARG M 40 -9.65 57.56 -28.91
N LEU M 41 -8.98 56.56 -28.37
CA LEU M 41 -8.68 55.33 -29.09
C LEU M 41 -9.27 54.20 -28.27
N CYS M 42 -10.07 53.38 -28.93
CA CYS M 42 -10.84 52.29 -28.34
C CYS M 42 -10.48 51.03 -29.08
N LEU M 43 -10.03 50.00 -28.33
CA LEU M 43 -9.57 48.73 -28.89
C LEU M 43 -10.36 47.58 -28.29
N GLN M 44 -11.15 46.92 -29.13
CA GLN M 44 -12.13 45.96 -28.69
C GLN M 44 -11.77 44.56 -29.15
N PRO M 45 -11.31 43.69 -28.29
CA PRO M 45 -10.90 42.37 -28.76
C PRO M 45 -12.12 41.49 -29.04
N THR M 46 -11.97 40.61 -30.01
CA THR M 46 -13.04 39.67 -30.33
C THR M 46 -12.59 38.23 -30.34
N THR M 47 -11.31 37.97 -30.47
CA THR M 47 -10.76 36.63 -30.65
C THR M 47 -9.42 36.56 -29.95
N PHE M 48 -9.16 35.43 -29.28
CA PHE M 48 -7.94 35.25 -28.50
C PHE M 48 -7.34 33.91 -28.86
N LEU M 49 -6.13 33.93 -29.41
CA LEU M 49 -5.49 32.72 -29.92
C LEU M 49 -4.19 32.46 -29.16
N VAL M 50 -3.87 31.20 -28.92
CA VAL M 50 -2.69 30.85 -28.16
C VAL M 50 -1.84 29.86 -28.96
N LYS M 51 -0.53 30.06 -28.94
CA LYS M 51 0.39 29.19 -29.65
C LYS M 51 0.62 27.92 -28.85
N GLU M 52 0.31 26.77 -29.44
CA GLU M 52 0.62 25.50 -28.79
C GLU M 52 2.14 25.31 -28.76
N GLU M 53 2.57 24.35 -27.93
CA GLU M 53 3.98 24.00 -27.78
C GLU M 53 4.13 22.57 -28.27
N PRO M 54 4.66 22.33 -29.50
CA PRO M 54 4.56 20.99 -30.10
C PRO M 54 5.66 19.98 -29.73
N LYS M 55 6.20 20.04 -28.52
CA LYS M 55 7.04 18.95 -28.00
C LYS M 55 8.28 18.69 -28.85
N ASN M 56 8.09 18.26 -30.10
CA ASN M 56 9.22 17.98 -30.99
C ASN M 56 9.78 19.24 -31.61
N LYS M 57 10.51 19.11 -32.72
CA LYS M 57 11.11 20.25 -33.40
C LYS M 57 10.32 20.54 -34.67
N ARG M 58 10.88 20.28 -35.86
CA ARG M 58 10.27 20.73 -37.11
C ARG M 58 8.81 20.26 -37.20
N GLN M 59 7.93 20.99 -36.52
CA GLN M 59 6.48 20.85 -36.62
C GLN M 59 5.85 22.23 -36.51
N GLU M 60 6.46 23.09 -35.67
CA GLU M 60 5.98 24.45 -35.37
C GLU M 60 4.47 24.43 -35.11
N ALA M 61 4.09 24.60 -33.85
CA ALA M 61 2.70 24.40 -33.49
C ALA M 61 1.85 25.57 -33.98
N GLU M 62 0.55 25.35 -33.95
CA GLU M 62 -0.39 26.28 -34.52
C GLU M 62 -0.86 27.27 -33.45
N PHE M 63 -1.47 28.36 -33.91
CA PHE M 63 -2.31 29.17 -33.04
C PHE M 63 -3.63 28.44 -32.92
N VAL M 64 -4.05 28.18 -31.69
CA VAL M 64 -5.28 27.47 -31.40
C VAL M 64 -6.24 28.45 -30.75
N PRO M 65 -7.56 28.28 -30.91
CA PRO M 65 -8.52 29.17 -30.29
C PRO M 65 -8.74 28.85 -28.83
N THR M 66 -9.26 29.84 -28.12
CA THR M 66 -9.52 29.74 -26.69
C THR M 66 -10.89 30.32 -26.34
N LYS M 67 -11.35 29.95 -25.15
CA LYS M 67 -12.57 30.44 -24.53
C LYS M 67 -12.19 31.50 -23.51
N LEU M 68 -12.88 32.63 -23.56
CA LEU M 68 -12.75 33.67 -22.56
C LEU M 68 -13.63 33.32 -21.36
N VAL M 69 -13.12 33.58 -20.16
CA VAL M 69 -13.83 33.24 -18.93
C VAL M 69 -13.90 34.41 -17.97
N THR M 70 -13.28 35.54 -18.31
CA THR M 70 -13.30 36.71 -17.47
C THR M 70 -14.34 37.73 -17.92
N ARG M 71 -15.18 37.37 -18.89
CA ARG M 71 -16.39 38.12 -19.20
C ARG M 71 -16.09 39.43 -19.95
N GLU M 72 -17.02 40.41 -19.93
CA GLU M 72 -16.93 41.55 -20.84
C GLU M 72 -16.09 42.64 -20.18
N THR M 73 -14.82 42.30 -20.02
CA THR M 73 -13.89 43.10 -19.23
C THR M 73 -12.64 43.40 -20.01
N THR M 74 -12.71 43.43 -21.34
CA THR M 74 -11.53 43.17 -22.16
C THR M 74 -11.02 44.36 -22.96
N SER M 75 -11.83 45.41 -23.10
CA SER M 75 -11.58 46.49 -24.03
C SER M 75 -10.66 47.56 -23.47
N LEU M 76 -9.77 48.03 -24.32
CA LEU M 76 -9.02 49.23 -24.06
C LEU M 76 -9.79 50.41 -24.63
N ASP M 77 -9.69 51.56 -23.98
CA ASP M 77 -10.53 52.70 -24.37
C ASP M 77 -10.04 53.96 -23.66
N GLN M 78 -10.52 55.09 -24.16
CA GLN M 78 -10.15 56.40 -23.65
C GLN M 78 -8.67 56.65 -23.76
N ILE M 79 -8.04 56.03 -24.73
CA ILE M 79 -6.61 56.21 -24.94
C ILE M 79 -6.38 57.49 -25.72
N GLN M 80 -5.24 58.14 -25.46
CA GLN M 80 -4.94 59.40 -26.11
C GLN M 80 -3.45 59.61 -26.23
N GLY M 81 -3.08 60.46 -27.18
CA GLY M 81 -1.68 60.61 -27.51
C GLY M 81 -1.46 61.64 -28.60
N GLU M 82 -0.19 61.92 -28.85
CA GLU M 82 0.19 62.81 -29.94
C GLU M 82 0.02 62.10 -31.27
N LEU M 83 -0.38 62.85 -32.30
CA LEU M 83 -0.30 62.34 -33.68
C LEU M 83 0.57 63.27 -34.52
N LYS M 84 1.81 62.84 -34.80
CA LYS M 84 2.82 63.66 -35.43
C LYS M 84 2.94 63.38 -36.93
N VAL M 85 3.56 64.33 -37.64
CA VAL M 85 3.95 64.15 -39.03
C VAL M 85 5.46 64.22 -39.09
N ASN M 86 6.07 63.23 -39.73
CA ASN M 86 7.51 63.13 -39.80
C ASN M 86 7.99 63.78 -41.09
N SER M 87 9.31 63.71 -41.32
CA SER M 87 9.88 64.27 -42.54
C SER M 87 9.22 63.67 -43.78
N ASP M 88 9.23 62.33 -43.89
CA ASP M 88 8.78 61.68 -45.11
C ASP M 88 7.27 61.56 -45.23
N GLY M 89 6.50 62.16 -44.34
CA GLY M 89 5.06 62.21 -44.49
C GLY M 89 4.31 61.14 -43.74
N SER M 90 5.00 60.17 -43.16
CA SER M 90 4.36 59.26 -42.23
C SER M 90 3.72 60.05 -41.10
N LEU M 91 2.78 59.38 -40.41
CA LEU M 91 2.31 59.85 -39.12
C LEU M 91 2.74 58.82 -38.08
N THR M 92 2.82 59.25 -36.82
CA THR M 92 3.15 58.38 -35.70
C THR M 92 2.26 58.76 -34.53
N PHE M 93 1.45 57.82 -34.05
CA PHE M 93 0.74 58.01 -32.79
C PHE M 93 1.68 57.57 -31.66
N VAL M 94 1.76 58.41 -30.62
CA VAL M 94 2.45 58.11 -29.36
C VAL M 94 1.41 58.09 -28.26
N GLU M 95 1.25 56.95 -27.61
CA GLU M 95 0.34 56.85 -26.49
C GLU M 95 0.83 57.73 -25.33
N GLU M 96 -0.09 58.09 -24.47
CA GLU M 96 0.22 58.95 -23.33
C GLU M 96 -0.45 58.33 -22.13
N ASP M 97 -1.76 58.22 -22.26
CA ASP M 97 -2.61 57.87 -21.15
C ASP M 97 -3.83 57.14 -21.70
N GLY M 98 -4.74 56.80 -20.81
CA GLY M 98 -5.87 55.97 -21.15
C GLY M 98 -5.87 54.68 -20.37
N ILE M 99 -7.02 54.03 -20.42
CA ILE M 99 -7.18 52.68 -19.88
C ILE M 99 -6.61 51.70 -20.88
N ASP M 100 -5.30 51.51 -20.81
CA ASP M 100 -4.52 50.91 -21.88
C ASP M 100 -4.06 49.51 -21.54
N PHE M 101 -4.75 48.86 -20.59
CA PHE M 101 -4.49 47.48 -20.21
C PHE M 101 -5.78 46.91 -19.61
N GLN M 102 -6.00 45.62 -19.84
CA GLN M 102 -7.05 44.88 -19.23
C GLN M 102 -6.45 43.48 -19.03
N PRO M 103 -6.59 42.88 -17.85
CA PRO M 103 -6.27 41.47 -17.70
C PRO M 103 -7.36 40.55 -18.21
N VAL M 104 -6.92 39.47 -18.82
CA VAL M 104 -7.72 38.51 -19.56
C VAL M 104 -7.15 37.14 -19.22
N THR M 105 -8.01 36.19 -18.89
CA THR M 105 -7.62 34.78 -18.91
C THR M 105 -8.53 34.03 -19.86
N VAL M 106 -7.89 33.27 -20.74
CA VAL M 106 -8.59 32.42 -21.68
C VAL M 106 -8.25 31.00 -21.30
N GLN M 107 -9.04 30.05 -21.80
CA GLN M 107 -8.87 28.63 -21.45
C GLN M 107 -8.71 27.81 -22.71
N MET M 108 -7.59 27.10 -22.81
CA MET M 108 -7.33 26.18 -23.90
C MET M 108 -8.18 24.93 -23.74
N ALA M 109 -8.13 24.06 -24.74
CA ALA M 109 -8.74 22.76 -24.60
C ALA M 109 -7.93 21.92 -23.63
N GLY M 110 -8.61 21.25 -22.70
CA GLY M 110 -7.95 20.53 -21.63
C GLY M 110 -7.88 21.28 -20.32
N GLY M 111 -8.23 22.57 -20.31
CA GLY M 111 -8.43 23.30 -19.07
C GLY M 111 -7.33 24.26 -18.68
N GLU M 112 -6.20 24.28 -19.38
CA GLU M 112 -5.14 25.20 -18.97
C GLU M 112 -5.66 26.64 -19.06
N ARG M 113 -5.62 27.36 -17.94
CA ARG M 113 -5.88 28.79 -17.96
C ARG M 113 -4.62 29.53 -18.40
N ILE M 114 -4.76 30.39 -19.39
CA ILE M 114 -3.65 31.25 -19.82
C ILE M 114 -4.06 32.68 -19.50
N PRO M 115 -3.54 33.32 -18.45
CA PRO M 115 -3.84 34.72 -18.21
C PRO M 115 -2.85 35.63 -18.95
N LEU M 116 -3.30 36.85 -19.23
CA LEU M 116 -2.41 37.74 -19.97
C LEU M 116 -2.80 39.17 -19.67
N LEU M 117 -1.88 40.08 -19.91
CA LEU M 117 -2.15 41.48 -19.75
C LEU M 117 -2.30 42.07 -21.16
N PHE M 118 -3.54 42.05 -21.69
CA PHE M 118 -3.81 42.68 -22.97
C PHE M 118 -3.61 44.19 -22.85
N THR M 119 -2.69 44.75 -23.64
CA THR M 119 -2.24 46.11 -23.38
C THR M 119 -1.59 46.72 -24.61
N VAL M 120 -1.62 48.05 -24.67
CA VAL M 120 -0.85 48.85 -25.61
C VAL M 120 -0.03 49.93 -24.90
N LYS M 121 0.49 49.62 -23.70
CA LYS M 121 1.18 50.65 -22.93
C LYS M 121 2.40 51.15 -23.68
N ASN M 122 2.49 52.47 -23.79
CA ASN M 122 3.63 53.14 -24.39
C ASN M 122 3.67 52.89 -25.88
N LEU M 123 2.49 52.80 -26.49
CA LEU M 123 2.44 52.44 -27.90
C LEU M 123 2.99 53.56 -28.80
N VAL M 124 3.73 53.16 -29.82
CA VAL M 124 4.22 54.02 -30.88
C VAL M 124 3.90 53.31 -32.19
N ALA M 125 3.17 53.97 -33.08
CA ALA M 125 2.65 53.32 -34.27
C ALA M 125 2.66 54.29 -35.44
N SER M 126 3.27 53.88 -36.53
CA SER M 126 3.53 54.75 -37.66
C SER M 126 2.84 54.19 -38.88
N THR M 127 2.78 55.02 -39.93
CA THR M 127 2.17 54.71 -41.22
C THR M 127 3.27 54.67 -42.27
N GLN M 128 2.87 54.34 -43.51
CA GLN M 128 3.76 54.52 -44.65
C GLN M 128 4.12 56.01 -44.79
N PRO M 129 5.20 56.31 -45.51
CA PRO M 129 5.47 57.71 -45.84
C PRO M 129 4.46 58.24 -46.84
N ASN M 130 4.37 59.56 -46.91
CA ASN M 130 3.58 60.22 -47.95
C ASN M 130 2.11 59.86 -47.84
N VAL M 131 1.58 60.03 -46.64
CA VAL M 131 0.16 59.77 -46.40
C VAL M 131 -0.65 60.89 -47.04
N THR M 132 -0.58 62.10 -46.47
CA THR M 132 -1.29 63.30 -46.93
C THR M 132 -2.81 63.20 -46.69
N SER M 133 -3.29 62.01 -46.31
CA SER M 133 -4.69 61.80 -45.96
C SER M 133 -4.84 60.42 -45.34
N ILE M 134 -5.69 60.32 -44.34
CA ILE M 134 -6.04 59.04 -43.74
C ILE M 134 -7.24 58.47 -44.49
N THR M 135 -7.08 57.28 -45.04
CA THR M 135 -8.03 56.71 -45.97
C THR M 135 -8.41 55.27 -45.53
N THR M 136 -9.33 54.68 -46.28
CA THR M 136 -9.73 53.28 -46.08
C THR M 136 -8.69 52.28 -46.60
N SER M 137 -7.44 52.73 -46.75
CA SER M 137 -6.35 51.82 -47.02
C SER M 137 -5.13 52.12 -46.17
N THR M 138 -5.21 53.08 -45.24
CA THR M 138 -4.10 53.35 -44.35
C THR M 138 -3.91 52.22 -43.35
N ASP M 139 -2.63 51.91 -43.07
CA ASP M 139 -2.21 50.87 -42.13
C ASP M 139 -1.28 51.48 -41.08
N PHE M 140 -1.51 51.17 -39.82
CA PHE M 140 -0.68 51.62 -38.68
C PHE M 140 0.01 50.42 -38.05
N LYS M 141 1.36 50.37 -38.11
CA LYS M 141 2.13 49.30 -37.46
C LYS M 141 3.02 49.88 -36.38
N GLY M 142 3.20 49.13 -35.28
CA GLY M 142 3.91 49.66 -34.13
C GLY M 142 4.27 48.60 -33.11
N GLU M 143 4.91 49.05 -32.00
CA GLU M 143 5.20 48.17 -30.88
C GLU M 143 4.92 48.88 -29.56
N PHE M 144 4.50 48.09 -28.56
CA PHE M 144 4.16 48.58 -27.23
C PHE M 144 4.88 47.76 -26.15
N ASN M 145 4.78 48.20 -24.90
CA ASN M 145 5.36 47.48 -23.78
C ASN M 145 4.35 46.65 -23.01
N VAL M 146 4.79 45.47 -22.60
CA VAL M 146 4.00 44.52 -21.82
C VAL M 146 4.67 44.36 -20.46
N PRO M 147 4.29 45.14 -19.47
CA PRO M 147 4.84 44.89 -18.14
C PRO M 147 4.36 43.55 -17.61
N SER M 148 4.83 43.21 -16.42
CA SER M 148 4.46 41.96 -15.76
C SER M 148 2.98 41.99 -15.39
N TYR M 149 2.29 40.89 -15.65
CA TYR M 149 0.90 40.71 -15.23
C TYR M 149 0.67 41.12 -13.77
N ARG M 150 1.45 40.57 -12.85
CA ARG M 150 1.39 41.03 -11.47
C ARG M 150 2.51 42.03 -11.20
N THR M 151 2.21 43.04 -10.37
CA THR M 151 3.20 44.05 -10.00
C THR M 151 3.97 43.54 -8.78
N ALA M 152 4.73 44.43 -8.13
CA ALA M 152 5.82 44.00 -7.24
C ALA M 152 5.32 43.59 -5.86
N ASN M 153 4.25 44.17 -5.40
CA ASN M 153 3.68 43.82 -4.11
C ASN M 153 2.97 42.47 -4.11
N PHE M 154 2.89 41.76 -5.24
CA PHE M 154 1.97 40.64 -5.33
C PHE M 154 2.53 39.43 -4.59
N LEU M 155 1.79 38.94 -3.62
CA LEU M 155 2.22 37.89 -2.72
C LEU M 155 1.61 36.58 -3.20
N ASP M 156 2.48 35.59 -3.46
CA ASP M 156 2.01 34.30 -3.92
C ASP M 156 1.38 33.59 -2.74
N PRO M 157 0.78 32.42 -2.97
CA PRO M 157 -0.11 31.85 -1.96
C PRO M 157 0.63 31.37 -0.69
N LYS M 158 1.96 31.33 -0.71
CA LYS M 158 2.76 31.04 0.47
C LYS M 158 3.40 32.27 1.08
N GLY M 159 3.06 33.45 0.61
CA GLY M 159 3.54 34.67 1.23
C GLY M 159 4.75 35.25 0.57
N ARG M 160 5.19 34.64 -0.51
CA ARG M 160 6.39 35.02 -1.20
C ARG M 160 6.13 36.10 -2.24
N GLY M 161 6.91 37.16 -2.21
CA GLY M 161 6.90 38.12 -3.29
C GLY M 161 8.23 38.76 -3.63
N LEU M 162 8.15 39.83 -4.40
CA LEU M 162 9.35 40.51 -4.86
C LEU M 162 9.65 41.73 -3.99
N ALA M 163 8.75 42.71 -3.99
CA ALA M 163 8.92 43.88 -3.14
C ALA M 163 8.32 43.66 -1.77
N SER M 164 7.64 42.54 -1.55
CA SER M 164 7.14 42.19 -0.22
C SER M 164 7.21 40.67 -0.07
N GLY M 165 6.92 40.18 1.11
CA GLY M 165 6.80 38.76 1.30
C GLY M 165 8.08 38.06 1.73
N TYR M 166 7.91 36.76 2.00
CA TYR M 166 8.99 35.85 2.39
C TYR M 166 9.95 35.60 1.24
N ASP M 167 11.21 35.28 1.58
CA ASP M 167 12.25 34.93 0.59
C ASP M 167 12.53 33.43 0.51
N SER M 168 11.81 32.63 1.26
CA SER M 168 12.06 31.21 1.26
C SER M 168 10.74 30.49 1.43
N ALA M 169 10.84 29.14 1.44
CA ALA M 169 9.72 28.22 1.57
C ALA M 169 9.58 27.87 3.05
N ILE M 170 8.91 28.76 3.78
CA ILE M 170 8.97 28.73 5.24
C ILE M 170 8.29 27.50 5.84
N ALA M 171 7.43 26.81 5.10
CA ALA M 171 6.85 25.56 5.59
C ALA M 171 7.76 24.35 5.36
N LEU M 172 8.91 24.54 4.73
CA LEU M 172 9.90 23.47 4.53
C LEU M 172 11.23 23.98 5.09
N PRO M 173 11.30 24.17 6.41
CA PRO M 173 12.44 24.90 7.01
C PRO M 173 13.82 24.34 6.69
N GLN M 174 13.95 23.02 6.55
CA GLN M 174 15.24 22.39 6.31
C GLN M 174 15.26 21.60 5.01
N ALA M 175 14.34 21.91 4.08
CA ALA M 175 14.43 21.47 2.69
C ALA M 175 15.64 22.13 2.02
N LYS M 176 16.18 21.45 1.01
CA LYS M 176 17.28 22.05 0.23
C LYS M 176 16.68 23.07 -0.73
N GLU M 177 17.16 24.32 -0.65
CA GLU M 177 16.53 25.47 -1.31
C GLU M 177 16.94 25.62 -2.75
N GLU M 178 17.97 24.90 -3.17
CA GLU M 178 18.40 25.00 -4.56
C GLU M 178 17.34 24.48 -5.51
N GLU M 179 16.51 23.54 -5.05
CA GLU M 179 15.35 23.05 -5.81
C GLU M 179 14.34 24.18 -6.08
N LEU M 180 14.28 25.17 -5.22
CA LEU M 180 13.14 26.06 -5.15
C LEU M 180 13.47 27.49 -5.57
N ALA M 181 14.70 27.72 -6.05
CA ALA M 181 15.08 29.07 -6.43
C ALA M 181 14.10 29.67 -7.43
N ARG M 182 13.66 28.88 -8.41
CA ARG M 182 12.73 29.43 -9.38
C ARG M 182 11.47 29.98 -8.71
N ALA M 183 11.01 29.29 -7.68
CA ALA M 183 9.75 29.63 -7.04
C ALA M 183 9.92 30.59 -5.91
N ASN M 184 11.13 30.70 -5.37
CA ASN M 184 11.38 31.55 -4.20
C ASN M 184 11.76 32.98 -4.59
N VAL M 185 12.42 33.16 -5.73
CA VAL M 185 12.88 34.47 -6.18
C VAL M 185 11.96 34.94 -7.33
N LYS M 186 11.21 36.00 -7.08
CA LYS M 186 10.28 36.53 -8.09
C LYS M 186 10.97 37.46 -9.08
N ARG M 187 10.60 37.39 -10.35
CA ARG M 187 11.16 38.29 -11.35
C ARG M 187 10.07 39.14 -12.02
N PHE M 188 10.44 40.39 -12.35
CA PHE M 188 9.54 41.33 -13.05
C PHE M 188 9.98 41.40 -14.51
N SER M 189 9.27 40.67 -15.36
CA SER M 189 9.52 40.70 -16.78
C SER M 189 9.03 42.02 -17.41
N LEU M 190 9.59 42.31 -18.58
CA LEU M 190 9.16 43.46 -19.36
C LEU M 190 9.51 43.16 -20.80
N THR M 191 8.50 42.98 -21.62
CA THR M 191 8.65 42.48 -22.96
C THR M 191 7.90 43.42 -23.89
N LYS M 192 8.04 43.20 -25.18
CA LYS M 192 7.45 44.03 -26.21
C LYS M 192 6.35 43.25 -26.91
N GLY M 193 5.39 43.98 -27.46
CA GLY M 193 4.45 43.41 -28.39
C GLY M 193 4.33 44.26 -29.64
N GLN M 194 3.66 43.69 -30.65
CA GLN M 194 3.55 44.32 -31.95
C GLN M 194 2.08 44.35 -32.35
N ILE M 195 1.66 45.50 -32.92
CA ILE M 195 0.27 45.69 -33.29
C ILE M 195 0.22 46.27 -34.69
N SER M 196 -0.86 45.92 -35.39
CA SER M 196 -1.16 46.45 -36.70
C SER M 196 -2.59 46.91 -36.64
N LEU M 197 -2.82 48.14 -37.09
CA LEU M 197 -4.16 48.69 -37.18
C LEU M 197 -4.44 49.08 -38.63
N ASN M 198 -5.53 48.57 -39.15
CA ASN M 198 -5.96 48.76 -40.53
C ASN M 198 -7.21 49.60 -40.52
N VAL M 199 -7.17 50.71 -41.21
CA VAL M 199 -8.34 51.59 -41.31
C VAL M 199 -9.24 51.13 -42.45
N ALA M 200 -10.54 51.08 -42.18
CA ALA M 200 -11.50 50.64 -43.19
C ALA M 200 -12.73 51.50 -43.28
N LYS M 201 -12.90 52.46 -42.38
CA LYS M 201 -14.05 53.33 -42.39
C LYS M 201 -13.54 54.69 -41.93
N VAL M 202 -13.94 55.75 -42.65
CA VAL M 202 -13.51 57.10 -42.34
C VAL M 202 -14.67 58.05 -42.58
N ASP M 203 -14.97 58.85 -41.58
CA ASP M 203 -15.87 59.97 -41.71
C ASP M 203 -15.02 61.20 -41.94
N GLY M 204 -15.11 61.77 -43.16
CA GLY M 204 -14.35 62.96 -43.49
C GLY M 204 -14.80 64.17 -42.70
N ARG M 205 -16.08 64.20 -42.31
CA ARG M 205 -16.60 65.35 -41.59
C ARG M 205 -16.03 65.41 -40.18
N THR M 206 -16.14 64.31 -39.44
CA THR M 206 -16.00 64.33 -37.99
C THR M 206 -14.61 63.96 -37.49
N GLY M 207 -13.77 63.41 -38.33
CA GLY M 207 -12.46 62.98 -37.92
C GLY M 207 -12.39 61.58 -37.33
N GLU M 208 -13.52 60.88 -37.22
CA GLU M 208 -13.53 59.54 -36.68
C GLU M 208 -13.07 58.54 -37.73
N ILE M 209 -12.47 57.46 -37.25
CA ILE M 209 -12.01 56.37 -38.09
C ILE M 209 -12.28 55.07 -37.35
N ALA M 210 -12.18 53.95 -38.06
CA ALA M 210 -12.46 52.68 -37.42
C ALA M 210 -11.97 51.57 -38.34
N GLY M 211 -11.86 50.37 -37.77
CA GLY M 211 -11.27 49.26 -38.50
C GLY M 211 -10.90 48.10 -37.60
N THR M 212 -9.88 47.35 -38.03
CA THR M 212 -9.50 46.07 -37.47
C THR M 212 -8.09 46.17 -36.92
N PHE M 213 -7.78 45.35 -35.92
CA PHE M 213 -6.40 45.25 -35.43
C PHE M 213 -6.06 43.82 -35.11
N GLU M 214 -4.76 43.54 -35.21
CA GLU M 214 -4.13 42.29 -34.78
C GLU M 214 -2.91 42.67 -33.94
N SER M 215 -2.75 42.08 -32.78
CA SER M 215 -1.56 42.31 -31.99
C SER M 215 -1.03 40.95 -31.53
N GLU M 216 0.29 40.90 -31.33
CA GLU M 216 0.95 39.73 -30.74
C GLU M 216 1.74 40.14 -29.50
N GLN M 217 1.64 39.33 -28.44
CA GLN M 217 2.36 39.58 -27.20
C GLN M 217 2.50 38.27 -26.42
N LEU M 218 3.15 38.37 -25.25
CA LEU M 218 3.30 37.25 -24.34
C LEU M 218 2.30 37.26 -23.19
N SER M 219 1.86 36.07 -22.81
CA SER M 219 1.05 35.83 -21.62
C SER M 219 1.84 36.03 -20.33
N ASP M 220 1.12 35.87 -19.21
CA ASP M 220 1.65 35.87 -17.85
C ASP M 220 2.71 34.77 -17.66
N ASP M 221 3.81 35.14 -17.01
CA ASP M 221 4.82 34.17 -16.59
C ASP M 221 4.89 33.97 -15.08
N ASP M 222 3.85 34.38 -14.35
CA ASP M 222 3.76 34.19 -12.91
C ASP M 222 5.10 34.48 -12.24
N MET M 223 5.62 35.69 -12.53
CA MET M 223 6.83 36.25 -11.94
C MET M 223 8.00 35.29 -11.96
N GLY M 224 8.18 34.64 -13.10
CA GLY M 224 9.27 33.74 -13.34
C GLY M 224 8.93 32.30 -13.06
N ALA M 225 7.78 32.02 -12.48
CA ALA M 225 7.42 30.65 -12.20
C ALA M 225 7.63 29.75 -13.40
N HIS M 226 7.07 30.11 -14.54
CA HIS M 226 7.00 29.19 -15.65
C HIS M 226 7.36 29.96 -16.90
N GLU M 227 7.09 29.39 -18.04
CA GLU M 227 7.41 30.08 -19.28
CA GLU M 227 7.40 30.08 -19.27
C GLU M 227 6.15 30.64 -19.93
N PRO M 228 6.23 31.81 -20.55
CA PRO M 228 5.05 32.36 -21.23
C PRO M 228 4.65 31.58 -22.47
N HIS M 229 3.38 31.78 -22.82
CA HIS M 229 2.83 31.34 -24.08
C HIS M 229 2.72 32.55 -24.99
N GLU M 230 2.76 32.34 -26.30
CA GLU M 230 2.58 33.42 -27.27
C GLU M 230 1.11 33.57 -27.52
N VAL M 231 0.68 34.81 -27.75
CA VAL M 231 -0.74 35.13 -27.88
C VAL M 231 -0.95 36.12 -29.01
N LYS M 232 -1.90 35.81 -29.87
CA LYS M 232 -2.36 36.70 -30.92
C LYS M 232 -3.77 37.12 -30.54
N ILE M 233 -4.06 38.43 -30.69
CA ILE M 233 -5.38 38.98 -30.41
C ILE M 233 -5.88 39.66 -31.66
N GLN M 234 -7.15 39.46 -32.00
CA GLN M 234 -7.83 40.16 -33.06
C GLN M 234 -8.99 40.97 -32.49
N GLY M 235 -9.26 42.12 -33.08
CA GLY M 235 -10.52 42.77 -32.85
C GLY M 235 -10.77 43.95 -33.75
N VAL M 236 -11.55 44.90 -33.25
CA VAL M 236 -11.95 46.08 -33.99
C VAL M 236 -11.53 47.31 -33.18
N PHE M 237 -11.45 48.47 -33.86
CA PHE M 237 -11.07 49.67 -33.13
C PHE M 237 -11.76 50.90 -33.70
N TYR M 238 -11.65 51.96 -32.92
CA TYR M 238 -12.28 53.22 -33.20
C TYR M 238 -11.38 54.28 -32.61
N ALA M 239 -11.26 55.38 -33.31
CA ALA M 239 -10.40 56.46 -32.90
C ALA M 239 -11.00 57.75 -33.42
N SER M 240 -10.72 58.85 -32.73
CA SER M 240 -11.25 60.15 -33.12
C SER M 240 -10.09 61.15 -33.14
N ILE M 241 -10.02 61.93 -34.20
CA ILE M 241 -8.91 62.85 -34.39
C ILE M 241 -9.38 64.28 -34.20
N GLU M 242 -8.49 65.08 -33.65
CA GLU M 242 -8.69 66.48 -33.35
C GLU M 242 -7.46 67.23 -33.83
N PRO M 243 -7.62 68.49 -34.27
CA PRO M 243 -6.44 69.32 -34.54
C PRO M 243 -5.95 69.97 -33.26
N ALA M 244 -5.11 69.24 -32.52
CA ALA M 244 -4.59 69.70 -31.23
C ALA M 244 -3.98 71.09 -31.31
N GLU N 2 -5.51 8.96 -3.68
CA GLU N 2 -6.18 9.59 -2.55
C GLU N 2 -7.64 9.84 -2.96
N THR N 3 -7.80 10.36 -4.18
CA THR N 3 -9.13 10.76 -4.62
C THR N 3 -10.05 9.55 -4.63
N ILE N 4 -9.64 8.48 -5.31
CA ILE N 4 -10.39 7.24 -5.30
C ILE N 4 -10.75 6.79 -3.88
N THR N 5 -9.85 6.96 -2.93
CA THR N 5 -10.15 6.50 -1.58
C THR N 5 -11.19 7.39 -0.94
N TYR N 6 -10.99 8.68 -0.99
CA TYR N 6 -11.97 9.61 -0.42
C TYR N 6 -13.36 9.33 -0.94
N VAL N 7 -13.47 9.09 -2.24
CA VAL N 7 -14.80 9.03 -2.85
C VAL N 7 -15.41 7.66 -2.65
N PHE N 8 -14.59 6.63 -2.48
CA PHE N 8 -15.13 5.30 -2.21
C PHE N 8 -15.74 5.24 -0.81
N ILE N 9 -15.10 5.87 0.16
CA ILE N 9 -15.62 5.90 1.52
C ILE N 9 -16.92 6.68 1.56
N PHE N 10 -16.92 7.87 0.99
CA PHE N 10 -18.16 8.63 0.84
C PHE N 10 -19.29 7.83 0.19
N ALA N 11 -19.00 7.12 -0.89
CA ALA N 11 -20.03 6.34 -1.54
C ALA N 11 -20.52 5.17 -0.69
N CYS N 12 -19.66 4.58 0.16
CA CYS N 12 -20.11 3.52 1.07
C CYS N 12 -21.11 4.06 2.07
N ILE N 13 -20.83 5.24 2.61
CA ILE N 13 -21.76 5.93 3.49
C ILE N 13 -23.12 6.12 2.83
N ILE N 14 -23.16 6.47 1.56
CA ILE N 14 -24.48 6.74 1.00
C ILE N 14 -25.28 5.45 0.88
N ALA N 15 -24.59 4.36 0.56
CA ALA N 15 -25.23 3.05 0.53
C ALA N 15 -25.72 2.61 1.92
N LEU N 16 -24.87 2.79 2.96
CA LEU N 16 -25.35 2.50 4.31
C LEU N 16 -26.65 3.26 4.59
N PHE N 17 -26.69 4.54 4.26
CA PHE N 17 -27.93 5.31 4.37
C PHE N 17 -29.09 4.56 3.74
N PHE N 18 -28.89 4.06 2.52
CA PHE N 18 -29.98 3.41 1.82
C PHE N 18 -30.52 2.24 2.62
N PHE N 19 -29.63 1.39 3.15
CA PHE N 19 -30.06 0.20 3.88
C PHE N 19 -30.53 0.52 5.27
N ALA N 20 -29.93 1.51 5.89
CA ALA N 20 -30.41 1.95 7.19
C ALA N 20 -31.87 2.37 7.14
N ILE N 21 -32.31 2.99 6.04
CA ILE N 21 -33.68 3.49 5.98
C ILE N 21 -34.62 2.40 5.47
N PHE N 22 -34.35 1.85 4.31
CA PHE N 22 -35.33 0.97 3.71
C PHE N 22 -35.20 -0.47 4.20
N PHE N 23 -34.04 -0.86 4.68
CA PHE N 23 -33.84 -2.18 5.22
C PHE N 23 -33.54 -2.15 6.72
N ARG N 24 -34.29 -1.31 7.45
CA ARG N 24 -34.10 -1.18 8.88
C ARG N 24 -34.75 -2.35 9.54
N GLU N 25 -34.33 -2.67 10.77
CA GLU N 25 -35.13 -3.56 11.59
C GLU N 25 -36.42 -2.80 11.89
N PRO N 26 -37.57 -3.37 11.60
CA PRO N 26 -38.81 -2.58 11.66
C PRO N 26 -39.37 -2.57 13.07
N PRO N 27 -39.61 -1.40 13.66
CA PRO N 27 -40.02 -1.37 15.07
C PRO N 27 -41.39 -2.00 15.25
N ARG N 28 -41.47 -2.90 16.22
CA ARG N 28 -42.69 -3.67 16.47
C ARG N 28 -43.27 -3.30 17.83
N ILE N 29 -44.57 -3.08 17.88
CA ILE N 29 -45.19 -2.58 19.11
C ILE N 29 -45.36 -3.68 20.14
N THR N 30 -45.09 -3.32 21.40
CA THR N 30 -45.27 -4.15 22.61
C THR N 30 -44.87 -5.61 22.40
N GLU O 1 22.27 34.18 -9.96
CA GLU O 1 21.75 34.59 -11.26
C GLU O 1 20.23 34.83 -11.20
N LEU O 2 19.59 34.26 -10.16
CA LEU O 2 18.23 34.62 -9.79
C LEU O 2 18.35 35.59 -8.61
N VAL O 3 18.47 36.85 -8.92
CA VAL O 3 18.49 37.92 -7.93
C VAL O 3 17.08 38.49 -7.76
N ASN O 4 16.77 38.93 -6.53
CA ASN O 4 15.62 39.81 -6.21
C ASN O 4 16.13 41.23 -6.38
N VAL O 5 15.76 41.87 -7.50
CA VAL O 5 16.30 43.19 -7.84
C VAL O 5 15.98 44.26 -6.81
N VAL O 6 14.93 44.08 -6.02
CA VAL O 6 14.58 45.08 -5.02
C VAL O 6 15.57 45.04 -3.85
N ASP O 7 15.75 43.84 -3.24
CA ASP O 7 16.85 43.61 -2.31
C ASP O 7 18.21 44.14 -2.86
N GLU O 8 18.58 43.73 -4.06
CA GLU O 8 19.90 44.09 -4.58
C GLU O 8 20.05 45.59 -4.77
N LYS O 9 18.93 46.32 -4.91
CA LYS O 9 18.93 47.77 -4.94
C LYS O 9 18.93 48.39 -3.53
N LEU O 10 18.52 47.64 -2.52
CA LEU O 10 18.76 48.14 -1.16
C LEU O 10 20.24 48.22 -0.80
N GLY O 11 21.13 47.64 -1.62
CA GLY O 11 22.56 47.72 -1.42
C GLY O 11 23.23 48.66 -2.41
N THR O 12 22.48 49.63 -2.93
CA THR O 12 23.01 50.78 -3.64
C THR O 12 22.62 52.05 -2.89
N ALA O 13 23.01 53.21 -3.42
CA ALA O 13 22.59 54.48 -2.81
C ALA O 13 21.11 54.54 -2.57
N TYR O 14 20.33 53.79 -3.34
CA TYR O 14 18.88 53.77 -3.17
C TYR O 14 18.52 53.43 -1.74
N GLY O 15 19.35 52.65 -1.06
CA GLY O 15 19.10 52.27 0.30
C GLY O 15 19.41 53.30 1.36
N GLU O 16 20.11 54.40 1.01
CA GLU O 16 20.47 55.45 1.96
C GLU O 16 19.91 56.84 1.62
N LYS O 17 19.60 57.11 0.34
CA LYS O 17 19.11 58.41 -0.10
C LYS O 17 17.78 58.29 -0.85
N ILE O 18 17.11 59.42 -1.04
CA ILE O 18 15.98 59.50 -1.97
C ILE O 18 16.52 59.39 -3.40
N ASP O 19 16.09 58.35 -4.11
CA ASP O 19 16.63 58.03 -5.45
C ASP O 19 15.67 58.63 -6.48
N LEU O 20 16.10 59.73 -7.15
CA LEU O 20 15.18 60.54 -7.94
C LEU O 20 14.54 59.75 -9.08
N ASN O 21 15.07 58.58 -9.42
CA ASN O 21 14.51 57.74 -10.47
C ASN O 21 13.65 56.59 -9.95
N ASN O 22 13.77 56.23 -8.66
CA ASN O 22 13.09 55.03 -8.16
C ASN O 22 12.25 55.19 -6.90
N THR O 23 12.60 56.11 -6.02
CA THR O 23 11.93 56.15 -4.72
C THR O 23 10.49 56.65 -4.81
N ASN O 24 9.65 56.11 -3.94
CA ASN O 24 8.25 56.49 -3.86
C ASN O 24 8.10 57.93 -3.38
N ILE O 25 6.99 58.55 -3.82
CA ILE O 25 6.81 59.98 -3.64
C ILE O 25 6.70 60.36 -2.16
N ALA O 26 6.28 59.43 -1.30
CA ALA O 26 6.11 59.78 0.09
C ALA O 26 7.43 60.05 0.80
N ALA O 27 8.54 59.57 0.26
CA ALA O 27 9.83 59.85 0.88
C ALA O 27 10.16 61.33 0.86
N PHE O 28 9.51 62.12 0.02
CA PHE O 28 9.89 63.53 -0.07
C PHE O 28 9.39 64.35 1.10
N ILE O 29 8.69 63.73 2.05
CA ILE O 29 8.32 64.41 3.29
C ILE O 29 9.40 64.41 4.36
N GLN O 30 10.56 63.75 4.15
CA GLN O 30 11.54 63.75 5.24
C GLN O 30 12.34 65.05 5.34
N TYR O 31 12.35 65.84 4.28
CA TYR O 31 13.02 67.13 4.23
C TYR O 31 12.00 68.19 3.83
N ARG O 32 12.21 69.42 4.30
CA ARG O 32 11.13 70.39 4.24
C ARG O 32 11.09 71.12 2.91
N GLY O 33 9.89 71.60 2.59
CA GLY O 33 9.62 72.38 1.40
C GLY O 33 9.55 71.58 0.13
N LEU O 34 9.60 70.25 0.24
CA LEU O 34 9.75 69.37 -0.90
C LEU O 34 8.47 68.66 -1.28
N TYR O 35 7.55 68.56 -0.34
CA TYR O 35 6.28 67.92 -0.58
C TYR O 35 5.13 68.90 -0.37
N PRO O 36 4.12 68.88 -1.21
CA PRO O 36 3.93 68.01 -2.36
C PRO O 36 4.41 68.62 -3.67
N THR O 37 4.65 69.93 -3.71
CA THR O 37 4.75 70.61 -5.00
C THR O 37 5.97 70.12 -5.78
N LEU O 38 7.18 70.29 -5.23
CA LEU O 38 8.38 69.87 -5.95
C LEU O 38 8.38 68.37 -6.19
N ALA O 39 7.97 67.58 -5.19
CA ALA O 39 8.01 66.13 -5.32
C ALA O 39 7.22 65.71 -6.53
N LYS O 40 6.02 66.24 -6.65
CA LYS O 40 5.23 66.04 -7.85
C LYS O 40 6.09 66.27 -9.10
N LEU O 41 6.77 67.42 -9.15
CA LEU O 41 7.51 67.77 -10.35
C LEU O 41 8.72 66.88 -10.54
N ILE O 42 9.41 66.50 -9.46
CA ILE O 42 10.57 65.65 -9.61
C ILE O 42 10.17 64.36 -10.31
N VAL O 43 9.01 63.81 -9.94
CA VAL O 43 8.61 62.48 -10.37
C VAL O 43 8.11 62.47 -11.80
N LYS O 44 7.29 63.46 -12.18
CA LYS O 44 6.83 63.51 -13.57
C LYS O 44 8.01 63.57 -14.53
N ASN O 45 9.01 64.38 -14.22
CA ASN O 45 10.14 64.58 -15.12
C ASN O 45 11.26 63.59 -14.88
N ALA O 46 11.07 62.61 -14.01
CA ALA O 46 12.02 61.51 -13.93
C ALA O 46 12.08 60.82 -15.29
N PRO O 47 13.19 60.14 -15.61
CA PRO O 47 14.38 59.92 -14.80
C PRO O 47 15.47 60.95 -15.06
N TYR O 48 16.53 60.89 -14.26
CA TYR O 48 17.61 61.87 -14.25
C TYR O 48 18.96 61.20 -14.46
N GLU O 49 19.81 61.85 -15.24
CA GLU O 49 21.16 61.35 -15.49
C GLU O 49 22.05 61.56 -14.27
N SER O 50 21.98 62.74 -13.67
CA SER O 50 22.76 63.07 -12.48
C SER O 50 21.86 63.83 -11.53
N VAL O 51 22.32 64.00 -10.29
CA VAL O 51 21.48 64.63 -9.28
C VAL O 51 21.16 66.09 -9.67
N GLU O 52 22.14 66.81 -10.22
CA GLU O 52 21.92 68.23 -10.47
C GLU O 52 20.93 68.46 -11.63
N ASP O 53 20.59 67.44 -12.39
CA ASP O 53 19.63 67.60 -13.45
C ASP O 53 18.30 68.17 -12.98
N VAL O 54 17.93 68.01 -11.71
CA VAL O 54 16.65 68.54 -11.27
C VAL O 54 16.56 70.06 -11.35
N LEU O 55 17.68 70.77 -11.33
CA LEU O 55 17.61 72.22 -11.40
C LEU O 55 17.20 72.70 -12.78
N ASN O 56 17.32 71.87 -13.80
CA ASN O 56 16.93 72.22 -15.16
C ASN O 56 15.48 71.83 -15.45
N ILE O 57 14.68 71.57 -14.42
CA ILE O 57 13.27 71.30 -14.71
C ILE O 57 12.59 72.60 -15.15
N PRO O 58 11.87 72.60 -16.26
CA PRO O 58 11.35 73.86 -16.77
C PRO O 58 10.17 74.32 -15.93
N GLY O 59 10.20 75.60 -15.53
CA GLY O 59 9.12 76.20 -14.77
C GLY O 59 9.50 76.56 -13.35
N LEU O 60 10.71 76.24 -12.91
CA LEU O 60 11.08 76.36 -11.51
C LEU O 60 11.24 77.83 -11.13
N THR O 61 10.55 78.22 -10.06
CA THR O 61 10.72 79.53 -9.45
C THR O 61 11.99 79.55 -8.59
N GLU O 62 12.73 80.66 -8.63
CA GLU O 62 14.01 80.71 -7.92
C GLU O 62 13.89 80.23 -6.48
N ARG O 63 12.73 80.45 -5.84
CA ARG O 63 12.54 79.88 -4.51
C ARG O 63 12.65 78.36 -4.56
N GLN O 64 12.06 77.76 -5.58
CA GLN O 64 12.08 76.29 -5.70
C GLN O 64 13.50 75.80 -6.04
N LYS O 65 14.22 76.50 -6.93
CA LYS O 65 15.61 76.16 -7.15
C LYS O 65 16.44 76.32 -5.90
N GLN O 66 16.00 77.13 -4.94
CA GLN O 66 16.76 77.23 -3.69
C GLN O 66 16.56 75.98 -2.84
N ILE O 67 15.30 75.58 -2.66
CA ILE O 67 14.99 74.43 -1.80
C ILE O 67 15.68 73.17 -2.33
N LEU O 68 15.73 73.00 -3.66
CA LEU O 68 16.37 71.83 -4.24
C LEU O 68 17.85 71.80 -3.94
N ARG O 69 18.53 72.95 -4.07
CA ARG O 69 19.95 73.04 -3.72
C ARG O 69 20.17 72.68 -2.27
N GLU O 70 19.41 73.30 -1.35
CA GLU O 70 19.52 72.96 0.05
C GLU O 70 19.49 71.46 0.30
N ASN O 71 18.99 70.66 -0.65
CA ASN O 71 18.80 69.23 -0.42
C ASN O 71 19.49 68.34 -1.45
N LEU O 72 20.35 68.89 -2.34
CA LEU O 72 21.03 68.05 -3.32
C LEU O 72 21.78 66.91 -2.65
N GLU O 73 22.22 67.12 -1.41
CA GLU O 73 23.01 66.14 -0.69
C GLU O 73 22.19 64.96 -0.17
N HIS O 74 20.85 65.05 -0.17
CA HIS O 74 20.00 63.96 0.25
C HIS O 74 19.48 63.15 -0.94
N PHE O 75 19.81 63.53 -2.16
CA PHE O 75 19.36 62.85 -3.35
C PHE O 75 20.43 61.88 -3.89
N THR O 76 19.98 60.95 -4.73
CA THR O 76 20.85 60.21 -5.64
C THR O 76 20.02 59.88 -6.87
N VAL O 77 20.69 59.30 -7.86
CA VAL O 77 20.07 58.64 -9.01
C VAL O 77 20.80 57.31 -9.23
N THR O 78 20.05 56.23 -9.33
CA THR O 78 20.55 54.96 -9.83
C THR O 78 19.77 54.58 -11.09
N GLU O 79 20.14 53.46 -11.71
CA GLU O 79 19.40 52.97 -12.87
C GLU O 79 17.94 52.73 -12.50
N VAL O 80 17.05 53.02 -13.45
CA VAL O 80 15.64 52.80 -13.19
C VAL O 80 15.39 51.31 -12.98
N GLU O 81 14.77 50.98 -11.87
CA GLU O 81 14.29 49.62 -11.63
C GLU O 81 12.81 49.56 -12.00
N THR O 82 12.55 48.99 -13.18
CA THR O 82 11.20 48.70 -13.66
C THR O 82 10.24 48.28 -12.56
N ALA O 83 10.67 47.34 -11.70
CA ALA O 83 9.81 46.80 -10.65
C ALA O 83 9.33 47.89 -9.70
N LEU O 84 10.02 49.02 -9.64
CA LEU O 84 9.66 50.08 -8.70
C LEU O 84 8.87 51.24 -9.32
N VAL O 85 8.74 51.29 -10.65
CA VAL O 85 8.17 52.44 -11.35
C VAL O 85 6.89 52.06 -12.10
N GLU O 86 6.84 50.83 -12.62
CA GLU O 86 5.66 50.25 -13.21
C GLU O 86 4.51 50.27 -12.22
N GLY O 87 3.27 50.20 -12.76
CA GLY O 87 2.07 50.19 -11.96
C GLY O 87 1.80 51.46 -11.21
N GLY O 88 2.47 52.55 -11.59
CA GLY O 88 2.31 53.79 -10.88
C GLY O 88 2.71 53.68 -9.42
N ASP O 89 3.67 52.78 -9.11
CA ASP O 89 4.03 52.54 -7.72
C ASP O 89 4.85 53.68 -7.10
N ARG O 90 5.42 54.58 -7.89
CA ARG O 90 5.99 55.80 -7.31
C ARG O 90 4.93 56.80 -6.79
N TYR O 91 3.64 56.71 -7.18
CA TYR O 91 2.64 57.57 -6.54
C TYR O 91 1.98 56.86 -5.39
N ASN O 92 1.86 55.55 -5.48
CA ASN O 92 1.22 54.77 -4.42
C ASN O 92 1.82 53.38 -4.46
N ASN O 93 2.62 53.03 -3.43
CA ASN O 93 3.34 51.76 -3.43
C ASN O 93 2.71 50.70 -2.52
N GLY O 94 1.44 50.86 -2.18
CA GLY O 94 0.77 49.92 -1.32
C GLY O 94 0.99 50.13 0.16
N LEU O 95 1.85 51.06 0.55
CA LEU O 95 2.14 51.29 1.97
C LEU O 95 1.41 52.55 2.41
N TYR O 96 0.56 52.42 3.42
CA TYR O 96 0.05 53.57 4.14
C TYR O 96 0.71 53.65 5.51
N LYS O 97 -0.05 53.43 6.57
CA LYS O 97 0.52 53.23 7.89
C LYS O 97 0.43 51.73 8.21
N ALA P 1 3.48 57.23 37.25
CA ALA P 1 3.62 58.46 36.42
C ALA P 1 2.37 59.35 36.47
N GLU P 2 2.50 60.63 36.13
CA GLU P 2 1.30 61.45 36.10
C GLU P 2 1.49 62.69 35.23
N LEU P 3 0.40 63.41 35.06
CA LEU P 3 0.34 64.56 34.16
C LEU P 3 0.86 65.76 34.93
N THR P 4 2.13 66.06 34.70
CA THR P 4 2.88 67.05 35.43
C THR P 4 3.20 68.23 34.58
N PRO P 5 3.69 69.32 35.17
CA PRO P 5 3.97 70.50 34.39
C PRO P 5 4.93 70.26 33.27
N GLU P 6 6.01 69.51 33.51
CA GLU P 6 6.97 69.28 32.43
C GLU P 6 6.24 68.76 31.19
N VAL P 7 5.41 67.74 31.36
CA VAL P 7 4.81 67.16 30.17
C VAL P 7 3.77 68.12 29.64
N LEU P 8 3.11 68.86 30.52
CA LEU P 8 2.16 69.85 30.07
C LEU P 8 2.82 71.09 29.51
N THR P 9 4.14 71.16 29.48
CA THR P 9 4.83 72.32 28.96
C THR P 9 5.17 72.11 27.50
N VAL P 10 4.71 73.00 26.63
CA VAL P 10 4.92 72.86 25.19
C VAL P 10 5.43 74.18 24.65
N PRO P 11 6.04 74.16 23.46
CA PRO P 11 6.47 75.40 22.80
C PRO P 11 5.31 76.27 22.31
N LEU P 12 5.45 77.59 22.51
CA LEU P 12 4.43 78.53 22.08
C LEU P 12 4.64 78.94 20.63
N ASN P 13 5.87 79.30 20.30
CA ASN P 13 6.22 79.75 18.98
C ASN P 13 7.60 79.18 18.62
N SER P 14 8.10 79.56 17.44
CA SER P 14 9.40 79.05 17.01
C SER P 14 10.57 79.74 17.69
N GLU P 15 10.39 81.01 18.10
CA GLU P 15 11.45 81.65 18.86
C GLU P 15 11.97 80.74 19.97
N GLY P 16 11.14 79.84 20.47
CA GLY P 16 11.49 79.00 21.59
C GLY P 16 10.85 79.38 22.90
N LYS P 17 9.94 80.35 22.90
CA LYS P 17 9.11 80.57 24.07
C LYS P 17 8.37 79.29 24.38
N THR P 18 7.92 79.17 25.63
CA THR P 18 7.16 78.00 26.04
C THR P 18 5.97 78.45 26.84
N ILE P 19 5.01 77.55 26.90
CA ILE P 19 3.80 77.77 27.65
C ILE P 19 3.49 76.46 28.34
N THR P 20 2.88 76.54 29.54
CA THR P 20 2.58 75.38 30.35
C THR P 20 1.09 75.26 30.53
N LEU P 21 0.50 74.30 29.82
CA LEU P 21 -0.92 74.05 29.93
C LEU P 21 -1.26 73.55 31.32
N THR P 22 -2.47 73.86 31.74
CA THR P 22 -3.07 73.20 32.88
C THR P 22 -3.64 71.86 32.43
N GLU P 23 -3.63 70.90 33.37
CA GLU P 23 -4.39 69.67 33.20
C GLU P 23 -5.77 69.96 32.56
N LYS P 24 -6.46 70.96 33.11
CA LYS P 24 -7.77 71.34 32.61
C LYS P 24 -7.72 71.62 31.11
N GLN P 25 -6.77 72.45 30.70
CA GLN P 25 -6.61 72.68 29.28
C GLN P 25 -6.33 71.39 28.52
N TYR P 26 -5.54 70.48 29.10
CA TYR P 26 -5.24 69.23 28.40
C TYR P 26 -6.51 68.43 28.14
N LEU P 27 -7.34 68.24 29.16
CA LEU P 27 -8.59 67.50 28.98
C LEU P 27 -9.55 68.26 28.06
N GLU P 28 -9.62 69.58 28.20
CA GLU P 28 -10.37 70.40 27.26
C GLU P 28 -9.99 70.10 25.80
N GLY P 29 -8.69 70.14 25.49
CA GLY P 29 -8.26 69.97 24.12
C GLY P 29 -8.48 68.55 23.62
N LYS P 30 -8.22 67.56 24.47
CA LYS P 30 -8.51 66.18 24.10
C LYS P 30 -9.97 66.06 23.70
N ARG P 31 -10.86 66.65 24.50
CA ARG P 31 -12.28 66.62 24.18
C ARG P 31 -12.56 67.29 22.83
N LEU P 32 -12.08 68.52 22.66
CA LEU P 32 -12.37 69.21 21.41
C LEU P 32 -11.78 68.45 20.23
N PHE P 33 -10.63 67.79 20.43
CA PHE P 33 -10.01 67.03 19.35
C PHE P 33 -10.88 65.86 18.89
N GLN P 34 -11.41 65.09 19.85
CA GLN P 34 -12.39 64.06 19.50
C GLN P 34 -13.61 64.64 18.80
N TYR P 35 -14.07 65.83 19.21
CA TYR P 35 -15.30 66.40 18.61
C TYR P 35 -15.06 66.89 17.18
N ALA P 36 -13.95 67.60 16.93
CA ALA P 36 -13.72 68.24 15.64
C ALA P 36 -12.75 67.52 14.71
N CYS P 37 -11.99 66.54 15.18
CA CYS P 37 -10.82 66.13 14.39
C CYS P 37 -10.59 64.64 14.29
N ALA P 38 -10.96 63.85 15.30
CA ALA P 38 -10.54 62.47 15.41
C ALA P 38 -11.19 61.57 14.36
N SER P 39 -12.32 62.00 13.79
CA SER P 39 -12.93 61.24 12.71
C SER P 39 -11.92 61.00 11.59
N CYS P 40 -10.90 61.86 11.45
CA CYS P 40 -9.82 61.64 10.50
C CYS P 40 -8.46 61.47 11.16
N HIS P 41 -8.32 61.82 12.44
CA HIS P 41 -7.03 61.99 13.07
C HIS P 41 -6.89 61.18 14.36
N VAL P 42 -7.78 60.21 14.58
CA VAL P 42 -7.62 59.35 15.74
C VAL P 42 -6.17 58.84 15.84
N GLY P 43 -5.63 58.81 17.05
CA GLY P 43 -4.29 58.28 17.27
C GLY P 43 -3.17 59.09 16.68
N GLY P 44 -3.47 60.24 16.07
CA GLY P 44 -2.45 61.07 15.44
C GLY P 44 -2.07 60.69 14.03
N ILE P 45 -2.82 59.78 13.39
CA ILE P 45 -2.67 59.55 11.95
C ILE P 45 -3.60 60.51 11.19
N THR P 46 -3.60 60.41 9.87
CA THR P 46 -4.60 61.01 8.99
C THR P 46 -5.20 59.93 8.09
N LYS P 47 -6.39 59.45 8.44
CA LYS P 47 -7.02 58.37 7.69
C LYS P 47 -7.19 58.68 6.19
N THR P 48 -7.47 59.94 5.82
CA THR P 48 -7.67 60.25 4.41
C THR P 48 -6.41 60.66 3.69
N ASN P 49 -5.29 60.73 4.39
CA ASN P 49 -4.01 60.84 3.69
C ASN P 49 -2.92 60.33 4.62
N PRO P 50 -2.65 59.04 4.67
CA PRO P 50 -1.77 58.52 5.73
C PRO P 50 -0.32 59.00 5.61
N SER P 51 0.09 59.59 4.48
CA SER P 51 1.45 60.06 4.32
C SER P 51 1.77 61.23 5.23
N LEU P 52 0.76 61.97 5.69
CA LEU P 52 0.96 63.13 6.55
C LEU P 52 0.33 62.82 7.90
N ASP P 53 1.08 63.01 8.98
CA ASP P 53 0.61 62.63 10.31
C ASP P 53 0.82 63.79 11.28
N LEU P 54 0.48 63.54 12.54
CA LEU P 54 0.59 64.57 13.57
C LEU P 54 1.76 64.35 14.55
N ARG P 55 2.69 63.45 14.23
CA ARG P 55 3.95 63.36 14.96
C ARG P 55 4.66 64.72 14.98
N THR P 56 5.22 65.05 16.13
CA THR P 56 5.92 66.32 16.26
C THR P 56 7.05 66.48 15.25
N GLU P 57 7.64 65.39 14.80
CA GLU P 57 8.76 65.55 13.91
C GLU P 57 8.30 65.83 12.49
N THR P 58 7.08 65.41 12.15
CA THR P 58 6.44 65.83 10.91
C THR P 58 6.05 67.30 10.96
N LEU P 59 5.44 67.74 12.06
CA LEU P 59 5.03 69.14 12.18
C LEU P 59 6.23 70.07 12.10
N ALA P 60 7.35 69.68 12.73
CA ALA P 60 8.56 70.48 12.69
C ALA P 60 9.04 70.69 11.27
N LEU P 61 8.79 69.73 10.38
CA LEU P 61 9.31 69.82 9.03
C LEU P 61 8.29 70.39 8.03
N ALA P 62 7.08 70.71 8.50
CA ALA P 62 6.11 71.40 7.70
C ALA P 62 6.56 72.82 7.38
N THR P 63 6.08 73.34 6.28
CA THR P 63 6.35 74.72 5.95
C THR P 63 5.01 75.47 5.99
N PRO P 64 4.84 76.45 6.89
CA PRO P 64 5.70 76.85 8.03
C PRO P 64 5.81 75.78 9.14
N PRO P 65 6.79 75.88 10.04
CA PRO P 65 6.88 74.88 11.11
C PRO P 65 5.59 74.87 11.92
N ARG P 66 5.20 73.68 12.40
CA ARG P 66 3.94 73.56 13.11
C ARG P 66 4.09 72.77 14.42
N ASP P 67 5.31 72.63 14.93
CA ASP P 67 5.51 71.99 16.23
C ASP P 67 5.37 72.98 17.39
N ASN P 68 4.50 73.97 17.26
CA ASN P 68 4.30 74.96 18.31
C ASN P 68 2.87 75.48 18.25
N ILE P 69 2.45 76.13 19.35
CA ILE P 69 1.08 76.58 19.49
C ILE P 69 0.72 77.55 18.37
N GLU P 70 1.54 78.59 18.16
CA GLU P 70 1.25 79.59 17.13
C GLU P 70 1.01 78.92 15.79
N GLY P 71 1.93 78.04 15.38
CA GLY P 71 1.80 77.36 14.09
C GLY P 71 0.57 76.51 13.99
N LEU P 72 0.23 75.80 15.05
CA LEU P 72 -0.99 74.98 15.08
C LEU P 72 -2.25 75.82 15.05
N VAL P 73 -2.31 76.88 15.86
CA VAL P 73 -3.50 77.72 15.87
C VAL P 73 -3.68 78.41 14.51
N ASP P 74 -2.59 78.86 13.90
CA ASP P 74 -2.68 79.40 12.55
C ASP P 74 -3.25 78.37 11.56
N TYR P 75 -2.87 77.08 11.70
CA TYR P 75 -3.30 76.07 10.75
C TYR P 75 -4.79 75.84 10.87
N MET P 76 -5.32 75.90 12.08
CA MET P 76 -6.76 75.76 12.25
C MET P 76 -7.52 76.96 11.73
N LYS P 77 -6.83 78.03 11.36
CA LYS P 77 -7.45 79.21 10.79
C LYS P 77 -7.30 79.25 9.29
N ASN P 78 -6.15 78.81 8.79
CA ASN P 78 -5.78 78.98 7.38
C ASN P 78 -4.83 77.87 6.97
N PRO P 79 -5.33 76.64 6.87
CA PRO P 79 -4.43 75.50 6.66
C PRO P 79 -3.76 75.55 5.30
N THR P 80 -2.54 75.01 5.24
CA THR P 80 -1.81 74.92 3.98
C THR P 80 -1.37 73.49 3.73
N THR P 81 -0.93 73.26 2.48
CA THR P 81 -0.19 72.05 2.17
C THR P 81 1.12 72.05 2.96
N TYR P 82 1.73 70.89 3.02
CA TYR P 82 2.90 70.67 3.87
C TYR P 82 4.04 71.59 3.49
N ASP P 83 4.16 71.94 2.20
CA ASP P 83 5.23 72.84 1.78
C ASP P 83 4.83 74.30 1.90
N GLY P 84 3.56 74.58 2.16
CA GLY P 84 3.11 75.94 2.34
C GLY P 84 2.55 76.60 1.09
N GLU P 85 2.56 75.90 -0.04
CA GLU P 85 2.39 76.52 -1.36
C GLU P 85 0.93 76.74 -1.77
N GLN P 86 -0.02 76.06 -1.13
CA GLN P 86 -1.41 76.39 -1.43
C GLN P 86 -2.28 76.30 -0.19
N GLU P 87 -3.17 77.26 -0.07
CA GLU P 87 -4.14 77.24 1.00
C GLU P 87 -5.15 76.19 0.67
N ILE P 88 -5.65 75.48 1.68
CA ILE P 88 -6.52 74.33 1.45
C ILE P 88 -7.75 74.37 2.35
N ALA P 89 -8.15 75.57 2.79
CA ALA P 89 -9.38 75.73 3.56
C ALA P 89 -10.59 75.06 2.93
N GLU P 90 -10.55 74.75 1.64
CA GLU P 90 -11.72 74.23 0.95
C GLU P 90 -11.97 72.77 1.22
N VAL P 91 -10.93 72.04 1.65
CA VAL P 91 -11.02 70.60 1.83
C VAL P 91 -10.53 70.19 3.21
N HIS P 92 -10.22 71.17 4.06
CA HIS P 92 -9.78 70.89 5.40
C HIS P 92 -10.52 71.79 6.38
N PRO P 93 -11.16 71.22 7.42
CA PRO P 93 -11.89 72.06 8.37
C PRO P 93 -11.03 73.17 8.92
N SER P 94 -11.58 74.38 8.93
CA SER P 94 -10.85 75.55 9.39
C SER P 94 -11.89 76.61 9.73
N LEU P 95 -11.45 77.62 10.45
CA LEU P 95 -12.33 78.75 10.72
C LEU P 95 -12.55 79.55 9.43
N ARG P 96 -11.49 79.78 8.66
CA ARG P 96 -11.64 80.38 7.35
C ARG P 96 -12.70 79.68 6.51
N SER P 97 -13.04 78.43 6.81
CA SER P 97 -13.95 77.62 6.02
C SER P 97 -15.12 77.09 6.84
N ALA P 98 -15.40 77.66 8.01
CA ALA P 98 -16.43 77.10 8.88
C ALA P 98 -17.82 77.16 8.27
N ASP P 99 -18.05 77.98 7.26
CA ASP P 99 -19.34 77.92 6.58
C ASP P 99 -19.60 76.51 6.11
N ILE P 100 -18.58 75.82 5.60
CA ILE P 100 -18.77 74.51 4.98
C ILE P 100 -18.35 73.37 5.88
N PHE P 101 -17.66 73.65 6.98
CA PHE P 101 -17.41 72.67 8.05
C PHE P 101 -18.11 73.17 9.29
N PRO P 102 -19.37 72.84 9.47
CA PRO P 102 -20.17 73.51 10.50
C PRO P 102 -19.68 73.29 11.93
N LYS P 103 -18.86 72.26 12.19
CA LYS P 103 -18.39 72.02 13.56
C LYS P 103 -17.42 73.08 14.01
N MET P 104 -16.67 73.64 13.10
CA MET P 104 -15.62 74.59 13.40
C MET P 104 -16.15 75.93 13.77
N ARG P 105 -17.48 76.07 13.94
CA ARG P 105 -18.13 77.35 14.14
C ARG P 105 -18.08 77.83 15.59
N ASN P 106 -18.31 76.95 16.55
CA ASN P 106 -18.45 77.38 17.93
C ASN P 106 -17.12 77.33 18.67
N LEU P 107 -16.04 77.13 17.93
CA LEU P 107 -14.71 77.08 18.50
C LEU P 107 -14.25 78.50 18.76
N THR P 108 -13.90 78.78 20.00
CA THR P 108 -13.35 80.08 20.37
C THR P 108 -11.83 80.03 20.32
N GLU P 109 -11.22 81.19 20.51
CA GLU P 109 -9.77 81.24 20.33
C GLU P 109 -9.07 80.38 21.37
N LYS P 110 -9.56 80.40 22.60
CA LYS P 110 -8.99 79.54 23.63
C LYS P 110 -9.22 78.07 23.32
N ASP P 111 -10.40 77.74 22.74
CA ASP P 111 -10.62 76.38 22.24
C ASP P 111 -9.46 75.94 21.34
N LEU P 112 -8.95 76.84 20.50
CA LEU P 112 -7.92 76.39 19.56
C LEU P 112 -6.61 76.08 20.28
N VAL P 113 -6.30 76.90 21.29
CA VAL P 113 -5.13 76.64 22.12
C VAL P 113 -5.19 75.23 22.69
N ALA P 114 -6.32 74.87 23.31
CA ALA P 114 -6.44 73.57 23.96
C ALA P 114 -6.23 72.44 22.96
N ILE P 115 -6.84 72.57 21.78
CA ILE P 115 -6.66 71.57 20.73
C ILE P 115 -5.19 71.44 20.34
N ALA P 116 -4.55 72.55 20.02
CA ALA P 116 -3.12 72.55 19.76
C ALA P 116 -2.33 72.07 20.98
N GLY P 117 -2.81 72.37 22.19
CA GLY P 117 -2.14 71.86 23.36
C GLY P 117 -2.11 70.35 23.37
N HIS P 118 -3.27 69.74 23.11
CA HIS P 118 -3.37 68.29 23.13
C HIS P 118 -2.39 67.67 22.14
N ILE P 119 -2.44 68.12 20.89
CA ILE P 119 -1.63 67.52 19.84
C ILE P 119 -0.16 67.47 20.25
N LEU P 120 0.32 68.51 20.92
CA LEU P 120 1.72 68.57 21.29
C LEU P 120 2.05 67.81 22.57
N VAL P 121 1.10 67.66 23.50
CA VAL P 121 1.38 66.92 24.73
C VAL P 121 1.28 65.42 24.48
N GLU P 122 0.36 64.98 23.63
CA GLU P 122 0.08 63.55 23.51
C GLU P 122 1.29 62.75 23.06
N PRO P 123 1.99 63.12 22.00
CA PRO P 123 3.23 62.42 21.68
C PRO P 123 4.16 62.26 22.86
N LYS P 124 4.08 63.15 23.84
CA LYS P 124 5.00 63.00 24.95
C LYS P 124 4.58 61.92 25.96
N ILE P 125 3.34 61.47 25.92
CA ILE P 125 2.84 60.44 26.83
C ILE P 125 2.77 59.07 26.14
N LEU P 126 2.30 59.06 24.91
CA LEU P 126 2.14 57.83 24.15
C LEU P 126 3.36 57.49 23.35
N GLY P 127 4.25 58.44 23.14
CA GLY P 127 5.43 58.14 22.35
C GLY P 127 5.06 57.66 20.97
N ASP P 128 5.66 56.53 20.59
CA ASP P 128 5.58 56.03 19.22
C ASP P 128 4.14 55.80 18.78
N LYS P 129 3.23 55.53 19.72
CA LYS P 129 1.87 55.15 19.34
C LYS P 129 1.16 56.30 18.66
N TRP P 130 1.48 57.52 19.07
CA TRP P 130 0.86 58.70 18.46
C TRP P 130 1.36 58.85 17.02
N GLY P 131 0.42 58.72 16.08
CA GLY P 131 0.76 58.69 14.67
C GLY P 131 1.49 57.46 14.20
N GLY P 132 1.56 56.40 15.01
CA GLY P 132 2.20 55.19 14.57
C GLY P 132 1.34 54.29 13.72
N GLY P 133 0.04 54.27 13.98
CA GLY P 133 -0.85 53.36 13.29
C GLY P 133 -1.04 52.06 14.02
N LYS P 134 -1.67 51.12 13.30
CA LYS P 134 -2.08 49.86 13.91
C LYS P 134 -0.92 49.04 14.46
N VAL P 135 0.29 49.25 13.94
CA VAL P 135 1.44 48.51 14.38
C VAL P 135 1.67 48.70 15.88
N TYR P 136 1.16 49.79 16.46
CA TYR P 136 1.43 50.10 17.85
C TYR P 136 0.17 50.08 18.70
N TYR P 137 -0.95 49.64 18.17
CA TYR P 137 -2.16 49.59 18.96
C TYR P 137 -1.93 48.64 20.12
N ALA Q 4 -30.19 67.78 38.00
CA ALA Q 4 -31.25 67.60 38.99
C ALA Q 4 -32.21 66.43 38.64
N GLN Q 5 -31.72 65.20 38.62
CA GLN Q 5 -32.48 64.05 38.11
C GLN Q 5 -32.87 63.06 39.20
N LEU Q 6 -33.31 63.59 40.35
CA LEU Q 6 -34.27 62.89 41.21
C LEU Q 6 -35.46 63.76 41.58
N THR Q 7 -35.38 65.08 41.35
CA THR Q 7 -36.50 66.01 41.52
C THR Q 7 -37.72 65.60 40.70
N MET Q 8 -37.58 64.62 39.79
CA MET Q 8 -38.69 64.19 38.95
C MET Q 8 -38.73 62.67 38.76
N ILE Q 9 -37.65 62.06 38.27
CA ILE Q 9 -37.72 60.64 37.90
C ILE Q 9 -38.32 59.82 39.05
N ALA Q 10 -37.60 59.70 40.18
CA ALA Q 10 -38.03 58.91 41.33
C ALA Q 10 -39.54 58.95 41.54
N MET Q 11 -40.15 60.09 41.18
CA MET Q 11 -41.61 60.24 41.29
C MET Q 11 -42.35 59.43 40.24
N ILE Q 12 -41.75 59.25 39.06
CA ILE Q 12 -42.40 58.43 38.03
C ILE Q 12 -42.27 56.96 38.37
N GLY Q 13 -41.06 56.52 38.72
CA GLY Q 13 -40.85 55.11 39.05
C GLY Q 13 -41.77 54.66 40.16
N ILE Q 14 -42.00 55.52 41.16
CA ILE Q 14 -42.83 55.21 42.31
C ILE Q 14 -44.30 55.17 41.94
N ALA Q 15 -44.68 55.96 40.93
CA ALA Q 15 -46.08 56.05 40.52
C ALA Q 15 -46.69 54.67 40.33
N GLY Q 16 -46.19 53.92 39.37
CA GLY Q 16 -46.75 52.63 39.05
C GLY Q 16 -46.95 51.74 40.25
N PRO Q 17 -45.89 51.51 41.05
CA PRO Q 17 -46.03 50.65 42.24
C PRO Q 17 -46.98 51.19 43.29
N MET Q 18 -47.13 52.52 43.39
CA MET Q 18 -48.10 53.05 44.33
C MET Q 18 -49.53 52.71 43.93
N ILE Q 19 -49.84 52.69 42.63
CA ILE Q 19 -51.17 52.32 42.18
C ILE Q 19 -51.53 50.91 42.63
N ILE Q 20 -50.54 49.98 42.66
CA ILE Q 20 -50.77 48.61 43.13
C ILE Q 20 -50.91 48.56 44.65
N PHE Q 21 -50.11 49.36 45.37
CA PHE Q 21 -50.18 49.39 46.83
C PHE Q 21 -51.41 50.14 47.36
N LEU Q 22 -52.10 50.90 46.52
CA LEU Q 22 -53.32 51.60 46.92
C LEU Q 22 -54.55 50.74 46.70
N LEU Q 23 -54.65 50.08 45.54
CA LEU Q 23 -55.72 49.10 45.34
C LEU Q 23 -55.61 47.98 46.36
N ALA Q 24 -54.45 47.35 46.45
CA ALA Q 24 -54.15 46.53 47.63
C ALA Q 24 -54.07 47.43 48.86
N VAL Q 25 -54.65 46.98 49.98
CA VAL Q 25 -54.77 47.74 51.21
C VAL Q 25 -55.97 48.68 51.13
N ARG Q 26 -56.65 48.69 49.98
CA ARG Q 26 -58.04 49.15 49.87
C ARG Q 26 -58.84 48.17 49.00
N ARG Q 27 -58.42 46.89 49.01
CA ARG Q 27 -58.94 45.78 48.22
C ARG Q 27 -59.81 46.16 47.01
N GLY Q 28 -59.16 46.46 45.89
CA GLY Q 28 -59.83 46.64 44.63
C GLY Q 28 -59.59 45.48 43.67
N ASN Q 29 -60.02 45.68 42.43
CA ASN Q 29 -60.18 44.59 41.47
C ASN Q 29 -58.93 44.42 40.60
N LEU Q 30 -57.86 44.00 41.26
CA LEU Q 30 -56.61 43.59 40.61
C LEU Q 30 -56.83 42.30 39.81
N THR R 1 21.64 22.29 55.64
CA THR R 1 21.22 21.67 56.89
C THR R 1 19.69 21.70 57.00
N ILE R 2 19.19 22.61 57.84
CA ILE R 2 17.77 22.91 57.93
C ILE R 2 17.56 24.27 57.27
N THR R 3 17.28 24.24 55.98
CA THR R 3 17.18 25.42 55.12
C THR R 3 15.82 26.11 55.26
N PRO R 4 15.72 27.36 54.79
CA PRO R 4 14.41 28.03 54.83
C PRO R 4 13.28 27.28 54.13
N SER R 5 13.54 26.68 52.97
CA SER R 5 12.42 25.99 52.32
C SER R 5 11.95 24.84 53.15
N LEU R 6 12.86 24.20 53.92
CA LEU R 6 12.50 23.12 54.82
C LEU R 6 11.78 23.65 56.05
N LYS R 7 12.20 24.80 56.58
CA LYS R 7 11.37 25.45 57.59
C LYS R 7 9.96 25.71 57.04
N GLY R 8 9.86 26.35 55.86
CA GLY R 8 8.56 26.52 55.22
C GLY R 8 7.80 25.21 55.08
N PHE R 9 8.49 24.17 54.62
CA PHE R 9 7.83 22.88 54.48
C PHE R 9 7.10 22.51 55.76
N PHE R 10 7.82 22.48 56.89
CA PHE R 10 7.20 22.14 58.16
C PHE R 10 6.09 23.12 58.51
N ILE R 11 6.31 24.42 58.24
CA ILE R 11 5.25 25.42 58.41
C ILE R 11 3.98 24.97 57.70
N GLY R 12 4.09 24.67 56.40
CA GLY R 12 2.95 24.13 55.69
C GLY R 12 2.43 22.83 56.27
N LEU R 13 3.35 21.97 56.71
CA LEU R 13 2.93 20.70 57.28
C LEU R 13 2.17 20.90 58.59
N LEU R 14 2.64 21.78 59.46
CA LEU R 14 1.89 21.96 60.70
C LEU R 14 0.60 22.69 60.42
N SER R 15 0.63 23.65 59.51
CA SER R 15 -0.59 24.37 59.16
C SER R 15 -1.66 23.43 58.64
N GLY R 16 -1.34 22.66 57.61
CA GLY R 16 -2.28 21.68 57.11
C GLY R 16 -2.86 20.80 58.19
N ALA R 17 -2.01 20.32 59.10
CA ALA R 17 -2.46 19.39 60.13
C ALA R 17 -3.43 20.04 61.11
N VAL R 18 -3.18 21.29 61.48
CA VAL R 18 -4.08 22.00 62.39
C VAL R 18 -5.48 22.09 61.80
N VAL R 19 -5.55 22.41 60.50
CA VAL R 19 -6.82 22.69 59.83
C VAL R 19 -7.67 21.42 59.80
N LEU R 20 -7.05 20.26 59.58
CA LEU R 20 -7.85 19.04 59.53
C LEU R 20 -8.28 18.61 60.92
N GLY R 21 -7.41 18.80 61.92
CA GLY R 21 -7.77 18.37 63.27
C GLY R 21 -8.80 19.28 63.88
N LEU R 22 -8.61 20.57 63.73
CA LEU R 22 -9.63 21.54 64.13
C LEU R 22 -10.97 21.24 63.46
N THR R 23 -10.94 20.98 62.15
CA THR R 23 -12.15 20.66 61.41
C THR R 23 -12.76 19.36 61.90
N PHE R 24 -11.92 18.33 62.07
CA PHE R 24 -12.41 17.05 62.56
C PHE R 24 -12.78 17.11 64.04
N ALA R 25 -12.09 17.93 64.83
CA ALA R 25 -12.54 18.15 66.19
C ALA R 25 -13.95 18.73 66.18
N VAL R 26 -14.17 19.79 65.41
CA VAL R 26 -15.48 20.41 65.33
C VAL R 26 -16.54 19.38 64.94
N LEU R 27 -16.23 18.56 63.94
CA LEU R 27 -17.23 17.65 63.40
C LEU R 27 -17.55 16.52 64.37
N ILE R 28 -16.57 16.03 65.14
CA ILE R 28 -16.89 14.99 66.11
C ILE R 28 -17.82 15.56 67.18
N ALA R 29 -17.52 16.76 67.65
CA ALA R 29 -18.34 17.41 68.65
C ALA R 29 -19.80 17.47 68.22
N ILE R 30 -20.08 18.12 67.09
CA ILE R 30 -21.48 18.29 66.68
C ILE R 30 -22.15 16.93 66.60
N SER R 31 -21.43 15.92 66.12
CA SER R 31 -22.09 14.66 65.81
C SER R 31 -22.56 13.98 67.07
N GLN R 32 -21.97 14.31 68.21
CA GLN R 32 -22.36 13.71 69.48
C GLN R 32 -23.52 14.47 70.14
N ILE R 33 -23.50 15.80 70.13
CA ILE R 33 -24.65 16.56 70.63
C ILE R 33 -25.90 16.22 69.84
N ASP R 34 -25.80 16.22 68.51
CA ASP R 34 -26.96 16.21 67.64
C ASP R 34 -27.01 14.88 66.91
N LYS R 35 -27.63 13.91 67.56
CA LYS R 35 -27.63 12.56 67.04
C LYS R 35 -28.97 12.22 66.41
N VAL R 36 -28.99 11.14 65.73
CA VAL R 36 -30.21 10.56 65.19
C VAL R 36 -30.79 9.61 66.23
N GLN R 37 -32.13 9.58 66.33
CA GLN R 37 -32.80 8.93 67.46
C GLN R 37 -32.69 7.41 67.42
N ARG R 38 -33.26 6.80 66.40
CA ARG R 38 -33.21 5.34 66.29
C ARG R 38 -34.03 4.69 67.39
N MET S 1 -47.71 87.91 29.49
CA MET S 1 -48.54 86.74 29.91
C MET S 1 -47.66 85.50 30.18
N THR S 2 -46.38 85.72 30.49
CA THR S 2 -45.51 84.63 30.95
C THR S 2 -46.01 84.01 32.25
N ILE S 3 -46.45 84.86 33.17
CA ILE S 3 -46.91 84.37 34.46
C ILE S 3 -48.09 83.39 34.29
N LEU S 4 -48.81 83.45 33.17
CA LEU S 4 -49.93 82.56 32.91
C LEU S 4 -49.56 81.35 32.05
N PHE S 5 -48.50 81.43 31.25
CA PHE S 5 -47.95 80.23 30.62
C PHE S 5 -47.27 79.33 31.66
N GLN S 6 -46.21 79.82 32.30
CA GLN S 6 -45.50 79.01 33.29
C GLN S 6 -46.43 78.44 34.35
N LEU S 7 -47.49 79.16 34.68
CA LEU S 7 -48.48 78.62 35.60
C LEU S 7 -49.27 77.48 34.97
N ALA S 8 -49.82 77.70 33.77
CA ALA S 8 -50.65 76.67 33.15
C ALA S 8 -49.86 75.39 32.95
N LEU S 9 -48.62 75.51 32.48
CA LEU S 9 -47.78 74.33 32.27
C LEU S 9 -47.49 73.63 33.58
N ALA S 10 -47.59 74.33 34.70
CA ALA S 10 -47.43 73.67 35.99
C ALA S 10 -48.64 72.83 36.31
N ALA S 11 -49.83 73.42 36.19
CA ALA S 11 -51.06 72.72 36.51
C ALA S 11 -51.27 71.50 35.62
N LEU S 12 -50.97 71.64 34.33
CA LEU S 12 -51.09 70.51 33.42
C LEU S 12 -50.33 69.31 34.00
N VAL S 13 -49.03 69.51 34.23
CA VAL S 13 -48.16 68.48 34.80
C VAL S 13 -48.72 67.97 36.12
N ILE S 14 -48.99 68.89 37.06
CA ILE S 14 -49.59 68.51 38.33
C ILE S 14 -50.88 67.74 38.11
N LEU S 15 -51.80 68.31 37.35
CA LEU S 15 -53.01 67.56 37.03
C LEU S 15 -52.66 66.16 36.53
N SER S 16 -51.61 66.04 35.72
CA SER S 16 -51.40 64.81 34.96
C SER S 16 -50.93 63.68 35.85
N PHE S 17 -49.93 63.95 36.69
CA PHE S 17 -49.58 63.04 37.77
C PHE S 17 -50.82 62.60 38.56
N VAL S 18 -51.64 63.55 38.99
CA VAL S 18 -52.81 63.22 39.81
C VAL S 18 -53.67 62.17 39.12
N MET S 19 -53.91 62.34 37.83
CA MET S 19 -54.84 61.45 37.14
C MET S 19 -54.18 60.13 36.74
N VAL S 20 -52.88 60.12 36.46
CA VAL S 20 -52.21 58.86 36.18
C VAL S 20 -52.44 57.89 37.32
N ILE S 21 -52.27 58.37 38.55
CA ILE S 21 -52.57 57.60 39.76
C ILE S 21 -54.07 57.50 40.00
N GLY S 22 -54.79 58.58 39.74
CA GLY S 22 -56.17 58.66 40.20
C GLY S 22 -57.11 57.76 39.42
N VAL S 23 -57.09 57.88 38.08
CA VAL S 23 -58.11 57.21 37.26
C VAL S 23 -58.05 55.69 37.40
N PRO S 24 -56.88 55.04 37.31
CA PRO S 24 -56.82 53.60 37.60
C PRO S 24 -57.31 53.20 38.99
N VAL S 25 -57.08 54.03 40.01
CA VAL S 25 -57.65 53.71 41.31
C VAL S 25 -59.16 53.91 41.32
N ALA S 26 -59.67 54.90 40.58
CA ALA S 26 -61.12 55.14 40.54
C ALA S 26 -61.87 54.18 39.63
N TYR S 27 -61.19 53.62 38.61
CA TYR S 27 -61.80 52.65 37.69
C TYR S 27 -61.84 51.24 38.28
N ALA S 28 -60.91 50.90 39.17
CA ALA S 28 -60.83 49.58 39.80
C ALA S 28 -61.42 49.54 41.19
N SER S 29 -61.68 50.70 41.82
CA SER S 29 -62.39 50.75 43.08
C SER S 29 -63.88 50.87 42.81
N PRO S 30 -64.66 49.80 42.96
CA PRO S 30 -66.12 49.95 42.83
C PRO S 30 -66.74 50.68 44.00
N GLN S 31 -65.96 50.92 45.06
CA GLN S 31 -66.39 51.80 46.14
C GLN S 31 -67.02 53.06 45.55
N ASP S 32 -66.26 53.82 44.79
CA ASP S 32 -66.75 55.01 44.11
C ASP S 32 -66.41 54.90 42.64
N TRP S 33 -67.40 54.51 41.85
CA TRP S 33 -67.49 54.91 40.47
C TRP S 33 -68.54 56.01 40.30
N ASP S 34 -69.19 56.43 41.40
CA ASP S 34 -70.29 57.40 41.32
C ASP S 34 -69.78 58.83 41.57
N ARG S 35 -69.39 59.15 42.81
CA ARG S 35 -68.75 60.44 43.06
C ARG S 35 -67.54 60.59 42.16
N SER S 36 -66.82 59.49 41.92
CA SER S 36 -65.69 59.53 41.01
C SER S 36 -66.13 59.85 39.58
N LYS S 37 -67.37 59.53 39.21
CA LYS S 37 -67.87 59.90 37.89
C LYS S 37 -67.86 61.42 37.71
N GLN S 38 -68.25 62.16 38.75
CA GLN S 38 -68.03 63.59 38.75
C GLN S 38 -66.55 63.91 38.65
N LEU S 39 -65.72 63.20 39.43
CA LEU S 39 -64.34 63.61 39.66
C LEU S 39 -63.49 63.51 38.41
N ILE S 40 -63.52 62.36 37.73
CA ILE S 40 -62.57 62.18 36.62
C ILE S 40 -63.08 62.79 35.33
N PHE S 41 -64.38 63.12 35.25
CA PHE S 41 -64.94 63.73 34.05
C PHE S 41 -64.56 65.20 33.96
N LEU S 42 -64.65 65.91 35.09
CA LEU S 42 -64.22 67.30 35.12
C LEU S 42 -62.70 67.39 35.05
N GLY S 43 -62.00 66.50 35.76
CA GLY S 43 -60.56 66.42 35.59
C GLY S 43 -60.14 66.28 34.14
N SER S 44 -60.84 65.42 33.40
CA SER S 44 -60.50 65.19 32.00
C SER S 44 -60.79 66.43 31.17
N GLY S 45 -61.98 67.01 31.35
CA GLY S 45 -62.29 68.25 30.68
C GLY S 45 -61.36 69.38 31.06
N LEU S 46 -60.98 69.43 32.34
CA LEU S 46 -60.03 70.43 32.79
C LEU S 46 -58.65 70.23 32.16
N TRP S 47 -58.23 68.98 32.02
CA TRP S 47 -56.95 68.67 31.38
C TRP S 47 -56.92 69.19 29.95
N ILE S 48 -58.02 68.96 29.19
CA ILE S 48 -58.11 69.40 27.79
C ILE S 48 -58.03 70.91 27.67
N ALA S 49 -58.90 71.61 28.40
CA ALA S 49 -58.81 73.05 28.48
C ALA S 49 -57.38 73.50 28.73
N LEU S 50 -56.76 72.87 29.74
CA LEU S 50 -55.41 73.21 30.17
C LEU S 50 -54.39 73.00 29.07
N VAL S 51 -54.56 71.96 28.28
CA VAL S 51 -53.64 71.69 27.18
C VAL S 51 -53.75 72.76 26.10
N LEU S 52 -54.99 73.20 25.78
CA LEU S 52 -55.21 74.24 24.77
C LEU S 52 -54.73 75.62 25.22
N VAL S 53 -54.53 75.83 26.52
CA VAL S 53 -54.02 77.11 27.03
C VAL S 53 -52.52 77.23 26.78
N VAL S 54 -51.75 76.25 27.26
CA VAL S 54 -50.40 76.07 26.78
C VAL S 54 -50.46 75.78 25.28
N GLY S 55 -49.61 76.42 24.51
CA GLY S 55 -49.67 76.15 23.08
C GLY S 55 -50.43 77.20 22.31
N VAL S 56 -51.58 77.62 22.82
CA VAL S 56 -52.02 78.98 22.58
C VAL S 56 -51.00 79.95 23.16
N LEU S 57 -50.81 79.89 24.48
CA LEU S 57 -49.87 80.79 25.11
C LEU S 57 -48.44 80.52 24.73
N ASN S 58 -48.14 79.35 24.17
CA ASN S 58 -46.78 79.06 23.71
C ASN S 58 -46.24 80.16 22.83
N PHE S 59 -47.11 80.88 22.13
CA PHE S 59 -46.66 81.79 21.11
C PHE S 59 -46.28 83.15 21.70
N PHE S 60 -46.88 83.54 22.82
CA PHE S 60 -46.49 84.78 23.47
C PHE S 60 -45.21 84.62 24.28
N VAL S 61 -44.77 83.39 24.55
CA VAL S 61 -43.54 83.14 25.28
C VAL S 61 -42.40 82.65 24.39
N VAL S 62 -42.66 82.34 23.11
CA VAL S 62 -41.72 81.65 22.19
C VAL S 62 -40.75 80.79 23.00
N ASP T 1 -2.92 49.07 60.35
CA ASP T 1 -3.02 50.50 60.63
C ASP T 1 -4.47 50.85 61.03
N TRP T 2 -4.93 52.07 60.73
CA TRP T 2 -6.23 52.51 61.19
C TRP T 2 -7.36 52.30 60.18
N ARG T 3 -7.07 52.20 58.88
CA ARG T 3 -8.14 51.93 57.91
C ARG T 3 -8.80 50.59 58.21
N VAL T 4 -8.07 49.71 58.92
CA VAL T 4 -8.57 48.40 59.28
C VAL T 4 -9.68 48.50 60.31
N LEU T 5 -9.45 49.29 61.37
CA LEU T 5 -10.53 49.54 62.33
C LEU T 5 -11.69 50.21 61.62
N VAL T 6 -11.40 51.19 60.76
CA VAL T 6 -12.45 51.84 59.97
C VAL T 6 -13.29 50.77 59.28
N VAL T 7 -12.63 49.89 58.50
CA VAL T 7 -13.32 48.88 57.71
C VAL T 7 -14.09 47.90 58.59
N LEU T 8 -13.50 47.51 59.72
CA LEU T 8 -14.07 46.46 60.55
C LEU T 8 -15.18 46.92 61.46
N LEU T 9 -15.31 48.21 61.68
CA LEU T 9 -16.25 48.72 62.67
C LEU T 9 -17.71 48.54 62.25
N PRO T 10 -18.06 48.73 60.99
CA PRO T 10 -19.44 48.37 60.63
C PRO T 10 -19.75 46.90 60.90
N VAL T 11 -18.82 45.98 60.63
CA VAL T 11 -19.21 44.57 60.76
C VAL T 11 -19.40 44.16 62.22
N LEU T 12 -18.83 44.90 63.19
CA LEU T 12 -19.06 44.58 64.59
C LEU T 12 -20.47 45.00 65.04
N LEU T 13 -20.86 46.23 64.69
CA LEU T 13 -22.24 46.65 64.95
C LEU T 13 -23.23 45.78 64.17
N ALA T 14 -22.86 45.38 62.96
CA ALA T 14 -23.71 44.43 62.24
C ALA T 14 -23.88 43.14 63.03
N ALA T 15 -22.76 42.56 63.50
CA ALA T 15 -22.81 41.33 64.31
C ALA T 15 -23.34 41.60 65.72
N GLY T 16 -22.91 42.70 66.34
CA GLY T 16 -23.46 43.04 67.65
C GLY T 16 -24.97 43.17 67.63
N TRP T 17 -25.49 43.91 66.64
CA TRP T 17 -26.91 44.19 66.54
C TRP T 17 -27.73 42.93 66.29
N ALA T 18 -27.20 42.01 65.49
CA ALA T 18 -27.90 40.75 65.27
C ALA T 18 -27.88 39.92 66.55
N VAL T 19 -26.73 39.89 67.23
CA VAL T 19 -26.53 39.02 68.39
C VAL T 19 -27.48 39.38 69.51
N ARG T 20 -27.83 40.66 69.65
CA ARG T 20 -28.74 41.08 70.70
C ARG T 20 -30.20 40.94 70.28
N ASN T 21 -30.52 41.16 69.00
CA ASN T 21 -31.88 40.94 68.55
C ASN T 21 -32.23 39.45 68.56
N ILE T 22 -31.25 38.58 68.42
CA ILE T 22 -31.52 37.17 68.20
C ILE T 22 -31.17 36.31 69.42
N LEU T 23 -30.52 36.87 70.42
CA LEU T 23 -30.11 36.14 71.63
C LEU T 23 -31.22 35.31 72.26
N PRO T 24 -32.37 35.89 72.63
CA PRO T 24 -33.36 35.09 73.36
C PRO T 24 -33.88 33.89 72.58
N TYR T 25 -33.95 33.98 71.26
CA TYR T 25 -34.48 32.87 70.47
C TYR T 25 -33.41 31.84 70.14
N ALA T 26 -32.12 32.22 70.19
CA ALA T 26 -31.03 31.26 70.05
C ALA T 26 -30.84 30.42 71.31
N VAL T 27 -31.19 31.00 72.47
CA VAL T 27 -31.11 30.32 73.75
C VAL T 27 -32.07 29.13 73.80
N LYS T 28 -33.22 29.27 73.15
CA LYS T 28 -34.17 28.16 73.01
C LYS T 28 -33.55 26.97 72.28
N GLN T 29 -32.94 27.22 71.12
CA GLN T 29 -32.53 26.14 70.22
C GLN T 29 -31.47 25.26 70.87
N VAL T 30 -30.57 25.87 71.64
CA VAL T 30 -29.47 25.13 72.26
C VAL T 30 -29.98 24.26 73.41
N GLN T 31 -30.90 24.81 74.22
CA GLN T 31 -31.58 24.02 75.25
C GLN T 31 -32.17 22.75 74.65
N LYS T 32 -32.92 22.90 73.55
CA LYS T 32 -33.58 21.77 72.92
C LYS T 32 -32.59 20.63 72.62
N LEU T 33 -31.35 20.96 72.26
CA LEU T 33 -30.34 19.94 71.97
C LEU T 33 -29.93 19.15 73.22
N LEU T 34 -30.91 18.63 73.98
CA LEU T 34 -30.67 17.90 75.22
C LEU T 34 -29.98 18.80 76.24
N ALA U 1 5.21 -49.77 38.31
CA ALA U 1 6.39 -50.58 38.06
C ALA U 1 7.61 -49.65 37.94
N ASN U 2 8.70 -50.12 37.33
CA ASN U 2 9.96 -49.38 37.34
C ASN U 2 9.97 -48.28 36.27
N LEU U 3 10.80 -47.25 36.51
CA LEU U 3 10.73 -46.04 35.71
C LEU U 3 11.09 -46.30 34.26
N TRP U 4 12.11 -47.14 34.01
CA TRP U 4 12.39 -47.49 32.62
C TRP U 4 11.17 -48.09 31.93
N GLU U 5 10.27 -48.74 32.68
CA GLU U 5 9.11 -49.38 32.05
C GLU U 5 7.95 -48.40 31.84
N ARG U 6 7.70 -47.48 32.79
CA ARG U 6 6.74 -46.41 32.55
C ARG U 6 7.11 -45.67 31.27
N PHE U 7 8.38 -45.32 31.13
CA PHE U 7 8.88 -44.62 29.97
C PHE U 7 8.64 -45.41 28.68
N CYS U 8 9.13 -46.65 28.63
CA CYS U 8 8.92 -47.45 27.42
C CYS U 8 7.45 -47.48 27.03
N ASN U 9 6.56 -47.67 28.00
CA ASN U 9 5.13 -47.76 27.71
C ASN U 9 4.56 -46.41 27.26
N TRP U 10 5.19 -45.30 27.66
CA TRP U 10 4.80 -44.02 27.09
C TRP U 10 5.29 -43.87 25.67
N VAL U 11 6.60 -44.10 25.43
CA VAL U 11 7.18 -43.98 24.10
C VAL U 11 6.32 -44.72 23.07
N THR U 12 5.88 -45.90 23.42
CA THR U 12 5.15 -46.76 22.48
C THR U 12 3.64 -46.69 22.66
N SER U 13 3.13 -45.82 23.53
CA SER U 13 1.68 -45.68 23.67
C SER U 13 0.97 -45.40 22.36
N THR U 14 -0.09 -46.17 22.09
CA THR U 14 -0.98 -45.85 20.98
C THR U 14 -2.09 -44.87 21.38
N ASP U 15 -1.94 -44.16 22.53
CA ASP U 15 -2.88 -43.18 23.03
C ASP U 15 -2.43 -41.75 22.82
N ASN U 16 -1.16 -41.56 22.48
CA ASN U 16 -0.66 -40.22 22.26
C ASN U 16 -1.28 -39.67 20.98
N ARG U 17 -1.71 -38.40 21.04
CA ARG U 17 -2.29 -37.72 19.87
C ARG U 17 -1.40 -37.91 18.64
N LEU U 18 -0.10 -37.79 18.84
CA LEU U 18 0.92 -38.11 17.85
C LEU U 18 1.78 -39.25 18.37
N TYR U 19 2.02 -40.26 17.55
CA TYR U 19 2.77 -41.41 18.05
C TYR U 19 4.26 -41.08 18.16
N VAL U 20 4.87 -41.51 19.26
CA VAL U 20 6.30 -41.30 19.40
C VAL U 20 7.01 -42.50 18.81
N GLY U 21 7.20 -43.59 19.58
CA GLY U 21 7.94 -44.75 19.11
C GLY U 21 9.45 -44.56 19.21
N TRP U 22 10.18 -45.67 19.01
CA TRP U 22 11.63 -45.59 19.15
C TRP U 22 12.24 -44.87 17.94
N PHE U 23 11.79 -45.18 16.72
CA PHE U 23 12.17 -44.32 15.62
C PHE U 23 11.76 -42.90 15.93
N GLY U 24 10.64 -42.73 16.62
CA GLY U 24 10.20 -41.39 16.96
C GLY U 24 11.19 -40.59 17.76
N VAL U 25 12.00 -41.29 18.58
CA VAL U 25 12.92 -40.66 19.55
C VAL U 25 14.08 -40.02 18.83
N ILE U 26 14.53 -40.63 17.73
CA ILE U 26 15.55 -40.03 16.89
C ILE U 26 14.92 -39.00 15.92
N MET U 27 13.76 -39.34 15.31
CA MET U 27 13.10 -38.48 14.31
C MET U 27 12.82 -37.07 14.82
N ILE U 28 12.36 -36.97 16.06
CA ILE U 28 11.86 -35.71 16.59
C ILE U 28 13.00 -34.71 16.72
N PRO U 29 14.03 -34.94 17.53
CA PRO U 29 15.08 -33.92 17.62
C PRO U 29 15.71 -33.60 16.28
N THR U 30 15.94 -34.57 15.38
CA THR U 30 16.66 -34.24 14.17
C THR U 30 15.81 -33.40 13.22
N LEU U 31 14.50 -33.69 13.09
CA LEU U 31 13.64 -32.87 12.25
C LEU U 31 13.48 -31.48 12.82
N LEU U 32 13.43 -31.35 14.14
CA LEU U 32 13.38 -30.03 14.77
C LEU U 32 14.63 -29.22 14.49
N ALA U 33 15.80 -29.84 14.56
CA ALA U 33 17.03 -29.09 14.33
C ALA U 33 17.15 -28.68 12.86
N ALA U 34 16.71 -29.55 11.95
CA ALA U 34 16.69 -29.16 10.54
C ALA U 34 15.69 -28.03 10.29
N THR U 35 14.49 -28.11 10.91
CA THR U 35 13.45 -27.15 10.60
C THR U 35 13.82 -25.77 11.11
N ILE U 36 14.36 -25.71 12.33
CA ILE U 36 14.74 -24.42 12.90
C ILE U 36 15.94 -23.83 12.18
N CYS U 37 16.92 -24.65 11.82
CA CYS U 37 18.06 -24.08 11.10
C CYS U 37 17.62 -23.57 9.72
N PHE U 38 16.81 -24.37 9.01
CA PHE U 38 16.35 -24.00 7.68
C PHE U 38 15.58 -22.68 7.70
N VAL U 39 14.60 -22.56 8.62
CA VAL U 39 13.76 -21.37 8.65
C VAL U 39 14.62 -20.15 8.89
N ILE U 40 15.57 -20.27 9.82
CA ILE U 40 16.42 -19.13 10.17
C ILE U 40 17.38 -18.79 9.04
N ALA U 41 17.91 -19.79 8.35
CA ALA U 41 18.83 -19.50 7.26
C ALA U 41 18.10 -18.88 6.07
N PHE U 42 16.91 -19.41 5.76
CA PHE U 42 16.14 -18.91 4.62
C PHE U 42 15.84 -17.41 4.75
N ILE U 43 15.38 -16.98 5.91
CA ILE U 43 15.15 -15.56 6.17
C ILE U 43 16.46 -14.77 6.21
N ALA U 44 17.43 -15.23 7.03
CA ALA U 44 18.51 -14.36 7.48
C ALA U 44 19.93 -14.72 7.08
N ALA U 45 20.20 -15.88 6.54
CA ALA U 45 21.57 -16.28 6.34
C ALA U 45 22.27 -15.38 5.30
N PRO U 46 23.55 -15.11 5.49
CA PRO U 46 24.27 -14.29 4.51
C PRO U 46 24.83 -15.12 3.38
N PRO U 47 25.46 -14.51 2.39
CA PRO U 47 25.80 -15.24 1.16
C PRO U 47 26.87 -16.31 1.35
N VAL U 48 26.82 -17.27 0.42
CA VAL U 48 27.42 -18.57 0.51
C VAL U 48 28.23 -18.79 -0.76
N ASP U 49 29.53 -19.08 -0.61
CA ASP U 49 30.42 -19.39 -1.74
C ASP U 49 30.22 -20.86 -2.11
N ILE U 50 29.18 -21.08 -2.91
CA ILE U 50 28.82 -22.44 -3.33
C ILE U 50 29.96 -23.09 -4.10
N ASP U 51 30.44 -22.44 -5.14
CA ASP U 51 31.37 -23.14 -6.02
C ASP U 51 32.84 -23.03 -5.57
N GLY U 52 33.10 -22.52 -4.36
CA GLY U 52 34.48 -22.53 -3.92
C GLY U 52 35.36 -21.50 -4.58
N ILE U 53 34.78 -20.50 -5.26
CA ILE U 53 35.57 -19.61 -6.08
C ILE U 53 35.52 -18.19 -5.56
N ARG U 54 35.05 -18.02 -4.33
CA ARG U 54 34.97 -16.70 -3.72
C ARG U 54 33.99 -15.82 -4.51
N GLU U 55 32.87 -16.39 -4.89
CA GLU U 55 31.80 -15.67 -5.57
C GLU U 55 30.50 -16.06 -4.86
N PRO U 56 30.15 -15.37 -3.79
CA PRO U 56 29.04 -15.84 -2.95
C PRO U 56 27.68 -15.60 -3.58
N VAL U 57 26.79 -16.58 -3.37
CA VAL U 57 25.41 -16.54 -3.81
C VAL U 57 24.50 -16.17 -2.64
N SER U 58 23.66 -15.17 -2.86
CA SER U 58 22.72 -14.71 -1.84
C SER U 58 21.46 -15.54 -1.94
N GLY U 59 21.10 -16.19 -0.84
CA GLY U 59 19.96 -17.09 -0.88
C GLY U 59 18.81 -16.67 0.02
N SER U 60 19.06 -15.75 0.94
CA SER U 60 18.07 -15.49 1.98
C SER U 60 17.19 -14.24 1.71
N LEU U 61 16.01 -14.20 2.36
CA LEU U 61 15.09 -13.10 2.16
C LEU U 61 15.74 -11.76 2.49
N LEU U 62 16.48 -11.68 3.58
CA LEU U 62 16.95 -10.39 4.01
C LEU U 62 18.05 -9.86 3.13
N TYR U 63 18.75 -10.74 2.40
CA TYR U 63 19.75 -10.32 1.44
C TYR U 63 19.18 -10.25 0.03
N GLY U 64 17.91 -9.88 -0.09
CA GLY U 64 17.36 -9.45 -1.36
C GLY U 64 16.66 -10.50 -2.18
N ASN U 65 16.11 -11.53 -1.55
CA ASN U 65 15.46 -12.60 -2.27
C ASN U 65 13.97 -12.55 -2.03
N ASN U 66 13.24 -13.30 -2.83
CA ASN U 66 11.84 -13.52 -2.49
C ASN U 66 11.60 -15.00 -2.24
N ILE U 67 10.33 -15.34 -2.10
CA ILE U 67 9.99 -16.72 -1.80
C ILE U 67 10.50 -17.59 -2.92
N ILE U 68 10.50 -17.07 -4.14
CA ILE U 68 10.75 -17.93 -5.30
C ILE U 68 12.24 -18.03 -5.63
N THR U 69 13.04 -16.98 -5.37
CA THR U 69 14.48 -17.04 -5.61
C THR U 69 15.27 -17.49 -4.38
N GLY U 70 14.63 -17.60 -3.23
CA GLY U 70 15.33 -17.84 -2.01
C GLY U 70 15.83 -19.28 -1.90
N ALA U 71 16.94 -19.42 -1.21
CA ALA U 71 17.39 -20.77 -0.92
C ALA U 71 18.36 -20.77 0.26
N VAL U 72 18.40 -21.90 0.94
CA VAL U 72 19.61 -22.30 1.66
C VAL U 72 20.53 -22.92 0.62
N VAL U 73 21.72 -22.34 0.49
CA VAL U 73 22.67 -22.66 -0.58
C VAL U 73 23.58 -23.83 -0.20
N PRO U 74 23.87 -24.77 -1.12
CA PRO U 74 24.80 -25.89 -0.81
C PRO U 74 26.18 -25.41 -0.39
N SER U 75 26.94 -26.31 0.24
CA SER U 75 28.23 -25.93 0.82
C SER U 75 29.36 -25.97 -0.19
N SER U 76 30.40 -25.21 0.13
CA SER U 76 31.48 -24.87 -0.78
C SER U 76 32.10 -26.09 -1.46
N ASN U 77 32.44 -25.90 -2.74
CA ASN U 77 33.17 -26.92 -3.44
C ASN U 77 34.55 -27.15 -2.80
N ALA U 78 35.14 -26.11 -2.20
CA ALA U 78 36.40 -26.24 -1.52
C ALA U 78 36.30 -27.28 -0.42
N ILE U 79 35.10 -27.48 0.12
CA ILE U 79 34.90 -28.49 1.18
C ILE U 79 34.72 -29.87 0.58
N GLY U 80 34.18 -29.96 -0.63
CA GLY U 80 33.96 -31.25 -1.26
C GLY U 80 33.03 -32.07 -0.40
N LEU U 81 33.49 -33.28 -0.02
CA LEU U 81 32.72 -34.19 0.84
C LEU U 81 33.21 -34.24 2.29
N HIS U 82 34.06 -33.33 2.70
CA HIS U 82 34.47 -33.28 4.11
C HIS U 82 33.29 -32.93 5.02
N PHE U 83 33.29 -33.55 6.19
CA PHE U 83 32.32 -33.22 7.23
C PHE U 83 32.62 -31.84 7.79
N TYR U 84 31.59 -31.02 7.98
CA TYR U 84 31.79 -29.61 8.34
C TYR U 84 30.79 -29.21 9.39
N PRO U 85 30.85 -29.84 10.56
CA PRO U 85 30.00 -29.40 11.67
C PRO U 85 30.38 -27.98 12.02
N ILE U 86 29.53 -27.35 12.84
CA ILE U 86 29.82 -26.04 13.35
C ILE U 86 31.14 -26.06 14.13
N TRP U 87 31.47 -27.17 14.78
CA TRP U 87 32.66 -27.19 15.63
C TRP U 87 33.95 -27.36 14.85
N GLU U 88 33.89 -27.53 13.52
CA GLU U 88 35.09 -27.53 12.71
C GLU U 88 35.46 -26.14 12.20
N ALA U 89 34.69 -25.13 12.50
CA ALA U 89 34.89 -23.80 11.95
C ALA U 89 35.55 -22.92 12.97
N ALA U 90 36.30 -21.95 12.49
CA ALA U 90 36.91 -21.02 13.43
C ALA U 90 35.90 -20.09 14.08
N SER U 91 34.67 -20.02 13.56
CA SER U 91 33.68 -19.02 13.95
C SER U 91 32.36 -19.23 13.21
N LEU U 92 31.24 -18.83 13.78
CA LEU U 92 30.01 -18.91 13.01
C LEU U 92 30.17 -18.16 11.68
N ASP U 93 30.88 -17.05 11.71
CA ASP U 93 31.03 -16.25 10.51
C ASP U 93 31.66 -17.07 9.39
N GLU U 94 32.74 -17.84 9.69
CA GLU U 94 33.32 -18.76 8.70
C GLU U 94 32.35 -19.86 8.27
N TRP U 95 31.64 -20.45 9.23
CA TRP U 95 30.65 -21.49 8.91
C TRP U 95 29.57 -20.96 7.96
N LEU U 96 29.08 -19.75 8.19
CA LEU U 96 28.02 -19.25 7.30
C LEU U 96 28.56 -19.06 5.90
N TYR U 97 29.75 -18.48 5.78
CA TYR U 97 30.31 -18.16 4.48
C TYR U 97 30.45 -19.39 3.61
N ASN U 98 30.85 -20.52 4.20
CA ASN U 98 31.25 -21.69 3.43
C ASN U 98 30.12 -22.69 3.24
N GLY U 99 28.94 -22.42 3.77
CA GLY U 99 27.77 -23.21 3.45
C GLY U 99 27.35 -24.18 4.51
N GLY U 100 27.70 -23.92 5.78
CA GLY U 100 27.52 -24.91 6.83
C GLY U 100 26.12 -25.30 7.07
N PRO U 101 25.13 -24.39 7.12
CA PRO U 101 23.76 -24.78 7.38
C PRO U 101 23.28 -25.89 6.45
N TYR U 102 23.69 -25.88 5.20
CA TYR U 102 23.20 -26.90 4.27
C TYR U 102 23.52 -28.30 4.79
N GLN U 103 24.77 -28.51 5.24
CA GLN U 103 25.16 -29.79 5.80
C GLN U 103 24.31 -30.13 7.01
N LEU U 104 24.18 -29.18 7.94
CA LEU U 104 23.36 -29.43 9.14
C LEU U 104 21.96 -29.86 8.76
N ILE U 105 21.35 -29.13 7.81
CA ILE U 105 19.96 -29.35 7.46
C ILE U 105 19.80 -30.70 6.78
N ILE U 106 20.62 -30.99 5.78
CA ILE U 106 20.33 -32.21 5.04
C ILE U 106 20.64 -33.46 5.86
N PHE U 107 21.71 -33.46 6.68
CA PHE U 107 22.01 -34.64 7.51
C PHE U 107 20.95 -34.86 8.55
N HIS U 108 20.59 -33.83 9.30
CA HIS U 108 19.56 -34.05 10.29
C HIS U 108 18.29 -34.49 9.61
N PHE U 109 18.04 -34.00 8.39
CA PHE U 109 16.79 -34.27 7.70
C PHE U 109 16.78 -35.68 7.10
N LEU U 110 17.83 -36.04 6.37
CA LEU U 110 17.85 -37.41 5.87
C LEU U 110 17.62 -38.38 6.99
N LEU U 111 18.21 -38.11 8.12
CA LEU U 111 18.10 -39.02 9.23
C LEU U 111 16.68 -39.03 9.78
N GLY U 112 16.17 -37.87 10.13
CA GLY U 112 14.82 -37.80 10.65
C GLY U 112 13.79 -38.36 9.71
N ALA U 113 13.98 -38.17 8.39
CA ALA U 113 13.04 -38.70 7.40
C ALA U 113 13.16 -40.22 7.26
N SER U 114 14.37 -40.75 7.38
CA SER U 114 14.54 -42.21 7.37
C SER U 114 13.78 -42.85 8.52
N CYS U 115 13.74 -42.16 9.67
CA CYS U 115 13.06 -42.65 10.87
C CYS U 115 11.57 -42.41 10.79
N TYR U 116 11.17 -41.32 10.13
CA TYR U 116 9.78 -41.20 9.68
C TYR U 116 9.31 -42.51 9.04
N MET U 117 10.12 -43.03 8.10
CA MET U 117 9.77 -44.27 7.42
C MET U 117 9.58 -45.39 8.43
N GLY U 118 10.57 -45.61 9.30
CA GLY U 118 10.45 -46.64 10.31
C GLY U 118 9.28 -46.44 11.25
N ARG U 119 9.00 -45.18 11.63
CA ARG U 119 7.85 -44.90 12.50
C ARG U 119 6.55 -45.37 11.87
N GLN U 120 6.45 -45.28 10.54
CA GLN U 120 5.24 -45.78 9.87
C GLN U 120 5.14 -47.29 10.03
N TRP U 121 6.29 -47.99 10.00
CA TRP U 121 6.25 -49.41 10.30
C TRP U 121 5.82 -49.62 11.73
N GLU U 122 6.41 -48.85 12.62
CA GLU U 122 6.21 -49.09 14.03
C GLU U 122 4.74 -48.95 14.39
N LEU U 123 4.10 -47.83 14.00
CA LEU U 123 2.72 -47.66 14.42
C LEU U 123 1.85 -48.74 13.83
N SER U 124 2.15 -49.17 12.59
CA SER U 124 1.33 -50.17 11.96
C SER U 124 1.43 -51.51 12.69
N TYR U 125 2.56 -51.74 13.36
CA TYR U 125 2.73 -52.93 14.20
C TYR U 125 1.87 -52.83 15.45
N ARG U 126 1.88 -51.67 16.10
CA ARG U 126 1.11 -51.47 17.31
C ARG U 126 -0.38 -51.45 17.05
N LEU U 127 -0.80 -51.19 15.81
CA LEU U 127 -2.22 -51.14 15.52
C LEU U 127 -2.74 -52.45 15.01
N GLY U 128 -1.86 -53.38 14.65
CA GLY U 128 -2.27 -54.64 14.07
C GLY U 128 -2.52 -54.52 12.59
N MET U 129 -1.85 -53.59 11.92
CA MET U 129 -2.02 -53.37 10.49
C MET U 129 -1.00 -54.19 9.73
N ARG U 130 -1.21 -54.28 8.42
CA ARG U 130 -0.15 -54.74 7.55
C ARG U 130 0.89 -53.64 7.47
N PRO U 131 2.15 -53.98 7.13
CA PRO U 131 3.27 -53.11 7.45
C PRO U 131 3.79 -52.25 6.30
N TRP U 132 3.29 -52.43 5.06
CA TRP U 132 3.99 -51.96 3.88
C TRP U 132 3.62 -50.54 3.41
N ILE U 133 2.92 -49.76 4.22
CA ILE U 133 2.87 -48.33 3.91
C ILE U 133 4.29 -47.78 3.79
N CYS U 134 5.16 -48.14 4.74
CA CYS U 134 6.49 -47.56 4.78
C CYS U 134 7.25 -47.88 3.51
N VAL U 135 6.89 -48.96 2.84
CA VAL U 135 7.52 -49.31 1.58
C VAL U 135 7.11 -48.33 0.48
N ALA U 136 5.86 -47.84 0.53
CA ALA U 136 5.45 -46.86 -0.48
C ALA U 136 6.17 -45.55 -0.26
N TYR U 137 6.50 -45.22 0.98
CA TYR U 137 7.15 -43.95 1.25
C TYR U 137 8.62 -43.98 0.92
N SER U 138 9.21 -45.18 0.87
CA SER U 138 10.59 -45.37 0.45
C SER U 138 10.86 -44.83 -0.94
N ALA U 139 9.82 -44.65 -1.74
CA ALA U 139 10.05 -44.15 -3.07
C ALA U 139 10.40 -42.66 -3.03
N PRO U 140 9.67 -41.85 -2.24
CA PRO U 140 10.07 -40.42 -2.12
C PRO U 140 11.29 -40.20 -1.25
N LEU U 141 11.49 -41.06 -0.25
CA LEU U 141 12.70 -41.03 0.59
C LEU U 141 13.95 -41.36 -0.23
N ALA U 142 13.90 -42.45 -0.97
CA ALA U 142 14.94 -42.72 -1.94
C ALA U 142 15.28 -41.50 -2.80
N SER U 143 14.24 -40.84 -3.34
CA SER U 143 14.46 -39.68 -4.20
C SER U 143 15.20 -38.56 -3.46
N ALA U 144 14.85 -38.32 -2.20
CA ALA U 144 15.57 -37.28 -1.45
C ALA U 144 17.01 -37.67 -1.21
N PHE U 145 17.27 -38.94 -0.90
CA PHE U 145 18.66 -39.38 -0.73
C PHE U 145 19.46 -39.15 -1.99
N ALA U 146 18.83 -39.33 -3.15
CA ALA U 146 19.55 -39.19 -4.40
C ALA U 146 20.04 -37.77 -4.64
N VAL U 147 19.16 -36.77 -4.50
CA VAL U 147 19.55 -35.40 -4.85
C VAL U 147 20.34 -34.73 -3.75
N PHE U 148 20.26 -35.25 -2.51
CA PHE U 148 20.97 -34.66 -1.39
C PHE U 148 22.23 -35.42 -1.00
N LEU U 149 22.31 -36.72 -1.28
CA LEU U 149 23.40 -37.54 -0.78
C LEU U 149 24.12 -38.30 -1.88
N ILE U 150 23.40 -39.08 -2.69
CA ILE U 150 24.05 -39.98 -3.62
C ILE U 150 24.77 -39.20 -4.71
N TYR U 151 24.06 -38.19 -5.30
CA TYR U 151 24.61 -37.45 -6.43
C TYR U 151 25.84 -36.64 -6.00
N PRO U 152 25.82 -36.00 -4.82
CA PRO U 152 27.07 -35.35 -4.34
C PRO U 152 28.21 -36.34 -4.14
N ILE U 153 27.90 -37.59 -3.80
CA ILE U 153 28.94 -38.59 -3.57
C ILE U 153 29.64 -38.96 -4.87
N GLY U 154 28.86 -39.35 -5.87
CA GLY U 154 29.45 -39.65 -7.15
C GLY U 154 30.23 -38.48 -7.74
N GLN U 155 29.87 -37.25 -7.37
CA GLN U 155 30.48 -36.11 -8.06
C GLN U 155 31.56 -35.45 -7.24
N GLY U 156 31.67 -35.82 -5.96
CA GLY U 156 32.74 -35.37 -5.10
C GLY U 156 32.46 -34.13 -4.30
N SER U 157 31.22 -33.64 -4.28
CA SER U 157 30.98 -32.37 -3.62
C SER U 157 29.52 -32.23 -3.25
N PHE U 158 29.29 -31.80 -2.02
CA PHE U 158 27.95 -31.44 -1.59
C PHE U 158 27.47 -30.17 -2.28
N SER U 159 28.41 -29.40 -2.84
CA SER U 159 28.12 -28.20 -3.61
C SER U 159 27.28 -28.49 -4.85
N ASP U 160 27.40 -29.71 -5.39
CA ASP U 160 26.56 -30.21 -6.46
C ASP U 160 25.36 -30.98 -5.97
N GLY U 161 24.98 -30.84 -4.72
CA GLY U 161 23.68 -31.33 -4.30
C GLY U 161 22.58 -30.33 -4.69
N MET U 162 21.34 -30.77 -4.60
CA MET U 162 20.22 -29.90 -4.85
C MET U 162 20.11 -28.80 -3.80
N PRO U 163 20.09 -27.52 -4.20
CA PRO U 163 19.82 -26.45 -3.23
C PRO U 163 18.45 -26.57 -2.57
N LEU U 164 18.29 -25.91 -1.42
CA LEU U 164 17.01 -25.90 -0.70
C LEU U 164 16.31 -24.57 -1.06
N GLY U 165 15.70 -24.57 -2.23
CA GLY U 165 14.97 -23.39 -2.69
C GLY U 165 14.29 -23.65 -4.01
N ILE U 166 13.34 -22.76 -4.34
CA ILE U 166 12.54 -22.98 -5.55
C ILE U 166 13.41 -22.79 -6.81
N SER U 167 14.05 -21.64 -6.96
CA SER U 167 14.92 -21.45 -8.13
C SER U 167 16.17 -22.33 -8.08
N GLY U 168 16.72 -22.60 -6.89
CA GLY U 168 17.87 -23.48 -6.85
C GLY U 168 17.55 -24.83 -7.43
N THR U 169 16.35 -25.33 -7.14
CA THR U 169 15.95 -26.60 -7.68
C THR U 169 16.01 -26.58 -9.22
N PHE U 170 15.53 -25.48 -9.86
CA PHE U 170 15.56 -25.43 -11.31
C PHE U 170 17.00 -25.39 -11.79
N ASN U 171 17.84 -24.57 -11.16
CA ASN U 171 19.26 -24.57 -11.45
C ASN U 171 19.77 -26.01 -11.53
N PHE U 172 19.49 -26.78 -10.49
CA PHE U 172 19.94 -28.16 -10.42
C PHE U 172 19.45 -28.97 -11.60
N MET U 173 18.18 -28.78 -12.01
CA MET U 173 17.59 -29.55 -13.11
C MET U 173 18.24 -29.25 -14.45
N ILE U 174 18.61 -28.00 -14.69
CA ILE U 174 19.15 -27.65 -15.99
C ILE U 174 20.56 -28.14 -16.10
N VAL U 175 21.37 -27.95 -15.05
CA VAL U 175 22.74 -28.43 -15.07
C VAL U 175 22.81 -29.94 -15.23
N PHE U 176 21.83 -30.65 -14.73
CA PHE U 176 21.82 -32.10 -14.80
C PHE U 176 21.55 -32.58 -16.20
N GLN U 177 20.63 -31.90 -16.92
CA GLN U 177 20.30 -32.23 -18.29
C GLN U 177 21.52 -32.03 -19.19
N ALA U 178 22.21 -30.91 -19.00
CA ALA U 178 23.44 -30.66 -19.76
C ALA U 178 24.52 -31.72 -19.51
N GLU U 179 24.66 -32.19 -18.28
CA GLU U 179 25.78 -33.06 -17.95
C GLU U 179 25.42 -34.54 -18.06
N HIS U 180 24.14 -34.89 -18.19
CA HIS U 180 23.73 -36.28 -18.08
C HIS U 180 22.63 -36.70 -19.05
N ASN U 181 22.12 -35.77 -19.87
CA ASN U 181 20.99 -35.99 -20.79
C ASN U 181 19.89 -36.78 -20.13
N ILE U 182 19.44 -36.29 -18.98
CA ILE U 182 18.53 -37.07 -18.18
C ILE U 182 17.24 -37.32 -18.94
N LEU U 183 16.80 -36.37 -19.76
CA LEU U 183 15.56 -36.61 -20.53
C LEU U 183 15.64 -37.85 -21.39
N MET U 184 16.82 -38.07 -22.01
CA MET U 184 17.11 -39.27 -22.78
C MET U 184 17.49 -40.51 -21.93
N HIS U 185 17.43 -40.48 -20.55
CA HIS U 185 17.55 -41.70 -19.72
C HIS U 185 16.20 -42.41 -19.57
N PRO U 186 16.10 -43.71 -19.91
CA PRO U 186 14.83 -44.42 -19.66
C PRO U 186 14.33 -44.37 -18.23
N PHE U 187 15.21 -44.31 -17.24
CA PHE U 187 14.72 -44.35 -15.86
C PHE U 187 13.94 -43.10 -15.53
N HIS U 188 14.31 -41.97 -16.13
CA HIS U 188 13.52 -40.76 -15.97
C HIS U 188 12.23 -40.84 -16.79
N GLN U 189 12.30 -41.34 -18.03
CA GLN U 189 11.07 -41.58 -18.81
C GLN U 189 10.13 -42.49 -18.03
N LEU U 190 10.70 -43.34 -17.17
CA LEU U 190 9.90 -44.21 -16.31
C LEU U 190 9.32 -43.41 -15.17
N GLY U 191 10.06 -42.43 -14.67
CA GLY U 191 9.55 -41.62 -13.59
C GLY U 191 8.39 -40.74 -14.05
N VAL U 192 8.50 -40.13 -15.23
CA VAL U 192 7.40 -39.36 -15.84
C VAL U 192 6.17 -40.23 -16.02
N ALA U 193 6.32 -41.38 -16.66
CA ALA U 193 5.23 -42.35 -16.70
C ALA U 193 4.72 -42.64 -15.30
N GLY U 194 5.61 -42.66 -14.32
CA GLY U 194 5.18 -42.90 -12.96
C GLY U 194 4.23 -41.82 -12.47
N VAL U 195 4.62 -40.57 -12.69
CA VAL U 195 3.85 -39.46 -12.15
C VAL U 195 2.68 -39.07 -13.07
N PHE U 196 2.84 -39.10 -14.40
CA PHE U 196 1.68 -38.84 -15.25
C PHE U 196 0.62 -39.91 -15.04
N GLY U 197 1.03 -41.18 -15.11
CA GLY U 197 0.10 -42.27 -14.84
C GLY U 197 -0.48 -42.18 -13.44
N GLY U 198 0.35 -41.82 -12.45
CA GLY U 198 -0.16 -41.67 -11.08
C GLY U 198 -1.29 -40.67 -11.02
N ALA U 199 -1.11 -39.52 -11.66
CA ALA U 199 -2.12 -38.47 -11.67
C ALA U 199 -3.33 -38.89 -12.48
N LEU U 200 -3.10 -39.51 -13.62
CA LEU U 200 -4.18 -40.06 -14.42
C LEU U 200 -5.05 -41.01 -13.60
N PHE U 201 -4.43 -42.01 -12.95
CA PHE U 201 -5.16 -43.05 -12.25
C PHE U 201 -5.80 -42.54 -10.99
N CYS U 202 -5.18 -41.51 -10.40
CA CYS U 202 -5.79 -40.73 -9.32
C CYS U 202 -7.11 -40.11 -9.78
N ALA U 203 -7.09 -39.35 -10.88
CA ALA U 203 -8.33 -38.73 -11.38
C ALA U 203 -9.37 -39.78 -11.71
N MET U 204 -8.95 -40.89 -12.36
CA MET U 204 -9.86 -41.96 -12.75
C MET U 204 -10.55 -42.59 -11.54
N HIS U 205 -9.77 -43.09 -10.61
CA HIS U 205 -10.37 -43.69 -9.42
C HIS U 205 -11.23 -42.67 -8.70
N GLY U 206 -10.75 -41.44 -8.59
CA GLY U 206 -11.56 -40.41 -7.97
C GLY U 206 -12.86 -40.19 -8.73
N SER U 207 -12.75 -40.05 -10.05
CA SER U 207 -13.95 -39.76 -10.83
C SER U 207 -14.87 -40.98 -10.90
N LEU U 208 -14.33 -42.20 -10.75
CA LEU U 208 -15.16 -43.37 -10.94
C LEU U 208 -15.92 -43.74 -9.68
N VAL U 209 -15.26 -43.70 -8.53
CA VAL U 209 -15.97 -43.83 -7.26
C VAL U 209 -16.99 -42.71 -7.09
N THR U 210 -16.56 -41.48 -7.34
CA THR U 210 -17.50 -40.38 -7.21
C THR U 210 -18.64 -40.52 -8.22
N SER U 211 -18.37 -41.09 -9.41
CA SER U 211 -19.44 -41.23 -10.40
C SER U 211 -20.53 -42.18 -9.93
N SER U 212 -20.27 -42.98 -8.92
CA SER U 212 -21.19 -44.07 -8.59
C SER U 212 -21.58 -44.04 -7.12
N LEU U 213 -21.61 -42.84 -6.55
CA LEU U 213 -22.08 -42.65 -5.19
C LEU U 213 -23.57 -42.94 -5.10
N ILE U 214 -23.97 -43.61 -4.01
CA ILE U 214 -25.36 -44.01 -3.81
C ILE U 214 -26.16 -42.82 -3.34
N ARG U 215 -27.31 -42.57 -3.98
CA ARG U 215 -28.15 -41.45 -3.55
C ARG U 215 -28.50 -41.66 -2.09
N GLU U 216 -27.90 -40.87 -1.22
CA GLU U 216 -28.29 -40.87 0.19
C GLU U 216 -28.52 -39.45 0.70
N THR U 217 -28.50 -38.47 -0.19
CA THR U 217 -28.75 -37.07 0.12
C THR U 217 -29.71 -36.46 -0.90
N THR U 218 -30.11 -35.21 -0.65
CA THR U 218 -30.90 -34.39 -1.56
C THR U 218 -30.00 -33.42 -2.32
N GLU U 219 -30.60 -32.58 -3.17
CA GLU U 219 -29.77 -31.66 -3.94
C GLU U 219 -29.39 -30.40 -3.15
N THR U 220 -29.89 -30.21 -1.94
CA THR U 220 -29.59 -29.00 -1.18
C THR U 220 -28.43 -29.21 -0.21
N GLU U 221 -27.80 -30.36 -0.25
CA GLU U 221 -26.78 -30.68 0.73
C GLU U 221 -25.62 -31.34 0.02
N SER U 222 -24.45 -31.22 0.61
CA SER U 222 -23.30 -31.95 0.10
C SER U 222 -23.62 -33.44 0.07
N ALA U 223 -23.30 -34.07 -1.08
CA ALA U 223 -23.32 -35.52 -1.16
C ALA U 223 -22.31 -36.18 -0.22
N ASN U 224 -21.34 -35.43 0.33
CA ASN U 224 -20.39 -36.02 1.30
C ASN U 224 -21.12 -36.51 2.56
N TYR U 225 -22.17 -35.81 2.99
CA TYR U 225 -22.90 -36.25 4.19
C TYR U 225 -23.65 -37.57 3.99
N GLY U 226 -23.60 -38.16 2.80
CA GLY U 226 -24.05 -39.54 2.60
C GLY U 226 -23.12 -40.63 3.12
N TYR U 227 -21.91 -40.29 3.58
CA TYR U 227 -20.99 -41.24 4.22
C TYR U 227 -20.85 -40.94 5.71
N LYS U 228 -21.04 -41.95 6.55
CA LYS U 228 -20.92 -41.83 8.00
C LYS U 228 -19.68 -42.58 8.43
N PHE U 229 -18.80 -41.91 9.16
CA PHE U 229 -17.48 -42.47 9.50
C PHE U 229 -17.60 -43.81 10.18
N GLY U 230 -16.91 -44.80 9.62
CA GLY U 230 -16.90 -46.12 10.22
C GLY U 230 -18.23 -46.80 10.01
N GLN U 231 -18.85 -46.58 8.86
CA GLN U 231 -20.08 -47.25 8.53
C GLN U 231 -19.76 -48.62 7.95
N GLU U 232 -20.61 -49.59 8.29
CA GLU U 232 -20.36 -50.96 7.89
C GLU U 232 -20.26 -51.10 6.37
N GLU U 233 -21.02 -50.29 5.63
CA GLU U 233 -21.27 -50.47 4.21
C GLU U 233 -20.35 -49.61 3.35
N GLU U 234 -20.30 -49.97 2.07
CA GLU U 234 -19.68 -49.15 1.04
C GLU U 234 -20.68 -48.12 0.49
N THR U 235 -20.16 -46.98 0.05
CA THR U 235 -21.00 -45.85 -0.31
C THR U 235 -21.11 -45.66 -1.80
N TYR U 236 -20.34 -46.40 -2.59
CA TYR U 236 -20.49 -46.37 -4.02
C TYR U 236 -20.74 -47.78 -4.50
N ASN U 237 -21.12 -47.89 -5.76
CA ASN U 237 -21.47 -49.18 -6.35
C ASN U 237 -20.31 -49.52 -7.27
N ILE U 238 -19.42 -50.44 -6.81
CA ILE U 238 -18.27 -50.77 -7.64
C ILE U 238 -18.74 -51.56 -8.86
N VAL U 239 -19.77 -52.39 -8.70
CA VAL U 239 -20.36 -53.08 -9.84
C VAL U 239 -20.82 -52.09 -10.91
N ALA U 240 -21.39 -50.97 -10.46
CA ALA U 240 -21.87 -49.95 -11.39
C ALA U 240 -20.70 -49.23 -12.05
N ALA U 241 -19.64 -48.94 -11.27
CA ALA U 241 -18.47 -48.27 -11.82
C ALA U 241 -17.77 -49.15 -12.85
N HIS U 242 -17.69 -50.46 -12.57
CA HIS U 242 -17.12 -51.43 -13.51
C HIS U 242 -17.93 -51.46 -14.81
N GLY U 243 -19.26 -51.56 -14.71
CA GLY U 243 -20.11 -51.57 -15.89
C GLY U 243 -19.99 -50.32 -16.75
N TYR U 244 -19.74 -49.17 -16.12
CA TYR U 244 -19.40 -47.95 -16.87
C TYR U 244 -18.02 -48.03 -17.51
N PHE U 245 -16.99 -48.42 -16.74
CA PHE U 245 -15.62 -48.34 -17.24
C PHE U 245 -15.34 -49.45 -18.24
N GLY U 246 -15.79 -50.67 -17.93
CA GLY U 246 -15.67 -51.76 -18.90
C GLY U 246 -16.28 -51.44 -20.24
N ARG U 247 -17.32 -50.60 -20.27
CA ARG U 247 -17.86 -50.20 -21.55
C ARG U 247 -17.04 -49.07 -22.17
N LEU U 248 -16.56 -48.11 -21.36
CA LEU U 248 -15.75 -47.04 -21.92
C LEU U 248 -14.62 -47.61 -22.77
N ILE U 249 -14.05 -48.76 -22.35
CA ILE U 249 -12.96 -49.42 -23.08
C ILE U 249 -13.40 -50.82 -23.51
N PHE U 250 -13.12 -51.84 -22.70
CA PHE U 250 -13.74 -53.14 -22.85
C PHE U 250 -13.67 -53.86 -21.51
N GLN U 251 -14.51 -54.90 -21.37
CA GLN U 251 -14.87 -55.43 -20.06
C GLN U 251 -13.65 -55.79 -19.20
N TYR U 252 -12.61 -56.35 -19.80
CA TYR U 252 -11.49 -56.90 -19.06
C TYR U 252 -10.34 -55.92 -18.92
N ALA U 253 -10.45 -54.75 -19.55
CA ALA U 253 -9.56 -53.66 -19.21
C ALA U 253 -9.99 -52.99 -17.92
N SER U 254 -11.02 -53.50 -17.28
CA SER U 254 -11.59 -52.90 -16.08
C SER U 254 -11.43 -53.84 -14.91
N PHE U 255 -11.20 -53.24 -13.74
CA PHE U 255 -11.05 -53.94 -12.48
C PHE U 255 -12.43 -54.17 -11.88
N ASN U 256 -12.68 -55.39 -11.44
CA ASN U 256 -13.86 -55.71 -10.65
C ASN U 256 -13.50 -56.16 -9.24
N ASN U 257 -12.21 -56.33 -8.93
CA ASN U 257 -11.71 -56.61 -7.60
C ASN U 257 -11.16 -55.31 -7.01
N SER U 258 -11.63 -54.96 -5.80
CA SER U 258 -11.18 -53.72 -5.16
C SER U 258 -9.73 -53.82 -4.71
N ARG U 259 -9.36 -54.97 -4.15
CA ARG U 259 -7.99 -55.14 -3.66
C ARG U 259 -7.00 -55.07 -4.80
N SER U 260 -7.30 -55.75 -5.90
CA SER U 260 -6.41 -55.69 -7.07
C SER U 260 -6.33 -54.26 -7.60
N LEU U 261 -7.46 -53.53 -7.58
CA LEU U 261 -7.47 -52.15 -8.06
C LEU U 261 -6.58 -51.26 -7.21
N HIS U 262 -6.75 -51.31 -5.87
CA HIS U 262 -5.94 -50.42 -5.02
C HIS U 262 -4.47 -50.83 -5.05
N PHE U 263 -4.14 -52.13 -5.13
CA PHE U 263 -2.72 -52.45 -5.24
C PHE U 263 -2.14 -51.84 -6.50
N PHE U 264 -2.90 -51.85 -7.60
CA PHE U 264 -2.47 -51.17 -8.81
C PHE U 264 -2.16 -49.70 -8.56
N LEU U 265 -3.03 -49.01 -7.81
CA LEU U 265 -2.80 -47.58 -7.55
C LEU U 265 -1.53 -47.37 -6.73
N ALA U 266 -1.27 -48.25 -5.77
CA ALA U 266 -0.05 -48.10 -4.99
C ALA U 266 1.19 -48.36 -5.83
N ALA U 267 1.19 -49.45 -6.59
CA ALA U 267 2.42 -49.91 -7.24
C ALA U 267 2.87 -49.01 -8.40
N TRP U 268 1.92 -48.43 -9.15
CA TRP U 268 2.29 -47.73 -10.38
C TRP U 268 3.21 -46.55 -10.13
N PRO U 269 2.82 -45.55 -9.36
CA PRO U 269 3.77 -44.45 -9.07
C PRO U 269 4.96 -44.91 -8.26
N VAL U 270 4.75 -45.78 -7.29
CA VAL U 270 5.87 -46.16 -6.44
C VAL U 270 6.98 -46.74 -7.28
N VAL U 271 6.66 -47.70 -8.16
CA VAL U 271 7.68 -48.31 -8.98
C VAL U 271 8.38 -47.25 -9.78
N GLY U 272 7.60 -46.48 -10.55
CA GLY U 272 8.20 -45.56 -11.51
C GLY U 272 9.11 -44.57 -10.83
N VAL U 273 8.70 -44.10 -9.65
CA VAL U 273 9.51 -43.19 -8.88
C VAL U 273 10.74 -43.90 -8.23
N TRP U 274 10.66 -45.20 -7.93
CA TRP U 274 11.88 -45.94 -7.65
C TRP U 274 12.83 -45.86 -8.82
N PHE U 275 12.31 -46.01 -10.03
CA PHE U 275 13.22 -46.01 -11.18
C PHE U 275 13.90 -44.66 -11.34
N THR U 276 13.15 -43.56 -11.19
CA THR U 276 13.76 -42.24 -11.43
C THR U 276 14.71 -41.85 -10.29
N ALA U 277 14.41 -42.23 -9.05
CA ALA U 277 15.43 -42.15 -7.98
C ALA U 277 16.64 -43.02 -8.32
N LEU U 278 16.41 -44.23 -8.79
CA LEU U 278 17.56 -44.98 -9.28
C LEU U 278 18.20 -44.25 -10.45
N GLY U 279 17.40 -43.48 -11.19
CA GLY U 279 17.97 -42.71 -12.29
C GLY U 279 18.96 -41.67 -11.81
N ILE U 280 18.57 -40.87 -10.84
CA ILE U 280 19.51 -39.86 -10.35
C ILE U 280 20.70 -40.54 -9.70
N SER U 281 20.44 -41.61 -8.94
CA SER U 281 21.51 -42.34 -8.27
C SER U 281 22.50 -42.99 -9.25
N THR U 282 22.07 -43.47 -10.44
CA THR U 282 23.08 -44.06 -11.34
C THR U 282 23.77 -43.03 -12.22
N MET U 283 23.10 -41.97 -12.64
CA MET U 283 23.80 -40.86 -13.28
C MET U 283 24.71 -40.13 -12.31
N ALA U 284 24.60 -40.40 -11.01
CA ALA U 284 25.60 -39.91 -10.08
C ALA U 284 26.97 -40.50 -10.38
N PHE U 285 27.02 -41.66 -11.03
CA PHE U 285 28.26 -42.30 -11.47
C PHE U 285 28.43 -42.24 -12.99
N ASN U 286 28.07 -41.09 -13.56
CA ASN U 286 28.11 -40.71 -14.98
C ASN U 286 27.78 -41.82 -15.94
N LEU U 287 26.83 -42.68 -15.60
CA LEU U 287 26.18 -43.53 -16.58
C LEU U 287 24.95 -42.77 -17.12
N ASN U 288 25.14 -42.08 -18.24
CA ASN U 288 24.28 -40.99 -18.67
C ASN U 288 23.21 -41.49 -19.63
N GLY U 289 22.33 -40.55 -20.05
CA GLY U 289 21.27 -40.89 -20.98
C GLY U 289 21.77 -41.05 -22.42
N PHE U 290 20.96 -41.73 -23.23
CA PHE U 290 21.34 -42.12 -24.58
C PHE U 290 21.91 -40.96 -25.38
N ASN U 291 22.88 -41.28 -26.23
CA ASN U 291 23.59 -40.29 -27.02
C ASN U 291 23.45 -40.70 -28.49
N PHE U 292 22.63 -39.94 -29.22
CA PHE U 292 22.42 -40.15 -30.65
C PHE U 292 22.97 -38.96 -31.45
N ASN U 293 23.91 -38.25 -30.86
CA ASN U 293 24.56 -37.13 -31.49
C ASN U 293 25.34 -37.56 -32.72
N HIS U 294 24.95 -36.97 -33.87
CA HIS U 294 25.43 -37.35 -35.21
C HIS U 294 25.21 -38.82 -35.51
N SER U 295 24.04 -39.35 -35.16
CA SER U 295 23.85 -40.77 -35.36
C SER U 295 23.37 -41.12 -36.76
N VAL U 296 22.77 -40.18 -37.47
CA VAL U 296 22.39 -40.40 -38.87
C VAL U 296 23.36 -39.65 -39.76
N ILE U 297 23.79 -40.30 -40.85
CA ILE U 297 24.67 -39.70 -41.86
C ILE U 297 24.31 -40.28 -43.23
N ASP U 298 24.58 -39.49 -44.28
CA ASP U 298 24.15 -39.81 -45.63
C ASP U 298 25.27 -40.56 -46.36
N ALA U 299 25.04 -40.90 -47.64
CA ALA U 299 26.00 -41.69 -48.39
C ALA U 299 27.39 -41.08 -48.33
N LYS U 300 27.50 -39.78 -48.58
CA LYS U 300 28.78 -39.09 -48.47
C LYS U 300 29.34 -39.15 -47.04
N GLY U 301 28.49 -38.90 -46.04
CA GLY U 301 28.85 -38.81 -44.65
C GLY U 301 28.62 -37.43 -44.07
N ASN U 302 27.77 -36.62 -44.71
CA ASN U 302 27.25 -35.47 -44.00
C ASN U 302 26.42 -35.97 -42.82
N VAL U 303 26.48 -35.24 -41.72
CA VAL U 303 25.54 -35.44 -40.63
C VAL U 303 24.15 -34.97 -41.05
N ILE U 304 23.17 -35.83 -40.86
CA ILE U 304 21.75 -35.47 -40.99
C ILE U 304 21.20 -35.35 -39.57
N ASN U 305 20.92 -34.12 -39.14
CA ASN U 305 20.48 -33.90 -37.77
C ASN U 305 19.12 -34.54 -37.49
N THR U 306 18.97 -35.06 -36.31
CA THR U 306 17.66 -35.48 -35.82
C THR U 306 17.30 -34.55 -34.69
N TRP U 307 16.11 -34.75 -34.16
CA TRP U 307 15.69 -34.03 -32.96
C TRP U 307 16.69 -34.21 -31.80
N ALA U 308 17.38 -35.36 -31.70
CA ALA U 308 18.41 -35.50 -30.65
C ALA U 308 19.60 -34.56 -30.87
N ASP U 309 19.92 -34.21 -32.12
CA ASP U 309 20.95 -33.19 -32.32
C ASP U 309 20.45 -31.82 -31.89
N ILE U 310 19.15 -31.58 -31.98
CA ILE U 310 18.62 -30.31 -31.51
C ILE U 310 18.62 -30.26 -29.99
N ILE U 311 18.29 -31.39 -29.33
CA ILE U 311 18.44 -31.43 -27.88
C ILE U 311 19.86 -31.10 -27.44
N ASN U 312 20.88 -31.65 -28.16
CA ASN U 312 22.29 -31.47 -27.77
C ASN U 312 22.76 -30.03 -27.91
N ARG U 313 22.15 -29.26 -28.83
CA ARG U 313 22.48 -27.83 -28.96
C ARG U 313 22.01 -27.04 -27.75
N ALA U 314 20.81 -27.34 -27.25
CA ALA U 314 20.36 -26.76 -26.00
C ALA U 314 21.29 -27.17 -24.85
N ASN U 315 21.45 -28.48 -24.65
CA ASN U 315 22.41 -29.02 -23.69
C ASN U 315 23.71 -28.22 -23.71
N LEU U 316 24.28 -28.06 -24.91
CA LEU U 316 25.54 -27.32 -25.04
C LEU U 316 25.43 -25.89 -24.53
N GLY U 317 24.34 -25.19 -24.80
CA GLY U 317 24.19 -23.85 -24.22
C GLY U 317 24.18 -23.84 -22.71
N MET U 318 23.51 -24.81 -22.10
CA MET U 318 23.60 -24.93 -20.65
C MET U 318 25.03 -25.20 -20.21
N GLU U 319 25.69 -26.17 -20.87
CA GLU U 319 27.06 -26.53 -20.58
C GLU U 319 27.97 -25.33 -20.43
N VAL U 320 28.03 -24.49 -21.46
CA VAL U 320 29.05 -23.46 -21.53
C VAL U 320 28.69 -22.26 -20.68
N MET U 321 27.47 -22.15 -20.22
CA MET U 321 27.20 -21.01 -19.39
C MET U 321 27.27 -21.34 -17.91
N HIS U 322 26.93 -22.56 -17.51
CA HIS U 322 26.77 -22.86 -16.09
C HIS U 322 28.09 -22.71 -15.34
N GLU U 323 28.00 -22.12 -14.15
CA GLU U 323 29.16 -21.92 -13.27
C GLU U 323 30.32 -21.35 -14.10
N ARG U 324 29.98 -20.21 -14.71
CA ARG U 324 30.74 -19.56 -15.78
C ARG U 324 32.17 -19.14 -15.40
N ASN U 325 32.49 -19.01 -14.12
CA ASN U 325 33.84 -18.66 -13.70
C ASN U 325 34.64 -19.83 -13.13
N ALA U 326 34.06 -21.02 -13.08
CA ALA U 326 34.57 -22.07 -12.23
C ALA U 326 35.37 -23.14 -12.97
N HIS U 327 35.45 -23.10 -14.30
CA HIS U 327 36.23 -24.05 -15.08
C HIS U 327 37.47 -23.37 -15.61
N ASN U 328 38.64 -24.01 -15.40
CA ASN U 328 39.90 -23.56 -15.97
C ASN U 328 40.35 -24.43 -17.12
N PHE U 329 39.74 -25.58 -17.31
CA PHE U 329 40.25 -26.56 -18.25
C PHE U 329 39.11 -27.18 -19.04
N PRO U 330 39.40 -27.70 -20.23
CA PRO U 330 38.37 -27.74 -21.27
C PRO U 330 37.23 -28.66 -20.98
N LEU U 331 37.42 -29.66 -20.14
CA LEU U 331 36.41 -30.65 -19.89
C LEU U 331 35.87 -30.47 -18.48
N ASP U 332 34.56 -30.62 -18.31
CA ASP U 332 33.92 -30.47 -17.01
C ASP U 332 33.62 -31.90 -16.55
N LEU U 333 34.59 -32.49 -15.84
CA LEU U 333 34.61 -33.91 -15.56
C LEU U 333 33.92 -34.30 -14.26
N ALA U 334 33.53 -33.32 -13.46
CA ALA U 334 32.66 -33.56 -12.32
C ALA U 334 31.87 -32.34 -12.16
N GLY V 1 -26.94 -27.45 5.55
CA GLY V 1 -27.40 -26.37 4.71
C GLY V 1 -26.80 -26.48 3.32
N LEU V 2 -26.92 -25.43 2.55
CA LEU V 2 -26.38 -25.46 1.21
C LEU V 2 -24.86 -25.34 1.31
N PRO V 3 -24.10 -26.08 0.49
CA PRO V 3 -22.66 -25.82 0.39
C PRO V 3 -22.43 -24.40 -0.11
N TRP V 4 -21.24 -23.87 0.20
CA TRP V 4 -20.98 -22.49 -0.20
C TRP V 4 -21.13 -22.32 -1.70
N TYR V 5 -20.77 -23.34 -2.48
CA TYR V 5 -20.77 -23.24 -3.93
C TYR V 5 -22.15 -23.39 -4.55
N ARG V 6 -23.20 -23.57 -3.74
CA ARG V 6 -24.57 -23.67 -4.26
C ARG V 6 -25.47 -22.51 -3.88
N VAL V 7 -24.94 -21.46 -3.21
CA VAL V 7 -25.83 -20.51 -2.55
C VAL V 7 -26.83 -19.94 -3.54
N HIS V 8 -26.43 -19.78 -4.80
CA HIS V 8 -27.18 -19.05 -5.80
C HIS V 8 -28.23 -19.90 -6.49
N THR V 9 -28.42 -21.16 -6.06
CA THR V 9 -29.42 -22.06 -6.62
C THR V 9 -30.80 -21.78 -6.04
N VAL V 10 -30.89 -20.91 -5.04
CA VAL V 10 -32.18 -20.50 -4.52
C VAL V 10 -33.01 -19.72 -5.56
N LEU V 11 -32.41 -19.33 -6.69
CA LEU V 11 -33.12 -18.56 -7.70
C LEU V 11 -33.73 -19.39 -8.82
N ILE V 12 -33.56 -20.73 -8.81
CA ILE V 12 -33.83 -21.51 -10.02
C ILE V 12 -35.32 -21.58 -10.28
N ASN V 13 -36.14 -21.58 -9.23
CA ASN V 13 -37.59 -21.54 -9.32
C ASN V 13 -38.14 -20.24 -8.74
N ASP V 14 -37.40 -19.15 -8.90
CA ASP V 14 -37.82 -17.84 -8.39
C ASP V 14 -37.61 -16.79 -9.47
N PRO V 15 -38.41 -16.85 -10.55
CA PRO V 15 -38.19 -15.91 -11.67
C PRO V 15 -38.06 -14.44 -11.26
N GLY V 16 -38.81 -13.93 -10.28
CA GLY V 16 -38.68 -12.51 -9.94
C GLY V 16 -37.31 -12.18 -9.40
N ARG V 17 -36.87 -12.95 -8.40
CA ARG V 17 -35.55 -12.76 -7.84
C ARG V 17 -34.45 -13.17 -8.82
N LEU V 18 -34.73 -14.05 -9.78
CA LEU V 18 -33.73 -14.23 -10.82
C LEU V 18 -33.56 -12.95 -11.61
N ILE V 19 -34.69 -12.32 -11.99
CA ILE V 19 -34.62 -11.05 -12.71
C ILE V 19 -33.84 -10.05 -11.88
N ALA V 20 -34.13 -10.01 -10.58
CA ALA V 20 -33.45 -9.05 -9.71
C ALA V 20 -31.95 -9.26 -9.67
N ALA V 21 -31.50 -10.53 -9.70
CA ALA V 21 -30.06 -10.77 -9.66
C ALA V 21 -29.45 -10.36 -10.98
N HIS V 22 -30.19 -10.59 -12.06
CA HIS V 22 -29.68 -10.21 -13.38
C HIS V 22 -29.59 -8.71 -13.54
N LEU V 23 -30.55 -7.96 -12.97
CA LEU V 23 -30.46 -6.51 -12.94
C LEU V 23 -29.26 -6.05 -12.14
N MET V 24 -29.04 -6.67 -10.99
CA MET V 24 -27.87 -6.32 -10.18
C MET V 24 -26.56 -6.60 -10.92
N HIS V 25 -26.45 -7.75 -11.57
CA HIS V 25 -25.29 -7.95 -12.42
C HIS V 25 -25.16 -6.83 -13.44
N THR V 26 -26.26 -6.52 -14.15
CA THR V 26 -26.20 -5.46 -15.16
C THR V 26 -25.73 -4.16 -14.55
N ALA V 27 -26.25 -3.78 -13.39
CA ALA V 27 -25.87 -2.48 -12.85
C ALA V 27 -24.38 -2.41 -12.51
N LEU V 28 -23.83 -3.47 -11.88
CA LEU V 28 -22.39 -3.59 -11.68
C LEU V 28 -21.62 -3.37 -12.98
N VAL V 29 -21.94 -4.14 -14.03
CA VAL V 29 -21.25 -4.01 -15.30
C VAL V 29 -21.32 -2.59 -15.84
N ALA V 30 -22.54 -2.01 -15.93
CA ALA V 30 -22.67 -0.61 -16.38
C ALA V 30 -21.84 0.32 -15.49
N GLY V 31 -21.96 0.15 -14.17
CA GLY V 31 -21.12 0.90 -13.23
C GLY V 31 -19.65 0.75 -13.50
N TRP V 32 -19.25 -0.44 -13.90
CA TRP V 32 -17.83 -0.69 -14.11
C TRP V 32 -17.34 0.16 -15.27
N ALA V 33 -18.06 0.08 -16.39
CA ALA V 33 -17.68 0.83 -17.58
C ALA V 33 -17.69 2.33 -17.30
N GLY V 34 -18.72 2.81 -16.60
CA GLY V 34 -18.69 4.20 -16.15
C GLY V 34 -17.47 4.57 -15.35
N SER V 35 -17.06 3.70 -14.40
CA SER V 35 -15.91 3.99 -13.56
C SER V 35 -14.63 3.88 -14.35
N MET V 36 -14.49 2.82 -15.14
CA MET V 36 -13.27 2.66 -15.92
C MET V 36 -13.01 3.87 -16.79
N ALA V 37 -14.06 4.36 -17.48
CA ALA V 37 -13.81 5.48 -18.37
C ALA V 37 -13.44 6.73 -17.59
N LEU V 38 -14.01 6.91 -16.39
CA LEU V 38 -13.61 8.09 -15.61
C LEU V 38 -12.15 8.01 -15.19
N TYR V 39 -11.71 6.83 -14.72
CA TYR V 39 -10.29 6.64 -14.42
C TYR V 39 -9.44 6.99 -15.64
N GLU V 40 -9.84 6.51 -16.83
CA GLU V 40 -9.03 6.74 -18.03
C GLU V 40 -8.97 8.20 -18.44
N LEU V 41 -10.01 8.97 -18.17
CA LEU V 41 -9.98 10.39 -18.50
C LEU V 41 -9.05 11.16 -17.57
N ALA V 42 -9.01 10.78 -16.30
CA ALA V 42 -8.20 11.47 -15.33
C ALA V 42 -6.71 11.18 -15.46
N THR V 43 -6.35 10.15 -16.22
CA THR V 43 -4.98 9.75 -16.42
C THR V 43 -4.49 9.92 -17.86
N PHE V 44 -5.37 10.26 -18.82
CA PHE V 44 -5.04 10.27 -20.24
C PHE V 44 -4.42 11.61 -20.62
N ASP V 45 -3.33 11.54 -21.39
CA ASP V 45 -2.66 12.69 -21.99
C ASP V 45 -3.06 12.77 -23.45
N PRO V 46 -3.83 13.79 -23.87
CA PRO V 46 -4.26 13.94 -25.27
C PRO V 46 -3.35 14.76 -26.18
N SER V 47 -2.21 15.19 -25.73
CA SER V 47 -1.40 16.21 -26.38
C SER V 47 -0.53 15.67 -27.50
N ASP V 48 -0.63 14.37 -27.82
CA ASP V 48 0.25 13.83 -28.85
C ASP V 48 -0.24 12.50 -29.37
N PRO V 49 -1.24 12.47 -30.25
CA PRO V 49 -1.67 11.19 -30.82
C PRO V 49 -0.67 10.55 -31.78
N VAL V 50 0.43 11.19 -32.11
CA VAL V 50 1.46 10.55 -32.93
C VAL V 50 2.37 9.63 -32.09
N LEU V 51 3.20 10.19 -31.21
CA LEU V 51 4.16 9.36 -30.47
C LEU V 51 3.67 8.93 -29.10
N ASN V 52 2.54 9.46 -28.63
CA ASN V 52 1.96 9.04 -27.35
C ASN V 52 0.46 8.76 -27.48
N PRO V 53 0.08 7.94 -28.41
CA PRO V 53 -1.35 7.64 -28.60
C PRO V 53 -1.98 6.90 -27.43
N MET V 54 -3.28 6.60 -27.52
CA MET V 54 -3.97 5.99 -26.39
C MET V 54 -3.42 4.59 -26.06
N TRP V 55 -3.00 3.83 -27.06
CA TRP V 55 -2.63 2.46 -26.77
C TRP V 55 -1.31 2.39 -26.01
N ARG V 56 -0.51 3.44 -26.05
CA ARG V 56 0.74 3.53 -25.32
C ARG V 56 0.53 3.85 -23.85
N GLN V 57 -0.67 4.34 -23.52
CA GLN V 57 -0.94 4.89 -22.19
C GLN V 57 -1.74 3.95 -21.32
N GLY V 58 -2.00 2.73 -21.79
CA GLY V 58 -2.68 1.73 -21.00
C GLY V 58 -4.18 1.80 -21.03
N MET V 59 -4.75 2.43 -22.06
CA MET V 59 -6.16 2.74 -22.09
C MET V 59 -6.93 1.54 -22.60
N PHE V 60 -7.90 1.07 -21.84
CA PHE V 60 -8.68 -0.09 -22.24
C PHE V 60 -9.98 0.28 -22.96
N VAL V 61 -10.85 1.07 -22.29
CA VAL V 61 -12.20 1.31 -22.77
C VAL V 61 -12.27 2.49 -23.74
N LEU V 62 -11.34 3.45 -23.61
CA LEU V 62 -11.25 4.57 -24.54
C LEU V 62 -11.30 4.11 -25.99
N PRO V 63 -10.53 3.14 -26.44
CA PRO V 63 -10.63 2.72 -27.84
C PRO V 63 -11.96 2.08 -28.21
N PHE V 64 -12.81 1.63 -27.28
CA PHE V 64 -14.10 1.08 -27.67
C PHE V 64 -15.14 2.18 -27.88
N MET V 65 -15.05 3.25 -27.09
CA MET V 65 -15.83 4.45 -27.37
C MET V 65 -15.43 5.05 -28.71
N ALA V 66 -14.13 5.12 -28.98
CA ALA V 66 -13.63 5.66 -30.24
C ALA V 66 -13.98 4.76 -31.42
N ARG V 67 -13.97 3.45 -31.22
CA ARG V 67 -14.29 2.56 -32.33
C ARG V 67 -15.62 2.94 -32.98
N LEU V 68 -16.57 3.46 -32.21
CA LEU V 68 -17.95 3.57 -32.65
C LEU V 68 -18.41 5.00 -32.78
N GLY V 69 -17.48 5.95 -32.76
CA GLY V 69 -17.79 7.31 -33.06
C GLY V 69 -17.58 8.32 -31.96
N VAL V 70 -17.31 7.93 -30.72
CA VAL V 70 -17.11 8.91 -29.65
C VAL V 70 -15.64 9.29 -29.64
N THR V 71 -15.33 10.57 -29.84
CA THR V 71 -13.92 10.92 -30.00
C THR V 71 -13.45 12.22 -29.35
N GLY V 72 -14.31 13.02 -28.73
CA GLY V 72 -13.88 14.26 -28.14
C GLY V 72 -14.39 14.42 -26.72
N SER V 73 -13.90 15.45 -26.08
CA SER V 73 -14.13 15.67 -24.66
C SER V 73 -14.67 17.07 -24.46
N TRP V 74 -15.54 17.20 -23.47
CA TRP V 74 -15.98 18.51 -22.98
C TRP V 74 -14.81 19.45 -22.65
N SER V 75 -13.58 18.95 -22.46
CA SER V 75 -12.44 19.84 -22.34
C SER V 75 -12.04 20.49 -23.68
N GLY V 76 -12.52 20.00 -24.80
CA GLY V 76 -12.23 20.64 -26.05
C GLY V 76 -11.21 19.95 -26.92
N TRP V 77 -10.61 18.85 -26.45
CA TRP V 77 -9.67 18.10 -27.25
C TRP V 77 -10.40 16.93 -27.89
N SER V 78 -9.76 16.35 -28.91
CA SER V 78 -10.27 15.15 -29.57
C SER V 78 -9.10 14.23 -29.93
N ILE V 79 -9.33 12.92 -29.83
CA ILE V 79 -8.24 11.95 -30.01
C ILE V 79 -7.64 12.01 -31.38
N THR V 80 -8.26 12.76 -32.28
CA THR V 80 -7.72 12.97 -33.60
C THR V 80 -6.68 14.09 -33.63
N GLY V 81 -6.39 14.72 -32.49
CA GLY V 81 -5.48 15.84 -32.45
C GLY V 81 -6.10 17.23 -32.57
N GLU V 82 -7.39 17.30 -32.90
CA GLU V 82 -8.01 18.58 -33.23
C GLU V 82 -8.44 19.31 -31.97
N THR V 83 -7.94 20.54 -31.80
CA THR V 83 -8.17 21.37 -30.63
C THR V 83 -9.43 22.22 -30.80
N GLY V 84 -9.90 22.75 -29.66
CA GLY V 84 -11.14 23.50 -29.57
C GLY V 84 -12.31 22.94 -30.37
N ILE V 85 -12.96 21.90 -29.86
CA ILE V 85 -14.06 21.25 -30.57
C ILE V 85 -15.23 21.08 -29.59
N ASP V 86 -16.45 21.15 -30.13
CA ASP V 86 -17.62 21.01 -29.27
C ASP V 86 -18.36 19.74 -29.66
N PRO V 87 -18.34 18.70 -28.80
CA PRO V 87 -18.97 17.43 -29.15
C PRO V 87 -20.41 17.27 -28.74
N GLY V 88 -21.00 18.21 -28.03
CA GLY V 88 -22.32 17.97 -27.47
C GLY V 88 -22.23 16.92 -26.38
N PHE V 89 -23.40 16.40 -25.97
CA PHE V 89 -23.44 15.51 -24.81
C PHE V 89 -22.54 14.30 -25.03
N TRP V 90 -22.66 13.62 -26.16
CA TRP V 90 -21.99 12.32 -26.31
C TRP V 90 -20.48 12.51 -26.53
N SER V 91 -19.85 13.04 -25.50
CA SER V 91 -18.42 13.06 -25.34
C SER V 91 -18.03 11.85 -24.48
N PHE V 92 -16.73 11.70 -24.22
CA PHE V 92 -16.29 10.62 -23.31
C PHE V 92 -16.96 10.76 -21.94
N GLU V 93 -17.07 11.99 -21.43
CA GLU V 93 -17.68 12.28 -20.14
C GLU V 93 -19.15 11.88 -20.09
N GLY V 94 -19.95 12.27 -21.11
CA GLY V 94 -21.38 11.97 -21.09
C GLY V 94 -21.66 10.48 -21.21
N VAL V 95 -20.87 9.80 -22.04
CA VAL V 95 -20.98 8.35 -22.13
C VAL V 95 -20.75 7.72 -20.76
N ALA V 96 -19.68 8.16 -20.07
CA ALA V 96 -19.39 7.66 -18.74
C ALA V 96 -20.55 7.97 -17.80
N LEU V 97 -20.98 9.24 -17.79
CA LEU V 97 -22.06 9.65 -16.90
C LEU V 97 -23.28 8.77 -17.07
N ALA V 98 -23.60 8.44 -18.33
CA ALA V 98 -24.82 7.75 -18.67
C ALA V 98 -24.74 6.29 -18.26
N HIS V 99 -23.56 5.71 -18.30
CA HIS V 99 -23.47 4.37 -17.74
C HIS V 99 -23.72 4.39 -16.22
N ILE V 100 -23.33 5.47 -15.53
CA ILE V 100 -23.57 5.58 -14.08
C ILE V 100 -25.04 5.84 -13.75
N VAL V 101 -25.71 6.70 -14.51
CA VAL V 101 -27.14 6.82 -14.29
C VAL V 101 -27.81 5.49 -14.56
N LEU V 102 -27.49 4.87 -15.69
CA LEU V 102 -28.10 3.59 -16.04
C LEU V 102 -27.94 2.59 -14.92
N SER V 103 -26.71 2.52 -14.39
CA SER V 103 -26.39 1.66 -13.27
C SER V 103 -27.27 1.96 -12.08
N GLY V 104 -27.42 3.24 -11.76
CA GLY V 104 -28.20 3.62 -10.60
C GLY V 104 -29.65 3.22 -10.74
N LEU V 105 -30.20 3.33 -11.96
CA LEU V 105 -31.60 2.94 -12.14
C LEU V 105 -31.75 1.43 -12.12
N LEU V 106 -30.81 0.70 -12.72
CA LEU V 106 -30.85 -0.76 -12.63
C LEU V 106 -30.73 -1.23 -11.20
N PHE V 107 -29.93 -0.54 -10.39
CA PHE V 107 -29.85 -0.89 -8.97
C PHE V 107 -31.23 -0.80 -8.31
N LEU V 108 -31.97 0.26 -8.59
CA LEU V 108 -33.29 0.39 -7.99
C LEU V 108 -34.30 -0.62 -8.55
N ALA V 109 -34.34 -0.81 -9.87
CA ALA V 109 -35.22 -1.85 -10.42
C ALA V 109 -34.93 -3.22 -9.78
N ALA V 110 -33.70 -3.45 -9.35
CA ALA V 110 -33.37 -4.73 -8.73
C ALA V 110 -34.03 -4.88 -7.36
N CYS V 111 -34.05 -3.82 -6.57
CA CYS V 111 -34.76 -3.85 -5.29
C CYS V 111 -36.25 -4.10 -5.47
N TRP V 112 -36.88 -3.46 -6.45
CA TRP V 112 -38.30 -3.67 -6.62
C TRP V 112 -38.58 -5.12 -6.94
N HIS V 113 -37.93 -5.67 -7.98
CA HIS V 113 -38.18 -7.06 -8.34
C HIS V 113 -37.78 -8.03 -7.23
N TRP V 114 -36.79 -7.68 -6.40
CA TRP V 114 -36.48 -8.55 -5.26
C TRP V 114 -37.60 -8.57 -4.21
N VAL V 115 -38.22 -7.42 -3.88
CA VAL V 115 -39.28 -7.40 -2.86
C VAL V 115 -40.58 -7.96 -3.41
N TYR V 116 -40.96 -7.54 -4.60
CA TYR V 116 -42.20 -7.96 -5.25
C TYR V 116 -41.85 -9.10 -6.20
N TRP V 117 -41.41 -10.19 -5.57
CA TRP V 117 -41.00 -11.40 -6.25
C TRP V 117 -42.20 -12.24 -6.71
N ASP V 118 -43.31 -12.18 -5.99
CA ASP V 118 -44.44 -13.10 -6.24
C ASP V 118 -45.44 -12.48 -7.21
N LEU V 119 -44.96 -12.22 -8.42
CA LEU V 119 -45.75 -11.64 -9.49
C LEU V 119 -46.48 -12.72 -10.26
N GLU V 120 -47.78 -12.49 -10.48
CA GLU V 120 -48.59 -13.56 -11.03
C GLU V 120 -48.18 -13.90 -12.45
N LEU V 121 -47.52 -12.97 -13.13
CA LEU V 121 -46.96 -13.23 -14.46
C LEU V 121 -46.10 -14.47 -14.51
N PHE V 122 -45.47 -14.82 -13.41
CA PHE V 122 -44.48 -15.87 -13.41
C PHE V 122 -45.05 -17.24 -13.12
N ARG V 123 -46.30 -17.31 -12.66
CA ARG V 123 -46.92 -18.58 -12.28
C ARG V 123 -47.77 -19.11 -13.43
N ASP V 124 -47.69 -20.43 -13.64
CA ASP V 124 -48.40 -21.05 -14.77
C ASP V 124 -49.89 -21.12 -14.45
N PRO V 125 -50.76 -20.50 -15.24
CA PRO V 125 -52.19 -20.55 -14.91
C PRO V 125 -52.68 -21.97 -14.66
N ARG V 126 -52.21 -22.93 -15.47
CA ARG V 126 -52.50 -24.34 -15.27
C ARG V 126 -52.33 -24.71 -13.80
N THR V 127 -51.07 -24.87 -13.40
CA THR V 127 -50.72 -25.53 -12.14
C THR V 127 -50.55 -24.57 -10.97
N GLY V 128 -50.16 -23.32 -11.24
CA GLY V 128 -49.87 -22.39 -10.17
C GLY V 128 -48.43 -22.39 -9.70
N GLU V 129 -47.59 -23.27 -10.25
CA GLU V 129 -46.16 -23.29 -9.99
C GLU V 129 -45.48 -22.21 -10.83
N PRO V 130 -44.40 -21.60 -10.33
CA PRO V 130 -43.62 -20.71 -11.20
C PRO V 130 -43.23 -21.46 -12.48
N ALA V 131 -43.41 -20.80 -13.61
CA ALA V 131 -43.17 -21.44 -14.89
C ALA V 131 -42.78 -20.37 -15.90
N LEU V 132 -41.76 -20.68 -16.68
CA LEU V 132 -41.25 -19.80 -17.71
C LEU V 132 -41.32 -20.51 -19.05
N ASP V 133 -41.98 -19.90 -20.01
CA ASP V 133 -42.11 -20.51 -21.33
C ASP V 133 -40.90 -20.13 -22.16
N LEU V 134 -39.85 -20.93 -21.99
CA LEU V 134 -38.52 -20.61 -22.50
C LEU V 134 -38.47 -20.60 -24.02
N PRO V 135 -39.14 -21.54 -24.69
CA PRO V 135 -39.18 -21.48 -26.17
C PRO V 135 -39.71 -20.15 -26.70
N LYS V 136 -40.69 -19.57 -26.01
CA LYS V 136 -41.32 -18.35 -26.54
C LYS V 136 -40.54 -17.11 -26.10
N MET V 137 -39.89 -17.15 -24.92
CA MET V 137 -38.94 -16.09 -24.56
C MET V 137 -37.81 -16.00 -25.58
N PHE V 138 -37.32 -17.15 -26.08
CA PHE V 138 -36.18 -17.11 -26.99
C PHE V 138 -36.55 -16.44 -28.30
N GLY V 139 -37.73 -16.76 -28.85
CA GLY V 139 -38.25 -16.00 -29.99
C GLY V 139 -38.41 -14.51 -29.70
N ILE V 140 -38.99 -14.15 -28.55
CA ILE V 140 -39.13 -12.73 -28.23
C ILE V 140 -37.77 -12.04 -28.18
N HIS V 141 -36.87 -12.54 -27.32
CA HIS V 141 -35.56 -11.90 -27.22
C HIS V 141 -34.83 -11.95 -28.56
N LEU V 142 -35.02 -13.00 -29.34
CA LEU V 142 -34.29 -13.10 -30.60
C LEU V 142 -34.80 -12.06 -31.59
N PHE V 143 -36.12 -11.86 -31.60
CA PHE V 143 -36.71 -10.81 -32.43
C PHE V 143 -36.12 -9.48 -32.06
N LEU V 144 -35.87 -9.25 -30.74
CA LEU V 144 -35.34 -7.97 -30.29
C LEU V 144 -33.90 -7.80 -30.73
N ALA V 145 -33.05 -8.79 -30.43
CA ALA V 145 -31.66 -8.74 -30.87
C ALA V 145 -31.58 -8.45 -32.36
N GLY V 146 -32.50 -9.03 -33.14
CA GLY V 146 -32.46 -8.83 -34.58
C GLY V 146 -32.79 -7.40 -35.02
N LEU V 147 -33.85 -6.84 -34.46
CA LEU V 147 -34.15 -5.45 -34.75
C LEU V 147 -33.05 -4.50 -34.32
N LEU V 148 -32.40 -4.82 -33.20
CA LEU V 148 -31.33 -3.99 -32.69
C LEU V 148 -30.10 -4.13 -33.56
N CYS V 149 -29.70 -5.38 -33.82
CA CYS V 149 -28.62 -5.63 -34.76
C CYS V 149 -28.86 -4.93 -36.13
N PHE V 150 -30.05 -5.16 -36.71
CA PHE V 150 -30.39 -4.47 -37.96
C PHE V 150 -30.30 -2.97 -37.76
N GLY V 151 -30.96 -2.45 -36.73
CA GLY V 151 -30.91 -1.03 -36.49
C GLY V 151 -29.50 -0.51 -36.39
N PHE V 152 -28.63 -1.25 -35.69
CA PHE V 152 -27.27 -0.75 -35.45
C PHE V 152 -26.49 -0.71 -36.75
N GLY V 153 -26.73 -1.70 -37.62
CA GLY V 153 -26.10 -1.73 -38.94
C GLY V 153 -26.65 -0.76 -39.97
N ALA V 154 -27.98 -0.58 -39.99
CA ALA V 154 -28.64 0.25 -41.01
C ALA V 154 -28.50 1.77 -40.76
N PHE V 155 -28.45 2.22 -39.51
CA PHE V 155 -28.38 3.64 -39.18
C PHE V 155 -27.07 4.10 -38.55
N HIS V 156 -26.53 3.35 -37.56
CA HIS V 156 -25.34 3.83 -36.88
C HIS V 156 -24.11 3.70 -37.78
N LEU V 157 -23.84 2.49 -38.32
CA LEU V 157 -22.61 2.28 -39.11
C LEU V 157 -22.67 2.97 -40.48
N THR V 158 -23.83 2.93 -41.17
CA THR V 158 -23.93 3.62 -42.47
C THR V 158 -23.89 5.13 -42.32
N GLY V 159 -24.35 5.65 -41.19
CA GLY V 159 -24.42 7.07 -40.99
C GLY V 159 -25.69 7.76 -41.46
N LEU V 160 -26.76 7.01 -41.81
CA LEU V 160 -28.07 7.62 -42.07
C LEU V 160 -28.59 8.31 -40.81
N PHE V 161 -28.41 7.66 -39.67
CA PHE V 161 -28.78 8.27 -38.41
C PHE V 161 -27.75 7.80 -37.39
N GLY V 162 -26.65 8.54 -37.35
CA GLY V 162 -25.56 8.21 -36.49
C GLY V 162 -24.21 8.39 -37.15
N PRO V 163 -23.16 8.02 -36.41
CA PRO V 163 -21.83 8.55 -36.68
C PRO V 163 -20.92 7.73 -37.57
N GLY V 164 -21.22 6.50 -37.91
CA GLY V 164 -20.21 5.74 -38.61
C GLY V 164 -19.36 4.91 -37.66
N MET V 165 -18.08 4.68 -38.00
CA MET V 165 -17.12 3.94 -37.17
C MET V 165 -15.72 4.31 -37.61
N TRP V 166 -14.73 3.88 -36.82
CA TRP V 166 -13.33 4.12 -37.08
C TRP V 166 -12.92 3.40 -38.35
N VAL V 167 -12.24 4.12 -39.23
CA VAL V 167 -11.70 3.58 -40.47
C VAL V 167 -10.38 4.28 -40.67
N SER V 168 -9.41 3.55 -41.22
CA SER V 168 -8.10 4.13 -41.47
C SER V 168 -7.53 3.55 -42.75
N ASP V 169 -6.40 4.10 -43.16
CA ASP V 169 -5.61 3.54 -44.25
C ASP V 169 -4.87 2.27 -43.82
N PRO V 170 -4.20 1.61 -44.75
CA PRO V 170 -3.55 0.33 -44.40
C PRO V 170 -2.37 0.45 -43.47
N TYR V 171 -1.86 1.66 -43.19
CA TYR V 171 -0.75 1.82 -42.28
C TYR V 171 -1.15 2.63 -41.05
N GLY V 172 -2.45 2.75 -40.80
CA GLY V 172 -2.92 3.35 -39.57
C GLY V 172 -2.37 4.74 -39.35
N LEU V 173 -2.31 5.54 -40.41
CA LEU V 173 -1.85 6.93 -40.29
C LEU V 173 -2.98 7.96 -40.27
N THR V 174 -4.14 7.68 -40.91
CA THR V 174 -5.12 8.70 -41.24
C THR V 174 -6.50 8.36 -40.68
N GLY V 175 -6.55 7.64 -39.56
CA GLY V 175 -7.81 7.13 -39.07
C GLY V 175 -8.77 8.21 -38.64
N SER V 176 -10.04 7.88 -38.73
CA SER V 176 -11.11 8.77 -38.27
C SER V 176 -12.40 7.97 -38.26
N VAL V 177 -13.46 8.64 -37.85
CA VAL V 177 -14.80 8.07 -37.89
C VAL V 177 -15.45 8.56 -39.15
N GLN V 178 -15.95 7.65 -39.95
CA GLN V 178 -16.63 7.95 -41.20
C GLN V 178 -17.87 7.07 -41.28
N PRO V 179 -18.82 7.40 -42.14
CA PRO V 179 -19.91 6.45 -42.41
C PRO V 179 -19.38 5.39 -43.34
N VAL V 180 -19.95 4.19 -43.24
CA VAL V 180 -19.47 3.08 -44.04
C VAL V 180 -20.62 2.45 -44.79
N ALA V 181 -20.47 2.36 -46.10
CA ALA V 181 -21.46 1.75 -46.97
C ALA V 181 -21.33 0.24 -46.91
N PRO V 182 -22.43 -0.51 -46.98
CA PRO V 182 -22.29 -1.97 -46.92
C PRO V 182 -21.60 -2.48 -48.17
N GLU V 183 -20.99 -3.65 -48.03
CA GLU V 183 -20.31 -4.34 -49.11
C GLU V 183 -21.04 -5.67 -49.23
N TRP V 184 -21.86 -5.78 -50.27
CA TRP V 184 -22.69 -6.95 -50.48
C TRP V 184 -21.96 -8.01 -51.29
N GLY V 185 -20.83 -7.64 -51.86
CA GLY V 185 -20.02 -8.61 -52.53
C GLY V 185 -19.48 -9.71 -51.64
N PRO V 186 -18.64 -10.56 -52.23
CA PRO V 186 -17.96 -11.57 -51.42
C PRO V 186 -16.76 -11.00 -50.70
N ASP V 187 -16.34 -9.78 -51.02
CA ASP V 187 -15.33 -9.12 -50.20
C ASP V 187 -15.90 -8.69 -48.88
N GLY V 188 -17.20 -8.87 -48.68
CA GLY V 188 -17.81 -8.54 -47.41
C GLY V 188 -17.32 -9.42 -46.28
N PHE V 189 -16.86 -10.62 -46.61
CA PHE V 189 -16.36 -11.55 -45.63
C PHE V 189 -14.85 -11.42 -45.43
N ASN V 190 -14.23 -10.44 -46.09
CA ASN V 190 -12.86 -10.06 -45.86
C ASN V 190 -12.82 -9.35 -44.50
N PRO V 191 -12.20 -9.93 -43.46
CA PRO V 191 -12.19 -9.27 -42.14
C PRO V 191 -11.67 -7.85 -42.17
N TYR V 192 -10.90 -7.54 -43.20
CA TYR V 192 -10.24 -6.24 -43.30
C TYR V 192 -11.03 -5.27 -44.16
N ASN V 193 -12.21 -5.66 -44.61
CA ASN V 193 -13.10 -4.76 -45.35
C ASN V 193 -14.19 -4.25 -44.42
N PRO V 194 -14.16 -2.98 -44.03
CA PRO V 194 -15.14 -2.51 -43.06
C PRO V 194 -16.59 -2.50 -43.58
N GLY V 195 -16.82 -2.42 -44.89
CA GLY V 195 -18.17 -2.53 -45.41
C GLY V 195 -18.79 -3.87 -45.14
N GLY V 196 -17.97 -4.89 -44.87
CA GLY V 196 -18.50 -6.18 -44.45
C GLY V 196 -19.23 -6.12 -43.14
N VAL V 197 -18.76 -5.26 -42.22
CA VAL V 197 -19.38 -5.14 -40.90
C VAL V 197 -20.81 -4.60 -41.03
N VAL V 198 -21.02 -3.61 -41.90
CA VAL V 198 -22.36 -3.08 -42.13
C VAL V 198 -23.24 -4.16 -42.77
N ALA V 199 -22.78 -4.68 -43.92
CA ALA V 199 -23.55 -5.68 -44.61
C ALA V 199 -23.96 -6.75 -43.65
N HIS V 200 -23.03 -7.12 -42.77
CA HIS V 200 -23.28 -8.20 -41.85
C HIS V 200 -24.49 -7.89 -40.99
N HIS V 201 -24.46 -6.72 -40.35
CA HIS V 201 -25.46 -6.44 -39.32
C HIS V 201 -26.84 -6.24 -39.95
N ILE V 202 -26.87 -5.62 -41.14
CA ILE V 202 -28.11 -5.56 -41.93
C ILE V 202 -28.65 -6.97 -42.20
N ALA V 203 -27.85 -7.79 -42.88
CA ALA V 203 -28.37 -9.07 -43.34
C ALA V 203 -28.67 -10.01 -42.17
N ALA V 204 -27.74 -10.13 -41.22
CA ALA V 204 -28.01 -10.91 -40.03
C ALA V 204 -29.13 -10.31 -39.22
N GLY V 205 -29.19 -8.99 -39.11
CA GLY V 205 -30.37 -8.31 -38.56
C GLY V 205 -31.69 -8.86 -39.08
N ILE V 206 -31.84 -8.87 -40.41
CA ILE V 206 -33.08 -9.38 -40.99
C ILE V 206 -33.32 -10.83 -40.57
N VAL V 207 -32.30 -11.69 -40.69
CA VAL V 207 -32.47 -13.11 -40.39
C VAL V 207 -32.87 -13.34 -38.94
N GLY V 208 -32.29 -12.59 -38.01
CA GLY V 208 -32.74 -12.66 -36.62
C GLY V 208 -34.19 -12.25 -36.45
N ILE V 209 -34.61 -11.19 -37.16
CA ILE V 209 -36.02 -10.80 -37.15
C ILE V 209 -36.90 -11.96 -37.59
N ILE V 210 -36.50 -12.64 -38.67
CA ILE V 210 -37.34 -13.69 -39.21
C ILE V 210 -37.29 -14.92 -38.33
N ALA V 211 -36.09 -15.32 -37.87
CA ALA V 211 -36.00 -16.47 -36.99
C ALA V 211 -36.73 -16.21 -35.70
N GLY V 212 -36.66 -14.97 -35.23
CA GLY V 212 -37.45 -14.58 -34.08
C GLY V 212 -38.94 -14.79 -34.29
N LEU V 213 -39.47 -14.38 -35.44
CA LEU V 213 -40.90 -14.60 -35.69
C LEU V 213 -41.22 -16.08 -35.70
N PHE V 214 -40.40 -16.89 -36.38
CA PHE V 214 -40.53 -18.36 -36.34
C PHE V 214 -40.51 -18.91 -34.90
N HIS V 215 -39.52 -18.48 -34.09
CA HIS V 215 -39.45 -18.98 -32.72
C HIS V 215 -40.53 -18.45 -31.80
N ILE V 216 -41.27 -17.39 -32.17
CA ILE V 216 -42.45 -17.02 -31.38
C ILE V 216 -43.67 -17.85 -31.78
N LEU V 217 -43.75 -18.27 -33.03
CA LEU V 217 -45.01 -18.72 -33.58
C LEU V 217 -45.20 -20.23 -33.51
N VAL V 218 -44.14 -21.02 -33.48
CA VAL V 218 -44.29 -22.46 -33.64
C VAL V 218 -43.53 -23.20 -32.56
N ARG V 219 -44.20 -24.08 -31.87
CA ARG V 219 -43.58 -24.78 -30.75
C ARG V 219 -42.48 -25.72 -31.22
N PRO V 220 -41.53 -26.01 -30.34
CA PRO V 220 -40.52 -26.97 -30.67
C PRO V 220 -41.12 -28.36 -30.71
N PRO V 221 -40.60 -29.23 -31.57
CA PRO V 221 -41.09 -30.61 -31.58
C PRO V 221 -40.80 -31.29 -30.27
N GLN V 222 -41.67 -32.23 -29.94
CA GLN V 222 -41.50 -33.06 -28.76
C GLN V 222 -40.12 -33.71 -28.65
N ARG V 223 -39.50 -34.04 -29.79
CA ARG V 223 -38.27 -34.83 -29.74
C ARG V 223 -37.12 -34.00 -29.23
N LEU V 224 -37.09 -32.72 -29.63
CA LEU V 224 -36.10 -31.78 -29.11
C LEU V 224 -36.48 -31.29 -27.70
N TYR V 225 -37.77 -31.06 -27.44
CA TYR V 225 -38.15 -30.57 -26.11
C TYR V 225 -37.67 -31.56 -25.05
N LYS V 226 -37.77 -32.86 -25.32
CA LYS V 226 -37.27 -33.84 -24.35
C LYS V 226 -35.74 -33.88 -24.37
N ALA V 227 -35.15 -34.25 -25.51
CA ALA V 227 -33.70 -34.44 -25.61
C ALA V 227 -32.94 -33.31 -24.94
N LEU V 228 -33.41 -32.08 -25.11
CA LEU V 228 -32.69 -30.91 -24.61
C LEU V 228 -33.29 -30.34 -23.34
N ARG V 229 -34.18 -31.07 -22.68
CA ARG V 229 -34.73 -30.69 -21.37
C ARG V 229 -35.19 -29.23 -21.38
N MET V 230 -36.17 -28.98 -22.23
CA MET V 230 -36.49 -27.59 -22.59
C MET V 230 -37.35 -26.86 -21.55
N GLY V 231 -38.01 -27.55 -20.62
CA GLY V 231 -38.58 -26.93 -19.44
C GLY V 231 -37.63 -26.82 -18.26
N ASN V 232 -36.35 -27.14 -18.46
CA ASN V 232 -35.31 -26.88 -17.48
C ASN V 232 -34.49 -25.70 -17.96
N ILE V 233 -34.47 -24.64 -17.14
CA ILE V 233 -33.72 -23.45 -17.47
C ILE V 233 -32.21 -23.69 -17.45
N GLU V 234 -31.73 -24.75 -16.77
CA GLU V 234 -30.29 -25.00 -16.78
C GLU V 234 -29.81 -25.42 -18.15
N THR V 235 -30.71 -25.93 -19.01
CA THR V 235 -30.31 -26.17 -20.39
C THR V 235 -29.98 -24.87 -21.12
N VAL V 236 -30.63 -23.77 -20.78
CA VAL V 236 -30.32 -22.51 -21.44
C VAL V 236 -28.96 -22.01 -20.98
N LEU V 237 -28.67 -22.14 -19.69
CA LEU V 237 -27.35 -21.78 -19.15
C LEU V 237 -26.26 -22.47 -19.92
N SER V 238 -26.41 -23.79 -20.11
CA SER V 238 -25.42 -24.60 -20.85
C SER V 238 -25.21 -24.10 -22.29
N SER V 239 -26.28 -24.01 -23.07
CA SER V 239 -26.14 -23.53 -24.44
C SER V 239 -25.67 -22.08 -24.48
N SER V 240 -26.10 -21.27 -23.52
CA SER V 240 -25.69 -19.88 -23.54
C SER V 240 -24.20 -19.71 -23.21
N ILE V 241 -23.69 -20.46 -22.22
CA ILE V 241 -22.27 -20.44 -21.96
C ILE V 241 -21.51 -20.90 -23.21
N ALA V 242 -22.05 -21.91 -23.90
CA ALA V 242 -21.40 -22.39 -25.12
C ALA V 242 -21.27 -21.26 -26.14
N ALA V 243 -22.36 -20.50 -26.37
CA ALA V 243 -22.31 -19.43 -27.38
C ALA V 243 -21.29 -18.38 -27.00
N VAL V 244 -21.10 -18.17 -25.71
CA VAL V 244 -20.28 -17.06 -25.24
C VAL V 244 -18.81 -17.35 -25.50
N PHE V 245 -18.40 -18.59 -25.30
CA PHE V 245 -16.97 -18.85 -25.43
C PHE V 245 -16.59 -18.96 -26.90
N PHE V 246 -17.45 -19.56 -27.70
CA PHE V 246 -17.34 -19.33 -29.15
C PHE V 246 -17.12 -17.84 -29.47
N ALA V 247 -17.98 -16.96 -28.97
CA ALA V 247 -17.75 -15.55 -29.27
C ALA V 247 -16.43 -15.07 -28.68
N ALA V 248 -16.08 -15.53 -27.46
CA ALA V 248 -14.85 -15.05 -26.85
C ALA V 248 -13.60 -15.49 -27.66
N PHE V 249 -13.62 -16.69 -28.19
CA PHE V 249 -12.47 -17.12 -29.00
C PHE V 249 -12.39 -16.35 -30.32
N VAL V 250 -13.51 -15.94 -30.91
CA VAL V 250 -13.43 -15.16 -32.14
C VAL V 250 -12.88 -13.78 -31.84
N VAL V 251 -13.37 -13.18 -30.77
CA VAL V 251 -12.93 -11.83 -30.46
C VAL V 251 -11.46 -11.78 -30.04
N ALA V 252 -10.92 -12.87 -29.46
CA ALA V 252 -9.48 -12.92 -29.20
C ALA V 252 -8.71 -13.11 -30.50
N GLY V 253 -9.15 -14.03 -31.34
CA GLY V 253 -8.50 -14.19 -32.62
C GLY V 253 -8.41 -12.88 -33.40
N THR V 254 -9.56 -12.18 -33.57
CA THR V 254 -9.55 -10.99 -34.43
C THR V 254 -8.69 -9.91 -33.81
N MET V 255 -8.68 -9.82 -32.47
CA MET V 255 -7.79 -8.87 -31.79
C MET V 255 -6.32 -9.23 -32.01
N TRP V 256 -5.98 -10.52 -32.02
CA TRP V 256 -4.58 -10.87 -32.19
C TRP V 256 -4.13 -10.69 -33.65
N TYR V 257 -4.96 -11.12 -34.61
CA TYR V 257 -4.51 -11.10 -35.99
C TYR V 257 -4.74 -9.76 -36.70
N GLY V 258 -5.68 -8.97 -36.22
CA GLY V 258 -6.11 -7.84 -37.01
C GLY V 258 -7.41 -8.11 -37.75
N SER V 259 -8.26 -7.09 -37.73
CA SER V 259 -9.47 -7.03 -38.53
C SER V 259 -9.83 -5.56 -38.65
N ALA V 260 -10.85 -5.28 -39.47
CA ALA V 260 -11.31 -3.90 -39.56
C ALA V 260 -11.89 -3.38 -38.24
N THR V 261 -12.33 -4.26 -37.32
CA THR V 261 -12.85 -3.81 -36.03
C THR V 261 -11.80 -3.71 -34.93
N THR V 262 -10.53 -3.80 -35.25
CA THR V 262 -9.46 -3.72 -34.24
C THR V 262 -8.33 -2.87 -34.81
N PRO V 263 -8.62 -1.61 -35.15
CA PRO V 263 -7.63 -0.80 -35.87
C PRO V 263 -6.38 -0.51 -35.06
N ILE V 264 -5.25 -0.34 -35.74
CA ILE V 264 -3.99 -0.23 -34.99
C ILE V 264 -3.83 1.14 -34.32
N GLU V 265 -4.65 2.14 -34.70
CA GLU V 265 -4.61 3.44 -34.03
C GLU V 265 -5.38 3.44 -32.73
N LEU V 266 -6.24 2.44 -32.51
CA LEU V 266 -6.89 2.32 -31.22
C LEU V 266 -6.25 1.29 -30.31
N PHE V 267 -5.75 0.17 -30.85
CA PHE V 267 -5.20 -0.90 -30.01
C PHE V 267 -3.71 -1.18 -30.21
N GLY V 268 -3.04 -0.53 -31.17
CA GLY V 268 -1.64 -0.75 -31.46
C GLY V 268 -1.40 -1.79 -32.55
N PRO V 269 -0.16 -1.89 -33.01
CA PRO V 269 0.15 -2.88 -34.05
C PRO V 269 -0.03 -4.30 -33.59
N THR V 270 -0.02 -5.20 -34.57
CA THR V 270 0.00 -6.63 -34.34
C THR V 270 1.43 -7.15 -34.33
N ARG V 271 1.61 -8.35 -33.76
CA ARG V 271 2.92 -8.96 -33.75
C ARG V 271 3.38 -9.35 -35.15
N TYR V 272 2.42 -9.69 -36.01
CA TYR V 272 2.65 -10.11 -37.41
C TYR V 272 3.18 -8.98 -38.28
N GLN V 273 2.89 -7.74 -37.93
CA GLN V 273 3.55 -6.63 -38.62
C GLN V 273 5.03 -6.55 -38.27
N TRP V 274 5.44 -6.99 -37.09
CA TRP V 274 6.89 -7.00 -36.87
C TRP V 274 7.53 -8.17 -37.59
N ASP V 275 6.87 -9.33 -37.60
CA ASP V 275 7.49 -10.50 -38.22
C ASP V 275 7.67 -10.31 -39.71
N SER V 276 6.65 -9.75 -40.36
CA SER V 276 6.67 -9.50 -41.79
C SER V 276 7.41 -8.24 -42.17
N SER V 277 7.86 -7.44 -41.20
CA SER V 277 8.38 -6.11 -41.52
C SER V 277 7.40 -5.38 -42.44
N TYR V 278 6.11 -5.47 -42.08
CA TYR V 278 5.04 -4.78 -42.82
C TYR V 278 5.28 -3.27 -42.92
N PHE V 279 5.75 -2.63 -41.84
CA PHE V 279 5.93 -1.18 -41.86
C PHE V 279 7.28 -0.80 -42.39
N GLN V 280 8.26 -1.67 -42.25
CA GLN V 280 9.60 -1.35 -42.72
C GLN V 280 9.61 -1.32 -44.23
N GLN V 281 8.89 -2.25 -44.85
CA GLN V 281 8.75 -2.27 -46.30
C GLN V 281 8.11 -0.99 -46.84
N GLU V 282 6.97 -0.58 -46.27
CA GLU V 282 6.34 0.65 -46.76
C GLU V 282 7.29 1.83 -46.65
N ILE V 283 8.01 1.95 -45.52
CA ILE V 283 8.95 3.05 -45.37
C ILE V 283 9.99 2.99 -46.48
N ASN V 284 10.49 1.79 -46.79
CA ASN V 284 11.59 1.70 -47.74
C ASN V 284 11.10 2.01 -49.12
N ARG V 285 9.88 1.58 -49.44
CA ARG V 285 9.15 2.03 -50.63
C ARG V 285 9.17 3.54 -50.75
N ARG V 286 8.62 4.25 -49.75
CA ARG V 286 8.47 5.68 -49.85
C ARG V 286 9.82 6.38 -49.91
N VAL V 287 10.86 5.75 -49.39
CA VAL V 287 12.21 6.28 -49.56
C VAL V 287 12.61 6.19 -51.03
N GLN V 288 12.63 4.98 -51.58
CA GLN V 288 13.05 4.77 -52.97
C GLN V 288 12.31 5.70 -53.92
N ALA V 289 10.99 5.78 -53.82
CA ALA V 289 10.23 6.80 -54.53
C ALA V 289 11.00 8.10 -54.54
N SER V 290 11.28 8.63 -53.35
CA SER V 290 11.92 9.94 -53.23
C SER V 290 13.27 9.97 -53.93
N LEU V 291 14.02 8.89 -53.89
CA LEU V 291 15.33 8.86 -54.52
C LEU V 291 15.26 8.65 -56.03
N ALA V 292 14.05 8.52 -56.57
CA ALA V 292 13.84 8.51 -58.01
C ALA V 292 13.57 9.93 -58.53
N SER V 293 12.79 10.71 -57.79
CA SER V 293 12.54 12.10 -58.14
C SER V 293 13.64 13.02 -57.63
N GLY V 294 14.87 12.53 -57.59
CA GLY V 294 16.03 13.36 -57.38
C GLY V 294 16.16 14.03 -56.03
N ALA V 295 15.59 13.44 -54.99
CA ALA V 295 15.79 13.96 -53.64
C ALA V 295 17.06 13.37 -53.03
N THR V 296 17.66 14.13 -52.11
CA THR V 296 18.84 13.62 -51.42
C THR V 296 18.41 12.58 -50.36
N LEU V 297 19.40 11.82 -49.86
CA LEU V 297 19.13 10.90 -48.78
C LEU V 297 18.41 11.62 -47.65
N GLU V 298 19.02 12.71 -47.18
CA GLU V 298 18.48 13.44 -46.06
C GLU V 298 17.03 13.85 -46.30
N GLU V 299 16.69 14.20 -47.55
CA GLU V 299 15.34 14.71 -47.84
C GLU V 299 14.32 13.60 -47.99
N ALA V 300 14.71 12.44 -48.50
CA ALA V 300 13.79 11.32 -48.57
C ALA V 300 13.48 10.74 -47.20
N TRP V 301 14.52 10.57 -46.35
CA TRP V 301 14.31 10.10 -44.97
C TRP V 301 13.61 11.15 -44.12
N SER V 302 13.93 12.43 -44.33
CA SER V 302 13.27 13.52 -43.63
C SER V 302 11.75 13.53 -43.86
N ALA V 303 11.28 12.90 -44.92
CA ALA V 303 9.86 12.90 -45.27
C ALA V 303 9.14 11.61 -44.85
N ILE V 304 9.77 10.74 -44.07
CA ILE V 304 9.04 9.65 -43.43
C ILE V 304 8.35 10.18 -42.17
N PRO V 305 7.03 10.22 -42.12
CA PRO V 305 6.35 10.78 -40.94
C PRO V 305 6.74 10.05 -39.65
N GLU V 306 6.85 10.81 -38.56
CA GLU V 306 7.20 10.21 -37.28
C GLU V 306 6.28 9.06 -36.94
N LYS V 307 5.00 9.18 -37.30
CA LYS V 307 4.00 8.19 -36.96
C LYS V 307 4.31 6.85 -37.57
N LEU V 308 4.78 6.85 -38.81
CA LEU V 308 5.02 5.59 -39.50
C LEU V 308 6.32 4.97 -39.04
N ALA V 309 7.32 5.81 -38.74
CA ALA V 309 8.55 5.29 -38.16
C ALA V 309 8.28 4.56 -36.84
N PHE V 310 7.32 5.07 -36.04
CA PHE V 310 7.03 4.54 -34.71
C PHE V 310 6.36 3.19 -34.78
N TYR V 311 5.62 2.91 -35.85
CA TYR V 311 5.08 1.57 -36.01
C TYR V 311 6.20 0.53 -36.25
N ASP V 312 7.36 0.97 -36.78
CA ASP V 312 8.46 0.06 -37.14
C ASP V 312 9.48 -0.06 -36.00
N TYR V 313 8.95 -0.40 -34.80
CA TYR V 313 9.67 -0.41 -33.54
C TYR V 313 9.10 -1.54 -32.72
N ILE V 314 9.98 -2.31 -32.08
CA ILE V 314 9.58 -3.58 -31.45
C ILE V 314 9.01 -3.33 -30.08
N GLY V 315 9.40 -2.24 -29.42
CA GLY V 315 8.72 -1.78 -28.25
C GLY V 315 7.22 -1.59 -28.42
N ASN V 316 6.69 -1.59 -29.65
CA ASN V 316 5.25 -1.58 -29.88
C ASN V 316 4.69 -2.92 -30.40
N ASN V 317 5.52 -3.94 -30.57
CA ASN V 317 5.06 -5.28 -30.90
C ASN V 317 4.40 -5.87 -29.65
N PRO V 318 3.08 -6.13 -29.66
CA PRO V 318 2.40 -6.52 -28.43
C PRO V 318 2.88 -7.85 -27.86
N ALA V 319 3.74 -8.59 -28.56
CA ALA V 319 4.27 -9.88 -28.09
C ALA V 319 5.66 -9.74 -27.46
N LYS V 320 6.00 -8.55 -26.99
CA LYS V 320 7.27 -8.30 -26.33
C LYS V 320 7.12 -8.12 -24.82
N GLY V 321 5.97 -8.45 -24.22
CA GLY V 321 5.69 -8.13 -22.84
C GLY V 321 5.90 -9.29 -21.86
N GLY V 322 5.48 -9.06 -20.62
CA GLY V 322 5.50 -10.06 -19.57
C GLY V 322 4.27 -9.97 -18.67
N LEU V 323 3.84 -11.14 -18.16
CA LEU V 323 2.59 -11.26 -17.41
C LEU V 323 2.53 -10.35 -16.17
N PHE V 324 3.63 -10.17 -15.45
CA PHE V 324 3.62 -9.32 -14.27
C PHE V 324 4.34 -8.02 -14.50
N ARG V 325 4.69 -7.74 -15.73
CA ARG V 325 5.08 -6.39 -16.13
C ARG V 325 3.82 -5.54 -16.38
N THR V 326 3.43 -4.71 -15.41
CA THR V 326 2.10 -4.12 -15.34
C THR V 326 2.07 -2.68 -15.84
N GLY V 327 0.91 -2.29 -16.31
CA GLY V 327 0.59 -0.90 -16.58
C GLY V 327 0.89 -0.50 -18.00
N PRO V 328 0.99 0.80 -18.23
CA PRO V 328 1.11 1.29 -19.62
C PRO V 328 2.48 0.97 -20.20
N MET V 329 2.55 1.03 -21.55
CA MET V 329 3.81 0.78 -22.26
C MET V 329 4.81 1.88 -21.94
N ASN V 330 4.32 3.11 -21.75
CA ASN V 330 5.22 4.19 -21.38
C ASN V 330 6.05 3.87 -20.13
N LYS V 331 5.59 2.91 -19.33
CA LYS V 331 6.22 2.58 -18.06
C LYS V 331 7.49 1.75 -18.23
N GLY V 332 7.69 1.15 -19.41
CA GLY V 332 8.82 0.33 -19.80
C GLY V 332 9.84 1.15 -20.54
N ASP V 333 9.72 1.33 -21.87
CA ASP V 333 10.74 2.10 -22.60
C ASP V 333 10.65 3.61 -22.35
N GLY V 334 9.56 4.12 -21.80
CA GLY V 334 9.38 5.55 -21.58
C GLY V 334 8.27 6.11 -22.48
N ILE V 335 8.08 7.43 -22.36
CA ILE V 335 7.17 8.18 -23.22
C ILE V 335 7.95 8.62 -24.47
N ALA V 336 7.56 8.11 -25.64
CA ALA V 336 8.27 8.46 -26.86
C ALA V 336 8.16 9.96 -27.12
N GLN V 337 9.29 10.57 -27.36
CA GLN V 337 9.39 11.98 -27.59
C GLN V 337 9.67 12.33 -29.04
N ALA V 338 10.50 11.55 -29.71
CA ALA V 338 10.85 11.99 -31.05
C ALA V 338 11.59 10.88 -31.76
N TRP V 339 11.46 10.88 -33.07
CA TRP V 339 12.25 10.01 -33.91
C TRP V 339 13.70 10.55 -33.97
N LYS V 340 14.66 9.73 -33.60
CA LYS V 340 16.04 10.13 -33.75
C LYS V 340 16.52 10.15 -35.20
N GLY V 341 15.85 9.45 -36.08
CA GLY V 341 16.31 9.36 -37.43
C GLY V 341 16.77 7.95 -37.79
N HIS V 342 16.65 7.63 -39.07
CA HIS V 342 17.10 6.35 -39.55
C HIS V 342 18.61 6.31 -39.46
N ALA V 343 19.12 5.23 -38.87
CA ALA V 343 20.54 5.05 -38.63
C ALA V 343 21.10 4.20 -39.76
N VAL V 344 22.21 4.66 -40.34
CA VAL V 344 22.87 3.92 -41.41
C VAL V 344 24.27 3.57 -40.98
N PHE V 345 24.62 2.30 -41.12
CA PHE V 345 25.88 1.77 -40.63
C PHE V 345 26.76 1.42 -41.83
N ARG V 346 28.02 1.84 -41.79
CA ARG V 346 28.96 1.51 -42.85
C ARG V 346 30.27 1.08 -42.24
N ASN V 347 30.97 0.18 -42.93
CA ASN V 347 32.28 -0.22 -42.44
C ASN V 347 33.37 0.70 -43.01
N LYS V 348 34.63 0.33 -42.77
CA LYS V 348 35.75 1.15 -43.24
C LYS V 348 35.75 1.24 -44.76
N GLU V 349 35.33 0.18 -45.45
CA GLU V 349 35.27 0.15 -46.90
C GLU V 349 34.05 0.87 -47.50
N GLY V 350 33.21 1.54 -46.70
CA GLY V 350 32.05 2.24 -47.20
C GLY V 350 30.86 1.39 -47.55
N GLU V 351 31.01 0.08 -47.64
CA GLU V 351 29.85 -0.78 -47.85
C GLU V 351 28.84 -0.54 -46.73
N GLU V 352 27.57 -0.54 -47.11
CA GLU V 352 26.49 -0.33 -46.17
C GLU V 352 26.13 -1.63 -45.46
N LEU V 353 25.99 -1.56 -44.13
CA LEU V 353 25.66 -2.72 -43.31
C LEU V 353 24.34 -2.55 -42.58
N PHE V 354 23.79 -3.68 -42.13
CA PHE V 354 22.42 -3.82 -41.65
C PHE V 354 22.32 -4.59 -40.34
N VAL V 355 21.81 -3.94 -39.30
CA VAL V 355 21.54 -4.63 -38.06
C VAL V 355 20.47 -5.68 -38.26
N ARG V 356 20.80 -6.93 -37.97
CA ARG V 356 19.82 -8.01 -37.88
C ARG V 356 18.86 -7.77 -36.70
N ARG V 357 17.58 -7.82 -36.98
CA ARG V 357 16.61 -7.33 -36.02
C ARG V 357 16.18 -8.42 -35.06
N MET V 358 15.72 -7.98 -33.90
CA MET V 358 15.34 -8.86 -32.83
C MET V 358 14.04 -9.58 -33.17
N PRO V 359 14.01 -10.91 -33.18
CA PRO V 359 12.74 -11.61 -33.25
C PRO V 359 11.96 -11.51 -31.93
N ALA V 360 10.63 -11.60 -32.04
CA ALA V 360 9.77 -11.46 -30.86
C ALA V 360 10.06 -12.54 -29.81
N PHE V 361 10.64 -13.67 -30.22
CA PHE V 361 10.89 -14.76 -29.26
C PHE V 361 11.97 -14.42 -28.22
N PHE V 362 12.91 -13.56 -28.55
CA PHE V 362 14.12 -13.42 -27.77
C PHE V 362 14.04 -12.24 -26.81
N GLU V 363 14.13 -12.53 -25.50
CA GLU V 363 14.29 -11.47 -24.51
C GLU V 363 15.55 -10.65 -24.75
N SER V 364 16.58 -11.28 -25.26
CA SER V 364 17.84 -10.61 -25.48
C SER V 364 18.32 -11.14 -26.81
N PHE V 365 19.21 -10.37 -27.44
CA PHE V 365 19.67 -10.71 -28.77
C PHE V 365 21.01 -10.07 -29.04
N PRO V 366 21.93 -10.79 -29.69
CA PRO V 366 23.24 -10.22 -30.01
C PRO V 366 23.15 -9.29 -31.21
N VAL V 367 24.15 -8.41 -31.30
CA VAL V 367 24.23 -7.39 -32.34
C VAL V 367 25.08 -7.90 -33.52
N ILE V 368 24.41 -8.32 -34.60
CA ILE V 368 25.09 -8.72 -35.83
C ILE V 368 24.66 -7.84 -37.00
N LEU V 369 25.63 -7.40 -37.79
CA LEU V 369 25.48 -6.61 -39.00
C LEU V 369 25.96 -7.43 -40.19
N THR V 370 25.16 -7.46 -41.24
CA THR V 370 25.50 -8.12 -42.49
C THR V 370 25.48 -7.10 -43.63
N ASP V 371 25.85 -7.57 -44.81
CA ASP V 371 25.82 -6.76 -46.02
C ASP V 371 24.51 -7.04 -46.74
N LYS V 372 24.25 -6.25 -47.81
CA LYS V 372 23.00 -6.39 -48.56
C LYS V 372 22.68 -7.86 -48.80
N ASN V 373 23.70 -8.72 -48.80
CA ASN V 373 23.55 -10.14 -49.09
C ASN V 373 23.46 -11.04 -47.85
N GLY V 374 23.68 -10.52 -46.64
CA GLY V 374 23.59 -11.37 -45.46
C GLY V 374 24.87 -12.06 -45.07
N VAL V 375 26.01 -11.64 -45.59
CA VAL V 375 27.31 -12.05 -45.05
C VAL V 375 27.61 -11.24 -43.81
N VAL V 376 27.86 -11.91 -42.69
CA VAL V 376 28.28 -11.21 -41.47
C VAL V 376 29.54 -10.40 -41.78
N LYS V 377 29.56 -9.14 -41.34
CA LYS V 377 30.68 -8.25 -41.59
C LYS V 377 31.08 -7.58 -40.28
N ALA V 378 30.15 -7.46 -39.33
CA ALA V 378 30.50 -6.88 -38.05
C ALA V 378 29.58 -7.40 -36.96
N ASP V 379 30.12 -7.49 -35.74
CA ASP V 379 29.33 -7.88 -34.58
C ASP V 379 29.89 -7.19 -33.35
N ILE V 380 29.19 -7.37 -32.23
CA ILE V 380 29.72 -6.99 -30.92
C ILE V 380 30.09 -8.29 -30.23
N PRO V 381 31.39 -8.59 -30.02
CA PRO V 381 31.78 -9.93 -29.59
C PRO V 381 31.66 -10.16 -28.09
N PHE V 382 31.37 -11.42 -27.76
CA PHE V 382 31.38 -11.86 -26.36
C PHE V 382 32.82 -12.19 -25.93
N ARG V 383 33.42 -13.30 -26.39
CA ARG V 383 34.85 -13.49 -26.14
C ARG V 383 35.62 -12.62 -27.12
N ARG V 384 36.49 -11.74 -26.63
CA ARG V 384 37.26 -10.91 -27.55
C ARG V 384 38.54 -11.57 -28.11
N ALA V 385 39.15 -12.56 -27.43
CA ALA V 385 40.53 -12.95 -27.77
C ALA V 385 40.68 -13.45 -29.21
N GLU V 386 39.60 -13.91 -29.84
CA GLU V 386 39.61 -14.36 -31.23
C GLU V 386 38.49 -13.66 -32.01
N SER V 387 38.17 -12.43 -31.61
CA SER V 387 37.23 -11.65 -32.38
C SER V 387 37.88 -11.20 -33.70
N LYS V 388 37.19 -11.43 -34.80
CA LYS V 388 37.67 -10.93 -36.08
C LYS V 388 36.69 -9.95 -36.73
N TYR V 389 35.54 -9.70 -36.11
CA TYR V 389 34.51 -8.85 -36.68
C TYR V 389 34.15 -7.66 -35.77
N SER V 390 34.91 -7.39 -34.72
CA SER V 390 34.59 -6.24 -33.86
C SER V 390 34.35 -4.93 -34.63
N PHE V 391 33.59 -4.04 -34.03
CA PHE V 391 33.36 -2.72 -34.60
C PHE V 391 34.67 -1.95 -34.80
N GLU V 392 35.59 -2.10 -33.85
CA GLU V 392 36.86 -1.37 -33.90
C GLU V 392 37.79 -1.91 -34.99
N GLN V 393 37.72 -3.21 -35.28
CA GLN V 393 38.51 -3.80 -36.37
C GLN V 393 37.94 -3.38 -37.71
N GLN V 394 36.63 -3.46 -37.87
CA GLN V 394 36.01 -3.18 -39.16
C GLN V 394 35.65 -1.71 -39.32
N GLY V 395 35.99 -0.88 -38.33
CA GLY V 395 35.85 0.56 -38.43
C GLY V 395 34.45 0.98 -38.85
N VAL V 396 33.42 0.50 -38.16
CA VAL V 396 32.09 0.88 -38.59
C VAL V 396 31.73 2.23 -37.98
N THR V 397 30.74 2.85 -38.59
CA THR V 397 30.30 4.21 -38.34
C THR V 397 28.79 4.17 -38.41
N VAL V 398 28.16 5.14 -37.77
CA VAL V 398 26.73 5.34 -37.92
C VAL V 398 26.50 6.75 -38.44
N SER V 399 25.57 6.89 -39.39
CA SER V 399 25.16 8.19 -39.89
C SER V 399 23.64 8.23 -39.89
N PHE V 400 23.06 9.34 -39.40
CA PHE V 400 21.59 9.44 -39.33
C PHE V 400 21.02 10.31 -40.42
N TYR V 401 19.89 9.86 -40.99
CA TYR V 401 19.14 10.63 -41.98
C TYR V 401 17.68 10.71 -41.57
N GLY V 402 17.15 11.93 -41.45
CA GLY V 402 15.82 12.13 -40.92
C GLY V 402 15.87 12.32 -39.42
N GLY V 403 14.73 12.75 -38.88
CA GLY V 403 14.57 12.91 -37.45
C GLY V 403 15.54 13.88 -36.78
N GLU V 404 15.58 13.73 -35.45
CA GLU V 404 16.39 14.58 -34.59
C GLU V 404 17.85 14.67 -35.02
N LEU V 405 18.45 13.54 -35.38
CA LEU V 405 19.89 13.48 -35.62
C LEU V 405 20.27 13.69 -37.08
N ASN V 406 19.34 14.10 -37.94
CA ASN V 406 19.57 14.08 -39.37
C ASN V 406 20.84 14.84 -39.77
N GLY V 407 21.64 14.22 -40.62
CA GLY V 407 22.92 14.78 -40.99
C GLY V 407 24.09 14.40 -40.10
N GLN V 408 23.86 13.84 -38.91
CA GLN V 408 24.98 13.60 -38.03
C GLN V 408 25.67 12.27 -38.34
N THR V 409 26.92 12.16 -37.89
CA THR V 409 27.70 10.94 -38.02
C THR V 409 28.56 10.78 -36.79
N PHE V 410 28.56 9.58 -36.21
CA PHE V 410 29.42 9.27 -35.08
C PHE V 410 30.35 8.17 -35.51
N THR V 411 31.60 8.30 -35.08
CA THR V 411 32.64 7.35 -35.46
C THR V 411 33.29 6.63 -34.28
N ASP V 412 33.18 7.13 -33.06
CA ASP V 412 33.81 6.43 -31.95
C ASP V 412 33.04 5.14 -31.64
N PRO V 413 33.73 4.02 -31.45
CA PRO V 413 33.07 2.70 -31.45
C PRO V 413 32.03 2.52 -30.35
N PRO V 414 32.27 3.02 -29.14
CA PRO V 414 31.22 2.88 -28.11
C PRO V 414 29.91 3.59 -28.46
N THR V 415 29.96 4.86 -28.87
CA THR V 415 28.74 5.51 -29.35
C THR V 415 28.10 4.70 -30.47
N VAL V 416 28.91 4.29 -31.44
CA VAL V 416 28.39 3.50 -32.54
C VAL V 416 27.73 2.23 -32.06
N LYS V 417 28.10 1.74 -30.89
CA LYS V 417 27.62 0.45 -30.42
C LYS V 417 26.26 0.55 -29.77
N SER V 418 26.00 1.64 -29.05
CA SER V 418 24.69 1.79 -28.44
C SER V 418 23.61 2.14 -29.46
N TYR V 419 23.93 2.87 -30.54
CA TYR V 419 22.92 3.07 -31.59
C TYR V 419 22.65 1.77 -32.29
N ALA V 420 23.59 0.85 -32.22
CA ALA V 420 23.44 -0.47 -32.80
C ALA V 420 22.75 -1.48 -31.89
N ARG V 421 22.73 -1.26 -30.57
CA ARG V 421 21.89 -2.10 -29.73
C ARG V 421 20.44 -1.66 -29.85
N LYS V 422 20.21 -0.36 -30.06
CA LYS V 422 18.85 0.12 -30.30
C LYS V 422 18.36 -0.19 -31.71
N ALA V 423 19.26 -0.49 -32.65
CA ALA V 423 18.78 -0.78 -33.99
C ALA V 423 18.18 -2.16 -34.12
N ILE V 424 18.46 -3.08 -33.18
CA ILE V 424 17.83 -4.40 -33.26
C ILE V 424 16.36 -4.27 -32.92
N PHE V 425 15.96 -3.17 -32.28
CA PHE V 425 14.55 -2.92 -32.02
C PHE V 425 13.82 -2.29 -33.22
N GLY V 426 14.54 -1.93 -34.29
CA GLY V 426 13.95 -1.19 -35.39
C GLY V 426 14.42 0.24 -35.36
N GLU V 427 13.50 1.15 -35.68
CA GLU V 427 13.79 2.58 -35.68
C GLU V 427 13.98 3.07 -34.26
N ILE V 428 14.87 4.06 -34.11
CA ILE V 428 15.36 4.55 -32.82
C ILE V 428 14.63 5.83 -32.44
N PHE V 429 14.19 5.92 -31.19
CA PHE V 429 13.43 7.05 -30.72
C PHE V 429 14.04 7.59 -29.43
N GLU V 430 13.73 8.83 -29.15
CA GLU V 430 14.09 9.47 -27.92
C GLU V 430 12.96 9.22 -26.96
N PHE V 431 13.28 9.01 -25.69
CA PHE V 431 12.27 8.59 -24.74
C PHE V 431 12.40 9.43 -23.47
N ASP V 432 11.26 9.78 -22.89
CA ASP V 432 11.20 10.33 -21.54
C ASP V 432 10.98 9.18 -20.56
N THR V 433 12.03 8.80 -19.85
CA THR V 433 11.97 7.81 -18.78
C THR V 433 11.81 8.43 -17.38
N GLU V 434 11.94 9.74 -17.23
CA GLU V 434 11.81 10.34 -15.90
C GLU V 434 10.35 10.41 -15.42
N THR V 435 9.45 11.01 -16.24
CA THR V 435 8.09 11.38 -15.80
C THR V 435 7.41 10.21 -15.11
N LEU V 436 7.62 9.00 -15.60
CA LEU V 436 6.93 7.84 -15.06
C LEU V 436 7.84 6.94 -14.29
N ASN V 437 9.09 7.33 -14.10
CA ASN V 437 10.09 6.44 -13.51
C ASN V 437 10.08 5.06 -14.21
N SER V 438 10.26 5.08 -15.53
CA SER V 438 10.27 3.85 -16.30
C SER V 438 11.53 3.04 -16.03
N ASP V 439 11.42 1.71 -16.22
CA ASP V 439 12.49 0.78 -15.85
C ASP V 439 13.18 0.12 -17.04
N GLY V 440 12.70 0.35 -18.27
CA GLY V 440 13.43 -0.08 -19.45
C GLY V 440 13.04 -1.43 -20.02
N ILE V 441 11.99 -2.06 -19.50
CA ILE V 441 11.60 -3.42 -19.89
C ILE V 441 10.27 -3.37 -20.66
N PHE V 442 10.22 -4.05 -21.79
CA PHE V 442 9.06 -3.95 -22.68
C PHE V 442 7.78 -4.42 -21.99
N ARG V 443 6.67 -3.73 -22.27
CA ARG V 443 5.35 -4.11 -21.80
C ARG V 443 4.45 -4.39 -22.98
N THR V 444 3.28 -5.00 -22.72
CA THR V 444 2.38 -5.34 -23.80
C THR V 444 1.29 -4.28 -23.94
N SER V 445 0.55 -4.37 -25.00
CA SER V 445 -0.43 -3.36 -25.36
C SER V 445 -1.83 -3.88 -25.07
N PRO V 446 -2.82 -2.98 -25.16
CA PRO V 446 -4.20 -3.40 -24.89
C PRO V 446 -4.64 -4.52 -25.80
N ARG V 447 -4.05 -4.63 -26.99
CA ARG V 447 -4.32 -5.76 -27.85
C ARG V 447 -3.84 -7.04 -27.19
N GLY V 448 -2.62 -7.00 -26.62
CA GLY V 448 -2.09 -8.14 -25.89
C GLY V 448 -2.95 -8.51 -24.71
N TRP V 449 -3.25 -7.53 -23.86
CA TRP V 449 -4.01 -7.84 -22.65
C TRP V 449 -5.41 -8.29 -22.96
N PHE V 450 -6.05 -7.65 -23.94
CA PHE V 450 -7.38 -8.08 -24.35
C PHE V 450 -7.36 -9.54 -24.77
N THR V 451 -6.49 -9.87 -25.72
CA THR V 451 -6.41 -11.23 -26.23
C THR V 451 -6.17 -12.25 -25.12
N PHE V 452 -5.30 -11.90 -24.18
CA PHE V 452 -5.03 -12.82 -23.09
C PHE V 452 -6.28 -13.10 -22.28
N ALA V 453 -6.98 -12.04 -21.87
CA ALA V 453 -8.09 -12.25 -20.96
C ALA V 453 -9.25 -12.99 -21.64
N HIS V 454 -9.48 -12.77 -22.93
CA HIS V 454 -10.62 -13.40 -23.55
C HIS V 454 -10.33 -14.85 -23.87
N ALA V 455 -9.14 -15.14 -24.37
CA ALA V 455 -8.75 -16.54 -24.58
C ALA V 455 -8.79 -17.34 -23.28
N VAL V 456 -8.36 -16.75 -22.18
CA VAL V 456 -8.41 -17.43 -20.91
C VAL V 456 -9.84 -17.58 -20.45
N PHE V 457 -10.64 -16.51 -20.53
CA PHE V 457 -12.06 -16.63 -20.19
C PHE V 457 -12.80 -17.60 -21.12
N ALA V 458 -12.47 -17.60 -22.40
CA ALA V 458 -13.10 -18.58 -23.28
C ALA V 458 -12.82 -20.01 -22.80
N LEU V 459 -11.55 -20.32 -22.54
CA LEU V 459 -11.18 -21.64 -22.02
C LEU V 459 -11.97 -21.99 -20.77
N LEU V 460 -12.00 -21.09 -19.79
CA LEU V 460 -12.71 -21.39 -18.55
C LEU V 460 -14.18 -21.65 -18.79
N PHE V 461 -14.80 -20.87 -19.70
CA PHE V 461 -16.22 -21.07 -19.93
C PHE V 461 -16.50 -22.39 -20.63
N PHE V 462 -15.54 -22.96 -21.38
CA PHE V 462 -15.69 -24.35 -21.82
C PHE V 462 -16.00 -25.29 -20.66
N PHE V 463 -15.31 -25.13 -19.52
CA PHE V 463 -15.66 -25.98 -18.39
C PHE V 463 -17.06 -25.68 -17.85
N GLY V 464 -17.46 -24.41 -17.83
CA GLY V 464 -18.83 -24.06 -17.44
C GLY V 464 -19.90 -24.66 -18.33
N HIS V 465 -19.66 -24.73 -19.63
CA HIS V 465 -20.57 -25.44 -20.51
C HIS V 465 -20.62 -26.91 -20.18
N ILE V 466 -19.46 -27.53 -19.96
CA ILE V 466 -19.46 -28.97 -19.69
C ILE V 466 -20.05 -29.24 -18.32
N TRP V 467 -19.93 -28.31 -17.38
CA TRP V 467 -20.55 -28.52 -16.08
C TRP V 467 -22.06 -28.44 -16.18
N HIS V 468 -22.58 -27.34 -16.71
CA HIS V 468 -24.02 -27.15 -16.64
C HIS V 468 -24.75 -28.03 -17.65
N GLY V 469 -24.17 -28.21 -18.83
CA GLY V 469 -24.71 -29.23 -19.72
C GLY V 469 -24.90 -30.56 -19.02
N ALA V 470 -23.85 -31.04 -18.34
CA ALA V 470 -23.92 -32.34 -17.67
C ALA V 470 -24.98 -32.35 -16.56
N ARG V 471 -25.09 -31.27 -15.81
CA ARG V 471 -26.11 -31.21 -14.75
C ARG V 471 -27.53 -31.16 -15.29
N THR V 472 -27.74 -30.62 -16.49
CA THR V 472 -29.05 -30.70 -17.12
C THR V 472 -29.41 -32.15 -17.44
N LEU V 473 -28.51 -32.83 -18.15
CA LEU V 473 -28.82 -34.13 -18.71
C LEU V 473 -28.72 -35.25 -17.71
N PHE V 474 -28.12 -35.02 -16.55
CA PHE V 474 -28.11 -36.01 -15.48
C PHE V 474 -28.77 -35.46 -14.24
N ARG V 475 -29.76 -34.58 -14.41
CA ARG V 475 -30.31 -33.98 -13.21
C ARG V 475 -30.75 -35.05 -12.23
N ASP V 476 -31.22 -36.19 -12.74
CA ASP V 476 -31.84 -37.20 -11.90
C ASP V 476 -30.86 -37.83 -10.92
N VAL V 477 -29.62 -38.06 -11.34
CA VAL V 477 -28.61 -38.70 -10.49
C VAL V 477 -27.63 -37.69 -9.90
N PHE V 478 -27.90 -36.38 -10.05
CA PHE V 478 -27.02 -35.41 -9.43
C PHE V 478 -26.75 -35.71 -7.94
N SER V 479 -27.76 -36.16 -7.20
CA SER V 479 -27.60 -36.45 -5.78
C SER V 479 -27.10 -37.86 -5.52
N GLY V 480 -26.83 -38.65 -6.56
CA GLY V 480 -26.46 -40.04 -6.37
C GLY V 480 -27.24 -41.03 -7.23
N ILE V 481 -26.66 -42.22 -7.39
CA ILE V 481 -27.24 -43.22 -8.27
C ILE V 481 -28.27 -44.02 -7.49
N ASP V 482 -29.15 -44.69 -8.22
CA ASP V 482 -30.33 -45.33 -7.65
C ASP V 482 -29.93 -46.41 -6.66
N PRO V 483 -30.29 -46.29 -5.39
CA PRO V 483 -29.82 -47.31 -4.41
C PRO V 483 -30.33 -48.70 -4.72
N GLU V 484 -31.44 -48.81 -5.43
CA GLU V 484 -31.98 -50.11 -5.82
C GLU V 484 -31.66 -50.42 -7.29
N LEU V 485 -30.36 -50.36 -7.62
CA LEU V 485 -29.86 -50.64 -8.97
C LEU V 485 -29.31 -52.05 -8.96
N SER V 486 -29.65 -52.86 -10.00
CA SER V 486 -29.26 -54.28 -9.98
C SER V 486 -28.26 -54.60 -11.09
N PRO V 487 -27.43 -55.63 -10.90
CA PRO V 487 -26.40 -55.93 -11.90
C PRO V 487 -26.93 -56.27 -13.30
N GLU V 488 -28.14 -56.82 -13.42
CA GLU V 488 -28.65 -57.17 -14.75
C GLU V 488 -28.61 -55.96 -15.69
N GLN V 489 -28.83 -54.75 -15.15
CA GLN V 489 -28.78 -53.55 -15.99
C GLN V 489 -27.37 -53.29 -16.50
N VAL V 490 -26.37 -53.43 -15.63
CA VAL V 490 -25.01 -53.01 -15.95
C VAL V 490 -24.13 -54.16 -16.45
N GLU V 491 -24.44 -55.41 -16.11
CA GLU V 491 -23.62 -56.53 -16.57
C GLU V 491 -23.75 -56.66 -18.08
N TRP V 492 -23.09 -57.69 -18.65
CA TRP V 492 -23.05 -57.88 -20.09
C TRP V 492 -23.96 -59.05 -20.48
N GLY V 493 -24.67 -58.89 -21.59
CA GLY V 493 -25.48 -59.96 -22.16
C GLY V 493 -26.89 -60.03 -21.63
N PHE V 494 -27.12 -59.61 -20.39
CA PHE V 494 -28.47 -59.62 -19.85
C PHE V 494 -29.42 -58.84 -20.74
N TYR V 495 -28.95 -57.74 -21.31
CA TYR V 495 -29.74 -56.84 -22.15
C TYR V 495 -29.09 -56.67 -23.51
N GLN V 496 -29.90 -56.82 -24.56
CA GLN V 496 -29.36 -56.77 -25.92
C GLN V 496 -28.95 -55.37 -26.32
N LYS V 497 -29.60 -54.35 -25.75
CA LYS V 497 -29.27 -52.95 -25.99
C LYS V 497 -28.99 -52.29 -24.64
N VAL V 498 -27.88 -51.56 -24.58
CA VAL V 498 -27.39 -51.03 -23.31
C VAL V 498 -28.37 -49.98 -22.81
N GLY V 499 -28.83 -50.15 -21.56
CA GLY V 499 -29.79 -49.28 -20.93
C GLY V 499 -31.22 -49.80 -20.97
N ASP V 500 -31.58 -50.54 -22.02
CA ASP V 500 -32.97 -50.78 -22.37
C ASP V 500 -33.44 -52.08 -21.71
N VAL V 501 -34.30 -51.95 -20.69
CA VAL V 501 -34.81 -53.10 -19.97
C VAL V 501 -35.77 -53.95 -20.78
N THR V 502 -36.19 -53.46 -21.94
CA THR V 502 -37.15 -54.15 -22.79
C THR V 502 -36.48 -55.10 -23.77
N THR V 503 -35.19 -55.39 -23.59
CA THR V 503 -34.40 -56.18 -24.53
C THR V 503 -33.88 -57.48 -23.91
N ARG V 504 -34.60 -58.01 -22.93
CA ARG V 504 -34.16 -59.21 -22.21
C ARG V 504 -33.71 -60.31 -23.17
N ARG V 505 -32.76 -61.12 -22.69
CA ARG V 505 -32.21 -62.27 -23.43
C ARG V 505 -31.52 -61.80 -24.72
N ALA W 1 -0.13 -81.66 -6.19
CA ALA W 1 -0.94 -81.46 -5.00
C ALA W 1 -0.06 -81.43 -3.74
N THR W 2 1.21 -81.82 -3.89
CA THR W 2 2.21 -81.69 -2.83
C THR W 2 2.57 -80.22 -2.65
N ASN W 3 1.82 -79.51 -1.81
CA ASN W 3 1.75 -78.04 -1.87
C ASN W 3 1.53 -77.72 -3.35
N ARG W 4 2.30 -76.82 -3.95
CA ARG W 4 2.38 -76.68 -5.41
C ARG W 4 1.12 -76.13 -6.04
N ASP W 5 0.10 -75.72 -5.27
CA ASP W 5 -1.05 -74.98 -5.79
C ASP W 5 -1.51 -73.99 -4.72
N GLN W 6 -2.24 -72.96 -5.16
CA GLN W 6 -2.63 -71.90 -4.23
C GLN W 6 -3.53 -72.43 -3.13
N GLU W 7 -4.27 -73.51 -3.42
CA GLU W 7 -5.33 -73.95 -2.53
C GLU W 7 -4.84 -74.82 -1.37
N SER W 8 -3.59 -75.28 -1.40
CA SER W 8 -3.00 -76.02 -0.29
C SER W 8 -1.95 -75.23 0.47
N SER W 9 -1.15 -74.43 -0.22
CA SER W 9 -0.08 -73.70 0.44
C SER W 9 -0.48 -72.30 0.89
N GLY W 10 -1.60 -71.78 0.42
CA GLY W 10 -2.05 -70.45 0.80
C GLY W 10 -1.36 -69.31 0.09
N PHE W 11 -0.49 -69.61 -0.87
CA PHE W 11 0.20 -68.62 -1.66
C PHE W 11 -0.17 -68.77 -3.14
N ALA W 12 -0.17 -67.66 -3.87
CA ALA W 12 -0.45 -67.73 -5.30
C ALA W 12 0.80 -68.16 -6.07
N TRP W 13 0.70 -68.21 -7.40
CA TRP W 13 1.83 -68.62 -8.21
C TRP W 13 2.93 -67.55 -8.19
N TRP W 14 2.54 -66.26 -8.30
CA TRP W 14 3.51 -65.18 -8.33
C TRP W 14 4.32 -65.08 -7.02
N ALA W 15 3.90 -65.79 -5.97
CA ALA W 15 4.69 -65.93 -4.75
C ALA W 15 4.87 -67.41 -4.36
N GLY W 16 4.90 -68.31 -5.35
CA GLY W 16 4.93 -69.74 -5.12
C GLY W 16 6.22 -70.26 -4.50
N ASN W 17 7.32 -69.49 -4.59
CA ASN W 17 8.53 -69.89 -3.89
C ASN W 17 8.35 -69.83 -2.39
N ALA W 18 7.34 -69.11 -1.89
CA ALA W 18 7.02 -69.19 -0.48
C ALA W 18 6.30 -70.48 -0.12
N ARG W 19 5.90 -71.27 -1.12
CA ARG W 19 5.43 -72.63 -0.86
C ARG W 19 6.53 -73.54 -0.29
N LEU W 20 7.82 -73.13 -0.31
CA LEU W 20 8.93 -73.95 0.16
C LEU W 20 9.38 -73.67 1.60
N ILE W 21 8.63 -72.92 2.39
CA ILE W 21 9.19 -72.46 3.67
C ILE W 21 9.46 -73.64 4.62
N ASN W 22 8.56 -74.62 4.63
CA ASN W 22 8.68 -75.77 5.51
C ASN W 22 8.84 -77.07 4.70
N LEU W 23 9.60 -76.99 3.61
CA LEU W 23 10.01 -78.15 2.81
C LEU W 23 11.51 -78.01 2.64
N SER W 24 12.30 -78.61 3.53
CA SER W 24 13.73 -78.31 3.57
C SER W 24 14.48 -78.90 2.39
N GLY W 25 14.11 -80.09 1.94
CA GLY W 25 14.86 -80.70 0.85
C GLY W 25 14.63 -79.99 -0.47
N LYS W 26 13.35 -79.76 -0.81
CA LYS W 26 13.04 -78.99 -2.02
C LYS W 26 13.65 -77.59 -1.94
N LEU W 27 13.63 -76.99 -0.75
CA LEU W 27 14.26 -75.68 -0.53
C LEU W 27 15.78 -75.77 -0.66
N LEU W 28 16.39 -76.86 -0.16
CA LEU W 28 17.82 -77.08 -0.38
C LEU W 28 18.13 -77.17 -1.87
N GLY W 29 17.30 -77.89 -2.63
CA GLY W 29 17.46 -77.96 -4.08
C GLY W 29 17.51 -76.60 -4.75
N ALA W 30 16.71 -75.63 -4.26
CA ALA W 30 16.67 -74.30 -4.86
C ALA W 30 17.96 -73.54 -4.60
N HIS W 31 18.52 -73.67 -3.40
CA HIS W 31 19.71 -72.89 -3.08
C HIS W 31 20.92 -73.40 -3.87
N VAL W 32 21.02 -74.71 -4.07
CA VAL W 32 22.15 -75.26 -4.79
C VAL W 32 22.03 -74.99 -6.30
N ALA W 33 20.84 -75.21 -6.87
CA ALA W 33 20.64 -74.86 -8.29
C ALA W 33 20.96 -73.39 -8.55
N HIS W 34 20.50 -72.49 -7.67
CA HIS W 34 20.80 -71.08 -7.85
C HIS W 34 22.31 -70.82 -7.77
N ALA W 35 22.97 -71.32 -6.71
CA ALA W 35 24.43 -71.30 -6.64
C ALA W 35 25.08 -71.78 -7.94
N GLY W 36 24.55 -72.85 -8.50
CA GLY W 36 25.00 -73.29 -9.82
C GLY W 36 24.87 -72.24 -10.90
N LEU W 37 23.83 -71.39 -10.82
CA LEU W 37 23.70 -70.30 -11.80
C LEU W 37 24.74 -69.24 -11.57
N ILE W 38 25.08 -68.99 -10.30
CA ILE W 38 26.11 -68.02 -9.95
C ILE W 38 27.46 -68.48 -10.48
N VAL W 39 27.84 -69.72 -10.15
CA VAL W 39 29.09 -70.27 -10.64
C VAL W 39 29.07 -70.34 -12.18
N PHE W 40 27.94 -70.76 -12.76
CA PHE W 40 27.81 -70.77 -14.22
C PHE W 40 28.17 -69.42 -14.83
N TRP W 41 27.64 -68.36 -14.23
CA TRP W 41 27.88 -67.05 -14.80
C TRP W 41 29.36 -66.67 -14.63
N ALA W 42 29.93 -66.90 -13.44
CA ALA W 42 31.36 -66.67 -13.28
C ALA W 42 32.12 -67.39 -14.38
N GLY W 43 31.68 -68.61 -14.70
CA GLY W 43 32.30 -69.38 -15.75
C GLY W 43 32.03 -68.86 -17.15
N ALA W 44 30.76 -68.74 -17.52
CA ALA W 44 30.44 -68.26 -18.87
C ALA W 44 31.15 -66.93 -19.12
N MET W 45 30.97 -65.98 -18.21
CA MET W 45 31.36 -64.61 -18.46
C MET W 45 32.87 -64.46 -18.60
N THR W 46 33.65 -65.21 -17.84
CA THR W 46 35.11 -65.11 -17.94
C THR W 46 35.61 -65.56 -19.31
N LEU W 47 34.97 -66.57 -19.90
CA LEU W 47 35.45 -67.06 -21.18
C LEU W 47 34.99 -66.18 -22.31
N PHE W 48 33.84 -65.53 -22.13
CA PHE W 48 33.44 -64.50 -23.06
C PHE W 48 34.47 -63.37 -23.05
N GLU W 49 34.78 -62.85 -21.87
CA GLU W 49 35.74 -61.77 -21.79
C GLU W 49 37.07 -62.20 -22.39
N LEU W 50 37.43 -63.49 -22.22
CA LEU W 50 38.68 -64.03 -22.76
C LEU W 50 38.66 -64.05 -24.28
N ALA W 51 37.56 -64.56 -24.85
CA ALA W 51 37.42 -64.64 -26.29
C ALA W 51 37.46 -63.27 -26.95
N HIS W 52 36.88 -62.27 -26.29
CA HIS W 52 36.81 -60.92 -26.81
C HIS W 52 38.02 -60.11 -26.46
N PHE W 53 38.92 -60.67 -25.65
CA PHE W 53 40.07 -59.95 -25.13
C PHE W 53 41.15 -59.75 -26.19
N ILE W 54 41.69 -58.55 -26.21
CA ILE W 54 42.82 -58.14 -27.03
C ILE W 54 43.84 -57.59 -26.05
N PRO W 55 44.97 -58.25 -25.84
CA PRO W 55 45.93 -57.78 -24.82
C PRO W 55 46.56 -56.42 -25.12
N GLU W 56 46.40 -55.88 -26.34
CA GLU W 56 46.99 -54.59 -26.71
C GLU W 56 46.17 -53.41 -26.18
N LYS W 57 44.85 -53.55 -26.10
CA LYS W 57 44.00 -52.51 -25.55
C LYS W 57 43.98 -52.59 -24.02
N PRO W 58 43.88 -51.45 -23.33
CA PRO W 58 43.66 -51.52 -21.88
C PRO W 58 42.46 -52.39 -21.53
N MET W 59 42.53 -53.01 -20.35
CA MET W 59 41.37 -53.76 -19.89
C MET W 59 40.13 -52.87 -19.86
N TYR W 60 40.28 -51.62 -19.40
CA TYR W 60 39.13 -50.76 -19.16
C TYR W 60 38.51 -50.22 -20.45
N GLU W 61 39.13 -50.45 -21.62
CA GLU W 61 38.58 -50.08 -22.91
C GLU W 61 37.78 -51.20 -23.55
N GLN W 62 37.65 -52.36 -22.89
CA GLN W 62 37.13 -53.55 -23.54
C GLN W 62 35.96 -54.17 -22.80
N GLY W 63 35.43 -53.52 -21.77
CA GLY W 63 34.18 -53.95 -21.18
C GLY W 63 34.30 -55.15 -20.27
N LEU W 64 35.42 -55.26 -19.56
CA LEU W 64 35.75 -56.46 -18.81
C LEU W 64 35.65 -56.16 -17.34
N ILE W 65 34.87 -56.96 -16.63
CA ILE W 65 34.75 -56.81 -15.19
C ILE W 65 35.39 -57.97 -14.44
N LEU W 66 35.34 -59.19 -14.98
CA LEU W 66 35.82 -60.33 -14.21
C LEU W 66 37.33 -60.52 -14.36
N ILE W 67 37.87 -60.38 -15.57
CA ILE W 67 39.29 -60.62 -15.78
C ILE W 67 40.13 -59.68 -14.94
N PRO W 68 39.73 -58.42 -14.72
CA PRO W 68 40.49 -57.56 -13.81
C PRO W 68 40.44 -58.01 -12.38
N HIS W 69 39.43 -58.79 -11.99
CA HIS W 69 39.44 -59.37 -10.65
C HIS W 69 40.52 -60.45 -10.54
N ILE W 70 40.78 -61.15 -11.65
CA ILE W 70 41.77 -62.20 -11.66
C ILE W 70 43.19 -61.61 -11.71
N ALA W 71 43.37 -60.49 -12.40
CA ALA W 71 44.70 -59.92 -12.49
C ALA W 71 45.14 -59.39 -11.14
N THR W 72 44.20 -58.81 -10.40
CA THR W 72 44.44 -58.18 -9.10
C THR W 72 45.00 -59.21 -8.13
N LEU W 73 44.53 -60.44 -8.24
CA LEU W 73 45.00 -61.59 -7.50
C LEU W 73 46.35 -62.08 -7.96
N GLY W 74 46.97 -61.44 -8.94
CA GLY W 74 48.34 -61.72 -9.31
C GLY W 74 48.56 -62.78 -10.36
N TRP W 75 47.52 -63.25 -11.05
CA TRP W 75 47.66 -64.20 -12.13
C TRP W 75 47.56 -63.52 -13.49
N GLY W 76 48.53 -63.79 -14.35
CA GLY W 76 48.40 -63.46 -15.74
C GLY W 76 49.03 -62.16 -16.13
N VAL W 77 49.59 -61.43 -15.19
CA VAL W 77 49.94 -60.02 -15.39
C VAL W 77 51.42 -59.83 -15.05
N GLY W 78 52.07 -58.88 -15.73
CA GLY W 78 53.45 -58.57 -15.47
C GLY W 78 53.63 -57.17 -14.89
N PRO W 79 54.85 -56.63 -14.90
CA PRO W 79 55.04 -55.24 -14.47
C PRO W 79 54.18 -54.34 -15.32
N GLY W 80 53.56 -53.36 -14.66
CA GLY W 80 52.68 -52.40 -15.26
C GLY W 80 51.27 -52.88 -15.50
N GLY W 81 50.90 -54.03 -14.96
CA GLY W 81 49.63 -54.64 -15.30
C GLY W 81 49.55 -55.13 -16.72
N GLU W 82 50.65 -55.07 -17.45
CA GLU W 82 50.68 -55.68 -18.77
C GLU W 82 50.38 -57.17 -18.67
N VAL W 83 49.46 -57.65 -19.52
CA VAL W 83 49.16 -59.08 -19.60
C VAL W 83 50.31 -59.85 -20.24
N VAL W 84 50.74 -60.94 -19.58
CA VAL W 84 51.84 -61.75 -20.09
C VAL W 84 51.52 -63.24 -20.16
N ASP W 85 50.30 -63.65 -19.79
CA ASP W 85 49.89 -65.04 -20.00
C ASP W 85 48.38 -65.14 -19.80
N THR W 86 47.62 -65.45 -20.84
CA THR W 86 46.17 -65.52 -20.66
C THR W 86 45.73 -66.84 -20.10
N PHE W 87 46.60 -67.83 -20.03
CA PHE W 87 46.09 -69.15 -19.70
C PHE W 87 45.38 -69.20 -18.33
N PRO W 88 45.88 -68.55 -17.28
CA PRO W 88 45.17 -68.58 -15.99
C PRO W 88 43.73 -68.11 -16.06
N PHE W 89 43.40 -67.12 -16.91
CA PHE W 89 42.01 -66.69 -17.04
C PHE W 89 41.15 -67.85 -17.53
N PHE W 90 41.63 -68.54 -18.59
CA PHE W 90 40.94 -69.68 -19.15
C PHE W 90 40.66 -70.72 -18.10
N VAL W 91 41.65 -70.98 -17.24
CA VAL W 91 41.48 -71.96 -16.17
C VAL W 91 40.33 -71.54 -15.27
N VAL W 92 40.46 -70.35 -14.69
CA VAL W 92 39.42 -69.83 -13.80
C VAL W 92 38.06 -70.03 -14.44
N GLY W 93 37.96 -69.64 -15.71
CA GLY W 93 36.76 -69.86 -16.51
C GLY W 93 36.24 -71.29 -16.50
N VAL W 94 37.05 -72.27 -16.92
CA VAL W 94 36.54 -73.60 -17.21
C VAL W 94 36.23 -74.34 -15.91
N VAL W 95 36.95 -74.06 -14.85
CA VAL W 95 36.68 -74.76 -13.61
C VAL W 95 35.31 -74.36 -13.09
N HIS W 96 35.07 -73.05 -12.97
CA HIS W 96 33.77 -72.55 -12.53
C HIS W 96 32.64 -73.15 -13.36
N LEU W 97 32.73 -73.03 -14.69
CA LEU W 97 31.66 -73.50 -15.58
C LEU W 97 31.45 -75.01 -15.50
N ILE W 98 32.52 -75.79 -15.48
CA ILE W 98 32.41 -77.22 -15.16
C ILE W 98 31.76 -77.42 -13.80
N SER W 99 32.35 -76.80 -12.76
CA SER W 99 31.81 -76.90 -11.42
C SER W 99 30.31 -76.63 -11.40
N SER W 100 29.84 -75.67 -12.21
CA SER W 100 28.43 -75.29 -12.19
C SER W 100 27.52 -76.46 -12.53
N ALA W 101 28.08 -77.49 -13.18
CA ALA W 101 27.31 -78.66 -13.61
C ALA W 101 27.08 -79.63 -12.47
N VAL W 102 27.99 -79.67 -11.50
CA VAL W 102 27.79 -80.60 -10.38
C VAL W 102 26.86 -79.95 -9.38
N LEU W 103 26.95 -78.61 -9.23
CA LEU W 103 25.92 -77.83 -8.54
C LEU W 103 24.55 -77.99 -9.20
N GLY W 104 24.48 -77.68 -10.50
CA GLY W 104 23.24 -77.86 -11.24
C GLY W 104 22.65 -79.25 -11.05
N PHE W 105 23.47 -80.28 -11.27
CA PHE W 105 22.99 -81.64 -11.06
C PHE W 105 22.50 -81.81 -9.62
N GLY W 106 23.16 -81.16 -8.68
CA GLY W 106 22.82 -81.37 -7.30
C GLY W 106 21.53 -80.71 -6.92
N GLY W 107 21.30 -79.49 -7.42
CA GLY W 107 20.09 -78.79 -7.03
C GLY W 107 18.84 -79.40 -7.64
N VAL W 108 18.92 -79.80 -8.91
CA VAL W 108 17.76 -80.34 -9.61
C VAL W 108 17.41 -81.72 -9.07
N TYR W 109 18.42 -82.49 -8.61
CA TYR W 109 18.12 -83.76 -7.94
C TYR W 109 17.34 -83.53 -6.65
N HIS W 110 17.86 -82.62 -5.81
CA HIS W 110 17.24 -82.36 -4.51
C HIS W 110 15.89 -81.67 -4.61
N ALA W 111 15.57 -81.01 -5.72
CA ALA W 111 14.34 -80.24 -5.82
C ALA W 111 13.18 -81.04 -6.41
N ILE W 112 13.49 -82.11 -7.13
CA ILE W 112 12.52 -82.93 -7.85
C ILE W 112 12.40 -84.31 -7.23
N ARG W 113 13.53 -84.99 -7.06
CA ARG W 113 13.60 -86.41 -6.72
C ARG W 113 13.72 -86.61 -5.22
N GLY W 114 14.73 -86.02 -4.61
CA GLY W 114 15.04 -86.23 -3.22
C GLY W 114 13.87 -85.99 -2.28
N PRO W 115 14.09 -86.20 -0.99
CA PRO W 115 13.04 -85.97 0.01
C PRO W 115 12.69 -84.49 0.08
N GLU W 116 11.39 -84.20 -0.03
CA GLU W 116 10.92 -82.83 0.01
C GLU W 116 11.25 -82.19 1.34
N THR W 117 11.18 -82.97 2.42
CA THR W 117 11.54 -82.54 3.77
C THR W 117 12.63 -83.47 4.29
N LEU W 118 13.66 -82.87 4.89
CA LEU W 118 14.82 -83.63 5.34
C LEU W 118 14.70 -84.18 6.75
N GLU W 119 13.81 -83.62 7.58
CA GLU W 119 13.81 -83.85 9.01
C GLU W 119 13.43 -85.27 9.41
N GLU W 120 13.06 -86.12 8.46
CA GLU W 120 12.86 -87.53 8.74
C GLU W 120 13.93 -88.40 8.08
N TYR W 121 14.70 -87.84 7.16
CA TYR W 121 15.76 -88.58 6.51
C TYR W 121 17.04 -88.62 7.36
N SER W 122 17.33 -87.55 8.09
CA SER W 122 18.50 -87.50 8.96
C SER W 122 18.45 -86.30 9.89
N SER W 123 18.50 -86.53 11.20
CA SER W 123 18.34 -85.44 12.15
C SER W 123 19.47 -84.40 12.10
N PHE W 124 20.45 -84.57 11.20
CA PHE W 124 21.53 -83.60 11.10
C PHE W 124 21.27 -82.55 10.03
N PHE W 125 20.65 -82.94 8.93
CA PHE W 125 20.38 -82.01 7.85
C PHE W 125 19.01 -81.33 7.99
N GLY W 126 17.97 -82.07 8.37
CA GLY W 126 16.68 -81.44 8.61
C GLY W 126 16.77 -80.41 9.71
N TYR W 127 15.90 -79.40 9.63
CA TYR W 127 15.93 -78.29 10.57
C TYR W 127 14.51 -77.70 10.70
N ASP W 128 14.23 -77.14 11.86
CA ASP W 128 13.08 -76.28 12.02
C ASP W 128 13.57 -74.84 12.19
N TRP W 129 13.00 -73.94 11.38
CA TRP W 129 13.29 -72.51 11.44
C TRP W 129 13.37 -72.03 12.87
N LYS W 130 12.60 -72.64 13.76
CA LYS W 130 12.42 -72.13 15.12
C LYS W 130 13.37 -72.76 16.15
N ASP W 131 14.11 -73.79 15.78
CA ASP W 131 15.13 -74.37 16.66
C ASP W 131 16.27 -73.37 16.82
N LYS W 132 16.26 -72.62 17.90
CA LYS W 132 17.31 -71.62 18.09
C LYS W 132 18.69 -72.27 18.12
N ASN W 133 18.80 -73.50 18.60
CA ASN W 133 20.11 -74.12 18.70
C ASN W 133 20.61 -74.65 17.35
N LYS W 134 19.70 -75.19 16.52
CA LYS W 134 20.10 -75.63 15.18
C LYS W 134 20.43 -74.46 14.25
N MET W 135 19.81 -73.31 14.45
CA MET W 135 20.07 -72.21 13.55
C MET W 135 21.40 -71.53 13.86
N THR W 136 21.74 -71.38 15.14
CA THR W 136 23.12 -70.93 15.44
C THR W 136 24.15 -71.92 14.92
N THR W 137 23.83 -73.22 14.86
CA THR W 137 24.86 -74.16 14.47
C THR W 137 25.14 -74.07 12.97
N ILE W 138 24.10 -74.01 12.14
CA ILE W 138 24.31 -73.85 10.69
C ILE W 138 25.09 -72.58 10.41
N LEU W 139 24.68 -71.48 11.04
CA LEU W 139 25.45 -70.24 10.91
C LEU W 139 26.90 -70.48 11.31
N GLY W 140 27.13 -71.31 12.33
CA GLY W 140 28.48 -71.53 12.81
C GLY W 140 29.38 -72.20 11.77
N PHE W 141 28.89 -73.29 11.16
CA PHE W 141 29.62 -73.93 10.07
C PHE W 141 29.89 -72.96 8.92
N HIS W 142 28.88 -72.21 8.52
CA HIS W 142 29.11 -71.28 7.43
C HIS W 142 30.10 -70.21 7.84
N LEU W 143 30.02 -69.74 9.07
CA LEU W 143 31.03 -68.79 9.54
C LEU W 143 32.44 -69.33 9.32
N ILE W 144 32.66 -70.62 9.63
CA ILE W 144 33.98 -71.26 9.49
C ILE W 144 34.41 -71.37 8.03
N VAL W 145 33.48 -71.73 7.15
CA VAL W 145 33.80 -71.75 5.73
C VAL W 145 34.16 -70.35 5.24
N LEU W 146 33.48 -69.31 5.74
CA LEU W 146 33.83 -67.96 5.34
C LEU W 146 35.23 -67.61 5.81
N GLY W 147 35.54 -67.92 7.09
CA GLY W 147 36.85 -67.60 7.65
C GLY W 147 37.95 -68.38 7.00
N ILE W 148 37.67 -69.62 6.61
CA ILE W 148 38.61 -70.32 5.75
C ILE W 148 38.82 -69.53 4.47
N GLY W 149 37.72 -68.98 3.92
CA GLY W 149 37.80 -68.34 2.62
C GLY W 149 38.69 -67.12 2.63
N ALA W 150 38.59 -66.31 3.68
CA ALA W 150 39.47 -65.17 3.84
C ALA W 150 40.91 -65.61 3.93
N LEU W 151 41.15 -66.73 4.60
CA LEU W 151 42.52 -67.21 4.74
C LEU W 151 43.10 -67.69 3.42
N LEU W 152 42.27 -68.04 2.43
CA LEU W 152 42.80 -68.40 1.11
C LEU W 152 43.46 -67.21 0.42
N LEU W 153 42.82 -66.05 0.47
CA LEU W 153 43.42 -64.81 -0.02
C LEU W 153 44.76 -64.53 0.66
N VAL W 154 44.79 -64.67 1.98
CA VAL W 154 46.05 -64.56 2.71
C VAL W 154 47.07 -65.53 2.11
N ALA W 155 46.66 -66.79 1.88
CA ALA W 155 47.53 -67.79 1.29
C ALA W 155 48.00 -67.39 -0.10
N LYS W 156 47.09 -66.90 -0.95
CA LYS W 156 47.51 -66.44 -2.27
C LYS W 156 48.57 -65.35 -2.18
N ALA W 157 48.37 -64.39 -1.28
CA ALA W 157 49.27 -63.26 -1.19
C ALA W 157 50.60 -63.62 -0.53
N MET W 158 50.58 -64.42 0.54
CA MET W 158 51.80 -64.70 1.30
C MET W 158 52.57 -65.92 0.81
N PHE W 159 51.89 -66.91 0.25
CA PHE W 159 52.51 -68.20 -0.05
C PHE W 159 52.47 -68.59 -1.53
N PHE W 160 51.55 -68.05 -2.32
CA PHE W 160 51.25 -68.60 -3.65
C PHE W 160 51.25 -67.51 -4.73
N GLY W 161 52.26 -66.65 -4.73
CA GLY W 161 52.53 -65.75 -5.84
C GLY W 161 52.38 -64.27 -5.52
N GLY W 162 51.57 -63.94 -4.53
CA GLY W 162 51.29 -62.54 -4.23
C GLY W 162 50.09 -61.99 -5.01
N LEU W 163 50.02 -60.65 -5.03
CA LEU W 163 48.90 -59.89 -5.56
C LEU W 163 49.45 -58.73 -6.38
N TYR W 164 48.64 -58.18 -7.29
CA TYR W 164 49.07 -56.99 -8.01
C TYR W 164 49.11 -55.82 -7.04
N ASP W 165 50.24 -55.14 -6.98
CA ASP W 165 50.43 -53.98 -6.11
C ASP W 165 50.67 -52.79 -7.03
N THR W 166 49.62 -51.99 -7.24
CA THR W 166 49.71 -50.76 -8.01
C THR W 166 50.69 -49.80 -7.39
N TRP W 167 50.97 -49.93 -6.09
CA TRP W 167 51.87 -49.02 -5.39
C TRP W 167 53.32 -49.48 -5.46
N ALA W 168 53.54 -50.62 -6.09
CA ALA W 168 54.87 -51.16 -6.20
C ALA W 168 55.68 -50.22 -7.09
N PRO W 169 56.95 -50.01 -6.79
CA PRO W 169 57.73 -49.07 -7.58
C PRO W 169 58.08 -49.65 -8.94
N GLY W 170 58.53 -48.76 -9.84
CA GLY W 170 58.68 -49.16 -11.23
C GLY W 170 57.37 -49.30 -11.98
N GLY W 171 56.30 -48.68 -11.47
CA GLY W 171 55.02 -48.64 -12.16
C GLY W 171 53.99 -49.62 -11.66
N GLY W 172 54.35 -50.53 -10.78
CA GLY W 172 53.43 -51.56 -10.37
C GLY W 172 53.84 -52.93 -10.88
N ASP W 173 53.55 -53.93 -10.07
CA ASP W 173 54.11 -55.26 -10.29
C ASP W 173 53.46 -56.22 -9.32
N VAL W 174 53.45 -57.50 -9.69
CA VAL W 174 53.01 -58.48 -8.70
C VAL W 174 54.09 -58.63 -7.63
N ARG W 175 53.67 -59.03 -6.43
CA ARG W 175 54.51 -58.93 -5.25
C ARG W 175 53.92 -59.79 -4.14
N VAL W 176 54.81 -60.34 -3.31
CA VAL W 176 54.49 -61.25 -2.22
C VAL W 176 54.56 -60.49 -0.91
N ILE W 177 53.58 -60.74 -0.02
CA ILE W 177 53.42 -59.99 1.23
C ILE W 177 53.98 -60.84 2.36
N THR W 178 54.83 -60.25 3.17
CA THR W 178 55.56 -60.97 4.19
C THR W 178 55.43 -60.35 5.55
N ASN W 179 55.01 -59.09 5.64
CA ASN W 179 54.68 -58.45 6.90
C ASN W 179 53.25 -57.93 6.84
N PRO W 180 52.28 -58.84 6.81
CA PRO W 180 50.90 -58.44 7.02
C PRO W 180 50.82 -57.53 8.24
N THR W 181 49.92 -56.58 8.17
CA THR W 181 49.67 -55.77 9.35
C THR W 181 48.72 -56.49 10.29
N LEU W 182 49.13 -56.60 11.55
CA LEU W 182 48.37 -57.26 12.60
C LEU W 182 48.02 -56.33 13.73
N ASP W 183 48.75 -55.27 13.91
CA ASP W 183 48.37 -54.27 14.88
C ASP W 183 46.88 -53.98 14.73
N PRO W 184 46.07 -54.33 15.73
CA PRO W 184 44.65 -53.93 15.68
C PRO W 184 44.46 -52.41 15.71
N ARG W 185 45.43 -51.65 16.23
CA ARG W 185 45.31 -50.20 16.18
C ARG W 185 45.13 -49.72 14.73
N VAL W 186 45.84 -50.39 13.81
CA VAL W 186 45.68 -50.13 12.39
C VAL W 186 44.43 -50.81 11.87
N ILE W 187 44.26 -52.09 12.18
CA ILE W 187 43.30 -52.91 11.46
C ILE W 187 41.87 -52.49 11.78
N PHE W 188 41.59 -52.11 13.04
CA PHE W 188 40.30 -51.61 13.46
C PHE W 188 40.25 -50.11 13.51
N GLY W 189 41.38 -49.41 13.37
CA GLY W 189 41.31 -47.97 13.23
C GLY W 189 40.58 -47.57 11.94
N TYR W 190 40.75 -48.37 10.89
CA TYR W 190 39.99 -48.18 9.68
C TYR W 190 38.50 -48.09 10.00
N LEU W 191 38.03 -48.93 10.93
CA LEU W 191 36.63 -49.01 11.25
C LEU W 191 36.12 -47.78 11.96
N LEU W 192 36.95 -47.11 12.74
CA LEU W 192 36.46 -45.93 13.46
C LEU W 192 36.74 -44.64 12.70
N LYS W 193 37.23 -44.75 11.46
CA LYS W 193 37.41 -43.58 10.63
C LYS W 193 36.05 -43.13 10.08
N SER W 194 35.88 -41.81 10.01
CA SER W 194 34.69 -41.22 9.42
C SER W 194 34.55 -41.65 7.95
N PRO W 195 33.32 -41.88 7.47
CA PRO W 195 33.13 -42.12 6.04
C PRO W 195 33.20 -40.86 5.18
N PHE W 196 33.50 -39.68 5.75
CA PHE W 196 33.40 -38.42 5.03
C PHE W 196 34.72 -38.11 4.34
N GLY W 197 34.78 -36.92 3.74
CA GLY W 197 35.84 -36.60 2.81
C GLY W 197 37.20 -36.57 3.47
N GLY W 198 38.17 -37.17 2.79
CA GLY W 198 39.52 -37.29 3.30
C GLY W 198 39.74 -38.34 4.37
N GLU W 199 38.77 -39.23 4.64
CA GLU W 199 38.88 -40.27 5.66
C GLU W 199 38.42 -41.58 5.04
N GLY W 200 37.16 -41.64 4.62
CA GLY W 200 36.71 -42.70 3.76
C GLY W 200 36.51 -44.03 4.43
N TRP W 201 36.53 -44.09 5.76
CA TRP W 201 36.20 -45.32 6.48
C TRP W 201 37.14 -46.41 5.94
N ILE W 202 36.66 -47.61 5.61
CA ILE W 202 37.54 -48.66 5.13
C ILE W 202 37.84 -48.60 3.65
N VAL W 203 37.20 -47.67 2.92
CA VAL W 203 37.49 -47.49 1.49
C VAL W 203 38.86 -46.86 1.26
N SER W 204 39.37 -46.18 2.26
CA SER W 204 40.69 -45.57 2.25
C SER W 204 41.86 -46.56 2.33
N VAL W 205 41.65 -47.84 2.63
CA VAL W 205 42.77 -48.79 2.71
C VAL W 205 43.57 -48.77 1.40
N ASN W 206 44.86 -48.45 1.51
CA ASN W 206 45.66 -48.06 0.36
C ASN W 206 46.96 -48.84 0.23
N ASN W 207 47.13 -49.93 0.96
CA ASN W 207 48.34 -50.74 0.83
C ASN W 207 48.01 -52.20 1.13
N LEU W 208 48.72 -53.09 0.46
CA LEU W 208 48.34 -54.50 0.53
C LEU W 208 48.66 -55.13 1.88
N GLU W 209 49.69 -54.64 2.60
CA GLU W 209 49.96 -55.12 3.95
C GLU W 209 48.73 -55.00 4.81
N ASP W 210 48.11 -53.81 4.82
CA ASP W 210 46.85 -53.56 5.54
C ASP W 210 45.75 -54.50 5.07
N VAL W 211 45.60 -54.64 3.76
CA VAL W 211 44.57 -55.52 3.21
C VAL W 211 44.74 -56.95 3.69
N VAL W 212 45.95 -57.52 3.48
CA VAL W 212 46.22 -58.91 3.86
C VAL W 212 46.04 -59.12 5.35
N GLY W 213 46.55 -58.20 6.15
CA GLY W 213 46.33 -58.28 7.58
C GLY W 213 44.87 -58.29 7.99
N GLY W 214 44.04 -57.52 7.30
CA GLY W 214 42.63 -57.52 7.63
C GLY W 214 41.98 -58.86 7.40
N HIS W 215 42.44 -59.59 6.41
CA HIS W 215 41.88 -60.90 6.12
C HIS W 215 42.44 -61.98 7.04
N ILE W 216 43.55 -61.71 7.71
CA ILE W 216 43.97 -62.62 8.78
C ILE W 216 43.04 -62.46 9.97
N TRP W 217 42.75 -61.22 10.34
CA TRP W 217 41.87 -60.99 11.46
C TRP W 217 40.46 -61.51 11.22
N ILE W 218 39.91 -61.26 10.02
CA ILE W 218 38.55 -61.67 9.76
C ILE W 218 38.46 -63.19 9.62
N GLY W 219 39.46 -63.82 8.98
CA GLY W 219 39.45 -65.27 8.91
C GLY W 219 39.37 -65.91 10.28
N LEU W 220 40.23 -65.46 11.20
CA LEU W 220 40.29 -66.02 12.54
C LEU W 220 39.07 -65.65 13.38
N ILE W 221 38.53 -64.45 13.15
CA ILE W 221 37.31 -64.02 13.83
C ILE W 221 36.15 -64.93 13.44
N CYS W 222 35.99 -65.15 12.13
CA CYS W 222 34.89 -65.96 11.63
C CYS W 222 35.00 -67.41 12.08
N ILE W 223 36.21 -67.96 12.15
CA ILE W 223 36.34 -69.31 12.67
C ILE W 223 35.97 -69.33 14.15
N ALA W 224 36.48 -68.36 14.91
CA ALA W 224 36.14 -68.26 16.32
C ALA W 224 34.64 -68.15 16.54
N GLY W 225 33.99 -67.22 15.82
CA GLY W 225 32.54 -67.11 15.93
C GLY W 225 31.83 -68.36 15.46
N GLY W 226 32.30 -68.98 14.39
CA GLY W 226 31.71 -70.22 13.97
C GLY W 226 31.64 -71.21 15.11
N ILE W 227 32.72 -71.30 15.89
CA ILE W 227 32.77 -72.27 16.97
C ILE W 227 31.85 -71.82 18.08
N TRP W 228 31.98 -70.55 18.44
CA TRP W 228 31.12 -69.96 19.45
C TRP W 228 29.68 -70.43 19.29
N HIS W 229 29.13 -70.26 18.09
CA HIS W 229 27.69 -70.49 17.86
C HIS W 229 27.36 -71.97 17.76
N ILE W 230 28.34 -72.77 17.34
CA ILE W 230 28.09 -74.20 17.35
C ILE W 230 27.92 -74.71 18.77
N LEU W 231 28.62 -74.13 19.74
CA LEU W 231 28.55 -74.55 21.13
C LEU W 231 27.53 -73.78 21.98
N THR W 232 27.14 -72.57 21.59
CA THR W 232 26.22 -71.77 22.38
C THR W 232 24.80 -71.89 21.88
N THR W 233 23.87 -71.50 22.74
CA THR W 233 22.52 -71.10 22.37
C THR W 233 22.34 -69.65 22.78
N PRO W 234 21.53 -68.88 22.05
CA PRO W 234 21.37 -67.45 22.33
C PRO W 234 20.79 -67.18 23.72
N PHE W 235 21.22 -66.07 24.30
CA PHE W 235 20.88 -65.68 25.65
C PHE W 235 19.46 -65.17 25.75
N GLY W 236 19.01 -64.98 26.99
CA GLY W 236 17.69 -64.43 27.22
C GLY W 236 17.44 -63.16 26.41
N TRP W 237 18.35 -62.19 26.50
CA TRP W 237 18.09 -60.90 25.86
C TRP W 237 17.95 -61.02 24.34
N ALA W 238 18.80 -61.83 23.71
CA ALA W 238 18.78 -62.00 22.28
C ALA W 238 17.47 -62.65 21.82
N ARG W 239 17.05 -63.70 22.50
CA ARG W 239 15.76 -64.31 22.16
C ARG W 239 14.64 -63.27 22.19
N ARG W 240 14.63 -62.38 23.18
CA ARG W 240 13.55 -61.40 23.25
C ARG W 240 13.64 -60.34 22.14
N ALA W 241 14.84 -60.04 21.63
CA ALA W 241 14.98 -58.94 20.68
C ALA W 241 14.60 -59.31 19.26
N PHE W 242 14.55 -60.59 18.93
CA PHE W 242 14.43 -61.01 17.55
C PHE W 242 13.14 -61.76 17.31
N ILE W 243 12.81 -61.85 16.03
CA ILE W 243 11.80 -62.73 15.47
C ILE W 243 12.52 -63.95 14.92
N TRP W 244 12.03 -65.13 15.27
CA TRP W 244 12.67 -66.41 14.91
C TRP W 244 11.75 -67.12 13.92
N SER W 245 12.03 -66.92 12.66
CA SER W 245 11.16 -67.39 11.60
C SER W 245 12.04 -67.47 10.36
N GLY W 246 11.66 -68.37 9.45
CA GLY W 246 12.36 -68.44 8.20
C GLY W 246 12.45 -67.09 7.50
N GLU W 247 11.31 -66.35 7.44
CA GLU W 247 11.26 -65.11 6.69
C GLU W 247 12.09 -64.03 7.36
N ALA W 248 12.03 -63.96 8.70
CA ALA W 248 12.81 -62.97 9.44
C ALA W 248 14.31 -63.16 9.26
N TYR W 249 14.78 -64.41 9.25
CA TYR W 249 16.19 -64.65 8.97
C TYR W 249 16.54 -64.14 7.59
N LEU W 250 15.67 -64.44 6.60
CA LEU W 250 15.78 -63.84 5.27
C LEU W 250 15.77 -62.32 5.29
N SER W 251 14.97 -61.71 6.15
CA SER W 251 14.98 -60.25 6.15
C SER W 251 16.28 -59.71 6.74
N TYR W 252 16.83 -60.35 7.78
CA TYR W 252 18.11 -59.93 8.32
C TYR W 252 19.22 -60.00 7.27
N SER W 253 19.28 -61.08 6.49
CA SER W 253 20.34 -61.18 5.50
C SER W 253 20.17 -60.16 4.38
N LEU W 254 18.94 -59.79 4.05
CA LEU W 254 18.75 -58.80 3.00
C LEU W 254 19.26 -57.45 3.46
N GLY W 255 18.94 -57.07 4.68
CA GLY W 255 19.64 -55.98 5.34
C GLY W 255 21.14 -56.04 5.14
N ALA W 256 21.78 -57.12 5.59
CA ALA W 256 23.23 -57.28 5.46
C ALA W 256 23.71 -57.13 4.02
N LEU W 257 23.06 -57.81 3.08
CA LEU W 257 23.48 -57.69 1.67
C LEU W 257 23.35 -56.26 1.16
N SER W 258 22.23 -55.61 1.47
CA SER W 258 22.01 -54.24 1.02
C SER W 258 23.13 -53.32 1.46
N MET W 259 23.39 -53.30 2.77
CA MET W 259 24.52 -52.54 3.30
C MET W 259 25.82 -52.90 2.60
N MET W 260 26.04 -54.16 2.29
CA MET W 260 27.31 -54.50 1.66
C MET W 260 27.37 -53.97 0.24
N GLY W 261 26.25 -54.08 -0.51
CA GLY W 261 26.18 -53.51 -1.86
C GLY W 261 26.58 -52.05 -1.92
N PHE W 262 26.01 -51.22 -1.04
CA PHE W 262 26.41 -49.81 -0.96
C PHE W 262 27.90 -49.66 -0.71
N ILE W 263 28.46 -50.44 0.22
CA ILE W 263 29.89 -50.35 0.48
C ILE W 263 30.68 -50.66 -0.80
N ALA W 264 30.41 -51.81 -1.42
CA ALA W 264 31.09 -52.16 -2.67
C ALA W 264 31.04 -50.99 -3.65
N THR W 265 29.84 -50.40 -3.86
CA THR W 265 29.68 -49.32 -4.83
C THR W 265 30.71 -48.24 -4.58
N CYS W 266 30.90 -47.88 -3.32
CA CYS W 266 31.89 -46.88 -2.95
C CYS W 266 33.33 -47.38 -3.02
N PHE W 267 33.58 -48.68 -2.85
CA PHE W 267 34.92 -49.21 -3.08
C PHE W 267 35.37 -49.03 -4.52
N VAL W 268 34.56 -49.49 -5.47
CA VAL W 268 34.94 -49.41 -6.87
C VAL W 268 35.00 -47.97 -7.36
N TRP W 269 34.27 -47.06 -6.71
CA TRP W 269 34.24 -45.69 -7.20
C TRP W 269 35.49 -44.92 -6.78
N PHE W 270 35.90 -45.08 -5.52
CA PHE W 270 36.94 -44.27 -4.94
C PHE W 270 38.27 -44.98 -4.73
N ASN W 271 38.30 -46.30 -4.62
CA ASN W 271 39.53 -47.02 -4.25
C ASN W 271 40.30 -47.53 -5.46
N ASN W 272 41.56 -47.12 -5.56
CA ASN W 272 42.41 -47.52 -6.68
C ASN W 272 43.52 -48.49 -6.26
N THR W 273 43.41 -49.09 -5.06
CA THR W 273 44.35 -50.12 -4.58
C THR W 273 43.85 -51.52 -4.93
N VAL W 274 42.78 -51.98 -4.27
CA VAL W 274 42.17 -53.26 -4.62
C VAL W 274 41.29 -53.20 -5.86
N TYR W 275 41.11 -52.02 -6.44
CA TYR W 275 40.57 -51.88 -7.79
C TYR W 275 41.55 -51.00 -8.55
N PRO W 276 42.63 -51.57 -9.08
CA PRO W 276 43.70 -50.72 -9.60
C PRO W 276 43.31 -50.15 -10.95
N SER W 277 43.69 -48.89 -11.17
CA SER W 277 43.27 -48.18 -12.38
C SER W 277 43.93 -48.75 -13.64
N GLU W 278 45.07 -49.44 -13.51
CA GLU W 278 45.67 -50.27 -14.55
C GLU W 278 44.64 -51.12 -15.28
N PHE W 279 43.67 -51.64 -14.50
CA PHE W 279 42.69 -52.60 -14.95
C PHE W 279 41.26 -52.05 -15.05
N TYR W 280 40.83 -51.24 -14.08
CA TYR W 280 39.46 -50.77 -13.96
C TYR W 280 39.26 -49.40 -14.60
N GLY W 281 40.35 -48.79 -15.07
CA GLY W 281 40.37 -47.42 -15.52
C GLY W 281 40.51 -46.46 -14.36
N PRO W 282 40.75 -45.20 -14.65
CA PRO W 282 40.82 -44.19 -13.59
C PRO W 282 39.51 -44.01 -12.82
N THR W 283 39.66 -43.60 -11.57
CA THR W 283 38.52 -43.17 -10.77
C THR W 283 38.08 -41.79 -11.22
N GLY W 284 36.86 -41.43 -10.86
CA GLY W 284 36.36 -40.11 -11.14
C GLY W 284 37.32 -39.04 -10.64
N PRO W 285 37.65 -39.06 -9.34
CA PRO W 285 38.64 -38.09 -8.85
C PRO W 285 39.94 -38.13 -9.63
N GLU W 286 40.46 -39.34 -9.83
CA GLU W 286 41.74 -39.52 -10.52
C GLU W 286 41.71 -38.85 -11.91
N ALA W 287 40.68 -39.16 -12.70
CA ALA W 287 40.49 -38.46 -13.99
C ALA W 287 40.46 -36.92 -13.85
N SER W 288 39.78 -36.38 -12.84
CA SER W 288 39.70 -34.92 -12.76
C SER W 288 41.06 -34.32 -12.42
N GLN W 289 41.77 -34.95 -11.48
CA GLN W 289 43.13 -34.55 -11.14
C GLN W 289 44.06 -34.68 -12.34
N ALA W 290 43.96 -35.81 -13.05
CA ALA W 290 44.81 -36.02 -14.23
C ALA W 290 44.73 -34.86 -15.23
N GLN W 291 43.50 -34.33 -15.50
CA GLN W 291 43.35 -33.20 -16.44
C GLN W 291 44.09 -31.97 -15.97
N ALA W 292 44.04 -31.67 -14.67
CA ALA W 292 44.75 -30.49 -14.19
C ALA W 292 46.26 -30.64 -14.38
N MET W 293 46.76 -31.86 -14.24
CA MET W 293 48.18 -32.09 -14.41
C MET W 293 48.59 -31.99 -15.88
N THR W 294 47.84 -32.68 -16.75
CA THR W 294 48.07 -32.54 -18.18
C THR W 294 48.28 -31.09 -18.59
N PHE W 295 47.37 -30.18 -18.21
CA PHE W 295 47.46 -28.80 -18.62
C PHE W 295 48.44 -27.97 -17.81
N LEU W 296 48.70 -28.34 -16.54
CA LEU W 296 49.90 -27.82 -15.91
C LEU W 296 51.15 -28.14 -16.74
N ILE W 297 51.35 -29.42 -17.12
CA ILE W 297 52.54 -29.79 -17.87
C ILE W 297 52.64 -28.97 -19.15
N ARG W 298 51.57 -29.00 -19.96
CA ARG W 298 51.58 -28.34 -21.26
C ARG W 298 51.96 -26.87 -21.13
N ASP W 299 51.26 -26.15 -20.26
CA ASP W 299 51.56 -24.74 -20.13
C ASP W 299 52.94 -24.52 -19.50
N GLN W 300 53.36 -25.37 -18.56
CA GLN W 300 54.71 -25.16 -18.04
C GLN W 300 55.75 -25.28 -19.15
N LYS W 301 55.53 -26.19 -20.10
CA LYS W 301 56.49 -26.30 -21.19
C LYS W 301 56.51 -25.04 -22.05
N LEU W 302 55.37 -24.39 -22.22
CA LEU W 302 55.36 -23.14 -22.96
C LEU W 302 56.07 -22.00 -22.24
N GLY W 303 56.39 -22.14 -20.95
CA GLY W 303 56.99 -21.06 -20.16
C GLY W 303 56.12 -20.48 -19.07
N ALA W 304 54.94 -21.03 -18.86
CA ALA W 304 54.09 -20.58 -17.77
C ALA W 304 54.75 -20.89 -16.44
N ASN W 305 54.85 -19.86 -15.60
CA ASN W 305 55.16 -19.99 -14.18
C ASN W 305 53.88 -20.38 -13.48
N VAL W 306 53.75 -21.66 -13.11
CA VAL W 306 52.44 -22.17 -12.73
C VAL W 306 52.10 -21.95 -11.27
N GLY W 307 53.10 -21.62 -10.44
CA GLY W 307 52.82 -21.36 -9.04
C GLY W 307 52.23 -20.00 -8.78
N SER W 308 52.57 -19.02 -9.62
CA SER W 308 52.06 -17.68 -9.42
C SER W 308 51.01 -17.30 -10.47
N ALA W 309 50.47 -18.25 -11.23
CA ALA W 309 49.50 -17.88 -12.26
C ALA W 309 48.13 -17.79 -11.61
N GLN W 310 47.67 -16.55 -11.47
CA GLN W 310 46.40 -16.18 -10.86
C GLN W 310 45.31 -16.28 -11.91
N GLY W 311 44.35 -17.18 -11.71
CA GLY W 311 43.22 -17.33 -12.59
C GLY W 311 42.10 -16.32 -12.34
N PRO W 312 41.02 -16.46 -13.12
CA PRO W 312 39.99 -15.39 -13.20
C PRO W 312 39.29 -15.07 -11.89
N THR W 313 39.10 -16.05 -11.02
CA THR W 313 38.43 -15.81 -9.76
C THR W 313 39.35 -15.22 -8.72
N GLY W 314 40.67 -15.28 -8.94
CA GLY W 314 41.64 -14.87 -7.95
C GLY W 314 42.39 -16.03 -7.33
N LEU W 315 41.82 -17.25 -7.40
CA LEU W 315 42.52 -18.47 -7.04
C LEU W 315 43.49 -18.86 -8.15
N GLY W 316 44.51 -19.63 -7.77
CA GLY W 316 45.45 -20.10 -8.74
C GLY W 316 44.76 -20.80 -9.89
N LYS W 317 45.33 -20.65 -11.08
CA LYS W 317 44.74 -21.32 -12.22
C LYS W 317 45.13 -22.77 -12.24
N TYR W 318 46.34 -23.06 -11.76
CA TYR W 318 46.87 -24.42 -11.63
C TYR W 318 46.97 -24.90 -10.18
N LEU W 319 47.30 -24.03 -9.22
CA LEU W 319 47.53 -24.51 -7.86
C LEU W 319 46.91 -23.55 -6.88
N MET W 320 46.35 -24.12 -5.82
CA MET W 320 45.72 -23.38 -4.74
C MET W 320 45.84 -24.21 -3.47
N ARG W 321 45.45 -23.60 -2.36
CA ARG W 321 45.46 -24.28 -1.07
C ARG W 321 44.12 -24.93 -0.80
N SER W 322 44.14 -26.14 -0.22
CA SER W 322 42.91 -26.69 0.32
C SER W 322 42.52 -25.90 1.56
N PRO W 323 41.42 -26.22 2.23
CA PRO W 323 41.05 -25.48 3.42
C PRO W 323 41.92 -25.75 4.66
N THR W 324 42.77 -26.81 4.67
CA THR W 324 43.80 -26.95 5.72
C THR W 324 45.22 -26.58 5.23
N GLY W 325 45.35 -25.92 4.05
CA GLY W 325 46.61 -25.36 3.56
C GLY W 325 47.36 -26.21 2.55
N GLU W 326 46.95 -27.45 2.33
CA GLU W 326 47.74 -28.27 1.42
C GLU W 326 47.76 -27.70 0.01
N ILE W 327 48.88 -27.83 -0.67
CA ILE W 327 48.92 -27.40 -2.04
C ILE W 327 48.31 -28.48 -2.91
N ILE W 328 47.36 -28.07 -3.75
CA ILE W 328 46.48 -28.95 -4.48
C ILE W 328 46.24 -28.30 -5.84
N PHE W 329 45.77 -29.10 -6.80
CA PHE W 329 45.43 -28.59 -8.12
C PHE W 329 44.21 -27.68 -8.04
N GLY W 330 44.14 -26.73 -8.96
CA GLY W 330 43.09 -25.73 -8.98
C GLY W 330 41.96 -26.05 -9.94
N GLY W 331 41.02 -25.12 -10.03
CA GLY W 331 39.82 -25.34 -10.82
C GLY W 331 38.82 -26.17 -10.03
N GLU W 332 37.78 -26.68 -10.72
CA GLU W 332 36.75 -27.46 -10.03
C GLU W 332 37.35 -28.65 -9.29
N THR W 333 38.51 -29.17 -9.72
CA THR W 333 39.12 -30.37 -9.13
C THR W 333 39.55 -30.14 -7.68
N MET W 334 39.56 -28.89 -7.23
CA MET W 334 39.78 -28.59 -5.82
C MET W 334 38.98 -29.49 -4.89
N ARG W 335 37.85 -30.07 -5.36
CA ARG W 335 37.09 -30.98 -4.51
C ARG W 335 37.73 -32.36 -4.36
N PHE W 336 38.71 -32.66 -5.21
CA PHE W 336 39.20 -34.02 -5.37
C PHE W 336 40.56 -34.22 -4.74
N TRP W 337 41.04 -33.25 -3.97
CA TRP W 337 42.43 -33.21 -3.57
C TRP W 337 42.77 -34.31 -2.58
N ASP W 338 41.77 -35.05 -2.09
CA ASP W 338 41.96 -36.25 -1.32
C ASP W 338 42.51 -37.36 -2.20
N PHE W 339 42.47 -37.17 -3.51
CA PHE W 339 42.94 -38.23 -4.38
C PHE W 339 44.36 -38.64 -3.99
N ARG W 340 44.60 -39.94 -4.02
CA ARG W 340 45.97 -40.41 -3.87
C ARG W 340 46.18 -41.50 -4.87
N GLY W 341 47.26 -41.38 -5.63
CA GLY W 341 47.56 -42.32 -6.68
C GLY W 341 49.05 -42.48 -6.96
N PRO W 342 49.44 -43.66 -7.44
CA PRO W 342 50.89 -43.92 -7.59
C PRO W 342 51.52 -43.03 -8.65
N TRP W 343 50.76 -42.58 -9.64
CA TRP W 343 51.35 -41.70 -10.64
C TRP W 343 51.58 -40.28 -10.10
N LEU W 344 50.88 -39.88 -9.05
CA LEU W 344 50.97 -38.51 -8.61
C LEU W 344 51.76 -38.30 -7.31
N GLU W 345 51.79 -39.30 -6.40
CA GLU W 345 52.47 -39.18 -5.10
C GLU W 345 53.92 -38.71 -5.20
N PRO W 346 54.63 -38.97 -6.29
CA PRO W 346 56.00 -38.47 -6.37
C PRO W 346 56.12 -36.95 -6.36
N LEU W 347 55.11 -36.21 -6.82
CA LEU W 347 55.22 -34.75 -6.73
C LEU W 347 54.83 -34.20 -5.36
N ARG W 348 54.59 -35.08 -4.39
CA ARG W 348 54.07 -34.67 -3.11
C ARG W 348 55.22 -34.44 -2.14
N GLY W 349 55.15 -33.31 -1.44
CA GLY W 349 56.00 -33.01 -0.33
C GLY W 349 55.19 -32.92 0.94
N PRO W 350 55.76 -32.33 1.99
CA PRO W 350 55.03 -32.29 3.26
C PRO W 350 53.88 -31.31 3.24
N ASN W 351 54.04 -30.15 2.62
CA ASN W 351 52.95 -29.19 2.50
C ASN W 351 52.01 -29.48 1.34
N GLY W 352 52.11 -30.65 0.71
CA GLY W 352 51.30 -31.01 -0.45
C GLY W 352 52.11 -31.05 -1.73
N LEU W 353 51.51 -30.74 -2.88
CA LEU W 353 52.29 -30.61 -4.10
C LEU W 353 53.47 -29.66 -3.89
N ASP W 354 54.63 -30.11 -4.36
CA ASP W 354 55.88 -29.42 -4.17
C ASP W 354 56.28 -28.82 -5.51
N LEU W 355 56.62 -27.55 -5.49
CA LEU W 355 56.70 -26.80 -6.74
C LEU W 355 58.03 -27.04 -7.44
N ASN W 356 59.08 -27.29 -6.66
CA ASN W 356 60.35 -27.67 -7.26
C ASN W 356 60.23 -29.01 -7.96
N LYS W 357 59.43 -29.92 -7.42
CA LYS W 357 59.27 -31.19 -8.10
C LYS W 357 58.41 -31.02 -9.33
N ILE W 358 57.46 -30.10 -9.27
CA ILE W 358 56.66 -29.83 -10.46
C ILE W 358 57.53 -29.18 -11.52
N LYS W 359 58.38 -28.25 -11.12
CA LYS W 359 59.24 -27.62 -12.10
C LYS W 359 60.29 -28.55 -12.68
N ASN W 360 60.60 -29.70 -12.02
CA ASN W 360 61.81 -30.45 -12.37
C ASN W 360 61.72 -31.98 -12.60
N ASP W 361 60.76 -32.68 -11.98
CA ASP W 361 60.88 -34.13 -11.86
C ASP W 361 59.67 -34.87 -12.41
N ILE W 362 58.94 -34.23 -13.30
CA ILE W 362 57.83 -34.86 -14.01
C ILE W 362 58.45 -35.72 -15.09
N GLN W 363 58.33 -37.02 -14.94
CA GLN W 363 58.87 -37.92 -15.92
C GLN W 363 57.85 -38.09 -17.05
N PRO W 364 58.31 -38.50 -18.22
CA PRO W 364 57.35 -38.75 -19.29
C PRO W 364 56.28 -39.76 -18.91
N TRP W 365 56.55 -40.75 -18.07
CA TRP W 365 55.52 -41.76 -17.85
C TRP W 365 54.30 -41.16 -17.16
N GLN W 366 54.51 -40.12 -16.35
CA GLN W 366 53.40 -39.47 -15.67
C GLN W 366 52.58 -38.64 -16.64
N GLU W 367 53.24 -37.89 -17.51
CA GLU W 367 52.55 -37.18 -18.56
C GLU W 367 51.72 -38.13 -19.42
N ARG W 368 52.27 -39.33 -19.74
CA ARG W 368 51.46 -40.34 -20.43
C ARG W 368 50.31 -40.81 -19.56
N ARG W 369 50.58 -41.12 -18.29
CA ARG W 369 49.52 -41.62 -17.42
CA ARG W 369 49.50 -41.63 -17.46
C ARG W 369 48.44 -40.55 -17.27
N ALA W 370 48.85 -39.31 -17.01
CA ALA W 370 47.86 -38.25 -16.77
C ALA W 370 46.97 -38.04 -18.01
N ALA W 371 47.57 -38.04 -19.21
CA ALA W 371 46.81 -37.95 -20.47
C ALA W 371 45.90 -39.14 -20.70
N GLU W 372 46.43 -40.33 -20.55
CA GLU W 372 45.62 -41.55 -20.63
C GLU W 372 44.43 -41.48 -19.68
N TYR W 373 44.64 -41.01 -18.45
CA TYR W 373 43.58 -41.13 -17.45
C TYR W 373 42.51 -40.04 -17.60
N MET W 374 42.90 -38.85 -18.07
CA MET W 374 41.93 -37.78 -18.34
C MET W 374 41.05 -38.10 -19.56
N THR W 375 41.57 -38.86 -20.53
CA THR W 375 40.81 -39.24 -21.70
C THR W 375 40.08 -40.58 -21.54
N HIS W 376 40.09 -41.17 -20.34
CA HIS W 376 39.36 -42.39 -20.01
C HIS W 376 38.60 -42.20 -18.71
N ALA W 377 38.21 -40.96 -18.49
CA ALA W 377 37.47 -40.60 -17.31
C ALA W 377 36.12 -41.30 -17.30
N PRO W 378 35.64 -41.71 -16.14
CA PRO W 378 34.41 -42.52 -16.08
C PRO W 378 33.16 -41.66 -16.33
N LEU W 379 33.00 -41.25 -17.60
CA LEU W 379 31.78 -40.61 -18.11
C LEU W 379 31.46 -41.22 -19.47
N GLY W 380 30.19 -41.56 -19.67
CA GLY W 380 29.77 -42.01 -20.98
C GLY W 380 28.31 -42.39 -20.93
N SER W 381 27.78 -42.69 -22.09
CA SER W 381 26.34 -42.78 -22.24
C SER W 381 25.88 -44.22 -22.09
N LEU W 382 24.58 -44.38 -21.82
CA LEU W 382 24.04 -45.72 -21.61
C LEU W 382 24.29 -46.62 -22.81
N ASN W 383 24.32 -46.05 -24.02
CA ASN W 383 24.69 -46.79 -25.23
C ASN W 383 26.18 -46.62 -25.55
N SER W 384 26.99 -46.30 -24.54
CA SER W 384 28.44 -46.43 -24.58
C SER W 384 29.10 -45.51 -25.58
N VAL W 385 28.55 -44.34 -25.74
CA VAL W 385 29.31 -43.21 -26.24
C VAL W 385 30.10 -42.65 -25.08
N GLY W 386 31.40 -42.51 -25.28
CA GLY W 386 32.23 -42.02 -24.24
C GLY W 386 32.25 -40.52 -24.21
N GLY W 387 32.35 -39.99 -23.00
CA GLY W 387 32.61 -38.60 -22.76
C GLY W 387 31.50 -37.98 -21.98
N VAL W 388 31.54 -36.66 -21.88
CA VAL W 388 30.40 -35.86 -21.44
C VAL W 388 29.19 -36.13 -22.33
N ALA W 389 28.01 -35.71 -21.87
CA ALA W 389 26.77 -35.96 -22.60
C ALA W 389 26.63 -35.15 -23.90
N THR W 390 27.34 -34.03 -24.04
CA THR W 390 27.28 -33.25 -25.26
C THR W 390 28.27 -33.71 -26.34
N GLU W 391 28.85 -34.89 -26.18
CA GLU W 391 29.85 -35.39 -27.12
C GLU W 391 29.19 -36.01 -28.37
N ILE W 392 29.89 -35.90 -29.50
CA ILE W 392 29.48 -36.63 -30.69
C ILE W 392 29.95 -38.07 -30.64
N ASN W 393 29.15 -38.94 -31.25
CA ASN W 393 29.50 -40.34 -31.45
C ASN W 393 30.90 -40.48 -32.05
N SER W 394 31.59 -41.55 -31.61
CA SER W 394 32.92 -41.90 -32.14
C SER W 394 33.64 -42.85 -31.17
N VAL W 395 33.77 -42.47 -29.89
CA VAL W 395 34.44 -43.30 -28.90
C VAL W 395 33.44 -44.22 -28.19
N ASN W 396 33.64 -45.52 -28.32
CA ASN W 396 32.76 -46.53 -27.72
C ASN W 396 33.32 -47.00 -26.36
N PHE W 397 32.85 -46.41 -25.25
CA PHE W 397 33.49 -46.57 -23.95
C PHE W 397 32.58 -46.15 -22.80
N VAL W 398 32.44 -47.05 -21.83
CA VAL W 398 32.01 -46.70 -20.49
C VAL W 398 32.92 -47.41 -19.53
N SER W 399 33.46 -46.66 -18.56
CA SER W 399 34.36 -47.19 -17.55
C SER W 399 33.75 -48.37 -16.79
N PRO W 400 34.53 -49.46 -16.56
CA PRO W 400 34.12 -50.51 -15.60
C PRO W 400 33.71 -49.99 -14.22
N ARG W 401 34.30 -48.90 -13.76
CA ARG W 401 33.89 -48.36 -12.46
C ARG W 401 32.45 -47.86 -12.52
N SER W 402 32.05 -47.24 -13.65
CA SER W 402 30.65 -46.80 -13.82
C SER W 402 29.71 -48.00 -13.89
N TRP W 403 30.09 -49.03 -14.65
CA TRP W 403 29.22 -50.20 -14.76
C TRP W 403 29.08 -50.87 -13.41
N LEU W 404 30.19 -51.05 -12.67
CA LEU W 404 30.14 -51.69 -11.37
C LEU W 404 29.43 -50.84 -10.32
N ALA W 405 29.60 -49.51 -10.34
CA ALA W 405 28.98 -48.75 -9.26
C ALA W 405 27.46 -48.58 -9.51
N THR W 406 27.05 -48.40 -10.75
CA THR W 406 25.63 -48.28 -10.97
C THR W 406 24.92 -49.59 -10.65
N SER W 407 25.39 -50.69 -11.24
CA SER W 407 24.67 -51.96 -11.10
C SER W 407 24.48 -52.34 -9.64
N HIS W 408 25.49 -52.09 -8.80
CA HIS W 408 25.42 -52.50 -7.41
C HIS W 408 24.74 -51.48 -6.51
N PHE W 409 24.61 -50.22 -6.93
CA PHE W 409 23.72 -49.33 -6.17
C PHE W 409 22.27 -49.77 -6.36
N VAL W 410 21.93 -50.05 -7.62
CA VAL W 410 20.58 -50.50 -7.95
C VAL W 410 20.25 -51.75 -7.16
N LEU W 411 21.15 -52.74 -7.20
CA LEU W 411 20.92 -53.99 -6.46
C LEU W 411 20.88 -53.76 -4.94
N ALA W 412 21.77 -52.91 -4.41
CA ALA W 412 21.72 -52.54 -2.99
C ALA W 412 20.37 -51.94 -2.60
N PHE W 413 19.85 -51.03 -3.44
CA PHE W 413 18.62 -50.36 -3.07
C PHE W 413 17.46 -51.34 -3.05
N PHE W 414 17.31 -52.15 -4.11
CA PHE W 414 16.17 -53.04 -4.15
C PHE W 414 16.27 -54.09 -3.05
N PHE W 415 17.48 -54.31 -2.52
CA PHE W 415 17.61 -55.26 -1.41
C PHE W 415 17.31 -54.62 -0.06
N LEU W 416 17.59 -53.34 0.14
CA LEU W 416 17.02 -52.64 1.29
C LEU W 416 15.48 -52.70 1.27
N VAL W 417 14.87 -52.42 0.10
CA VAL W 417 13.42 -52.53 -0.06
C VAL W 417 12.96 -53.90 0.36
N GLY W 418 13.68 -54.92 -0.09
CA GLY W 418 13.38 -56.28 0.32
C GLY W 418 13.46 -56.51 1.81
N HIS W 419 14.47 -55.94 2.47
CA HIS W 419 14.55 -55.97 3.93
C HIS W 419 13.25 -55.51 4.57
N LEU W 420 12.83 -54.28 4.26
CA LEU W 420 11.59 -53.75 4.83
C LEU W 420 10.42 -54.67 4.53
N TRP W 421 10.23 -55.03 3.26
CA TRP W 421 9.10 -55.86 2.89
C TRP W 421 9.07 -57.11 3.77
N HIS W 422 10.18 -57.84 3.81
CA HIS W 422 10.15 -59.12 4.52
C HIS W 422 10.26 -58.94 6.04
N ALA W 423 11.01 -57.94 6.50
CA ALA W 423 11.11 -57.69 7.94
C ALA W 423 9.76 -57.35 8.53
N GLY W 424 9.10 -56.34 7.95
CA GLY W 424 7.78 -55.98 8.41
C GLY W 424 6.82 -57.14 8.32
N ARG W 425 6.89 -57.91 7.22
CA ARG W 425 5.99 -59.05 7.12
C ARG W 425 6.28 -60.10 8.18
N ALA W 426 7.55 -60.37 8.50
CA ALA W 426 7.85 -61.37 9.52
C ALA W 426 7.27 -60.96 10.84
N ARG W 427 7.44 -59.69 11.21
CA ARG W 427 6.81 -59.14 12.40
C ARG W 427 5.31 -59.42 12.39
N ALA W 428 4.65 -59.06 11.28
CA ALA W 428 3.21 -59.25 11.17
C ALA W 428 2.84 -60.73 11.19
N ALA W 429 3.55 -61.55 10.42
CA ALA W 429 3.20 -62.96 10.40
C ALA W 429 3.31 -63.58 11.79
N ALA W 430 4.35 -63.21 12.55
CA ALA W 430 4.51 -63.77 13.90
C ALA W 430 3.49 -63.20 14.87
N ALA W 431 3.15 -61.93 14.75
CA ALA W 431 2.12 -61.44 15.63
C ALA W 431 0.75 -61.89 15.19
N GLY W 432 0.62 -62.27 13.91
CA GLY W 432 -0.60 -62.90 13.42
C GLY W 432 -1.66 -61.99 12.81
N PHE W 433 -1.26 -60.93 12.10
CA PHE W 433 -2.18 -60.11 11.32
C PHE W 433 -1.63 -59.80 9.95
N GLU W 434 -0.82 -60.72 9.41
CA GLU W 434 -0.28 -60.49 8.07
C GLU W 434 -1.37 -60.57 7.00
N LYS W 435 -2.51 -61.19 7.30
CA LYS W 435 -3.56 -61.40 6.33
C LYS W 435 -4.73 -60.45 6.58
N GLY W 436 -4.62 -59.55 7.54
CA GLY W 436 -5.57 -58.47 7.71
C GLY W 436 -6.03 -58.32 9.14
N ILE W 437 -6.83 -57.27 9.34
CA ILE W 437 -7.45 -56.99 10.62
C ILE W 437 -8.68 -57.88 10.80
N ASP W 438 -8.79 -58.49 11.97
CA ASP W 438 -9.92 -59.34 12.32
C ASP W 438 -11.09 -58.47 12.73
N ARG W 439 -12.19 -58.53 11.96
CA ARG W 439 -13.35 -57.67 12.20
C ARG W 439 -13.87 -57.82 13.62
N GLU W 440 -13.88 -59.06 14.13
CA GLU W 440 -14.42 -59.37 15.46
C GLU W 440 -13.61 -58.76 16.60
N SER W 441 -12.38 -58.36 16.37
CA SER W 441 -11.57 -57.86 17.46
C SER W 441 -10.68 -56.74 16.95
N GLU W 442 -11.21 -55.90 16.08
CA GLU W 442 -10.39 -54.86 15.52
C GLU W 442 -9.72 -54.05 16.64
N PRO W 443 -8.39 -54.07 16.74
CA PRO W 443 -7.74 -53.45 17.91
C PRO W 443 -8.08 -51.99 18.15
N VAL W 444 -7.97 -51.14 17.11
CA VAL W 444 -8.26 -49.72 17.27
C VAL W 444 -9.61 -49.50 17.95
N LEU W 445 -10.58 -50.37 17.67
CA LEU W 445 -11.91 -50.22 18.28
C LEU W 445 -11.91 -50.42 19.78
N SER W 446 -10.91 -51.09 20.34
CA SER W 446 -10.79 -51.25 21.78
C SER W 446 -10.00 -50.13 22.42
N MET W 447 -9.56 -49.18 21.63
CA MET W 447 -8.74 -48.08 22.13
C MET W 447 -9.61 -46.88 22.39
N PRO W 448 -9.08 -45.88 23.07
CA PRO W 448 -9.85 -44.66 23.29
C PRO W 448 -9.57 -43.61 22.23
N SER W 449 -10.63 -42.89 21.80
CA SER W 449 -10.48 -41.80 20.84
C SER W 449 -9.33 -40.87 21.20
N LEU W 450 -8.55 -40.45 20.18
CA LEU W 450 -7.52 -39.45 20.39
C LEU W 450 -8.05 -38.09 20.85
N ASP W 451 -9.34 -37.84 20.67
CA ASP W 451 -9.93 -36.52 20.95
C ASP W 451 -11.45 -36.64 20.96
N ARG X 1 -41.86 -47.62 -35.37
CA ARG X 1 -40.48 -47.27 -35.09
C ARG X 1 -39.80 -46.60 -36.26
N GLY X 2 -39.44 -45.33 -36.10
CA GLY X 2 -38.77 -44.63 -37.17
C GLY X 2 -37.37 -45.17 -37.42
N TRP X 3 -36.87 -44.93 -38.62
CA TRP X 3 -35.57 -45.44 -38.99
C TRP X 3 -34.47 -44.91 -38.06
N PHE X 4 -34.64 -43.67 -37.59
CA PHE X 4 -33.73 -43.11 -36.59
C PHE X 4 -33.68 -43.97 -35.33
N ASP X 5 -34.84 -44.44 -34.88
CA ASP X 5 -34.88 -45.23 -33.65
C ASP X 5 -34.27 -46.60 -33.84
N ILE X 6 -34.37 -47.15 -35.06
CA ILE X 6 -33.75 -48.42 -35.39
C ILE X 6 -32.22 -48.30 -35.44
N LEU X 7 -31.70 -47.23 -36.04
CA LEU X 7 -30.25 -47.00 -36.08
C LEU X 7 -29.69 -46.75 -34.69
N ASP X 8 -30.51 -46.22 -33.79
CA ASP X 8 -30.11 -45.95 -32.42
C ASP X 8 -30.04 -47.23 -31.62
N ASP X 9 -31.05 -48.11 -31.75
CA ASP X 9 -30.95 -49.42 -31.13
C ASP X 9 -29.65 -50.13 -31.50
N TRP X 10 -29.24 -50.04 -32.76
CA TRP X 10 -28.06 -50.80 -33.17
C TRP X 10 -26.76 -50.20 -32.63
N LEU X 11 -26.67 -48.86 -32.57
CA LEU X 11 -25.43 -48.25 -32.11
C LEU X 11 -25.26 -48.46 -30.62
N LYS X 12 -26.35 -48.43 -29.87
CA LYS X 12 -26.33 -48.58 -28.43
C LYS X 12 -26.41 -50.05 -28.00
N ARG X 13 -26.14 -50.98 -28.91
CA ARG X 13 -26.15 -52.39 -28.54
C ARG X 13 -24.99 -52.75 -27.61
N ASP X 14 -25.22 -53.78 -26.82
CA ASP X 14 -24.26 -54.27 -25.85
C ASP X 14 -23.36 -55.29 -26.53
N ARG X 15 -22.21 -54.85 -27.01
CA ARG X 15 -21.25 -55.72 -27.69
C ARG X 15 -19.89 -55.70 -26.95
N PHE X 16 -18.88 -56.30 -27.57
CA PHE X 16 -17.58 -56.36 -26.90
C PHE X 16 -16.97 -54.97 -26.82
N VAL X 17 -17.15 -54.18 -27.86
CA VAL X 17 -16.66 -52.82 -27.96
C VAL X 17 -17.86 -51.97 -28.33
N PHE X 18 -18.38 -51.23 -27.37
CA PHE X 18 -19.59 -50.46 -27.54
C PHE X 18 -19.30 -49.30 -28.51
N VAL X 19 -20.33 -48.92 -29.28
CA VAL X 19 -20.17 -47.95 -30.38
C VAL X 19 -20.81 -46.63 -29.99
N GLY X 20 -22.13 -46.52 -30.14
CA GLY X 20 -22.87 -45.30 -29.85
C GLY X 20 -22.85 -44.30 -30.98
N TRP X 21 -23.56 -43.17 -30.77
CA TRP X 21 -23.43 -42.08 -31.72
C TRP X 21 -22.04 -41.46 -31.63
N SER X 22 -21.56 -41.27 -30.40
CA SER X 22 -20.20 -40.79 -30.19
C SER X 22 -19.21 -41.55 -31.05
N GLY X 23 -19.45 -42.84 -31.25
CA GLY X 23 -18.50 -43.63 -32.01
C GLY X 23 -18.25 -43.08 -33.40
N ILE X 24 -19.29 -42.50 -34.01
CA ILE X 24 -19.22 -42.03 -35.39
C ILE X 24 -18.24 -40.87 -35.52
N LEU X 25 -18.23 -39.96 -34.55
CA LEU X 25 -17.10 -39.04 -34.45
C LEU X 25 -15.81 -39.78 -33.99
N LEU X 26 -15.91 -40.71 -33.03
CA LEU X 26 -14.69 -41.17 -32.34
C LEU X 26 -13.77 -42.11 -33.14
N PHE X 27 -14.21 -43.32 -33.48
CA PHE X 27 -13.29 -44.30 -34.06
C PHE X 27 -12.56 -43.83 -35.31
N PRO X 28 -13.14 -43.08 -36.24
CA PRO X 28 -12.36 -42.69 -37.44
C PRO X 28 -11.31 -41.62 -37.15
N CYS X 29 -11.67 -40.62 -36.36
CA CYS X 29 -10.70 -39.57 -36.04
C CYS X 29 -9.56 -40.12 -35.20
N ALA X 30 -9.87 -40.93 -34.19
CA ALA X 30 -8.84 -41.56 -33.38
C ALA X 30 -7.97 -42.49 -34.23
N TYR X 31 -8.60 -43.50 -34.86
CA TYR X 31 -7.87 -44.38 -35.76
C TYR X 31 -6.91 -43.60 -36.67
N LEU X 32 -7.36 -42.44 -37.21
CA LEU X 32 -6.54 -41.72 -38.19
C LEU X 32 -5.49 -40.83 -37.53
N ALA X 33 -5.74 -40.29 -36.35
CA ALA X 33 -4.63 -39.74 -35.57
C ALA X 33 -3.55 -40.79 -35.41
N LEU X 34 -3.91 -41.93 -34.82
CA LEU X 34 -2.95 -43.01 -34.64
C LEU X 34 -2.20 -43.33 -35.91
N GLY X 35 -2.93 -43.62 -36.99
CA GLY X 35 -2.29 -44.08 -38.21
C GLY X 35 -1.38 -43.06 -38.82
N GLY X 36 -1.79 -41.80 -38.81
CA GLY X 36 -0.92 -40.78 -39.35
C GLY X 36 0.38 -40.64 -38.57
N TRP X 37 0.33 -40.88 -37.25
CA TRP X 37 1.56 -40.93 -36.48
C TRP X 37 2.40 -42.14 -36.87
N LEU X 38 1.85 -43.33 -36.71
CA LEU X 38 2.53 -44.55 -37.11
C LEU X 38 3.11 -44.45 -38.52
N THR X 39 2.31 -43.96 -39.46
CA THR X 39 2.74 -43.87 -40.84
C THR X 39 3.89 -42.88 -41.00
N GLY X 40 3.83 -41.75 -40.29
CA GLY X 40 4.81 -40.72 -40.45
C GLY X 40 6.07 -40.94 -39.64
N THR X 41 5.96 -41.53 -38.44
CA THR X 41 7.18 -41.90 -37.72
C THR X 41 7.87 -43.08 -38.39
N THR X 42 7.16 -43.87 -39.20
CA THR X 42 7.82 -44.98 -39.89
C THR X 42 8.50 -44.54 -41.19
N PHE X 43 7.88 -43.65 -41.96
CA PHE X 43 8.24 -43.47 -43.35
C PHE X 43 8.54 -42.04 -43.78
N VAL X 44 8.22 -41.04 -42.99
CA VAL X 44 8.19 -39.66 -43.49
C VAL X 44 9.31 -38.86 -42.85
N THR X 45 9.92 -37.99 -43.66
CA THR X 45 10.99 -37.06 -43.29
C THR X 45 10.43 -35.71 -42.81
N SER X 46 11.33 -34.85 -42.32
CA SER X 46 11.12 -33.47 -41.95
C SER X 46 12.20 -32.63 -42.58
N TRP X 47 12.73 -33.12 -43.69
CA TRP X 47 13.91 -32.54 -44.29
C TRP X 47 13.60 -31.17 -44.87
N TYR X 48 12.46 -31.02 -45.57
CA TYR X 48 12.13 -29.73 -46.21
C TYR X 48 11.48 -28.76 -45.24
N THR X 49 10.88 -29.26 -44.17
CA THR X 49 10.31 -28.35 -43.18
C THR X 49 11.29 -27.93 -42.10
N HIS X 50 12.24 -28.80 -41.74
CA HIS X 50 13.06 -28.63 -40.53
C HIS X 50 14.55 -28.85 -40.75
N GLY X 51 14.96 -29.53 -41.82
CA GLY X 51 16.34 -29.99 -41.95
C GLY X 51 16.67 -31.13 -41.00
N LEU X 52 15.77 -32.10 -40.85
CA LEU X 52 15.93 -33.19 -39.93
C LEU X 52 15.41 -34.46 -40.55
N ALA X 53 16.00 -35.58 -40.13
CA ALA X 53 15.42 -36.91 -40.30
C ALA X 53 14.44 -37.18 -39.19
N SER X 54 13.50 -38.09 -39.42
CA SER X 54 12.41 -38.19 -38.46
C SER X 54 11.65 -39.49 -38.62
N SER X 55 12.07 -40.36 -39.53
CA SER X 55 11.45 -41.67 -39.66
C SER X 55 12.44 -42.80 -39.42
N TYR X 56 11.86 -43.97 -39.10
CA TYR X 56 12.56 -45.23 -39.11
C TYR X 56 13.25 -45.46 -40.46
N LEU X 57 12.53 -45.15 -41.55
CA LEU X 57 13.09 -45.31 -42.87
C LEU X 57 14.41 -44.57 -43.01
N GLU X 58 14.58 -43.46 -42.32
CA GLU X 58 15.82 -42.71 -42.45
C GLU X 58 16.90 -43.17 -41.48
N GLY X 59 16.56 -44.05 -40.53
CA GLY X 59 17.49 -44.47 -39.52
C GLY X 59 17.32 -43.84 -38.16
N CYS X 60 16.12 -43.37 -37.83
CA CYS X 60 15.82 -42.94 -36.48
C CYS X 60 15.27 -44.13 -35.72
N ASN X 61 15.46 -44.09 -34.41
CA ASN X 61 14.90 -45.05 -33.48
C ASN X 61 13.67 -44.46 -32.78
N PHE X 62 13.02 -45.29 -31.97
CA PHE X 62 11.77 -44.90 -31.31
C PHE X 62 11.89 -43.56 -30.58
N LEU X 63 13.07 -43.23 -30.06
CA LEU X 63 13.15 -42.00 -29.30
C LEU X 63 13.22 -40.79 -30.21
N THR X 64 13.79 -40.91 -31.42
CA THR X 64 14.02 -39.73 -32.24
C THR X 64 13.09 -39.61 -33.45
N VAL X 65 12.22 -40.58 -33.71
CA VAL X 65 11.23 -40.33 -34.76
C VAL X 65 10.18 -39.34 -34.26
N ALA X 66 9.56 -38.64 -35.21
CA ALA X 66 8.54 -37.62 -34.97
C ALA X 66 7.75 -37.40 -36.25
N VAL X 67 6.46 -37.07 -36.10
CA VAL X 67 5.76 -36.32 -37.15
C VAL X 67 6.03 -34.86 -36.82
N SER X 68 6.85 -34.20 -37.64
CA SER X 68 7.33 -32.86 -37.31
C SER X 68 6.42 -31.77 -37.88
N THR X 69 6.39 -30.62 -37.19
CA THR X 69 5.51 -29.51 -37.55
C THR X 69 5.83 -28.97 -38.94
N PRO X 70 4.91 -28.23 -39.54
CA PRO X 70 5.16 -27.67 -40.87
C PRO X 70 6.16 -26.52 -40.78
N ALA X 71 6.83 -26.29 -41.90
CA ALA X 71 7.74 -25.16 -41.96
C ALA X 71 7.02 -23.86 -41.61
N ASN X 72 7.80 -22.93 -41.09
CA ASN X 72 7.26 -21.64 -40.69
C ASN X 72 6.60 -20.90 -41.87
N SER X 73 6.97 -21.20 -43.13
CA SER X 73 6.46 -20.40 -44.24
C SER X 73 4.97 -20.65 -44.50
N MET X 74 4.44 -21.79 -44.05
CA MET X 74 3.02 -22.15 -44.17
C MET X 74 2.08 -21.34 -43.26
N GLY X 75 2.58 -20.51 -42.34
CA GLY X 75 1.63 -19.82 -41.51
C GLY X 75 0.84 -20.76 -40.60
N HIS X 76 -0.40 -20.35 -40.31
CA HIS X 76 -1.36 -21.21 -39.64
C HIS X 76 -2.25 -21.99 -40.61
N SER X 77 -1.78 -22.25 -41.83
CA SER X 77 -2.57 -22.97 -42.82
C SER X 77 -3.11 -24.27 -42.25
N LEU X 78 -4.36 -24.56 -42.62
CA LEU X 78 -4.92 -25.87 -42.31
C LEU X 78 -4.16 -26.97 -43.03
N LEU X 79 -3.55 -26.63 -44.16
CA LEU X 79 -2.73 -27.58 -44.90
C LEU X 79 -3.57 -28.76 -45.34
N LEU X 80 -4.75 -28.46 -45.88
CA LEU X 80 -5.61 -29.48 -46.47
C LEU X 80 -4.92 -30.11 -47.68
N LEU X 81 -5.16 -31.40 -47.88
CA LEU X 81 -4.59 -32.08 -49.03
C LEU X 81 -5.01 -31.40 -50.33
N TRP X 82 -6.29 -31.08 -50.47
CA TRP X 82 -6.82 -30.39 -51.64
C TRP X 82 -6.62 -28.86 -51.59
N GLY X 83 -5.88 -28.39 -50.57
CA GLY X 83 -5.63 -27.00 -50.38
C GLY X 83 -4.72 -26.44 -51.45
N PRO X 84 -4.46 -25.14 -51.36
CA PRO X 84 -3.63 -24.49 -52.37
C PRO X 84 -2.12 -24.71 -52.21
N GLU X 85 -1.66 -25.28 -51.11
CA GLU X 85 -0.24 -25.50 -50.95
C GLU X 85 0.19 -26.82 -51.58
N ALA X 86 -0.56 -27.88 -51.32
CA ALA X 86 -0.21 -29.20 -51.81
C ALA X 86 -1.02 -29.63 -53.03
N GLN X 87 -2.22 -29.07 -53.21
CA GLN X 87 -3.01 -29.21 -54.44
C GLN X 87 -3.23 -30.65 -54.83
N GLY X 88 -3.79 -31.42 -53.90
CA GLY X 88 -4.09 -32.82 -54.13
C GLY X 88 -2.88 -33.74 -54.24
N ASP X 89 -1.67 -33.22 -54.13
CA ASP X 89 -0.50 -34.09 -54.25
C ASP X 89 -0.23 -34.70 -52.87
N PHE X 90 -0.53 -35.99 -52.70
CA PHE X 90 -0.27 -36.67 -51.44
C PHE X 90 1.19 -36.59 -51.06
N THR X 91 2.07 -36.95 -51.99
CA THR X 91 3.49 -36.95 -51.68
C THR X 91 3.92 -35.57 -51.23
N ARG X 92 3.50 -34.52 -51.94
CA ARG X 92 3.93 -33.17 -51.57
C ARG X 92 3.38 -32.77 -50.21
N TRP X 93 2.17 -33.24 -49.88
CA TRP X 93 1.55 -32.96 -48.61
C TRP X 93 2.39 -33.52 -47.48
N CYS X 94 2.84 -34.77 -47.63
CA CYS X 94 3.70 -35.36 -46.62
C CYS X 94 4.93 -34.51 -46.37
N GLN X 95 5.57 -34.05 -47.45
CA GLN X 95 6.83 -33.33 -47.34
C GLN X 95 6.67 -31.92 -46.85
N LEU X 96 5.46 -31.38 -46.93
CA LEU X 96 5.22 -30.04 -46.44
C LEU X 96 4.68 -30.03 -45.01
N GLY X 97 4.36 -31.18 -44.46
CA GLY X 97 3.93 -31.24 -43.09
C GLY X 97 2.46 -31.39 -42.88
N GLY X 98 1.72 -31.91 -43.85
CA GLY X 98 0.29 -32.06 -43.66
C GLY X 98 -0.07 -33.19 -42.71
N LEU X 99 0.78 -34.20 -42.57
CA LEU X 99 0.46 -35.19 -41.56
C LEU X 99 0.32 -34.56 -40.19
N TRP X 100 1.03 -33.44 -39.93
CA TRP X 100 0.98 -32.82 -38.60
C TRP X 100 -0.40 -32.22 -38.28
N THR X 101 -0.96 -31.43 -39.20
CA THR X 101 -2.34 -30.92 -39.05
C THR X 101 -3.34 -32.07 -39.08
N PHE X 102 -3.20 -33.00 -40.03
CA PHE X 102 -4.02 -34.22 -40.09
C PHE X 102 -4.16 -34.87 -38.72
N ILE X 103 -3.02 -35.15 -38.08
CA ILE X 103 -3.01 -35.70 -36.72
C ILE X 103 -3.62 -34.72 -35.72
N ALA X 104 -3.14 -33.47 -35.71
CA ALA X 104 -3.67 -32.51 -34.78
C ALA X 104 -5.20 -32.37 -34.88
N LEU X 105 -5.74 -32.28 -36.10
CA LEU X 105 -7.18 -31.98 -36.18
C LEU X 105 -8.01 -33.24 -35.99
N HIS X 106 -7.56 -34.39 -36.55
CA HIS X 106 -8.31 -35.61 -36.28
C HIS X 106 -8.18 -36.00 -34.82
N GLY X 107 -7.03 -35.68 -34.22
CA GLY X 107 -6.89 -35.90 -32.80
C GLY X 107 -7.88 -35.09 -31.99
N ALA X 108 -8.02 -33.82 -32.32
CA ALA X 108 -8.84 -32.95 -31.48
C ALA X 108 -10.30 -33.33 -31.56
N PHE X 109 -10.82 -33.68 -32.76
CA PHE X 109 -12.18 -34.22 -32.85
C PHE X 109 -12.23 -35.61 -32.25
N GLY X 110 -11.10 -36.34 -32.30
CA GLY X 110 -11.01 -37.61 -31.59
C GLY X 110 -11.31 -37.49 -30.11
N LEU X 111 -10.75 -36.48 -29.46
CA LEU X 111 -10.92 -36.35 -28.02
C LEU X 111 -12.33 -35.93 -27.67
N ILE X 112 -12.88 -35.03 -28.50
CA ILE X 112 -14.30 -34.69 -28.44
C ILE X 112 -15.16 -35.94 -28.40
N GLY X 113 -15.04 -36.78 -29.45
CA GLY X 113 -15.75 -38.05 -29.44
C GLY X 113 -15.56 -38.84 -28.17
N PHE X 114 -14.33 -38.87 -27.62
CA PHE X 114 -14.13 -39.66 -26.41
C PHE X 114 -14.92 -39.06 -25.25
N MET X 115 -14.88 -37.74 -25.10
CA MET X 115 -15.65 -37.12 -24.02
C MET X 115 -17.15 -37.36 -24.22
N LEU X 116 -17.68 -37.16 -25.43
CA LEU X 116 -19.08 -37.53 -25.67
C LEU X 116 -19.33 -38.99 -25.30
N ARG X 117 -18.36 -39.86 -25.59
CA ARG X 117 -18.49 -41.28 -25.28
C ARG X 117 -18.65 -41.53 -23.79
N GLN X 118 -17.94 -40.75 -22.97
CA GLN X 118 -18.12 -40.88 -21.52
C GLN X 118 -19.48 -40.36 -21.10
N PHE X 119 -19.95 -39.28 -21.72
CA PHE X 119 -21.31 -38.80 -21.49
C PHE X 119 -22.36 -39.85 -21.92
N GLU X 120 -22.17 -40.47 -23.10
CA GLU X 120 -23.21 -41.36 -23.62
C GLU X 120 -23.33 -42.62 -22.78
N ILE X 121 -22.18 -43.23 -22.44
CA ILE X 121 -22.17 -44.45 -21.63
C ILE X 121 -22.69 -44.18 -20.22
N ALA X 122 -22.26 -43.09 -19.61
CA ALA X 122 -22.69 -42.83 -18.24
C ALA X 122 -24.21 -42.68 -18.18
N ARG X 123 -24.80 -41.99 -19.16
CA ARG X 123 -26.24 -41.82 -19.20
C ARG X 123 -26.96 -43.16 -19.39
N LEU X 124 -26.47 -44.00 -20.29
CA LEU X 124 -27.13 -45.28 -20.52
C LEU X 124 -27.00 -46.20 -19.31
N VAL X 125 -25.84 -46.19 -18.63
CA VAL X 125 -25.69 -47.03 -17.45
C VAL X 125 -26.45 -46.44 -16.27
N GLY X 126 -26.47 -45.12 -16.16
CA GLY X 126 -27.17 -44.49 -15.06
C GLY X 126 -26.31 -43.94 -13.95
N VAL X 127 -25.11 -43.45 -14.26
CA VAL X 127 -24.24 -42.93 -13.24
C VAL X 127 -23.92 -41.48 -13.53
N ARG X 128 -23.49 -40.79 -12.50
CA ARG X 128 -23.04 -39.42 -12.62
C ARG X 128 -21.87 -39.35 -13.58
N PRO X 129 -21.80 -38.32 -14.42
CA PRO X 129 -20.73 -38.25 -15.42
C PRO X 129 -19.46 -37.61 -14.91
N TYR X 130 -19.01 -37.95 -13.70
CA TYR X 130 -17.85 -37.26 -13.15
C TYR X 130 -16.56 -37.60 -13.90
N ASN X 131 -16.49 -38.76 -14.54
CA ASN X 131 -15.33 -39.13 -15.33
C ASN X 131 -15.25 -38.29 -16.59
N ALA X 132 -16.39 -38.04 -17.24
CA ALA X 132 -16.37 -37.15 -18.38
C ALA X 132 -15.86 -35.79 -17.97
N ILE X 133 -16.32 -35.30 -16.84
CA ILE X 133 -15.88 -33.99 -16.37
C ILE X 133 -14.37 -33.98 -16.10
N ALA X 134 -13.87 -35.00 -15.39
CA ALA X 134 -12.42 -35.14 -15.19
C ALA X 134 -11.67 -35.12 -16.50
N PHE X 135 -12.19 -35.81 -17.53
CA PHE X 135 -11.51 -35.76 -18.83
C PHE X 135 -11.46 -34.36 -19.47
N SER X 136 -12.05 -33.32 -18.86
CA SER X 136 -11.84 -31.98 -19.37
C SER X 136 -10.39 -31.52 -19.26
N ALA X 137 -9.62 -32.09 -18.33
CA ALA X 137 -8.30 -31.50 -18.10
C ALA X 137 -7.29 -31.91 -19.17
N PRO X 138 -7.26 -33.18 -19.61
CA PRO X 138 -6.51 -33.53 -20.83
C PRO X 138 -6.91 -32.72 -22.07
N ILE X 139 -8.20 -32.39 -22.22
CA ILE X 139 -8.62 -31.61 -23.38
C ILE X 139 -8.10 -30.19 -23.29
N ALA X 140 -8.15 -29.61 -22.09
CA ALA X 140 -7.63 -28.25 -21.91
C ALA X 140 -6.17 -28.17 -22.28
N VAL X 141 -5.40 -29.18 -21.83
CA VAL X 141 -3.98 -29.28 -22.16
C VAL X 141 -3.79 -29.41 -23.67
N PHE X 142 -4.41 -30.43 -24.26
CA PHE X 142 -4.12 -30.67 -25.66
C PHE X 142 -4.43 -29.45 -26.52
N VAL X 143 -5.56 -28.78 -26.23
CA VAL X 143 -5.97 -27.57 -26.94
C VAL X 143 -4.98 -26.45 -26.68
N SER X 144 -4.65 -26.24 -25.41
CA SER X 144 -3.79 -25.12 -25.04
C SER X 144 -2.40 -25.29 -25.62
N VAL X 145 -1.86 -26.50 -25.56
CA VAL X 145 -0.49 -26.71 -26.02
C VAL X 145 -0.44 -26.87 -27.53
N PHE X 146 -1.35 -27.62 -28.10
CA PHE X 146 -1.18 -27.92 -29.51
C PHE X 146 -1.83 -26.89 -30.45
N LEU X 147 -2.89 -26.17 -30.05
CA LEU X 147 -3.61 -25.29 -30.98
C LEU X 147 -3.44 -23.83 -30.62
N ILE X 148 -3.89 -23.45 -29.43
CA ILE X 148 -3.80 -22.05 -29.00
C ILE X 148 -2.36 -21.58 -29.05
N TYR X 149 -1.43 -22.35 -28.45
CA TYR X 149 -0.06 -21.85 -28.37
C TYR X 149 0.49 -21.51 -29.74
N PRO X 150 0.34 -22.36 -30.77
CA PRO X 150 0.90 -21.98 -32.06
C PRO X 150 0.12 -20.87 -32.75
N LEU X 151 -1.20 -20.79 -32.55
CA LEU X 151 -2.00 -19.73 -33.20
C LEU X 151 -1.54 -18.37 -32.74
N GLY X 152 -0.98 -18.27 -31.52
CA GLY X 152 -0.46 -17.03 -30.99
C GLY X 152 0.94 -16.74 -31.44
N GLN X 153 1.64 -17.73 -31.96
CA GLN X 153 2.97 -17.50 -32.49
C GLN X 153 2.88 -17.29 -34.01
N SER X 154 4.03 -17.33 -34.69
CA SER X 154 4.07 -16.98 -36.09
C SER X 154 3.51 -18.08 -36.97
N SER X 155 3.63 -19.34 -36.55
CA SER X 155 3.02 -20.43 -37.30
C SER X 155 2.93 -21.72 -36.47
N TRP X 156 2.41 -22.76 -37.13
CA TRP X 156 2.39 -24.10 -36.55
C TRP X 156 3.79 -24.64 -36.33
N PHE X 157 4.81 -24.09 -37.00
CA PHE X 157 6.18 -24.54 -36.81
C PHE X 157 6.50 -24.73 -35.33
N PHE X 158 6.02 -23.79 -34.52
CA PHE X 158 6.48 -23.67 -33.17
C PHE X 158 5.61 -24.46 -32.20
N ALA X 159 4.60 -25.11 -32.70
CA ALA X 159 3.83 -26.02 -31.87
C ALA X 159 4.71 -27.23 -31.56
N PRO X 160 4.24 -28.16 -30.75
CA PRO X 160 5.04 -29.35 -30.51
C PRO X 160 4.95 -30.29 -31.70
N SER X 161 6.08 -30.93 -32.01
CA SER X 161 6.09 -32.04 -32.95
C SER X 161 5.81 -33.35 -32.21
N PHE X 162 5.17 -34.27 -32.93
CA PHE X 162 4.66 -35.49 -32.31
C PHE X 162 5.82 -36.47 -32.29
N GLY X 163 6.54 -36.53 -31.16
CA GLY X 163 7.74 -37.34 -31.02
C GLY X 163 8.36 -37.33 -29.64
N VAL X 164 9.04 -38.41 -29.22
CA VAL X 164 9.60 -38.48 -27.85
C VAL X 164 10.64 -37.37 -27.64
N ALA X 165 11.74 -37.44 -28.39
CA ALA X 165 12.79 -36.43 -28.27
C ALA X 165 12.36 -35.08 -28.79
N ALA X 166 11.45 -35.04 -29.77
CA ALA X 166 10.92 -33.75 -30.21
C ALA X 166 10.20 -33.03 -29.07
N ILE X 167 9.53 -33.78 -28.17
CA ILE X 167 8.87 -33.17 -27.01
C ILE X 167 9.89 -32.65 -26.02
N PHE X 168 10.97 -33.42 -25.81
CA PHE X 168 12.09 -32.94 -25.00
C PHE X 168 12.61 -31.62 -25.58
N ARG X 169 12.60 -31.48 -26.90
CA ARG X 169 13.05 -30.23 -27.50
C ARG X 169 12.16 -29.06 -27.11
N PHE X 170 10.85 -29.29 -27.14
CA PHE X 170 9.83 -28.33 -26.72
C PHE X 170 10.04 -27.89 -25.28
N LEU X 171 10.17 -28.88 -24.38
CA LEU X 171 10.52 -28.68 -22.98
C LEU X 171 11.66 -27.68 -22.83
N LEU X 172 12.75 -27.93 -23.52
CA LEU X 172 13.92 -27.09 -23.28
C LEU X 172 13.78 -25.73 -23.96
N PHE X 173 13.21 -25.68 -25.17
CA PHE X 173 12.80 -24.39 -25.72
C PHE X 173 11.98 -23.57 -24.70
N PHE X 174 10.99 -24.19 -24.09
CA PHE X 174 10.18 -23.42 -23.15
C PHE X 174 10.96 -22.86 -21.98
N GLN X 175 12.05 -23.57 -21.56
CA GLN X 175 12.91 -23.05 -20.50
C GLN X 175 13.72 -21.85 -20.96
N GLY X 176 14.41 -21.97 -22.10
CA GLY X 176 15.33 -20.93 -22.55
C GLY X 176 14.67 -19.69 -23.12
N PHE X 177 13.50 -19.85 -23.76
CA PHE X 177 12.82 -18.68 -24.31
C PHE X 177 11.72 -18.17 -23.42
N HIS X 178 10.94 -19.05 -22.77
CA HIS X 178 9.81 -18.59 -21.98
C HIS X 178 10.09 -18.58 -20.47
N ASN X 179 11.18 -19.17 -20.00
CA ASN X 179 11.41 -19.36 -18.55
C ASN X 179 10.17 -19.93 -17.86
N TRP X 180 9.58 -20.93 -18.51
CA TRP X 180 8.39 -21.60 -18.02
C TRP X 180 8.48 -22.07 -16.57
N THR X 181 9.69 -22.47 -16.05
CA THR X 181 9.76 -23.01 -14.69
C THR X 181 9.36 -21.96 -13.65
N LEU X 182 9.66 -20.71 -13.91
CA LEU X 182 9.34 -19.61 -13.01
C LEU X 182 7.86 -19.24 -12.99
N ASN X 183 6.95 -19.92 -13.84
CA ASN X 183 5.57 -19.44 -14.05
C ASN X 183 4.64 -20.01 -12.98
N PRO X 184 3.86 -19.17 -12.30
CA PRO X 184 3.01 -19.70 -11.20
C PRO X 184 2.05 -20.75 -11.66
N PHE X 185 1.65 -20.73 -12.94
CA PHE X 185 0.59 -21.60 -13.44
C PHE X 185 1.08 -23.01 -13.71
N HIS X 186 2.33 -23.14 -14.19
CA HIS X 186 3.04 -24.42 -14.23
C HIS X 186 3.31 -24.95 -12.82
N MET X 187 3.81 -24.10 -11.91
CA MET X 187 4.02 -24.55 -10.53
C MET X 187 2.77 -25.19 -9.96
N MET X 188 1.61 -24.55 -10.16
CA MET X 188 0.36 -25.19 -9.73
C MET X 188 0.15 -26.49 -10.49
N GLY X 189 0.45 -26.49 -11.78
CA GLY X 189 0.35 -27.73 -12.54
C GLY X 189 1.22 -28.82 -11.93
N VAL X 190 2.50 -28.49 -11.67
CA VAL X 190 3.44 -29.42 -11.04
C VAL X 190 2.86 -29.99 -9.75
N ALA X 191 2.49 -29.11 -8.81
CA ALA X 191 1.82 -29.54 -7.58
C ALA X 191 0.65 -30.48 -7.81
N GLY X 192 -0.23 -30.18 -8.77
CA GLY X 192 -1.36 -31.07 -9.01
C GLY X 192 -0.98 -32.46 -9.51
N VAL X 193 0.02 -32.54 -10.40
CA VAL X 193 0.41 -33.85 -10.94
C VAL X 193 1.12 -34.67 -9.86
N LEU X 194 2.12 -34.07 -9.21
CA LEU X 194 2.86 -34.82 -8.22
C LEU X 194 2.00 -35.08 -7.00
N GLY X 195 1.10 -34.15 -6.71
CA GLY X 195 0.10 -34.41 -5.69
C GLY X 195 -0.89 -35.49 -6.11
N GLY X 196 -1.24 -35.54 -7.39
CA GLY X 196 -2.02 -36.68 -7.85
C GLY X 196 -1.31 -38.00 -7.63
N ALA X 197 -0.04 -38.09 -8.02
CA ALA X 197 0.70 -39.34 -7.83
C ALA X 197 0.80 -39.70 -6.37
N LEU X 198 1.01 -38.69 -5.52
CA LEU X 198 1.02 -38.90 -4.09
C LEU X 198 -0.30 -39.52 -3.64
N LEU X 199 -1.39 -38.81 -3.88
CA LEU X 199 -2.71 -39.36 -3.56
C LEU X 199 -2.90 -40.77 -4.06
N CYS X 200 -2.43 -41.04 -5.29
CA CYS X 200 -2.63 -42.34 -5.90
C CYS X 200 -1.91 -43.42 -5.12
N ALA X 201 -0.64 -43.18 -4.80
CA ALA X 201 0.16 -44.17 -4.07
C ALA X 201 -0.32 -44.39 -2.64
N ILE X 202 -0.40 -43.30 -1.86
CA ILE X 202 -0.76 -43.35 -0.45
C ILE X 202 -2.15 -43.95 -0.22
N HIS X 203 -3.09 -43.75 -1.16
CA HIS X 203 -4.42 -44.29 -0.97
C HIS X 203 -4.45 -45.79 -1.24
N GLY X 204 -3.86 -46.20 -2.36
CA GLY X 204 -3.65 -47.62 -2.60
C GLY X 204 -2.96 -48.34 -1.47
N ALA X 205 -1.85 -47.77 -0.96
CA ALA X 205 -1.08 -48.45 0.11
C ALA X 205 -1.85 -48.47 1.41
N THR X 206 -2.56 -47.39 1.73
CA THR X 206 -3.42 -47.36 2.91
C THR X 206 -4.45 -48.47 2.84
N VAL X 207 -5.19 -48.54 1.74
CA VAL X 207 -6.21 -49.57 1.62
C VAL X 207 -5.58 -50.96 1.69
N GLU X 208 -4.43 -51.15 1.03
CA GLU X 208 -3.81 -52.47 1.03
C GLU X 208 -3.27 -52.87 2.40
N ASN X 209 -2.99 -51.91 3.27
CA ASN X 209 -2.45 -52.22 4.59
C ASN X 209 -3.44 -51.92 5.70
N THR X 210 -4.75 -51.87 5.38
CA THR X 210 -5.81 -51.81 6.37
C THR X 210 -6.89 -52.84 6.05
N LEU X 211 -6.63 -53.74 5.12
CA LEU X 211 -7.60 -54.74 4.76
C LEU X 211 -8.07 -55.47 6.00
N PHE X 212 -9.35 -55.82 6.01
CA PHE X 212 -9.84 -56.81 6.96
C PHE X 212 -9.45 -58.21 6.48
N GLN X 213 -9.35 -59.15 7.41
CA GLN X 213 -9.04 -60.53 7.05
C GLN X 213 -10.35 -61.24 6.75
N ASP X 214 -10.63 -61.41 5.45
CA ASP X 214 -11.91 -61.89 4.99
C ASP X 214 -11.82 -63.24 4.28
N GLY X 215 -10.62 -63.68 3.93
CA GLY X 215 -10.38 -65.05 3.54
C GLY X 215 -9.44 -65.71 4.53
N GLU X 216 -8.67 -66.72 4.07
CA GLU X 216 -7.73 -67.45 4.91
CA GLU X 216 -7.71 -67.40 4.93
C GLU X 216 -6.36 -67.63 4.26
N GLY X 217 -6.20 -67.34 2.96
CA GLY X 217 -4.92 -67.49 2.30
C GLY X 217 -4.04 -66.27 2.43
N ALA X 218 -2.78 -66.43 2.04
CA ALA X 218 -1.81 -65.34 2.17
C ALA X 218 -1.90 -64.34 1.02
N SER X 219 -2.23 -64.78 -0.18
CA SER X 219 -2.78 -63.85 -1.15
C SER X 219 -4.08 -63.32 -0.57
N THR X 220 -4.15 -62.00 -0.44
CA THR X 220 -5.34 -61.34 0.09
C THR X 220 -6.29 -60.89 -1.01
N PHE X 221 -5.94 -61.10 -2.29
CA PHE X 221 -6.77 -60.62 -3.37
C PHE X 221 -8.06 -61.43 -3.48
N ARG X 222 -8.01 -62.71 -3.15
CA ARG X 222 -9.14 -63.60 -3.24
C ARG X 222 -10.08 -63.52 -2.02
N ALA X 223 -9.99 -62.49 -1.17
CA ALA X 223 -11.02 -62.21 -0.17
C ALA X 223 -11.86 -60.96 -0.52
N PHE X 224 -12.08 -60.68 -1.80
CA PHE X 224 -12.97 -59.58 -2.18
C PHE X 224 -14.03 -60.03 -3.18
N ASN X 225 -15.28 -59.75 -2.84
CA ASN X 225 -16.43 -60.08 -3.66
C ASN X 225 -17.09 -58.79 -4.15
N PRO X 226 -17.08 -58.48 -5.46
CA PRO X 226 -17.54 -57.15 -5.91
C PRO X 226 -18.93 -56.79 -5.42
N THR X 227 -19.80 -57.76 -5.21
CA THR X 227 -21.15 -57.49 -4.72
C THR X 227 -21.28 -57.53 -3.21
N GLN X 228 -20.20 -57.74 -2.47
CA GLN X 228 -20.27 -57.70 -1.02
C GLN X 228 -20.70 -56.30 -0.54
N ALA X 229 -21.40 -56.26 0.57
CA ALA X 229 -21.88 -54.98 1.12
C ALA X 229 -20.85 -54.30 2.00
N GLU X 230 -19.89 -55.04 2.51
CA GLU X 230 -19.03 -54.54 3.58
C GLU X 230 -17.78 -53.96 2.97
N GLU X 231 -17.35 -52.81 3.50
CA GLU X 231 -16.05 -52.28 3.17
C GLU X 231 -15.01 -53.37 3.33
N THR X 232 -14.06 -53.38 2.40
CA THR X 232 -13.02 -54.38 2.42
C THR X 232 -11.84 -54.02 3.32
N TYR X 233 -11.58 -52.74 3.57
CA TYR X 233 -10.62 -52.29 4.56
C TYR X 233 -11.30 -51.44 5.61
N SER X 234 -10.48 -51.00 6.58
CA SER X 234 -10.98 -50.35 7.78
C SER X 234 -10.71 -48.87 7.67
N MET X 235 -11.77 -48.08 7.49
CA MET X 235 -11.62 -46.63 7.49
C MET X 235 -11.20 -46.14 8.87
N VAL X 236 -11.71 -46.81 9.91
CA VAL X 236 -11.49 -46.37 11.27
C VAL X 236 -10.02 -46.50 11.64
N THR X 237 -9.40 -47.64 11.33
CA THR X 237 -7.97 -47.81 11.63
C THR X 237 -7.10 -46.97 10.70
N ALA X 238 -7.50 -46.78 9.44
CA ALA X 238 -6.70 -45.91 8.58
C ALA X 238 -6.66 -44.50 9.13
N ASN X 239 -7.82 -43.94 9.53
CA ASN X 239 -7.88 -42.62 10.14
C ASN X 239 -6.92 -42.52 11.33
N ARG X 240 -7.06 -43.41 12.33
CA ARG X 240 -6.17 -43.35 13.49
C ARG X 240 -4.69 -43.42 13.12
N PHE X 241 -4.35 -44.26 12.16
CA PHE X 241 -2.96 -44.36 11.73
C PHE X 241 -2.45 -43.02 11.24
N TRP X 242 -3.17 -42.39 10.29
CA TRP X 242 -2.65 -41.16 9.73
C TRP X 242 -2.88 -39.98 10.65
N SER X 243 -3.91 -40.01 11.49
CA SER X 243 -4.03 -38.96 12.50
C SER X 243 -2.77 -38.90 13.35
N GLN X 244 -2.27 -40.07 13.81
CA GLN X 244 -1.13 -40.09 14.72
C GLN X 244 0.20 -40.07 14.00
N ILE X 245 0.25 -40.43 12.71
CA ILE X 245 1.50 -40.35 11.98
C ILE X 245 1.75 -38.94 11.46
N PHE X 246 0.71 -38.32 10.88
CA PHE X 246 0.79 -37.12 10.08
C PHE X 246 0.03 -35.97 10.72
N GLY X 247 -0.76 -36.25 11.75
CA GLY X 247 -1.49 -35.24 12.48
C GLY X 247 -2.94 -35.10 12.01
N ILE X 248 -3.19 -35.39 10.75
CA ILE X 248 -4.54 -35.39 10.21
C ILE X 248 -4.71 -36.64 9.38
N ALA X 249 -5.97 -36.87 9.00
CA ALA X 249 -6.37 -38.05 8.24
C ALA X 249 -7.73 -37.76 7.62
N PHE X 250 -8.06 -38.50 6.57
CA PHE X 250 -9.41 -38.47 6.05
C PHE X 250 -10.34 -39.17 7.02
N SER X 251 -11.56 -38.66 7.11
CA SER X 251 -12.64 -39.31 7.81
C SER X 251 -13.81 -39.64 6.90
N ASN X 252 -13.97 -38.91 5.79
CA ASN X 252 -15.11 -39.06 4.89
C ASN X 252 -14.62 -39.65 3.57
N LYS X 253 -15.20 -40.78 3.18
CA LYS X 253 -14.74 -41.53 2.02
C LYS X 253 -15.15 -40.87 0.70
N ARG X 254 -16.29 -40.19 0.70
CA ARG X 254 -16.71 -39.52 -0.51
C ARG X 254 -15.80 -38.34 -0.79
N TRP X 255 -15.59 -37.49 0.23
CA TRP X 255 -14.73 -36.35 0.05
C TRP X 255 -13.35 -36.78 -0.40
N LEU X 256 -12.89 -37.94 0.11
CA LEU X 256 -11.55 -38.45 -0.18
C LEU X 256 -11.37 -38.77 -1.66
N HIS X 257 -12.33 -39.48 -2.26
CA HIS X 257 -12.31 -39.73 -3.71
C HIS X 257 -12.72 -38.50 -4.53
N PHE X 258 -13.54 -37.60 -3.96
CA PHE X 258 -13.76 -36.39 -4.72
C PHE X 258 -12.48 -35.54 -4.76
N PHE X 259 -11.75 -35.47 -3.64
CA PHE X 259 -10.52 -34.70 -3.61
C PHE X 259 -9.52 -35.27 -4.63
N MET X 260 -9.56 -36.58 -4.82
CA MET X 260 -8.66 -37.25 -5.75
C MET X 260 -8.91 -36.84 -7.19
N LEU X 261 -10.16 -36.72 -7.59
CA LEU X 261 -10.47 -36.11 -8.89
C LEU X 261 -9.95 -34.66 -8.95
N PHE X 262 -10.33 -33.87 -7.95
CA PHE X 262 -10.07 -32.45 -7.96
C PHE X 262 -8.62 -32.12 -8.22
N VAL X 263 -7.70 -32.74 -7.41
CA VAL X 263 -6.31 -32.26 -7.36
C VAL X 263 -5.60 -32.36 -8.72
N PRO X 264 -5.54 -33.49 -9.37
CA PRO X 264 -4.86 -33.49 -10.68
C PRO X 264 -5.66 -32.78 -11.78
N VAL X 265 -7.00 -32.91 -11.78
CA VAL X 265 -7.77 -32.23 -12.82
C VAL X 265 -7.53 -30.72 -12.74
N THR X 266 -7.41 -30.18 -11.54
CA THR X 266 -7.18 -28.73 -11.42
C THR X 266 -5.75 -28.34 -11.75
N GLY X 267 -4.76 -29.19 -11.44
CA GLY X 267 -3.41 -28.87 -11.85
C GLY X 267 -3.30 -28.68 -13.35
N LEU X 268 -3.86 -29.64 -14.12
CA LEU X 268 -3.73 -29.55 -15.56
C LEU X 268 -4.41 -28.30 -16.09
N TRP X 269 -5.54 -27.91 -15.51
CA TRP X 269 -6.26 -26.72 -15.95
C TRP X 269 -5.42 -25.48 -15.71
N MET X 270 -4.64 -25.47 -14.64
CA MET X 270 -3.88 -24.28 -14.35
C MET X 270 -2.76 -24.12 -15.34
N SER X 271 -2.04 -25.22 -15.62
CA SER X 271 -0.95 -25.20 -16.60
C SER X 271 -1.44 -24.77 -17.99
N ALA X 272 -2.63 -25.24 -18.39
CA ALA X 272 -3.27 -24.79 -19.63
C ALA X 272 -3.33 -23.28 -19.68
N ILE X 273 -3.78 -22.67 -18.60
CA ILE X 273 -3.95 -21.22 -18.59
C ILE X 273 -2.62 -20.54 -18.85
N GLY X 274 -1.59 -20.87 -18.06
CA GLY X 274 -0.30 -20.23 -18.29
C GLY X 274 0.20 -20.38 -19.71
N VAL X 275 -0.01 -21.56 -20.31
CA VAL X 275 0.41 -21.76 -21.70
C VAL X 275 -0.37 -20.81 -22.62
N VAL X 276 -1.65 -20.58 -22.34
CA VAL X 276 -2.38 -19.56 -23.12
C VAL X 276 -1.61 -18.25 -23.04
N GLY X 277 -1.16 -17.90 -21.85
CA GLY X 277 -0.32 -16.71 -21.73
C GLY X 277 0.90 -16.74 -22.62
N LEU X 278 1.63 -17.88 -22.64
CA LEU X 278 2.83 -18.06 -23.46
C LEU X 278 2.53 -18.04 -24.95
N ALA X 279 1.30 -18.30 -25.36
CA ALA X 279 0.97 -18.05 -26.76
C ALA X 279 1.30 -16.64 -27.17
N LEU X 280 1.43 -15.74 -26.21
CA LEU X 280 1.54 -14.31 -26.47
C LEU X 280 2.92 -13.81 -26.10
N ASN X 281 3.83 -14.71 -25.72
CA ASN X 281 5.04 -14.32 -25.01
C ASN X 281 4.71 -13.54 -23.75
N LEU X 282 3.52 -13.78 -23.18
CA LEU X 282 3.17 -13.23 -21.88
C LEU X 282 3.73 -14.13 -20.77
N ARG X 283 5.04 -14.02 -20.59
CA ARG X 283 5.81 -14.89 -19.72
C ARG X 283 5.84 -14.32 -18.32
N SER X 284 6.15 -15.18 -17.35
CA SER X 284 6.76 -14.70 -16.10
C SER X 284 8.24 -15.06 -16.22
N TYR X 285 9.01 -14.15 -16.81
CA TYR X 285 10.40 -14.36 -17.17
C TYR X 285 11.34 -13.75 -16.15
N ASP X 286 11.07 -12.52 -15.74
CA ASP X 286 11.91 -11.71 -14.88
C ASP X 286 11.18 -11.30 -13.61
N PHE X 287 12.01 -10.90 -12.68
CA PHE X 287 11.63 -10.15 -11.51
C PHE X 287 12.33 -8.81 -11.67
N ILE X 288 11.55 -7.73 -11.74
CA ILE X 288 12.14 -6.45 -12.06
C ILE X 288 13.06 -6.02 -10.94
N SER X 289 12.59 -6.18 -9.71
CA SER X 289 13.39 -5.75 -8.56
C SER X 289 14.78 -6.39 -8.58
N GLN X 290 14.90 -7.69 -8.92
CA GLN X 290 16.23 -8.32 -8.94
C GLN X 290 17.12 -7.82 -10.08
N GLU X 291 16.53 -7.53 -11.27
CA GLU X 291 17.32 -7.04 -12.39
C GLU X 291 17.89 -5.66 -12.14
N ILE X 292 17.06 -4.73 -11.62
CA ILE X 292 17.51 -3.40 -11.24
C ILE X 292 18.70 -3.46 -10.27
N ARG X 293 18.59 -4.30 -9.25
CA ARG X 293 19.69 -4.47 -8.31
C ARG X 293 20.90 -5.06 -9.00
N ALA X 294 20.71 -6.18 -9.71
CA ALA X 294 21.80 -6.86 -10.40
C ALA X 294 22.58 -5.93 -11.29
N ALA X 295 21.86 -5.04 -11.97
CA ALA X 295 22.44 -4.17 -12.97
C ALA X 295 23.35 -3.17 -12.34
N GLU X 296 23.10 -2.86 -11.06
CA GLU X 296 23.83 -1.84 -10.32
C GLU X 296 24.90 -2.43 -9.40
N ASP X 297 24.74 -3.68 -8.99
CA ASP X 297 25.61 -4.30 -8.00
C ASP X 297 26.17 -5.58 -8.59
N PRO X 298 27.39 -5.55 -9.10
CA PRO X 298 27.96 -6.77 -9.68
C PRO X 298 28.26 -7.89 -8.67
N GLU X 299 28.07 -7.66 -7.37
CA GLU X 299 28.27 -8.70 -6.35
C GLU X 299 26.95 -9.34 -5.92
N PHE X 300 25.85 -8.94 -6.53
CA PHE X 300 24.55 -9.51 -6.24
C PHE X 300 24.32 -10.66 -7.20
N GLU X 301 24.27 -11.85 -6.67
CA GLU X 301 24.00 -13.06 -7.44
C GLU X 301 22.93 -13.87 -6.72
N THR X 302 22.07 -14.53 -7.48
CA THR X 302 21.10 -15.41 -6.88
C THR X 302 20.89 -16.58 -7.82
N PHE X 303 20.16 -17.58 -7.38
CA PHE X 303 19.88 -18.66 -8.30
C PHE X 303 18.99 -18.21 -9.46
N TYR X 304 18.26 -17.09 -9.29
CA TYR X 304 17.45 -16.55 -10.40
C TYR X 304 18.34 -16.01 -11.53
N THR X 305 19.38 -15.26 -11.20
CA THR X 305 20.31 -14.75 -12.20
C THR X 305 21.13 -15.87 -12.83
N LYS X 306 21.65 -16.82 -12.02
CA LYS X 306 22.29 -18.02 -12.58
C LYS X 306 21.43 -18.66 -13.65
N ASN X 307 20.12 -18.80 -13.39
CA ASN X 307 19.26 -19.51 -14.33
C ASN X 307 19.07 -18.72 -15.62
N LEU X 308 19.08 -17.40 -15.53
CA LEU X 308 18.87 -16.58 -16.70
C LEU X 308 20.04 -16.74 -17.66
N LEU X 309 21.26 -16.65 -17.15
CA LEU X 309 22.48 -16.96 -17.93
C LEU X 309 22.41 -18.33 -18.63
N LEU X 310 21.87 -19.35 -17.95
CA LEU X 310 21.61 -20.61 -18.61
C LEU X 310 20.62 -20.43 -19.74
N ASN X 311 19.53 -19.71 -19.47
CA ASN X 311 18.52 -19.48 -20.52
C ASN X 311 19.18 -18.85 -21.74
N GLU X 312 20.06 -17.88 -21.49
CA GLU X 312 20.70 -17.14 -22.57
C GLU X 312 21.55 -18.07 -23.44
N GLY X 313 22.35 -18.95 -22.80
CA GLY X 313 23.12 -19.94 -23.55
C GLY X 313 22.28 -20.88 -24.37
N ILE X 314 21.13 -21.34 -23.84
CA ILE X 314 20.23 -22.19 -24.61
C ILE X 314 19.78 -21.48 -25.88
N ARG X 315 19.30 -20.23 -25.75
CA ARG X 315 18.73 -19.52 -26.89
C ARG X 315 19.72 -19.43 -28.02
N ALA X 316 20.96 -19.10 -27.71
CA ALA X 316 21.92 -18.78 -28.75
C ALA X 316 22.61 -20.00 -29.33
N TRP X 317 22.78 -21.06 -28.55
CA TRP X 317 23.42 -22.26 -29.04
C TRP X 317 22.46 -23.13 -29.81
N MET X 318 21.17 -22.99 -29.54
CA MET X 318 20.19 -23.85 -30.18
C MET X 318 19.37 -23.19 -31.30
N ALA X 319 19.24 -21.87 -31.36
CA ALA X 319 18.25 -21.29 -32.30
C ALA X 319 18.60 -21.51 -33.77
N PRO X 320 19.86 -21.37 -34.14
CA PRO X 320 20.21 -21.47 -35.57
C PRO X 320 19.79 -22.79 -36.18
N GLN X 321 19.97 -23.89 -35.43
CA GLN X 321 19.51 -25.19 -35.90
C GLN X 321 18.03 -25.38 -35.63
N ASP X 322 17.51 -24.74 -34.59
CA ASP X 322 16.15 -25.02 -34.18
C ASP X 322 15.15 -24.32 -35.09
N GLN X 323 15.51 -23.14 -35.57
CA GLN X 323 14.67 -22.29 -36.44
C GLN X 323 15.51 -22.01 -37.68
N PRO X 324 15.72 -23.02 -38.50
CA PRO X 324 16.58 -22.84 -39.66
C PRO X 324 16.09 -21.77 -40.60
N HIS X 325 14.80 -21.47 -40.56
CA HIS X 325 14.25 -20.53 -41.53
C HIS X 325 14.70 -19.11 -41.29
N GLU X 326 15.15 -18.79 -40.07
CA GLU X 326 15.61 -17.44 -39.80
C GLU X 326 16.98 -17.15 -40.39
N ASN X 327 17.71 -18.14 -40.89
CA ASN X 327 19.07 -17.95 -41.42
C ASN X 327 19.98 -17.27 -40.40
N PHE X 328 19.83 -17.67 -39.12
CA PHE X 328 20.66 -17.15 -38.04
C PHE X 328 22.12 -17.55 -38.25
N VAL X 329 23.02 -16.57 -38.36
CA VAL X 329 24.46 -16.81 -38.42
C VAL X 329 25.11 -16.13 -37.22
N PHE X 330 25.55 -16.94 -36.25
CA PHE X 330 26.25 -16.40 -35.08
C PHE X 330 27.73 -16.74 -35.16
N PRO X 331 28.63 -15.79 -35.38
CA PRO X 331 30.05 -16.14 -35.35
C PRO X 331 30.41 -16.66 -33.98
N GLU X 332 31.45 -17.50 -33.95
CA GLU X 332 32.00 -18.05 -32.73
C GLU X 332 32.05 -16.98 -31.66
N GLU X 333 32.56 -15.81 -32.03
CA GLU X 333 32.88 -14.74 -31.10
C GLU X 333 31.66 -14.07 -30.44
N VAL X 334 30.43 -14.25 -30.91
CA VAL X 334 29.30 -13.68 -30.19
C VAL X 334 28.68 -14.71 -29.26
N LEU X 335 28.90 -15.99 -29.50
CA LEU X 335 28.36 -17.04 -28.65
C LEU X 335 28.74 -16.79 -27.19
N PRO X 336 27.78 -16.67 -26.31
CA PRO X 336 28.14 -16.53 -24.90
C PRO X 336 28.63 -17.85 -24.35
N ARG X 337 29.70 -17.79 -23.55
CA ARG X 337 30.40 -18.94 -22.94
C ARG X 337 31.13 -18.46 -21.70
N GLY X 338 31.08 -19.25 -20.64
CA GLY X 338 31.91 -18.99 -19.49
C GLY X 338 33.37 -19.31 -19.81
N ASN X 339 34.18 -19.34 -18.76
CA ASN X 339 35.60 -19.70 -18.90
C ASN X 339 35.78 -21.14 -19.36
N ALA X 340 36.68 -21.35 -20.31
CA ALA X 340 37.18 -22.69 -20.68
C ALA X 340 36.19 -23.57 -21.44
N LEU X 341 34.97 -23.69 -20.95
CA LEU X 341 33.98 -24.53 -21.63
C LEU X 341 33.50 -23.84 -22.92
N GLY Y 1 -20.57 -60.94 -17.43
CA GLY Y 1 -21.27 -61.84 -18.34
C GLY Y 1 -20.64 -61.84 -19.70
N THR Y 2 -21.35 -62.36 -20.71
CA THR Y 2 -20.82 -62.47 -22.07
C THR Y 2 -21.72 -61.74 -23.06
N THR Y 3 -21.16 -60.74 -23.75
CA THR Y 3 -21.92 -60.08 -24.80
C THR Y 3 -22.29 -61.06 -25.91
N GLY Y 4 -21.48 -62.09 -26.13
CA GLY Y 4 -21.86 -63.20 -26.99
C GLY Y 4 -20.90 -63.56 -28.10
N GLU Y 5 -19.73 -62.94 -28.13
CA GLU Y 5 -18.73 -63.25 -29.14
C GLU Y 5 -17.99 -64.55 -28.79
N ARG Y 6 -17.15 -65.00 -29.73
CA ARG Y 6 -16.35 -66.20 -29.50
C ARG Y 6 -15.14 -65.84 -28.63
N PRO Y 7 -14.92 -66.54 -27.53
CA PRO Y 7 -13.77 -66.23 -26.67
C PRO Y 7 -12.44 -66.37 -27.39
N PHE Y 8 -11.49 -65.53 -26.98
CA PHE Y 8 -10.19 -65.50 -27.65
C PHE Y 8 -9.37 -66.76 -27.36
N SER Y 9 -9.42 -67.27 -26.12
CA SER Y 9 -8.74 -68.54 -25.84
C SER Y 9 -9.19 -69.62 -26.80
N ASP Y 10 -10.49 -69.65 -27.09
CA ASP Y 10 -11.09 -70.67 -27.94
C ASP Y 10 -10.66 -70.51 -29.38
N ILE Y 11 -10.35 -69.29 -29.83
CA ILE Y 11 -10.04 -69.06 -31.23
C ILE Y 11 -8.58 -69.38 -31.51
N ILE Y 12 -7.67 -68.72 -30.78
CA ILE Y 12 -6.25 -68.82 -31.14
C ILE Y 12 -5.65 -70.17 -30.76
N THR Y 13 -6.37 -70.96 -29.99
CA THR Y 13 -6.03 -72.37 -29.86
C THR Y 13 -6.63 -73.19 -31.00
N SER Y 14 -7.78 -72.77 -31.54
CA SER Y 14 -8.40 -73.52 -32.62
C SER Y 14 -7.42 -73.64 -33.77
N VAL Y 15 -7.44 -74.81 -34.42
CA VAL Y 15 -6.61 -75.01 -35.59
C VAL Y 15 -7.07 -74.10 -36.73
N ARG Y 16 -8.37 -74.08 -37.01
CA ARG Y 16 -8.88 -73.26 -38.10
C ARG Y 16 -8.18 -71.91 -38.09
N TYR Y 17 -8.19 -71.29 -36.92
CA TYR Y 17 -7.49 -70.03 -36.73
C TYR Y 17 -6.11 -70.05 -37.38
N TRP Y 18 -5.24 -70.95 -36.92
CA TRP Y 18 -3.86 -70.91 -37.40
C TRP Y 18 -3.74 -71.36 -38.85
N VAL Y 19 -4.63 -72.21 -39.35
CA VAL Y 19 -4.64 -72.52 -40.78
C VAL Y 19 -4.65 -71.23 -41.57
N ILE Y 20 -5.59 -70.33 -41.23
CA ILE Y 20 -5.75 -69.07 -41.95
C ILE Y 20 -4.58 -68.15 -41.66
N HIS Y 21 -4.12 -68.10 -40.42
CA HIS Y 21 -3.18 -67.07 -40.01
C HIS Y 21 -1.72 -67.50 -40.13
N SER Y 22 -1.47 -68.80 -40.25
CA SER Y 22 -0.18 -69.25 -40.73
C SER Y 22 0.21 -68.57 -42.05
N ILE Y 23 -0.77 -68.30 -42.91
CA ILE Y 23 -0.47 -67.71 -44.21
C ILE Y 23 -0.53 -66.18 -44.17
N THR Y 24 -1.54 -65.62 -43.50
CA THR Y 24 -1.88 -64.20 -43.66
C THR Y 24 -0.85 -63.31 -43.01
N ILE Y 25 -0.46 -63.63 -41.78
CA ILE Y 25 0.58 -62.89 -41.08
C ILE Y 25 1.80 -62.86 -42.00
N PRO Y 26 2.53 -63.97 -42.20
CA PRO Y 26 3.81 -63.83 -42.92
C PRO Y 26 3.62 -63.21 -44.28
N ALA Y 27 2.45 -63.41 -44.89
CA ALA Y 27 2.17 -62.73 -46.16
C ALA Y 27 2.26 -61.22 -46.00
N LEU Y 28 1.62 -60.69 -44.95
CA LEU Y 28 1.63 -59.25 -44.67
C LEU Y 28 3.03 -58.76 -44.36
N PHE Y 29 3.70 -59.44 -43.44
CA PHE Y 29 5.09 -59.15 -43.18
C PHE Y 29 5.87 -58.95 -44.45
N ILE Y 30 5.87 -59.94 -45.35
CA ILE Y 30 6.70 -59.83 -46.54
C ILE Y 30 6.25 -58.68 -47.41
N ALA Y 31 4.94 -58.51 -47.59
CA ALA Y 31 4.43 -57.37 -48.36
C ALA Y 31 5.03 -56.06 -47.85
N GLY Y 32 5.08 -55.90 -46.52
CA GLY Y 32 5.69 -54.72 -45.93
C GLY Y 32 7.20 -54.70 -46.07
N TRP Y 33 7.82 -55.88 -45.99
CA TRP Y 33 9.21 -55.99 -46.43
C TRP Y 33 9.36 -55.53 -47.87
N LEU Y 34 8.54 -56.09 -48.76
CA LEU Y 34 8.65 -55.73 -50.18
C LEU Y 34 8.34 -54.26 -50.41
N PHE Y 35 7.46 -53.69 -49.59
CA PHE Y 35 7.16 -52.27 -49.74
C PHE Y 35 8.39 -51.41 -49.56
N VAL Y 36 9.31 -51.80 -48.67
CA VAL Y 36 10.57 -51.07 -48.47
C VAL Y 36 11.68 -51.61 -49.37
N SER Y 37 11.77 -52.93 -49.54
CA SER Y 37 12.86 -53.49 -50.36
C SER Y 37 12.75 -53.04 -51.82
N THR Y 38 11.54 -52.93 -52.35
CA THR Y 38 11.36 -52.36 -53.68
C THR Y 38 11.84 -50.91 -53.78
N GLY Y 39 12.06 -50.22 -52.66
CA GLY Y 39 12.36 -48.79 -52.67
C GLY Y 39 11.16 -47.93 -52.92
N LEU Y 40 9.99 -48.50 -52.79
CA LEU Y 40 8.77 -47.83 -53.22
C LEU Y 40 8.26 -46.86 -52.15
N ALA Y 41 8.50 -47.18 -50.87
CA ALA Y 41 8.20 -46.27 -49.78
C ALA Y 41 8.86 -44.92 -49.96
N TYR Y 42 10.03 -44.90 -50.61
CA TYR Y 42 10.72 -43.62 -50.79
C TYR Y 42 9.93 -42.68 -51.71
N ASP Y 43 9.36 -43.18 -52.79
CA ASP Y 43 8.73 -42.26 -53.74
C ASP Y 43 7.28 -41.97 -53.39
N VAL Y 44 6.56 -42.92 -52.78
CA VAL Y 44 5.23 -42.64 -52.25
C VAL Y 44 5.27 -41.43 -51.31
N PHE Y 45 6.12 -41.49 -50.27
CA PHE Y 45 6.09 -40.50 -49.21
C PHE Y 45 7.08 -39.36 -49.43
N GLY Y 46 8.01 -39.48 -50.35
CA GLY Y 46 8.93 -38.39 -50.63
C GLY Y 46 10.17 -38.36 -49.78
N THR Y 47 10.45 -39.43 -49.08
CA THR Y 47 11.59 -39.48 -48.17
C THR Y 47 12.89 -39.61 -48.96
N PRO Y 48 13.90 -38.78 -48.67
CA PRO Y 48 15.21 -38.99 -49.29
C PRO Y 48 15.85 -40.34 -48.96
N ARG Y 49 16.51 -40.91 -49.97
CA ARG Y 49 17.50 -41.97 -49.85
C ARG Y 49 18.85 -41.37 -49.42
N PRO Y 50 19.77 -42.19 -48.91
CA PRO Y 50 21.03 -41.65 -48.40
C PRO Y 50 21.82 -40.80 -49.40
N ASP Y 51 21.55 -40.92 -50.70
CA ASP Y 51 22.24 -40.05 -51.67
C ASP Y 51 21.37 -38.91 -52.18
N SER Y 52 20.26 -38.61 -51.53
CA SER Y 52 19.36 -37.59 -52.02
C SER Y 52 19.02 -36.50 -51.00
N TYR Y 53 19.76 -36.41 -49.89
CA TYR Y 53 19.59 -35.30 -48.95
C TYR Y 53 20.22 -34.02 -49.50
N TYR Y 54 21.41 -34.15 -50.08
CA TYR Y 54 22.12 -33.01 -50.59
C TYR Y 54 22.60 -33.32 -52.02
N ALA Y 55 22.87 -32.28 -52.78
CA ALA Y 55 23.65 -32.45 -53.99
C ALA Y 55 25.12 -32.62 -53.61
N GLN Y 56 25.91 -33.10 -54.56
CA GLN Y 56 27.24 -33.56 -54.21
C GLN Y 56 28.03 -32.51 -53.43
N GLU Y 57 27.91 -31.24 -53.81
CA GLU Y 57 28.80 -30.20 -53.29
C GLU Y 57 28.09 -29.21 -52.37
N GLN Y 58 26.88 -29.51 -51.92
CA GLN Y 58 26.12 -28.58 -51.09
C GLN Y 58 26.07 -29.07 -49.65
N ARG Y 59 26.00 -28.11 -48.73
CA ARG Y 59 25.77 -28.41 -47.33
C ARG Y 59 24.69 -27.52 -46.71
N SER Y 60 23.92 -26.82 -47.54
CA SER Y 60 22.72 -26.15 -47.08
C SER Y 60 21.51 -27.05 -47.31
N ILE Y 61 20.48 -26.80 -46.51
CA ILE Y 61 19.26 -27.62 -46.54
C ILE Y 61 18.27 -27.02 -47.54
N PRO Y 62 17.47 -27.85 -48.21
CA PRO Y 62 16.32 -27.36 -49.01
C PRO Y 62 15.11 -27.01 -48.13
N LEU Y 63 15.25 -25.96 -47.35
CA LEU Y 63 14.15 -25.51 -46.51
C LEU Y 63 13.11 -24.78 -47.35
N VAL Y 64 11.86 -25.24 -47.27
CA VAL Y 64 10.75 -24.59 -47.96
C VAL Y 64 10.51 -23.21 -47.35
N THR Y 65 10.37 -22.19 -48.22
CA THR Y 65 10.25 -20.82 -47.76
C THR Y 65 9.05 -20.07 -48.31
N ASP Y 66 8.23 -20.67 -49.16
CA ASP Y 66 7.07 -19.93 -49.63
C ASP Y 66 5.81 -20.77 -49.56
N ARG Y 67 4.72 -20.13 -49.13
CA ARG Y 67 3.54 -20.89 -48.76
C ARG Y 67 2.89 -21.52 -49.98
N PHE Y 68 2.71 -20.75 -51.05
CA PHE Y 68 1.97 -21.18 -52.22
C PHE Y 68 2.86 -21.68 -53.33
N GLU Y 69 4.06 -21.11 -53.46
CA GLU Y 69 5.13 -21.62 -54.29
C GLU Y 69 5.85 -22.81 -53.66
N ALA Y 70 5.23 -23.44 -52.64
CA ALA Y 70 5.92 -24.45 -51.84
C ALA Y 70 6.09 -25.75 -52.63
N LYS Y 71 5.04 -26.20 -53.31
CA LYS Y 71 5.16 -27.35 -54.19
C LYS Y 71 6.27 -27.15 -55.23
N GLN Y 72 6.32 -25.97 -55.84
CA GLN Y 72 7.36 -25.70 -56.83
C GLN Y 72 8.74 -25.72 -56.22
N GLN Y 73 8.90 -25.06 -55.07
CA GLN Y 73 10.21 -25.01 -54.42
C GLN Y 73 10.80 -26.41 -54.25
N VAL Y 74 9.99 -27.38 -53.85
CA VAL Y 74 10.47 -28.73 -53.61
C VAL Y 74 10.88 -29.40 -54.92
N GLU Y 75 10.05 -29.26 -55.95
CA GLU Y 75 10.37 -29.81 -57.27
C GLU Y 75 11.67 -29.24 -57.81
N THR Y 76 11.81 -27.91 -57.83
CA THR Y 76 13.06 -27.33 -58.32
C THR Y 76 14.26 -27.79 -57.50
N PHE Y 77 14.07 -28.21 -56.24
CA PHE Y 77 15.18 -28.70 -55.43
C PHE Y 77 15.54 -30.14 -55.78
N LEU Y 78 14.56 -30.95 -56.18
CA LEU Y 78 14.85 -32.30 -56.64
C LEU Y 78 15.45 -32.33 -58.04
N GLU Y 79 15.45 -31.21 -58.77
CA GLU Y 79 16.14 -31.19 -60.05
C GLU Y 79 17.62 -30.90 -59.86
N GLN Y 80 17.97 -30.09 -58.85
CA GLN Y 80 19.36 -29.72 -58.67
C GLN Y 80 20.20 -30.88 -58.14
N LEU Y 81 19.59 -32.06 -58.04
CA LEU Y 81 20.22 -33.28 -57.54
C LEU Y 81 20.85 -34.12 -58.65
N LYS Y 82 20.40 -33.91 -59.88
CA LYS Y 82 20.93 -34.66 -61.02
C LYS Y 82 22.08 -33.89 -61.62
N SER Z 1 -21.85 -71.91 -31.93
CA SER Z 1 -22.72 -71.07 -32.76
C SER Z 1 -22.48 -69.58 -32.53
N TYR Z 2 -21.21 -69.16 -32.63
CA TYR Z 2 -20.93 -67.74 -32.66
C TYR Z 2 -20.92 -67.24 -34.10
N PRO Z 3 -20.99 -65.93 -34.29
CA PRO Z 3 -20.59 -65.36 -35.58
C PRO Z 3 -19.08 -65.32 -35.70
N ILE Z 4 -18.60 -65.20 -36.93
CA ILE Z 4 -17.17 -65.01 -37.17
C ILE Z 4 -16.85 -63.59 -37.61
N PHE Z 5 -17.77 -62.90 -38.30
CA PHE Z 5 -17.58 -61.51 -38.69
C PHE Z 5 -18.46 -60.68 -37.78
N THR Z 6 -17.85 -60.08 -36.78
CA THR Z 6 -18.51 -59.16 -35.90
C THR Z 6 -17.81 -57.81 -36.00
N VAL Z 7 -18.36 -56.87 -35.24
CA VAL Z 7 -17.76 -55.55 -35.07
C VAL Z 7 -16.39 -55.67 -34.44
N ARG Z 8 -16.31 -56.39 -33.31
CA ARG Z 8 -15.04 -56.75 -32.70
C ARG Z 8 -14.05 -57.22 -33.76
N TRP Z 9 -14.45 -58.23 -34.53
CA TRP Z 9 -13.64 -58.68 -35.66
C TRP Z 9 -13.03 -57.50 -36.42
N VAL Z 10 -13.87 -56.58 -36.88
CA VAL Z 10 -13.36 -55.48 -37.70
C VAL Z 10 -12.34 -54.68 -36.92
N ALA Z 11 -12.56 -54.51 -35.62
CA ALA Z 11 -11.69 -53.66 -34.82
C ALA Z 11 -10.29 -54.23 -34.77
N VAL Z 12 -10.17 -55.52 -34.48
CA VAL Z 12 -8.86 -56.13 -34.35
C VAL Z 12 -8.10 -56.06 -35.67
N HIS Z 13 -8.79 -56.25 -36.80
CA HIS Z 13 -8.07 -56.28 -38.07
C HIS Z 13 -7.74 -54.88 -38.57
N THR Z 14 -8.53 -53.87 -38.22
CA THR Z 14 -8.15 -52.51 -38.60
C THR Z 14 -6.75 -52.20 -38.09
N LEU Z 15 -6.42 -52.71 -36.92
CA LEU Z 15 -5.13 -52.47 -36.29
C LEU Z 15 -4.12 -53.53 -36.69
N ALA Z 16 -4.50 -54.80 -36.54
CA ALA Z 16 -3.56 -55.90 -36.60
C ALA Z 16 -2.96 -56.11 -38.00
N VAL Z 17 -3.59 -55.70 -39.08
CA VAL Z 17 -2.96 -56.02 -40.37
C VAL Z 17 -1.97 -54.93 -40.73
N PRO Z 18 -2.25 -53.64 -40.55
CA PRO Z 18 -1.20 -52.66 -40.83
C PRO Z 18 -0.01 -52.87 -39.92
N THR Z 19 -0.24 -53.40 -38.71
CA THR Z 19 0.86 -53.62 -37.77
C THR Z 19 1.87 -54.62 -38.33
N ILE Z 20 1.40 -55.80 -38.71
CA ILE Z 20 2.32 -56.80 -39.26
C ILE Z 20 3.01 -56.24 -40.48
N PHE Z 21 2.22 -55.62 -41.36
CA PHE Z 21 2.77 -54.99 -42.56
C PHE Z 21 3.85 -53.98 -42.22
N PHE Z 22 3.55 -53.09 -41.29
CA PHE Z 22 4.53 -52.11 -40.85
C PHE Z 22 5.77 -52.79 -40.30
N LEU Z 23 5.60 -53.93 -39.62
CA LEU Z 23 6.73 -54.61 -38.98
C LEU Z 23 7.71 -55.20 -39.99
N GLY Z 24 7.20 -55.80 -41.07
CA GLY Z 24 8.11 -56.29 -42.10
C GLY Z 24 8.88 -55.16 -42.75
N ALA Z 25 8.18 -54.06 -43.00
CA ALA Z 25 8.81 -52.84 -43.49
C ALA Z 25 9.96 -52.43 -42.59
N ILE Z 26 9.71 -52.40 -41.27
CA ILE Z 26 10.73 -52.00 -40.32
C ILE Z 26 11.86 -53.04 -40.25
N ALA Z 27 11.55 -54.32 -40.43
CA ALA Z 27 12.61 -55.33 -40.55
C ALA Z 27 13.52 -55.02 -41.73
N ALA Z 28 12.94 -54.93 -42.93
CA ALA Z 28 13.74 -54.64 -44.11
C ALA Z 28 14.61 -53.43 -43.90
N MET Z 29 14.17 -52.50 -43.05
CA MET Z 29 14.95 -51.28 -42.89
C MET Z 29 16.28 -51.53 -42.21
N GLN Z 30 16.35 -52.51 -41.29
CA GLN Z 30 17.61 -52.76 -40.58
C GLN Z 30 18.75 -53.04 -41.55
N PHE Z 31 18.45 -53.41 -42.80
CA PHE Z 31 19.49 -53.88 -43.71
C PHE Z 31 19.93 -52.83 -44.71
N ILE Z 32 19.40 -51.61 -44.65
CA ILE Z 32 19.79 -50.55 -45.58
C ILE Z 32 21.12 -49.99 -45.13
N GLN Z 33 22.06 -49.87 -46.08
CA GLN Z 33 23.35 -49.25 -45.85
C GLN Z 33 23.41 -47.90 -46.53
N ARG Z 34 24.21 -47.02 -45.96
CA ARG Z 34 24.31 -45.65 -46.46
C ARG Z 34 25.17 -45.65 -47.70
N ALA AA 1 -50.32 -14.75 -5.31
CA ALA AA 1 -49.54 -13.90 -6.21
C ALA AA 1 -50.15 -12.52 -6.43
N ARG AA 2 -49.26 -11.55 -6.60
CA ARG AA 2 -49.62 -10.16 -6.92
C ARG AA 2 -49.88 -10.01 -8.40
N ARG AA 3 -51.01 -9.41 -8.75
CA ARG AA 3 -51.26 -8.99 -10.12
C ARG AA 3 -51.00 -7.49 -10.30
N THR AA 4 -50.50 -7.13 -11.47
CA THR AA 4 -50.24 -5.74 -11.78
C THR AA 4 -50.74 -5.45 -13.18
N TRP AA 5 -50.71 -4.17 -13.51
CA TRP AA 5 -51.18 -3.73 -14.80
C TRP AA 5 -50.32 -4.31 -15.92
N LEU AA 6 -49.00 -4.31 -15.72
CA LEU AA 6 -48.07 -4.77 -16.75
C LEU AA 6 -48.11 -6.29 -16.87
N GLY AA 7 -48.27 -7.01 -15.76
CA GLY AA 7 -48.36 -8.45 -15.84
C GLY AA 7 -49.52 -8.93 -16.69
N ASP AA 8 -50.68 -8.31 -16.53
CA ASP AA 8 -51.83 -8.73 -17.32
C ASP AA 8 -51.58 -8.52 -18.82
N ILE AA 9 -50.91 -7.43 -19.16
CA ILE AA 9 -50.61 -7.19 -20.57
C ILE AA 9 -49.63 -8.23 -21.08
N LEU AA 10 -48.68 -8.66 -20.22
CA LEU AA 10 -47.69 -9.65 -20.64
C LEU AA 10 -48.20 -11.07 -20.53
N ARG AA 11 -49.20 -11.32 -19.70
CA ARG AA 11 -49.63 -12.66 -19.30
C ARG AA 11 -49.75 -13.71 -20.41
N PRO AA 12 -50.21 -13.37 -21.61
CA PRO AA 12 -50.26 -14.41 -22.65
C PRO AA 12 -48.89 -14.91 -23.04
N LEU AA 13 -47.90 -14.01 -23.13
CA LEU AA 13 -46.59 -14.41 -23.59
C LEU AA 13 -45.98 -15.50 -22.72
N ASN AA 14 -46.32 -15.53 -21.44
CA ASN AA 14 -45.81 -16.56 -20.56
C ASN AA 14 -46.89 -17.58 -20.20
N SER AA 15 -47.62 -18.06 -21.21
CA SER AA 15 -48.81 -18.85 -20.93
C SER AA 15 -48.80 -20.23 -21.59
N GLU AA 16 -47.79 -20.55 -22.39
CA GLU AA 16 -47.73 -21.83 -23.06
C GLU AA 16 -46.59 -22.74 -22.56
N TYR AA 17 -46.21 -22.57 -21.30
CA TYR AA 17 -45.34 -23.53 -20.68
C TYR AA 17 -45.73 -24.95 -21.07
N GLY AA 18 -44.80 -25.66 -21.72
CA GLY AA 18 -44.90 -27.09 -21.95
C GLY AA 18 -45.46 -27.47 -23.31
N LYS AA 19 -46.11 -26.52 -24.00
CA LYS AA 19 -46.80 -26.83 -25.25
C LYS AA 19 -45.80 -27.13 -26.37
N VAL AA 20 -45.97 -28.28 -27.04
CA VAL AA 20 -45.03 -28.73 -28.07
C VAL AA 20 -45.78 -29.16 -29.32
N ALA AA 21 -45.08 -29.09 -30.47
CA ALA AA 21 -45.53 -29.72 -31.71
C ALA AA 21 -45.27 -31.22 -31.64
N PRO AA 22 -46.11 -32.03 -32.27
CA PRO AA 22 -46.04 -33.48 -32.04
C PRO AA 22 -44.82 -34.14 -32.69
N GLY AA 23 -44.14 -34.99 -31.91
CA GLY AA 23 -43.04 -35.77 -32.43
C GLY AA 23 -41.90 -34.95 -32.98
N TRP AA 24 -41.64 -35.07 -34.27
CA TRP AA 24 -40.41 -34.53 -34.82
C TRP AA 24 -40.56 -33.12 -35.35
N GLY AA 25 -41.78 -32.71 -35.71
CA GLY AA 25 -42.03 -31.35 -36.14
C GLY AA 25 -41.04 -30.87 -37.19
N THR AA 26 -40.50 -29.67 -36.96
CA THR AA 26 -39.65 -29.00 -37.93
C THR AA 26 -38.17 -29.46 -37.88
N THR AA 27 -37.86 -30.62 -37.32
CA THR AA 27 -36.44 -30.94 -37.17
C THR AA 27 -35.73 -31.05 -38.51
N PRO AA 28 -36.26 -31.76 -39.51
CA PRO AA 28 -35.56 -31.82 -40.80
C PRO AA 28 -35.19 -30.44 -41.32
N LEU AA 29 -36.14 -29.50 -41.26
CA LEU AA 29 -35.85 -28.17 -41.79
C LEU AA 29 -34.74 -27.52 -40.98
N MET AA 30 -34.79 -27.65 -39.66
CA MET AA 30 -33.67 -27.18 -38.85
C MET AA 30 -32.34 -27.70 -39.36
N ALA AA 31 -32.27 -28.99 -39.66
CA ALA AA 31 -30.97 -29.55 -39.95
C ALA AA 31 -30.42 -28.99 -41.25
N VAL AA 32 -31.29 -28.61 -42.18
CA VAL AA 32 -30.81 -28.07 -43.44
C VAL AA 32 -30.20 -26.70 -43.22
N PHE AA 33 -30.81 -25.90 -42.36
CA PHE AA 33 -30.21 -24.64 -41.99
C PHE AA 33 -28.87 -24.86 -41.28
N MET AA 34 -28.83 -25.80 -40.32
CA MET AA 34 -27.59 -26.07 -39.59
C MET AA 34 -26.47 -26.49 -40.54
N GLY AA 35 -26.76 -27.47 -41.39
CA GLY AA 35 -25.77 -27.88 -42.36
C GLY AA 35 -25.45 -26.80 -43.37
N LEU AA 36 -26.39 -25.88 -43.60
CA LEU AA 36 -26.10 -24.75 -44.46
C LEU AA 36 -25.19 -23.75 -43.79
N PHE AA 37 -25.45 -23.51 -42.49
CA PHE AA 37 -24.64 -22.59 -41.69
C PHE AA 37 -23.23 -23.14 -41.53
N LEU AA 38 -23.12 -24.46 -41.45
CA LEU AA 38 -21.81 -25.09 -41.37
C LEU AA 38 -20.98 -24.80 -42.61
N VAL AA 39 -21.52 -25.10 -43.79
CA VAL AA 39 -20.69 -24.91 -44.98
C VAL AA 39 -20.30 -23.46 -45.09
N PHE AA 40 -21.12 -22.60 -44.53
CA PHE AA 40 -20.93 -21.16 -44.65
C PHE AA 40 -19.88 -20.64 -43.67
N LEU AA 41 -19.93 -21.08 -42.41
CA LEU AA 41 -18.79 -20.87 -41.51
C LEU AA 41 -17.48 -21.43 -42.08
N LEU AA 42 -17.50 -22.66 -42.62
CA LEU AA 42 -16.31 -23.17 -43.29
C LEU AA 42 -15.75 -22.17 -44.30
N ILE AA 43 -16.63 -21.59 -45.13
CA ILE AA 43 -16.17 -20.65 -46.13
C ILE AA 43 -15.49 -19.47 -45.46
N ILE AA 44 -16.12 -18.93 -44.41
CA ILE AA 44 -15.61 -17.72 -43.79
C ILE AA 44 -14.22 -17.98 -43.21
N LEU AA 45 -14.05 -19.15 -42.58
CA LEU AA 45 -12.80 -19.47 -41.88
C LEU AA 45 -11.67 -19.72 -42.87
N GLU AA 46 -12.00 -20.32 -44.03
CA GLU AA 46 -10.97 -20.66 -45.01
C GLU AA 46 -10.58 -19.46 -45.82
N ILE AA 47 -11.48 -18.48 -45.97
CA ILE AA 47 -11.09 -17.18 -46.48
C ILE AA 47 -10.08 -16.55 -45.54
N TYR AA 48 -10.32 -16.67 -44.23
CA TYR AA 48 -9.45 -16.05 -43.25
C TYR AA 48 -8.11 -16.79 -43.15
N ASN AA 49 -8.14 -18.11 -43.26
CA ASN AA 49 -6.94 -18.91 -43.16
C ASN AA 49 -6.16 -18.94 -44.46
N SER AA 50 -6.66 -18.25 -45.49
CA SER AA 50 -6.10 -18.25 -46.86
C SER AA 50 -5.86 -19.66 -47.40
N THR AA 51 -6.76 -20.56 -47.06
CA THR AA 51 -6.93 -21.83 -47.76
C THR AA 51 -7.85 -21.68 -48.99
N LEU AA 52 -8.85 -20.81 -48.91
CA LEU AA 52 -9.72 -20.43 -50.04
C LEU AA 52 -9.30 -19.02 -50.45
N ILE AA 53 -8.80 -18.88 -51.66
CA ILE AA 53 -8.44 -17.58 -52.22
C ILE AA 53 -9.44 -17.24 -53.33
N LEU AA 54 -10.26 -16.23 -53.09
CA LEU AA 54 -11.27 -15.81 -54.04
C LEU AA 54 -10.80 -14.56 -54.77
N ASP AA 55 -11.22 -14.44 -56.03
CA ASP AA 55 -10.87 -13.26 -56.80
C ASP AA 55 -11.50 -12.01 -56.20
N GLY AA 56 -10.71 -10.92 -56.13
CA GLY AA 56 -11.18 -9.67 -55.59
C GLY AA 56 -11.02 -9.48 -54.09
N VAL AA 57 -10.77 -10.55 -53.34
CA VAL AA 57 -10.66 -10.52 -51.88
C VAL AA 57 -9.19 -10.57 -51.49
N ASN AA 58 -8.64 -9.47 -51.02
CA ASN AA 58 -7.26 -9.40 -50.58
C ASN AA 58 -7.24 -9.30 -49.05
N VAL AA 59 -7.05 -10.46 -48.38
CA VAL AA 59 -7.12 -10.53 -46.93
C VAL AA 59 -5.82 -9.97 -46.37
N SER AA 60 -5.79 -8.66 -46.19
CA SER AA 60 -4.60 -7.97 -45.74
C SER AA 60 -5.04 -6.59 -45.27
N TRP AA 61 -4.24 -6.00 -44.39
CA TRP AA 61 -4.54 -4.64 -43.97
C TRP AA 61 -4.79 -3.75 -45.18
N LYS AA 62 -4.17 -4.09 -46.30
CA LYS AA 62 -4.37 -3.37 -47.55
C LYS AA 62 -5.81 -3.60 -48.01
N ALA AA 63 -6.72 -2.83 -47.42
CA ALA AA 63 -8.16 -2.93 -47.67
C ALA AA 63 -8.91 -1.97 -46.72
N GLU BA 2 34.62 -26.34 21.37
CA GLU BA 2 34.97 -27.55 22.12
C GLU BA 2 33.79 -27.94 22.99
N THR BA 3 33.23 -26.94 23.68
CA THR BA 3 32.09 -27.19 24.55
C THR BA 3 30.87 -27.64 23.76
N LEU BA 4 30.70 -27.12 22.55
CA LEU BA 4 29.57 -27.51 21.71
C LEU BA 4 29.76 -28.94 21.19
N LYS BA 5 30.97 -29.24 20.69
CA LYS BA 5 31.32 -30.58 20.23
C LYS BA 5 30.99 -31.66 21.26
N ILE BA 6 31.59 -31.56 22.46
CA ILE BA 6 31.25 -32.45 23.57
C ILE BA 6 29.73 -32.56 23.77
N THR BA 7 29.07 -31.42 23.96
CA THR BA 7 27.63 -31.46 24.25
C THR BA 7 26.82 -32.09 23.12
N VAL BA 8 27.24 -31.91 21.85
CA VAL BA 8 26.54 -32.61 20.79
C VAL BA 8 26.86 -34.09 20.86
N TYR BA 9 28.10 -34.45 21.10
CA TYR BA 9 28.44 -35.88 21.20
C TYR BA 9 27.56 -36.56 22.24
N ILE BA 10 27.41 -35.93 23.40
CA ILE BA 10 26.69 -36.52 24.49
C ILE BA 10 25.20 -36.63 24.21
N VAL BA 11 24.59 -35.54 23.71
CA VAL BA 11 23.19 -35.57 23.29
C VAL BA 11 22.98 -36.73 22.33
N VAL BA 12 23.76 -36.76 21.25
CA VAL BA 12 23.52 -37.81 20.25
C VAL BA 12 23.63 -39.16 20.93
N THR BA 13 24.66 -39.31 21.78
CA THR BA 13 24.94 -40.57 22.43
C THR BA 13 23.77 -41.03 23.26
N PHE BA 14 23.24 -40.13 24.07
CA PHE BA 14 22.05 -40.41 24.84
C PHE BA 14 20.92 -40.90 23.97
N PHE BA 15 20.57 -40.14 22.93
CA PHE BA 15 19.43 -40.50 22.10
C PHE BA 15 19.62 -41.85 21.46
N VAL BA 16 20.76 -42.04 20.83
CA VAL BA 16 21.12 -43.35 20.28
C VAL BA 16 20.77 -44.49 21.23
N LEU BA 17 21.15 -44.39 22.52
CA LEU BA 17 20.96 -45.51 23.44
C LEU BA 17 19.51 -45.70 23.79
N LEU BA 18 18.73 -44.60 23.94
CA LEU BA 18 17.30 -44.76 24.13
C LEU BA 18 16.71 -45.57 22.99
N PHE BA 19 17.24 -45.36 21.80
CA PHE BA 19 16.69 -46.07 20.67
C PHE BA 19 17.08 -47.54 20.74
N VAL BA 20 18.34 -47.81 21.10
CA VAL BA 20 18.83 -49.19 21.14
C VAL BA 20 18.12 -49.96 22.23
N PHE BA 21 18.20 -49.45 23.45
CA PHE BA 21 17.62 -50.17 24.59
C PHE BA 21 16.11 -50.26 24.46
N GLY BA 22 15.46 -49.24 23.92
CA GLY BA 22 14.04 -49.32 23.74
C GLY BA 22 13.63 -50.51 22.92
N PHE BA 23 14.38 -50.80 21.85
CA PHE BA 23 14.04 -51.93 20.99
C PHE BA 23 14.51 -53.25 21.58
N LEU BA 24 15.57 -53.22 22.38
CA LEU BA 24 15.98 -54.41 23.14
C LEU BA 24 15.04 -54.75 24.29
N SER BA 25 14.05 -53.91 24.56
CA SER BA 25 13.13 -54.15 25.67
C SER BA 25 11.89 -54.89 25.15
N GLY BA 26 12.13 -55.96 24.43
CA GLY BA 26 11.05 -56.85 24.12
C GLY BA 26 10.05 -56.22 23.20
N ASP BA 27 10.56 -55.50 22.20
CA ASP BA 27 9.68 -54.85 21.25
C ASP BA 27 8.70 -55.79 20.58
N PRO BA 28 9.06 -57.04 20.25
CA PRO BA 28 8.08 -57.90 19.56
C PRO BA 28 6.80 -58.10 20.38
N ALA BA 29 6.86 -57.99 21.71
CA ALA BA 29 5.68 -58.22 22.54
C ALA BA 29 4.70 -57.05 22.53
N ARG BA 30 5.20 -55.85 22.23
CA ARG BA 30 4.41 -54.62 22.23
C ARG BA 30 3.61 -54.51 20.93
N ASN BA 31 2.47 -55.17 20.93
CA ASN BA 31 1.52 -55.12 19.83
C ASN BA 31 0.18 -55.64 20.36
N PRO BA 32 -0.90 -55.36 19.64
CA PRO BA 32 -2.23 -55.58 20.21
C PRO BA 32 -2.65 -57.01 20.24
N LYS BA 33 -2.02 -57.86 19.46
CA LYS BA 33 -2.55 -59.21 19.27
C LYS BA 33 -1.96 -60.24 20.22
N ARG BA 34 -0.68 -60.60 20.03
CA ARG BA 34 -0.08 -61.74 20.70
C ARG BA 34 1.26 -61.35 21.33
N LYS BA 35 1.53 -61.84 22.55
CA LYS BA 35 2.75 -61.53 23.27
C LYS BA 35 3.81 -62.61 23.11
N ASP BA 36 3.75 -63.35 22.01
CA ASP BA 36 4.69 -64.44 21.75
C ASP BA 36 4.61 -65.44 22.91
N GLY CA 1 -11.06 -75.11 -31.39
CA GLY CA 1 -11.88 -74.76 -30.24
C GLY CA 1 -11.19 -75.16 -28.96
N GLY CA 2 -9.86 -75.25 -29.05
CA GLY CA 2 -9.04 -75.72 -27.94
C GLY CA 2 -8.04 -76.79 -28.33
N ARG CA 3 -7.74 -76.90 -29.62
CA ARG CA 3 -6.95 -77.99 -30.16
C ARG CA 3 -5.44 -77.77 -29.99
N ILE CA 4 -4.99 -76.53 -29.88
CA ILE CA 4 -3.60 -76.17 -29.63
C ILE CA 4 -3.52 -75.58 -28.21
N PRO CA 5 -2.68 -76.12 -27.32
CA PRO CA 5 -2.72 -75.62 -25.94
C PRO CA 5 -2.18 -74.20 -25.86
N LEU CA 6 -2.86 -73.40 -25.04
CA LEU CA 6 -2.55 -71.99 -24.99
C LEU CA 6 -1.07 -71.78 -24.72
N TRP CA 7 -0.51 -72.55 -23.80
CA TRP CA 7 0.84 -72.23 -23.36
C TRP CA 7 1.83 -72.35 -24.51
N ILE CA 8 1.51 -73.21 -25.48
CA ILE CA 8 2.40 -73.36 -26.64
C ILE CA 8 2.38 -72.09 -27.49
N VAL CA 9 1.19 -71.56 -27.78
CA VAL CA 9 1.12 -70.37 -28.60
C VAL CA 9 1.83 -69.23 -27.89
N ALA CA 10 1.82 -69.23 -26.56
CA ALA CA 10 2.47 -68.17 -25.78
C ALA CA 10 3.97 -68.17 -26.03
N THR CA 11 4.62 -69.27 -25.66
CA THR CA 11 6.05 -69.43 -25.96
C THR CA 11 6.35 -69.14 -27.42
N VAL CA 12 5.54 -69.65 -28.35
CA VAL CA 12 5.77 -69.37 -29.77
C VAL CA 12 5.67 -67.87 -30.02
N ALA CA 13 4.48 -67.30 -29.73
CA ALA CA 13 4.28 -65.86 -29.80
C ALA CA 13 5.43 -65.11 -29.13
N GLY CA 14 5.61 -65.33 -27.83
CA GLY CA 14 6.74 -64.76 -27.11
C GLY CA 14 8.04 -64.73 -27.89
N MET CA 15 8.57 -65.90 -28.24
CA MET CA 15 9.81 -65.94 -29.01
C MET CA 15 9.69 -65.16 -30.33
N GLY CA 16 8.49 -65.04 -30.88
CA GLY CA 16 8.33 -64.26 -32.11
C GLY CA 16 8.61 -62.78 -31.92
N VAL CA 17 8.04 -62.18 -30.88
CA VAL CA 17 8.34 -60.78 -30.59
C VAL CA 17 9.81 -60.63 -30.22
N ILE CA 18 10.32 -61.56 -29.41
CA ILE CA 18 11.69 -61.49 -28.94
C ILE CA 18 12.65 -61.37 -30.11
N VAL CA 19 12.28 -61.91 -31.26
CA VAL CA 19 13.17 -61.90 -32.41
C VAL CA 19 13.04 -60.60 -33.20
N ILE CA 20 11.81 -60.16 -33.45
CA ILE CA 20 11.67 -58.87 -34.14
C ILE CA 20 12.37 -57.78 -33.33
N VAL CA 21 12.26 -57.83 -31.99
CA VAL CA 21 12.86 -56.82 -31.12
C VAL CA 21 14.39 -56.89 -31.18
N GLY CA 22 14.95 -58.08 -30.96
CA GLY CA 22 16.39 -58.21 -31.09
C GLY CA 22 16.88 -57.62 -32.39
N LEU CA 23 16.19 -57.91 -33.48
CA LEU CA 23 16.56 -57.35 -34.76
C LEU CA 23 16.66 -55.83 -34.73
N PHE CA 24 15.71 -55.14 -34.10
CA PHE CA 24 15.78 -53.69 -34.10
C PHE CA 24 16.99 -53.22 -33.33
N PHE CA 25 17.42 -54.00 -32.33
CA PHE CA 25 18.62 -53.62 -31.61
C PHE CA 25 19.87 -53.88 -32.46
N TYR CA 26 19.96 -55.02 -33.15
CA TYR CA 26 21.08 -55.21 -34.08
C TYR CA 26 21.17 -54.04 -35.05
N GLY CA 27 20.01 -53.57 -35.55
CA GLY CA 27 20.05 -52.51 -36.53
C GLY CA 27 20.53 -51.18 -35.98
N ALA CA 28 20.24 -50.91 -34.70
CA ALA CA 28 20.84 -49.76 -34.04
C ALA CA 28 22.36 -49.74 -34.14
N TYR CA 29 23.02 -50.89 -34.37
CA TYR CA 29 24.46 -50.89 -34.58
C TYR CA 29 24.89 -51.02 -36.05
N ALA CA 30 24.01 -51.31 -36.99
CA ALA CA 30 24.44 -51.52 -38.36
C ALA CA 30 23.76 -50.52 -39.31
N GLY CA 31 24.48 -50.16 -40.35
CA GLY CA 31 23.84 -49.43 -41.42
C GLY CA 31 23.30 -48.08 -40.98
N LEU CA 32 22.07 -47.79 -41.40
CA LEU CA 32 21.41 -46.53 -41.08
C LEU CA 32 21.27 -46.36 -39.58
N GLY CA 33 21.67 -45.19 -39.07
CA GLY CA 33 21.48 -44.85 -37.69
C GLY CA 33 22.61 -45.28 -36.75
N SER CA 34 23.69 -45.85 -37.27
CA SER CA 34 24.74 -46.41 -36.41
C SER CA 34 25.90 -45.46 -36.21
N SER CA 35 25.80 -44.24 -36.74
CA SER CA 35 26.83 -43.21 -36.66
C SER CA 35 28.05 -43.53 -37.51
N LEU CA 36 28.09 -44.71 -38.12
CA LEU CA 36 29.30 -45.13 -38.82
C LEU CA 36 29.29 -44.84 -40.31
N LYS DA 1 41.09 -63.60 -27.28
CA LYS DA 1 41.10 -64.93 -27.89
C LYS DA 1 41.25 -66.09 -26.88
N LEU DA 2 40.40 -67.11 -27.03
CA LEU DA 2 40.62 -68.46 -26.51
C LEU DA 2 41.93 -69.05 -27.06
N PRO DA 3 42.46 -70.14 -26.48
CA PRO DA 3 43.64 -70.76 -27.07
C PRO DA 3 43.25 -71.47 -28.37
N GLU DA 4 44.18 -71.45 -29.33
CA GLU DA 4 43.81 -71.79 -30.70
C GLU DA 4 43.10 -73.13 -30.82
N ALA DA 5 43.36 -74.06 -29.88
CA ALA DA 5 42.64 -75.32 -29.85
C ALA DA 5 41.13 -75.12 -29.90
N TYR DA 6 40.63 -74.09 -29.21
CA TYR DA 6 39.21 -73.94 -28.94
C TYR DA 6 38.55 -72.87 -29.80
N ALA DA 7 39.09 -72.61 -31.00
CA ALA DA 7 38.54 -71.53 -31.82
C ALA DA 7 37.25 -71.96 -32.54
N ILE DA 8 37.10 -73.26 -32.81
CA ILE DA 8 35.85 -73.75 -33.36
C ILE DA 8 34.71 -73.66 -32.36
N PHE DA 9 34.99 -73.23 -31.13
CA PHE DA 9 33.99 -73.10 -30.09
C PHE DA 9 33.66 -71.66 -29.77
N ASP DA 10 34.29 -70.71 -30.46
CA ASP DA 10 34.05 -69.30 -30.18
C ASP DA 10 32.58 -68.92 -30.26
N PRO DA 11 31.83 -69.24 -31.32
CA PRO DA 11 30.42 -68.78 -31.38
C PRO DA 11 29.51 -69.39 -30.34
N LEU DA 12 29.78 -70.59 -29.85
CA LEU DA 12 29.06 -71.04 -28.67
C LEU DA 12 29.55 -70.30 -27.43
N VAL DA 13 30.83 -69.96 -27.35
CA VAL DA 13 31.27 -69.20 -26.18
C VAL DA 13 30.63 -67.84 -26.17
N ASP DA 14 30.25 -67.31 -27.33
CA ASP DA 14 29.59 -66.00 -27.40
C ASP DA 14 28.21 -66.02 -26.76
N VAL DA 15 27.49 -67.12 -26.91
CA VAL DA 15 26.11 -67.17 -26.46
C VAL DA 15 25.95 -67.69 -25.04
N LEU DA 16 27.00 -68.17 -24.43
CA LEU DA 16 26.80 -68.88 -23.16
C LEU DA 16 26.33 -67.98 -22.02
N PRO DA 17 26.88 -66.77 -21.88
CA PRO DA 17 26.55 -65.96 -20.70
C PRO DA 17 25.07 -65.61 -20.56
N VAL DA 18 24.28 -65.61 -21.65
CA VAL DA 18 22.85 -65.29 -21.54
C VAL DA 18 22.01 -66.45 -21.00
N ILE DA 19 22.60 -67.65 -20.90
CA ILE DA 19 21.82 -68.82 -20.50
C ILE DA 19 21.16 -68.62 -19.15
N PRO DA 20 21.77 -67.98 -18.15
CA PRO DA 20 21.04 -67.69 -16.90
C PRO DA 20 19.67 -67.06 -17.11
N VAL DA 21 19.52 -66.08 -18.01
CA VAL DA 21 18.22 -65.41 -18.11
C VAL DA 21 17.15 -66.37 -18.62
N LEU DA 22 17.54 -67.37 -19.44
CA LEU DA 22 16.57 -68.32 -19.95
C LEU DA 22 15.98 -69.20 -18.86
N PHE DA 23 16.76 -69.52 -17.81
CA PHE DA 23 16.18 -70.20 -16.65
C PHE DA 23 14.96 -69.45 -16.08
N LEU DA 24 15.00 -68.10 -16.11
CA LEU DA 24 13.88 -67.31 -15.63
C LEU DA 24 12.72 -67.37 -16.61
N ALA DA 25 13.01 -67.27 -17.92
CA ALA DA 25 11.97 -67.41 -18.92
C ALA DA 25 11.36 -68.80 -18.85
N LEU DA 26 12.20 -69.82 -18.61
CA LEU DA 26 11.71 -71.20 -18.59
C LEU DA 26 10.82 -71.44 -17.40
N ALA DA 27 11.02 -70.71 -16.31
CA ALA DA 27 10.09 -70.82 -15.18
C ALA DA 27 8.67 -70.42 -15.59
N PHE DA 28 8.52 -69.42 -16.47
CA PHE DA 28 7.19 -68.93 -16.82
C PHE DA 28 6.51 -69.88 -17.83
N VAL DA 29 7.23 -70.30 -18.86
CA VAL DA 29 6.72 -71.34 -19.75
C VAL DA 29 6.16 -72.50 -18.93
N TRP DA 30 6.86 -72.88 -17.85
CA TRP DA 30 6.45 -73.98 -16.99
C TRP DA 30 5.16 -73.68 -16.24
N GLN DA 31 4.98 -72.45 -15.72
CA GLN DA 31 3.73 -72.14 -15.04
C GLN DA 31 2.57 -72.00 -16.02
N ALA DA 32 2.88 -71.66 -17.28
CA ALA DA 32 1.88 -71.74 -18.33
C ALA DA 32 1.53 -73.19 -18.63
N ALA DA 33 2.52 -74.07 -18.68
CA ALA DA 33 2.26 -75.51 -18.74
C ALA DA 33 1.24 -75.91 -17.69
N VAL DA 34 1.49 -75.56 -16.42
CA VAL DA 34 0.62 -76.03 -15.33
C VAL DA 34 -0.53 -75.06 -15.06
N GLY DA 35 -0.58 -73.92 -15.75
CA GLY DA 35 -1.73 -73.03 -15.67
C GLY DA 35 -1.81 -72.17 -14.42
N PHE DA 36 -0.66 -71.84 -13.83
CA PHE DA 36 -0.59 -70.87 -12.74
C PHE DA 36 -1.35 -71.38 -11.51
N ARG DA 37 -1.61 -72.67 -11.46
CA ARG DA 37 -2.19 -73.30 -10.28
C ARG DA 37 -1.56 -72.79 -8.99
N GLU EA 2 -45.15 -11.52 3.78
CA GLU EA 2 -45.04 -11.94 2.38
C GLU EA 2 -43.77 -12.78 2.13
N PRO EA 3 -43.46 -13.69 3.06
CA PRO EA 3 -42.10 -14.25 3.12
C PRO EA 3 -41.78 -15.17 1.96
N ASN EA 4 -40.56 -15.06 1.44
CA ASN EA 4 -40.24 -15.79 0.22
C ASN EA 4 -39.79 -17.21 0.54
N PRO EA 5 -40.36 -18.22 -0.11
CA PRO EA 5 -40.16 -19.61 0.32
C PRO EA 5 -38.86 -20.25 -0.12
N ASN EA 6 -38.08 -19.61 -1.00
CA ASN EA 6 -36.91 -20.25 -1.55
C ASN EA 6 -35.66 -20.06 -0.70
N ARG EA 7 -35.70 -19.24 0.38
CA ARG EA 7 -34.57 -19.06 1.27
C ARG EA 7 -33.99 -20.40 1.71
N GLN EA 8 -32.68 -20.41 1.98
CA GLN EA 8 -31.96 -21.59 2.46
C GLN EA 8 -30.86 -21.18 3.44
N PRO EA 9 -30.58 -22.01 4.43
CA PRO EA 9 -29.39 -21.76 5.26
C PRO EA 9 -28.15 -22.30 4.58
N VAL EA 10 -27.09 -21.54 4.65
CA VAL EA 10 -25.83 -21.95 4.04
C VAL EA 10 -24.92 -22.45 5.17
N GLU EA 11 -24.01 -23.36 4.83
CA GLU EA 11 -23.15 -23.96 5.86
C GLU EA 11 -21.71 -24.08 5.40
N LEU EA 12 -20.80 -23.88 6.34
CA LEU EA 12 -19.39 -24.23 6.16
C LEU EA 12 -18.88 -24.88 7.46
N ASN EA 13 -18.38 -26.12 7.36
CA ASN EA 13 -17.90 -26.84 8.54
C ASN EA 13 -16.46 -26.43 8.85
N ARG EA 14 -15.98 -26.83 10.02
CA ARG EA 14 -14.64 -26.42 10.45
C ARG EA 14 -13.57 -26.97 9.54
N THR EA 15 -13.66 -28.25 9.17
CA THR EA 15 -12.66 -28.80 8.26
C THR EA 15 -12.59 -27.96 6.98
N SER EA 16 -13.75 -27.62 6.40
CA SER EA 16 -13.76 -26.80 5.19
C SER EA 16 -13.07 -25.45 5.41
N LEU EA 17 -13.33 -24.79 6.55
CA LEU EA 17 -12.62 -23.54 6.85
C LEU EA 17 -11.12 -23.74 6.86
N TYR EA 18 -10.66 -24.85 7.46
CA TYR EA 18 -9.22 -25.12 7.52
C TYR EA 18 -8.66 -25.34 6.13
N LEU EA 19 -9.29 -26.19 5.34
CA LEU EA 19 -8.89 -26.34 3.94
C LEU EA 19 -8.93 -25.01 3.22
N GLY EA 20 -9.96 -24.19 3.50
CA GLY EA 20 -10.16 -22.98 2.75
C GLY EA 20 -9.11 -21.95 3.10
N LEU EA 21 -8.80 -21.84 4.39
CA LEU EA 21 -7.76 -20.94 4.83
C LEU EA 21 -6.40 -21.34 4.29
N LEU EA 22 -6.13 -22.64 4.14
CA LEU EA 22 -4.79 -23.05 3.72
C LEU EA 22 -4.58 -22.78 2.24
N LEU EA 23 -5.57 -23.09 1.41
CA LEU EA 23 -5.60 -22.63 0.01
C LEU EA 23 -5.24 -21.15 -0.16
N ILE EA 24 -6.01 -20.27 0.50
CA ILE EA 24 -5.78 -18.84 0.35
C ILE EA 24 -4.37 -18.50 0.71
N LEU EA 25 -3.92 -19.00 1.85
CA LEU EA 25 -2.62 -18.63 2.36
C LEU EA 25 -1.53 -19.12 1.42
N VAL EA 26 -1.65 -20.32 0.92
CA VAL EA 26 -0.57 -20.80 0.08
C VAL EA 26 -0.58 -20.08 -1.25
N LEU EA 27 -1.78 -19.78 -1.80
CA LEU EA 27 -1.85 -18.94 -2.98
C LEU EA 27 -1.17 -17.59 -2.75
N ALA EA 28 -1.41 -16.97 -1.60
CA ALA EA 28 -0.77 -15.71 -1.30
C ALA EA 28 0.75 -15.85 -1.24
N LEU EA 29 1.24 -16.87 -0.52
CA LEU EA 29 2.68 -17.09 -0.41
C LEU EA 29 3.29 -17.32 -1.78
N LEU EA 30 2.51 -17.89 -2.69
CA LEU EA 30 2.99 -18.24 -4.01
C LEU EA 30 2.96 -17.03 -4.96
N PHE EA 31 1.86 -16.26 -4.97
CA PHE EA 31 1.76 -15.13 -5.92
C PHE EA 31 2.35 -13.83 -5.39
N SER EA 32 2.46 -13.66 -4.08
CA SER EA 32 3.00 -12.42 -3.53
C SER EA 32 4.31 -12.03 -4.18
N SER EA 33 5.21 -13.00 -4.45
CA SER EA 33 6.50 -12.68 -5.05
C SER EA 33 6.30 -11.99 -6.41
N TYR EA 34 5.31 -12.43 -7.17
CA TYR EA 34 4.99 -11.83 -8.48
C TYR EA 34 4.28 -10.52 -8.33
N PHE EA 35 3.52 -10.32 -7.26
CA PHE EA 35 2.87 -9.03 -7.01
C PHE EA 35 3.89 -7.96 -6.70
N PHE EA 36 4.87 -8.28 -5.86
CA PHE EA 36 5.97 -7.36 -5.57
C PHE EA 36 6.91 -7.22 -6.76
N ASN EA 37 7.22 -8.32 -7.45
CA ASN EA 37 8.01 -8.28 -8.68
C ASN EA 37 9.38 -7.68 -8.42
N GLU FA 2 13.83 -2.42 -4.97
CA GLU FA 2 12.87 -1.59 -5.68
C GLU FA 2 11.74 -2.47 -6.14
N VAL FA 3 10.80 -2.74 -5.23
CA VAL FA 3 9.63 -3.56 -5.52
C VAL FA 3 8.39 -2.70 -5.78
N ASN FA 4 7.40 -3.33 -6.40
CA ASN FA 4 6.05 -2.77 -6.55
C ASN FA 4 5.43 -2.50 -5.19
N GLN FA 5 5.14 -1.23 -4.90
CA GLN FA 5 4.54 -0.89 -3.60
C GLN FA 5 3.02 -1.09 -3.55
N LEU FA 6 2.33 -1.25 -4.69
CA LEU FA 6 0.97 -1.77 -4.63
C LEU FA 6 0.94 -3.28 -4.41
N GLY FA 7 2.10 -3.94 -4.34
CA GLY FA 7 2.09 -5.36 -4.06
C GLY FA 7 1.62 -5.67 -2.66
N LEU FA 8 1.91 -4.78 -1.71
CA LEU FA 8 1.52 -5.01 -0.32
C LEU FA 8 0.00 -5.02 -0.17
N ILE FA 9 -0.68 -3.99 -0.71
CA ILE FA 9 -2.12 -3.93 -0.61
C ILE FA 9 -2.75 -5.07 -1.40
N ALA FA 10 -2.15 -5.42 -2.54
CA ALA FA 10 -2.68 -6.55 -3.31
C ALA FA 10 -2.57 -7.86 -2.53
N THR FA 11 -1.38 -8.15 -1.99
CA THR FA 11 -1.25 -9.33 -1.13
C THR FA 11 -2.18 -9.22 0.06
N ALA FA 12 -2.23 -8.06 0.68
CA ALA FA 12 -3.07 -7.93 1.87
C ALA FA 12 -4.54 -8.29 1.62
N LEU FA 13 -5.19 -7.69 0.62
CA LEU FA 13 -6.60 -8.00 0.37
C LEU FA 13 -6.79 -9.39 -0.22
N PHE FA 14 -5.78 -9.86 -0.95
CA PHE FA 14 -5.81 -11.22 -1.47
C PHE FA 14 -6.01 -12.22 -0.34
N VAL FA 15 -5.33 -12.00 0.78
CA VAL FA 15 -5.47 -12.81 1.97
C VAL FA 15 -6.77 -12.49 2.69
N LEU FA 16 -6.91 -11.24 3.16
CA LEU FA 16 -8.02 -10.83 4.01
C LEU FA 16 -9.40 -11.11 3.40
N VAL FA 17 -9.62 -10.76 2.13
CA VAL FA 17 -10.99 -10.71 1.63
C VAL FA 17 -11.59 -12.11 1.55
N PRO FA 18 -11.06 -13.01 0.74
CA PRO FA 18 -11.52 -14.41 0.81
C PRO FA 18 -11.38 -15.06 2.18
N SER FA 19 -10.38 -14.68 2.99
CA SER FA 19 -10.28 -15.21 4.35
C SER FA 19 -11.51 -14.80 5.19
N VAL FA 20 -11.87 -13.54 5.14
CA VAL FA 20 -13.04 -13.01 5.84
C VAL FA 20 -14.29 -13.74 5.41
N PHE FA 21 -14.45 -13.97 4.13
CA PHE FA 21 -15.64 -14.67 3.68
C PHE FA 21 -15.80 -15.98 4.43
N LEU FA 22 -14.74 -16.80 4.46
CA LEU FA 22 -14.85 -18.11 5.09
C LEU FA 22 -15.11 -18.04 6.59
N ILE FA 23 -14.45 -17.12 7.31
CA ILE FA 23 -14.73 -17.03 8.75
C ILE FA 23 -16.21 -16.73 8.98
N ILE FA 24 -16.74 -15.75 8.24
CA ILE FA 24 -18.17 -15.40 8.34
C ILE FA 24 -19.04 -16.65 8.16
N LEU FA 25 -18.75 -17.43 7.15
CA LEU FA 25 -19.58 -18.61 6.91
C LEU FA 25 -19.40 -19.65 8.00
N TYR FA 26 -18.18 -19.79 8.57
CA TYR FA 26 -18.03 -20.82 9.59
C TYR FA 26 -18.76 -20.42 10.86
N VAL FA 27 -18.64 -19.17 11.31
CA VAL FA 27 -19.21 -18.83 12.62
C VAL FA 27 -20.74 -18.94 12.61
N GLN FA 28 -21.39 -18.36 11.61
CA GLN FA 28 -22.85 -18.44 11.58
C GLN FA 28 -23.33 -19.87 11.39
N THR FA 29 -22.42 -20.81 11.09
CA THR FA 29 -22.77 -22.22 11.10
C THR FA 29 -22.76 -22.76 12.53
N GLU FA 30 -21.71 -22.42 13.27
CA GLU FA 30 -21.51 -22.94 14.62
C GLU FA 30 -22.63 -22.49 15.54
N SER FA 31 -23.31 -21.38 15.20
CA SER FA 31 -24.34 -20.80 16.04
C SER FA 31 -25.77 -21.16 15.59
N GLN FA 32 -25.95 -22.30 14.91
CA GLN FA 32 -27.30 -22.80 14.66
C GLN FA 32 -27.44 -24.30 14.86
N GLN GA 1 60.80 -31.77 12.70
CA GLN GA 1 61.55 -32.91 12.17
C GLN GA 1 61.30 -33.07 10.66
N THR GA 2 61.77 -34.19 10.10
CA THR GA 2 61.42 -34.57 8.73
C THR GA 2 60.10 -35.34 8.79
N LEU GA 3 59.02 -34.57 8.83
CA LEU GA 3 57.69 -35.15 8.70
C LEU GA 3 57.36 -35.42 7.24
N THR GA 4 56.18 -36.01 7.04
CA THR GA 4 55.71 -36.38 5.72
C THR GA 4 54.29 -35.87 5.51
N TYR GA 5 53.90 -35.79 4.23
CA TYR GA 5 52.54 -35.37 3.89
C TYR GA 5 51.52 -35.99 4.81
N ASP GA 6 51.52 -37.32 4.85
CA ASP GA 6 50.58 -38.08 5.67
C ASP GA 6 50.62 -37.65 7.13
N ASP GA 7 51.77 -37.23 7.62
CA ASP GA 7 51.80 -36.70 8.99
C ASP GA 7 51.02 -35.39 9.08
N ILE GA 8 51.14 -34.56 8.05
CA ILE GA 8 50.62 -33.19 8.12
C ILE GA 8 49.17 -33.05 7.69
N VAL GA 9 48.65 -33.99 6.91
CA VAL GA 9 47.48 -33.69 6.10
C VAL GA 9 46.26 -33.51 6.97
N GLY GA 10 45.56 -32.37 6.79
CA GLY GA 10 44.30 -32.08 7.42
C GLY GA 10 44.40 -31.49 8.80
N THR GA 11 45.60 -31.06 9.19
CA THR GA 11 45.85 -30.51 10.51
C THR GA 11 45.94 -28.99 10.52
N GLY GA 12 46.14 -28.37 9.34
CA GLY GA 12 46.36 -26.94 9.26
C GLY GA 12 47.81 -26.52 9.28
N LEU GA 13 48.73 -27.47 9.54
CA LEU GA 13 50.16 -27.18 9.56
C LEU GA 13 50.72 -26.93 8.16
N ALA GA 14 50.02 -27.35 7.11
CA ALA GA 14 50.49 -27.02 5.78
C ALA GA 14 50.43 -25.53 5.50
N ASN GA 15 49.63 -24.77 6.27
CA ASN GA 15 49.50 -23.32 6.09
C ASN GA 15 50.39 -22.57 7.06
N LYS GA 16 51.36 -23.23 7.64
CA LYS GA 16 52.23 -22.65 8.63
C LYS GA 16 53.64 -22.59 8.07
N CYS GA 17 54.33 -21.48 8.29
CA CYS GA 17 55.73 -21.43 7.90
C CYS GA 17 56.64 -22.11 8.94
N PRO GA 18 57.78 -22.64 8.50
CA PRO GA 18 58.77 -23.15 9.46
C PRO GA 18 59.19 -22.10 10.48
N THR GA 19 59.74 -22.60 11.55
CA THR GA 19 60.17 -21.77 12.66
C THR GA 19 61.59 -22.14 13.02
N LEU GA 20 62.31 -21.18 13.54
CA LEU GA 20 63.65 -21.45 14.05
C LEU GA 20 63.61 -21.50 15.57
N ASP GA 21 64.59 -22.21 16.13
CA ASP GA 21 64.71 -22.41 17.56
C ASP GA 21 64.93 -21.09 18.25
N ASP GA 22 64.37 -20.93 19.45
CA ASP GA 22 64.53 -19.68 20.18
C ASP GA 22 65.98 -19.32 20.37
N THR GA 23 66.85 -20.32 20.32
CA THR GA 23 68.29 -20.17 20.49
C THR GA 23 69.01 -19.82 19.20
N ALA GA 24 68.31 -19.63 18.11
CA ALA GA 24 68.94 -19.41 16.81
C ALA GA 24 68.98 -17.90 16.59
N ARG GA 25 70.02 -17.26 17.10
CA ARG GA 25 70.14 -15.82 16.92
C ARG GA 25 71.60 -15.45 16.67
N GLY GA 26 72.15 -16.03 15.60
CA GLY GA 26 73.48 -15.69 15.14
C GLY GA 26 73.49 -14.68 14.01
N ALA GA 27 74.26 -14.95 12.96
CA ALA GA 27 74.36 -13.97 11.90
C ALA GA 27 74.92 -14.64 10.66
N TYR GA 28 74.39 -14.25 9.49
CA TYR GA 28 74.85 -14.85 8.25
C TYR GA 28 75.87 -13.93 7.61
N PRO GA 29 77.14 -14.34 7.51
CA PRO GA 29 78.13 -13.51 6.82
C PRO GA 29 77.77 -13.33 5.35
N ILE GA 30 77.84 -12.08 4.89
CA ILE GA 30 77.62 -11.76 3.49
C ILE GA 30 78.95 -11.36 2.88
N ASP GA 31 79.11 -11.71 1.60
CA ASP GA 31 80.40 -11.75 0.91
C ASP GA 31 80.22 -11.08 -0.44
N SER GA 32 80.69 -9.84 -0.54
CA SER GA 32 80.46 -9.05 -1.75
C SER GA 32 80.84 -9.81 -3.01
N SER GA 33 81.99 -10.50 -3.00
CA SER GA 33 82.41 -11.28 -4.15
C SER GA 33 81.61 -12.57 -4.32
N GLN GA 34 80.38 -12.61 -3.81
CA GLN GA 34 79.51 -13.76 -3.94
C GLN GA 34 78.14 -13.32 -4.43
N THR GA 35 77.37 -14.29 -4.91
CA THR GA 35 76.00 -14.08 -5.36
C THR GA 35 75.08 -14.99 -4.57
N TYR GA 36 73.94 -14.45 -4.15
CA TYR GA 36 73.09 -15.15 -3.19
C TYR GA 36 71.73 -15.41 -3.79
N ARG GA 37 70.93 -16.17 -3.04
CA ARG GA 37 69.59 -16.47 -3.49
C ARG GA 37 68.76 -16.92 -2.30
N ILE GA 38 67.52 -16.44 -2.26
CA ILE GA 38 66.48 -16.98 -1.39
C ILE GA 38 65.93 -18.19 -2.09
N ALA GA 39 66.11 -19.35 -1.49
CA ALA GA 39 65.62 -20.58 -2.07
C ALA GA 39 64.20 -20.87 -1.63
N ARG GA 40 63.81 -20.36 -0.47
CA ARG GA 40 62.43 -20.44 -0.02
C ARG GA 40 62.13 -19.24 0.86
N LEU GA 41 61.12 -18.48 0.49
CA LEU GA 41 60.53 -17.47 1.34
C LEU GA 41 59.09 -17.86 1.63
N CYS GA 42 58.72 -17.87 2.92
CA CYS GA 42 57.39 -18.19 3.39
C CYS GA 42 56.82 -17.03 4.20
N LEU GA 43 55.59 -16.61 3.89
CA LEU GA 43 54.88 -15.57 4.64
C LEU GA 43 53.55 -16.12 5.12
N GLN GA 44 53.31 -16.02 6.42
CA GLN GA 44 52.11 -16.58 7.03
C GLN GA 44 51.45 -15.44 7.81
N PRO GA 45 50.27 -14.95 7.36
CA PRO GA 45 49.65 -13.82 8.04
C PRO GA 45 49.00 -14.33 9.33
N THR GA 46 49.04 -13.49 10.34
CA THR GA 46 48.35 -13.80 11.57
C THR GA 46 47.18 -12.86 11.84
N THR GA 47 47.21 -11.64 11.28
CA THR GA 47 46.11 -10.72 11.50
C THR GA 47 45.91 -9.80 10.31
N PHE GA 48 44.65 -9.45 10.08
CA PHE GA 48 44.23 -8.61 8.98
C PHE GA 48 43.44 -7.42 9.51
N LEU GA 49 43.97 -6.22 9.34
CA LEU GA 49 43.30 -5.01 9.78
C LEU GA 49 42.86 -4.20 8.55
N VAL GA 50 41.66 -3.60 8.63
CA VAL GA 50 41.12 -2.81 7.53
C VAL GA 50 40.70 -1.44 8.02
N LYS GA 51 41.16 -0.40 7.36
CA LYS GA 51 40.84 0.96 7.74
C LYS GA 51 39.34 1.25 7.57
N GLU GA 52 38.69 1.56 8.68
CA GLU GA 52 37.28 1.95 8.64
C GLU GA 52 37.11 3.24 7.84
N GLU GA 53 35.89 3.49 7.38
CA GLU GA 53 35.58 4.70 6.63
C GLU GA 53 35.11 5.77 7.60
N PRO GA 54 35.90 6.81 7.89
CA PRO GA 54 35.43 7.88 8.79
C PRO GA 54 34.48 8.84 8.09
N LYS GA 55 33.39 9.17 8.76
CA LYS GA 55 32.26 9.86 8.13
C LYS GA 55 32.64 11.23 7.59
N ASN GA 56 31.68 11.87 6.89
CA ASN GA 56 31.90 13.15 6.23
C ASN GA 56 32.49 14.21 7.17
N LYS GA 57 32.14 14.14 8.46
CA LYS GA 57 32.82 14.99 9.45
C LYS GA 57 34.23 14.49 9.72
N ARG GA 58 34.44 13.18 9.55
CA ARG GA 58 35.66 12.49 9.92
C ARG GA 58 36.25 12.99 11.24
N GLN GA 59 37.42 12.47 11.57
CA GLN GA 59 38.20 12.88 12.73
C GLN GA 59 39.51 12.11 12.56
N GLU GA 60 39.39 10.79 12.36
CA GLU GA 60 40.50 9.94 11.97
C GLU GA 60 40.06 8.48 11.86
N ALA GA 61 40.42 7.84 10.75
CA ALA GA 61 40.14 6.42 10.55
C ALA GA 61 41.17 5.57 11.28
N GLU GA 62 40.69 4.59 12.04
CA GLU GA 62 41.56 3.58 12.61
C GLU GA 62 41.51 2.31 11.77
N PHE GA 63 42.49 1.44 12.02
CA PHE GA 63 42.46 0.11 11.45
C PHE GA 63 41.71 -0.81 12.39
N VAL GA 64 40.64 -1.42 11.89
CA VAL GA 64 39.76 -2.22 12.74
C VAL GA 64 40.08 -3.68 12.47
N PRO GA 65 40.12 -4.52 13.49
CA PRO GA 65 40.38 -5.94 13.27
C PRO GA 65 39.20 -6.61 12.59
N THR GA 66 39.50 -7.70 11.90
CA THR GA 66 38.55 -8.41 11.05
C THR GA 66 38.60 -9.90 11.37
N LYS GA 67 37.63 -10.62 10.80
CA LYS GA 67 37.46 -12.05 11.01
C LYS GA 67 37.76 -12.74 9.70
N LEU GA 68 38.64 -13.73 9.75
CA LEU GA 68 39.00 -14.54 8.59
C LEU GA 68 37.86 -15.54 8.34
N VAL GA 69 37.38 -15.62 7.11
CA VAL GA 69 36.32 -16.55 6.78
C VAL GA 69 36.74 -17.56 5.74
N THR GA 70 37.92 -17.44 5.15
CA THR GA 70 38.33 -18.30 4.04
C THR GA 70 39.24 -19.45 4.47
N ARG GA 71 39.49 -19.58 5.78
CA ARG GA 71 40.16 -20.75 6.35
C ARG GA 71 41.66 -20.69 6.14
N GLU GA 72 42.36 -21.80 6.27
CA GLU GA 72 43.82 -21.79 6.36
C GLU GA 72 44.37 -21.91 4.93
N THR GA 73 44.11 -20.82 4.19
CA THR GA 73 44.40 -20.74 2.76
C THR GA 73 45.24 -19.50 2.44
N THR GA 74 45.85 -18.91 3.45
CA THR GA 74 46.29 -17.53 3.35
C THR GA 74 47.78 -17.33 3.12
N SER GA 75 48.58 -18.39 3.18
CA SER GA 75 50.03 -18.20 3.28
C SER GA 75 50.76 -18.20 1.93
N LEU GA 76 51.77 -17.35 1.85
CA LEU GA 76 52.66 -17.27 0.71
C LEU GA 76 53.86 -18.17 0.98
N ASP GA 77 54.23 -19.00 0.01
CA ASP GA 77 55.33 -19.91 0.24
C ASP GA 77 55.97 -20.27 -1.09
N GLN GA 78 57.10 -20.96 -0.97
CA GLN GA 78 57.91 -21.48 -2.07
C GLN GA 78 58.33 -20.37 -3.00
N ILE GA 79 58.47 -19.18 -2.43
CA ILE GA 79 58.90 -17.98 -3.13
C ILE GA 79 60.42 -17.97 -3.26
N GLN GA 80 60.91 -17.74 -4.48
CA GLN GA 80 62.35 -17.67 -4.75
C GLN GA 80 62.68 -16.41 -5.51
N GLY GA 81 63.97 -16.07 -5.46
CA GLY GA 81 64.53 -14.84 -5.96
C GLY GA 81 66.00 -14.69 -5.59
N GLU GA 82 66.74 -13.89 -6.33
CA GLU GA 82 68.15 -13.75 -6.00
C GLU GA 82 68.37 -12.65 -4.98
N LEU GA 83 69.46 -12.76 -4.27
CA LEU GA 83 69.83 -11.75 -3.30
C LEU GA 83 71.10 -11.04 -3.80
N LYS GA 84 70.93 -9.88 -4.40
CA LYS GA 84 72.07 -9.09 -4.81
C LYS GA 84 72.75 -8.46 -3.60
N VAL GA 85 74.04 -8.25 -3.70
CA VAL GA 85 74.73 -7.34 -2.79
C VAL GA 85 74.94 -6.04 -3.54
N ASN GA 86 74.37 -4.96 -3.03
CA ASN GA 86 74.51 -3.68 -3.71
C ASN GA 86 75.89 -3.08 -3.42
N SER GA 87 76.10 -1.89 -3.96
CA SER GA 87 77.37 -1.20 -3.88
C SER GA 87 77.51 -0.36 -2.62
N ASP GA 88 76.41 0.21 -2.12
CA ASP GA 88 76.42 0.81 -0.80
C ASP GA 88 76.40 -0.22 0.29
N GLY GA 89 76.50 -1.49 -0.08
CA GLY GA 89 76.58 -2.58 0.85
C GLY GA 89 75.26 -3.26 1.12
N SER GA 90 74.14 -2.58 0.86
CA SER GA 90 72.82 -3.13 1.14
C SER GA 90 72.57 -4.37 0.32
N LEU GA 91 71.55 -5.12 0.72
CA LEU GA 91 71.14 -6.34 0.04
C LEU GA 91 69.72 -6.13 -0.47
N THR GA 92 69.44 -6.70 -1.64
CA THR GA 92 68.17 -6.54 -2.33
C THR GA 92 67.66 -7.89 -2.80
N PHE GA 93 66.44 -8.20 -2.42
CA PHE GA 93 65.78 -9.40 -2.89
C PHE GA 93 64.82 -9.04 -4.03
N VAL GA 94 64.90 -9.79 -5.12
CA VAL GA 94 64.08 -9.56 -6.31
C VAL GA 94 63.30 -10.84 -6.55
N GLU GA 95 62.03 -10.84 -6.14
CA GLU GA 95 61.17 -12.01 -6.33
C GLU GA 95 61.14 -12.42 -7.80
N GLU GA 96 61.37 -13.71 -8.04
CA GLU GA 96 61.20 -14.26 -9.37
C GLU GA 96 59.93 -15.09 -9.53
N ASP GA 97 59.67 -16.04 -8.63
CA ASP GA 97 58.55 -16.96 -8.77
C ASP GA 97 58.21 -17.44 -7.36
N GLY GA 98 57.24 -18.33 -7.28
CA GLY GA 98 56.69 -18.80 -6.03
C GLY GA 98 55.19 -18.74 -6.06
N ILE GA 99 54.58 -19.23 -4.97
CA ILE GA 99 53.13 -19.05 -4.77
C ILE GA 99 52.99 -17.74 -4.02
N ASP GA 100 52.98 -16.63 -4.76
CA ASP GA 100 53.11 -15.31 -4.16
C ASP GA 100 51.78 -14.57 -3.95
N PHE GA 101 50.65 -15.24 -4.04
CA PHE GA 101 49.37 -14.58 -3.85
C PHE GA 101 48.41 -15.60 -3.26
N GLN GA 102 47.56 -15.09 -2.40
CA GLN GA 102 46.38 -15.79 -1.91
C GLN GA 102 45.21 -14.81 -1.87
N PRO GA 103 44.10 -15.12 -2.53
CA PRO GA 103 42.85 -14.43 -2.23
C PRO GA 103 42.34 -14.77 -0.83
N VAL GA 104 42.06 -13.74 -0.05
CA VAL GA 104 41.54 -13.85 1.29
C VAL GA 104 40.29 -12.98 1.43
N THR GA 105 39.32 -13.45 2.21
CA THR GA 105 38.15 -12.66 2.55
C THR GA 105 38.01 -12.58 4.06
N VAL GA 106 38.06 -11.38 4.59
CA VAL GA 106 37.80 -11.17 6.00
C VAL GA 106 36.47 -10.44 6.11
N GLN GA 107 35.93 -10.41 7.31
CA GLN GA 107 34.63 -9.79 7.54
C GLN GA 107 34.72 -8.73 8.65
N MET GA 108 34.04 -7.61 8.45
CA MET GA 108 34.08 -6.50 9.39
C MET GA 108 32.86 -6.57 10.28
N ALA GA 109 32.94 -5.87 11.39
CA ALA GA 109 31.76 -5.70 12.22
C ALA GA 109 30.61 -5.23 11.35
N GLY GA 110 29.42 -5.78 11.60
CA GLY GA 110 28.25 -5.42 10.83
C GLY GA 110 28.08 -6.22 9.56
N GLY GA 111 29.01 -7.13 9.26
CA GLY GA 111 28.83 -8.05 8.17
C GLY GA 111 29.41 -7.65 6.84
N GLU GA 112 30.14 -6.53 6.75
CA GLU GA 112 30.82 -6.26 5.47
C GLU GA 112 31.95 -7.27 5.24
N ARG GA 113 31.89 -7.98 4.12
CA ARG GA 113 32.98 -8.83 3.66
C ARG GA 113 33.91 -8.05 2.75
N ILE GA 114 35.21 -8.20 2.99
CA ILE GA 114 36.24 -7.47 2.27
C ILE GA 114 37.21 -8.47 1.66
N PRO GA 115 37.10 -8.80 0.38
CA PRO GA 115 38.10 -9.64 -0.26
C PRO GA 115 39.32 -8.82 -0.64
N LEU GA 116 40.45 -9.52 -0.76
CA LEU GA 116 41.70 -8.84 -1.08
C LEU GA 116 42.63 -9.88 -1.66
N LEU GA 117 43.61 -9.42 -2.45
CA LEU GA 117 44.59 -10.34 -3.01
C LEU GA 117 45.85 -10.17 -2.20
N PHE GA 118 46.01 -11.02 -1.20
CA PHE GA 118 47.18 -10.97 -0.34
C PHE GA 118 48.40 -11.38 -1.15
N THR GA 119 49.37 -10.48 -1.32
CA THR GA 119 50.34 -10.74 -2.38
C THR GA 119 51.64 -9.98 -2.16
N VAL GA 120 52.67 -10.45 -2.86
CA VAL GA 120 53.98 -9.82 -2.89
C VAL GA 120 54.57 -10.01 -4.28
N LYS GA 121 53.72 -10.04 -5.28
CA LYS GA 121 54.16 -10.24 -6.66
C LYS GA 121 55.14 -9.14 -7.08
N ASN GA 122 56.29 -9.53 -7.62
CA ASN GA 122 57.31 -8.58 -8.03
C ASN GA 122 57.96 -7.87 -6.86
N LEU GA 123 57.92 -8.46 -5.68
CA LEU GA 123 58.54 -7.84 -4.52
C LEU GA 123 59.96 -7.44 -4.82
N VAL GA 124 60.35 -6.29 -4.30
CA VAL GA 124 61.71 -5.80 -4.40
C VAL GA 124 61.96 -5.19 -3.04
N ALA GA 125 62.77 -5.86 -2.21
CA ALA GA 125 63.01 -5.44 -0.85
C ALA GA 125 64.50 -5.30 -0.60
N SER GA 126 64.88 -4.17 -0.03
CA SER GA 126 66.27 -3.86 0.20
C SER GA 126 66.50 -3.57 1.68
N THR GA 127 67.73 -3.83 2.12
CA THR GA 127 68.19 -3.48 3.46
C THR GA 127 68.73 -2.04 3.47
N GLN GA 128 68.94 -1.52 4.68
CA GLN GA 128 69.81 -0.37 4.87
C GLN GA 128 71.20 -0.66 4.28
N PRO GA 129 72.02 0.37 4.09
CA PRO GA 129 73.28 0.19 3.37
C PRO GA 129 74.37 -0.33 4.27
N ASN GA 130 75.39 -0.92 3.62
CA ASN GA 130 76.60 -1.37 4.32
C ASN GA 130 76.23 -2.51 5.26
N VAL GA 131 75.66 -3.58 4.72
CA VAL GA 131 75.27 -4.76 5.50
C VAL GA 131 76.22 -5.89 5.16
N THR GA 132 77.14 -6.16 6.09
CA THR GA 132 78.20 -7.17 5.96
C THR GA 132 77.78 -8.52 6.49
N SER GA 133 76.59 -8.60 7.07
CA SER GA 133 76.12 -9.81 7.71
C SER GA 133 74.65 -9.61 8.08
N ILE GA 134 73.79 -10.60 7.82
CA ILE GA 134 72.40 -10.52 8.24
C ILE GA 134 72.32 -10.96 9.71
N THR GA 135 71.79 -10.08 10.55
CA THR GA 135 71.66 -10.30 11.98
C THR GA 135 70.21 -10.21 12.43
N THR GA 136 70.01 -10.39 13.73
CA THR GA 136 68.68 -10.23 14.32
C THR GA 136 68.35 -8.77 14.60
N SER GA 137 68.92 -7.84 13.84
CA SER GA 137 68.36 -6.50 13.73
C SER GA 137 68.29 -6.02 12.28
N THR GA 138 68.23 -6.95 11.35
CA THR GA 138 68.20 -6.63 9.93
C THR GA 138 66.76 -6.46 9.48
N ASP GA 139 66.49 -5.34 8.78
CA ASP GA 139 65.17 -5.07 8.19
C ASP GA 139 65.28 -5.03 6.68
N PHE GA 140 64.27 -5.55 6.01
CA PHE GA 140 64.02 -5.23 4.61
C PHE GA 140 62.78 -4.36 4.52
N LYS GA 141 62.75 -3.54 3.49
CA LYS GA 141 61.55 -2.76 3.18
C LYS GA 141 61.38 -2.84 1.66
N GLY GA 142 60.16 -3.12 1.22
CA GLY GA 142 59.93 -3.58 -0.12
C GLY GA 142 58.72 -2.91 -0.73
N GLU GA 143 58.51 -3.18 -2.02
CA GLU GA 143 57.26 -2.87 -2.67
C GLU GA 143 56.96 -3.95 -3.69
N PHE GA 144 55.68 -4.26 -3.80
CA PHE GA 144 55.18 -5.29 -4.70
C PHE GA 144 53.99 -4.70 -5.46
N ASN GA 145 53.65 -5.39 -6.56
CA ASN GA 145 52.47 -5.10 -7.36
C ASN GA 145 51.29 -5.88 -6.83
N VAL GA 146 50.12 -5.23 -6.84
CA VAL GA 146 48.84 -5.87 -6.54
C VAL GA 146 47.93 -5.75 -7.76
N PRO GA 147 47.85 -6.78 -8.61
CA PRO GA 147 46.88 -6.74 -9.72
C PRO GA 147 45.45 -6.87 -9.23
N SER GA 148 44.54 -6.55 -10.14
CA SER GA 148 43.13 -6.74 -9.92
C SER GA 148 42.90 -8.10 -9.27
N TYR GA 149 41.93 -8.15 -8.35
CA TYR GA 149 41.58 -9.39 -7.65
C TYR GA 149 41.02 -10.44 -8.58
N ARG GA 150 40.13 -10.07 -9.48
CA ARG GA 150 39.76 -10.94 -10.60
C ARG GA 150 40.55 -10.52 -11.83
N THR GA 151 40.86 -11.49 -12.68
CA THR GA 151 41.51 -11.26 -13.97
C THR GA 151 40.44 -11.10 -15.07
N ALA GA 152 40.88 -10.85 -16.32
CA ALA GA 152 40.04 -10.27 -17.37
C ALA GA 152 38.89 -11.18 -17.83
N ASN GA 153 38.99 -12.51 -17.73
CA ASN GA 153 37.87 -13.35 -18.10
C ASN GA 153 36.74 -13.45 -17.06
N PHE GA 154 36.82 -12.80 -15.91
CA PHE GA 154 35.83 -13.06 -14.88
C PHE GA 154 34.52 -12.40 -15.28
N LEU GA 155 33.42 -13.15 -15.19
CA LEU GA 155 32.09 -12.62 -15.54
C LEU GA 155 31.28 -12.35 -14.28
N ASP GA 156 30.59 -11.22 -14.28
CA ASP GA 156 29.75 -10.90 -13.16
C ASP GA 156 28.46 -11.65 -13.35
N PRO GA 157 27.58 -11.56 -12.35
CA PRO GA 157 26.38 -12.37 -12.34
C PRO GA 157 25.43 -12.08 -13.51
N LYS GA 158 25.48 -10.87 -14.10
CA LYS GA 158 24.70 -10.57 -15.30
C LYS GA 158 25.50 -10.76 -16.60
N GLY GA 159 26.58 -11.51 -16.56
CA GLY GA 159 27.32 -11.93 -17.75
C GLY GA 159 28.25 -10.89 -18.35
N ARG GA 160 28.57 -9.82 -17.62
CA ARG GA 160 29.42 -8.74 -18.09
C ARG GA 160 30.87 -8.96 -17.67
N GLY GA 161 31.80 -8.52 -18.51
CA GLY GA 161 33.20 -8.66 -18.16
C GLY GA 161 34.11 -7.79 -19.00
N LEU GA 162 35.40 -7.97 -18.80
CA LEU GA 162 36.41 -7.18 -19.51
C LEU GA 162 36.80 -7.86 -20.82
N ALA GA 163 37.50 -8.99 -20.75
CA ALA GA 163 37.92 -9.72 -21.95
C ALA GA 163 36.83 -10.60 -22.52
N SER GA 164 35.72 -10.73 -21.81
CA SER GA 164 34.59 -11.51 -22.27
C SER GA 164 33.36 -10.90 -21.61
N GLY GA 165 32.19 -11.33 -22.06
CA GLY GA 165 31.00 -10.88 -21.40
C GLY GA 165 30.22 -9.85 -22.20
N TYR GA 166 28.92 -9.79 -21.87
CA TYR GA 166 28.04 -8.71 -22.25
C TYR GA 166 28.66 -7.36 -21.93
N ASP GA 167 28.31 -6.35 -22.74
CA ASP GA 167 28.85 -5.01 -22.54
C ASP GA 167 27.77 -4.01 -22.10
N SER GA 168 26.71 -4.50 -21.47
CA SER GA 168 25.58 -3.65 -21.14
C SER GA 168 24.63 -4.48 -20.32
N ALA GA 169 23.67 -3.81 -19.69
CA ALA GA 169 22.69 -4.50 -18.85
C ALA GA 169 21.57 -5.04 -19.73
N ILE GA 170 21.72 -6.27 -20.23
CA ILE GA 170 20.77 -6.77 -21.21
C ILE GA 170 19.39 -7.08 -20.62
N ALA GA 171 19.26 -7.19 -19.28
CA ALA GA 171 17.93 -7.35 -18.68
C ALA GA 171 17.07 -6.08 -18.76
N LEU GA 172 17.64 -4.94 -19.08
CA LEU GA 172 16.94 -3.65 -19.05
C LEU GA 172 17.07 -3.00 -20.41
N PRO GA 173 16.52 -3.62 -21.45
CA PRO GA 173 16.79 -3.16 -22.84
C PRO GA 173 16.83 -1.68 -23.07
N GLN GA 174 15.84 -0.94 -22.59
CA GLN GA 174 15.71 0.48 -22.94
C GLN GA 174 15.85 1.41 -21.73
N ALA GA 175 16.47 0.92 -20.67
CA ALA GA 175 17.04 1.77 -19.62
C ALA GA 175 18.06 2.74 -20.19
N LYS GA 176 18.29 3.80 -19.47
CA LYS GA 176 19.37 4.71 -19.85
C LYS GA 176 20.67 4.12 -19.35
N GLU GA 177 21.56 3.84 -20.28
CA GLU GA 177 22.84 3.24 -19.94
C GLU GA 177 23.73 4.20 -19.16
N GLU GA 178 23.39 5.48 -19.15
CA GLU GA 178 24.24 6.48 -18.54
C GLU GA 178 24.53 6.16 -17.09
N GLU GA 179 23.50 5.76 -16.33
CA GLU GA 179 23.70 5.56 -14.90
C GLU GA 179 24.31 4.21 -14.56
N LEU GA 180 24.31 3.25 -15.48
CA LEU GA 180 24.91 1.96 -15.22
C LEU GA 180 26.37 1.84 -15.69
N ALA GA 181 26.98 2.91 -16.21
CA ALA GA 181 28.20 2.71 -16.98
C ALA GA 181 29.31 2.13 -16.12
N ARG GA 182 29.42 2.61 -14.89
CA ARG GA 182 30.44 2.12 -14.00
C ARG GA 182 30.32 0.62 -13.70
N ALA GA 183 29.15 0.02 -13.88
CA ALA GA 183 29.02 -1.42 -13.74
C ALA GA 183 29.01 -2.16 -15.05
N ASN GA 184 28.75 -1.48 -16.16
CA ASN GA 184 28.84 -2.09 -17.46
C ASN GA 184 30.28 -2.24 -17.91
N VAL GA 185 31.15 -1.39 -17.39
CA VAL GA 185 32.49 -1.21 -17.91
C VAL GA 185 33.46 -1.74 -16.87
N LYS GA 186 34.08 -2.85 -17.19
CA LYS GA 186 35.02 -3.49 -16.30
C LYS GA 186 36.41 -2.89 -16.48
N ARG GA 187 36.96 -2.41 -15.39
CA ARG GA 187 38.30 -1.86 -15.36
C ARG GA 187 39.19 -2.77 -14.51
N PHE GA 188 40.41 -2.94 -14.97
CA PHE GA 188 41.39 -3.82 -14.34
C PHE GA 188 42.42 -2.97 -13.62
N SER GA 189 42.42 -2.98 -12.30
CA SER GA 189 43.37 -2.18 -11.53
C SER GA 189 44.69 -2.92 -11.34
N LEU GA 190 45.76 -2.15 -11.22
CA LEU GA 190 47.01 -2.69 -10.76
C LEU GA 190 47.63 -1.63 -9.87
N THR GA 191 47.68 -1.87 -8.57
CA THR GA 191 48.25 -0.91 -7.65
C THR GA 191 49.52 -1.49 -7.02
N LYS GA 192 50.01 -0.82 -5.99
CA LYS GA 192 51.33 -1.03 -5.41
C LYS GA 192 51.19 -1.28 -3.91
N GLY GA 193 51.96 -2.23 -3.38
CA GLY GA 193 51.98 -2.48 -1.96
C GLY GA 193 53.34 -2.17 -1.37
N GLN GA 194 53.41 -2.31 -0.04
CA GLN GA 194 54.64 -2.03 0.69
C GLN GA 194 54.68 -2.90 1.92
N ILE GA 195 55.87 -3.42 2.23
CA ILE GA 195 56.08 -4.50 3.17
C ILE GA 195 57.42 -4.26 3.88
N SER GA 196 57.44 -4.40 5.20
CA SER GA 196 58.70 -4.46 5.95
C SER GA 196 58.83 -5.85 6.55
N LEU GA 197 60.01 -6.45 6.42
CA LEU GA 197 60.38 -7.70 7.07
C LEU GA 197 61.52 -7.47 8.04
N ASN GA 198 61.40 -8.05 9.21
CA ASN GA 198 62.24 -7.72 10.36
C ASN GA 198 62.83 -9.03 10.87
N VAL GA 199 64.10 -9.28 10.56
CA VAL GA 199 64.73 -10.53 10.93
C VAL GA 199 64.91 -10.54 12.43
N ALA GA 200 64.46 -11.60 13.09
CA ALA GA 200 64.58 -11.76 14.53
C ALA GA 200 65.25 -13.08 14.93
N LYS GA 201 65.38 -14.02 14.03
CA LYS GA 201 65.96 -15.30 14.38
C LYS GA 201 66.85 -15.63 13.21
N VAL GA 202 68.10 -16.05 13.49
CA VAL GA 202 69.05 -16.39 12.44
C VAL GA 202 69.78 -17.67 12.80
N ASP GA 203 69.96 -18.53 11.82
CA ASP GA 203 70.79 -19.70 11.94
C ASP GA 203 71.92 -19.49 10.93
N GLY GA 204 72.99 -18.82 11.35
CA GLY GA 204 74.15 -18.59 10.50
C GLY GA 204 74.74 -19.86 9.90
N ARG GA 205 74.50 -20.98 10.56
CA ARG GA 205 74.94 -22.26 10.03
C ARG GA 205 74.17 -22.51 8.75
N THR GA 206 72.87 -22.80 8.88
CA THR GA 206 72.09 -23.30 7.75
C THR GA 206 71.82 -22.25 6.70
N GLY GA 207 71.75 -20.97 7.08
CA GLY GA 207 71.22 -19.95 6.20
C GLY GA 207 69.74 -19.70 6.35
N GLU GA 208 69.17 -20.04 7.49
CA GLU GA 208 67.75 -19.91 7.75
C GLU GA 208 67.50 -18.66 8.58
N ILE GA 209 66.54 -17.83 8.14
CA ILE GA 209 66.09 -16.72 8.96
C ILE GA 209 64.57 -16.68 9.09
N ALA GA 210 64.13 -15.92 10.09
CA ALA GA 210 62.76 -15.92 10.52
C ALA GA 210 62.48 -14.60 11.22
N GLY GA 211 61.23 -14.16 11.13
CA GLY GA 211 60.85 -12.91 11.75
C GLY GA 211 59.40 -12.56 11.49
N THR GA 212 59.12 -11.28 11.56
CA THR GA 212 57.76 -10.81 11.37
C THR GA 212 57.66 -9.85 10.20
N PHE GA 213 56.45 -9.72 9.67
CA PHE GA 213 56.22 -8.78 8.58
C PHE GA 213 54.96 -7.99 8.84
N GLU GA 214 54.93 -6.81 8.25
CA GLU GA 214 53.73 -6.03 8.13
C GLU GA 214 53.64 -5.52 6.70
N SER GA 215 52.48 -5.64 6.08
CA SER GA 215 52.32 -5.00 4.79
C SER GA 215 51.00 -4.24 4.71
N GLU GA 216 50.98 -3.30 3.77
CA GLU GA 216 49.84 -2.45 3.46
C GLU GA 216 49.58 -2.50 1.96
N GLN GA 217 48.35 -2.85 1.60
CA GLN GA 217 47.89 -2.91 0.21
C GLN GA 217 46.39 -2.63 0.20
N LEU GA 218 45.86 -2.45 -1.02
CA LEU GA 218 44.44 -2.24 -1.23
C LEU GA 218 43.69 -3.57 -1.39
N SER GA 219 42.37 -3.50 -1.15
CA SER GA 219 41.51 -4.64 -1.32
C SER GA 219 40.93 -4.66 -2.73
N ASP GA 220 40.10 -5.67 -2.98
CA ASP GA 220 39.34 -5.74 -4.22
C ASP GA 220 38.48 -4.50 -4.44
N ASP GA 221 38.47 -3.99 -5.66
CA ASP GA 221 37.53 -2.95 -6.08
C ASP GA 221 36.46 -3.47 -7.03
N ASP GA 222 36.47 -4.77 -7.34
CA ASP GA 222 35.49 -5.45 -8.19
C ASP GA 222 35.44 -4.84 -9.61
N MET GA 223 36.62 -4.88 -10.22
CA MET GA 223 36.86 -4.28 -11.53
C MET GA 223 36.12 -2.95 -11.66
N GLY GA 224 36.37 -2.09 -10.68
CA GLY GA 224 35.97 -0.70 -10.76
C GLY GA 224 34.57 -0.36 -10.30
N ALA GA 225 33.80 -1.34 -9.84
CA ALA GA 225 32.44 -1.03 -9.44
C ALA GA 225 32.35 -0.35 -8.08
N HIS GA 226 33.38 -0.44 -7.24
CA HIS GA 226 33.35 0.33 -6.00
C HIS GA 226 34.78 0.61 -5.56
N GLU GA 227 34.89 1.49 -4.61
CA GLU GA 227 36.20 1.87 -4.12
C GLU GA 227 36.77 0.77 -3.22
N PRO GA 228 38.07 0.55 -3.28
CA PRO GA 228 38.69 -0.44 -2.38
C PRO GA 228 38.94 0.13 -0.98
N HIS GA 229 39.17 -0.79 -0.06
CA HIS GA 229 39.57 -0.49 1.30
C HIS GA 229 41.08 -0.61 1.39
N GLU GA 230 41.60 0.05 2.41
CA GLU GA 230 43.00 -0.07 2.77
C GLU GA 230 43.18 -1.19 3.78
N VAL GA 231 44.14 -2.04 3.53
CA VAL GA 231 44.34 -3.22 4.35
C VAL GA 231 45.75 -3.19 4.91
N LYS GA 232 45.88 -3.57 6.16
CA LYS GA 232 47.18 -3.83 6.76
C LYS GA 232 47.22 -5.28 7.20
N ILE GA 233 48.24 -6.02 6.75
CA ILE GA 233 48.46 -7.40 7.16
C ILE GA 233 49.71 -7.49 8.02
N GLN GA 234 49.67 -8.36 9.01
CA GLN GA 234 50.80 -8.66 9.87
C GLN GA 234 50.91 -10.16 10.01
N GLY GA 235 52.16 -10.67 10.07
CA GLY GA 235 52.41 -12.07 10.39
C GLY GA 235 53.88 -12.41 10.55
N VAL GA 236 54.25 -13.63 10.13
CA VAL GA 236 55.59 -14.14 10.30
C VAL GA 236 56.11 -14.64 8.96
N PHE GA 237 57.44 -14.67 8.85
CA PHE GA 237 58.08 -15.22 7.67
C PHE GA 237 59.27 -16.09 8.08
N TYR GA 238 59.53 -17.08 7.23
CA TYR GA 238 60.69 -17.93 7.19
C TYR GA 238 61.40 -17.67 5.88
N ALA GA 239 62.70 -17.92 5.84
CA ALA GA 239 63.49 -17.78 4.61
C ALA GA 239 64.73 -18.65 4.71
N SER GA 240 65.17 -19.17 3.56
CA SER GA 240 66.38 -19.97 3.45
C SER GA 240 67.29 -19.34 2.40
N ILE GA 241 68.51 -18.98 2.80
CA ILE GA 241 69.48 -18.36 1.90
C ILE GA 241 70.51 -19.40 1.48
N GLU GA 242 70.70 -19.59 0.18
CA GLU GA 242 71.77 -20.46 -0.32
C GLU GA 242 72.75 -19.64 -1.17
N PRO GA 243 74.02 -20.01 -1.19
CA PRO GA 243 74.93 -19.44 -2.19
C PRO GA 243 74.59 -19.90 -3.59
N ALA GA 244 74.86 -19.02 -4.56
CA ALA GA 244 74.28 -19.17 -5.88
C ALA GA 244 75.25 -19.66 -6.94
N GLU HA 2 8.53 -6.29 2.16
CA GLU HA 2 8.32 -7.53 1.40
C GLU HA 2 8.81 -8.72 2.24
N THR HA 3 9.98 -8.63 2.88
CA THR HA 3 10.40 -9.72 3.77
C THR HA 3 9.34 -9.97 4.85
N ILE HA 4 8.77 -8.90 5.42
CA ILE HA 4 7.82 -9.06 6.50
C ILE HA 4 6.61 -9.83 6.01
N THR HA 5 6.09 -9.44 4.82
CA THR HA 5 4.86 -10.04 4.30
C THR HA 5 5.04 -11.52 4.12
N TYR HA 6 6.20 -11.93 3.60
CA TYR HA 6 6.44 -13.35 3.38
C TYR HA 6 6.45 -14.11 4.69
N VAL HA 7 7.16 -13.59 5.72
CA VAL HA 7 7.28 -14.27 7.01
C VAL HA 7 5.95 -14.28 7.77
N PHE HA 8 5.20 -13.19 7.65
CA PHE HA 8 3.86 -13.18 8.24
C PHE HA 8 2.99 -14.29 7.65
N ILE HA 9 3.04 -14.49 6.34
CA ILE HA 9 2.10 -15.43 5.74
C ILE HA 9 2.52 -16.84 6.09
N PHE HA 10 3.83 -17.06 6.11
CA PHE HA 10 4.36 -18.35 6.53
C PHE HA 10 4.01 -18.65 7.99
N ALA HA 11 4.09 -17.64 8.85
CA ALA HA 11 3.74 -17.82 10.25
C ALA HA 11 2.26 -18.17 10.42
N CYS HA 12 1.36 -17.50 9.70
CA CYS HA 12 -0.05 -17.89 9.76
C CYS HA 12 -0.24 -19.34 9.31
N ILE HA 13 0.51 -19.81 8.31
CA ILE HA 13 0.33 -21.20 7.91
C ILE HA 13 0.68 -22.14 9.07
N ILE HA 14 1.73 -21.83 9.82
CA ILE HA 14 2.17 -22.76 10.87
C ILE HA 14 1.17 -22.78 12.02
N ALA HA 15 0.68 -21.59 12.39
CA ALA HA 15 -0.48 -21.46 13.29
C ALA HA 15 -1.67 -22.24 12.80
N LEU HA 16 -1.92 -22.24 11.49
CA LEU HA 16 -3.03 -23.03 10.97
C LEU HA 16 -2.81 -24.50 11.25
N PHE HA 17 -1.65 -25.03 10.82
CA PHE HA 17 -1.24 -26.39 11.19
C PHE HA 17 -1.62 -26.76 12.63
N PHE HA 18 -1.32 -25.88 13.59
CA PHE HA 18 -1.55 -26.23 14.99
C PHE HA 18 -3.03 -26.41 15.27
N PHE HA 19 -3.89 -25.51 14.77
CA PHE HA 19 -5.32 -25.74 15.04
C PHE HA 19 -5.90 -26.85 14.18
N ALA HA 20 -5.35 -27.07 12.99
CA ALA HA 20 -5.86 -28.14 12.17
C ALA HA 20 -5.67 -29.50 12.82
N ILE HA 21 -4.54 -29.68 13.53
CA ILE HA 21 -4.23 -30.96 14.18
C ILE HA 21 -4.96 -31.07 15.52
N PHE HA 22 -4.71 -30.12 16.41
CA PHE HA 22 -5.17 -30.19 17.79
C PHE HA 22 -6.59 -29.71 18.00
N PHE HA 23 -7.14 -28.87 17.13
CA PHE HA 23 -8.49 -28.37 17.24
C PHE HA 23 -9.32 -28.79 16.04
N ARG HA 24 -9.15 -30.02 15.60
CA ARG HA 24 -9.96 -30.49 14.52
C ARG HA 24 -11.36 -30.79 15.02
N GLU HA 25 -12.31 -30.85 14.08
CA GLU HA 25 -13.55 -31.60 14.32
C GLU HA 25 -13.12 -33.03 14.60
N PRO HA 26 -13.30 -33.53 15.82
CA PRO HA 26 -12.83 -34.91 16.13
C PRO HA 26 -13.71 -35.93 15.45
N PRO HA 27 -13.15 -36.97 14.86
CA PRO HA 27 -13.99 -37.95 14.17
C PRO HA 27 -14.64 -38.92 15.14
N ARG HA 28 -15.85 -39.34 14.79
CA ARG HA 28 -16.64 -40.17 15.70
C ARG HA 28 -17.37 -41.24 14.88
N ILE HA 29 -17.81 -42.30 15.55
CA ILE HA 29 -18.14 -43.57 14.89
C ILE HA 29 -19.61 -43.92 15.13
N THR HA 30 -20.47 -43.66 14.14
CA THR HA 30 -21.87 -44.09 14.17
C THR HA 30 -22.20 -45.10 13.05
N GLU IA 1 34.65 8.74 -20.16
CA GLU IA 1 35.86 8.65 -19.33
C GLU IA 1 36.19 7.18 -19.06
N LEU IA 2 35.15 6.34 -19.04
CA LEU IA 2 35.24 4.92 -18.67
C LEU IA 2 35.14 4.08 -19.94
N VAL IA 3 36.21 3.34 -20.26
CA VAL IA 3 36.27 2.57 -21.49
C VAL IA 3 36.85 1.18 -21.24
N ASN IA 4 36.31 0.20 -21.96
CA ASN IA 4 36.82 -1.16 -21.95
C ASN IA 4 38.17 -1.20 -22.66
N VAL IA 5 39.26 -1.31 -21.89
CA VAL IA 5 40.60 -1.25 -22.52
C VAL IA 5 40.84 -2.38 -23.50
N VAL IA 6 40.08 -3.48 -23.42
CA VAL IA 6 40.33 -4.59 -24.34
C VAL IA 6 39.74 -4.30 -25.72
N ASP IA 7 38.48 -3.89 -25.73
CA ASP IA 7 37.89 -3.44 -26.99
C ASP IA 7 38.77 -2.40 -27.67
N GLU IA 8 39.31 -1.44 -26.91
CA GLU IA 8 40.14 -0.41 -27.54
C GLU IA 8 41.32 -1.00 -28.28
N LYS IA 9 41.98 -2.03 -27.71
CA LYS IA 9 43.13 -2.64 -28.38
C LYS IA 9 42.73 -3.16 -29.74
N LEU IA 10 41.53 -3.76 -29.82
CA LEU IA 10 41.05 -4.28 -31.08
C LEU IA 10 40.98 -3.21 -32.15
N GLY IA 11 41.05 -1.93 -31.78
CA GLY IA 11 41.16 -0.88 -32.75
C GLY IA 11 42.57 -0.59 -33.20
N THR IA 12 43.58 -1.12 -32.47
CA THR IA 12 44.98 -0.95 -32.83
C THR IA 12 45.48 -2.13 -33.66
N ALA IA 13 46.79 -2.18 -33.90
CA ALA IA 13 47.42 -3.25 -34.67
C ALA IA 13 47.34 -4.61 -33.99
N TYR IA 14 47.07 -4.64 -32.68
CA TYR IA 14 46.71 -5.87 -32.00
C TYR IA 14 45.54 -6.55 -32.67
N GLY IA 15 44.70 -5.80 -33.39
CA GLY IA 15 43.55 -6.39 -34.02
C GLY IA 15 43.83 -7.01 -35.37
N GLU IA 16 44.88 -6.57 -36.03
CA GLU IA 16 45.25 -7.14 -37.33
C GLU IA 16 46.37 -8.17 -37.23
N LYS IA 17 47.28 -8.01 -36.28
CA LYS IA 17 48.54 -8.76 -36.26
C LYS IA 17 48.76 -9.42 -34.90
N ILE IA 18 49.83 -10.20 -34.86
CA ILE IA 18 50.31 -10.81 -33.62
C ILE IA 18 51.07 -9.73 -32.87
N ASP IA 19 50.52 -9.25 -31.77
CA ASP IA 19 51.17 -8.26 -30.93
C ASP IA 19 52.16 -9.00 -30.03
N LEU IA 20 53.45 -8.87 -30.33
CA LEU IA 20 54.52 -9.57 -29.65
C LEU IA 20 54.55 -9.28 -28.15
N ASN IA 21 53.92 -8.20 -27.71
CA ASN IA 21 53.89 -7.82 -26.31
C ASN IA 21 52.62 -8.22 -25.58
N ASN IA 22 51.59 -8.72 -26.29
CA ASN IA 22 50.29 -8.92 -25.64
C ASN IA 22 49.60 -10.21 -26.05
N THR IA 23 49.77 -10.66 -27.28
CA THR IA 23 48.90 -11.70 -27.81
C THR IA 23 49.24 -13.05 -27.15
N ASN IA 24 48.23 -13.90 -27.01
CA ASN IA 24 48.39 -15.23 -26.45
C ASN IA 24 49.22 -16.11 -27.37
N ILE IA 25 49.97 -17.03 -26.76
CA ILE IA 25 51.00 -17.80 -27.44
C ILE IA 25 50.46 -18.74 -28.50
N ALA IA 26 49.16 -19.02 -28.50
CA ALA IA 26 48.57 -19.93 -29.48
C ALA IA 26 48.27 -19.25 -30.81
N ALA IA 27 48.34 -17.91 -30.89
CA ALA IA 27 48.16 -17.25 -32.19
C ALA IA 27 49.38 -17.44 -33.09
N PHE IA 28 50.55 -17.76 -32.50
CA PHE IA 28 51.76 -18.06 -33.25
C PHE IA 28 51.67 -19.37 -34.00
N ILE IA 29 50.56 -20.11 -33.84
CA ILE IA 29 50.30 -21.30 -34.64
C ILE IA 29 49.88 -20.96 -36.05
N GLN IA 30 49.53 -19.70 -36.30
CA GLN IA 30 48.99 -19.26 -37.59
C GLN IA 30 50.03 -19.31 -38.68
N TYR IA 31 51.32 -19.31 -38.32
CA TYR IA 31 52.37 -19.24 -39.33
C TYR IA 31 53.40 -20.35 -39.12
N ARG IA 32 53.94 -20.80 -40.24
CA ARG IA 32 54.81 -21.96 -40.26
C ARG IA 32 56.09 -21.69 -39.47
N GLY IA 33 56.49 -22.68 -38.67
CA GLY IA 33 57.78 -22.69 -38.00
C GLY IA 33 57.91 -22.00 -36.64
N LEU IA 34 56.85 -21.33 -36.14
CA LEU IA 34 56.96 -20.49 -34.96
C LEU IA 34 56.64 -21.23 -33.66
N TYR IA 35 55.86 -22.29 -33.74
CA TYR IA 35 55.30 -22.87 -32.54
C TYR IA 35 55.81 -24.30 -32.38
N PRO IA 36 56.25 -24.70 -31.18
CA PRO IA 36 56.23 -23.95 -29.91
C PRO IA 36 57.52 -23.23 -29.55
N THR IA 37 58.61 -23.57 -30.26
CA THR IA 37 59.96 -23.21 -29.82
C THR IA 37 60.17 -21.70 -29.79
N LEU IA 38 59.99 -21.02 -30.95
CA LEU IA 38 60.21 -19.57 -31.01
C LEU IA 38 59.10 -18.78 -30.31
N ALA IA 39 57.88 -19.30 -30.30
CA ALA IA 39 56.82 -18.68 -29.54
C ALA IA 39 57.20 -18.56 -28.07
N LYS IA 40 57.75 -19.63 -27.50
CA LYS IA 40 58.13 -19.58 -26.09
C LYS IA 40 59.23 -18.54 -25.86
N LEU IA 41 60.16 -18.41 -26.81
CA LEU IA 41 61.21 -17.42 -26.63
C LEU IA 41 60.67 -16.03 -26.73
N ILE IA 42 59.90 -15.76 -27.80
CA ILE IA 42 59.38 -14.43 -28.05
C ILE IA 42 58.67 -13.95 -26.80
N VAL IA 43 57.87 -14.84 -26.19
CA VAL IA 43 57.08 -14.47 -25.03
C VAL IA 43 57.96 -14.35 -23.79
N LYS IA 44 58.81 -15.35 -23.55
CA LYS IA 44 59.77 -15.33 -22.45
C LYS IA 44 60.44 -13.99 -22.37
N ASN IA 45 60.80 -13.45 -23.54
CA ASN IA 45 61.64 -12.27 -23.65
C ASN IA 45 60.84 -11.01 -23.93
N ALA IA 46 59.56 -11.02 -23.60
CA ALA IA 46 58.54 -10.46 -24.47
C ALA IA 46 58.57 -8.96 -24.63
N PRO IA 47 58.81 -8.19 -23.61
CA PRO IA 47 58.59 -6.74 -23.78
C PRO IA 47 59.60 -6.15 -24.77
N TYR IA 48 59.14 -5.87 -26.01
CA TYR IA 48 59.93 -5.24 -27.07
C TYR IA 48 59.43 -3.82 -27.36
N GLU IA 49 60.31 -3.03 -28.01
CA GLU IA 49 60.04 -1.64 -28.35
C GLU IA 49 59.68 -1.46 -29.79
N SER IA 50 60.30 -2.26 -30.66
CA SER IA 50 60.02 -2.31 -32.07
C SER IA 50 60.07 -3.78 -32.45
N VAL IA 51 59.29 -4.12 -33.45
CA VAL IA 51 59.12 -5.51 -33.84
C VAL IA 51 60.45 -6.16 -34.15
N GLU IA 52 61.46 -5.36 -34.55
CA GLU IA 52 62.71 -5.96 -35.02
C GLU IA 52 63.66 -6.37 -33.91
N ASP IA 53 63.50 -5.82 -32.69
CA ASP IA 53 64.26 -6.31 -31.55
C ASP IA 53 64.09 -7.80 -31.33
N VAL IA 54 63.08 -8.43 -31.93
CA VAL IA 54 62.90 -9.86 -31.80
C VAL IA 54 64.05 -10.63 -32.44
N LEU IA 55 64.78 -10.03 -33.39
CA LEU IA 55 65.88 -10.75 -34.03
C LEU IA 55 67.10 -10.84 -33.12
N ASN IA 56 67.18 -9.96 -32.14
CA ASN IA 56 68.27 -9.90 -31.20
C ASN IA 56 68.07 -10.84 -30.01
N ILE IA 57 67.07 -11.71 -30.06
CA ILE IA 57 66.94 -12.59 -28.92
C ILE IA 57 68.21 -13.39 -28.75
N PRO IA 58 68.82 -13.42 -27.56
CA PRO IA 58 69.99 -14.27 -27.36
C PRO IA 58 69.66 -15.73 -27.61
N GLY IA 59 70.39 -16.35 -28.53
CA GLY IA 59 70.29 -17.78 -28.74
C GLY IA 59 69.75 -18.21 -30.09
N LEU IA 60 69.21 -17.30 -30.90
CA LEU IA 60 68.59 -17.75 -32.14
C LEU IA 60 69.61 -18.50 -32.97
N THR IA 61 69.17 -19.57 -33.62
CA THR IA 61 69.97 -20.13 -34.70
C THR IA 61 69.84 -19.24 -35.94
N GLU IA 62 70.60 -19.59 -36.97
CA GLU IA 62 70.56 -18.81 -38.20
C GLU IA 62 69.33 -19.13 -39.00
N ARG IA 63 68.80 -20.37 -38.89
CA ARG IA 63 67.50 -20.66 -39.50
C ARG IA 63 66.40 -19.93 -38.74
N GLN IA 64 66.55 -19.80 -37.41
CA GLN IA 64 65.54 -19.13 -36.61
C GLN IA 64 65.43 -17.66 -36.97
N LYS IA 65 66.58 -16.96 -37.03
CA LYS IA 65 66.56 -15.56 -37.41
C LYS IA 65 65.95 -15.37 -38.78
N GLN IA 66 66.05 -16.40 -39.62
CA GLN IA 66 65.49 -16.31 -40.96
C GLN IA 66 63.97 -16.43 -40.94
N ILE IA 67 63.45 -17.41 -40.21
CA ILE IA 67 62.01 -17.58 -40.04
C ILE IA 67 61.39 -16.34 -39.42
N LEU IA 68 62.07 -15.73 -38.46
CA LEU IA 68 61.54 -14.51 -37.87
C LEU IA 68 61.47 -13.41 -38.93
N ARG IA 69 62.55 -13.24 -39.70
CA ARG IA 69 62.51 -12.28 -40.80
C ARG IA 69 61.36 -12.59 -41.77
N GLU IA 70 61.20 -13.85 -42.17
CA GLU IA 70 60.08 -14.24 -43.03
C GLU IA 70 58.71 -13.83 -42.49
N ASN IA 71 58.58 -13.67 -41.17
CA ASN IA 71 57.29 -13.41 -40.52
C ASN IA 71 57.30 -12.13 -39.71
N LEU IA 72 58.29 -11.26 -39.94
CA LEU IA 72 58.22 -9.92 -39.36
C LEU IA 72 57.00 -9.17 -39.90
N GLU IA 73 56.59 -9.41 -41.15
CA GLU IA 73 55.39 -8.76 -41.68
C GLU IA 73 54.12 -9.17 -40.93
N HIS IA 74 54.17 -10.23 -40.13
CA HIS IA 74 53.00 -10.70 -39.39
C HIS IA 74 52.98 -10.25 -37.93
N PHE IA 75 53.97 -9.48 -37.47
CA PHE IA 75 54.03 -9.01 -36.09
C PHE IA 75 53.87 -7.50 -36.02
N THR IA 76 53.46 -7.03 -34.85
CA THR IA 76 53.43 -5.62 -34.52
C THR IA 76 53.78 -5.58 -33.05
N VAL IA 77 53.91 -4.38 -32.47
CA VAL IA 77 54.05 -4.23 -31.03
C VAL IA 77 53.23 -3.04 -30.63
N THR IA 78 52.44 -3.20 -29.59
CA THR IA 78 51.74 -2.11 -28.98
C THR IA 78 52.08 -2.11 -27.50
N GLU IA 79 51.49 -1.16 -26.80
CA GLU IA 79 51.77 -1.00 -25.39
C GLU IA 79 51.30 -2.24 -24.66
N VAL IA 80 52.12 -2.70 -23.71
CA VAL IA 80 51.72 -3.83 -22.87
C VAL IA 80 50.45 -3.45 -22.13
N GLU IA 81 49.40 -4.22 -22.37
CA GLU IA 81 48.14 -4.03 -21.66
C GLU IA 81 48.07 -5.06 -20.54
N THR IA 82 48.20 -4.58 -19.30
CA THR IA 82 48.09 -5.38 -18.09
C THR IA 82 47.00 -6.46 -18.14
N ALA IA 83 45.80 -6.08 -18.56
CA ALA IA 83 44.68 -7.02 -18.54
C ALA IA 83 44.89 -8.20 -19.48
N LEU IA 84 45.77 -8.06 -20.48
CA LEU IA 84 46.04 -9.15 -21.41
C LEU IA 84 47.20 -10.03 -20.97
N VAL IA 85 48.07 -9.52 -20.12
CA VAL IA 85 49.32 -10.21 -19.83
C VAL IA 85 49.38 -10.75 -18.40
N GLU IA 86 48.61 -10.19 -17.47
CA GLU IA 86 48.52 -10.71 -16.12
C GLU IA 86 47.85 -12.08 -16.13
N GLY IA 87 47.92 -12.73 -14.96
CA GLY IA 87 47.34 -14.03 -14.72
C GLY IA 87 47.99 -15.12 -15.53
N GLY IA 88 49.17 -14.85 -16.10
CA GLY IA 88 49.76 -15.76 -17.05
C GLY IA 88 48.88 -16.04 -18.24
N ASP IA 89 47.98 -15.09 -18.58
CA ASP IA 89 47.02 -15.26 -19.67
C ASP IA 89 47.68 -15.31 -21.04
N ARG IA 90 48.91 -14.81 -21.18
CA ARG IA 90 49.63 -15.07 -22.41
C ARG IA 90 49.92 -16.55 -22.63
N TYR IA 91 50.04 -17.35 -21.58
CA TYR IA 91 50.25 -18.77 -21.83
C TYR IA 91 48.94 -19.53 -21.95
N ASN IA 92 47.93 -19.10 -21.21
CA ASN IA 92 46.63 -19.78 -21.22
C ASN IA 92 45.60 -18.71 -20.87
N ASN IA 93 44.79 -18.33 -21.87
CA ASN IA 93 43.78 -17.29 -21.74
C ASN IA 93 42.37 -17.84 -21.60
N GLY IA 94 42.23 -19.14 -21.32
CA GLY IA 94 40.91 -19.69 -21.03
C GLY IA 94 40.11 -20.07 -22.24
N LEU IA 95 40.60 -19.77 -23.44
CA LEU IA 95 39.98 -20.21 -24.68
C LEU IA 95 40.60 -21.54 -25.09
N TYR IA 96 39.77 -22.54 -25.28
CA TYR IA 96 40.25 -23.80 -25.82
C TYR IA 96 39.64 -23.93 -27.21
N LYS IA 97 38.66 -24.79 -27.37
CA LYS IA 97 37.99 -24.95 -28.64
C LYS IA 97 36.64 -24.35 -28.48
N ALA JA 1 24.16 -36.81 -52.71
CA ALA JA 1 25.59 -36.71 -52.28
C ALA JA 1 26.08 -38.10 -51.98
N GLU JA 2 27.34 -38.35 -52.25
CA GLU JA 2 27.82 -39.71 -52.05
C GLU JA 2 29.34 -39.71 -52.08
N LEU JA 3 29.89 -40.81 -51.56
CA LEU JA 3 31.31 -41.01 -51.41
C LEU JA 3 31.85 -41.34 -52.79
N THR JA 4 32.47 -40.37 -53.45
CA THR JA 4 32.98 -40.63 -54.79
C THR JA 4 34.49 -40.64 -54.78
N PRO JA 5 35.10 -41.18 -55.83
CA PRO JA 5 36.56 -41.18 -55.90
C PRO JA 5 37.17 -39.80 -55.96
N GLU JA 6 36.39 -38.79 -56.35
CA GLU JA 6 36.91 -37.43 -56.34
C GLU JA 6 37.05 -36.90 -54.91
N VAL JA 7 36.26 -37.45 -53.99
CA VAL JA 7 36.40 -37.13 -52.56
C VAL JA 7 37.54 -37.92 -51.96
N LEU JA 8 37.58 -39.20 -52.31
CA LEU JA 8 38.60 -40.15 -51.89
C LEU JA 8 39.93 -39.97 -52.65
N THR JA 9 40.19 -38.79 -53.22
CA THR JA 9 41.49 -38.46 -53.81
C THR JA 9 42.16 -37.44 -52.90
N VAL JA 10 43.34 -37.78 -52.38
CA VAL JA 10 44.04 -36.92 -51.42
C VAL JA 10 45.52 -36.83 -51.82
N PRO JA 11 46.23 -35.81 -51.35
CA PRO JA 11 47.66 -35.70 -51.66
C PRO JA 11 48.45 -36.87 -51.10
N LEU JA 12 49.10 -37.61 -52.01
CA LEU JA 12 50.02 -38.66 -51.59
C LEU JA 12 51.25 -38.06 -50.96
N ASN JA 13 51.94 -37.20 -51.69
CA ASN JA 13 53.10 -36.49 -51.16
C ASN JA 13 52.92 -35.00 -51.36
N SER JA 14 53.87 -34.24 -50.87
CA SER JA 14 53.82 -32.81 -51.12
C SER JA 14 54.25 -32.48 -52.53
N GLU JA 15 54.74 -33.47 -53.29
CA GLU JA 15 55.06 -33.26 -54.69
C GLU JA 15 53.84 -32.87 -55.51
N GLY JA 16 52.63 -32.93 -54.93
CA GLY JA 16 51.42 -32.70 -55.68
C GLY JA 16 50.86 -33.95 -56.30
N LYS JA 17 51.66 -35.02 -56.39
CA LYS JA 17 51.16 -36.35 -56.70
C LYS JA 17 49.99 -36.66 -55.79
N THR JA 18 49.13 -37.59 -56.22
CA THR JA 18 47.92 -37.90 -55.48
C THR JA 18 47.65 -39.37 -55.64
N ILE JA 19 46.71 -39.84 -54.85
CA ILE JA 19 46.33 -41.24 -54.82
C ILE JA 19 44.84 -41.27 -54.58
N THR JA 20 44.18 -42.29 -55.11
CA THR JA 20 42.76 -42.45 -54.86
C THR JA 20 42.54 -43.68 -54.00
N LEU JA 21 41.49 -43.62 -53.20
CA LEU JA 21 41.13 -44.57 -52.17
C LEU JA 21 39.84 -45.25 -52.55
N THR JA 22 39.44 -46.22 -51.73
CA THR JA 22 38.22 -46.98 -51.93
C THR JA 22 37.25 -46.72 -50.79
N GLU JA 23 36.04 -47.25 -50.93
CA GLU JA 23 35.15 -47.21 -49.79
C GLU JA 23 35.74 -48.05 -48.67
N LYS JA 24 36.41 -49.15 -49.02
CA LYS JA 24 36.89 -50.11 -48.03
C LYS JA 24 38.04 -49.54 -47.21
N GLN JA 25 38.97 -48.85 -47.87
CA GLN JA 25 40.09 -48.23 -47.18
C GLN JA 25 39.61 -47.13 -46.25
N TYR JA 26 38.90 -46.13 -46.80
CA TYR JA 26 38.36 -45.06 -45.98
C TYR JA 26 37.63 -45.59 -44.76
N LEU JA 27 36.89 -46.68 -44.91
CA LEU JA 27 36.12 -47.16 -43.77
C LEU JA 27 37.02 -47.90 -42.79
N GLU JA 28 38.05 -48.58 -43.31
CA GLU JA 28 39.07 -49.15 -42.42
C GLU JA 28 39.79 -48.05 -41.66
N GLY JA 29 40.06 -46.92 -42.33
CA GLY JA 29 40.76 -45.82 -41.68
C GLY JA 29 39.93 -45.12 -40.63
N LYS JA 30 38.60 -45.06 -40.79
CA LYS JA 30 37.71 -44.57 -39.74
C LYS JA 30 37.69 -45.52 -38.55
N ARG JA 31 37.66 -46.83 -38.82
CA ARG JA 31 37.66 -47.80 -37.74
C ARG JA 31 38.96 -47.70 -36.92
N LEU JA 32 40.10 -47.71 -37.59
CA LEU JA 32 41.38 -47.70 -36.90
C LEU JA 32 41.60 -46.37 -36.17
N PHE JA 33 41.22 -45.24 -36.80
CA PHE JA 33 41.26 -43.94 -36.12
C PHE JA 33 40.44 -43.98 -34.84
N GLN JA 34 39.28 -44.63 -34.87
CA GLN JA 34 38.51 -44.79 -33.63
C GLN JA 34 39.27 -45.62 -32.61
N TYR JA 35 39.91 -46.70 -33.07
CA TYR JA 35 40.57 -47.65 -32.17
C TYR JA 35 41.81 -47.05 -31.49
N ALA JA 36 42.64 -46.34 -32.23
CA ALA JA 36 43.90 -45.83 -31.71
C ALA JA 36 43.90 -44.35 -31.39
N CYS JA 37 43.02 -43.55 -31.97
CA CYS JA 37 43.27 -42.11 -32.04
C CYS JA 37 42.21 -41.23 -31.39
N ALA JA 38 40.95 -41.65 -31.36
CA ALA JA 38 39.88 -40.68 -31.10
C ALA JA 38 39.68 -40.42 -29.61
N SER JA 39 40.13 -41.33 -28.75
CA SER JA 39 40.30 -41.05 -27.33
C SER JA 39 40.80 -39.63 -27.11
N CYS JA 40 41.75 -39.17 -27.93
CA CYS JA 40 42.19 -37.79 -27.84
C CYS JA 40 41.73 -36.91 -28.98
N HIS JA 41 41.52 -37.46 -30.18
CA HIS JA 41 41.36 -36.67 -31.40
C HIS JA 41 39.95 -36.72 -31.98
N VAL JA 42 38.95 -37.12 -31.18
CA VAL JA 42 37.58 -37.19 -31.66
C VAL JA 42 37.21 -35.92 -32.41
N GLY JA 43 36.63 -36.09 -33.59
CA GLY JA 43 36.10 -34.99 -34.39
C GLY JA 43 37.12 -34.02 -34.96
N GLY JA 44 38.41 -34.36 -34.92
CA GLY JA 44 39.46 -33.53 -35.44
C GLY JA 44 40.08 -32.57 -34.45
N ILE JA 45 39.64 -32.58 -33.21
CA ILE JA 45 40.33 -31.74 -32.22
C ILE JA 45 41.36 -32.58 -31.48
N THR JA 46 41.97 -32.00 -30.46
CA THR JA 46 42.93 -32.70 -29.61
C THR JA 46 42.59 -32.34 -28.17
N LYS JA 47 42.04 -33.30 -27.42
CA LYS JA 47 41.57 -33.05 -26.06
C LYS JA 47 42.71 -32.65 -25.12
N THR JA 48 43.90 -33.27 -25.23
CA THR JA 48 44.98 -32.92 -24.35
C THR JA 48 45.79 -31.73 -24.82
N ASN JA 49 45.42 -31.16 -25.97
CA ASN JA 49 46.00 -29.90 -26.40
C ASN JA 49 45.12 -29.29 -27.46
N PRO JA 50 44.02 -28.66 -27.05
CA PRO JA 50 43.11 -28.05 -28.03
C PRO JA 50 43.77 -27.14 -29.06
N SER JA 51 44.94 -26.59 -28.78
CA SER JA 51 45.56 -25.65 -29.72
C SER JA 51 45.98 -26.27 -31.04
N LEU JA 52 46.06 -27.59 -31.14
CA LEU JA 52 46.38 -28.25 -32.38
C LEU JA 52 45.22 -29.15 -32.77
N ASP JA 53 44.59 -28.85 -33.91
CA ASP JA 53 43.63 -29.76 -34.51
C ASP JA 53 44.26 -30.53 -35.66
N LEU JA 54 43.42 -31.36 -36.28
CA LEU JA 54 43.76 -32.15 -37.45
C LEU JA 54 43.19 -31.58 -38.76
N ARG JA 55 42.71 -30.33 -38.76
CA ARG JA 55 42.28 -29.69 -40.02
C ARG JA 55 43.41 -29.74 -41.05
N THR JA 56 43.04 -29.94 -42.32
CA THR JA 56 44.08 -30.00 -43.35
C THR JA 56 44.90 -28.72 -43.38
N GLU JA 57 44.32 -27.60 -42.98
CA GLU JA 57 45.01 -26.33 -43.08
C GLU JA 57 46.05 -26.19 -41.99
N THR JA 58 45.80 -26.79 -40.83
CA THR JA 58 46.79 -26.88 -39.75
C THR JA 58 47.94 -27.79 -40.15
N LEU JA 59 47.62 -29.00 -40.58
CA LEU JA 59 48.62 -29.93 -41.06
C LEU JA 59 49.51 -29.32 -42.13
N ALA JA 60 48.88 -28.70 -43.14
CA ALA JA 60 49.61 -27.95 -44.15
C ALA JA 60 50.73 -27.11 -43.54
N LEU JA 61 50.44 -26.39 -42.47
CA LEU JA 61 51.37 -25.39 -41.98
C LEU JA 61 52.33 -25.92 -40.93
N ALA JA 62 52.39 -27.23 -40.74
CA ALA JA 62 53.36 -27.84 -39.84
C ALA JA 62 54.69 -28.11 -40.55
N THR JA 63 55.76 -28.16 -39.76
CA THR JA 63 57.08 -28.52 -40.24
C THR JA 63 57.44 -29.90 -39.70
N PRO JA 64 57.70 -30.89 -40.55
CA PRO JA 64 57.42 -30.89 -41.98
C PRO JA 64 55.92 -30.84 -42.24
N PRO JA 65 55.49 -30.54 -43.46
CA PRO JA 65 54.06 -30.54 -43.77
C PRO JA 65 53.42 -31.93 -43.72
N ARG JA 66 52.15 -31.94 -43.37
CA ARG JA 66 51.49 -33.17 -43.00
C ARG JA 66 50.14 -33.31 -43.68
N ASP JA 67 49.82 -32.46 -44.65
CA ASP JA 67 48.58 -32.58 -45.43
C ASP JA 67 48.75 -33.54 -46.59
N ASN JA 68 49.56 -34.58 -46.40
CA ASN JA 68 49.67 -35.66 -47.37
C ASN JA 68 49.84 -36.94 -46.59
N ILE JA 69 49.61 -38.04 -47.29
CA ILE JA 69 49.65 -39.35 -46.63
C ILE JA 69 51.05 -39.66 -46.14
N GLU JA 70 52.05 -39.21 -46.88
CA GLU JA 70 53.42 -39.57 -46.55
C GLU JA 70 53.84 -38.92 -45.24
N GLY JA 71 53.75 -37.60 -45.18
CA GLY JA 71 54.11 -36.92 -43.96
C GLY JA 71 53.26 -37.32 -42.77
N LEU JA 72 52.11 -37.95 -43.01
CA LEU JA 72 51.29 -38.40 -41.90
C LEU JA 72 51.77 -39.75 -41.42
N VAL JA 73 51.95 -40.69 -42.36
CA VAL JA 73 52.58 -41.96 -42.02
C VAL JA 73 53.89 -41.69 -41.27
N ASP JA 74 54.62 -40.67 -41.70
CA ASP JA 74 55.89 -40.43 -41.07
C ASP JA 74 55.70 -39.96 -39.64
N TYR JA 75 54.68 -39.11 -39.42
CA TYR JA 75 54.41 -38.59 -38.09
C TYR JA 75 53.91 -39.68 -37.18
N MET JA 76 53.09 -40.58 -37.71
CA MET JA 76 52.67 -41.73 -36.93
C MET JA 76 53.83 -42.65 -36.62
N LYS JA 77 54.94 -42.56 -37.37
CA LYS JA 77 56.13 -43.32 -37.05
C LYS JA 77 57.07 -42.56 -36.13
N ASN JA 78 57.15 -41.25 -36.26
CA ASN JA 78 58.21 -40.50 -35.60
C ASN JA 78 57.75 -39.07 -35.33
N PRO JA 79 56.76 -38.89 -34.46
CA PRO JA 79 56.14 -37.57 -34.32
C PRO JA 79 57.11 -36.51 -33.88
N THR JA 80 56.84 -35.28 -34.32
CA THR JA 80 57.60 -34.09 -33.98
C THR JA 80 56.65 -33.01 -33.46
N THR JA 81 57.21 -31.98 -32.82
CA THR JA 81 56.43 -30.79 -32.51
C THR JA 81 56.02 -30.08 -33.80
N TYR JA 82 55.11 -29.12 -33.66
CA TYR JA 82 54.54 -28.46 -34.83
C TYR JA 82 55.63 -27.87 -35.71
N ASP JA 83 56.73 -27.44 -35.09
CA ASP JA 83 57.82 -26.78 -35.77
C ASP JA 83 58.92 -27.73 -36.21
N GLY JA 84 58.74 -29.05 -36.06
CA GLY JA 84 59.73 -30.05 -36.44
C GLY JA 84 60.88 -30.21 -35.47
N GLU JA 85 60.96 -29.39 -34.43
CA GLU JA 85 62.19 -29.27 -33.64
C GLU JA 85 62.41 -30.43 -32.69
N GLN JA 86 61.36 -30.87 -32.00
CA GLN JA 86 61.50 -31.93 -31.02
C GLN JA 86 60.83 -33.17 -31.53
N GLU JA 87 61.42 -34.31 -31.19
CA GLU JA 87 60.71 -35.56 -31.33
C GLU JA 87 59.91 -35.78 -30.07
N ILE JA 88 58.75 -36.42 -30.20
CA ILE JA 88 57.78 -36.47 -29.11
C ILE JA 88 57.19 -37.87 -29.02
N ALA JA 89 57.88 -38.85 -29.61
CA ALA JA 89 57.45 -40.25 -29.52
C ALA JA 89 57.31 -40.74 -28.08
N GLU JA 90 58.02 -40.11 -27.15
CA GLU JA 90 57.93 -40.48 -25.73
C GLU JA 90 56.55 -40.19 -25.13
N VAL JA 91 55.79 -39.24 -25.66
CA VAL JA 91 54.46 -38.94 -25.15
C VAL JA 91 53.38 -38.97 -26.21
N HIS JA 92 53.71 -39.26 -27.46
CA HIS JA 92 52.69 -39.34 -28.48
C HIS JA 92 52.76 -40.70 -29.14
N PRO JA 93 51.65 -41.44 -29.24
CA PRO JA 93 51.74 -42.82 -29.70
C PRO JA 93 52.29 -42.89 -31.12
N SER JA 94 53.23 -43.80 -31.32
CA SER JA 94 53.89 -43.96 -32.60
C SER JA 94 54.45 -45.37 -32.68
N LEU JA 95 54.78 -45.79 -33.89
CA LEU JA 95 55.56 -47.02 -34.03
C LEU JA 95 56.88 -46.91 -33.28
N ARG JA 96 57.50 -45.73 -33.30
CA ARG JA 96 58.77 -45.56 -32.62
C ARG JA 96 58.63 -45.91 -31.15
N SER JA 97 57.43 -45.69 -30.57
CA SER JA 97 57.13 -45.83 -29.14
C SER JA 97 56.04 -46.86 -28.88
N ALA JA 98 55.92 -47.86 -29.74
CA ALA JA 98 54.88 -48.87 -29.56
C ALA JA 98 55.17 -49.82 -28.38
N ASP JA 99 56.27 -49.64 -27.65
CA ASP JA 99 56.43 -50.45 -26.44
C ASP JA 99 55.64 -49.86 -25.29
N ILE JA 100 55.42 -48.54 -25.28
CA ILE JA 100 54.66 -47.89 -24.22
C ILE JA 100 53.28 -47.47 -24.68
N PHE JA 101 53.00 -47.47 -26.00
CA PHE JA 101 51.66 -47.29 -26.56
C PHE JA 101 51.28 -48.60 -27.22
N PRO JA 102 50.80 -49.59 -26.45
CA PRO JA 102 50.58 -50.93 -27.02
C PRO JA 102 49.57 -51.01 -28.12
N LYS JA 103 48.61 -50.06 -28.23
CA LYS JA 103 47.66 -50.11 -29.33
C LYS JA 103 48.39 -50.05 -30.66
N MET JA 104 49.61 -49.52 -30.68
CA MET JA 104 50.38 -49.36 -31.92
C MET JA 104 51.19 -50.61 -32.31
N ARG JA 105 51.28 -51.66 -31.49
CA ARG JA 105 52.19 -52.76 -31.80
C ARG JA 105 51.75 -53.54 -33.04
N ASN JA 106 50.45 -53.63 -33.30
CA ASN JA 106 49.91 -54.53 -34.33
C ASN JA 106 49.40 -53.77 -35.56
N LEU JA 107 49.87 -52.56 -35.75
CA LEU JA 107 49.44 -51.71 -36.85
C LEU JA 107 50.42 -51.89 -38.01
N THR JA 108 49.89 -52.27 -39.17
CA THR JA 108 50.69 -52.43 -40.37
C THR JA 108 50.86 -51.08 -41.06
N GLU JA 109 51.85 -51.02 -41.96
CA GLU JA 109 52.02 -49.82 -42.76
C GLU JA 109 50.77 -49.55 -43.63
N LYS JA 110 50.05 -50.60 -44.03
CA LYS JA 110 48.81 -50.36 -44.78
C LYS JA 110 47.76 -49.79 -43.85
N ASP JA 111 47.78 -50.21 -42.59
CA ASP JA 111 46.86 -49.67 -41.60
C ASP JA 111 47.14 -48.19 -41.34
N LEU JA 112 48.41 -47.80 -41.26
CA LEU JA 112 48.75 -46.39 -41.04
C LEU JA 112 48.19 -45.49 -42.16
N VAL JA 113 48.33 -45.91 -43.42
CA VAL JA 113 47.87 -45.05 -44.50
C VAL JA 113 46.34 -44.92 -44.46
N ALA JA 114 45.63 -46.02 -44.22
CA ALA JA 114 44.18 -45.95 -44.06
C ALA JA 114 43.80 -44.87 -43.06
N ILE JA 115 44.57 -44.73 -41.99
CA ILE JA 115 44.30 -43.72 -40.97
C ILE JA 115 44.54 -42.32 -41.50
N ALA JA 116 45.62 -42.12 -42.27
CA ALA JA 116 45.89 -40.82 -42.88
C ALA JA 116 44.80 -40.44 -43.86
N GLY JA 117 44.52 -41.33 -44.81
CA GLY JA 117 43.44 -41.10 -45.73
C GLY JA 117 42.16 -40.66 -45.04
N HIS JA 118 41.76 -41.39 -44.01
CA HIS JA 118 40.61 -40.97 -43.23
C HIS JA 118 40.76 -39.51 -42.82
N ILE JA 119 41.87 -39.18 -42.15
CA ILE JA 119 42.11 -37.82 -41.66
C ILE JA 119 42.10 -36.77 -42.77
N LEU JA 120 42.56 -37.12 -43.95
CA LEU JA 120 42.56 -36.13 -45.01
C LEU JA 120 41.24 -36.09 -45.74
N VAL JA 121 40.46 -37.17 -45.68
CA VAL JA 121 39.19 -37.20 -46.37
C VAL JA 121 38.08 -36.61 -45.53
N GLU JA 122 38.22 -36.59 -44.19
CA GLU JA 122 37.01 -36.32 -43.42
C GLU JA 122 36.58 -34.86 -43.51
N PRO JA 123 37.49 -33.90 -43.55
CA PRO JA 123 37.04 -32.50 -43.71
C PRO JA 123 36.41 -32.21 -45.07
N LYS JA 124 36.80 -32.89 -46.14
CA LYS JA 124 36.11 -32.68 -47.41
C LYS JA 124 34.64 -33.06 -47.27
N ILE JA 125 34.33 -34.01 -46.39
CA ILE JA 125 32.96 -34.36 -46.06
C ILE JA 125 32.34 -33.32 -45.13
N LEU JA 126 32.95 -33.09 -43.96
CA LEU JA 126 32.29 -32.36 -42.88
C LEU JA 126 32.65 -30.88 -42.87
N GLY JA 127 33.65 -30.46 -43.62
CA GLY JA 127 34.19 -29.12 -43.49
C GLY JA 127 34.45 -28.68 -42.06
N ASP JA 128 33.83 -27.56 -41.68
CA ASP JA 128 34.15 -26.85 -40.43
C ASP JA 128 34.01 -27.75 -39.21
N LYS JA 129 33.07 -28.69 -39.24
CA LYS JA 129 32.82 -29.54 -38.08
C LYS JA 129 34.10 -30.22 -37.61
N TRP JA 130 34.92 -30.65 -38.56
CA TRP JA 130 36.12 -31.41 -38.26
C TRP JA 130 37.21 -30.46 -37.78
N GLY JA 131 37.64 -30.64 -36.53
CA GLY JA 131 38.53 -29.70 -35.91
C GLY JA 131 37.85 -28.48 -35.35
N GLY JA 132 36.53 -28.38 -35.43
CA GLY JA 132 35.84 -27.21 -34.91
C GLY JA 132 35.48 -27.27 -33.43
N GLY JA 133 35.19 -28.46 -32.93
CA GLY JA 133 34.76 -28.54 -31.56
C GLY JA 133 33.28 -28.25 -31.43
N LYS JA 134 32.85 -28.01 -30.18
CA LYS JA 134 31.43 -28.09 -29.85
C LYS JA 134 30.60 -27.00 -30.54
N VAL JA 135 31.21 -25.88 -30.91
CA VAL JA 135 30.48 -24.84 -31.61
C VAL JA 135 29.74 -25.46 -32.79
N TYR JA 136 30.31 -26.54 -33.36
CA TYR JA 136 29.85 -27.11 -34.62
C TYR JA 136 29.13 -28.43 -34.47
N TYR JA 137 28.99 -28.95 -33.26
CA TYR JA 137 28.36 -30.22 -33.11
C TYR JA 137 26.95 -30.11 -33.66
N GLU KA 1 29.06 -67.96 -39.63
CA GLU KA 1 29.86 -67.07 -38.79
C GLU KA 1 29.04 -66.51 -37.62
N VAL KA 2 28.19 -65.51 -37.90
CA VAL KA 2 27.17 -65.13 -36.94
C VAL KA 2 25.97 -66.07 -37.03
N ILE KA 3 25.84 -66.82 -38.12
CA ILE KA 3 24.83 -67.87 -38.20
C ILE KA 3 25.21 -69.02 -37.31
N ALA KA 4 26.51 -69.23 -37.11
CA ALA KA 4 26.98 -70.10 -36.04
C ALA KA 4 26.35 -69.70 -34.72
N GLN KA 5 26.47 -68.41 -34.37
CA GLN KA 5 25.94 -67.92 -33.11
C GLN KA 5 24.43 -68.17 -33.02
N LEU KA 6 23.69 -67.94 -34.11
CA LEU KA 6 22.23 -68.05 -34.08
C LEU KA 6 21.75 -69.49 -33.91
N THR KA 7 22.47 -70.46 -34.51
CA THR KA 7 22.03 -71.85 -34.42
C THR KA 7 22.24 -72.43 -33.02
N MET KA 8 23.36 -72.10 -32.38
CA MET KA 8 23.62 -72.54 -31.01
C MET KA 8 22.51 -72.09 -30.07
N ILE KA 9 22.24 -70.78 -30.03
CA ILE KA 9 21.26 -70.24 -29.10
C ILE KA 9 19.83 -70.65 -29.49
N ALA KA 10 19.56 -70.78 -30.78
CA ALA KA 10 18.30 -71.41 -31.19
C ALA KA 10 18.16 -72.80 -30.58
N MET KA 11 19.26 -73.55 -30.45
CA MET KA 11 19.19 -74.90 -29.91
C MET KA 11 19.12 -74.88 -28.40
N ILE KA 12 20.01 -74.12 -27.76
CA ILE KA 12 19.93 -73.96 -26.32
C ILE KA 12 18.55 -73.46 -25.92
N GLY KA 13 18.02 -72.47 -26.65
CA GLY KA 13 16.73 -71.91 -26.27
C GLY KA 13 15.58 -72.89 -26.44
N ILE KA 14 15.55 -73.63 -27.55
CA ILE KA 14 14.52 -74.64 -27.75
C ILE KA 14 14.63 -75.74 -26.70
N ALA KA 15 15.79 -75.85 -26.03
CA ALA KA 15 16.01 -76.96 -25.11
C ALA KA 15 15.10 -76.91 -23.89
N GLY KA 16 14.67 -75.72 -23.50
CA GLY KA 16 13.91 -75.57 -22.29
C GLY KA 16 12.48 -76.01 -22.50
N PRO KA 17 11.82 -75.35 -23.46
CA PRO KA 17 10.42 -75.70 -23.76
C PRO KA 17 10.27 -77.18 -24.06
N MET KA 18 11.31 -77.82 -24.61
CA MET KA 18 11.22 -79.25 -24.88
C MET KA 18 10.97 -80.03 -23.59
N ILE KA 19 11.82 -79.83 -22.58
CA ILE KA 19 11.70 -80.59 -21.34
C ILE KA 19 10.27 -80.53 -20.83
N ILE KA 20 9.71 -79.32 -20.77
CA ILE KA 20 8.32 -79.12 -20.34
C ILE KA 20 7.38 -79.87 -21.28
N PHE KA 21 7.68 -79.84 -22.58
CA PHE KA 21 6.83 -80.50 -23.57
C PHE KA 21 6.85 -82.01 -23.42
N LEU KA 22 8.06 -82.58 -23.38
CA LEU KA 22 8.23 -84.00 -23.09
C LEU KA 22 7.52 -84.41 -21.79
N LEU KA 23 7.56 -83.55 -20.78
CA LEU KA 23 7.06 -83.98 -19.47
C LEU KA 23 5.54 -83.96 -19.38
N ALA KA 24 4.86 -83.23 -20.27
CA ALA KA 24 3.38 -83.26 -20.27
C ALA KA 24 2.85 -84.44 -21.08
N VAL KA 25 3.46 -84.75 -22.22
CA VAL KA 25 3.24 -86.01 -22.89
C VAL KA 25 3.23 -87.15 -21.86
N ARG KA 26 4.39 -87.47 -21.28
CA ARG KA 26 4.48 -88.58 -20.34
C ARG KA 26 3.69 -88.36 -19.06
N ARG KA 27 2.78 -87.36 -19.03
CA ARG KA 27 2.10 -86.90 -17.82
C ARG KA 27 3.06 -86.97 -16.65
N GLY KA 28 4.31 -86.59 -16.89
CA GLY KA 28 5.27 -86.45 -15.82
C GLY KA 28 4.81 -85.42 -14.81
N ASN KA 29 5.54 -85.36 -13.70
CA ASN KA 29 5.12 -84.61 -12.53
C ASN KA 29 5.57 -83.16 -12.65
N LEU KA 30 4.77 -82.37 -13.36
CA LEU KA 30 5.05 -80.93 -13.46
C LEU KA 30 4.68 -80.22 -12.14
N THR LA 1 -16.03 -16.11 -61.85
CA THR LA 1 -14.63 -16.52 -61.77
C THR LA 1 -14.44 -17.58 -60.68
N ILE LA 2 -14.07 -18.79 -61.07
CA ILE LA 2 -14.02 -19.94 -60.16
C ILE LA 2 -12.55 -20.35 -60.03
N THR LA 3 -11.91 -19.93 -58.92
CA THR LA 3 -10.46 -20.09 -58.73
C THR LA 3 -10.05 -21.55 -58.47
N PRO LA 4 -8.74 -21.84 -58.53
CA PRO LA 4 -8.30 -23.22 -58.23
C PRO LA 4 -8.63 -23.72 -56.83
N SER LA 5 -8.52 -22.89 -55.78
CA SER LA 5 -8.83 -23.32 -54.42
C SER LA 5 -10.33 -23.41 -54.13
N LEU LA 6 -11.16 -22.65 -54.83
CA LEU LA 6 -12.61 -22.85 -54.77
C LEU LA 6 -12.97 -24.20 -55.40
N LYS LA 7 -12.33 -24.53 -56.52
CA LYS LA 7 -12.42 -25.89 -57.05
C LYS LA 7 -12.07 -26.88 -55.95
N GLY LA 8 -10.97 -26.58 -55.24
CA GLY LA 8 -10.59 -27.40 -54.10
C GLY LA 8 -11.63 -27.40 -53.01
N PHE LA 9 -12.06 -26.21 -52.58
CA PHE LA 9 -13.13 -26.16 -51.58
C PHE LA 9 -14.26 -27.12 -51.95
N PHE LA 10 -14.74 -27.04 -53.21
CA PHE LA 10 -15.83 -27.90 -53.65
C PHE LA 10 -15.41 -29.37 -53.64
N ILE LA 11 -14.21 -29.66 -54.18
CA ILE LA 11 -13.69 -31.03 -54.12
C ILE LA 11 -13.77 -31.59 -52.71
N GLY LA 12 -13.12 -30.91 -51.75
CA GLY LA 12 -13.11 -31.41 -50.39
C GLY LA 12 -14.52 -31.56 -49.85
N LEU LA 13 -15.38 -30.62 -50.22
CA LEU LA 13 -16.75 -30.61 -49.75
C LEU LA 13 -17.53 -31.80 -50.29
N LEU LA 14 -17.48 -32.00 -51.60
CA LEU LA 14 -18.06 -33.21 -52.16
C LEU LA 14 -17.43 -34.44 -51.51
N SER LA 15 -16.12 -34.39 -51.26
CA SER LA 15 -15.44 -35.55 -50.72
C SER LA 15 -15.99 -35.91 -49.35
N GLY LA 16 -16.08 -34.92 -48.46
CA GLY LA 16 -16.59 -35.18 -47.13
C GLY LA 16 -18.00 -35.71 -47.15
N ALA LA 17 -18.85 -35.12 -48.01
CA ALA LA 17 -20.23 -35.57 -48.13
C ALA LA 17 -20.32 -37.07 -48.39
N VAL LA 18 -19.59 -37.55 -49.41
CA VAL LA 18 -19.59 -38.97 -49.78
C VAL LA 18 -19.23 -39.87 -48.60
N VAL LA 19 -18.17 -39.52 -47.85
CA VAL LA 19 -17.74 -40.31 -46.69
C VAL LA 19 -18.86 -40.42 -45.66
N LEU LA 20 -19.45 -39.29 -45.29
CA LEU LA 20 -20.55 -39.34 -44.34
C LEU LA 20 -21.72 -40.14 -44.91
N GLY LA 21 -21.99 -39.98 -46.21
CA GLY LA 21 -23.14 -40.66 -46.80
C GLY LA 21 -22.97 -42.17 -46.81
N LEU LA 22 -21.82 -42.63 -47.29
CA LEU LA 22 -21.51 -44.04 -47.18
C LEU LA 22 -21.66 -44.54 -45.74
N THR LA 23 -21.19 -43.76 -44.76
CA THR LA 23 -21.18 -44.28 -43.39
C THR LA 23 -22.60 -44.52 -42.92
N PHE LA 24 -23.49 -43.52 -43.10
CA PHE LA 24 -24.87 -43.64 -42.64
C PHE LA 24 -25.69 -44.52 -43.58
N ALA LA 25 -25.34 -44.53 -44.85
CA ALA LA 25 -25.82 -45.58 -45.74
C ALA LA 25 -25.62 -46.96 -45.11
N VAL LA 26 -24.33 -47.33 -44.92
CA VAL LA 26 -23.99 -48.63 -44.34
C VAL LA 26 -24.74 -48.84 -43.04
N LEU LA 27 -24.65 -47.86 -42.14
CA LEU LA 27 -25.10 -48.06 -40.78
C LEU LA 27 -26.60 -48.28 -40.73
N ILE LA 28 -27.36 -47.48 -41.47
CA ILE LA 28 -28.81 -47.67 -41.49
C ILE LA 28 -29.13 -49.06 -42.02
N ALA LA 29 -28.45 -49.47 -43.09
CA ALA LA 29 -28.66 -50.79 -43.65
C ALA LA 29 -28.43 -51.90 -42.62
N ILE LA 30 -27.31 -51.86 -41.89
CA ILE LA 30 -27.07 -52.91 -40.89
C ILE LA 30 -28.16 -52.88 -39.83
N SER LA 31 -28.35 -51.73 -39.18
CA SER LA 31 -29.30 -51.67 -38.08
C SER LA 31 -30.67 -52.19 -38.48
N GLN LA 32 -30.99 -52.06 -39.77
CA GLN LA 32 -32.28 -52.51 -40.30
C GLN LA 32 -32.34 -54.03 -40.40
N ILE LA 33 -31.25 -54.65 -40.85
CA ILE LA 33 -31.17 -56.12 -40.86
C ILE LA 33 -31.16 -56.66 -39.44
N ASP LA 34 -30.20 -56.21 -38.62
CA ASP LA 34 -29.86 -56.86 -37.33
C ASP LA 34 -30.62 -56.17 -36.19
N LYS LA 35 -31.91 -56.47 -36.13
CA LYS LA 35 -32.82 -55.77 -35.25
C LYS LA 35 -32.69 -56.28 -33.82
N VAL LA 36 -33.07 -55.45 -32.89
CA VAL LA 36 -33.14 -55.84 -31.48
C VAL LA 36 -34.51 -56.42 -31.20
N GLN LA 37 -34.55 -57.48 -30.40
CA GLN LA 37 -35.77 -58.22 -30.15
C GLN LA 37 -36.26 -57.94 -28.73
N ARG LA 38 -37.57 -57.73 -28.58
CA ARG LA 38 -38.18 -57.34 -27.30
C ARG LA 38 -39.33 -58.28 -26.92
N MET MA 1 47.85 -84.97 -30.89
CA MET MA 1 46.70 -85.39 -31.75
C MET MA 1 45.65 -84.25 -31.86
N THR MA 2 45.97 -83.26 -32.71
CA THR MA 2 45.14 -82.09 -32.88
C THR MA 2 43.67 -82.41 -33.08
N ILE MA 3 43.36 -83.61 -33.58
CA ILE MA 3 41.99 -83.97 -33.91
C ILE MA 3 41.31 -84.69 -32.75
N LEU MA 4 41.97 -85.67 -32.14
CA LEU MA 4 41.34 -86.44 -31.07
C LEU MA 4 41.01 -85.56 -29.86
N PHE MA 5 41.71 -84.46 -29.66
CA PHE MA 5 41.33 -83.52 -28.63
C PHE MA 5 39.88 -83.09 -28.87
N GLN MA 6 39.67 -82.24 -29.88
CA GLN MA 6 38.33 -81.76 -30.18
C GLN MA 6 37.32 -82.90 -30.17
N LEU MA 7 37.65 -84.00 -30.84
CA LEU MA 7 36.78 -85.16 -30.86
C LEU MA 7 36.21 -85.44 -29.47
N ALA MA 8 37.08 -85.62 -28.49
CA ALA MA 8 36.59 -85.82 -27.13
C ALA MA 8 35.86 -84.57 -26.64
N LEU MA 9 36.28 -83.39 -27.08
CA LEU MA 9 35.63 -82.18 -26.60
C LEU MA 9 34.17 -82.11 -27.07
N ALA MA 10 33.94 -82.37 -28.36
CA ALA MA 10 32.57 -82.41 -28.83
C ALA MA 10 31.78 -83.50 -28.13
N ALA MA 11 32.41 -84.64 -27.81
CA ALA MA 11 31.71 -85.68 -27.06
C ALA MA 11 31.17 -85.14 -25.74
N LEU MA 12 32.01 -84.38 -25.01
CA LEU MA 12 31.54 -83.69 -23.82
C LEU MA 12 30.31 -82.85 -24.14
N VAL MA 13 30.34 -82.14 -25.28
CA VAL MA 13 29.29 -81.18 -25.63
C VAL MA 13 28.00 -81.88 -25.99
N ILE MA 14 28.06 -82.76 -27.00
CA ILE MA 14 27.01 -83.73 -27.26
C ILE MA 14 27.10 -84.80 -26.17
N LEU MA 15 26.48 -84.50 -25.04
CA LEU MA 15 26.42 -85.41 -23.90
C LEU MA 15 25.93 -84.56 -22.74
N SER MA 16 26.67 -83.50 -22.42
CA SER MA 16 26.08 -82.40 -21.71
C SER MA 16 24.72 -82.08 -22.32
N PHE MA 17 24.71 -81.83 -23.64
CA PHE MA 17 23.45 -81.52 -24.28
C PHE MA 17 22.43 -82.63 -24.05
N VAL MA 18 22.80 -83.87 -24.32
CA VAL MA 18 21.88 -84.98 -24.05
C VAL MA 18 21.42 -84.90 -22.60
N MET MA 19 22.36 -84.70 -21.68
CA MET MA 19 22.05 -84.80 -20.26
C MET MA 19 21.24 -83.61 -19.79
N VAL MA 20 21.54 -82.41 -20.32
CA VAL MA 20 20.78 -81.23 -19.94
C VAL MA 20 19.28 -81.50 -20.09
N ILE MA 21 18.88 -82.15 -21.18
CA ILE MA 21 17.48 -82.47 -21.41
C ILE MA 21 17.09 -83.72 -20.62
N GLY MA 22 17.89 -84.79 -20.71
CA GLY MA 22 17.43 -86.08 -20.23
C GLY MA 22 17.17 -86.11 -18.74
N VAL MA 23 18.13 -85.62 -17.94
CA VAL MA 23 18.06 -85.70 -16.48
C VAL MA 23 16.75 -85.12 -15.91
N PRO MA 24 16.29 -83.92 -16.30
CA PRO MA 24 14.99 -83.46 -15.75
C PRO MA 24 13.79 -84.32 -16.14
N VAL MA 25 13.67 -84.69 -17.42
CA VAL MA 25 12.58 -85.55 -17.85
C VAL MA 25 12.63 -86.88 -17.12
N ALA MA 26 13.80 -87.52 -17.14
CA ALA MA 26 13.98 -88.77 -16.41
C ALA MA 26 13.55 -88.64 -14.96
N TYR MA 27 13.89 -87.51 -14.31
CA TYR MA 27 13.65 -87.36 -12.88
C TYR MA 27 12.16 -87.18 -12.55
N ALA MA 28 11.35 -86.60 -13.44
CA ALA MA 28 9.96 -86.30 -13.10
C ALA MA 28 8.94 -87.16 -13.83
N SER MA 29 9.37 -88.02 -14.75
CA SER MA 29 8.46 -89.03 -15.28
C SER MA 29 8.43 -90.21 -14.32
N PRO MA 30 7.27 -90.55 -13.76
CA PRO MA 30 7.25 -91.61 -12.74
C PRO MA 30 7.47 -93.00 -13.33
N GLN MA 31 7.24 -93.16 -14.63
CA GLN MA 31 7.30 -94.47 -15.28
C GLN MA 31 8.63 -95.15 -14.96
N ASP MA 32 9.69 -94.81 -15.68
CA ASP MA 32 10.92 -95.58 -15.64
C ASP MA 32 11.95 -94.91 -14.72
N TRP MA 33 11.63 -94.85 -13.43
CA TRP MA 33 12.64 -94.46 -12.44
C TRP MA 33 13.76 -95.50 -12.40
N ASP MA 34 13.40 -96.78 -12.42
CA ASP MA 34 14.41 -97.83 -12.29
C ASP MA 34 15.07 -98.14 -13.62
N ARG MA 35 14.37 -97.96 -14.75
CA ARG MA 35 14.98 -98.15 -16.07
C ARG MA 35 16.00 -97.07 -16.40
N SER MA 36 15.98 -95.94 -15.69
CA SER MA 36 16.83 -94.79 -16.00
C SER MA 36 17.96 -94.55 -15.00
N LYS MA 37 17.84 -95.01 -13.76
CA LYS MA 37 18.94 -94.94 -12.80
C LYS MA 37 20.23 -95.30 -13.52
N GLN MA 38 20.15 -96.35 -14.35
CA GLN MA 38 21.31 -96.74 -15.16
C GLN MA 38 21.75 -95.61 -16.07
N LEU MA 39 20.83 -95.07 -16.87
CA LEU MA 39 21.20 -94.14 -17.93
C LEU MA 39 21.98 -92.95 -17.39
N ILE MA 40 21.47 -92.30 -16.34
CA ILE MA 40 22.14 -91.10 -15.84
C ILE MA 40 23.46 -91.47 -15.16
N PHE MA 41 23.47 -92.57 -14.41
CA PHE MA 41 24.69 -93.05 -13.78
C PHE MA 41 25.80 -93.27 -14.81
N LEU MA 42 25.47 -93.91 -15.94
CA LEU MA 42 26.45 -94.09 -17.00
C LEU MA 42 26.79 -92.76 -17.65
N GLY MA 43 25.77 -91.96 -17.98
CA GLY MA 43 26.05 -90.65 -18.53
C GLY MA 43 26.99 -89.86 -17.64
N SER MA 44 26.78 -89.94 -16.33
CA SER MA 44 27.54 -89.10 -15.39
C SER MA 44 29.01 -89.51 -15.37
N GLY MA 45 29.28 -90.79 -15.10
CA GLY MA 45 30.64 -91.29 -15.21
C GLY MA 45 31.25 -90.95 -16.56
N LEU MA 46 30.45 -91.10 -17.62
CA LEU MA 46 30.91 -90.78 -18.97
C LEU MA 46 31.20 -89.29 -19.12
N TRP MA 47 30.37 -88.45 -18.50
CA TRP MA 47 30.61 -87.02 -18.52
C TRP MA 47 31.92 -86.72 -17.82
N ILE MA 48 32.04 -87.14 -16.56
CA ILE MA 48 33.24 -86.83 -15.78
C ILE MA 48 34.49 -87.29 -16.51
N ALA MA 49 34.51 -88.56 -16.91
CA ALA MA 49 35.66 -89.06 -17.63
C ALA MA 49 35.97 -88.16 -18.82
N LEU MA 50 34.94 -87.78 -19.56
CA LEU MA 50 35.16 -86.90 -20.72
C LEU MA 50 35.83 -85.59 -20.30
N VAL MA 51 35.44 -85.02 -19.17
CA VAL MA 51 36.06 -83.77 -18.74
C VAL MA 51 37.54 -83.98 -18.48
N LEU MA 52 37.87 -85.09 -17.84
CA LEU MA 52 39.26 -85.38 -17.52
C LEU MA 52 40.06 -85.64 -18.79
N VAL MA 53 39.52 -86.48 -19.68
CA VAL MA 53 40.24 -86.76 -20.92
C VAL MA 53 40.56 -85.45 -21.64
N VAL MA 54 39.56 -84.57 -21.79
CA VAL MA 54 39.81 -83.26 -22.41
C VAL MA 54 40.81 -82.47 -21.58
N GLY MA 55 40.73 -82.61 -20.26
CA GLY MA 55 41.68 -81.95 -19.38
C GLY MA 55 43.13 -82.31 -19.66
N VAL MA 56 43.43 -83.61 -19.75
CA VAL MA 56 44.83 -84.01 -19.96
C VAL MA 56 45.30 -83.65 -21.36
N LEU MA 57 44.46 -83.91 -22.37
CA LEU MA 57 44.86 -83.63 -23.75
C LEU MA 57 45.19 -82.15 -23.96
N ASN MA 58 44.47 -81.24 -23.28
CA ASN MA 58 44.70 -79.82 -23.55
C ASN MA 58 46.17 -79.47 -23.47
N PHE MA 59 46.89 -80.15 -22.58
CA PHE MA 59 48.35 -80.03 -22.45
C PHE MA 59 49.08 -80.81 -23.52
N PHE MA 60 48.59 -80.77 -24.74
CA PHE MA 60 49.34 -81.26 -25.89
C PHE MA 60 49.04 -80.43 -27.13
N VAL MA 61 48.19 -79.39 -27.03
CA VAL MA 61 47.63 -78.71 -28.20
C VAL MA 61 47.51 -77.21 -28.01
N VAL MA 62 47.31 -76.76 -26.76
CA VAL MA 62 47.06 -75.34 -26.46
C VAL MA 62 48.34 -74.52 -26.51
N ASP NA 1 3.81 -48.80 -60.41
CA ASP NA 1 4.26 -49.58 -61.57
C ASP NA 1 4.51 -51.03 -61.17
N TRP NA 2 5.59 -51.58 -61.72
CA TRP NA 2 5.99 -52.95 -61.41
C TRP NA 2 5.96 -53.23 -59.92
N ARG NA 3 6.32 -52.22 -59.10
CA ARG NA 3 6.48 -52.48 -57.67
C ARG NA 3 5.15 -52.51 -56.95
N VAL NA 4 4.17 -51.72 -57.40
CA VAL NA 4 2.86 -51.73 -56.78
C VAL NA 4 2.35 -53.17 -56.71
N LEU NA 5 2.71 -53.98 -57.72
CA LEU NA 5 2.17 -55.33 -57.91
C LEU NA 5 2.75 -56.33 -56.92
N VAL NA 6 4.09 -56.32 -56.73
CA VAL NA 6 4.72 -57.32 -55.87
C VAL NA 6 4.29 -57.13 -54.44
N VAL NA 7 4.03 -55.88 -54.04
CA VAL NA 7 3.71 -55.54 -52.66
C VAL NA 7 2.30 -55.98 -52.29
N LEU NA 8 1.37 -56.02 -53.24
CA LEU NA 8 -0.01 -56.39 -52.93
C LEU NA 8 -0.29 -57.87 -53.16
N LEU NA 9 0.63 -58.59 -53.81
CA LEU NA 9 0.45 -60.01 -54.07
C LEU NA 9 0.29 -60.82 -52.80
N PRO NA 10 1.28 -60.90 -51.90
CA PRO NA 10 1.06 -61.63 -50.64
C PRO NA 10 -0.22 -61.21 -49.92
N VAL NA 11 -0.64 -59.96 -50.11
CA VAL NA 11 -1.88 -59.50 -49.48
C VAL NA 11 -3.08 -60.12 -50.17
N LEU NA 12 -3.18 -59.94 -51.49
CA LEU NA 12 -4.23 -60.57 -52.27
C LEU NA 12 -4.25 -62.08 -52.04
N LEU NA 13 -3.08 -62.72 -52.12
CA LEU NA 13 -2.95 -64.14 -51.82
C LEU NA 13 -3.61 -64.46 -50.49
N ALA NA 14 -3.04 -63.91 -49.41
CA ALA NA 14 -3.49 -64.22 -48.06
C ALA NA 14 -5.00 -64.13 -47.93
N ALA NA 15 -5.63 -63.19 -48.62
CA ALA NA 15 -7.06 -63.00 -48.50
C ALA NA 15 -7.84 -64.16 -49.11
N GLY NA 16 -7.52 -64.54 -50.35
CA GLY NA 16 -8.21 -65.67 -50.96
C GLY NA 16 -8.07 -66.94 -50.16
N TRP NA 17 -6.85 -67.24 -49.70
CA TRP NA 17 -6.61 -68.45 -48.91
C TRP NA 17 -7.45 -68.48 -47.65
N ALA NA 18 -7.71 -67.30 -47.04
CA ALA NA 18 -8.65 -67.19 -45.94
C ALA NA 18 -10.08 -67.05 -46.43
N VAL NA 19 -10.27 -66.49 -47.63
CA VAL NA 19 -11.62 -66.31 -48.17
C VAL NA 19 -12.15 -67.57 -48.82
N ARG NA 20 -11.27 -68.52 -49.18
CA ARG NA 20 -11.72 -69.85 -49.58
C ARG NA 20 -11.72 -70.85 -48.43
N ASN NA 21 -10.99 -70.57 -47.34
CA ASN NA 21 -10.93 -71.46 -46.18
C ASN NA 21 -11.97 -71.15 -45.12
N ILE NA 22 -12.38 -69.89 -44.96
CA ILE NA 22 -13.50 -69.55 -44.10
C ILE NA 22 -14.80 -69.46 -44.88
N LEU NA 23 -14.77 -69.76 -46.18
CA LEU NA 23 -15.92 -69.45 -47.04
C LEU NA 23 -17.21 -70.15 -46.63
N PRO NA 24 -17.22 -71.43 -46.23
CA PRO NA 24 -18.49 -72.05 -45.84
C PRO NA 24 -19.08 -71.49 -44.55
N TYR NA 25 -18.30 -71.52 -43.46
CA TYR NA 25 -18.80 -71.02 -42.19
C TYR NA 25 -19.34 -69.61 -42.31
N ALA NA 26 -18.73 -68.81 -43.20
CA ALA NA 26 -19.20 -67.45 -43.39
C ALA NA 26 -20.63 -67.42 -43.93
N VAL NA 27 -20.92 -68.26 -44.93
CA VAL NA 27 -22.25 -68.31 -45.52
C VAL NA 27 -23.33 -68.67 -44.49
N LYS NA 28 -22.95 -69.33 -43.39
CA LYS NA 28 -23.90 -69.55 -42.31
C LYS NA 28 -24.54 -68.23 -41.90
N GLN NA 29 -23.72 -67.28 -41.42
CA GLN NA 29 -24.18 -65.92 -41.15
C GLN NA 29 -25.18 -65.53 -42.22
N VAL NA 30 -26.44 -65.85 -41.94
CA VAL NA 30 -27.57 -65.64 -42.84
C VAL NA 30 -28.85 -65.80 -42.04
N GLN NA 31 -29.05 -64.95 -41.03
CA GLN NA 31 -30.24 -65.02 -40.21
C GLN NA 31 -30.36 -63.68 -39.50
#